data_1W4C
#
_entry.id   1W4C
#
_cell.length_a   115.400
_cell.length_b   126.300
_cell.length_c   155.600
_cell.angle_alpha   90.00
_cell.angle_beta   91.60
_cell.angle_gamma   90.50
#
_symmetry.space_group_name_H-M   'P 1'
#
loop_
_entity.id
_entity.type
_entity.pdbx_description
1 polymer 'NTPASE P4'
2 water water
#
_entity_poly.entity_id   1
_entity_poly.type   'polypeptide(L)'
_entity_poly.pdbx_seq_one_letter_code
;MIHLYDAKSFAKLRAAQYAAFHTDAPGSWFDHTSGVLESVEDGTPVLAIGVESGDAIVFDKNAQRIVAYKEKSVKAEDGS
VSVVQVENGFMKQGHRGWLVDLTGELVGCSPVVAEFGGHRYASGMVIVTGKGNSGKTPLVHALGEALGGKDKYATVRFGE
PLSGYNTDFNVFVDDIARAMLQHRVIVIDSLKNVIGAAGGNTTSGGISRGAFDLLSDIGAMAASRGCVVIASLNPTSNDD
KIVELVKEASRSNSTSLVISTDVDGEWQVLTRTGEGLQRLTHTLQTSYGEHSVLTIHTSKQSGGKQASGKAIQTVIKNDE
LESVLRRLTSN
;
_entity_poly.pdbx_strand_id   A,B,C,D,E,F,G,H,I,J,K,L,M,N,O,P,Q,R,S,T,U,V,W,X
#
# COMPACT_ATOMS: atom_id res chain seq x y z
N MET A 1 -32.97 74.32 67.51
CA MET A 1 -33.41 73.83 68.84
C MET A 1 -34.32 72.63 68.65
N ILE A 2 -34.76 72.03 69.74
CA ILE A 2 -35.65 70.88 69.65
C ILE A 2 -37.10 71.36 69.76
N HIS A 3 -37.99 70.69 69.06
CA HIS A 3 -39.42 71.05 69.08
C HIS A 3 -40.26 69.90 69.59
N LEU A 4 -41.34 70.23 70.30
CA LEU A 4 -42.24 69.21 70.85
C LEU A 4 -43.53 69.20 70.04
N TYR A 5 -44.14 68.02 69.92
CA TYR A 5 -45.37 67.91 69.16
C TYR A 5 -46.32 66.86 69.71
N ASP A 6 -47.59 67.02 69.36
CA ASP A 6 -48.66 66.07 69.67
C ASP A 6 -49.35 65.98 68.32
N ALA A 7 -50.33 65.10 68.17
CA ALA A 7 -51.00 64.95 66.88
C ALA A 7 -51.48 66.27 66.26
N LYS A 8 -52.02 67.16 67.08
CA LYS A 8 -52.52 68.44 66.56
C LYS A 8 -51.43 69.37 66.07
N SER A 9 -50.46 69.68 66.93
CA SER A 9 -49.39 70.58 66.53
C SER A 9 -48.63 70.03 65.32
N PHE A 10 -48.48 68.71 65.26
CA PHE A 10 -47.78 68.10 64.13
C PHE A 10 -48.53 68.32 62.83
N ALA A 11 -49.84 68.10 62.88
CA ALA A 11 -50.67 68.30 61.69
C ALA A 11 -50.59 69.72 61.18
N LYS A 12 -50.54 70.70 62.09
CA LYS A 12 -50.44 72.10 61.69
C LYS A 12 -49.10 72.36 61.02
N LEU A 13 -48.03 71.79 61.58
CA LEU A 13 -46.70 71.96 61.01
C LEU A 13 -46.71 71.47 59.57
N ARG A 14 -47.21 70.24 59.36
CA ARG A 14 -47.24 69.69 58.01
C ARG A 14 -48.03 70.56 57.04
N ALA A 15 -49.12 71.16 57.52
CA ALA A 15 -49.94 72.01 56.66
C ALA A 15 -49.14 73.26 56.30
N ALA A 16 -48.44 73.81 57.27
CA ALA A 16 -47.63 75.01 57.06
C ALA A 16 -46.50 74.73 56.07
N GLN A 17 -45.85 73.58 56.22
CA GLN A 17 -44.74 73.22 55.33
C GLN A 17 -45.27 73.07 53.91
N TYR A 18 -46.43 72.42 53.78
CA TYR A 18 -47.02 72.21 52.48
C TYR A 18 -47.30 73.54 51.80
N ALA A 19 -47.79 74.49 52.58
CA ALA A 19 -48.10 75.82 52.05
C ALA A 19 -46.84 76.58 51.64
N ALA A 20 -45.77 76.41 52.42
CA ALA A 20 -44.52 77.10 52.14
C ALA A 20 -44.00 76.82 50.74
N PHE A 21 -44.40 75.70 50.16
CA PHE A 21 -43.96 75.36 48.80
C PHE A 21 -45.06 75.54 47.76
N HIS A 22 -46.23 75.04 48.07
CA HIS A 22 -47.37 75.06 47.15
C HIS A 22 -48.21 76.33 46.99
N THR A 23 -48.46 77.05 48.08
CA THR A 23 -49.32 78.23 47.98
C THR A 23 -48.72 79.60 48.26
N ASP A 24 -47.67 79.68 49.07
CA ASP A 24 -47.05 80.97 49.37
C ASP A 24 -46.66 81.63 48.06
N ALA A 25 -46.50 82.95 48.08
CA ALA A 25 -46.10 83.65 46.88
C ALA A 25 -44.62 83.40 46.64
N PRO A 26 -44.25 83.00 45.41
CA PRO A 26 -42.86 82.72 45.04
C PRO A 26 -41.91 83.82 45.50
N GLY A 27 -40.88 83.46 46.25
CA GLY A 27 -39.92 84.45 46.70
C GLY A 27 -40.30 85.23 47.95
N SER A 28 -41.49 84.98 48.51
CA SER A 28 -41.86 85.74 49.70
C SER A 28 -41.00 85.38 50.92
N TRP A 29 -40.57 84.13 51.00
CA TRP A 29 -39.75 83.71 52.14
C TRP A 29 -38.42 84.48 52.10
N PHE A 30 -37.83 84.60 50.91
CA PHE A 30 -36.56 85.31 50.78
C PHE A 30 -36.73 86.74 51.29
N ASP A 31 -37.76 87.42 50.81
CA ASP A 31 -38.06 88.80 51.21
C ASP A 31 -38.22 88.91 52.72
N HIS A 32 -38.88 87.92 53.31
CA HIS A 32 -39.06 87.95 54.74
C HIS A 32 -37.73 87.81 55.50
N THR A 33 -36.85 86.91 55.07
CA THR A 33 -35.57 86.76 55.77
C THR A 33 -34.71 87.99 55.51
N SER A 34 -34.92 88.62 54.36
CA SER A 34 -34.17 89.82 54.05
C SER A 34 -34.54 90.86 55.11
N GLY A 35 -35.84 90.94 55.40
CA GLY A 35 -36.30 91.88 56.40
C GLY A 35 -35.64 91.63 57.74
N VAL A 36 -35.67 90.37 58.18
CA VAL A 36 -35.06 90.00 59.45
C VAL A 36 -33.58 90.37 59.49
N LEU A 37 -32.84 90.00 58.45
CA LEU A 37 -31.41 90.32 58.41
C LEU A 37 -31.15 91.82 58.50
N GLU A 38 -31.98 92.60 57.83
CA GLU A 38 -31.83 94.05 57.84
C GLU A 38 -32.05 94.63 59.22
N SER A 39 -32.79 93.92 60.06
CA SER A 39 -33.08 94.38 61.42
C SER A 39 -31.94 94.15 62.41
N VAL A 40 -30.90 93.43 62.00
CA VAL A 40 -29.78 93.15 62.88
C VAL A 40 -28.92 94.39 63.15
N GLU A 41 -28.42 94.48 64.38
CA GLU A 41 -27.60 95.59 64.89
C GLU A 41 -26.34 96.07 64.17
N ASP A 42 -25.90 95.39 63.11
CA ASP A 42 -24.67 95.78 62.42
C ASP A 42 -23.50 95.34 63.30
N GLY A 43 -22.53 94.67 62.70
CA GLY A 43 -21.40 94.20 63.49
C GLY A 43 -21.81 92.93 64.21
N THR A 44 -23.11 92.64 64.19
CA THR A 44 -23.64 91.45 64.83
C THR A 44 -23.48 90.28 63.87
N PRO A 45 -22.85 89.18 64.33
CA PRO A 45 -22.64 87.99 63.50
C PRO A 45 -23.96 87.36 63.04
N VAL A 46 -24.07 87.06 61.75
CA VAL A 46 -25.28 86.42 61.23
C VAL A 46 -25.01 85.11 60.51
N LEU A 47 -23.81 84.95 59.96
CA LEU A 47 -23.46 83.75 59.22
C LEU A 47 -22.04 83.26 59.51
N ALA A 48 -21.90 81.95 59.69
CA ALA A 48 -20.60 81.33 59.94
C ALA A 48 -20.45 80.16 58.98
N ILE A 49 -19.33 80.14 58.26
CA ILE A 49 -19.08 79.09 57.28
C ILE A 49 -17.64 78.58 57.41
N GLY A 50 -17.46 77.28 57.18
CA GLY A 50 -16.13 76.69 57.33
C GLY A 50 -15.14 76.88 56.19
N VAL A 51 -13.88 77.09 56.56
CA VAL A 51 -12.80 77.25 55.59
C VAL A 51 -12.09 75.91 55.48
N GLU A 52 -11.20 75.79 54.50
CA GLU A 52 -10.48 74.55 54.24
C GLU A 52 -10.01 73.73 55.45
N SER A 53 -9.40 74.39 56.42
CA SER A 53 -8.86 73.72 57.60
C SER A 53 -9.92 73.13 58.52
N GLY A 54 -11.14 73.63 58.44
CA GLY A 54 -12.19 73.15 59.32
C GLY A 54 -12.63 74.27 60.26
N ASP A 55 -11.81 75.32 60.34
CA ASP A 55 -12.14 76.49 61.16
C ASP A 55 -13.28 77.19 60.42
N ALA A 56 -13.85 78.20 61.05
CA ALA A 56 -14.95 78.94 60.44
C ALA A 56 -14.76 80.44 60.48
N ILE A 57 -15.23 81.12 59.45
CA ILE A 57 -15.15 82.57 59.41
C ILE A 57 -16.57 83.09 59.58
N VAL A 58 -16.69 84.33 60.08
CA VAL A 58 -17.99 84.92 60.37
C VAL A 58 -18.28 86.24 59.64
N PHE A 59 -19.54 86.43 59.23
CA PHE A 59 -19.94 87.64 58.52
C PHE A 59 -21.13 88.36 59.17
N ASP A 60 -21.23 89.67 58.92
CA ASP A 60 -22.34 90.44 59.44
C ASP A 60 -23.38 90.52 58.33
N LYS A 61 -24.50 91.21 58.58
CA LYS A 61 -25.56 91.32 57.60
C LYS A 61 -25.14 91.98 56.27
N ASN A 62 -23.98 92.62 56.26
CA ASN A 62 -23.51 93.28 55.05
C ASN A 62 -22.42 92.49 54.34
N ALA A 63 -22.28 91.22 54.70
CA ALA A 63 -21.28 90.36 54.11
C ALA A 63 -19.88 90.87 54.39
N GLN A 64 -19.72 91.53 55.54
CA GLN A 64 -18.41 92.02 55.93
C GLN A 64 -17.88 91.02 56.94
N ARG A 65 -16.64 90.60 56.78
CA ARG A 65 -16.07 89.64 57.70
C ARG A 65 -15.78 90.22 59.08
N ILE A 66 -16.15 89.49 60.12
CA ILE A 66 -15.94 89.91 61.49
C ILE A 66 -14.63 89.35 62.03
N VAL A 67 -13.69 90.22 62.35
CA VAL A 67 -12.39 89.80 62.84
C VAL A 67 -12.34 89.60 64.35
N ALA A 68 -13.00 90.48 65.09
CA ALA A 68 -13.02 90.38 66.55
C ALA A 68 -14.42 90.63 67.10
N TYR A 69 -14.85 89.78 68.03
CA TYR A 69 -16.16 89.92 68.63
C TYR A 69 -16.16 89.21 69.97
N LYS A 70 -16.31 89.99 71.04
CA LYS A 70 -16.32 89.44 72.38
C LYS A 70 -17.53 88.56 72.63
N GLU A 71 -17.30 87.49 73.40
CA GLU A 71 -18.36 86.55 73.75
C GLU A 71 -19.69 87.20 74.03
N LYS A 72 -20.77 86.54 73.62
CA LYS A 72 -22.11 87.03 73.84
C LYS A 72 -23.08 85.86 73.69
N SER A 73 -23.89 85.64 74.72
CA SER A 73 -24.85 84.54 74.72
C SER A 73 -26.28 85.00 74.53
N VAL A 74 -27.14 84.05 74.14
CA VAL A 74 -28.54 84.31 73.92
C VAL A 74 -29.32 83.06 74.31
N LYS A 75 -30.30 83.22 75.19
CA LYS A 75 -31.11 82.10 75.64
C LYS A 75 -32.44 82.09 74.90
N ALA A 76 -32.87 80.91 74.49
CA ALA A 76 -34.14 80.77 73.77
C ALA A 76 -35.21 80.17 74.66
N GLU A 77 -36.34 79.85 74.07
CA GLU A 77 -37.46 79.25 74.79
C GLU A 77 -37.08 77.81 75.13
N ASP A 78 -36.33 77.21 74.21
CA ASP A 78 -35.87 75.83 74.35
C ASP A 78 -35.13 75.65 75.67
N GLY A 79 -34.69 76.76 76.25
CA GLY A 79 -33.95 76.70 77.50
C GLY A 79 -32.48 76.66 77.17
N SER A 80 -32.18 76.23 75.95
CA SER A 80 -30.81 76.15 75.47
C SER A 80 -30.28 77.54 75.21
N VAL A 81 -28.96 77.67 75.13
CA VAL A 81 -28.34 78.98 74.88
C VAL A 81 -27.29 78.88 73.78
N SER A 82 -27.19 79.93 72.98
CA SER A 82 -26.21 79.97 71.92
C SER A 82 -25.17 81.02 72.27
N VAL A 83 -23.92 80.75 71.92
CA VAL A 83 -22.82 81.67 72.22
C VAL A 83 -22.03 81.94 70.95
N VAL A 84 -21.56 83.18 70.81
CA VAL A 84 -20.76 83.53 69.64
C VAL A 84 -19.54 84.35 70.06
N GLN A 85 -18.38 83.92 69.60
CA GLN A 85 -17.14 84.62 69.93
C GLN A 85 -16.17 84.50 68.76
N VAL A 86 -15.73 85.65 68.25
CA VAL A 86 -14.78 85.65 67.15
C VAL A 86 -13.48 86.24 67.65
N GLU A 87 -12.37 85.54 67.38
CA GLU A 87 -11.07 86.02 67.82
C GLU A 87 -10.01 85.80 66.75
N ASN A 88 -9.40 86.91 66.34
CA ASN A 88 -8.34 86.88 65.33
C ASN A 88 -8.82 86.40 63.97
N GLY A 89 -10.06 86.73 63.61
CA GLY A 89 -10.58 86.32 62.32
C GLY A 89 -11.28 84.97 62.27
N PHE A 90 -11.26 84.22 63.36
CA PHE A 90 -11.91 82.92 63.39
C PHE A 90 -12.84 82.72 64.58
N MET A 91 -13.89 81.94 64.35
CA MET A 91 -14.88 81.65 65.40
C MET A 91 -14.26 80.84 66.54
N LYS A 92 -14.41 81.36 67.76
CA LYS A 92 -13.89 80.68 68.96
C LYS A 92 -15.01 79.93 69.65
N GLN A 93 -16.22 80.47 69.51
CA GLN A 93 -17.42 79.84 70.08
C GLN A 93 -18.54 80.08 69.10
N GLY A 94 -19.40 79.08 68.94
CA GLY A 94 -20.51 79.20 68.01
C GLY A 94 -20.65 77.94 67.20
N HIS A 95 -21.42 78.02 66.12
CA HIS A 95 -21.65 76.87 65.26
C HIS A 95 -21.69 77.34 63.81
N ARG A 96 -21.57 76.41 62.87
CA ARG A 96 -21.63 76.79 61.47
C ARG A 96 -23.09 77.02 61.08
N GLY A 97 -23.32 77.87 60.08
CA GLY A 97 -24.67 78.16 59.65
C GLY A 97 -25.15 79.53 60.07
N TRP A 98 -26.46 79.77 59.97
CA TRP A 98 -27.03 81.05 60.36
C TRP A 98 -26.94 81.24 61.87
N LEU A 99 -26.43 82.39 62.29
CA LEU A 99 -26.25 82.69 63.72
C LEU A 99 -27.42 83.51 64.25
N VAL A 100 -28.42 83.69 63.39
CA VAL A 100 -29.61 84.45 63.74
C VAL A 100 -30.83 83.63 63.29
N ASP A 101 -31.92 83.73 64.03
CA ASP A 101 -33.13 82.97 63.69
C ASP A 101 -33.91 83.63 62.55
N LEU A 102 -34.06 82.90 61.45
CA LEU A 102 -34.78 83.40 60.29
C LEU A 102 -36.10 82.66 60.14
N THR A 103 -36.04 81.36 60.38
CA THR A 103 -37.18 80.46 60.25
C THR A 103 -38.22 80.45 61.36
N GLY A 104 -37.90 80.97 62.54
CA GLY A 104 -38.86 80.91 63.62
C GLY A 104 -39.04 79.44 63.92
N GLU A 105 -40.26 78.98 64.19
CA GLU A 105 -40.45 77.56 64.47
C GLU A 105 -40.99 76.83 63.26
N LEU A 106 -40.93 77.49 62.12
CA LEU A 106 -41.38 76.88 60.88
C LEU A 106 -40.12 76.26 60.27
N VAL A 107 -39.90 74.98 60.56
CA VAL A 107 -38.73 74.30 60.06
C VAL A 107 -39.12 73.16 59.15
N GLY A 108 -38.15 72.66 58.39
CA GLY A 108 -38.42 71.54 57.50
C GLY A 108 -39.10 71.93 56.20
N CYS A 109 -38.94 73.18 55.76
CA CYS A 109 -39.56 73.62 54.51
C CYS A 109 -38.58 73.71 53.34
N SER A 110 -39.17 73.80 52.14
CA SER A 110 -38.46 73.99 50.89
C SER A 110 -39.22 75.20 50.33
N PRO A 111 -39.01 76.38 50.93
CA PRO A 111 -39.68 77.61 50.49
C PRO A 111 -39.60 77.84 49.00
N VAL A 112 -40.75 78.09 48.37
CA VAL A 112 -40.77 78.33 46.93
C VAL A 112 -39.95 79.58 46.64
N VAL A 113 -39.05 79.47 45.66
CA VAL A 113 -38.17 80.58 45.30
C VAL A 113 -38.58 81.28 44.02
N ALA A 114 -39.31 80.56 43.16
CA ALA A 114 -39.74 81.14 41.90
C ALA A 114 -40.70 80.22 41.16
N GLU A 115 -41.27 80.75 40.08
CA GLU A 115 -42.20 80.00 39.27
C GLU A 115 -41.79 80.27 37.84
N PHE A 116 -41.71 79.22 37.04
CA PHE A 116 -41.31 79.38 35.65
C PHE A 116 -41.86 78.25 34.79
N GLY A 117 -42.20 78.58 33.55
CA GLY A 117 -42.73 77.60 32.63
C GLY A 117 -43.86 76.74 33.18
N GLY A 118 -44.57 77.23 34.18
CA GLY A 118 -45.67 76.48 34.74
C GLY A 118 -45.30 75.61 35.92
N HIS A 119 -44.07 75.74 36.41
CA HIS A 119 -43.62 74.95 37.55
C HIS A 119 -43.04 75.80 38.68
N ARG A 120 -43.27 75.37 39.91
CA ARG A 120 -42.73 76.04 41.07
C ARG A 120 -41.37 75.39 41.41
N TYR A 121 -40.37 76.21 41.68
CA TYR A 121 -39.04 75.70 42.03
C TYR A 121 -38.74 76.01 43.48
N ALA A 122 -38.04 75.08 44.14
CA ALA A 122 -37.69 75.23 45.55
C ALA A 122 -36.38 75.97 45.78
N SER A 123 -36.27 76.58 46.95
CA SER A 123 -35.06 77.27 47.33
C SER A 123 -34.19 76.15 47.93
N GLY A 124 -33.00 76.48 48.38
CA GLY A 124 -32.12 75.46 48.92
C GLY A 124 -31.08 75.15 47.85
N MET A 125 -30.49 73.94 47.88
CA MET A 125 -29.50 73.65 46.86
C MET A 125 -29.98 72.73 45.76
N VAL A 126 -29.59 73.08 44.55
CA VAL A 126 -29.95 72.32 43.36
C VAL A 126 -28.67 71.87 42.68
N ILE A 127 -28.45 70.55 42.61
CA ILE A 127 -27.26 70.04 41.95
C ILE A 127 -27.67 69.60 40.55
N VAL A 128 -26.89 70.06 39.57
CA VAL A 128 -27.12 69.74 38.17
C VAL A 128 -25.99 68.81 37.77
N THR A 129 -26.33 67.57 37.45
CA THR A 129 -25.30 66.61 37.08
C THR A 129 -25.78 65.56 36.08
N GLY A 130 -25.02 64.48 36.00
CA GLY A 130 -25.34 63.41 35.07
C GLY A 130 -24.16 63.13 34.15
N LYS A 131 -24.29 62.09 33.34
CA LYS A 131 -23.25 61.72 32.41
C LYS A 131 -23.86 61.91 31.03
N GLY A 132 -23.07 62.38 30.08
CA GLY A 132 -23.63 62.57 28.75
C GLY A 132 -23.14 63.82 28.04
N ASN A 133 -23.74 64.09 26.88
CA ASN A 133 -23.34 65.24 26.07
C ASN A 133 -23.91 66.58 26.52
N SER A 134 -25.10 66.58 27.10
CA SER A 134 -25.70 67.84 27.56
C SER A 134 -24.78 68.55 28.55
N GLY A 135 -24.37 69.77 28.19
CA GLY A 135 -23.48 70.56 29.02
C GLY A 135 -24.13 71.19 30.24
N LYS A 136 -23.50 71.02 31.40
CA LYS A 136 -24.04 71.56 32.64
C LYS A 136 -23.91 73.08 32.75
N THR A 137 -22.80 73.63 32.28
CA THR A 137 -22.61 75.07 32.38
C THR A 137 -23.72 75.89 31.71
N PRO A 138 -24.11 75.56 30.47
CA PRO A 138 -25.18 76.34 29.84
C PRO A 138 -26.50 76.21 30.58
N LEU A 139 -26.74 75.02 31.14
CA LEU A 139 -27.97 74.76 31.87
C LEU A 139 -28.07 75.56 33.17
N VAL A 140 -26.99 75.63 33.94
CA VAL A 140 -27.08 76.37 35.19
C VAL A 140 -27.31 77.85 34.91
N HIS A 141 -26.68 78.38 33.88
CA HIS A 141 -26.88 79.79 33.57
C HIS A 141 -28.29 80.09 33.07
N ALA A 142 -28.86 79.18 32.29
CA ALA A 142 -30.21 79.38 31.76
C ALA A 142 -31.18 79.31 32.91
N LEU A 143 -30.92 78.40 33.85
CA LEU A 143 -31.81 78.23 34.99
C LEU A 143 -31.71 79.42 35.92
N GLY A 144 -30.51 79.99 36.03
CA GLY A 144 -30.32 81.15 36.90
C GLY A 144 -31.12 82.34 36.37
N GLU A 145 -31.04 82.56 35.06
CA GLU A 145 -31.76 83.66 34.44
C GLU A 145 -33.27 83.47 34.56
N ALA A 146 -33.75 82.25 34.33
CA ALA A 146 -35.18 81.97 34.39
C ALA A 146 -35.75 82.11 35.80
N LEU A 147 -35.04 81.60 36.80
CA LEU A 147 -35.53 81.71 38.17
C LEU A 147 -35.31 83.12 38.70
N GLY A 148 -34.29 83.80 38.17
CA GLY A 148 -34.02 85.15 38.62
C GLY A 148 -35.24 86.00 38.31
N GLY A 149 -35.80 85.79 37.11
CA GLY A 149 -36.97 86.51 36.68
C GLY A 149 -36.70 87.97 36.43
N LYS A 150 -37.24 88.82 37.31
CA LYS A 150 -37.05 90.27 37.21
C LYS A 150 -35.70 90.67 37.80
N ASP A 151 -35.13 89.78 38.62
CA ASP A 151 -33.85 90.03 39.26
C ASP A 151 -32.68 89.35 38.56
N LYS A 152 -31.50 89.92 38.71
CA LYS A 152 -30.30 89.34 38.12
C LYS A 152 -29.88 88.20 39.04
N TYR A 153 -29.11 87.26 38.52
CA TYR A 153 -28.65 86.14 39.34
C TYR A 153 -27.16 86.30 39.59
N ALA A 154 -26.69 85.82 40.74
CA ALA A 154 -25.27 85.92 41.09
C ALA A 154 -24.51 84.66 40.66
N THR A 155 -23.31 84.86 40.11
CA THR A 155 -22.50 83.74 39.64
C THR A 155 -21.20 83.59 40.41
N VAL A 156 -21.00 82.41 41.01
CA VAL A 156 -19.79 82.11 41.76
C VAL A 156 -18.97 81.15 40.89
N ARG A 157 -17.75 81.53 40.55
CA ARG A 157 -16.90 80.69 39.70
C ARG A 157 -15.78 80.05 40.52
N PHE A 158 -15.55 78.75 40.28
CA PHE A 158 -14.52 78.03 41.02
C PHE A 158 -13.94 76.79 40.35
N GLY A 159 -12.62 76.67 40.43
CA GLY A 159 -11.88 75.52 39.93
C GLY A 159 -11.80 75.09 38.46
N GLU A 160 -11.98 76.00 37.52
CA GLU A 160 -11.91 75.62 36.13
C GLU A 160 -10.65 76.26 35.53
N PRO A 161 -9.99 75.58 34.59
CA PRO A 161 -8.77 76.15 33.99
C PRO A 161 -9.04 77.21 32.90
N LEU A 162 -9.83 78.21 33.27
CA LEU A 162 -10.19 79.32 32.38
C LEU A 162 -9.77 80.63 33.05
N SER A 163 -9.72 81.71 32.28
CA SER A 163 -9.30 83.01 32.79
C SER A 163 -10.19 83.55 33.89
N GLY A 164 -9.57 84.19 34.88
CA GLY A 164 -10.31 84.79 35.97
C GLY A 164 -10.98 83.85 36.97
N TYR A 165 -10.69 82.56 36.89
CA TYR A 165 -11.30 81.61 37.81
C TYR A 165 -10.51 81.45 39.10
N ASN A 166 -11.18 81.63 40.23
CA ASN A 166 -10.52 81.46 41.51
C ASN A 166 -10.43 79.95 41.74
N THR A 167 -9.33 79.50 42.32
CA THR A 167 -9.14 78.08 42.58
C THR A 167 -8.76 77.82 44.04
N ASP A 168 -8.88 78.85 44.86
CA ASP A 168 -8.57 78.77 46.28
C ASP A 168 -9.87 78.59 47.06
N PHE A 169 -9.99 77.44 47.73
CA PHE A 169 -11.21 77.14 48.48
C PHE A 169 -11.67 78.21 49.47
N ASN A 170 -10.73 78.88 50.13
CA ASN A 170 -11.13 79.91 51.07
C ASN A 170 -11.77 81.14 50.43
N VAL A 171 -11.37 81.46 49.20
CA VAL A 171 -11.97 82.60 48.51
C VAL A 171 -13.37 82.15 48.12
N PHE A 172 -13.47 80.86 47.79
CA PHE A 172 -14.73 80.27 47.37
C PHE A 172 -15.85 80.41 48.41
N VAL A 173 -15.59 79.98 49.65
CA VAL A 173 -16.60 80.07 50.69
C VAL A 173 -16.96 81.53 50.97
N ASP A 174 -16.00 82.42 50.74
CA ASP A 174 -16.21 83.83 50.94
C ASP A 174 -17.23 84.31 49.90
N ASP A 175 -17.03 83.91 48.64
CA ASP A 175 -17.96 84.28 47.57
C ASP A 175 -19.35 83.72 47.86
N ILE A 176 -19.40 82.47 48.32
CA ILE A 176 -20.68 81.83 48.61
C ILE A 176 -21.45 82.50 49.75
N ALA A 177 -20.76 82.82 50.84
CA ALA A 177 -21.43 83.47 51.96
C ALA A 177 -22.02 84.82 51.53
N ARG A 178 -21.22 85.61 50.82
CA ARG A 178 -21.68 86.91 50.35
C ARG A 178 -22.89 86.75 49.44
N ALA A 179 -22.84 85.78 48.54
CA ALA A 179 -23.94 85.55 47.61
C ALA A 179 -25.26 85.23 48.31
N MET A 180 -25.22 84.34 49.30
CA MET A 180 -26.45 83.96 50.01
C MET A 180 -26.97 85.07 50.89
N LEU A 181 -26.09 85.98 51.30
CA LEU A 181 -26.51 87.08 52.14
C LEU A 181 -27.19 88.17 51.30
N GLN A 182 -26.79 88.27 50.03
CA GLN A 182 -27.32 89.31 49.16
C GLN A 182 -28.17 88.95 47.95
N HIS A 183 -28.29 87.68 47.61
CA HIS A 183 -29.09 87.35 46.43
C HIS A 183 -29.98 86.13 46.57
N ARG A 184 -31.08 86.15 45.81
CA ARG A 184 -32.07 85.08 45.82
C ARG A 184 -31.71 83.91 44.91
N VAL A 185 -31.05 84.22 43.79
CA VAL A 185 -30.68 83.19 42.82
C VAL A 185 -29.18 83.19 42.59
N ILE A 186 -28.55 82.08 42.96
CA ILE A 186 -27.10 81.92 42.85
C ILE A 186 -26.70 80.72 42.01
N VAL A 187 -25.65 80.90 41.21
CA VAL A 187 -25.13 79.84 40.38
C VAL A 187 -23.68 79.59 40.78
N ILE A 188 -23.35 78.33 41.00
CA ILE A 188 -21.97 77.97 41.35
C ILE A 188 -21.48 77.13 40.19
N ASP A 189 -20.47 77.61 39.47
CA ASP A 189 -20.01 76.79 38.37
C ASP A 189 -18.80 75.99 38.79
N SER A 190 -19.08 74.70 38.96
CA SER A 190 -18.16 73.65 39.33
C SER A 190 -17.96 73.47 40.82
N LEU A 191 -18.52 72.39 41.33
CA LEU A 191 -18.37 72.00 42.72
C LEU A 191 -17.20 71.02 42.72
N LYS A 192 -16.09 71.41 42.10
CA LYS A 192 -14.90 70.56 42.03
C LYS A 192 -14.23 70.49 43.39
N ASN A 193 -13.20 69.65 43.49
CA ASN A 193 -12.47 69.48 44.74
C ASN A 193 -13.43 68.93 45.79
N VAL A 194 -14.47 69.69 46.10
CA VAL A 194 -15.46 69.22 47.06
C VAL A 194 -16.06 68.03 46.35
N ILE A 195 -16.26 66.94 47.08
CA ILE A 195 -16.80 65.71 46.49
C ILE A 195 -15.85 65.28 45.36
N ILE A 207 -10.94 64.39 51.02
CA ILE A 207 -11.62 65.68 50.98
C ILE A 207 -11.27 66.50 52.21
N SER A 208 -11.07 67.80 52.05
CA SER A 208 -10.71 68.66 53.17
C SER A 208 -11.91 68.81 54.11
N ARG A 209 -11.66 69.16 55.36
CA ARG A 209 -12.74 69.34 56.32
C ARG A 209 -13.68 70.43 55.85
N GLY A 210 -13.11 71.49 55.27
CA GLY A 210 -13.93 72.59 54.79
C GLY A 210 -14.88 72.14 53.69
N ALA A 211 -14.37 71.37 52.75
CA ALA A 211 -15.19 70.88 51.64
C ALA A 211 -16.31 70.00 52.14
N PHE A 212 -16.01 69.20 53.16
CA PHE A 212 -16.99 68.31 53.75
C PHE A 212 -18.08 69.10 54.47
N ASP A 213 -17.68 70.17 55.15
CA ASP A 213 -18.63 71.01 55.88
C ASP A 213 -19.58 71.70 54.90
N LEU A 214 -19.01 72.18 53.79
CA LEU A 214 -19.74 72.89 52.76
C LEU A 214 -20.85 72.01 52.18
N LEU A 215 -20.49 70.80 51.75
CA LEU A 215 -21.46 69.89 51.16
C LEU A 215 -22.62 69.59 52.11
N SER A 216 -22.34 69.48 53.40
CA SER A 216 -23.40 69.18 54.35
C SER A 216 -24.11 70.38 54.98
N ASP A 217 -23.65 71.59 54.67
CA ASP A 217 -24.27 72.78 55.24
C ASP A 217 -25.03 73.65 54.23
N ILE A 218 -24.49 73.78 53.03
CA ILE A 218 -25.07 74.67 52.05
C ILE A 218 -26.56 74.56 51.76
N GLY A 219 -27.08 73.34 51.66
CA GLY A 219 -28.49 73.17 51.40
C GLY A 219 -29.37 73.77 52.48
N ALA A 220 -29.07 73.45 53.73
CA ALA A 220 -29.84 73.97 54.85
C ALA A 220 -29.70 75.50 54.95
N MET A 221 -28.50 76.01 54.70
CA MET A 221 -28.29 77.45 54.77
C MET A 221 -29.19 78.14 53.72
N ALA A 222 -29.15 77.63 52.50
CA ALA A 222 -29.94 78.22 51.42
C ALA A 222 -31.45 78.15 51.66
N ALA A 223 -31.93 76.98 52.08
CA ALA A 223 -33.37 76.80 52.34
C ALA A 223 -33.85 77.71 53.45
N SER A 224 -33.00 77.93 54.45
CA SER A 224 -33.38 78.79 55.56
C SER A 224 -33.51 80.23 55.10
N ARG A 225 -32.63 80.66 54.20
CA ARG A 225 -32.65 82.01 53.67
C ARG A 225 -33.79 82.20 52.68
N GLY A 226 -34.08 81.15 51.91
CA GLY A 226 -35.12 81.23 50.90
C GLY A 226 -34.49 81.50 49.55
N CYS A 227 -33.17 81.33 49.44
CA CYS A 227 -32.48 81.53 48.18
C CYS A 227 -32.18 80.17 47.56
N VAL A 228 -31.86 80.16 46.27
CA VAL A 228 -31.56 78.90 45.59
C VAL A 228 -30.13 78.92 45.05
N VAL A 229 -29.39 77.86 45.33
CA VAL A 229 -28.01 77.71 44.87
C VAL A 229 -28.02 76.61 43.81
N ILE A 230 -27.71 76.98 42.56
CA ILE A 230 -27.70 76.06 41.44
C ILE A 230 -26.24 75.70 41.12
N ALA A 231 -25.82 74.49 41.50
CA ALA A 231 -24.44 74.06 41.29
C ALA A 231 -24.24 72.92 40.29
N SER A 232 -23.30 73.12 39.40
CA SER A 232 -22.98 72.11 38.41
C SER A 232 -21.96 71.16 39.06
N LEU A 233 -22.11 69.87 38.78
CA LEU A 233 -21.22 68.87 39.31
C LEU A 233 -20.95 67.84 38.23
N ASN A 234 -19.74 67.86 37.68
CA ASN A 234 -19.41 66.90 36.64
C ASN A 234 -18.87 65.63 37.27
N PRO A 235 -19.52 64.48 36.98
CA PRO A 235 -19.06 63.21 37.53
C PRO A 235 -17.78 62.81 36.78
N THR A 236 -16.90 63.80 36.65
CA THR A 236 -15.63 63.64 35.96
C THR A 236 -14.95 62.36 36.43
N SER A 237 -14.62 62.32 37.71
CA SER A 237 -13.96 61.15 38.29
C SER A 237 -14.68 59.93 37.74
N ASN A 238 -14.06 59.27 36.77
CA ASN A 238 -14.62 58.08 36.14
C ASN A 238 -15.76 58.43 35.19
N ASP A 239 -16.00 57.57 34.20
CA ASP A 239 -17.08 57.77 33.25
C ASP A 239 -17.97 56.53 33.38
N ASP A 240 -17.52 55.61 34.21
CA ASP A 240 -18.23 54.38 34.49
C ASP A 240 -19.60 54.76 35.02
N LYS A 241 -20.50 53.78 35.16
CA LYS A 241 -21.81 54.07 35.70
C LYS A 241 -21.66 54.36 37.19
N ILE A 242 -20.55 55.03 37.52
CA ILE A 242 -20.24 55.45 38.87
C ILE A 242 -20.92 56.80 39.02
N VAL A 243 -21.58 57.23 37.93
CA VAL A 243 -22.29 58.49 37.92
C VAL A 243 -23.46 58.35 38.88
N GLU A 244 -23.64 57.14 39.38
CA GLU A 244 -24.69 56.83 40.34
C GLU A 244 -24.14 57.08 41.74
N LEU A 245 -22.81 57.24 41.81
CA LEU A 245 -22.13 57.50 43.08
C LEU A 245 -22.33 58.94 43.50
N VAL A 246 -21.76 59.87 42.74
CA VAL A 246 -21.90 61.29 43.07
C VAL A 246 -23.38 61.59 43.13
N LYS A 247 -24.14 60.98 42.23
CA LYS A 247 -25.59 61.13 42.22
C LYS A 247 -25.99 60.39 43.50
N GLU A 248 -27.25 60.45 43.90
CA GLU A 248 -27.65 59.79 45.13
C GLU A 248 -26.98 60.56 46.28
N ALA A 249 -25.66 60.64 46.24
CA ALA A 249 -24.90 61.39 47.23
C ALA A 249 -25.29 62.84 47.01
N SER A 250 -25.65 63.14 45.76
CA SER A 250 -26.10 64.47 45.34
C SER A 250 -27.53 64.61 45.85
N ARG A 251 -28.33 63.60 45.50
CA ARG A 251 -29.72 63.52 45.88
C ARG A 251 -29.90 63.62 47.40
N SER A 252 -28.89 63.17 48.14
CA SER A 252 -28.95 63.20 49.60
C SER A 252 -28.62 64.54 50.24
N ASN A 253 -27.77 65.33 49.60
CA ASN A 253 -27.43 66.63 50.17
C ASN A 253 -28.01 67.79 49.37
N SER A 254 -28.93 67.46 48.48
CA SER A 254 -29.57 68.48 47.65
C SER A 254 -31.05 68.57 47.93
N THR A 255 -31.59 69.77 47.78
CA THR A 255 -33.01 69.99 47.97
C THR A 255 -33.69 69.54 46.68
N SER A 256 -33.01 69.78 45.56
CA SER A 256 -33.52 69.39 44.25
C SER A 256 -32.38 68.87 43.40
N LEU A 257 -32.71 68.01 42.45
CA LEU A 257 -31.72 67.42 41.52
C LEU A 257 -32.16 67.67 40.08
N VAL A 258 -31.20 68.02 39.23
CA VAL A 258 -31.47 68.22 37.81
C VAL A 258 -30.45 67.36 37.09
N ILE A 259 -30.92 66.27 36.48
CA ILE A 259 -30.05 65.35 35.77
C ILE A 259 -30.41 65.23 34.30
N SER A 260 -29.38 65.09 33.47
CA SER A 260 -29.57 64.96 32.03
C SER A 260 -30.14 63.58 31.70
N THR A 261 -30.77 63.46 30.54
CA THR A 261 -31.36 62.19 30.13
C THR A 261 -30.67 61.68 28.88
N ASP A 262 -31.14 60.56 28.33
CA ASP A 262 -30.52 60.01 27.14
C ASP A 262 -30.92 60.75 25.86
N VAL A 263 -31.87 61.68 25.98
CA VAL A 263 -32.29 62.48 24.84
C VAL A 263 -31.61 63.83 24.98
N ASP A 264 -30.80 64.21 24.00
CA ASP A 264 -30.08 65.48 24.05
C ASP A 264 -30.96 66.69 24.24
N GLY A 265 -30.54 67.56 25.16
CA GLY A 265 -31.27 68.77 25.46
C GLY A 265 -32.34 68.58 26.51
N GLU A 266 -32.65 67.34 26.86
CA GLU A 266 -33.69 67.07 27.84
C GLU A 266 -33.15 66.81 29.24
N TRP A 267 -33.78 67.41 30.24
CA TRP A 267 -33.36 67.24 31.62
C TRP A 267 -34.53 66.90 32.53
N GLN A 268 -34.23 66.23 33.63
CA GLN A 268 -35.26 65.84 34.58
C GLN A 268 -35.02 66.58 35.90
N VAL A 269 -36.09 67.15 36.44
CA VAL A 269 -36.03 67.89 37.69
C VAL A 269 -36.75 67.11 38.78
N LEU A 270 -36.03 66.78 39.85
CA LEU A 270 -36.59 66.03 40.98
C LEU A 270 -36.51 66.99 42.15
N THR A 271 -37.65 67.30 42.76
CA THR A 271 -37.62 68.25 43.87
C THR A 271 -38.30 67.80 45.15
N ARG A 272 -37.63 68.06 46.27
CA ARG A 272 -38.14 67.72 47.59
C ARG A 272 -38.96 68.92 48.06
N THR A 273 -40.27 68.72 48.18
CA THR A 273 -41.17 69.80 48.57
C THR A 273 -41.21 70.11 50.06
N GLY A 274 -40.56 69.29 50.87
CA GLY A 274 -40.54 69.55 52.30
C GLY A 274 -40.30 68.31 53.14
N GLU A 275 -40.11 68.54 54.44
CA GLU A 275 -39.88 67.48 55.40
C GLU A 275 -40.97 66.41 55.36
N GLY A 276 -40.62 65.21 54.91
CA GLY A 276 -41.60 64.13 54.84
C GLY A 276 -42.66 64.29 53.77
N LEU A 277 -42.52 65.32 52.93
CA LEU A 277 -43.49 65.55 51.86
C LEU A 277 -43.13 64.79 50.59
N GLN A 278 -43.98 64.89 49.58
CA GLN A 278 -43.74 64.20 48.32
C GLN A 278 -42.64 64.81 47.47
N ARG A 279 -41.90 63.97 46.76
CA ARG A 279 -40.85 64.44 45.87
C ARG A 279 -41.50 64.54 44.49
N LEU A 280 -41.47 65.73 43.90
CA LEU A 280 -42.07 65.92 42.59
C LEU A 280 -41.05 65.82 41.48
N THR A 281 -41.52 65.59 40.26
CA THR A 281 -40.65 65.48 39.11
C THR A 281 -41.30 66.04 37.85
N HIS A 282 -40.53 66.76 37.04
CA HIS A 282 -41.04 67.25 35.77
C HIS A 282 -39.89 67.30 34.77
N THR A 283 -40.22 67.42 33.50
CA THR A 283 -39.18 67.43 32.46
C THR A 283 -38.95 68.81 31.87
N LEU A 284 -37.76 69.01 31.32
CA LEU A 284 -37.38 70.27 30.72
C LEU A 284 -36.81 70.05 29.33
N GLN A 285 -37.22 70.87 28.37
CA GLN A 285 -36.72 70.78 27.01
C GLN A 285 -35.89 72.05 26.79
N THR A 286 -34.77 71.94 26.08
CA THR A 286 -33.93 73.10 25.85
C THR A 286 -33.32 73.12 24.46
N SER A 287 -32.75 74.27 24.08
CA SER A 287 -32.09 74.41 22.79
C SER A 287 -31.12 75.59 22.81
N TYR A 288 -30.10 75.50 21.97
CA TYR A 288 -29.08 76.54 21.89
C TYR A 288 -29.37 77.65 20.90
N GLY A 289 -28.81 78.83 21.19
CA GLY A 289 -28.97 79.98 20.33
C GLY A 289 -27.55 80.35 19.93
N GLU A 290 -27.29 81.64 19.74
CA GLU A 290 -25.95 82.08 19.36
C GLU A 290 -25.00 82.12 20.55
N HIS A 291 -23.73 81.80 20.29
CA HIS A 291 -22.68 81.78 21.31
C HIS A 291 -23.01 80.82 22.45
N SER A 292 -23.66 79.72 22.10
CA SER A 292 -24.02 78.71 23.09
C SER A 292 -24.95 79.15 24.23
N VAL A 293 -25.76 80.17 23.99
CA VAL A 293 -26.71 80.59 25.01
C VAL A 293 -27.85 79.58 24.96
N LEU A 294 -28.16 78.99 26.11
CA LEU A 294 -29.20 77.97 26.20
C LEU A 294 -30.53 78.55 26.62
N THR A 295 -31.61 78.03 26.06
CA THR A 295 -32.95 78.51 26.39
C THR A 295 -33.82 77.34 26.83
N ILE A 296 -34.57 77.53 27.93
CA ILE A 296 -35.45 76.49 28.43
C ILE A 296 -36.85 76.75 27.89
N HIS A 297 -37.39 75.81 27.10
CA HIS A 297 -38.72 75.99 26.53
C HIS A 297 -39.80 75.99 27.58
N THR A 298 -40.84 76.78 27.36
CA THR A 298 -41.97 76.86 28.27
C THR A 298 -43.25 76.62 27.48
N SER A 299 -44.09 75.73 27.99
CA SER A 299 -45.35 75.39 27.34
C SER A 299 -46.27 76.60 27.16
N LYS A 300 -47.36 76.42 26.57
N MET B 1 -19.89 49.58 87.05
CA MET B 1 -18.93 48.77 87.86
C MET B 1 -19.06 47.31 87.52
N ILE B 2 -18.28 46.46 88.18
CA ILE B 2 -18.35 45.03 87.94
C ILE B 2 -19.29 44.41 88.98
N HIS B 3 -19.94 43.32 88.60
CA HIS B 3 -20.87 42.62 89.48
C HIS B 3 -20.48 41.17 89.64
N LEU B 4 -20.70 40.61 90.82
CA LEU B 4 -20.38 39.21 91.08
C LEU B 4 -21.67 38.40 91.12
N TYR B 5 -21.61 37.15 90.70
CA TYR B 5 -22.80 36.29 90.70
C TYR B 5 -22.49 34.83 91.00
N ASP B 6 -23.55 34.12 91.39
CA ASP B 6 -23.51 32.69 91.61
C ASP B 6 -24.83 32.28 90.95
N ALA B 7 -25.10 30.98 90.85
CA ALA B 7 -26.32 30.55 90.19
C ALA B 7 -27.57 31.29 90.69
N LYS B 8 -27.73 31.40 92.00
CA LYS B 8 -28.90 32.05 92.58
C LYS B 8 -29.03 33.53 92.25
N SER B 9 -27.97 34.31 92.47
CA SER B 9 -28.04 35.74 92.18
C SER B 9 -28.23 35.98 90.69
N PHE B 10 -27.63 35.13 89.86
CA PHE B 10 -27.77 35.28 88.42
C PHE B 10 -29.23 35.04 88.01
N ALA B 11 -29.83 33.99 88.54
CA ALA B 11 -31.22 33.67 88.21
C ALA B 11 -32.15 34.82 88.57
N LYS B 12 -31.88 35.48 89.71
CA LYS B 12 -32.71 36.60 90.12
C LYS B 12 -32.57 37.74 89.12
N LEU B 13 -31.33 38.01 88.72
CA LEU B 13 -31.07 39.07 87.76
C LEU B 13 -31.88 38.86 86.47
N ARG B 14 -31.80 37.65 85.92
CA ARG B 14 -32.52 37.36 84.69
C ARG B 14 -34.02 37.55 84.87
N ALA B 15 -34.56 37.14 86.00
CA ALA B 15 -36.00 37.30 86.26
C ALA B 15 -36.35 38.79 86.29
N ALA B 16 -35.50 39.58 86.95
CA ALA B 16 -35.74 41.01 87.03
C ALA B 16 -35.65 41.67 85.66
N GLN B 17 -34.66 41.27 84.87
CA GLN B 17 -34.51 41.84 83.53
C GLN B 17 -35.73 41.50 82.69
N TYR B 18 -36.18 40.26 82.79
CA TYR B 18 -37.36 39.82 82.05
C TYR B 18 -38.57 40.69 82.41
N ALA B 19 -38.73 40.97 83.70
CA ALA B 19 -39.85 41.79 84.17
C ALA B 19 -39.76 43.23 83.71
N ALA B 20 -38.54 43.77 83.65
CA ALA B 20 -38.35 45.16 83.22
C ALA B 20 -38.94 45.45 81.85
N PHE B 21 -39.08 44.41 81.04
CA PHE B 21 -39.66 44.60 79.71
C PHE B 21 -41.08 44.06 79.59
N HIS B 22 -41.28 42.85 80.10
CA HIS B 22 -42.58 42.17 79.99
C HIS B 22 -43.71 42.54 80.97
N THR B 23 -43.38 42.81 82.23
CA THR B 23 -44.43 43.09 83.20
C THR B 23 -44.49 44.47 83.84
N ASP B 24 -43.34 45.15 84.00
CA ASP B 24 -43.36 46.48 84.59
C ASP B 24 -44.37 47.35 83.82
N ALA B 25 -44.84 48.41 84.46
CA ALA B 25 -45.78 49.31 83.82
C ALA B 25 -45.02 50.17 82.81
N PRO B 26 -45.52 50.27 81.58
CA PRO B 26 -44.89 51.05 80.52
C PRO B 26 -44.51 52.45 80.98
N GLY B 27 -43.24 52.80 80.82
CA GLY B 27 -42.80 54.14 81.21
C GLY B 27 -42.45 54.32 82.68
N SER B 28 -42.60 53.28 83.49
CA SER B 28 -42.31 53.43 84.90
C SER B 28 -40.82 53.67 85.14
N TRP B 29 -39.96 53.01 84.38
CA TRP B 29 -38.52 53.17 84.54
C TRP B 29 -38.12 54.62 84.28
N PHE B 30 -38.71 55.23 83.26
CA PHE B 30 -38.41 56.62 82.94
C PHE B 30 -38.76 57.49 84.15
N ASP B 31 -39.98 57.35 84.65
CA ASP B 31 -40.42 58.11 85.82
C ASP B 31 -39.46 57.92 86.98
N HIS B 32 -39.02 56.70 87.21
CA HIS B 32 -38.10 56.46 88.29
C HIS B 32 -36.77 57.22 88.12
N THR B 33 -36.17 57.16 86.93
CA THR B 33 -34.90 57.86 86.73
C THR B 33 -35.11 59.37 86.80
N SER B 34 -36.30 59.84 86.42
CA SER B 34 -36.58 61.27 86.52
C SER B 34 -36.45 61.65 87.98
N GLY B 35 -36.93 60.77 88.85
CA GLY B 35 -36.86 61.02 90.28
C GLY B 35 -35.42 61.08 90.77
N VAL B 36 -34.60 60.13 90.34
CA VAL B 36 -33.20 60.12 90.75
C VAL B 36 -32.49 61.39 90.31
N LEU B 37 -32.78 61.85 89.10
CA LEU B 37 -32.15 63.06 88.60
C LEU B 37 -32.57 64.31 89.36
N GLU B 38 -33.84 64.38 89.74
CA GLU B 38 -34.33 65.53 90.48
C GLU B 38 -33.71 65.63 91.88
N SER B 39 -33.32 64.49 92.44
CA SER B 39 -32.73 64.49 93.78
C SER B 39 -31.25 64.82 93.78
N VAL B 40 -30.70 65.21 92.64
CA VAL B 40 -29.28 65.55 92.55
C VAL B 40 -29.01 66.93 93.18
N GLU B 41 -27.83 67.06 93.79
CA GLU B 41 -27.40 68.29 94.46
C GLU B 41 -27.38 69.62 93.70
N ASP B 42 -27.92 69.67 92.49
CA ASP B 42 -27.90 70.92 91.71
C ASP B 42 -26.45 71.29 91.38
N GLY B 43 -26.19 71.59 90.12
CA GLY B 43 -24.84 71.93 89.72
C GLY B 43 -23.98 70.69 89.64
N THR B 44 -24.55 69.56 90.02
CA THR B 44 -23.85 68.29 89.99
C THR B 44 -23.90 67.73 88.57
N PRO B 45 -22.75 67.35 88.01
CA PRO B 45 -22.69 66.79 86.65
C PRO B 45 -23.46 65.47 86.59
N VAL B 46 -24.34 65.32 85.60
CA VAL B 46 -25.10 64.08 85.46
C VAL B 46 -24.92 63.38 84.12
N LEU B 47 -24.54 64.15 83.09
CA LEU B 47 -24.37 63.56 81.76
C LEU B 47 -23.17 64.12 81.01
N ALA B 48 -22.41 63.24 80.38
CA ALA B 48 -21.24 63.64 79.58
C ALA B 48 -21.38 63.02 78.21
N ILE B 49 -21.19 63.82 77.17
CA ILE B 49 -21.33 63.33 75.81
C ILE B 49 -20.22 63.91 74.92
N GLY B 50 -19.76 63.13 73.96
CA GLY B 50 -18.68 63.58 73.11
C GLY B 50 -19.00 64.53 71.97
N VAL B 51 -18.14 65.52 71.78
CA VAL B 51 -18.32 66.47 70.69
C VAL B 51 -17.45 65.99 69.52
N GLU B 52 -17.56 66.64 68.38
CA GLU B 52 -16.83 66.24 67.18
C GLU B 52 -15.37 65.83 67.37
N SER B 53 -14.61 66.63 68.11
CA SER B 53 -13.20 66.35 68.34
C SER B 53 -12.89 65.10 69.14
N GLY B 54 -13.82 64.66 69.97
CA GLY B 54 -13.57 63.50 70.79
C GLY B 54 -13.59 63.91 72.25
N ASP B 55 -13.55 65.22 72.51
CA ASP B 55 -13.62 65.72 73.87
C ASP B 55 -15.07 65.57 74.29
N ALA B 56 -15.38 65.87 75.54
CA ALA B 56 -16.74 65.74 76.03
C ALA B 56 -17.24 66.98 76.76
N ILE B 57 -18.53 67.26 76.62
CA ILE B 57 -19.15 68.38 77.32
C ILE B 57 -20.03 67.76 78.39
N VAL B 58 -20.27 68.52 79.47
CA VAL B 58 -21.06 68.01 80.60
C VAL B 58 -22.29 68.84 80.92
N PHE B 59 -23.36 68.19 81.37
CA PHE B 59 -24.59 68.87 81.71
C PHE B 59 -25.08 68.54 83.12
N ASP B 60 -25.91 69.42 83.68
CA ASP B 60 -26.48 69.19 85.00
C ASP B 60 -27.90 68.67 84.78
N LYS B 61 -28.59 68.35 85.87
CA LYS B 61 -29.94 67.82 85.76
C LYS B 61 -30.94 68.69 85.00
N ASN B 62 -30.61 69.95 84.79
CA ASN B 62 -31.50 70.85 84.08
C ASN B 62 -31.07 71.08 82.63
N ALA B 63 -30.25 70.18 82.11
CA ALA B 63 -29.78 70.31 80.75
C ALA B 63 -29.00 71.60 80.54
N GLN B 64 -28.39 72.10 81.61
CA GLN B 64 -27.60 73.31 81.49
C GLN B 64 -26.13 72.86 81.46
N ARG B 65 -25.36 73.40 80.53
CA ARG B 65 -23.97 73.00 80.39
C ARG B 65 -23.07 73.52 81.52
N ILE B 66 -22.20 72.64 82.02
CA ILE B 66 -21.28 72.96 83.10
C ILE B 66 -19.91 73.32 82.54
N VAL B 67 -19.46 74.54 82.80
CA VAL B 67 -18.17 75.00 82.30
C VAL B 67 -17.00 74.80 83.27
N ALA B 68 -17.26 74.86 84.57
CA ALA B 68 -16.20 74.68 85.56
C ALA B 68 -16.68 73.85 86.74
N TYR B 69 -15.87 72.87 87.15
CA TYR B 69 -16.24 72.00 88.27
C TYR B 69 -14.99 71.34 88.82
N LYS B 70 -14.66 71.70 90.06
CA LYS B 70 -13.48 71.16 90.72
C LYS B 70 -13.55 69.67 90.99
N GLU B 71 -12.41 69.00 90.82
CA GLU B 71 -12.29 67.57 91.02
C GLU B 71 -13.07 67.07 92.23
N LYS B 72 -13.82 65.99 92.03
CA LYS B 72 -14.60 65.39 93.10
C LYS B 72 -14.70 63.89 92.83
N SER B 73 -14.44 63.08 93.86
CA SER B 73 -14.48 61.63 93.72
C SER B 73 -15.61 60.98 94.49
N VAL B 74 -15.94 59.76 94.10
CA VAL B 74 -17.00 58.99 94.74
C VAL B 74 -16.62 57.52 94.70
N LYS B 75 -16.70 56.86 95.85
CA LYS B 75 -16.36 55.45 95.93
C LYS B 75 -17.62 54.59 95.99
N ALA B 76 -17.70 53.60 95.11
CA ALA B 76 -18.84 52.71 95.06
C ALA B 76 -18.58 51.47 95.93
N GLU B 77 -19.57 50.59 96.02
CA GLU B 77 -19.43 49.38 96.81
C GLU B 77 -18.39 48.49 96.11
N ASP B 78 -18.26 48.70 94.81
CA ASP B 78 -17.31 47.96 93.98
C ASP B 78 -15.90 48.23 94.50
N GLY B 79 -15.76 49.28 95.30
CA GLY B 79 -14.46 49.65 95.84
C GLY B 79 -13.81 50.62 94.87
N SER B 80 -14.31 50.62 93.64
CA SER B 80 -13.81 51.49 92.59
C SER B 80 -14.25 52.93 92.85
N VAL B 81 -13.51 53.89 92.31
CA VAL B 81 -13.87 55.29 92.50
C VAL B 81 -14.00 56.01 91.16
N SER B 82 -14.99 56.89 91.07
CA SER B 82 -15.22 57.66 89.87
C SER B 82 -14.85 59.10 90.18
N VAL B 83 -14.29 59.80 89.21
CA VAL B 83 -13.90 61.18 89.41
C VAL B 83 -14.44 62.04 88.28
N VAL B 84 -14.87 63.25 88.63
CA VAL B 84 -15.40 64.17 87.63
C VAL B 84 -14.73 65.53 87.81
N GLN B 85 -14.31 66.12 86.69
CA GLN B 85 -13.68 67.43 86.73
C GLN B 85 -13.89 68.13 85.42
N VAL B 86 -14.50 69.31 85.47
CA VAL B 86 -14.73 70.08 84.26
C VAL B 86 -13.89 71.35 84.30
N GLU B 87 -13.20 71.63 83.20
CA GLU B 87 -12.36 72.81 83.13
C GLU B 87 -12.46 73.48 81.77
N ASN B 88 -12.76 74.76 81.78
CA ASN B 88 -12.89 75.55 80.56
C ASN B 88 -13.95 75.00 79.62
N GLY B 89 -15.03 74.46 80.18
CA GLY B 89 -16.11 73.94 79.37
C GLY B 89 -15.98 72.50 78.89
N PHE B 90 -14.88 71.83 79.23
CA PHE B 90 -14.68 70.44 78.81
C PHE B 90 -14.26 69.54 79.95
N MET B 91 -14.71 68.29 79.88
CA MET B 91 -14.39 67.28 80.88
C MET B 91 -12.90 67.05 80.94
N LYS B 92 -12.33 67.13 82.14
CA LYS B 92 -10.90 66.91 82.33
C LYS B 92 -10.70 65.54 82.95
N GLN B 93 -11.69 65.10 83.72
CA GLN B 93 -11.67 63.80 84.36
C GLN B 93 -13.09 63.25 84.37
N GLY B 94 -13.22 61.95 84.10
CA GLY B 94 -14.53 61.33 84.07
C GLY B 94 -14.67 60.46 82.85
N HIS B 95 -15.89 60.07 82.51
CA HIS B 95 -16.14 59.23 81.34
C HIS B 95 -17.38 59.70 80.61
N ARG B 96 -17.59 59.21 79.40
CA ARG B 96 -18.78 59.59 78.65
C ARG B 96 -19.94 58.78 79.22
N GLY B 97 -21.15 59.33 79.12
CA GLY B 97 -22.32 58.64 79.64
C GLY B 97 -22.89 59.29 80.89
N TRP B 98 -23.77 58.57 81.60
CA TRP B 98 -24.37 59.09 82.82
C TRP B 98 -23.33 59.13 83.93
N LEU B 99 -23.21 60.27 84.59
CA LEU B 99 -22.24 60.46 85.66
C LEU B 99 -22.85 60.19 87.03
N VAL B 100 -24.11 59.75 87.01
CA VAL B 100 -24.83 59.44 88.23
C VAL B 100 -25.49 58.08 88.02
N ASP B 101 -25.56 57.27 89.09
CA ASP B 101 -26.17 55.94 88.99
C ASP B 101 -27.68 55.99 88.90
N LEU B 102 -28.23 55.51 87.78
CA LEU B 102 -29.66 55.49 87.55
C LEU B 102 -30.21 54.07 87.60
N THR B 103 -29.35 53.09 87.36
CA THR B 103 -29.76 51.69 87.31
C THR B 103 -29.51 50.82 88.54
N GLY B 104 -28.62 51.25 89.43
CA GLY B 104 -28.34 50.44 90.59
C GLY B 104 -27.70 49.16 90.08
N GLU B 105 -28.07 48.01 90.63
CA GLU B 105 -27.49 46.77 90.14
C GLU B 105 -28.39 46.09 89.13
N LEU B 106 -29.44 46.79 88.73
CA LEU B 106 -30.36 46.27 87.73
C LEU B 106 -29.83 46.70 86.37
N VAL B 107 -28.87 45.94 85.84
CA VAL B 107 -28.29 46.28 84.55
C VAL B 107 -28.66 45.26 83.48
N GLY B 108 -28.48 45.66 82.22
CA GLY B 108 -28.76 44.76 81.13
C GLY B 108 -30.23 44.66 80.74
N CYS B 109 -31.00 45.71 81.00
CA CYS B 109 -32.42 45.72 80.68
C CYS B 109 -32.74 46.56 79.46
N SER B 110 -33.96 46.38 78.96
CA SER B 110 -34.52 47.15 77.86
C SER B 110 -35.87 47.55 78.45
N PRO B 111 -35.85 48.50 79.40
CA PRO B 111 -37.05 49.00 80.09
C PRO B 111 -38.19 49.35 79.14
N VAL B 112 -39.37 48.78 79.36
CA VAL B 112 -40.51 49.08 78.50
C VAL B 112 -40.79 50.58 78.57
N VAL B 113 -40.87 51.21 77.40
CA VAL B 113 -41.09 52.65 77.33
C VAL B 113 -42.54 53.01 77.05
N ALA B 114 -43.25 52.10 76.42
CA ALA B 114 -44.64 52.34 76.08
C ALA B 114 -45.30 51.11 75.47
N GLU B 115 -46.60 51.21 75.28
CA GLU B 115 -47.38 50.13 74.70
C GLU B 115 -48.32 50.77 73.69
N PHE B 116 -48.48 50.12 72.55
CA PHE B 116 -49.33 50.66 71.50
C PHE B 116 -49.77 49.53 70.57
N GLY B 117 -51.02 49.62 70.12
CA GLY B 117 -51.55 48.61 69.22
C GLY B 117 -51.39 47.18 69.71
N GLY B 118 -51.27 47.00 71.03
CA GLY B 118 -51.13 45.66 71.56
C GLY B 118 -49.70 45.17 71.68
N HIS B 119 -48.73 46.05 71.46
CA HIS B 119 -47.33 45.65 71.55
C HIS B 119 -46.56 46.52 72.52
N ARG B 120 -45.60 45.92 73.21
CA ARG B 120 -44.74 46.65 74.14
C ARG B 120 -43.49 47.08 73.37
N TYR B 121 -43.05 48.32 73.58
CA TYR B 121 -41.86 48.84 72.91
C TYR B 121 -40.79 49.13 73.94
N ALA B 122 -39.54 48.86 73.57
CA ALA B 122 -38.42 49.08 74.48
C ALA B 122 -37.81 50.46 74.38
N SER B 123 -37.15 50.86 75.46
CA SER B 123 -36.47 52.14 75.49
C SER B 123 -35.11 51.85 74.88
N GLY B 124 -34.24 52.85 74.80
CA GLY B 124 -32.93 52.65 74.20
C GLY B 124 -32.98 53.25 72.82
N MET B 125 -32.14 52.80 71.90
CA MET B 125 -32.19 53.37 70.56
C MET B 125 -32.84 52.47 69.53
N VAL B 126 -33.66 53.09 68.70
CA VAL B 126 -34.38 52.39 67.63
C VAL B 126 -33.97 53.01 66.30
N ILE B 127 -33.39 52.20 65.44
CA ILE B 127 -33.01 52.70 64.13
C ILE B 127 -34.07 52.28 63.14
N VAL B 128 -34.57 53.26 62.39
CA VAL B 128 -35.58 53.04 61.36
C VAL B 128 -34.83 53.16 60.03
N THR B 129 -34.74 52.05 59.32
CA THR B 129 -34.03 52.05 58.06
C THR B 129 -34.63 51.11 57.04
N GLY B 130 -33.82 50.74 56.06
CA GLY B 130 -34.28 49.85 55.00
C GLY B 130 -34.09 50.55 53.67
N LYS B 131 -34.08 49.80 52.58
CA LYS B 131 -33.92 50.43 51.28
C LYS B 131 -35.19 50.17 50.52
N GLY B 132 -35.85 51.24 50.09
CA GLY B 132 -37.09 51.07 49.35
C GLY B 132 -37.87 52.35 49.19
N ASN B 133 -39.15 52.22 48.85
CA ASN B 133 -40.01 53.37 48.64
C ASN B 133 -40.56 53.97 49.94
N SER B 134 -40.85 53.12 50.93
CA SER B 134 -41.37 53.59 52.20
C SER B 134 -40.45 54.65 52.84
N GLY B 135 -41.00 55.82 53.12
CA GLY B 135 -40.24 56.92 53.70
C GLY B 135 -40.02 56.81 55.20
N LYS B 136 -38.80 57.05 55.63
CA LYS B 136 -38.46 56.95 57.04
C LYS B 136 -38.96 58.11 57.88
N THR B 137 -38.92 59.32 57.33
CA THR B 137 -39.37 60.49 58.05
C THR B 137 -40.82 60.39 58.54
N PRO B 138 -41.78 60.00 57.67
CA PRO B 138 -43.16 59.90 58.14
C PRO B 138 -43.32 58.83 59.21
N LEU B 139 -42.54 57.77 59.10
CA LEU B 139 -42.62 56.68 60.06
C LEU B 139 -42.10 57.07 61.44
N VAL B 140 -40.97 57.77 61.50
CA VAL B 140 -40.45 58.15 62.81
C VAL B 140 -41.39 59.11 63.54
N HIS B 141 -42.02 60.00 62.80
CA HIS B 141 -42.96 60.93 63.43
C HIS B 141 -44.22 60.21 63.90
N ALA B 142 -44.66 59.21 63.14
CA ALA B 142 -45.86 58.47 63.54
C ALA B 142 -45.56 57.63 64.76
N LEU B 143 -44.37 57.06 64.80
CA LEU B 143 -43.99 56.23 65.93
C LEU B 143 -43.77 57.10 67.17
N GLY B 144 -43.28 58.31 66.94
CA GLY B 144 -43.04 59.21 68.06
C GLY B 144 -44.35 59.59 68.74
N GLU B 145 -45.34 59.97 67.93
CA GLU B 145 -46.63 60.34 68.47
C GLU B 145 -47.30 59.15 69.16
N ALA B 146 -47.23 57.97 68.54
CA ALA B 146 -47.85 56.79 69.12
C ALA B 146 -47.24 56.37 70.45
N LEU B 147 -45.91 56.30 70.51
CA LEU B 147 -45.27 55.91 71.77
C LEU B 147 -45.37 57.06 72.77
N GLY B 148 -45.51 58.28 72.26
CA GLY B 148 -45.65 59.42 73.16
C GLY B 148 -46.92 59.27 73.98
N GLY B 149 -47.98 58.79 73.33
CA GLY B 149 -49.25 58.58 74.00
C GLY B 149 -49.88 59.86 74.52
N LYS B 150 -49.87 60.02 75.84
CA LYS B 150 -50.43 61.21 76.48
C LYS B 150 -49.44 62.37 76.41
N ASP B 151 -48.17 62.05 76.26
CA ASP B 151 -47.13 63.07 76.22
C ASP B 151 -46.71 63.42 74.80
N LYS B 152 -46.17 64.62 74.64
CA LYS B 152 -45.67 65.05 73.34
C LYS B 152 -44.29 64.40 73.17
N TYR B 153 -43.83 64.28 71.94
CA TYR B 153 -42.52 63.70 71.70
C TYR B 153 -41.60 64.83 71.25
N ALA B 154 -40.30 64.70 71.52
CA ALA B 154 -39.32 65.72 71.15
C ALA B 154 -38.67 65.37 69.81
N THR B 155 -38.45 66.39 68.99
CA THR B 155 -37.84 66.18 67.69
C THR B 155 -36.51 66.90 67.52
N VAL B 156 -35.46 66.13 67.26
CA VAL B 156 -34.12 66.66 67.04
C VAL B 156 -33.89 66.58 65.54
N ARG B 157 -33.66 67.72 64.89
CA ARG B 157 -33.43 67.75 63.45
C ARG B 157 -31.93 67.96 63.13
N PHE B 158 -31.41 67.17 62.19
CA PHE B 158 -29.99 67.28 61.84
C PHE B 158 -29.60 66.85 60.43
N GLY B 159 -28.74 67.65 59.81
CA GLY B 159 -28.19 67.35 58.48
C GLY B 159 -29.05 67.10 57.27
N GLU B 160 -30.09 67.90 57.04
CA GLU B 160 -30.93 67.72 55.87
C GLU B 160 -30.99 69.08 55.19
N PRO B 161 -30.99 69.11 53.86
CA PRO B 161 -31.04 70.39 53.15
C PRO B 161 -32.44 71.05 53.10
N LEU B 162 -33.00 71.25 54.29
CA LEU B 162 -34.32 71.88 54.46
C LEU B 162 -34.19 73.07 55.42
N SER B 163 -35.18 73.96 55.41
CA SER B 163 -35.12 75.15 56.26
C SER B 163 -35.07 74.85 57.75
N GLY B 164 -34.27 75.65 58.48
CA GLY B 164 -34.18 75.49 59.91
C GLY B 164 -33.41 74.28 60.44
N TYR B 165 -32.81 73.50 59.55
CA TYR B 165 -32.06 72.33 59.98
C TYR B 165 -30.63 72.66 60.40
N ASN B 166 -30.27 72.24 61.61
CA ASN B 166 -28.92 72.45 62.10
C ASN B 166 -28.04 71.43 61.39
N THR B 167 -26.82 71.81 61.05
CA THR B 167 -25.90 70.88 60.37
C THR B 167 -24.57 70.79 61.08
N ASP B 168 -24.48 71.43 62.25
CA ASP B 168 -23.25 71.44 63.04
C ASP B 168 -23.35 70.33 64.09
N PHE B 169 -22.43 69.36 64.03
CA PHE B 169 -22.44 68.24 64.96
C PHE B 169 -22.48 68.59 66.43
N ASN B 170 -21.74 69.63 66.83
CA ASN B 170 -21.74 70.00 68.23
C ASN B 170 -23.07 70.54 68.74
N VAL B 171 -23.84 71.19 67.88
CA VAL B 171 -25.15 71.68 68.29
C VAL B 171 -26.04 70.46 68.41
N PHE B 172 -25.78 69.47 67.55
CA PHE B 172 -26.54 68.23 67.54
C PHE B 172 -26.46 67.45 68.86
N VAL B 173 -25.26 67.24 69.37
CA VAL B 173 -25.11 66.48 70.62
C VAL B 173 -25.70 67.26 71.77
N ASP B 174 -25.76 68.58 71.62
CA ASP B 174 -26.33 69.43 72.65
C ASP B 174 -27.84 69.18 72.67
N ASP B 175 -28.48 69.15 71.50
CA ASP B 175 -29.91 68.89 71.41
C ASP B 175 -30.23 67.49 71.95
N ILE B 176 -29.37 66.52 71.65
CA ILE B 176 -29.61 65.15 72.12
C ILE B 176 -29.53 65.02 73.63
N ALA B 177 -28.50 65.62 74.22
CA ALA B 177 -28.34 65.55 75.66
C ALA B 177 -29.58 66.14 76.35
N ARG B 178 -30.00 67.33 75.91
CA ARG B 178 -31.16 67.98 76.51
C ARG B 178 -32.42 67.12 76.33
N ALA B 179 -32.59 66.53 75.15
CA ALA B 179 -33.77 65.71 74.89
C ALA B 179 -33.85 64.50 75.84
N MET B 180 -32.74 63.79 76.02
CA MET B 180 -32.74 62.62 76.90
C MET B 180 -32.90 63.00 78.38
N LEU B 181 -32.47 64.20 78.74
CA LEU B 181 -32.62 64.64 80.12
C LEU B 181 -34.05 65.06 80.42
N GLN B 182 -34.78 65.50 79.40
CA GLN B 182 -36.13 65.98 79.60
C GLN B 182 -37.33 65.26 78.98
N HIS B 183 -37.12 64.29 78.11
CA HIS B 183 -38.28 63.63 77.50
C HIS B 183 -38.14 62.12 77.35
N ARG B 184 -39.29 61.45 77.35
CA ARG B 184 -39.35 60.00 77.26
C ARG B 184 -39.26 59.50 75.82
N VAL B 185 -39.89 60.23 74.90
CA VAL B 185 -39.91 59.84 73.50
C VAL B 185 -39.22 60.89 72.64
N ILE B 186 -38.15 60.49 71.98
CA ILE B 186 -37.34 61.37 71.15
C ILE B 186 -37.19 60.86 69.72
N VAL B 187 -37.31 61.77 68.76
CA VAL B 187 -37.15 61.45 67.37
C VAL B 187 -35.93 62.21 66.82
N ILE B 188 -35.03 61.49 66.16
CA ILE B 188 -33.86 62.11 65.55
C ILE B 188 -34.04 61.98 64.06
N ASP B 189 -34.24 63.08 63.35
CA ASP B 189 -34.40 62.91 61.93
C ASP B 189 -33.11 63.15 61.20
N SER B 190 -32.59 62.00 60.77
CA SER B 190 -31.38 61.83 59.99
C SER B 190 -30.11 61.58 60.79
N LEU B 191 -29.72 60.31 60.81
CA LEU B 191 -28.49 59.89 61.44
C LEU B 191 -27.46 59.97 60.31
N LYS B 192 -27.86 60.53 59.18
CA LYS B 192 -26.99 60.71 58.03
C LYS B 192 -25.85 61.60 58.52
N ASN B 193 -24.84 61.82 57.69
CA ASN B 193 -23.70 62.63 58.12
C ASN B 193 -22.95 61.85 59.20
N VAL B 194 -23.57 61.65 60.35
CA VAL B 194 -22.94 60.83 61.39
C VAL B 194 -23.03 59.45 60.76
N ILE B 195 -22.16 58.51 61.15
CA ILE B 195 -22.23 57.19 60.54
C ILE B 195 -22.13 57.39 59.03
N ILE B 207 -14.78 58.90 59.63
CA ILE B 207 -15.78 59.38 60.57
C ILE B 207 -15.08 60.01 61.79
N SER B 208 -15.61 61.13 62.25
CA SER B 208 -15.04 61.84 63.39
C SER B 208 -15.16 61.05 64.69
N ARG B 209 -14.32 61.38 65.67
CA ARG B 209 -14.36 60.69 66.94
C ARG B 209 -15.69 60.89 67.63
N GLY B 210 -16.25 62.10 67.50
CA GLY B 210 -17.53 62.39 68.11
C GLY B 210 -18.64 61.52 67.53
N ALA B 211 -18.68 61.41 66.20
CA ALA B 211 -19.71 60.61 65.53
C ALA B 211 -19.61 59.15 65.95
N PHE B 212 -18.39 58.66 66.07
CA PHE B 212 -18.14 57.28 66.48
C PHE B 212 -18.57 57.06 67.94
N ASP B 213 -18.27 58.01 68.81
CA ASP B 213 -18.65 57.90 70.22
C ASP B 213 -20.16 57.89 70.36
N LEU B 214 -20.83 58.80 69.64
CA LEU B 214 -22.29 58.92 69.68
C LEU B 214 -22.94 57.59 69.28
N LEU B 215 -22.49 57.04 68.16
CA LEU B 215 -23.04 55.78 67.68
C LEU B 215 -22.93 54.63 68.68
N SER B 216 -21.85 54.59 69.45
CA SER B 216 -21.68 53.51 70.41
C SER B 216 -22.12 53.83 71.85
N ASP B 217 -22.53 55.07 72.10
CA ASP B 217 -22.95 55.47 73.44
C ASP B 217 -24.45 55.65 73.60
N ILE B 218 -25.07 56.29 72.61
CA ILE B 218 -26.48 56.61 72.68
C ILE B 218 -27.46 55.52 73.11
N GLY B 219 -27.29 54.29 72.63
CA GLY B 219 -28.21 53.23 73.02
C GLY B 219 -28.19 52.96 74.52
N ALA B 220 -27.01 52.84 75.08
CA ALA B 220 -26.89 52.58 76.51
C ALA B 220 -27.38 53.78 77.33
N MET B 221 -27.11 54.99 76.86
CA MET B 221 -27.56 56.19 77.57
C MET B 221 -29.09 56.19 77.65
N ALA B 222 -29.74 55.97 76.52
CA ALA B 222 -31.21 55.93 76.44
C ALA B 222 -31.83 54.81 77.26
N ALA B 223 -31.30 53.59 77.13
CA ALA B 223 -31.83 52.45 77.88
C ALA B 223 -31.69 52.67 79.38
N SER B 224 -30.61 53.32 79.80
CA SER B 224 -30.39 53.60 81.21
C SER B 224 -31.41 54.60 81.75
N ARG B 225 -31.75 55.59 80.94
CA ARG B 225 -32.72 56.61 81.34
C ARG B 225 -34.14 56.08 81.26
N GLY B 226 -34.39 55.18 80.30
CA GLY B 226 -35.72 54.66 80.15
C GLY B 226 -36.46 55.42 79.06
N CYS B 227 -35.74 56.20 78.27
CA CYS B 227 -36.35 56.94 77.16
C CYS B 227 -36.04 56.21 75.86
N VAL B 228 -36.78 56.53 74.81
CA VAL B 228 -36.54 55.91 73.53
C VAL B 228 -36.14 56.94 72.48
N VAL B 229 -35.07 56.63 71.73
CA VAL B 229 -34.58 57.51 70.67
C VAL B 229 -34.87 56.81 69.35
N ILE B 230 -35.75 57.41 68.56
CA ILE B 230 -36.17 56.88 67.26
C ILE B 230 -35.44 57.64 66.17
N ALA B 231 -34.44 57.01 65.56
CA ALA B 231 -33.63 57.65 64.53
C ALA B 231 -33.74 57.08 63.13
N SER B 232 -33.96 57.96 62.15
CA SER B 232 -34.05 57.53 60.77
C SER B 232 -32.65 57.45 60.17
N LEU B 233 -32.44 56.45 59.33
CA LEU B 233 -31.15 56.25 58.71
C LEU B 233 -31.33 55.64 57.33
N ASN B 234 -31.07 56.43 56.29
CA ASN B 234 -31.21 55.91 54.93
C ASN B 234 -29.89 55.28 54.47
N PRO B 235 -29.96 54.03 54.01
CA PRO B 235 -28.75 53.34 53.54
C PRO B 235 -28.38 53.91 52.18
N THR B 236 -28.46 55.24 52.10
CA THR B 236 -28.16 56.01 50.89
C THR B 236 -27.06 55.42 50.03
N SER B 237 -25.83 55.89 50.24
CA SER B 237 -24.69 55.42 49.48
C SER B 237 -24.63 53.90 49.44
N ASN B 238 -24.41 53.35 48.26
CA ASN B 238 -24.30 51.91 48.08
C ASN B 238 -22.82 51.53 48.09
N ASP B 239 -22.05 52.33 48.83
CA ASP B 239 -20.62 52.13 48.99
C ASP B 239 -20.41 51.13 50.12
N ASP B 240 -20.05 49.91 49.75
CA ASP B 240 -19.85 48.82 50.71
C ASP B 240 -19.06 49.11 51.99
N LYS B 241 -18.42 50.28 52.07
CA LYS B 241 -17.67 50.59 53.29
C LYS B 241 -18.60 51.18 54.35
N ILE B 242 -19.65 51.87 53.91
CA ILE B 242 -20.60 52.47 54.84
C ILE B 242 -21.90 51.67 54.86
N VAL B 243 -22.10 50.83 53.84
CA VAL B 243 -23.29 49.99 53.78
C VAL B 243 -23.15 48.98 54.89
N GLU B 244 -21.89 48.66 55.22
CA GLU B 244 -21.58 47.71 56.27
C GLU B 244 -21.61 48.44 57.61
N LEU B 245 -21.41 49.74 57.56
CA LEU B 245 -21.44 50.57 58.76
C LEU B 245 -22.90 50.77 59.18
N VAL B 246 -23.80 50.64 58.22
CA VAL B 246 -25.23 50.77 58.45
C VAL B 246 -25.78 49.47 59.02
N LYS B 247 -25.31 48.35 58.46
CA LYS B 247 -25.74 47.04 58.94
C LYS B 247 -25.16 46.75 60.33
N GLU B 248 -24.03 47.40 60.63
CA GLU B 248 -23.36 47.22 61.90
C GLU B 248 -24.08 48.06 62.96
N ALA B 249 -24.34 49.31 62.62
CA ALA B 249 -25.03 50.21 63.52
C ALA B 249 -26.37 49.60 63.88
N SER B 250 -27.07 49.11 62.86
CA SER B 250 -28.37 48.50 63.05
C SER B 250 -28.30 47.21 63.86
N ARG B 251 -27.29 46.39 63.54
CA ARG B 251 -27.12 45.11 64.23
C ARG B 251 -26.67 45.20 65.68
N SER B 252 -25.58 45.93 65.92
CA SER B 252 -24.99 46.00 67.24
C SER B 252 -25.17 47.25 68.09
N ASN B 253 -25.56 48.37 67.50
CA ASN B 253 -25.70 49.58 68.29
C ASN B 253 -27.14 49.98 68.57
N SER B 254 -28.08 49.17 68.10
CA SER B 254 -29.50 49.46 68.32
C SER B 254 -30.16 48.52 69.30
N THR B 255 -31.07 49.04 70.11
CA THR B 255 -31.78 48.22 71.06
C THR B 255 -32.91 47.54 70.27
N SER B 256 -33.48 48.29 69.33
CA SER B 256 -34.55 47.79 68.48
C SER B 256 -34.30 48.26 67.06
N LEU B 257 -34.87 47.54 66.11
CA LEU B 257 -34.71 47.86 64.70
C LEU B 257 -36.08 47.87 64.03
N VAL B 258 -36.31 48.86 63.17
CA VAL B 258 -37.58 48.96 62.44
C VAL B 258 -37.19 49.07 60.97
N ILE B 259 -37.46 48.01 60.20
CA ILE B 259 -37.08 47.99 58.79
C ILE B 259 -38.24 47.82 57.82
N SER B 260 -38.16 48.48 56.67
CA SER B 260 -39.19 48.39 55.66
C SER B 260 -39.14 47.04 54.96
N THR B 261 -40.27 46.62 54.39
CA THR B 261 -40.32 45.34 53.70
C THR B 261 -40.64 45.59 52.22
N ASP B 262 -40.83 44.51 51.47
CA ASP B 262 -41.13 44.64 50.04
C ASP B 262 -42.59 44.98 49.77
N VAL B 263 -43.41 45.06 50.83
CA VAL B 263 -44.81 45.41 50.70
C VAL B 263 -44.98 46.86 51.16
N ASP B 264 -45.57 47.68 50.30
CA ASP B 264 -45.74 49.09 50.62
C ASP B 264 -46.49 49.38 51.91
N GLY B 265 -45.90 50.23 52.74
CA GLY B 265 -46.52 50.61 53.99
C GLY B 265 -46.28 49.67 55.14
N GLU B 266 -45.68 48.51 54.86
CA GLU B 266 -45.41 47.51 55.89
C GLU B 266 -44.00 47.59 56.47
N TRP B 267 -43.90 47.48 57.80
CA TRP B 267 -42.61 47.55 58.48
C TRP B 267 -42.47 46.40 59.46
N GLN B 268 -41.22 46.03 59.73
CA GLN B 268 -40.93 44.94 60.65
C GLN B 268 -40.17 45.51 61.84
N VAL B 269 -40.61 45.14 63.05
CA VAL B 269 -39.99 45.61 64.27
C VAL B 269 -39.26 44.47 64.97
N LEU B 270 -37.96 44.63 65.17
CA LEU B 270 -37.15 43.61 65.82
C LEU B 270 -36.67 44.26 67.10
N THR B 271 -36.99 43.67 68.25
CA THR B 271 -36.58 44.26 69.50
C THR B 271 -35.85 43.34 70.47
N ARG B 272 -34.75 43.84 71.03
CA ARG B 272 -33.96 43.11 72.00
C ARG B 272 -34.61 43.37 73.36
N THR B 273 -35.15 42.32 73.98
CA THR B 273 -35.85 42.46 75.26
C THR B 273 -34.96 42.51 76.48
N GLY B 274 -33.66 42.26 76.31
CA GLY B 274 -32.76 42.31 77.43
C GLY B 274 -31.49 41.50 77.26
N GLU B 275 -30.57 41.67 78.21
CA GLU B 275 -29.30 40.97 78.20
C GLU B 275 -29.52 39.44 78.15
N GLY B 276 -29.08 38.83 77.06
CA GLY B 276 -29.20 37.38 76.90
C GLY B 276 -30.62 36.88 76.66
N LEU B 277 -31.57 37.80 76.59
CA LEU B 277 -32.95 37.43 76.36
C LEU B 277 -33.26 37.31 74.87
N GLN B 278 -34.46 36.84 74.55
CA GLN B 278 -34.87 36.65 73.17
C GLN B 278 -35.18 37.93 72.41
N ARG B 279 -34.89 37.92 71.11
CA ARG B 279 -35.17 39.07 70.27
C ARG B 279 -36.55 38.80 69.69
N LEU B 280 -37.49 39.73 69.89
CA LEU B 280 -38.85 39.57 69.39
C LEU B 280 -39.08 40.32 68.10
N THR B 281 -40.14 39.93 67.40
CA THR B 281 -40.50 40.58 66.15
C THR B 281 -42.01 40.64 65.93
N HIS B 282 -42.47 41.72 65.33
CA HIS B 282 -43.88 41.88 64.99
C HIS B 282 -43.97 42.81 63.79
N THR B 283 -45.11 42.85 63.13
CA THR B 283 -45.27 43.67 61.94
C THR B 283 -46.18 44.89 62.13
N LEU B 284 -45.97 45.91 61.31
CA LEU B 284 -46.76 47.13 61.35
C LEU B 284 -47.32 47.45 59.98
N GLN B 285 -48.58 47.90 59.93
CA GLN B 285 -49.21 48.29 58.67
C GLN B 285 -49.45 49.79 58.80
N THR B 286 -49.28 50.53 57.72
CA THR B 286 -49.46 51.98 57.79
C THR B 286 -50.13 52.56 56.54
N SER B 287 -50.61 53.80 56.65
CA SER B 287 -51.24 54.46 55.52
C SER B 287 -51.14 55.97 55.69
N TYR B 288 -51.16 56.68 54.57
CA TYR B 288 -51.04 58.13 54.56
C TYR B 288 -52.38 58.85 54.58
N GLY B 289 -52.41 59.99 55.29
CA GLY B 289 -53.60 60.81 55.36
C GLY B 289 -53.28 62.05 54.55
N GLU B 290 -53.71 63.22 55.02
CA GLU B 290 -53.44 64.45 54.29
C GLU B 290 -52.06 65.03 54.65
N HIS B 291 -51.43 65.70 53.69
CA HIS B 291 -50.12 66.31 53.88
C HIS B 291 -49.06 65.28 54.31
N SER B 292 -49.22 64.06 53.83
CA SER B 292 -48.28 62.98 54.13
C SER B 292 -48.20 62.57 55.58
N VAL B 293 -49.25 62.83 56.36
CA VAL B 293 -49.26 62.42 57.77
C VAL B 293 -49.51 60.92 57.75
N LEU B 294 -48.64 60.16 58.40
CA LEU B 294 -48.73 58.71 58.40
C LEU B 294 -49.43 58.18 59.65
N THR B 295 -50.18 57.10 59.49
CA THR B 295 -50.89 56.49 60.61
C THR B 295 -50.53 55.00 60.72
N ILE B 296 -50.27 54.56 61.94
CA ILE B 296 -49.92 53.17 62.18
C ILE B 296 -51.20 52.46 62.64
N HIS B 297 -51.66 51.50 61.85
CA HIS B 297 -52.88 50.77 62.20
C HIS B 297 -52.67 49.90 63.42
N THR B 298 -53.78 49.62 64.11
CA THR B 298 -53.75 48.79 65.30
C THR B 298 -54.86 47.76 65.20
N SER B 299 -54.49 46.47 65.23
CA SER B 299 -55.45 45.38 65.14
C SER B 299 -56.71 45.62 65.96
N GLN B 306 -43.09 37.37 68.79
CA GLN B 306 -42.52 36.07 68.44
C GLN B 306 -41.02 36.19 68.22
N ALA B 307 -40.28 35.16 68.58
CA ALA B 307 -38.82 35.16 68.44
C ALA B 307 -38.32 34.95 67.02
N SER B 308 -37.14 35.51 66.74
CA SER B 308 -36.51 35.40 65.43
C SER B 308 -35.03 35.05 65.65
N GLY B 309 -34.63 33.88 65.17
CA GLY B 309 -33.25 33.43 65.32
C GLY B 309 -32.23 34.42 64.79
N LYS B 310 -30.98 34.26 65.22
CA LYS B 310 -29.90 35.14 64.79
C LYS B 310 -29.65 34.99 63.29
N ALA B 311 -30.01 33.83 62.74
CA ALA B 311 -29.84 33.56 61.32
C ALA B 311 -30.87 34.36 60.52
N ILE B 312 -32.11 34.33 60.99
CA ILE B 312 -33.20 35.05 60.34
C ILE B 312 -32.92 36.55 60.44
N GLN B 313 -32.20 36.91 61.49
CA GLN B 313 -31.85 38.31 61.75
C GLN B 313 -30.94 38.90 60.67
N THR B 314 -29.89 38.17 60.30
CA THR B 314 -28.97 38.65 59.27
C THR B 314 -29.63 38.59 57.89
N VAL B 315 -30.65 37.76 57.75
CA VAL B 315 -31.36 37.64 56.49
C VAL B 315 -32.09 38.97 56.28
N ILE B 316 -32.44 39.60 57.40
CA ILE B 316 -33.11 40.90 57.39
C ILE B 316 -32.08 41.97 57.08
N LYS B 317 -30.85 41.74 57.50
CA LYS B 317 -29.76 42.67 57.28
C LYS B 317 -29.32 42.87 55.83
N ASN B 318 -29.23 41.79 55.07
CA ASN B 318 -28.81 41.92 53.67
C ASN B 318 -29.82 42.69 52.84
N ASP B 319 -30.92 43.11 53.47
CA ASP B 319 -31.94 43.90 52.78
C ASP B 319 -31.31 45.26 52.53
N GLU B 320 -30.56 45.74 53.52
CA GLU B 320 -29.89 47.03 53.48
C GLU B 320 -28.72 47.00 52.48
N LEU B 321 -28.10 45.82 52.36
CA LEU B 321 -27.00 45.65 51.43
C LEU B 321 -27.52 46.00 50.04
N MET C 1 12.23 38.36 81.48
CA MET C 1 13.68 38.34 81.18
C MET C 1 14.01 37.19 80.24
N ILE C 2 15.29 37.05 79.89
CA ILE C 2 15.69 35.95 79.01
C ILE C 2 16.16 34.77 79.86
N HIS C 3 15.98 33.56 79.36
CA HIS C 3 16.37 32.34 80.06
C HIS C 3 17.31 31.52 79.21
N LEU C 4 18.28 30.87 79.86
CA LEU C 4 19.24 30.02 79.16
C LEU C 4 18.88 28.56 79.39
N TYR C 5 19.15 27.71 78.41
CA TYR C 5 18.85 26.29 78.55
C TYR C 5 19.86 25.39 77.86
N ASP C 6 19.85 24.13 78.27
CA ASP C 6 20.64 23.06 77.65
C ASP C 6 19.60 21.94 77.62
N ALA C 7 19.93 20.82 77.01
CA ALA C 7 18.96 19.72 76.92
C ALA C 7 18.29 19.39 78.24
N LYS C 8 19.08 19.27 79.30
CA LYS C 8 18.54 18.91 80.62
C LYS C 8 17.59 19.94 81.22
N SER C 9 18.02 21.21 81.27
CA SER C 9 17.17 22.24 81.85
C SER C 9 15.91 22.42 81.00
N PHE C 10 16.04 22.26 79.69
CA PHE C 10 14.86 22.40 78.81
C PHE C 10 13.85 21.30 79.10
N ALA C 11 14.33 20.07 79.22
CA ALA C 11 13.45 18.94 79.50
C ALA C 11 12.71 19.13 80.82
N LYS C 12 13.37 19.73 81.81
CA LYS C 12 12.71 19.94 83.09
C LYS C 12 11.59 20.97 82.92
N LEU C 13 11.89 22.02 82.17
CA LEU C 13 10.90 23.07 81.92
C LEU C 13 9.64 22.48 81.29
N ARG C 14 9.81 21.68 80.24
CA ARG C 14 8.66 21.08 79.58
C ARG C 14 7.86 20.22 80.53
N ALA C 15 8.53 19.44 81.37
CA ALA C 15 7.83 18.59 82.33
C ALA C 15 7.02 19.45 83.29
N ALA C 16 7.62 20.54 83.75
CA ALA C 16 6.93 21.44 84.69
C ALA C 16 5.72 22.11 84.02
N GLN C 17 5.89 22.55 82.77
CA GLN C 17 4.79 23.20 82.05
C GLN C 17 3.65 22.19 81.88
N TYR C 18 4.00 20.96 81.53
CA TYR C 18 2.99 19.92 81.34
C TYR C 18 2.18 19.73 82.64
N ALA C 19 2.89 19.72 83.76
CA ALA C 19 2.24 19.53 85.06
C ALA C 19 1.34 20.71 85.43
N ALA C 20 1.77 21.92 85.08
CA ALA C 20 0.99 23.11 85.39
C ALA C 20 -0.44 23.05 84.86
N PHE C 21 -0.66 22.26 83.83
CA PHE C 21 -2.00 22.13 83.29
C PHE C 21 -2.66 20.78 83.62
N HIS C 22 -1.89 19.71 83.44
CA HIS C 22 -2.41 18.35 83.65
C HIS C 22 -2.52 17.77 85.06
N THR C 23 -1.56 18.08 85.94
CA THR C 23 -1.59 17.50 87.27
C THR C 23 -1.76 18.43 88.48
N ASP C 24 -1.30 19.68 88.39
CA ASP C 24 -1.46 20.61 89.51
C ASP C 24 -2.93 20.65 89.91
N ALA C 25 -3.20 21.07 91.14
CA ALA C 25 -4.57 21.16 91.60
C ALA C 25 -5.22 22.38 90.95
N PRO C 26 -6.42 22.21 90.40
CA PRO C 26 -7.13 23.31 89.75
C PRO C 26 -7.18 24.56 90.62
N GLY C 27 -6.74 25.69 90.07
CA GLY C 27 -6.77 26.94 90.81
C GLY C 27 -5.63 27.18 91.77
N SER C 28 -4.71 26.23 91.88
CA SER C 28 -3.60 26.41 92.82
C SER C 28 -2.69 27.56 92.39
N TRP C 29 -2.46 27.72 91.10
CA TRP C 29 -1.60 28.79 90.60
C TRP C 29 -2.20 30.17 90.98
N PHE C 30 -3.52 30.31 90.85
CA PHE C 30 -4.17 31.56 91.21
C PHE C 30 -3.88 31.87 92.69
N ASP C 31 -4.14 30.89 93.55
CA ASP C 31 -3.91 31.04 94.98
C ASP C 31 -2.46 31.45 95.25
N HIS C 32 -1.53 30.84 94.54
CA HIS C 32 -0.14 31.18 94.74
C HIS C 32 0.16 32.65 94.38
N THR C 33 -0.32 33.12 93.23
CA THR C 33 -0.04 34.49 92.84
C THR C 33 -0.75 35.46 93.76
N SER C 34 -1.88 35.04 94.33
CA SER C 34 -2.59 35.92 95.27
C SER C 34 -1.64 36.14 96.44
N GLY C 35 -0.94 35.08 96.82
CA GLY C 35 0.01 35.18 97.92
C GLY C 35 1.13 36.15 97.59
N VAL C 36 1.70 36.03 96.40
CA VAL C 36 2.79 36.92 96.00
C VAL C 36 2.34 38.38 96.02
N LEU C 37 1.12 38.65 95.54
CA LEU C 37 0.62 40.01 95.51
C LEU C 37 0.38 40.59 96.91
N GLU C 38 -0.09 39.76 97.82
CA GLU C 38 -0.36 40.21 99.19
C GLU C 38 0.94 40.58 99.92
N SER C 39 2.04 39.94 99.55
CA SER C 39 3.33 40.20 100.18
C SER C 39 4.03 41.45 99.65
N VAL C 40 3.35 42.20 98.78
CA VAL C 40 3.95 43.41 98.22
C VAL C 40 3.95 44.56 99.24
N GLU C 41 4.99 45.38 99.17
CA GLU C 41 5.19 46.51 100.08
C GLU C 41 4.11 47.58 100.22
N ASP C 42 2.93 47.37 99.65
CA ASP C 42 1.85 48.37 99.75
C ASP C 42 2.28 49.63 99.00
N GLY C 43 1.39 50.15 98.15
CA GLY C 43 1.72 51.34 97.40
C GLY C 43 2.69 51.01 96.27
N THR C 44 3.13 49.76 96.24
CA THR C 44 4.04 49.29 95.21
C THR C 44 3.26 48.95 93.94
N PRO C 45 3.67 49.50 92.80
CA PRO C 45 2.99 49.24 91.53
C PRO C 45 3.06 47.75 91.18
N VAL C 46 1.94 47.14 90.82
CA VAL C 46 1.94 45.73 90.45
C VAL C 46 1.40 45.44 89.05
N LEU C 47 0.58 46.35 88.52
CA LEU C 47 -0.01 46.15 87.20
C LEU C 47 -0.12 47.43 86.38
N ALA C 48 0.26 47.36 85.11
CA ALA C 48 0.17 48.50 84.22
C ALA C 48 -0.61 48.07 82.99
N ILE C 49 -1.58 48.87 82.59
CA ILE C 49 -2.41 48.54 81.44
C ILE C 49 -2.66 49.78 80.57
N GLY C 50 -2.73 49.59 79.26
CA GLY C 50 -2.92 50.73 78.36
C GLY C 50 -4.31 51.30 78.24
N VAL C 51 -4.40 52.63 78.20
CA VAL C 51 -5.67 53.32 78.02
C VAL C 51 -5.80 53.63 76.53
N GLU C 52 -6.94 54.14 76.11
CA GLU C 52 -7.20 54.43 74.72
C GLU C 52 -6.07 55.09 73.92
N SER C 53 -5.46 56.13 74.49
CA SER C 53 -4.38 56.87 73.82
C SER C 53 -3.10 56.08 73.59
N GLY C 54 -2.85 55.05 74.39
CA GLY C 54 -1.64 54.29 74.24
C GLY C 54 -0.79 54.44 75.49
N ASP C 55 -1.12 55.43 76.31
CA ASP C 55 -0.43 55.63 77.59
C ASP C 55 -0.89 54.51 78.51
N ALA C 56 -0.29 54.41 79.68
CA ALA C 56 -0.67 53.37 80.62
C ALA C 56 -0.96 53.88 82.03
N ILE C 57 -1.92 53.24 82.70
CA ILE C 57 -2.27 53.60 84.06
C ILE C 57 -1.73 52.46 84.94
N VAL C 58 -1.45 52.76 86.20
CA VAL C 58 -0.88 51.76 87.10
C VAL C 58 -1.71 51.52 88.36
N PHE C 59 -1.70 50.28 88.85
CA PHE C 59 -2.46 49.94 90.06
C PHE C 59 -1.61 49.24 91.10
N ASP C 60 -2.06 49.29 92.35
CA ASP C 60 -1.35 48.62 93.43
C ASP C 60 -2.08 47.33 93.69
N LYS C 61 -1.58 46.52 94.62
CA LYS C 61 -2.19 45.23 94.93
C LYS C 61 -3.66 45.27 95.34
N ASN C 62 -4.15 46.46 95.68
CA ASN C 62 -5.55 46.59 96.08
C ASN C 62 -6.41 47.18 94.99
N ALA C 63 -5.94 47.09 93.75
CA ALA C 63 -6.68 47.62 92.61
C ALA C 63 -6.94 49.12 92.76
N GLN C 64 -6.06 49.79 93.48
CA GLN C 64 -6.20 51.23 93.65
C GLN C 64 -5.20 51.86 92.69
N ARG C 65 -5.65 52.87 91.94
CA ARG C 65 -4.79 53.51 90.97
C ARG C 65 -3.72 54.39 91.61
N ILE C 66 -2.49 54.29 91.08
CA ILE C 66 -1.35 55.06 91.57
C ILE C 66 -1.11 56.28 90.69
N VAL C 67 -1.19 57.46 91.30
CA VAL C 67 -1.02 58.70 90.55
C VAL C 67 0.41 59.25 90.55
N ALA C 68 1.15 58.99 91.62
CA ALA C 68 2.52 59.49 91.72
C ALA C 68 3.44 58.45 92.36
N TYR C 69 4.61 58.23 91.75
CA TYR C 69 5.55 57.25 92.26
C TYR C 69 6.93 57.53 91.70
N LYS C 70 7.85 57.92 92.59
CA LYS C 70 9.21 58.25 92.21
C LYS C 70 10.00 57.09 91.65
N GLU C 71 10.79 57.37 90.63
CA GLU C 71 11.61 56.37 89.97
C GLU C 71 12.24 55.38 90.93
N LYS C 72 12.15 54.10 90.60
CA LYS C 72 12.72 53.04 91.41
C LYS C 72 13.11 51.88 90.50
N SER C 73 14.33 51.38 90.67
CA SER C 73 14.83 50.29 89.84
C SER C 73 15.01 48.98 90.58
N VAL C 74 15.06 47.89 89.83
CA VAL C 74 15.23 46.57 90.38
C VAL C 74 16.05 45.72 89.41
N LYS C 75 17.10 45.09 89.90
CA LYS C 75 17.96 44.28 89.07
C LYS C 75 17.66 42.80 89.27
N ALA C 76 17.43 42.09 88.17
CA ALA C 76 17.13 40.67 88.22
C ALA C 76 18.41 39.85 88.06
N GLU C 77 18.29 38.54 88.15
CA GLU C 77 19.45 37.67 88.01
C GLU C 77 19.92 37.77 86.57
N ASP C 78 18.99 38.12 85.70
CA ASP C 78 19.27 38.28 84.28
C ASP C 78 20.32 39.37 84.09
N GLY C 79 20.50 40.17 85.14
CA GLY C 79 21.45 41.26 85.07
C GLY C 79 20.73 42.50 84.57
N SER C 80 19.57 42.27 83.97
CA SER C 80 18.74 43.34 83.44
C SER C 80 18.06 44.09 84.58
N VAL C 81 17.68 45.34 84.34
CA VAL C 81 17.02 46.11 85.36
C VAL C 81 15.69 46.67 84.87
N SER C 82 14.70 46.67 85.74
CA SER C 82 13.39 47.19 85.41
C SER C 82 13.20 48.49 86.20
N VAL C 83 12.54 49.46 85.61
CA VAL C 83 12.32 50.73 86.28
C VAL C 83 10.85 51.11 86.20
N VAL C 84 10.32 51.68 87.29
CA VAL C 84 8.93 52.09 87.32
C VAL C 84 8.85 53.52 87.83
N GLN C 85 8.06 54.34 87.16
CA GLN C 85 7.89 55.73 87.57
C GLN C 85 6.52 56.22 87.11
N VAL C 86 5.71 56.68 88.05
CA VAL C 86 4.41 57.19 87.70
C VAL C 86 4.37 58.68 87.99
N GLU C 87 3.86 59.45 87.03
CA GLU C 87 3.78 60.89 87.18
C GLU C 87 2.47 61.43 86.62
N ASN C 88 1.75 62.18 87.46
CA ASN C 88 0.49 62.79 87.05
C ASN C 88 -0.55 61.76 86.62
N GLY C 89 -0.53 60.60 87.26
CA GLY C 89 -1.48 59.56 86.94
C GLY C 89 -1.13 58.61 85.79
N PHE C 90 0.01 58.83 85.15
CA PHE C 90 0.42 57.97 84.04
C PHE C 90 1.86 57.48 84.17
N MET C 91 2.08 56.26 83.70
CA MET C 91 3.40 55.65 83.73
C MET C 91 4.40 56.48 82.91
N LYS C 92 5.53 56.81 83.52
CA LYS C 92 6.56 57.58 82.85
C LYS C 92 7.70 56.65 82.47
N GLN C 93 7.86 55.59 83.25
CA GLN C 93 8.89 54.59 83.02
C GLN C 93 8.33 53.24 83.43
N GLY C 94 8.62 52.21 82.63
CA GLY C 94 8.13 50.88 82.92
C GLY C 94 7.57 50.24 81.67
N HIS C 95 6.81 49.16 81.83
CA HIS C 95 6.20 48.47 80.69
C HIS C 95 4.78 48.05 81.02
N ARG C 96 4.02 47.66 80.01
CA ARG C 96 2.65 47.21 80.23
C ARG C 96 2.72 45.79 80.78
N GLY C 97 1.74 45.42 81.60
CA GLY C 97 1.75 44.07 82.18
C GLY C 97 2.03 44.08 83.67
N TRP C 98 2.33 42.89 84.20
CA TRP C 98 2.63 42.78 85.62
C TRP C 98 3.99 43.39 85.91
N LEU C 99 4.03 44.26 86.93
CA LEU C 99 5.26 44.94 87.31
C LEU C 99 5.99 44.22 88.42
N VAL C 100 5.46 43.07 88.79
CA VAL C 100 6.04 42.23 89.84
C VAL C 100 6.10 40.81 89.31
N ASP C 101 7.14 40.07 89.69
CA ASP C 101 7.30 38.70 89.20
C ASP C 101 6.37 37.72 89.89
N LEU C 102 5.48 37.11 89.11
CA LEU C 102 4.52 36.15 89.63
C LEU C 102 4.85 34.73 89.20
N THR C 103 5.59 34.60 88.11
CA THR C 103 5.92 33.31 87.54
C THR C 103 7.30 32.72 87.84
N GLY C 104 8.24 33.56 88.26
CA GLY C 104 9.58 33.04 88.52
C GLY C 104 10.12 32.57 87.17
N GLU C 105 10.80 31.42 87.14
CA GLU C 105 11.31 30.94 85.87
C GLU C 105 10.38 29.90 85.25
N LEU C 106 9.20 29.77 85.83
CA LEU C 106 8.20 28.85 85.31
C LEU C 106 7.36 29.65 84.32
N VAL C 107 7.86 29.78 83.08
CA VAL C 107 7.14 30.53 82.06
C VAL C 107 6.62 29.63 80.95
N GLY C 108 5.67 30.15 80.18
CA GLY C 108 5.10 29.38 79.09
C GLY C 108 4.04 28.37 79.49
N CYS C 109 3.34 28.63 80.59
CA CYS C 109 2.30 27.70 81.06
C CYS C 109 0.89 28.22 80.79
N SER C 110 -0.06 27.30 80.95
CA SER C 110 -1.48 27.58 80.83
C SER C 110 -2.00 26.93 82.12
N PRO C 111 -1.72 27.56 83.27
CA PRO C 111 -2.13 27.07 84.59
C PRO C 111 -3.59 26.65 84.64
N VAL C 112 -3.85 25.42 85.09
CA VAL C 112 -5.23 24.96 85.18
C VAL C 112 -5.98 25.88 86.14
N VAL C 113 -7.13 26.39 85.70
CA VAL C 113 -7.92 27.32 86.49
C VAL C 113 -9.10 26.65 87.17
N ALA C 114 -9.56 25.54 86.60
CA ALA C 114 -10.69 24.83 87.17
C ALA C 114 -10.96 23.53 86.42
N GLU C 115 -11.87 22.74 86.99
CA GLU C 115 -12.27 21.47 86.39
C GLU C 115 -13.78 21.40 86.46
N PHE C 116 -14.39 20.95 85.38
CA PHE C 116 -15.84 20.86 85.32
C PHE C 116 -16.27 19.81 84.31
N GLY C 117 -17.33 19.07 84.64
CA GLY C 117 -17.83 18.05 83.74
C GLY C 117 -16.78 17.07 83.28
N GLY C 118 -15.72 16.90 84.06
CA GLY C 118 -14.68 15.95 83.67
C GLY C 118 -13.58 16.52 82.79
N HIS C 119 -13.56 17.84 82.62
CA HIS C 119 -12.52 18.48 81.81
C HIS C 119 -11.78 19.57 82.57
N ARG C 120 -10.49 19.69 82.30
CA ARG C 120 -9.68 20.73 82.91
C ARG C 120 -9.70 21.94 81.98
N TYR C 121 -9.85 23.13 82.56
CA TYR C 121 -9.88 24.36 81.79
C TYR C 121 -8.65 25.21 82.14
N ALA C 122 -8.10 25.90 81.14
CA ALA C 122 -6.91 26.72 81.34
C ALA C 122 -7.22 28.15 81.70
N SER C 123 -6.27 28.78 82.38
CA SER C 123 -6.41 30.19 82.73
C SER C 123 -5.94 30.94 81.46
N GLY C 124 -5.91 32.27 81.52
CA GLY C 124 -5.51 33.03 80.36
C GLY C 124 -6.78 33.57 79.71
N MET C 125 -6.75 33.87 78.41
CA MET C 125 -7.96 34.38 77.79
C MET C 125 -8.69 33.37 76.92
N VAL C 126 -10.01 33.35 77.07
CA VAL C 126 -10.85 32.46 76.30
C VAL C 126 -11.82 33.30 75.48
N ILE C 127 -11.75 33.18 74.17
CA ILE C 127 -12.67 33.91 73.33
C ILE C 127 -13.81 32.98 72.92
N VAL C 128 -15.04 33.45 73.14
CA VAL C 128 -16.24 32.70 72.80
C VAL C 128 -16.81 33.39 71.57
N THR C 129 -16.79 32.69 70.45
CA THR C 129 -17.27 33.28 69.22
C THR C 129 -17.95 32.26 68.30
N GLY C 130 -18.01 32.60 67.02
CA GLY C 130 -18.63 31.73 66.04
C GLY C 130 -19.78 32.49 65.39
N LYS C 131 -20.20 32.04 64.22
CA LYS C 131 -21.29 32.72 63.54
C LYS C 131 -22.45 31.75 63.49
N GLY C 132 -23.58 32.14 64.06
CA GLY C 132 -24.72 31.25 64.06
C GLY C 132 -25.83 31.69 64.99
N ASN C 133 -26.73 30.77 65.30
CA ASN C 133 -27.86 31.06 66.17
C ASN C 133 -27.51 31.03 67.66
N SER C 134 -26.61 30.13 68.04
CA SER C 134 -26.22 30.00 69.44
C SER C 134 -25.70 31.34 70.00
N GLY C 135 -26.33 31.82 71.08
CA GLY C 135 -25.95 33.08 71.69
C GLY C 135 -24.73 33.00 72.58
N LYS C 136 -23.83 33.97 72.41
CA LYS C 136 -22.60 34.00 73.21
C LYS C 136 -22.81 34.46 74.64
N THR C 137 -23.69 35.43 74.84
CA THR C 137 -23.93 35.95 76.20
C THR C 137 -24.36 34.85 77.19
N PRO C 138 -25.35 34.02 76.83
CA PRO C 138 -25.76 32.97 77.78
C PRO C 138 -24.62 31.97 78.05
N LEU C 139 -23.81 31.70 77.03
CA LEU C 139 -22.70 30.76 77.16
C LEU C 139 -21.60 31.28 78.09
N VAL C 140 -21.22 32.55 77.96
CA VAL C 140 -20.16 33.07 78.82
C VAL C 140 -20.60 33.09 80.29
N HIS C 141 -21.86 33.39 80.54
CA HIS C 141 -22.34 33.41 81.93
C HIS C 141 -22.41 31.99 82.50
N ALA C 142 -22.79 31.01 81.68
CA ALA C 142 -22.86 29.64 82.15
C ALA C 142 -21.45 29.11 82.42
N LEU C 143 -20.50 29.48 81.57
CA LEU C 143 -19.13 29.02 81.75
C LEU C 143 -18.51 29.72 82.96
N GLY C 144 -18.89 30.96 83.19
CA GLY C 144 -18.38 31.68 84.34
C GLY C 144 -18.80 31.03 85.64
N GLU C 145 -20.09 30.70 85.74
CA GLU C 145 -20.60 30.07 86.94
C GLU C 145 -19.98 28.69 87.15
N ALA C 146 -19.87 27.92 86.06
CA ALA C 146 -19.31 26.58 86.15
C ALA C 146 -17.85 26.56 86.58
N LEU C 147 -17.03 27.39 85.96
CA LEU C 147 -15.62 27.43 86.31
C LEU C 147 -15.44 28.13 87.66
N GLY C 148 -16.40 28.97 88.02
CA GLY C 148 -16.32 29.64 89.30
C GLY C 148 -16.42 28.61 90.41
N GLY C 149 -17.25 27.59 90.20
CA GLY C 149 -17.42 26.54 91.19
C GLY C 149 -17.96 27.03 92.52
N LYS C 150 -17.09 27.03 93.54
CA LYS C 150 -17.48 27.47 94.87
C LYS C 150 -17.46 28.99 94.95
N ASP C 151 -16.71 29.62 94.05
CA ASP C 151 -16.59 31.07 94.06
C ASP C 151 -17.49 31.74 93.03
N LYS C 152 -17.81 33.00 93.28
CA LYS C 152 -18.63 33.76 92.36
C LYS C 152 -17.70 34.22 91.24
N TYR C 153 -18.27 34.55 90.08
CA TYR C 153 -17.44 35.03 88.99
C TYR C 153 -17.73 36.51 88.81
N ALA C 154 -16.74 37.25 88.31
CA ALA C 154 -16.90 38.69 88.10
C ALA C 154 -17.32 38.98 86.66
N THR C 155 -18.22 39.95 86.50
CA THR C 155 -18.70 40.32 85.19
C THR C 155 -18.37 41.77 84.79
N VAL C 156 -17.62 41.90 83.70
CA VAL C 156 -17.27 43.22 83.18
C VAL C 156 -18.16 43.45 81.98
N ARG C 157 -18.96 44.52 82.01
CA ARG C 157 -19.86 44.81 80.89
C ARG C 157 -19.34 45.99 80.05
N PHE C 158 -19.36 45.83 78.73
CA PHE C 158 -18.86 46.87 77.84
C PHE C 158 -19.47 46.94 76.44
N GLY C 159 -19.73 48.17 76.00
CA GLY C 159 -20.24 48.44 74.67
C GLY C 159 -21.48 47.80 74.09
N GLU C 160 -22.55 47.70 74.85
CA GLU C 160 -23.78 47.11 74.35
C GLU C 160 -24.90 48.14 74.60
N PRO C 161 -25.85 48.28 73.67
CA PRO C 161 -26.92 49.25 73.86
C PRO C 161 -28.02 48.82 74.85
N LEU C 162 -27.60 48.49 76.07
CA LEU C 162 -28.48 48.07 77.14
C LEU C 162 -28.24 48.96 78.36
N SER C 163 -29.18 48.94 79.30
CA SER C 163 -29.07 49.77 80.49
C SER C 163 -27.85 49.45 81.38
N GLY C 164 -27.23 50.50 81.91
CA GLY C 164 -26.09 50.33 82.79
C GLY C 164 -24.78 49.90 82.16
N TYR C 165 -24.72 49.81 80.83
CA TYR C 165 -23.49 49.40 80.15
C TYR C 165 -22.53 50.54 79.93
N ASN C 166 -21.29 50.37 80.40
CA ASN C 166 -20.27 51.39 80.20
C ASN C 166 -19.85 51.29 78.74
N THR C 167 -19.55 52.42 78.12
CA THR C 167 -19.11 52.40 76.72
C THR C 167 -17.82 53.18 76.53
N ASP C 168 -17.22 53.59 77.64
CA ASP C 168 -15.98 54.34 77.60
C ASP C 168 -14.81 53.38 77.81
N PHE C 169 -13.94 53.26 76.80
CA PHE C 169 -12.80 52.33 76.88
C PHE C 169 -11.95 52.47 78.14
N ASN C 170 -11.67 53.69 78.58
CA ASN C 170 -10.84 53.85 79.77
C ASN C 170 -11.47 53.31 81.05
N VAL C 171 -12.79 53.35 81.17
CA VAL C 171 -13.45 52.80 82.34
C VAL C 171 -13.35 51.27 82.21
N PHE C 172 -13.38 50.81 80.98
CA PHE C 172 -13.29 49.39 80.68
C PHE C 172 -11.98 48.75 81.15
N VAL C 173 -10.84 49.38 80.83
CA VAL C 173 -9.56 48.80 81.25
C VAL C 173 -9.44 48.88 82.76
N ASP C 174 -10.13 49.84 83.35
CA ASP C 174 -10.10 49.99 84.79
C ASP C 174 -10.83 48.79 85.42
N ASP C 175 -11.99 48.44 84.87
CA ASP C 175 -12.75 47.29 85.37
C ASP C 175 -11.95 45.99 85.20
N ILE C 176 -11.27 45.86 84.07
CA ILE C 176 -10.49 44.65 83.81
C ILE C 176 -9.31 44.49 84.76
N ALA C 177 -8.56 45.56 84.98
CA ALA C 177 -7.43 45.49 85.89
C ALA C 177 -7.91 45.05 87.26
N ARG C 178 -8.96 45.68 87.76
CA ARG C 178 -9.48 45.33 89.07
C ARG C 178 -9.93 43.89 89.13
N ALA C 179 -10.61 43.45 88.08
CA ALA C 179 -11.10 42.07 88.03
C ALA C 179 -9.96 41.05 88.11
N MET C 180 -8.90 41.26 87.35
CA MET C 180 -7.78 40.32 87.35
C MET C 180 -7.00 40.35 88.66
N LEU C 181 -7.03 41.49 89.35
CA LEU C 181 -6.32 41.59 90.61
C LEU C 181 -7.10 40.92 91.72
N GLN C 182 -8.42 40.85 91.57
CA GLN C 182 -9.25 40.29 92.62
C GLN C 182 -10.06 39.01 92.41
N HIS C 183 -10.13 38.49 91.19
CA HIS C 183 -10.93 37.29 90.96
C HIS C 183 -10.32 36.27 90.00
N ARG C 184 -10.65 35.01 90.24
CA ARG C 184 -10.14 33.90 89.44
C ARG C 184 -10.89 33.72 88.12
N VAL C 185 -12.20 33.93 88.15
CA VAL C 185 -13.04 33.76 86.97
C VAL C 185 -13.71 35.06 86.60
N ILE C 186 -13.40 35.54 85.39
CA ILE C 186 -13.92 36.80 84.89
C ILE C 186 -14.61 36.66 83.54
N VAL C 187 -15.73 37.36 83.40
CA VAL C 187 -16.50 37.34 82.17
C VAL C 187 -16.52 38.75 81.60
N ILE C 188 -16.17 38.88 80.32
CA ILE C 188 -16.21 40.18 79.65
C ILE C 188 -17.31 40.07 78.61
N ASP C 189 -18.39 40.81 78.78
CA ASP C 189 -19.41 40.71 77.77
C ASP C 189 -19.29 41.80 76.75
N SER C 190 -18.81 41.34 75.60
CA SER C 190 -18.60 42.09 74.38
C SER C 190 -17.22 42.69 74.20
N LEU C 191 -16.43 42.01 73.37
CA LEU C 191 -15.11 42.47 73.01
C LEU C 191 -15.35 43.30 71.75
N LYS C 192 -16.62 43.54 71.44
CA LYS C 192 -17.01 44.36 70.30
C LYS C 192 -16.41 45.74 70.56
N ASN C 193 -16.50 46.65 69.59
CA ASN C 193 -15.92 47.98 69.77
C ASN C 193 -14.40 47.81 69.76
N VAL C 194 -13.85 47.15 70.77
CA VAL C 194 -12.41 46.87 70.76
C VAL C 194 -12.31 45.84 69.64
N ILE C 195 -11.16 45.69 69.01
CA ILE C 195 -11.05 44.73 67.92
C ILE C 195 -12.15 45.08 66.91
N ILE C 207 -8.23 51.05 64.57
CA ILE C 207 -8.32 50.66 65.98
C ILE C 207 -7.35 51.49 66.82
N SER C 208 -7.79 51.92 67.99
CA SER C 208 -6.98 52.73 68.87
C SER C 208 -5.79 51.95 69.43
N ARG C 209 -4.76 52.66 69.88
CA ARG C 209 -3.59 52.02 70.44
C ARG C 209 -3.95 51.22 71.69
N GLY C 210 -4.87 51.75 72.48
CA GLY C 210 -5.29 51.06 73.68
C GLY C 210 -5.96 49.73 73.38
N ALA C 211 -6.88 49.73 72.41
CA ALA C 211 -7.57 48.51 72.02
C ALA C 211 -6.57 47.46 71.51
N PHE C 212 -5.60 47.92 70.73
CA PHE C 212 -4.60 47.01 70.18
C PHE C 212 -3.72 46.43 71.29
N ASP C 213 -3.36 47.27 72.27
CA ASP C 213 -2.52 46.82 73.39
C ASP C 213 -3.28 45.78 74.21
N LEU C 214 -4.55 46.06 74.48
CA LEU C 214 -5.37 45.18 75.27
C LEU C 214 -5.45 43.79 74.64
N LEU C 215 -5.76 43.77 73.36
CA LEU C 215 -5.87 42.52 72.61
C LEU C 215 -4.60 41.67 72.68
N SER C 216 -3.44 42.31 72.67
CA SER C 216 -2.20 41.53 72.71
C SER C 216 -1.57 41.36 74.08
N ASP C 217 -2.16 41.97 75.11
CA ASP C 217 -1.62 41.86 76.46
C ASP C 217 -2.45 40.98 77.41
N ILE C 218 -3.77 41.10 77.31
CA ILE C 218 -4.66 40.41 78.22
C ILE C 218 -4.46 38.92 78.44
N GLY C 219 -4.17 38.17 77.39
CA GLY C 219 -3.96 36.74 77.56
C GLY C 219 -2.77 36.42 78.45
N ALA C 220 -1.65 37.09 78.21
CA ALA C 220 -0.45 36.85 79.02
C ALA C 220 -0.65 37.32 80.46
N MET C 221 -1.36 38.43 80.63
CA MET C 221 -1.62 38.95 81.98
C MET C 221 -2.42 37.91 82.76
N ALA C 222 -3.50 37.41 82.16
CA ALA C 222 -4.36 36.42 82.81
C ALA C 222 -3.65 35.09 83.11
N ALA C 223 -2.90 34.58 82.14
CA ALA C 223 -2.20 33.31 82.33
C ALA C 223 -1.15 33.43 83.43
N SER C 224 -0.53 34.60 83.52
CA SER C 224 0.47 34.83 84.55
C SER C 224 -0.16 34.83 85.94
N ARG C 225 -1.36 35.41 86.05
CA ARG C 225 -2.06 35.48 87.33
C ARG C 225 -2.69 34.14 87.69
N GLY C 226 -3.12 33.41 86.67
CA GLY C 226 -3.77 32.14 86.93
C GLY C 226 -5.27 32.29 86.92
N CYS C 227 -5.76 33.42 86.41
CA CYS C 227 -7.20 33.66 86.33
C CYS C 227 -7.63 33.46 84.89
N VAL C 228 -8.94 33.29 84.66
CA VAL C 228 -9.44 33.10 83.31
C VAL C 228 -10.40 34.23 82.92
N VAL C 229 -10.18 34.78 81.72
CA VAL C 229 -11.02 35.84 81.20
C VAL C 229 -11.83 35.26 80.04
N ILE C 230 -13.14 35.18 80.23
CA ILE C 230 -14.07 34.62 79.24
C ILE C 230 -14.76 35.76 78.51
N ALA C 231 -14.34 36.00 77.27
CA ALA C 231 -14.88 37.10 76.49
C ALA C 231 -15.69 36.72 75.26
N SER C 232 -16.87 37.32 75.12
CA SER C 232 -17.71 37.06 73.98
C SER C 232 -17.31 37.99 72.84
N LEU C 233 -17.35 37.47 71.63
CA LEU C 233 -16.98 38.25 70.45
C LEU C 233 -17.80 37.79 69.26
N ASN C 234 -18.73 38.64 68.82
CA ASN C 234 -19.54 38.30 67.65
C ASN C 234 -18.86 38.73 66.37
N PRO C 235 -18.68 37.81 65.43
CA PRO C 235 -18.04 38.14 64.15
C PRO C 235 -19.04 38.94 63.32
N THR C 236 -19.70 39.87 63.99
CA THR C 236 -20.70 40.74 63.39
C THR C 236 -20.43 41.12 61.94
N SER C 237 -19.78 42.26 61.75
CA SER C 237 -19.47 42.75 60.41
C SER C 237 -18.82 41.67 59.57
N ASN C 238 -19.30 41.52 58.33
CA ASN C 238 -18.75 40.54 57.42
C ASN C 238 -17.75 41.25 56.52
N ASP C 239 -17.14 42.29 57.07
CA ASP C 239 -16.13 43.09 56.39
C ASP C 239 -14.78 42.39 56.56
N ASP C 240 -14.31 41.76 55.49
CA ASP C 240 -13.05 41.00 55.50
C ASP C 240 -11.83 41.63 56.17
N LYS C 241 -11.91 42.91 56.53
CA LYS C 241 -10.76 43.53 57.19
C LYS C 241 -10.79 43.27 58.69
N ILE C 242 -11.99 43.12 59.24
CA ILE C 242 -12.12 42.83 60.66
C ILE C 242 -12.50 41.38 60.88
N VAL C 243 -12.97 40.71 59.83
CA VAL C 243 -13.33 39.29 59.92
C VAL C 243 -12.03 38.53 60.10
N GLU C 244 -10.95 39.12 59.57
CA GLU C 244 -9.63 38.53 59.67
C GLU C 244 -9.00 38.94 61.01
N LEU C 245 -9.50 40.04 61.56
CA LEU C 245 -9.01 40.53 62.85
C LEU C 245 -9.64 39.66 63.96
N VAL C 246 -10.77 39.04 63.63
CA VAL C 246 -11.47 38.16 64.56
C VAL C 246 -10.80 36.79 64.55
N LYS C 247 -10.46 36.32 63.36
CA LYS C 247 -9.81 35.03 63.22
C LYS C 247 -8.38 35.08 63.74
N GLU C 248 -7.81 36.28 63.76
CA GLU C 248 -6.45 36.48 64.25
C GLU C 248 -6.48 36.53 65.77
N ALA C 249 -7.40 37.32 66.31
CA ALA C 249 -7.53 37.45 67.75
C ALA C 249 -7.79 36.06 68.32
N SER C 250 -8.69 35.32 67.68
CA SER C 250 -9.03 33.98 68.13
C SER C 250 -7.87 33.02 67.99
N ARG C 251 -7.17 33.11 66.87
CA ARG C 251 -6.06 32.21 66.61
C ARG C 251 -4.81 32.46 67.47
N SER C 252 -4.34 33.70 67.46
CA SER C 252 -3.10 34.03 68.17
C SER C 252 -3.14 34.75 69.50
N ASN C 253 -4.25 35.38 69.85
CA ASN C 253 -4.30 36.11 71.10
C ASN C 253 -5.08 35.44 72.20
N SER C 254 -5.59 34.24 71.93
CA SER C 254 -6.38 33.50 72.91
C SER C 254 -5.64 32.28 73.42
N THR C 255 -5.82 31.97 74.69
CA THR C 255 -5.20 30.81 75.29
C THR C 255 -6.09 29.61 74.93
N SER C 256 -7.40 29.87 74.90
CA SER C 256 -8.38 28.85 74.57
C SER C 256 -9.44 29.50 73.71
N LEU C 257 -10.13 28.68 72.93
CA LEU C 257 -11.18 29.14 72.04
C LEU C 257 -12.43 28.29 72.24
N VAL C 258 -13.59 28.92 72.26
CA VAL C 258 -14.85 28.22 72.39
C VAL C 258 -15.71 28.71 71.23
N ILE C 259 -15.96 27.82 70.26
CA ILE C 259 -16.75 28.19 69.09
C ILE C 259 -18.02 27.36 68.90
N SER C 260 -19.06 28.00 68.38
CA SER C 260 -20.32 27.34 68.14
C SER C 260 -20.20 26.42 66.91
N THR C 261 -21.07 25.42 66.83
CA THR C 261 -21.04 24.49 65.71
C THR C 261 -22.35 24.59 64.94
N ASP C 262 -22.53 23.71 63.95
CA ASP C 262 -23.76 23.74 63.17
C ASP C 262 -24.93 23.04 63.84
N VAL C 263 -24.68 22.47 65.01
CA VAL C 263 -25.72 21.80 65.78
C VAL C 263 -26.10 22.73 66.93
N ASP C 264 -27.39 23.02 67.05
CA ASP C 264 -27.86 23.93 68.10
C ASP C 264 -27.50 23.52 69.52
N GLY C 265 -26.95 24.48 70.26
CA GLY C 265 -26.57 24.24 71.64
C GLY C 265 -25.22 23.61 71.82
N GLU C 266 -24.59 23.18 70.73
CA GLU C 266 -23.29 22.53 70.83
C GLU C 266 -22.12 23.48 70.61
N TRP C 267 -21.08 23.34 71.42
CA TRP C 267 -19.91 24.19 71.31
C TRP C 267 -18.64 23.34 71.33
N GLN C 268 -17.58 23.87 70.71
CA GLN C 268 -16.30 23.18 70.65
C GLN C 268 -15.27 24.01 71.43
N VAL C 269 -14.52 23.34 72.29
CA VAL C 269 -13.52 24.00 73.11
C VAL C 269 -12.12 23.58 72.66
N LEU C 270 -11.31 24.55 72.24
CA LEU C 270 -9.95 24.29 71.78
C LEU C 270 -9.03 24.97 72.79
N THR C 271 -8.17 24.21 73.45
CA THR C 271 -7.31 24.83 74.44
C THR C 271 -5.81 24.54 74.29
N ARG C 272 -5.02 25.59 74.45
CA ARG C 272 -3.55 25.49 74.36
C ARG C 272 -3.08 25.13 75.76
N THR C 273 -2.50 23.94 75.89
CA THR C 273 -2.05 23.45 77.20
C THR C 273 -0.71 23.98 77.65
N GLY C 274 -0.01 24.69 76.78
CA GLY C 274 1.28 25.22 77.16
C GLY C 274 2.22 25.49 76.01
N GLU C 275 3.33 26.14 76.31
CA GLU C 275 4.35 26.47 75.33
C GLU C 275 4.86 25.22 74.60
N GLY C 276 4.60 25.16 73.30
CA GLY C 276 5.05 24.01 72.52
C GLY C 276 4.29 22.73 72.76
N LEU C 277 3.31 22.76 73.66
CA LEU C 277 2.51 21.58 73.96
C LEU C 277 1.35 21.42 72.99
N GLN C 278 0.64 20.31 73.10
CA GLN C 278 -0.50 20.01 72.24
C GLN C 278 -1.75 20.83 72.51
N ARG C 279 -2.49 21.14 71.46
CA ARG C 279 -3.74 21.87 71.59
C ARG C 279 -4.83 20.79 71.72
N LEU C 280 -5.61 20.84 72.79
CA LEU C 280 -6.66 19.85 73.02
C LEU C 280 -8.02 20.36 72.63
N THR C 281 -8.95 19.43 72.44
CA THR C 281 -10.32 19.78 72.06
C THR C 281 -11.34 18.83 72.66
N HIS C 282 -12.49 19.38 73.07
CA HIS C 282 -13.59 18.57 73.57
C HIS C 282 -14.89 19.31 73.24
N THR C 283 -16.02 18.64 73.38
CA THR C 283 -17.30 19.24 73.04
C THR C 283 -18.20 19.51 74.23
N LEU C 284 -19.10 20.48 74.08
CA LEU C 284 -20.04 20.85 75.12
C LEU C 284 -21.46 20.83 74.59
N GLN C 285 -22.40 20.33 75.39
CA GLN C 285 -23.81 20.31 75.02
C GLN C 285 -24.50 21.24 76.02
N THR C 286 -25.49 21.99 75.56
CA THR C 286 -26.16 22.93 76.45
C THR C 286 -27.66 23.02 76.20
N SER C 287 -28.39 23.59 77.15
CA SER C 287 -29.84 23.77 77.02
C SER C 287 -30.31 24.93 77.88
N TYR C 288 -31.39 25.57 77.45
CA TYR C 288 -31.97 26.71 78.14
C TYR C 288 -33.01 26.34 79.19
N GLY C 289 -33.01 27.10 80.29
CA GLY C 289 -33.99 26.90 81.34
C GLY C 289 -34.91 28.10 81.27
N GLU C 290 -35.32 28.64 82.41
CA GLU C 290 -36.22 29.79 82.39
C GLU C 290 -35.43 31.11 82.29
N HIS C 291 -36.04 32.10 81.66
CA HIS C 291 -35.43 33.42 81.47
C HIS C 291 -34.09 33.32 80.73
N SER C 292 -33.99 32.37 79.82
CA SER C 292 -32.79 32.17 79.02
C SER C 292 -31.54 31.79 79.79
N VAL C 293 -31.70 31.21 80.99
CA VAL C 293 -30.54 30.78 81.77
C VAL C 293 -30.05 29.50 81.11
N LEU C 294 -28.78 29.48 80.71
CA LEU C 294 -28.20 28.34 80.02
C LEU C 294 -27.49 27.38 80.97
N THR C 295 -27.56 26.09 80.66
CA THR C 295 -26.91 25.07 81.48
C THR C 295 -26.00 24.21 80.60
N ILE C 296 -24.79 23.93 81.10
CA ILE C 296 -23.84 23.12 80.37
C ILE C 296 -23.94 21.71 80.95
N HIS C 297 -24.34 20.75 80.12
CA HIS C 297 -24.47 19.37 80.57
C HIS C 297 -23.12 18.75 80.89
N THR C 298 -23.12 17.76 81.76
CA THR C 298 -21.90 17.05 82.15
C THR C 298 -22.17 15.56 82.09
N SER C 299 -21.39 14.86 81.26
CA SER C 299 -21.52 13.40 81.08
C SER C 299 -21.77 12.66 82.40
N GLN C 306 -8.54 15.44 73.50
CA GLN C 306 -7.91 14.89 72.30
C GLN C 306 -7.28 16.00 71.48
N ALA C 307 -6.15 15.70 70.84
CA ALA C 307 -5.43 16.68 70.05
C ALA C 307 -6.06 16.99 68.69
N SER C 308 -5.83 18.22 68.21
CA SER C 308 -6.34 18.66 66.93
C SER C 308 -5.22 19.37 66.19
N GLY C 309 -4.82 18.81 65.04
CA GLY C 309 -3.74 19.39 64.26
C GLY C 309 -3.96 20.85 63.90
N LYS C 310 -2.88 21.53 63.52
CA LYS C 310 -2.96 22.95 63.16
C LYS C 310 -3.81 23.13 61.90
N ALA C 311 -3.89 22.08 61.08
CA ALA C 311 -4.68 22.12 59.86
C ALA C 311 -6.17 22.09 60.22
N ILE C 312 -6.54 21.20 61.13
CA ILE C 312 -7.92 21.06 61.57
C ILE C 312 -8.33 22.34 62.28
N GLN C 313 -7.35 23.01 62.87
CA GLN C 313 -7.56 24.26 63.61
C GLN C 313 -8.06 25.38 62.71
N THR C 314 -7.42 25.59 61.56
CA THR C 314 -7.83 26.64 60.64
C THR C 314 -9.15 26.29 59.96
N VAL C 315 -9.46 24.99 59.91
CA VAL C 315 -10.71 24.55 59.31
C VAL C 315 -11.83 25.06 60.21
N ILE C 316 -11.50 25.19 61.49
CA ILE C 316 -12.44 25.69 62.49
C ILE C 316 -12.55 27.21 62.33
N LYS C 317 -11.46 27.83 61.90
CA LYS C 317 -11.39 29.27 61.72
C LYS C 317 -12.25 29.83 60.58
N ASN C 318 -12.27 29.16 59.43
CA ASN C 318 -13.07 29.66 58.32
C ASN C 318 -14.57 29.63 58.63
N ASP C 319 -14.92 29.13 59.82
CA ASP C 319 -16.32 29.11 60.25
C ASP C 319 -16.73 30.55 60.48
N GLU C 320 -15.80 31.32 61.06
CA GLU C 320 -16.01 32.73 61.37
C GLU C 320 -16.04 33.56 60.10
N LEU C 321 -15.28 33.13 59.09
CA LEU C 321 -15.22 33.82 57.81
C LEU C 321 -16.65 33.87 57.28
N MET D 1 31.38 51.90 56.11
CA MET D 1 32.06 52.87 55.21
C MET D 1 32.05 52.32 53.80
N ILE D 2 32.58 53.09 52.85
CA ILE D 2 32.62 52.62 51.48
C ILE D 2 33.98 51.99 51.20
N HIS D 3 33.99 50.97 50.36
CA HIS D 3 35.23 50.28 50.02
C HIS D 3 35.53 50.39 48.53
N LEU D 4 36.80 50.44 48.18
CA LEU D 4 37.22 50.54 46.79
C LEU D 4 37.80 49.21 46.35
N TYR D 5 37.64 48.85 45.09
CA TYR D 5 38.17 47.59 44.58
C TYR D 5 38.60 47.66 43.13
N ASP D 6 39.47 46.72 42.77
CA ASP D 6 39.92 46.51 41.40
C ASP D 6 39.80 44.98 41.29
N ALA D 7 39.99 44.42 40.10
CA ALA D 7 39.85 42.98 39.93
C ALA D 7 40.56 42.15 40.99
N LYS D 8 41.78 42.53 41.33
CA LYS D 8 42.55 41.78 42.32
C LYS D 8 42.00 41.85 43.74
N SER D 9 41.80 43.05 44.25
CA SER D 9 41.28 43.19 45.62
C SER D 9 39.89 42.55 45.74
N PHE D 10 39.10 42.64 44.67
CA PHE D 10 37.76 42.04 44.69
C PHE D 10 37.85 40.51 44.80
N ALA D 11 38.75 39.92 44.02
CA ALA D 11 38.93 38.47 44.04
C ALA D 11 39.34 37.98 45.42
N LYS D 12 40.20 38.75 46.09
CA LYS D 12 40.64 38.40 47.43
C LYS D 12 39.48 38.44 48.40
N LEU D 13 38.65 39.47 48.29
CA LEU D 13 37.48 39.63 49.16
C LEU D 13 36.60 38.40 49.02
N ARG D 14 36.26 38.05 47.79
CA ARG D 14 35.40 36.89 47.56
C ARG D 14 36.00 35.61 48.15
N ALA D 15 37.32 35.46 48.08
CA ALA D 15 37.97 34.26 48.63
C ALA D 15 37.83 34.26 50.14
N ALA D 16 38.03 35.42 50.74
CA ALA D 16 37.91 35.57 52.19
C ALA D 16 36.50 35.29 52.67
N GLN D 17 35.50 35.81 51.94
CA GLN D 17 34.10 35.59 52.31
C GLN D 17 33.79 34.11 52.22
N TYR D 18 34.27 33.47 51.17
CA TYR D 18 34.01 32.05 50.97
C TYR D 18 34.57 31.25 52.14
N ALA D 19 35.78 31.63 52.58
CA ALA D 19 36.42 30.95 53.71
C ALA D 19 35.68 31.18 55.03
N ALA D 20 35.15 32.39 55.21
CA ALA D 20 34.43 32.72 56.44
C ALA D 20 33.27 31.77 56.73
N PHE D 21 32.73 31.15 55.69
CA PHE D 21 31.64 30.20 55.87
C PHE D 21 32.08 28.74 55.74
N HIS D 22 32.83 28.46 54.68
CA HIS D 22 33.28 27.10 54.39
C HIS D 22 34.46 26.47 55.12
N THR D 23 35.51 27.26 55.42
CA THR D 23 36.67 26.69 56.07
C THR D 23 37.05 27.16 57.48
N ASP D 24 36.69 28.38 57.86
CA ASP D 24 36.99 28.88 59.20
C ASP D 24 36.42 27.91 60.23
N ALA D 25 36.98 27.93 61.43
CA ALA D 25 36.50 27.04 62.47
C ALA D 25 35.15 27.58 62.98
N PRO D 26 34.15 26.70 63.06
CA PRO D 26 32.82 27.08 63.52
C PRO D 26 32.86 27.89 64.82
N GLY D 27 32.25 29.07 64.82
CA GLY D 27 32.22 29.89 66.01
C GLY D 27 33.45 30.75 66.25
N SER D 28 34.45 30.66 65.38
CA SER D 28 35.65 31.47 65.60
C SER D 28 35.39 32.96 65.44
N TRP D 29 34.48 33.32 64.54
CA TRP D 29 34.16 34.73 64.31
C TRP D 29 33.54 35.31 65.59
N PHE D 30 32.62 34.57 66.21
CA PHE D 30 31.99 35.04 67.44
C PHE D 30 33.07 35.32 68.50
N ASP D 31 33.95 34.35 68.71
CA ASP D 31 35.03 34.48 69.69
C ASP D 31 35.88 35.71 69.40
N HIS D 32 36.15 35.96 68.13
CA HIS D 32 36.94 37.12 67.76
C HIS D 32 36.22 38.43 68.08
N THR D 33 34.92 38.52 67.81
CA THR D 33 34.22 39.77 68.11
C THR D 33 34.06 39.92 69.63
N SER D 34 34.03 38.79 70.33
CA SER D 34 33.93 38.81 71.78
C SER D 34 35.20 39.50 72.28
N GLY D 35 36.33 39.11 71.71
CA GLY D 35 37.60 39.70 72.09
C GLY D 35 37.59 41.20 71.89
N VAL D 36 37.17 41.63 70.71
CA VAL D 36 37.10 43.05 70.41
C VAL D 36 36.20 43.80 71.38
N LEU D 37 35.01 43.28 71.63
CA LEU D 37 34.09 43.94 72.55
C LEU D 37 34.68 44.07 73.95
N GLU D 38 35.40 43.03 74.38
CA GLU D 38 35.99 43.04 75.71
C GLU D 38 37.08 44.12 75.83
N SER D 39 37.66 44.51 74.70
CA SER D 39 38.70 45.52 74.70
C SER D 39 38.19 46.97 74.80
N VAL D 40 36.88 47.16 74.74
CA VAL D 40 36.30 48.49 74.83
C VAL D 40 36.38 49.08 76.24
N GLU D 41 36.62 50.39 76.29
CA GLU D 41 36.79 51.17 77.52
C GLU D 41 35.77 51.14 78.66
N ASP D 42 34.63 50.47 78.48
CA ASP D 42 33.59 50.46 79.52
C ASP D 42 32.91 51.82 79.49
N GLY D 43 31.57 51.82 79.47
CA GLY D 43 30.85 53.07 79.41
C GLY D 43 30.85 53.57 77.98
N THR D 44 31.66 52.93 77.16
CA THR D 44 31.76 53.28 75.74
C THR D 44 30.63 52.58 74.99
N PRO D 45 29.82 53.35 74.26
CA PRO D 45 28.70 52.79 73.49
C PRO D 45 29.16 51.78 72.43
N VAL D 46 28.52 50.62 72.38
CA VAL D 46 28.88 49.61 71.39
C VAL D 46 27.70 49.19 70.51
N LEU D 47 26.48 49.31 71.02
CA LEU D 47 25.28 48.89 70.29
C LEU D 47 24.12 49.86 70.46
N ALA D 48 23.44 50.17 69.36
CA ALA D 48 22.29 51.05 69.37
C ALA D 48 21.16 50.34 68.62
N ILE D 49 19.99 50.27 69.25
CA ILE D 49 18.84 49.60 68.64
C ILE D 49 17.58 50.44 68.83
N GLY D 50 16.69 50.39 67.85
CA GLY D 50 15.49 51.20 67.93
C GLY D 50 14.34 50.70 68.77
N VAL D 51 13.67 51.63 69.46
CA VAL D 51 12.50 51.31 70.28
C VAL D 51 11.25 51.63 69.46
N GLU D 52 10.10 51.24 69.97
CA GLU D 52 8.83 51.42 69.28
C GLU D 52 8.61 52.74 68.53
N SER D 53 8.91 53.85 69.18
CA SER D 53 8.71 55.17 68.58
C SER D 53 9.63 55.48 67.41
N GLY D 54 10.75 54.79 67.33
CA GLY D 54 11.69 55.05 66.25
C GLY D 54 12.99 55.59 66.83
N ASP D 55 12.95 56.02 68.08
CA ASP D 55 14.13 56.50 68.77
C ASP D 55 15.00 55.26 69.02
N ALA D 56 16.23 55.48 69.48
CA ALA D 56 17.14 54.38 69.75
C ALA D 56 17.77 54.45 71.13
N ILE D 57 17.97 53.28 71.74
CA ILE D 57 18.61 53.20 73.05
C ILE D 57 20.01 52.63 72.82
N VAL D 58 20.93 52.92 73.73
CA VAL D 58 22.32 52.50 73.58
C VAL D 58 22.84 51.65 74.74
N PHE D 59 23.70 50.68 74.41
CA PHE D 59 24.30 49.80 75.42
C PHE D 59 25.81 49.73 75.37
N ASP D 60 26.43 49.43 76.51
CA ASP D 60 27.88 49.29 76.57
C ASP D 60 28.20 47.81 76.40
N LYS D 61 29.48 47.45 76.44
CA LYS D 61 29.88 46.06 76.26
C LYS D 61 29.32 45.09 77.29
N ASN D 62 28.74 45.59 78.37
CA ASN D 62 28.18 44.72 79.41
C ASN D 62 26.66 44.69 79.36
N ALA D 63 26.10 45.14 78.25
CA ALA D 63 24.64 45.16 78.08
C ALA D 63 23.99 46.08 79.10
N GLN D 64 24.72 47.11 79.52
CA GLN D 64 24.17 48.08 80.46
C GLN D 64 23.73 49.27 79.61
N ARG D 65 22.52 49.76 79.85
CA ARG D 65 22.03 50.88 79.07
C ARG D 65 22.72 52.19 79.45
N ILE D 66 23.12 52.95 78.43
CA ILE D 66 23.79 54.24 78.61
C ILE D 66 22.78 55.38 78.59
N VAL D 67 22.65 56.06 79.72
CA VAL D 67 21.70 57.16 79.84
C VAL D 67 22.24 58.51 79.37
N ALA D 68 23.50 58.78 79.68
CA ALA D 68 24.11 60.04 79.28
C ALA D 68 25.54 59.82 78.76
N TYR D 69 25.84 60.46 77.64
CA TYR D 69 27.15 60.32 77.04
C TYR D 69 27.42 61.52 76.15
N LYS D 70 28.38 62.35 76.54
CA LYS D 70 28.72 63.54 75.78
C LYS D 70 29.31 63.22 74.42
N GLU D 71 28.94 64.04 73.44
CA GLU D 71 29.40 63.88 72.07
C GLU D 71 30.85 63.44 71.98
N LYS D 72 31.14 62.59 71.00
CA LYS D 72 32.48 62.09 70.77
C LYS D 72 32.56 61.55 69.34
N SER D 73 33.51 62.06 68.57
CA SER D 73 33.68 61.64 67.19
C SER D 73 34.89 60.74 66.97
N VAL D 74 34.87 60.04 65.84
CA VAL D 74 35.94 59.14 65.47
C VAL D 74 36.09 59.16 63.96
N LYS D 75 37.29 59.45 63.47
CA LYS D 75 37.52 59.49 62.04
C LYS D 75 38.18 58.20 61.57
N ALA D 76 37.73 57.69 60.43
CA ALA D 76 38.27 56.46 59.88
C ALA D 76 39.17 56.74 58.69
N GLU D 77 39.59 55.67 58.01
CA GLU D 77 40.44 55.78 56.84
C GLU D 77 39.59 56.33 55.70
N ASP D 78 38.33 55.92 55.69
CA ASP D 78 37.36 56.35 54.68
C ASP D 78 37.31 57.88 54.59
N GLY D 79 37.81 58.54 55.64
CA GLY D 79 37.80 59.99 55.68
C GLY D 79 36.53 60.44 56.38
N SER D 80 35.53 59.54 56.39
CA SER D 80 34.27 59.80 57.03
C SER D 80 34.46 59.77 58.54
N VAL D 81 33.49 60.34 59.27
CA VAL D 81 33.57 60.36 60.73
C VAL D 81 32.25 59.91 61.35
N SER D 82 32.35 59.22 62.48
CA SER D 82 31.15 58.76 63.18
C SER D 82 31.05 59.54 64.48
N VAL D 83 29.84 59.86 64.90
CA VAL D 83 29.62 60.60 66.12
C VAL D 83 28.60 59.87 66.99
N VAL D 84 28.79 59.93 68.30
CA VAL D 84 27.85 59.28 69.20
C VAL D 84 27.54 60.20 70.38
N GLN D 85 26.26 60.40 70.65
CA GLN D 85 25.84 61.26 71.74
C GLN D 85 24.54 60.73 72.31
N VAL D 86 24.54 60.46 73.61
CA VAL D 86 23.33 59.96 74.26
C VAL D 86 22.88 61.00 75.27
N GLU D 87 21.60 61.34 75.22
CA GLU D 87 21.06 62.33 76.13
C GLU D 87 19.69 61.93 76.65
N ASN D 88 19.60 61.82 77.98
CA ASN D 88 18.36 61.47 78.65
C ASN D 88 17.86 60.08 78.28
N GLY D 89 18.79 59.14 78.09
CA GLY D 89 18.41 57.79 77.76
C GLY D 89 18.23 57.46 76.28
N PHE D 90 18.33 58.46 75.42
CA PHE D 90 18.17 58.21 74.00
C PHE D 90 19.29 58.80 73.16
N MET D 91 19.58 58.15 72.03
CA MET D 91 20.63 58.58 71.13
C MET D 91 20.29 59.92 70.48
N LYS D 92 21.21 60.88 70.59
CA LYS D 92 21.01 62.20 70.00
C LYS D 92 21.78 62.28 68.70
N GLN D 93 22.89 61.55 68.63
CA GLN D 93 23.73 61.49 67.45
C GLN D 93 24.25 60.08 67.33
N GLY D 94 24.34 59.58 66.11
CA GLY D 94 24.81 58.22 65.89
C GLY D 94 23.92 57.50 64.90
N HIS D 95 24.04 56.18 64.84
CA HIS D 95 23.24 55.37 63.93
C HIS D 95 22.88 54.06 64.63
N ARG D 96 21.88 53.36 64.10
CA ARG D 96 21.47 52.09 64.68
C ARG D 96 22.49 51.03 64.28
N GLY D 97 22.64 50.00 65.12
CA GLY D 97 23.58 48.95 64.83
C GLY D 97 24.82 49.01 65.71
N TRP D 98 25.87 48.28 65.33
CA TRP D 98 27.10 48.27 66.10
C TRP D 98 27.81 49.62 66.00
N LEU D 99 28.19 50.18 67.14
CA LEU D 99 28.84 51.48 67.18
C LEU D 99 30.35 51.32 67.26
N VAL D 100 30.81 50.08 67.14
CA VAL D 100 32.23 49.76 67.18
C VAL D 100 32.52 48.81 66.02
N ASP D 101 33.72 48.91 65.45
CA ASP D 101 34.09 48.06 64.33
C ASP D 101 34.48 46.65 64.77
N LEU D 102 33.74 45.66 64.30
CA LEU D 102 34.00 44.27 64.65
C LEU D 102 34.55 43.52 63.44
N THR D 103 33.96 43.83 62.28
CA THR D 103 34.30 43.21 61.00
C THR D 103 35.57 43.66 60.29
N GLY D 104 36.11 44.82 60.64
CA GLY D 104 37.28 45.28 59.94
C GLY D 104 36.81 45.54 58.52
N GLU D 105 37.62 45.21 57.52
CA GLU D 105 37.19 45.43 56.15
C GLU D 105 36.68 44.14 55.51
N LEU D 106 36.45 43.13 56.34
CA LEU D 106 35.92 41.87 55.86
C LEU D 106 34.40 42.01 56.03
N VAL D 107 33.74 42.43 54.97
CA VAL D 107 32.29 42.61 55.01
C VAL D 107 31.61 41.68 54.02
N GLY D 108 30.29 41.52 54.19
CA GLY D 108 29.54 40.67 53.30
C GLY D 108 29.65 39.18 53.58
N CYS D 109 29.95 38.81 54.82
CA CYS D 109 30.08 37.39 55.18
C CYS D 109 28.88 36.84 55.94
N SER D 110 28.82 35.52 56.00
CA SER D 110 27.83 34.78 56.75
C SER D 110 28.73 33.86 57.55
N PRO D 111 29.44 34.42 58.55
CA PRO D 111 30.36 33.66 59.40
C PRO D 111 29.74 32.36 59.95
N VAL D 112 30.44 31.25 59.77
CA VAL D 112 29.92 29.97 60.27
C VAL D 112 29.79 30.06 61.77
N VAL D 113 28.63 29.66 62.30
CA VAL D 113 28.37 29.72 63.72
C VAL D 113 28.45 28.36 64.41
N ALA D 114 28.25 27.30 63.65
CA ALA D 114 28.27 25.97 64.22
C ALA D 114 28.20 24.90 63.14
N GLU D 115 28.44 23.66 63.56
CA GLU D 115 28.39 22.52 62.67
C GLU D 115 27.56 21.47 63.37
N PHE D 116 26.61 20.88 62.66
CA PHE D 116 25.77 19.87 63.27
C PHE D 116 25.24 18.90 62.21
N GLY D 117 25.10 17.64 62.60
CA GLY D 117 24.60 16.63 61.69
C GLY D 117 25.24 16.60 60.33
N GLY D 118 26.48 17.07 60.23
CA GLY D 118 27.15 17.07 58.94
C GLY D 118 26.97 18.33 58.12
N HIS D 119 26.36 19.35 58.70
CA HIS D 119 26.14 20.60 57.98
C HIS D 119 26.65 21.82 58.75
N ARG D 120 27.16 22.79 58.02
CA ARG D 120 27.62 24.03 58.63
C ARG D 120 26.43 25.00 58.61
N TYR D 121 26.22 25.73 59.70
CA TYR D 121 25.14 26.70 59.80
C TYR D 121 25.70 28.10 59.90
N ALA D 122 25.00 29.06 59.29
CA ALA D 122 25.44 30.43 59.28
C ALA D 122 24.96 31.25 60.46
N SER D 123 25.73 32.28 60.81
CA SER D 123 25.32 33.18 61.88
C SER D 123 24.39 34.19 61.18
N GLY D 124 23.86 35.15 61.92
CA GLY D 124 22.94 36.09 61.32
C GLY D 124 21.54 35.70 61.73
N MET D 125 20.53 36.08 60.96
CA MET D 125 19.18 35.70 61.35
C MET D 125 18.58 34.55 60.56
N VAL D 126 17.93 33.66 61.30
CA VAL D 126 17.28 32.50 60.72
C VAL D 126 15.80 32.56 61.05
N ILE D 127 14.96 32.68 60.03
CA ILE D 127 13.53 32.70 60.26
C ILE D 127 12.97 31.32 60.00
N VAL D 128 12.17 30.83 60.94
CA VAL D 128 11.55 29.52 60.87
C VAL D 128 10.08 29.75 60.64
N THR D 129 9.59 29.35 59.48
CA THR D 129 8.20 29.59 59.19
C THR D 129 7.57 28.55 58.27
N GLY D 130 6.43 28.92 57.69
CA GLY D 130 5.71 28.02 56.81
C GLY D 130 4.29 27.81 57.29
N LYS D 131 3.52 27.09 56.50
CA LYS D 131 2.13 26.81 56.84
C LYS D 131 2.06 25.31 57.01
N GLY D 132 1.28 24.85 57.97
CA GLY D 132 1.18 23.41 58.16
C GLY D 132 1.13 22.96 59.62
N ASN D 133 1.18 21.65 59.81
CA ASN D 133 1.10 21.09 61.15
C ASN D 133 2.39 21.13 61.96
N SER D 134 3.53 21.04 61.31
CA SER D 134 4.81 21.08 62.03
C SER D 134 4.92 22.35 62.86
N GLY D 135 5.06 22.18 64.17
CA GLY D 135 5.16 23.32 65.09
C GLY D 135 6.51 24.00 65.11
N LYS D 136 6.48 25.33 65.00
CA LYS D 136 7.71 26.12 64.96
C LYS D 136 8.43 26.20 66.31
N THR D 137 7.67 26.31 67.40
CA THR D 137 8.28 26.41 68.71
C THR D 137 9.22 25.25 69.05
N PRO D 138 8.76 23.99 68.85
CA PRO D 138 9.66 22.88 69.17
C PRO D 138 10.91 22.88 68.29
N LEU D 139 10.77 23.31 67.04
CA LEU D 139 11.88 23.34 66.11
C LEU D 139 12.93 24.40 66.48
N VAL D 140 12.51 25.60 66.87
CA VAL D 140 13.51 26.60 67.23
C VAL D 140 14.29 26.19 68.47
N HIS D 141 13.62 25.56 69.43
CA HIS D 141 14.33 25.11 70.63
C HIS D 141 15.30 23.96 70.34
N ALA D 142 14.91 23.05 69.44
CA ALA D 142 15.77 21.94 69.10
C ALA D 142 16.98 22.44 68.35
N LEU D 143 16.76 23.43 67.50
CA LEU D 143 17.85 23.99 66.72
C LEU D 143 18.78 24.81 67.62
N GLY D 144 18.21 25.46 68.63
CA GLY D 144 19.04 26.23 69.55
C GLY D 144 19.99 25.33 70.31
N GLU D 145 19.47 24.22 70.82
CA GLU D 145 20.28 23.28 71.56
C GLU D 145 21.36 22.64 70.67
N ALA D 146 20.99 22.27 69.46
CA ALA D 146 21.95 21.64 68.56
C ALA D 146 23.08 22.58 68.12
N LEU D 147 22.73 23.83 67.79
CA LEU D 147 23.76 24.77 67.37
C LEU D 147 24.53 25.27 68.58
N GLY D 148 23.89 25.29 69.74
CA GLY D 148 24.56 25.72 70.95
C GLY D 148 25.73 24.78 71.20
N GLY D 149 25.50 23.49 70.99
CA GLY D 149 26.55 22.49 71.19
C GLY D 149 26.97 22.33 72.64
N LYS D 150 28.19 22.80 72.94
CA LYS D 150 28.72 22.74 74.30
C LYS D 150 28.18 23.90 75.14
N ASP D 151 27.67 24.92 74.46
CA ASP D 151 27.14 26.11 75.13
C ASP D 151 25.63 26.11 75.22
N LYS D 152 25.11 26.79 76.23
CA LYS D 152 23.67 26.90 76.39
C LYS D 152 23.19 27.96 75.40
N TYR D 153 21.91 27.92 75.04
CA TYR D 153 21.39 28.92 74.12
C TYR D 153 20.46 29.86 74.89
N ALA D 154 20.38 31.11 74.45
CA ALA D 154 19.53 32.10 75.10
C ALA D 154 18.15 32.16 74.45
N THR D 155 17.12 32.28 75.27
CA THR D 155 15.76 32.33 74.77
C THR D 155 15.06 33.65 75.08
N VAL D 156 14.62 34.35 74.02
CA VAL D 156 13.89 35.59 74.16
C VAL D 156 12.42 35.30 73.88
N ARG D 157 11.55 35.57 74.86
CA ARG D 157 10.13 35.31 74.69
C ARG D 157 9.32 36.59 74.46
N PHE D 158 8.40 36.56 73.50
CA PHE D 158 7.62 37.75 73.18
C PHE D 158 6.27 37.51 72.52
N GLY D 159 5.27 38.23 73.00
CA GLY D 159 3.92 38.22 72.44
C GLY D 159 3.01 37.02 72.38
N GLU D 160 3.16 36.07 73.30
CA GLU D 160 2.30 34.90 73.28
C GLU D 160 1.41 34.97 74.52
N PRO D 161 0.15 34.49 74.43
CA PRO D 161 -0.73 34.53 75.59
C PRO D 161 -0.51 33.41 76.61
N LEU D 162 0.74 33.29 77.06
CA LEU D 162 1.15 32.30 78.04
C LEU D 162 1.78 33.01 79.24
N SER D 163 1.93 32.32 80.36
CA SER D 163 2.50 32.92 81.56
C SER D 163 3.94 33.41 81.40
N GLY D 164 4.24 34.54 82.03
CA GLY D 164 5.58 35.09 81.98
C GLY D 164 6.07 35.65 80.66
N TYR D 165 5.17 35.81 79.70
CA TYR D 165 5.57 36.36 78.40
C TYR D 165 5.48 37.87 78.36
N ASN D 166 6.57 38.52 77.98
CA ASN D 166 6.57 39.96 77.86
C ASN D 166 5.84 40.26 76.56
N THR D 167 5.06 41.35 76.55
CA THR D 167 4.34 41.74 75.36
C THR D 167 4.59 43.21 75.01
N ASP D 168 5.57 43.81 75.69
CA ASP D 168 5.92 45.20 75.45
C ASP D 168 7.15 45.23 74.52
N PHE D 169 6.98 45.83 73.35
CA PHE D 169 8.07 45.90 72.38
C PHE D 169 9.38 46.46 72.92
N ASN D 170 9.31 47.47 73.79
CA ASN D 170 10.55 48.05 74.30
C ASN D 170 11.35 47.13 75.20
N VAL D 171 10.67 46.24 75.91
CA VAL D 171 11.38 45.28 76.76
C VAL D 171 12.00 44.27 75.81
N PHE D 172 11.30 43.98 74.73
CA PHE D 172 11.75 43.04 73.72
C PHE D 172 13.12 43.41 73.11
N VAL D 173 13.27 44.64 72.62
CA VAL D 173 14.54 45.04 72.01
C VAL D 173 15.63 45.04 73.06
N ASP D 174 15.25 45.26 74.31
CA ASP D 174 16.21 45.25 75.39
C ASP D 174 16.74 43.81 75.55
N ASP D 175 15.83 42.84 75.56
CA ASP D 175 16.23 41.44 75.68
C ASP D 175 17.11 41.03 74.50
N ILE D 176 16.73 41.47 73.30
CA ILE D 176 17.50 41.12 72.11
C ILE D 176 18.91 41.69 72.11
N ALA D 177 19.05 42.96 72.48
CA ALA D 177 20.37 43.58 72.49
C ALA D 177 21.28 42.86 73.49
N ARG D 178 20.76 42.58 74.68
CA ARG D 178 21.56 41.89 75.69
C ARG D 178 21.96 40.52 75.18
N ALA D 179 21.02 39.82 74.56
CA ALA D 179 21.29 38.47 74.04
C ALA D 179 22.43 38.45 73.01
N MET D 180 22.41 39.38 72.06
CA MET D 180 23.46 39.41 71.03
C MET D 180 24.80 39.85 71.57
N LEU D 181 24.78 40.59 72.68
CA LEU D 181 26.02 41.06 73.27
C LEU D 181 26.68 39.94 74.07
N GLN D 182 25.86 39.04 74.61
CA GLN D 182 26.38 37.97 75.44
C GLN D 182 26.30 36.51 74.99
N HIS D 183 25.59 36.21 73.91
CA HIS D 183 25.49 34.81 73.50
C HIS D 183 25.62 34.56 72.01
N ARG D 184 26.10 33.36 71.68
CA ARG D 184 26.31 32.94 70.30
C ARG D 184 25.05 32.40 69.64
N VAL D 185 24.21 31.74 70.43
CA VAL D 185 22.99 31.12 69.91
C VAL D 185 21.76 31.65 70.64
N ILE D 186 20.91 32.33 69.89
CA ILE D 186 19.72 32.96 70.43
C ILE D 186 18.44 32.50 69.74
N VAL D 187 17.40 32.30 70.54
CA VAL D 187 16.11 31.88 70.04
C VAL D 187 15.08 32.95 70.39
N ILE D 188 14.32 33.40 69.41
CA ILE D 188 13.27 34.38 69.65
C ILE D 188 11.95 33.66 69.39
N ASP D 189 11.13 33.48 70.42
CA ASP D 189 9.89 32.81 70.14
C ASP D 189 8.78 33.81 69.92
N SER D 190 8.43 33.90 68.64
CA SER D 190 7.38 34.73 68.08
C SER D 190 7.81 36.13 67.69
N LEU D 191 7.93 36.35 66.39
CA LEU D 191 8.25 37.65 65.84
C LEU D 191 6.89 38.27 65.54
N LYS D 192 5.98 38.25 66.51
CA LYS D 192 4.65 38.83 66.33
C LYS D 192 4.72 40.34 66.28
N ASN D 193 3.59 40.98 66.02
CA ASN D 193 3.52 42.43 65.93
C ASN D 193 4.43 42.91 64.81
N VAL D 194 5.72 42.63 64.93
CA VAL D 194 6.66 43.00 63.88
C VAL D 194 6.19 42.15 62.71
N ILE D 195 6.13 42.74 61.52
CA ILE D 195 5.66 42.02 60.35
C ILE D 195 4.23 41.54 60.63
N ILE D 207 2.68 48.91 60.93
CA ILE D 207 3.81 48.47 61.75
C ILE D 207 4.51 49.69 62.36
N SER D 208 4.93 49.57 63.62
CA SER D 208 5.59 50.68 64.28
C SER D 208 6.98 50.89 63.68
N ARG D 209 7.53 52.08 63.84
CA ARG D 209 8.86 52.38 63.30
C ARG D 209 9.88 51.45 63.92
N GLY D 210 9.71 51.16 65.21
CA GLY D 210 10.64 50.29 65.90
C GLY D 210 10.65 48.89 65.30
N ALA D 211 9.46 48.35 65.05
CA ALA D 211 9.32 47.02 64.48
C ALA D 211 9.94 46.96 63.09
N PHE D 212 9.79 48.04 62.36
CA PHE D 212 10.34 48.11 61.01
C PHE D 212 11.87 48.16 61.05
N ASP D 213 12.41 48.91 62.02
CA ASP D 213 13.85 49.01 62.15
C ASP D 213 14.45 47.64 62.52
N LEU D 214 13.78 46.95 63.43
CA LEU D 214 14.21 45.65 63.92
C LEU D 214 14.33 44.64 62.79
N LEU D 215 13.29 44.52 61.99
CA LEU D 215 13.28 43.58 60.88
C LEU D 215 14.42 43.84 59.90
N SER D 216 14.73 45.10 59.66
CA SER D 216 15.79 45.41 58.72
C SER D 216 17.20 45.55 59.30
N ASP D 217 17.33 45.46 60.63
CA ASP D 217 18.63 45.59 61.25
C ASP D 217 19.19 44.29 61.85
N ILE D 218 18.31 43.52 62.48
CA ILE D 218 18.73 42.33 63.19
C ILE D 218 19.67 41.36 62.48
N GLY D 219 19.40 41.07 61.20
CA GLY D 219 20.25 40.14 60.48
C GLY D 219 21.68 40.62 60.34
N ALA D 220 21.86 41.88 59.98
CA ALA D 220 23.19 42.46 59.83
C ALA D 220 23.89 42.53 61.19
N MET D 221 23.14 42.88 62.24
CA MET D 221 23.73 42.96 63.57
C MET D 221 24.28 41.58 63.98
N ALA D 222 23.46 40.55 63.82
CA ALA D 222 23.84 39.20 64.18
C ALA D 222 25.01 38.65 63.36
N ALA D 223 25.00 38.85 62.05
CA ALA D 223 26.07 38.40 61.19
C ALA D 223 27.40 39.07 61.53
N SER D 224 27.34 40.34 61.91
CA SER D 224 28.54 41.09 62.26
C SER D 224 29.14 40.53 63.55
N ARG D 225 28.30 40.16 64.50
CA ARG D 225 28.74 39.63 65.77
C ARG D 225 29.23 38.19 65.61
N GLY D 226 28.59 37.44 64.73
CA GLY D 226 28.96 36.05 64.54
C GLY D 226 28.02 35.16 65.33
N CYS D 227 26.91 35.73 65.79
CA CYS D 227 25.92 34.96 66.55
C CYS D 227 24.74 34.63 65.62
N VAL D 228 23.91 33.69 66.04
CA VAL D 228 22.76 33.31 65.24
C VAL D 228 21.47 33.55 66.01
N VAL D 229 20.52 34.20 65.37
CA VAL D 229 19.21 34.49 65.97
C VAL D 229 18.20 33.63 65.23
N ILE D 230 17.59 32.69 65.95
CA ILE D 230 16.61 31.75 65.39
C ILE D 230 15.20 32.20 65.80
N ALA D 231 14.47 32.80 64.86
CA ALA D 231 13.13 33.32 65.17
C ALA D 231 11.98 32.61 64.48
N SER D 232 10.95 32.31 65.27
CA SER D 232 9.78 31.64 64.73
C SER D 232 8.83 32.74 64.25
N LEU D 233 8.19 32.50 63.12
CA LEU D 233 7.26 33.44 62.54
C LEU D 233 6.07 32.67 62.00
N ASN D 234 4.94 32.80 62.67
CA ASN D 234 3.75 32.10 62.20
C ASN D 234 3.00 32.97 61.22
N PRO D 235 2.78 32.47 59.99
CA PRO D 235 2.06 33.25 58.99
C PRO D 235 0.59 33.25 59.38
N THR D 236 0.36 33.51 60.67
CA THR D 236 -0.98 33.55 61.24
C THR D 236 -1.91 34.36 60.35
N SER D 237 -1.60 35.65 60.21
CA SER D 237 -2.39 36.53 59.37
C SER D 237 -2.72 35.76 58.09
N ASN D 238 -3.94 35.26 58.00
CA ASN D 238 -4.41 34.50 56.84
C ASN D 238 -3.81 33.08 56.83
N ASP D 239 -4.50 32.16 56.18
CA ASP D 239 -4.04 30.78 56.06
C ASP D 239 -3.93 30.52 54.56
N ASP D 240 -4.35 31.51 53.80
CA ASP D 240 -4.31 31.47 52.34
C ASP D 240 -2.86 31.24 51.94
N LYS D 241 -2.62 30.96 50.66
CA LYS D 241 -1.26 30.77 50.20
C LYS D 241 -0.56 32.12 50.22
N ILE D 242 -0.91 32.93 51.22
CA ILE D 242 -0.33 34.24 51.45
C ILE D 242 0.92 33.96 52.29
N VAL D 243 1.14 32.67 52.58
CA VAL D 243 2.29 32.24 53.35
C VAL D 243 3.52 32.51 52.51
N GLU D 244 3.28 32.93 51.26
CA GLU D 244 4.34 33.26 50.32
C GLU D 244 4.68 34.74 50.50
N LEU D 245 3.80 35.44 51.22
CA LEU D 245 3.99 36.86 51.51
C LEU D 245 5.06 37.06 52.58
N VAL D 246 4.74 36.64 53.80
CA VAL D 246 5.70 36.77 54.90
C VAL D 246 6.99 36.09 54.47
N LYS D 247 6.84 34.96 53.79
CA LYS D 247 7.99 34.24 53.26
C LYS D 247 8.48 35.18 52.18
N GLU D 248 9.63 34.91 51.57
CA GLU D 248 10.16 35.82 50.55
C GLU D 248 10.56 37.10 51.29
N ALA D 249 9.60 37.71 51.97
CA ALA D 249 9.86 38.92 52.75
C ALA D 249 10.76 38.45 53.88
N SER D 250 10.62 37.17 54.24
CA SER D 250 11.43 36.53 55.26
C SER D 250 12.77 36.26 54.62
N ARG D 251 12.71 35.62 53.46
CA ARG D 251 13.87 35.26 52.67
C ARG D 251 14.74 36.49 52.36
N SER D 252 14.11 37.66 52.29
CA SER D 252 14.82 38.88 51.98
C SER D 252 15.52 39.54 53.16
N ASN D 253 15.01 39.36 54.38
CA ASN D 253 15.65 39.96 55.55
C ASN D 253 16.29 38.92 56.45
N SER D 254 16.44 37.71 55.94
CA SER D 254 17.03 36.62 56.70
C SER D 254 18.31 36.12 56.04
N THR D 255 19.23 35.67 56.87
CA THR D 255 20.48 35.14 56.37
C THR D 255 20.18 33.70 55.93
N SER D 256 19.31 33.04 56.69
CA SER D 256 18.89 31.67 56.39
C SER D 256 17.40 31.52 56.64
N LEU D 257 16.78 30.59 55.92
CA LEU D 257 15.34 30.29 56.06
C LEU D 257 15.15 28.81 56.36
N VAL D 258 14.23 28.51 57.27
CA VAL D 258 13.90 27.14 57.62
C VAL D 258 12.38 27.04 57.49
N ILE D 259 11.92 26.33 56.47
CA ILE D 259 10.50 26.20 56.20
C ILE D 259 10.04 24.76 56.26
N SER D 260 8.84 24.54 56.75
CA SER D 260 8.25 23.21 56.85
C SER D 260 7.84 22.71 55.47
N THR D 261 7.74 21.40 55.31
CA THR D 261 7.35 20.82 54.03
C THR D 261 6.03 20.10 54.17
N ASP D 262 5.59 19.45 53.09
CA ASP D 262 4.33 18.73 53.13
C ASP D 262 4.40 17.39 53.85
N VAL D 263 5.62 16.97 54.21
CA VAL D 263 5.83 15.74 54.94
C VAL D 263 6.06 16.13 56.40
N ASP D 264 5.21 15.64 57.29
CA ASP D 264 5.33 15.96 58.69
C ASP D 264 6.69 15.66 59.32
N GLY D 265 7.20 16.62 60.09
CA GLY D 265 8.48 16.46 60.73
C GLY D 265 9.66 16.84 59.87
N GLU D 266 9.42 17.09 58.58
CA GLU D 266 10.50 17.44 57.67
C GLU D 266 10.59 18.94 57.40
N TRP D 267 11.80 19.47 57.41
CA TRP D 267 12.03 20.88 57.19
C TRP D 267 13.13 21.10 56.18
N GLN D 268 13.08 22.24 55.50
CA GLN D 268 14.08 22.58 54.50
C GLN D 268 14.86 23.80 54.97
N VAL D 269 16.19 23.73 54.86
CA VAL D 269 17.07 24.81 55.28
C VAL D 269 17.71 25.45 54.05
N LEU D 270 17.47 26.75 53.88
CA LEU D 270 18.03 27.50 52.76
C LEU D 270 18.98 28.51 53.38
N THR D 271 20.24 28.48 53.00
CA THR D 271 21.19 29.39 53.60
C THR D 271 22.05 30.20 52.63
N ARG D 272 22.19 31.48 52.94
CA ARG D 272 22.99 32.39 52.14
C ARG D 272 24.40 32.34 52.72
N THR D 273 25.34 31.83 51.93
CA THR D 273 26.72 31.66 52.39
C THR D 273 27.58 32.91 52.32
N GLY D 274 27.04 33.98 51.75
CA GLY D 274 27.80 35.20 51.66
C GLY D 274 27.36 36.13 50.54
N GLU D 275 27.96 37.32 50.53
CA GLU D 275 27.67 38.34 49.52
C GLU D 275 27.93 37.82 48.12
N GLY D 276 26.87 37.66 47.33
CA GLY D 276 27.04 37.19 45.97
C GLY D 276 27.42 35.72 45.85
N LEU D 277 27.43 35.01 46.98
CA LEU D 277 27.79 33.59 46.96
C LEU D 277 26.58 32.71 46.74
N GLN D 278 26.81 31.41 46.61
CA GLN D 278 25.73 30.45 46.40
C GLN D 278 24.84 30.24 47.60
N ARG D 279 23.55 30.01 47.35
CA ARG D 279 22.59 29.72 48.42
C ARG D 279 22.50 28.21 48.49
N LEU D 280 22.80 27.65 49.65
CA LEU D 280 22.77 26.19 49.82
C LEU D 280 21.47 25.74 50.43
N THR D 281 21.17 24.46 50.26
CA THR D 281 19.94 23.89 50.80
C THR D 281 20.14 22.45 51.24
N HIS D 282 19.55 22.09 52.38
CA HIS D 282 19.61 20.72 52.86
C HIS D 282 18.33 20.42 53.63
N THR D 283 18.05 19.13 53.86
CA THR D 283 16.83 18.74 54.55
C THR D 283 17.08 18.27 55.96
N LEU D 284 16.05 18.38 56.79
CA LEU D 284 16.12 17.97 58.18
C LEU D 284 14.95 17.04 58.53
N GLN D 285 15.24 15.97 59.24
CA GLN D 285 14.21 15.04 59.68
C GLN D 285 14.11 15.20 61.19
N THR D 286 12.91 15.14 61.74
CA THR D 286 12.76 15.30 63.19
C THR D 286 11.68 14.39 63.78
N SER D 287 11.67 14.27 65.10
CA SER D 287 10.68 13.45 65.79
C SER D 287 10.56 13.89 67.25
N TYR D 288 9.38 13.66 67.82
CA TYR D 288 9.10 14.05 69.19
C TYR D 288 9.42 12.97 70.24
N GLY D 289 9.73 13.43 71.43
CA GLY D 289 10.01 12.55 72.55
C GLY D 289 8.97 12.88 73.59
N GLU D 290 9.33 12.79 74.86
CA GLU D 290 8.38 13.09 75.93
C GLU D 290 8.22 14.59 76.14
N HIS D 291 7.01 15.00 76.51
CA HIS D 291 6.68 16.41 76.75
C HIS D 291 6.95 17.28 75.54
N SER D 292 6.75 16.71 74.36
CA SER D 292 6.94 17.44 73.12
C SER D 292 8.36 17.95 72.86
N VAL D 293 9.37 17.30 73.42
CA VAL D 293 10.74 17.72 73.15
C VAL D 293 11.05 17.16 71.75
N LEU D 294 11.54 18.02 70.87
CA LEU D 294 11.82 17.64 69.50
C LEU D 294 13.29 17.31 69.33
N THR D 295 13.59 16.34 68.48
CA THR D 295 14.97 15.95 68.22
C THR D 295 15.23 15.97 66.72
N ILE D 296 16.35 16.54 66.31
CA ILE D 296 16.73 16.61 64.90
C ILE D 296 17.66 15.43 64.61
N HIS D 297 17.24 14.53 63.73
CA HIS D 297 18.07 13.36 63.38
C HIS D 297 19.35 13.77 62.66
N THR D 298 20.42 13.02 62.93
CA THR D 298 21.70 13.25 62.29
C THR D 298 22.17 11.95 61.67
N SER D 299 22.58 12.01 60.40
CA SER D 299 23.05 10.84 59.66
C SER D 299 24.26 10.18 60.33
N LYS D 300 24.71 9.13 59.81
N MET E 1 17.96 76.51 36.50
CA MET E 1 17.22 77.73 36.06
C MET E 1 16.44 77.44 34.78
N ILE E 2 15.74 78.44 34.26
CA ILE E 2 14.99 78.25 33.02
C ILE E 2 15.86 78.75 31.86
N HIS E 3 15.68 78.14 30.69
CA HIS E 3 16.44 78.50 29.50
C HIS E 3 15.49 78.90 28.36
N LEU E 4 15.91 79.86 27.54
CA LEU E 4 15.11 80.30 26.41
C LEU E 4 15.72 79.73 25.13
N TYR E 5 14.89 79.47 24.14
CA TYR E 5 15.37 78.94 22.87
C TYR E 5 14.57 79.42 21.67
N ASP E 6 15.19 79.30 20.51
CA ASP E 6 14.57 79.57 19.22
C ASP E 6 15.07 78.38 18.41
N ALA E 7 14.61 78.21 17.17
CA ALA E 7 15.04 77.08 16.38
C ALA E 7 16.55 76.86 16.37
N LYS E 8 17.30 77.93 16.16
CA LYS E 8 18.76 77.84 16.10
C LYS E 8 19.43 77.41 17.39
N SER E 9 19.10 78.07 18.50
CA SER E 9 19.72 77.73 19.78
C SER E 9 19.32 76.31 20.20
N PHE E 10 18.08 75.93 19.90
CA PHE E 10 17.63 74.60 20.23
C PHE E 10 18.43 73.55 19.46
N ALA E 11 18.62 73.78 18.16
CA ALA E 11 19.36 72.83 17.34
C ALA E 11 20.79 72.66 17.84
N LYS E 12 21.39 73.74 18.34
CA LYS E 12 22.75 73.66 18.86
C LYS E 12 22.77 72.81 20.11
N LEU E 13 21.77 73.02 20.98
CA LEU E 13 21.67 72.26 22.21
C LEU E 13 21.60 70.74 21.92
N ARG E 14 20.73 70.36 21.00
CA ARG E 14 20.58 68.95 20.66
C ARG E 14 21.89 68.38 20.13
N ALA E 15 22.60 69.13 19.31
CA ALA E 15 23.88 68.65 18.77
C ALA E 15 24.88 68.44 19.91
N ALA E 16 24.91 69.38 20.84
CA ALA E 16 25.83 69.27 21.97
C ALA E 16 25.47 68.08 22.86
N GLN E 17 24.18 67.89 23.12
CA GLN E 17 23.74 66.77 23.95
C GLN E 17 24.15 65.46 23.27
N TYR E 18 23.92 65.40 21.96
CA TYR E 18 24.27 64.20 21.20
C TYR E 18 25.76 63.88 21.35
N ALA E 19 26.59 64.92 21.28
CA ALA E 19 28.04 64.76 21.40
C ALA E 19 28.46 64.33 22.80
N ALA E 20 27.77 64.84 23.82
CA ALA E 20 28.10 64.51 25.20
C ALA E 20 28.09 63.00 25.46
N PHE E 21 27.33 62.26 24.66
CA PHE E 21 27.28 60.81 24.84
C PHE E 21 28.04 60.05 23.76
N HIS E 22 27.84 60.44 22.51
CA HIS E 22 28.46 59.77 21.36
C HIS E 22 29.91 60.07 20.99
N THR E 23 30.34 61.31 21.12
CA THR E 23 31.71 61.65 20.71
C THR E 23 32.71 62.13 21.75
N ASP E 24 32.24 62.76 22.82
CA ASP E 24 33.15 63.22 23.87
C ASP E 24 34.00 62.05 24.34
N ALA E 25 35.15 62.34 24.92
CA ALA E 25 36.00 61.27 25.42
C ALA E 25 35.38 60.71 26.71
N PRO E 26 35.27 59.37 26.80
CA PRO E 26 34.70 58.72 27.98
C PRO E 26 35.29 59.24 29.28
N GLY E 27 34.44 59.71 30.19
CA GLY E 27 34.92 60.20 31.48
C GLY E 27 35.40 61.64 31.50
N SER E 28 35.38 62.31 30.36
CA SER E 28 35.85 63.70 30.36
C SER E 28 34.95 64.61 31.19
N TRP E 29 33.64 64.38 31.13
CA TRP E 29 32.69 65.21 31.87
C TRP E 29 32.97 65.10 33.37
N PHE E 30 33.26 63.88 33.84
CA PHE E 30 33.57 63.69 35.24
C PHE E 30 34.78 64.56 35.60
N ASP E 31 35.85 64.41 34.85
CA ASP E 31 37.08 65.18 35.08
C ASP E 31 36.78 66.67 35.12
N HIS E 32 35.96 67.15 34.20
CA HIS E 32 35.62 68.55 34.21
C HIS E 32 34.90 68.99 35.48
N THR E 33 33.89 68.24 35.94
CA THR E 33 33.19 68.65 37.15
C THR E 33 34.10 68.54 38.36
N SER E 34 35.08 67.64 38.31
CA SER E 34 36.00 67.50 39.43
C SER E 34 36.74 68.83 39.53
N GLY E 35 37.06 69.39 38.36
CA GLY E 35 37.74 70.67 38.33
C GLY E 35 36.91 71.78 38.93
N VAL E 36 35.64 71.85 38.54
CA VAL E 36 34.75 72.88 39.06
C VAL E 36 34.63 72.78 40.58
N LEU E 37 34.55 71.56 41.10
CA LEU E 37 34.43 71.37 42.55
C LEU E 37 35.69 71.79 43.29
N GLU E 38 36.85 71.51 42.70
CA GLU E 38 38.10 71.86 43.36
C GLU E 38 38.30 73.38 43.45
N SER E 39 37.68 74.12 42.53
CA SER E 39 37.78 75.58 42.52
C SER E 39 36.86 76.28 43.47
N VAL E 40 36.12 75.51 44.27
CA VAL E 40 35.20 76.10 45.21
C VAL E 40 35.92 76.70 46.41
N GLU E 41 35.37 77.80 46.94
CA GLU E 41 35.95 78.54 48.06
C GLU E 41 36.25 77.83 49.38
N ASP E 42 36.13 76.50 49.44
CA ASP E 42 36.39 75.79 50.68
C ASP E 42 35.33 76.17 51.71
N GLY E 43 34.72 75.16 52.34
CA GLY E 43 33.69 75.45 53.33
C GLY E 43 32.40 75.84 52.64
N THR E 44 32.46 75.97 51.31
CA THR E 44 31.29 76.33 50.53
C THR E 44 30.43 75.09 50.27
N PRO E 45 29.13 75.18 50.57
CA PRO E 45 28.22 74.05 50.37
C PRO E 45 28.15 73.68 48.90
N VAL E 46 28.29 72.38 48.58
CA VAL E 46 28.21 71.96 47.18
C VAL E 46 27.14 70.91 46.92
N LEU E 47 26.76 70.16 47.95
CA LEU E 47 25.77 69.11 47.77
C LEU E 47 24.81 68.99 48.95
N ALA E 48 23.52 68.87 48.65
CA ALA E 48 22.49 68.70 49.68
C ALA E 48 21.70 67.45 49.33
N ILE E 49 21.48 66.59 50.31
CA ILE E 49 20.75 65.34 50.09
C ILE E 49 19.80 65.08 51.26
N GLY E 50 18.64 64.50 50.97
CA GLY E 50 17.66 64.24 52.02
C GLY E 50 17.87 63.04 52.93
N VAL E 51 17.62 63.25 54.21
CA VAL E 51 17.73 62.17 55.19
C VAL E 51 16.32 61.59 55.38
N GLU E 52 16.21 60.51 56.14
CA GLU E 52 14.95 59.83 56.35
C GLU E 52 13.72 60.71 56.60
N SER E 53 13.85 61.68 57.49
CA SER E 53 12.75 62.57 57.84
C SER E 53 12.27 63.50 56.72
N GLY E 54 13.13 63.78 55.75
CA GLY E 54 12.74 64.69 54.69
C GLY E 54 13.60 65.93 54.73
N ASP E 55 14.30 66.14 55.84
CA ASP E 55 15.22 67.27 55.99
C ASP E 55 16.42 66.93 55.13
N ALA E 56 17.36 67.86 55.02
CA ALA E 56 18.54 67.63 54.20
C ALA E 56 19.84 67.99 54.92
N ILE E 57 20.89 67.23 54.63
CA ILE E 57 22.20 67.48 55.19
C ILE E 57 23.05 68.03 54.05
N VAL E 58 24.07 68.82 54.39
CA VAL E 58 24.90 69.45 53.38
C VAL E 58 26.39 69.11 53.48
N PHE E 59 27.06 69.01 52.34
CA PHE E 59 28.49 68.69 52.32
C PHE E 59 29.32 69.71 51.53
N ASP E 60 30.62 69.76 51.83
CA ASP E 60 31.52 70.65 51.12
C ASP E 60 32.25 69.79 50.09
N LYS E 61 33.10 70.43 49.28
CA LYS E 61 33.81 69.72 48.23
C LYS E 61 34.66 68.55 48.70
N ASN E 62 34.91 68.46 50.00
CA ASN E 62 35.71 67.36 50.53
C ASN E 62 34.86 66.30 51.21
N ALA E 63 33.58 66.27 50.88
CA ALA E 63 32.67 65.29 51.47
C ALA E 63 32.61 65.43 52.99
N GLN E 64 32.87 66.63 53.49
CA GLN E 64 32.80 66.87 54.92
C GLN E 64 31.46 67.55 55.17
N ARG E 65 30.74 67.08 56.17
CA ARG E 65 29.43 67.65 56.48
C ARG E 65 29.50 69.05 57.10
N ILE E 66 28.63 69.93 56.63
CA ILE E 66 28.58 71.31 57.10
C ILE E 66 27.47 71.47 58.13
N VAL E 67 27.84 71.87 59.34
CA VAL E 67 26.85 72.03 60.41
C VAL E 67 26.29 73.44 60.56
N ALA E 68 27.10 74.46 60.23
CA ALA E 68 26.65 75.84 60.35
C ALA E 68 27.14 76.67 59.19
N TYR E 69 26.23 77.46 58.61
CA TYR E 69 26.57 78.30 57.48
C TYR E 69 25.55 79.42 57.35
N LYS E 70 26.02 80.65 57.55
CA LYS E 70 25.15 81.82 57.48
C LYS E 70 24.61 82.09 56.09
N GLU E 71 23.35 82.52 56.05
CA GLU E 71 22.67 82.83 54.81
C GLU E 71 23.54 83.54 53.79
N LYS E 72 23.50 83.05 52.55
CA LYS E 72 24.27 83.64 51.47
C LYS E 72 23.51 83.43 50.17
N SER E 73 23.37 84.50 49.38
CA SER E 73 22.65 84.43 48.13
C SER E 73 23.52 84.60 46.89
N VAL E 74 23.00 84.14 45.76
CA VAL E 74 23.70 84.21 44.48
C VAL E 74 22.70 84.43 43.37
N LYS E 75 22.94 85.43 42.53
CA LYS E 75 22.04 85.72 41.43
C LYS E 75 22.61 85.22 40.11
N ALA E 76 21.80 84.44 39.39
CA ALA E 76 22.23 83.89 38.11
C ALA E 76 21.81 84.83 36.97
N GLU E 77 22.18 84.48 35.75
CA GLU E 77 21.82 85.29 34.59
C GLU E 77 20.31 85.23 34.43
N ASP E 78 19.73 84.13 34.92
CA ASP E 78 18.30 83.91 34.85
C ASP E 78 17.59 85.03 35.61
N GLY E 79 18.34 85.74 36.44
CA GLY E 79 17.77 86.82 37.23
C GLY E 79 17.31 86.25 38.55
N SER E 80 17.17 84.93 38.57
CA SER E 80 16.74 84.21 39.77
C SER E 80 17.88 84.17 40.77
N VAL E 81 17.54 83.99 42.05
CA VAL E 81 18.57 83.92 43.08
C VAL E 81 18.42 82.66 43.90
N SER E 82 19.56 82.07 44.26
CA SER E 82 19.58 80.86 45.08
C SER E 82 20.12 81.25 46.44
N VAL E 83 19.61 80.63 47.50
CA VAL E 83 20.07 80.94 48.84
C VAL E 83 20.40 79.66 49.58
N VAL E 84 21.46 79.69 50.37
CA VAL E 84 21.87 78.53 51.13
C VAL E 84 22.10 78.94 52.57
N GLN E 85 21.59 78.14 53.50
CA GLN E 85 21.76 78.42 54.91
C GLN E 85 21.68 77.11 55.70
N VAL E 86 22.72 76.82 56.46
CA VAL E 86 22.74 75.61 57.26
C VAL E 86 22.75 75.99 58.72
N GLU E 87 21.86 75.35 59.49
CA GLU E 87 21.77 75.64 60.91
C GLU E 87 21.57 74.37 61.72
N ASN E 88 22.42 74.18 62.71
CA ASN E 88 22.35 73.01 63.59
C ASN E 88 22.47 71.70 62.81
N GLY E 89 23.28 71.71 61.76
CA GLY E 89 23.48 70.50 60.99
C GLY E 89 22.48 70.21 59.88
N PHE E 90 21.47 71.06 59.72
CA PHE E 90 20.48 70.85 58.67
C PHE E 90 20.23 72.10 57.83
N MET E 91 19.93 71.87 56.56
CA MET E 91 19.65 72.94 55.64
C MET E 91 18.43 73.74 56.08
N LYS E 92 18.57 75.06 56.17
CA LYS E 92 17.46 75.92 56.56
C LYS E 92 16.92 76.62 55.33
N GLN E 93 17.80 76.83 54.35
CA GLN E 93 17.42 77.46 53.10
C GLN E 93 18.25 76.82 52.00
N GLY E 94 17.61 76.56 50.86
CA GLY E 94 18.29 75.94 49.75
C GLY E 94 17.42 74.85 49.15
N HIS E 95 18.02 73.99 48.34
CA HIS E 95 17.29 72.89 47.71
C HIS E 95 18.13 71.63 47.71
N ARG E 96 17.49 70.49 47.44
CA ARG E 96 18.24 69.23 47.38
C ARG E 96 19.00 69.19 46.04
N GLY E 97 20.13 68.50 46.02
CA GLY E 97 20.92 68.42 44.79
C GLY E 97 22.21 69.22 44.87
N TRP E 98 22.83 69.46 43.71
CA TRP E 98 24.07 70.22 43.67
C TRP E 98 23.80 71.68 43.94
N LEU E 99 24.55 72.27 44.86
CA LEU E 99 24.39 73.67 45.24
C LEU E 99 25.32 74.58 44.46
N VAL E 100 26.05 74.00 43.52
CA VAL E 100 26.98 74.73 42.68
C VAL E 100 26.73 74.30 41.25
N ASP E 101 26.89 75.21 40.30
CA ASP E 101 26.65 74.90 38.89
C ASP E 101 27.78 74.09 38.28
N LEU E 102 27.45 72.88 37.85
CA LEU E 102 28.43 71.99 37.23
C LEU E 102 28.19 71.83 35.74
N THR E 103 26.97 72.10 35.31
CA THR E 103 26.57 71.92 33.92
C THR E 103 26.51 73.15 33.02
N GLY E 104 26.44 74.33 33.61
CA GLY E 104 26.35 75.53 32.79
C GLY E 104 25.02 75.44 32.06
N GLU E 105 24.99 75.79 30.77
CA GLU E 105 23.74 75.70 30.05
C GLU E 105 23.64 74.41 29.24
N LEU E 106 24.59 73.51 29.49
CA LEU E 106 24.60 72.22 28.81
C LEU E 106 23.80 71.27 29.70
N VAL E 107 22.48 71.30 29.57
CA VAL E 107 21.62 70.45 30.38
C VAL E 107 20.93 69.38 29.55
N GLY E 108 20.43 68.35 30.22
CA GLY E 108 19.73 67.27 29.54
C GLY E 108 20.63 66.25 28.87
N CYS E 109 21.83 66.07 29.39
CA CYS E 109 22.77 65.10 28.83
C CYS E 109 22.89 63.84 29.67
N SER E 110 23.50 62.82 29.05
CA SER E 110 23.80 61.54 29.69
C SER E 110 25.30 61.40 29.34
N PRO E 111 26.15 62.20 30.00
CA PRO E 111 27.60 62.20 29.77
C PRO E 111 28.21 60.81 29.74
N VAL E 112 28.94 60.47 28.69
CA VAL E 112 29.55 59.16 28.60
C VAL E 112 30.51 59.01 29.78
N VAL E 113 30.37 57.91 30.51
CA VAL E 113 31.20 57.68 31.70
C VAL E 113 32.35 56.71 31.43
N ALA E 114 32.17 55.87 30.42
CA ALA E 114 33.20 54.89 30.09
C ALA E 114 32.84 54.11 28.85
N GLU E 115 33.78 53.31 28.40
CA GLU E 115 33.59 52.47 27.23
C GLU E 115 34.17 51.11 27.55
N PHE E 116 33.46 50.06 27.15
CA PHE E 116 33.89 48.71 27.45
C PHE E 116 33.28 47.73 26.46
N GLY E 117 34.06 46.72 26.06
CA GLY E 117 33.59 45.73 25.12
C GLY E 117 33.00 46.30 23.85
N GLY E 118 33.40 47.52 23.49
CA GLY E 118 32.87 48.13 22.28
C GLY E 118 31.60 48.94 22.45
N HIS E 119 31.19 49.18 23.69
CA HIS E 119 29.98 49.95 23.94
C HIS E 119 30.24 51.12 24.87
N ARG E 120 29.54 52.22 24.63
CA ARG E 120 29.67 53.39 25.48
C ARG E 120 28.60 53.30 26.55
N TYR E 121 28.96 53.65 27.79
CA TYR E 121 28.01 53.62 28.89
C TYR E 121 27.78 55.02 29.42
N ALA E 122 26.54 55.31 29.80
CA ALA E 122 26.20 56.63 30.31
C ALA E 122 26.38 56.77 31.81
N SER E 123 26.58 58.02 32.24
CA SER E 123 26.68 58.31 33.66
C SER E 123 25.22 58.45 34.13
N GLY E 124 25.02 58.74 35.41
CA GLY E 124 23.67 58.86 35.93
C GLY E 124 23.38 57.59 36.70
N MET E 125 22.11 57.23 36.86
CA MET E 125 21.83 56.00 37.59
C MET E 125 21.45 54.82 36.72
N VAL E 126 22.01 53.67 37.05
CA VAL E 126 21.74 52.43 36.36
C VAL E 126 21.13 51.45 37.34
N ILE E 127 19.92 50.99 37.06
CA ILE E 127 19.28 50.01 37.94
C ILE E 127 19.44 48.64 37.31
N VAL E 128 19.96 47.71 38.09
CA VAL E 128 20.16 46.34 37.65
C VAL E 128 19.09 45.52 38.33
N THR E 129 18.18 44.99 37.54
CA THR E 129 17.08 44.23 38.12
C THR E 129 16.64 43.08 37.24
N GLY E 130 15.40 42.64 37.45
CA GLY E 130 14.86 41.53 36.68
C GLY E 130 14.47 40.42 37.65
N LYS E 131 13.62 39.50 37.20
CA LYS E 131 13.22 38.42 38.07
C LYS E 131 13.72 37.15 37.43
N GLY E 132 14.55 36.41 38.16
CA GLY E 132 15.08 35.18 37.61
C GLY E 132 16.22 34.60 38.42
N ASN E 133 16.96 33.68 37.81
CA ASN E 133 18.08 33.05 38.47
C ASN E 133 19.37 33.89 38.49
N SER E 134 19.60 34.66 37.43
CA SER E 134 20.80 35.50 37.36
C SER E 134 20.88 36.45 38.55
N GLY E 135 21.99 36.37 39.29
CA GLY E 135 22.19 37.20 40.46
C GLY E 135 22.65 38.62 40.15
N LYS E 136 22.02 39.58 40.83
CA LYS E 136 22.35 40.98 40.62
C LYS E 136 23.67 41.41 41.25
N THR E 137 23.96 40.89 42.44
CA THR E 137 25.20 41.26 43.12
C THR E 137 26.47 40.99 42.29
N PRO E 138 26.60 39.78 41.70
CA PRO E 138 27.81 39.54 40.91
C PRO E 138 27.89 40.45 39.68
N LEU E 139 26.73 40.78 39.12
CA LEU E 139 26.68 41.63 37.94
C LEU E 139 27.08 43.08 38.24
N VAL E 140 26.61 43.65 39.34
CA VAL E 140 26.97 45.03 39.65
C VAL E 140 28.46 45.15 39.94
N HIS E 141 29.05 44.15 40.57
CA HIS E 141 30.49 44.22 40.84
C HIS E 141 31.31 44.06 39.56
N ALA E 142 30.84 43.24 38.64
CA ALA E 142 31.56 43.05 37.39
C ALA E 142 31.48 44.31 36.55
N LEU E 143 30.31 44.95 36.58
CA LEU E 143 30.10 46.16 35.79
C LEU E 143 30.90 47.31 36.41
N GLY E 144 31.02 47.28 37.74
CA GLY E 144 31.76 48.32 38.42
C GLY E 144 33.22 48.27 38.03
N GLU E 145 33.80 47.08 38.06
CA GLU E 145 35.20 46.90 37.71
C GLU E 145 35.44 47.24 36.24
N ALA E 146 34.53 46.79 35.36
CA ALA E 146 34.68 47.04 33.94
C ALA E 146 34.61 48.52 33.58
N LEU E 147 33.61 49.23 34.10
CA LEU E 147 33.50 50.64 33.79
C LEU E 147 34.57 51.43 34.54
N GLY E 148 35.05 50.88 35.65
CA GLY E 148 36.09 51.55 36.41
C GLY E 148 37.34 51.65 35.55
N GLY E 149 37.60 50.61 34.78
CA GLY E 149 38.77 50.57 33.91
C GLY E 149 40.09 50.67 34.67
N LYS E 150 40.75 51.81 34.53
CA LYS E 150 42.02 52.05 35.21
C LYS E 150 41.82 52.42 36.67
N ASP E 151 40.63 52.91 36.99
CA ASP E 151 40.33 53.33 38.35
C ASP E 151 39.55 52.28 39.12
N LYS E 152 39.65 52.33 40.44
CA LYS E 152 38.90 51.41 41.30
C LYS E 152 37.47 51.95 41.38
N TYR E 153 36.51 51.09 41.72
CA TYR E 153 35.15 51.55 41.85
C TYR E 153 34.81 51.56 43.33
N ALA E 154 33.88 52.42 43.72
CA ALA E 154 33.47 52.51 45.12
C ALA E 154 32.21 51.68 45.38
N THR E 155 32.18 51.01 46.52
CA THR E 155 31.03 50.18 46.86
C THR E 155 30.28 50.63 48.12
N VAL E 156 29.02 50.97 47.95
CA VAL E 156 28.16 51.38 49.06
C VAL E 156 27.29 50.16 49.39
N ARG E 157 27.37 49.67 50.63
CA ARG E 157 26.58 48.52 51.04
C ARG E 157 25.41 48.95 51.94
N PHE E 158 24.23 48.41 51.68
CA PHE E 158 23.05 48.79 52.47
C PHE E 158 21.93 47.75 52.54
N GLY E 159 21.38 47.59 53.74
CA GLY E 159 20.24 46.71 54.00
C GLY E 159 20.23 45.24 53.63
N GLU E 160 21.30 44.52 53.93
CA GLU E 160 21.33 43.09 53.62
C GLU E 160 21.74 42.41 54.93
N PRO E 161 21.17 41.22 55.22
CA PRO E 161 21.50 40.52 56.46
C PRO E 161 22.86 39.79 56.45
N LEU E 162 23.91 40.54 56.12
CA LEU E 162 25.28 40.03 56.04
C LEU E 162 26.19 40.89 56.95
N SER E 163 27.36 40.37 57.30
CA SER E 163 28.28 41.07 58.18
C SER E 163 28.75 42.41 57.64
N GLY E 164 28.85 43.39 58.55
CA GLY E 164 29.32 44.70 58.17
C GLY E 164 28.39 45.58 57.37
N TYR E 165 27.17 45.12 57.12
CA TYR E 165 26.23 45.91 56.34
C TYR E 165 25.49 46.95 57.17
N ASN E 166 25.56 48.21 56.72
CA ASN E 166 24.85 49.28 57.41
C ASN E 166 23.38 49.13 57.04
N THR E 167 22.49 49.41 57.99
CA THR E 167 21.06 49.30 57.71
C THR E 167 20.30 50.56 58.10
N ASP E 168 21.05 51.60 58.46
CA ASP E 168 20.49 52.89 58.85
C ASP E 168 20.50 53.83 57.64
N PHE E 169 19.31 54.23 57.20
CA PHE E 169 19.19 55.09 56.02
C PHE E 169 20.05 56.34 56.03
N ASN E 170 20.15 57.00 57.17
CA ASN E 170 20.94 58.21 57.23
C ASN E 170 22.43 58.01 57.01
N VAL E 171 22.97 56.86 57.40
CA VAL E 171 24.38 56.56 57.18
C VAL E 171 24.51 56.29 55.67
N PHE E 172 23.45 55.70 55.12
CA PHE E 172 23.41 55.37 53.70
C PHE E 172 23.56 56.60 52.78
N VAL E 173 22.76 57.64 53.03
CA VAL E 173 22.84 58.85 52.20
C VAL E 173 24.18 59.54 52.39
N ASP E 174 24.79 59.31 53.55
CA ASP E 174 26.09 59.89 53.83
C ASP E 174 27.12 59.19 52.95
N ASP E 175 27.04 57.86 52.85
CA ASP E 175 27.98 57.11 52.02
C ASP E 175 27.81 57.49 50.54
N ILE E 176 26.55 57.70 50.12
CA ILE E 176 26.28 58.04 48.72
C ILE E 176 26.82 59.43 48.35
N ALA E 177 26.60 60.40 49.23
CA ALA E 177 27.07 61.76 48.95
C ALA E 177 28.59 61.76 48.79
N ARG E 178 29.28 61.08 49.71
CA ARG E 178 30.74 61.01 49.66
C ARG E 178 31.19 60.32 48.39
N ALA E 179 30.53 59.23 48.04
CA ALA E 179 30.90 58.48 46.84
C ALA E 179 30.79 59.31 45.57
N MET E 180 29.70 60.04 45.41
CA MET E 180 29.51 60.87 44.21
C MET E 180 30.47 62.06 44.17
N LEU E 181 30.90 62.53 45.34
CA LEU E 181 31.82 63.64 45.40
C LEU E 181 33.25 63.19 45.08
N GLN E 182 33.54 61.92 45.32
CA GLN E 182 34.90 61.43 45.12
C GLN E 182 35.19 60.33 44.08
N HIS E 183 34.17 59.71 43.49
CA HIS E 183 34.45 58.66 42.51
C HIS E 183 33.55 58.67 41.29
N ARG E 184 34.11 58.17 40.19
CA ARG E 184 33.42 58.12 38.91
C ARG E 184 32.47 56.93 38.80
N VAL E 185 32.88 55.80 39.36
CA VAL E 185 32.09 54.57 39.29
C VAL E 185 31.71 54.09 40.67
N ILE E 186 30.41 54.04 40.92
CA ILE E 186 29.87 53.66 42.22
C ILE E 186 28.88 52.51 42.11
N VAL E 187 28.98 51.59 43.06
CA VAL E 187 28.09 50.43 43.12
C VAL E 187 27.30 50.51 44.43
N ILE E 188 25.98 50.38 44.35
CA ILE E 188 25.12 50.40 45.54
C ILE E 188 24.53 49.01 45.61
N ASP E 189 24.89 48.25 46.64
CA ASP E 189 24.31 46.93 46.70
C ASP E 189 23.13 46.90 47.61
N SER E 190 21.99 46.83 46.93
CA SER E 190 20.65 46.75 47.45
C SER E 190 19.92 48.07 47.63
N LEU E 191 19.02 48.33 46.70
CA LEU E 191 18.16 49.51 46.76
C LEU E 191 16.93 49.01 47.50
N LYS E 192 17.01 47.79 48.02
CA LYS E 192 15.93 47.18 48.79
C LYS E 192 15.70 48.12 49.99
N ASN E 193 14.68 47.88 50.79
CA ASN E 193 14.41 48.76 51.93
C ASN E 193 13.93 50.10 51.37
N VAL E 194 14.81 50.83 50.68
CA VAL E 194 14.39 52.07 50.05
C VAL E 194 13.52 51.54 48.91
N ILE E 195 12.58 52.33 48.41
CA ILE E 195 11.72 51.83 47.34
C ILE E 195 11.07 50.54 47.87
N ILE E 207 6.52 54.53 52.32
CA ILE E 207 7.93 54.86 52.11
C ILE E 207 8.24 56.22 52.74
N SER E 208 9.39 56.33 53.39
CA SER E 208 9.79 57.56 54.04
C SER E 208 10.07 58.68 53.03
N ARG E 209 10.03 59.93 53.49
CA ARG E 209 10.28 61.06 52.61
C ARG E 209 11.70 61.00 52.07
N GLY E 210 12.63 60.57 52.91
CA GLY E 210 14.02 60.47 52.47
C GLY E 210 14.18 59.48 51.33
N ALA E 211 13.56 58.31 51.48
CA ALA E 211 13.66 57.27 50.47
C ALA E 211 13.07 57.75 49.15
N PHE E 212 11.96 58.46 49.24
CA PHE E 212 11.29 59.00 48.06
C PHE E 212 12.14 60.08 47.39
N ASP E 213 12.75 60.95 48.20
CA ASP E 213 13.61 62.00 47.65
C ASP E 213 14.81 61.38 46.93
N LEU E 214 15.45 60.39 47.58
CA LEU E 214 16.62 59.73 47.03
C LEU E 214 16.31 59.14 45.66
N LEU E 215 15.21 58.40 45.58
CA LEU E 215 14.81 57.76 44.34
C LEU E 215 14.61 58.74 43.19
N SER E 216 14.12 59.94 43.49
CA SER E 216 13.89 60.92 42.43
C SER E 216 15.01 61.95 42.23
N ASP E 217 16.03 61.91 43.07
CA ASP E 217 17.12 62.86 42.98
C ASP E 217 18.42 62.27 42.44
N ILE E 218 18.75 61.07 42.88
CA ILE E 218 20.02 60.44 42.55
C ILE E 218 20.43 60.39 41.09
N GLY E 219 19.50 60.12 40.19
CA GLY E 219 19.84 60.06 38.78
C GLY E 219 20.35 61.37 38.24
N ALA E 220 19.66 62.47 38.56
CA ALA E 220 20.06 63.80 38.11
C ALA E 220 21.37 64.21 38.77
N MET E 221 21.55 63.87 40.05
CA MET E 221 22.79 64.22 40.74
C MET E 221 23.97 63.56 40.03
N ALA E 222 23.85 62.26 39.78
CA ALA E 222 24.92 61.51 39.12
C ALA E 222 25.21 61.98 37.69
N ALA E 223 24.16 62.19 36.89
CA ALA E 223 24.35 62.63 35.51
C ALA E 223 25.01 64.01 35.47
N SER E 224 24.69 64.86 36.45
CA SER E 224 25.28 66.19 36.50
C SER E 224 26.77 66.12 36.81
N ARG E 225 27.15 65.19 37.68
CA ARG E 225 28.55 65.03 38.08
C ARG E 225 29.35 64.31 37.00
N GLY E 226 28.67 63.40 36.29
CA GLY E 226 29.36 62.64 35.27
C GLY E 226 29.82 61.30 35.83
N CYS E 227 29.28 60.90 36.98
CA CYS E 227 29.62 59.61 37.58
C CYS E 227 28.46 58.66 37.35
N VAL E 228 28.71 57.36 37.51
CA VAL E 228 27.65 56.38 37.31
C VAL E 228 27.39 55.61 38.60
N VAL E 229 26.12 55.48 38.95
CA VAL E 229 25.70 54.76 40.16
C VAL E 229 24.99 53.50 39.69
N ILE E 230 25.61 52.35 39.96
CA ILE E 230 25.09 51.04 39.56
C ILE E 230 24.42 50.39 40.76
N ALA E 231 23.09 50.37 40.77
CA ALA E 231 22.32 49.83 41.89
C ALA E 231 21.52 48.57 41.61
N SER E 232 21.67 47.58 42.48
CA SER E 232 20.93 46.34 42.34
C SER E 232 19.58 46.50 43.01
N LEU E 233 18.56 45.92 42.39
CA LEU E 233 17.20 45.99 42.92
C LEU E 233 16.45 44.72 42.59
N ASN E 234 16.18 43.90 43.60
CA ASN E 234 15.43 42.67 43.35
C ASN E 234 13.93 42.92 43.48
N PRO E 235 13.17 42.54 42.45
CA PRO E 235 11.72 42.74 42.47
C PRO E 235 11.12 41.70 43.40
N THR E 236 11.77 41.54 44.55
CA THR E 236 11.39 40.60 45.59
C THR E 236 9.88 40.39 45.74
N SER E 237 9.28 41.15 46.64
CA SER E 237 7.85 41.06 46.89
C SER E 237 7.05 41.12 45.59
N ASN E 238 6.11 40.20 45.45
CA ASN E 238 5.25 40.17 44.26
C ASN E 238 3.96 40.91 44.60
N ASP E 239 4.08 41.89 45.49
CA ASP E 239 2.96 42.73 45.93
C ASP E 239 2.82 43.87 44.92
N ASP E 240 1.80 43.77 44.08
CA ASP E 240 1.55 44.75 43.03
C ASP E 240 1.66 46.23 43.38
N LYS E 241 1.78 46.57 44.66
CA LYS E 241 1.89 47.98 45.03
C LYS E 241 3.34 48.44 44.93
N ILE E 242 4.27 47.51 45.15
CA ILE E 242 5.69 47.84 45.06
C ILE E 242 6.29 47.27 43.78
N VAL E 243 5.60 46.32 43.16
CA VAL E 243 6.07 45.73 41.92
C VAL E 243 5.95 46.84 40.86
N GLU E 244 5.00 47.74 41.09
CA GLU E 244 4.77 48.84 40.18
C GLU E 244 5.73 49.97 40.54
N LEU E 245 6.20 49.95 41.78
CA LEU E 245 7.15 50.96 42.26
C LEU E 245 8.54 50.62 41.71
N VAL E 246 8.72 49.34 41.38
CA VAL E 246 9.97 48.86 40.82
C VAL E 246 10.00 49.16 39.32
N LYS E 247 8.87 48.94 38.66
CA LYS E 247 8.76 49.22 37.23
C LYS E 247 8.79 50.73 36.96
N GLU E 248 8.41 51.49 37.97
CA GLU E 248 8.39 52.94 37.86
C GLU E 248 9.79 53.48 38.07
N ALA E 249 10.43 53.00 39.11
CA ALA E 249 11.79 53.42 39.42
C ALA E 249 12.66 53.11 38.21
N SER E 250 12.49 51.91 37.67
CA SER E 250 13.27 51.48 36.52
C SER E 250 12.94 52.28 35.28
N ARG E 251 11.66 52.52 35.06
CA ARG E 251 11.22 53.26 33.89
C ARG E 251 11.56 54.73 33.89
N SER E 252 11.19 55.43 34.96
CA SER E 252 11.37 56.87 35.02
C SER E 252 12.47 57.48 35.86
N ASN E 253 13.04 56.73 36.78
CA ASN E 253 14.09 57.28 37.63
C ASN E 253 15.50 56.83 37.28
N SER E 254 15.64 56.03 36.23
CA SER E 254 16.94 55.52 35.83
C SER E 254 17.40 56.11 34.52
N THR E 255 18.70 56.33 34.40
CA THR E 255 19.26 56.87 33.18
C THR E 255 19.44 55.66 32.26
N SER E 256 19.81 54.54 32.85
CA SER E 256 20.01 53.30 32.10
C SER E 256 19.41 52.17 32.90
N LEU E 257 19.07 51.09 32.21
CA LEU E 257 18.49 49.91 32.83
C LEU E 257 19.23 48.66 32.37
N VAL E 258 19.52 47.75 33.28
CA VAL E 258 20.19 46.49 32.95
C VAL E 258 19.28 45.41 33.53
N ILE E 259 18.65 44.63 32.66
CA ILE E 259 17.73 43.58 33.10
C ILE E 259 18.11 42.18 32.60
N SER E 260 17.87 41.20 33.44
CA SER E 260 18.16 39.82 33.09
C SER E 260 17.15 39.30 32.08
N THR E 261 17.55 38.28 31.31
CA THR E 261 16.66 37.69 30.31
C THR E 261 16.36 36.24 30.68
N ASP E 262 15.69 35.53 29.80
CA ASP E 262 15.33 34.14 30.06
C ASP E 262 16.47 33.17 29.75
N VAL E 263 17.60 33.70 29.26
CA VAL E 263 18.77 32.89 28.96
C VAL E 263 19.79 33.15 30.07
N ASP E 264 20.27 32.09 30.70
CA ASP E 264 21.22 32.22 31.79
C ASP E 264 22.49 32.97 31.47
N GLY E 265 22.82 33.95 32.31
CA GLY E 265 24.01 34.74 32.12
C GLY E 265 23.88 35.91 31.17
N GLU E 266 22.74 36.00 30.49
CA GLU E 266 22.52 37.07 29.52
C GLU E 266 21.75 38.25 30.09
N TRP E 267 22.20 39.46 29.79
CA TRP E 267 21.55 40.66 30.28
C TRP E 267 21.32 41.64 29.14
N GLN E 268 20.34 42.50 29.32
CA GLN E 268 19.98 43.50 28.32
C GLN E 268 20.23 44.88 28.91
N VAL E 269 20.93 45.74 28.17
CA VAL E 269 21.22 47.08 28.62
C VAL E 269 20.41 48.09 27.80
N LEU E 270 19.59 48.90 28.48
CA LEU E 270 18.77 49.91 27.82
C LEU E 270 19.29 51.25 28.34
N THR E 271 19.75 52.12 27.46
CA THR E 271 20.29 53.38 27.91
C THR E 271 19.72 54.62 27.24
N ARG E 272 19.39 55.63 28.06
CA ARG E 272 18.86 56.89 27.57
C ARG E 272 20.08 57.75 27.23
N THR E 273 20.25 58.07 25.95
CA THR E 273 21.40 58.85 25.50
C THR E 273 21.29 60.37 25.70
N GLY E 274 20.12 60.83 26.10
CA GLY E 274 19.95 62.25 26.34
C GLY E 274 18.52 62.74 26.22
N GLU E 275 18.32 64.00 26.58
CA GLU E 275 17.01 64.64 26.53
C GLU E 275 16.41 64.58 25.13
N GLY E 276 15.31 63.84 25.00
CA GLY E 276 14.63 63.72 23.71
C GLY E 276 15.36 62.86 22.69
N LEU E 277 16.50 62.30 23.08
CA LEU E 277 17.26 61.45 22.18
C LEU E 277 16.78 60.01 22.23
N GLN E 278 17.33 59.17 21.36
CA GLN E 278 16.94 57.77 21.29
C GLN E 278 17.44 56.89 22.43
N ARG E 279 16.64 55.90 22.80
CA ARG E 279 17.03 54.97 23.85
C ARG E 279 17.71 53.80 23.11
N LEU E 280 18.95 53.50 23.47
CA LEU E 280 19.68 52.41 22.83
C LEU E 280 19.66 51.13 23.64
N THR E 281 19.96 50.02 22.97
CA THR E 281 19.99 48.74 23.62
C THR E 281 21.05 47.82 23.04
N HIS E 282 21.68 47.02 23.91
CA HIS E 282 22.67 46.04 23.47
C HIS E 282 22.64 44.89 24.49
N THR E 283 23.24 43.76 24.15
CA THR E 283 23.23 42.60 25.04
C THR E 283 24.59 42.28 25.64
N LEU E 284 24.57 41.62 26.80
CA LEU E 284 25.79 41.22 27.51
C LEU E 284 25.76 39.72 27.81
N GLN E 285 26.90 39.05 27.65
CA GLN E 285 27.01 37.63 27.97
C GLN E 285 27.97 37.57 29.14
N THR E 286 27.73 36.67 30.09
CA THR E 286 28.59 36.58 31.25
C THR E 286 28.83 35.14 31.71
N SER E 287 29.83 34.93 32.56
CA SER E 287 30.13 33.62 33.08
C SER E 287 30.87 33.74 34.42
N TYR E 288 30.71 32.72 35.26
CA TYR E 288 31.33 32.70 36.58
C TYR E 288 32.70 32.05 36.61
N GLY E 289 33.57 32.59 37.47
CA GLY E 289 34.91 32.05 37.64
C GLY E 289 34.92 31.42 39.01
N GLU E 290 36.01 31.59 39.75
CA GLU E 290 36.08 31.01 41.10
C GLU E 290 35.48 31.97 42.13
N HIS E 291 34.91 31.40 43.19
CA HIS E 291 34.28 32.17 44.27
C HIS E 291 33.18 33.10 43.75
N SER E 292 32.49 32.65 42.70
CA SER E 292 31.40 33.41 42.12
C SER E 292 31.77 34.77 41.51
N VAL E 293 33.02 34.93 41.11
CA VAL E 293 33.45 36.18 40.49
C VAL E 293 32.93 36.11 39.06
N LEU E 294 32.18 37.12 38.66
CA LEU E 294 31.56 37.15 37.34
C LEU E 294 32.38 37.93 36.33
N THR E 295 32.37 37.47 35.07
CA THR E 295 33.10 38.14 34.01
C THR E 295 32.16 38.48 32.87
N ILE E 296 32.29 39.70 32.34
CA ILE E 296 31.45 40.13 31.23
C ILE E 296 32.27 39.94 29.96
N HIS E 297 31.80 39.09 29.06
CA HIS E 297 32.52 38.84 27.82
C HIS E 297 32.49 40.05 26.90
N THR E 298 33.50 40.15 26.04
CA THR E 298 33.61 41.24 25.09
C THR E 298 33.90 40.67 23.71
N SER E 299 33.02 40.93 22.75
CA SER E 299 33.18 40.44 21.38
C SER E 299 34.61 40.53 20.86
N GLN E 306 21.56 49.95 19.15
CA GLN E 306 20.36 49.97 18.32
C GLN E 306 19.18 50.49 19.14
N ALA E 307 18.27 51.21 18.48
CA ALA E 307 17.12 51.80 19.15
C ALA E 307 16.01 50.80 19.49
N SER E 308 15.27 51.09 20.55
CA SER E 308 14.16 50.25 21.00
C SER E 308 12.96 51.16 21.30
N GLY E 309 11.88 51.00 20.55
CA GLY E 309 10.70 51.81 20.74
C GLY E 309 10.16 51.80 22.16
N LYS E 310 9.33 52.78 22.49
CA LYS E 310 8.75 52.88 23.83
C LYS E 310 7.83 51.69 24.11
N ALA E 311 7.29 51.11 23.04
CA ALA E 311 6.41 49.95 23.16
C ALA E 311 7.22 48.73 23.55
N ILE E 312 8.35 48.54 22.88
CA ILE E 312 9.24 47.40 23.16
C ILE E 312 9.80 47.56 24.57
N GLN E 313 9.90 48.80 25.02
CA GLN E 313 10.42 49.13 26.34
C GLN E 313 9.54 48.60 27.47
N THR E 314 8.23 48.81 27.37
CA THR E 314 7.31 48.33 28.41
C THR E 314 7.17 46.82 28.33
N VAL E 315 7.48 46.24 27.16
CA VAL E 315 7.40 44.78 27.01
C VAL E 315 8.50 44.21 27.89
N ILE E 316 9.56 44.99 28.06
CA ILE E 316 10.69 44.60 28.89
C ILE E 316 10.31 44.77 30.36
N LYS E 317 9.43 45.74 30.62
CA LYS E 317 8.97 46.03 31.97
C LYS E 317 8.09 44.96 32.61
N ASN E 318 7.17 44.39 31.86
CA ASN E 318 6.29 43.36 32.43
C ASN E 318 7.07 42.11 32.83
N ASP E 319 8.37 42.11 32.56
CA ASP E 319 9.23 40.99 32.95
C ASP E 319 9.30 41.00 34.47
N GLU E 320 9.41 42.21 35.03
CA GLU E 320 9.49 42.43 36.46
C GLU E 320 8.17 42.13 37.14
N LEU E 321 7.07 42.36 36.41
CA LEU E 321 5.74 42.11 36.94
C LEU E 321 5.69 40.62 37.30
N MET F 1 -14.08 87.40 42.16
CA MET F 1 -15.32 87.85 42.86
C MET F 1 -16.54 87.25 42.18
N ILE F 2 -17.72 87.55 42.70
CA ILE F 2 -18.94 87.03 42.10
C ILE F 2 -19.48 88.07 41.11
N HIS F 3 -20.18 87.61 40.08
CA HIS F 3 -20.75 88.49 39.05
C HIS F 3 -22.24 88.23 38.92
N LEU F 4 -22.99 89.30 38.64
CA LEU F 4 -24.44 89.20 38.48
C LEU F 4 -24.77 89.33 37.01
N TYR F 5 -25.82 88.65 36.57
CA TYR F 5 -26.23 88.68 35.17
C TYR F 5 -27.74 88.61 34.98
N ASP F 6 -28.15 89.04 33.79
CA ASP F 6 -29.53 88.95 33.32
C ASP F 6 -29.31 88.49 31.88
N ALA F 7 -30.37 88.15 31.16
CA ALA F 7 -30.21 87.66 29.81
C ALA F 7 -29.28 88.51 28.95
N LYS F 8 -29.47 89.82 29.00
CA LYS F 8 -28.66 90.73 28.20
C LYS F 8 -27.18 90.75 28.55
N SER F 9 -26.86 90.95 29.83
CA SER F 9 -25.45 90.99 30.25
C SER F 9 -24.79 89.63 29.99
N PHE F 10 -25.55 88.54 30.18
CA PHE F 10 -24.98 87.22 29.94
C PHE F 10 -24.62 87.05 28.46
N ALA F 11 -25.55 87.44 27.57
CA ALA F 11 -25.30 87.31 26.14
C ALA F 11 -24.06 88.10 25.72
N LYS F 12 -23.84 89.27 26.32
CA LYS F 12 -22.66 90.06 25.98
C LYS F 12 -21.40 89.32 26.42
N LEU F 13 -21.44 88.74 27.62
CA LEU F 13 -20.29 88.01 28.15
C LEU F 13 -19.90 86.89 27.18
N ARG F 14 -20.89 86.07 26.78
CA ARG F 14 -20.61 84.98 25.86
C ARG F 14 -20.00 85.47 24.54
N ALA F 15 -20.51 86.58 24.02
CA ALA F 15 -19.96 87.12 22.78
C ALA F 15 -18.50 87.54 22.98
N ALA F 16 -18.21 88.18 24.10
CA ALA F 16 -16.85 88.61 24.39
C ALA F 16 -15.93 87.40 24.56
N GLN F 17 -16.40 86.37 25.26
CA GLN F 17 -15.58 85.17 25.47
C GLN F 17 -15.28 84.55 24.14
N TYR F 18 -16.29 84.47 23.29
CA TYR F 18 -16.13 83.90 21.96
C TYR F 18 -15.04 84.64 21.19
N ALA F 19 -15.07 85.97 21.25
CA ALA F 19 -14.09 86.80 20.57
C ALA F 19 -12.68 86.64 21.11
N ALA F 20 -12.57 86.46 22.43
CA ALA F 20 -11.26 86.32 23.07
C ALA F 20 -10.44 85.17 22.46
N PHE F 21 -11.12 84.19 21.88
CA PHE F 21 -10.41 83.08 21.27
C PHE F 21 -10.41 83.12 19.74
N HIS F 22 -11.59 83.37 19.18
CA HIS F 22 -11.79 83.38 17.72
C HIS F 22 -11.36 84.61 16.91
N THR F 23 -11.54 85.82 17.45
CA THR F 23 -11.20 87.01 16.67
C THR F 23 -10.10 87.93 17.17
N ASP F 24 -9.88 88.01 18.48
CA ASP F 24 -8.81 88.87 19.00
C ASP F 24 -7.51 88.52 18.30
N ALA F 25 -6.56 89.44 18.30
CA ALA F 25 -5.27 89.17 17.67
C ALA F 25 -4.49 88.24 18.57
N PRO F 26 -3.90 87.18 18.01
CA PRO F 26 -3.12 86.21 18.78
C PRO F 26 -2.08 86.87 19.67
N GLY F 27 -2.13 86.57 20.96
CA GLY F 27 -1.17 87.13 21.89
C GLY F 27 -1.47 88.51 22.43
N SER F 28 -2.58 89.09 22.00
CA SER F 28 -2.91 90.42 22.47
C SER F 28 -3.22 90.43 23.97
N TRP F 29 -3.90 89.39 24.45
CA TRP F 29 -4.25 89.29 25.87
C TRP F 29 -2.98 89.26 26.74
N PHE F 30 -1.98 88.51 26.31
CA PHE F 30 -0.71 88.45 27.04
C PHE F 30 -0.14 89.86 27.15
N ASP F 31 -0.03 90.56 26.00
CA ASP F 31 0.51 91.93 25.98
C ASP F 31 -0.28 92.83 26.93
N HIS F 32 -1.60 92.69 26.93
CA HIS F 32 -2.39 93.50 27.83
C HIS F 32 -2.08 93.24 29.31
N THR F 33 -1.98 91.98 29.73
CA THR F 33 -1.69 91.70 31.13
C THR F 33 -0.27 92.13 31.47
N SER F 34 0.63 92.11 30.49
CA SER F 34 2.00 92.54 30.76
C SER F 34 1.91 94.01 31.18
N GLY F 35 1.03 94.75 30.51
CA GLY F 35 0.84 96.15 30.81
C GLY F 35 0.34 96.36 32.22
N VAL F 36 -0.69 95.61 32.59
CA VAL F 36 -1.25 95.71 33.93
C VAL F 36 -0.20 95.42 35.01
N LEU F 37 0.64 94.42 34.77
CA LEU F 37 1.66 94.07 35.74
C LEU F 37 2.73 95.15 35.87
N GLU F 38 3.10 95.78 34.75
CA GLU F 38 4.12 96.82 34.77
C GLU F 38 3.65 98.06 35.53
N SER F 39 2.34 98.27 35.57
CA SER F 39 1.78 99.44 36.25
C SER F 39 1.62 99.25 37.74
N VAL F 40 2.09 98.12 38.26
CA VAL F 40 1.99 97.85 39.69
C VAL F 40 3.00 98.67 40.50
N GLU F 41 2.59 99.07 41.70
CA GLU F 41 3.40 99.89 42.61
C GLU F 41 4.81 99.44 43.01
N ASP F 42 5.34 98.39 42.40
CA ASP F 42 6.69 97.92 42.76
C ASP F 42 6.65 97.40 44.20
N GLY F 43 7.19 96.20 44.42
CA GLY F 43 7.18 95.63 45.75
C GLY F 43 5.79 95.11 46.12
N THR F 44 4.83 95.37 45.25
CA THR F 44 3.45 94.93 45.45
C THR F 44 3.32 93.47 45.03
N PRO F 45 2.78 92.63 45.92
CA PRO F 45 2.60 91.21 45.62
C PRO F 45 1.66 91.01 44.43
N VAL F 46 2.06 90.19 43.46
CA VAL F 46 1.21 89.95 42.29
C VAL F 46 0.86 88.48 42.09
N LEU F 47 1.70 87.57 42.58
CA LEU F 47 1.47 86.15 42.38
C LEU F 47 1.82 85.30 43.62
N ALA F 48 0.92 84.38 43.96
CA ALA F 48 1.14 83.48 45.09
C ALA F 48 0.98 82.06 44.58
N ILE F 49 1.93 81.20 44.93
CA ILE F 49 1.90 79.81 44.49
C ILE F 49 2.31 78.87 45.63
N GLY F 50 1.70 77.69 45.69
CA GLY F 50 2.00 76.77 46.77
C GLY F 50 3.27 75.96 46.68
N VAL F 51 3.96 75.82 47.81
CA VAL F 51 5.16 75.01 47.86
C VAL F 51 4.74 73.62 48.37
N GLU F 52 5.68 72.69 48.39
CA GLU F 52 5.40 71.31 48.80
C GLU F 52 4.50 71.12 50.03
N SER F 53 4.79 71.86 51.09
CA SER F 53 4.05 71.76 52.34
C SER F 53 2.60 72.20 52.28
N GLY F 54 2.27 73.06 51.32
CA GLY F 54 0.91 73.57 51.22
C GLY F 54 0.90 75.07 51.50
N ASP F 55 2.00 75.58 52.04
CA ASP F 55 2.14 77.01 52.31
C ASP F 55 2.36 77.64 50.94
N ALA F 56 2.38 78.96 50.89
CA ALA F 56 2.58 79.66 49.63
C ALA F 56 3.67 80.74 49.68
N ILE F 57 4.39 80.89 48.58
CA ILE F 57 5.42 81.91 48.46
C ILE F 57 4.85 82.99 47.54
N VAL F 58 5.31 84.22 47.70
CA VAL F 58 4.80 85.34 46.91
C VAL F 58 5.87 86.06 46.09
N PHE F 59 5.47 86.56 44.92
CA PHE F 59 6.40 87.27 44.05
C PHE F 59 5.89 88.64 43.63
N ASP F 60 6.81 89.52 43.25
CA ASP F 60 6.44 90.84 42.76
C ASP F 60 6.47 90.78 41.24
N LYS F 61 6.09 91.88 40.59
CA LYS F 61 6.06 91.92 39.13
C LYS F 61 7.38 91.57 38.44
N ASN F 62 8.47 91.58 39.17
CA ASN F 62 9.77 91.27 38.59
C ASN F 62 10.23 89.86 38.93
N ALA F 63 9.29 89.01 39.31
CA ALA F 63 9.60 87.63 39.65
C ALA F 63 10.59 87.56 40.80
N GLN F 64 10.57 88.57 41.66
CA GLN F 64 11.46 88.56 42.81
C GLN F 64 10.58 88.16 43.99
N ARG F 65 11.09 87.23 44.81
CA ARG F 65 10.32 86.76 45.96
C ARG F 65 10.21 87.78 47.09
N ILE F 66 9.01 87.91 47.64
CA ILE F 66 8.74 88.84 48.73
C ILE F 66 8.77 88.11 50.06
N VAL F 67 9.66 88.55 50.95
CA VAL F 67 9.80 87.92 52.25
C VAL F 67 9.00 88.57 53.37
N ALA F 68 8.78 89.88 53.28
CA ALA F 68 8.02 90.59 54.31
C ALA F 68 7.12 91.64 53.69
N TYR F 69 5.87 91.67 54.14
CA TYR F 69 4.90 92.63 53.60
C TYR F 69 3.75 92.78 54.60
N LYS F 70 3.63 93.98 55.17
CA LYS F 70 2.60 94.26 56.15
C LYS F 70 1.20 94.22 55.58
N GLU F 71 0.28 93.71 56.40
CA GLU F 71 -1.12 93.58 56.02
C GLU F 71 -1.64 94.79 55.25
N LYS F 72 -2.34 94.51 54.15
CA LYS F 72 -2.92 95.56 53.32
C LYS F 72 -4.20 95.00 52.68
N SER F 73 -5.28 95.77 52.75
CA SER F 73 -6.55 95.35 52.19
C SER F 73 -6.99 96.16 50.98
N VAL F 74 -7.90 95.57 50.19
CA VAL F 74 -8.43 96.22 49.00
C VAL F 74 -9.88 95.80 48.82
N LYS F 75 -10.77 96.77 48.65
CA LYS F 75 -12.18 96.49 48.47
C LYS F 75 -12.57 96.61 47.01
N ALA F 76 -13.22 95.56 46.49
CA ALA F 76 -13.66 95.55 45.10
C ALA F 76 -15.09 96.06 44.99
N GLU F 77 -15.60 96.15 43.78
CA GLU F 77 -16.96 96.62 43.56
C GLU F 77 -17.91 95.59 44.14
N ASP F 78 -17.42 94.36 44.21
CA ASP F 78 -18.18 93.23 44.74
C ASP F 78 -18.52 93.52 46.20
N GLY F 79 -17.81 94.48 46.78
CA GLY F 79 -18.03 94.82 48.17
C GLY F 79 -17.10 93.98 49.02
N SER F 80 -16.60 92.91 48.41
CA SER F 80 -15.70 91.98 49.08
C SER F 80 -14.32 92.61 49.20
N VAL F 81 -13.54 92.15 50.18
CA VAL F 81 -12.20 92.69 50.37
C VAL F 81 -11.15 91.59 50.36
N SER F 82 -10.01 91.89 49.75
CA SER F 82 -8.92 90.93 49.69
C SER F 82 -7.81 91.47 50.57
N VAL F 83 -7.10 90.58 51.24
CA VAL F 83 -6.02 90.98 52.12
C VAL F 83 -4.75 90.19 51.81
N VAL F 84 -3.61 90.85 51.86
CA VAL F 84 -2.34 90.20 51.57
C VAL F 84 -1.36 90.54 52.69
N GLN F 85 -0.65 89.52 53.17
CA GLN F 85 0.33 89.71 54.22
C GLN F 85 1.38 88.63 54.13
N VAL F 86 2.64 89.05 54.00
CA VAL F 86 3.73 88.09 53.92
C VAL F 86 4.61 88.25 55.14
N GLU F 87 4.94 87.12 55.77
CA GLU F 87 5.76 87.15 56.96
C GLU F 87 6.76 86.00 56.97
N ASN F 88 8.02 86.34 57.13
CA ASN F 88 9.08 85.35 57.17
C ASN F 88 9.17 84.53 55.88
N GLY F 89 8.87 85.17 54.76
CA GLY F 89 8.96 84.47 53.48
C GLY F 89 7.73 83.68 53.05
N PHE F 90 6.69 83.66 53.87
CA PHE F 90 5.47 82.94 53.52
C PHE F 90 4.21 83.76 53.70
N MET F 91 3.24 83.52 52.84
CA MET F 91 1.97 84.21 52.89
C MET F 91 1.26 83.93 54.21
N LYS F 92 0.83 84.99 54.90
CA LYS F 92 0.12 84.85 56.16
C LYS F 92 -1.34 85.12 55.93
N GLN F 93 -1.63 85.96 54.94
CA GLN F 93 -2.99 86.28 54.56
C GLN F 93 -3.04 86.45 53.04
N GLY F 94 -4.11 85.94 52.43
CA GLY F 94 -4.26 86.02 51.00
C GLY F 94 -4.71 84.69 50.43
N HIS F 95 -4.57 84.51 49.12
CA HIS F 95 -4.96 83.27 48.47
C HIS F 95 -3.94 82.90 47.40
N ARG F 96 -4.02 81.68 46.90
CA ARG F 96 -3.10 81.25 45.85
C ARG F 96 -3.61 81.84 44.54
N GLY F 97 -2.70 82.10 43.60
CA GLY F 97 -3.10 82.69 42.33
C GLY F 97 -2.64 84.12 42.17
N TRP F 98 -3.20 84.81 41.19
CA TRP F 98 -2.86 86.21 40.93
C TRP F 98 -3.45 87.09 42.03
N LEU F 99 -2.62 87.94 42.60
CA LEU F 99 -3.05 88.82 43.69
C LEU F 99 -3.47 90.17 43.17
N VAL F 100 -3.45 90.32 41.86
CA VAL F 100 -3.84 91.57 41.19
C VAL F 100 -4.82 91.19 40.09
N ASP F 101 -5.80 92.05 39.85
CA ASP F 101 -6.80 91.78 38.82
C ASP F 101 -6.26 92.00 37.41
N LEU F 102 -6.23 90.92 36.63
CA LEU F 102 -5.73 90.98 35.25
C LEU F 102 -6.86 90.85 34.24
N THR F 103 -7.97 90.25 34.68
CA THR F 103 -9.10 89.98 33.79
C THR F 103 -10.29 90.93 33.84
N GLY F 104 -10.43 91.69 34.93
CA GLY F 104 -11.56 92.59 35.03
C GLY F 104 -12.79 91.70 35.11
N GLU F 105 -13.86 92.05 34.40
CA GLU F 105 -15.05 91.22 34.44
C GLU F 105 -15.13 90.29 33.24
N LEU F 106 -14.04 90.23 32.47
CA LEU F 106 -13.98 89.35 31.33
C LEU F 106 -13.39 88.03 31.82
N VAL F 107 -14.23 87.20 32.40
CA VAL F 107 -13.78 85.91 32.93
C VAL F 107 -14.30 84.74 32.13
N GLY F 108 -13.68 83.58 32.31
CA GLY F 108 -14.11 82.39 31.59
C GLY F 108 -13.63 82.29 30.16
N CYS F 109 -12.50 82.91 29.85
CA CYS F 109 -11.96 82.87 28.48
C CYS F 109 -10.76 81.94 28.35
N SER F 110 -10.41 81.67 27.10
CA SER F 110 -9.26 80.87 26.72
C SER F 110 -8.61 81.79 25.69
N PRO F 111 -8.00 82.90 26.15
CA PRO F 111 -7.34 83.89 25.29
C PRO F 111 -6.41 83.26 24.25
N VAL F 112 -6.62 83.60 22.98
CA VAL F 112 -5.76 83.04 21.94
C VAL F 112 -4.32 83.46 22.22
N VAL F 113 -3.42 82.50 22.25
CA VAL F 113 -2.01 82.76 22.53
C VAL F 113 -1.14 82.83 21.29
N ALA F 114 -1.59 82.18 20.23
CA ALA F 114 -0.85 82.18 18.99
C ALA F 114 -1.61 81.47 17.86
N GLU F 115 -1.03 81.55 16.67
CA GLU F 115 -1.61 80.92 15.50
C GLU F 115 -0.48 80.26 14.75
N PHE F 116 -0.72 79.05 14.27
CA PHE F 116 0.31 78.32 13.56
C PHE F 116 -0.32 77.28 12.63
N GLY F 117 0.27 77.10 11.46
CA GLY F 117 -0.24 76.14 10.50
C GLY F 117 -1.72 76.27 10.20
N GLY F 118 -2.26 77.47 10.38
CA GLY F 118 -3.68 77.68 10.12
C GLY F 118 -4.62 77.42 11.28
N HIS F 119 -4.07 77.20 12.47
CA HIS F 119 -4.90 76.94 13.65
C HIS F 119 -4.59 77.90 14.78
N ARG F 120 -5.63 78.27 15.53
CA ARG F 120 -5.45 79.14 16.68
C ARG F 120 -5.26 78.24 17.91
N TYR F 121 -4.33 78.63 18.78
CA TYR F 121 -4.07 77.87 19.99
C TYR F 121 -4.42 78.71 21.21
N ALA F 122 -4.97 78.06 22.23
CA ALA F 122 -5.36 78.75 23.44
C ALA F 122 -4.26 78.83 24.48
N SER F 123 -4.36 79.84 25.34
CA SER F 123 -3.42 80.02 26.43
C SER F 123 -3.98 79.11 27.54
N GLY F 124 -3.32 79.08 28.68
CA GLY F 124 -3.77 78.22 29.77
C GLY F 124 -2.84 77.02 29.78
N MET F 125 -3.28 75.90 30.32
CA MET F 125 -2.41 74.73 30.33
C MET F 125 -2.74 73.67 29.29
N VAL F 126 -1.70 73.16 28.66
CA VAL F 126 -1.81 72.15 27.64
C VAL F 126 -1.03 70.93 28.10
N ILE F 127 -1.72 69.82 28.26
CA ILE F 127 -1.04 68.59 28.65
C ILE F 127 -0.82 67.75 27.42
N VAL F 128 0.43 67.34 27.23
CA VAL F 128 0.82 66.51 26.10
C VAL F 128 1.04 65.11 26.67
N THR F 129 0.18 64.17 26.29
CA THR F 129 0.29 62.83 26.83
C THR F 129 -0.09 61.76 25.82
N GLY F 130 -0.44 60.58 26.34
CA GLY F 130 -0.81 59.48 25.48
C GLY F 130 0.12 58.32 25.76
N LYS F 131 -0.29 57.11 25.40
CA LYS F 131 0.57 55.96 25.64
C LYS F 131 0.94 55.42 24.28
N GLY F 132 2.23 55.36 24.00
CA GLY F 132 2.66 54.85 22.72
C GLY F 132 4.12 55.11 22.43
N ASN F 133 4.49 55.00 21.15
CA ASN F 133 5.86 55.22 20.73
C ASN F 133 6.25 56.69 20.58
N SER F 134 5.30 57.52 20.11
CA SER F 134 5.57 58.94 19.92
C SER F 134 6.06 59.59 21.22
N GLY F 135 7.24 60.21 21.14
CA GLY F 135 7.84 60.86 22.30
C GLY F 135 7.27 62.23 22.61
N LYS F 136 6.99 62.47 23.90
CA LYS F 136 6.43 63.74 24.33
C LYS F 136 7.44 64.87 24.35
N THR F 137 8.67 64.57 24.75
CA THR F 137 9.69 65.61 24.83
C THR F 137 9.92 66.33 23.50
N PRO F 138 10.11 65.59 22.39
CA PRO F 138 10.33 66.30 21.13
C PRO F 138 9.13 67.13 20.72
N LEU F 139 7.93 66.64 21.03
CA LEU F 139 6.70 67.35 20.69
C LEU F 139 6.53 68.67 21.46
N VAL F 140 6.79 68.66 22.76
CA VAL F 140 6.62 69.90 23.53
C VAL F 140 7.61 70.96 23.05
N HIS F 141 8.83 70.57 22.72
CA HIS F 141 9.80 71.54 22.23
C HIS F 141 9.43 72.08 20.85
N ALA F 142 8.85 71.25 20.00
CA ALA F 142 8.46 71.71 18.67
C ALA F 142 7.27 72.65 18.80
N LEU F 143 6.35 72.34 19.71
CA LEU F 143 5.18 73.17 19.89
C LEU F 143 5.57 74.49 20.54
N GLY F 144 6.58 74.44 21.39
CA GLY F 144 7.05 75.65 22.05
C GLY F 144 7.62 76.62 21.04
N GLU F 145 8.47 76.11 20.15
CA GLU F 145 9.08 76.94 19.14
C GLU F 145 8.04 77.48 18.18
N ALA F 146 7.10 76.63 17.78
CA ALA F 146 6.08 77.05 16.83
C ALA F 146 5.15 78.13 17.40
N LEU F 147 4.67 77.93 18.62
CA LEU F 147 3.77 78.92 19.22
C LEU F 147 4.57 80.15 19.65
N GLY F 148 5.87 79.97 19.88
CA GLY F 148 6.71 81.08 20.26
C GLY F 148 6.76 82.08 19.10
N GLY F 149 6.82 81.55 17.88
CA GLY F 149 6.86 82.39 16.68
C GLY F 149 8.10 83.27 16.62
N LYS F 150 7.88 84.57 16.80
CA LYS F 150 8.98 85.54 16.78
C LYS F 150 9.74 85.54 18.10
N ASP F 151 9.09 85.08 19.15
CA ASP F 151 9.69 85.05 20.48
C ASP F 151 10.24 83.69 20.85
N LYS F 152 11.22 83.68 21.75
CA LYS F 152 11.79 82.43 22.24
C LYS F 152 10.83 81.87 23.28
N TYR F 153 10.89 80.57 23.51
CA TYR F 153 10.02 79.98 24.52
C TYR F 153 10.88 79.63 25.73
N ALA F 154 10.26 79.60 26.91
CA ALA F 154 10.97 79.27 28.14
C ALA F 154 10.80 77.80 28.49
N THR F 155 11.88 77.17 28.96
CA THR F 155 11.84 75.78 29.31
C THR F 155 12.11 75.50 30.79
N VAL F 156 11.13 74.90 31.45
CA VAL F 156 11.27 74.53 32.86
C VAL F 156 11.52 73.03 32.89
N ARG F 157 12.65 72.62 33.46
CA ARG F 157 12.99 71.20 33.53
C ARG F 157 12.80 70.65 34.93
N PHE F 158 12.16 69.48 35.04
CA PHE F 158 11.90 68.90 36.35
C PHE F 158 11.77 67.38 36.41
N GLY F 159 12.39 66.79 37.43
CA GLY F 159 12.31 65.37 37.70
C GLY F 159 12.67 64.29 36.69
N GLU F 160 13.78 64.46 35.98
CA GLU F 160 14.19 63.47 35.00
C GLU F 160 15.64 63.11 35.36
N PRO F 161 16.01 61.82 35.23
CA PRO F 161 17.39 61.42 35.56
C PRO F 161 18.45 61.80 34.53
N LEU F 162 18.47 63.08 34.17
CA LEU F 162 19.42 63.62 33.21
C LEU F 162 20.21 64.78 33.85
N SER F 163 21.33 65.14 33.25
CA SER F 163 22.18 66.20 33.79
C SER F 163 21.50 67.56 33.88
N GLY F 164 21.80 68.27 34.96
CA GLY F 164 21.22 69.60 35.17
C GLY F 164 19.74 69.69 35.50
N TYR F 165 19.08 68.55 35.72
CA TYR F 165 17.66 68.58 36.03
C TYR F 165 17.39 68.79 37.52
N ASN F 166 16.59 69.79 37.83
CA ASN F 166 16.21 70.05 39.21
C ASN F 166 15.19 68.97 39.58
N THR F 167 15.23 68.51 40.83
CA THR F 167 14.28 67.50 41.27
C THR F 167 13.58 67.90 42.55
N ASP F 168 13.83 69.13 42.99
CA ASP F 168 13.24 69.68 44.21
C ASP F 168 11.99 70.47 43.86
N PHE F 169 10.83 70.02 44.34
CA PHE F 169 9.56 70.66 44.02
C PHE F 169 9.52 72.15 44.28
N ASN F 170 10.13 72.61 45.38
CA ASN F 170 10.09 74.04 45.67
C ASN F 170 10.87 74.91 44.68
N VAL F 171 11.94 74.38 44.10
CA VAL F 171 12.68 75.13 43.09
C VAL F 171 11.80 75.15 41.84
N PHE F 172 11.05 74.06 41.64
CA PHE F 172 10.17 73.91 40.51
C PHE F 172 9.08 75.00 40.44
N VAL F 173 8.37 75.22 41.54
CA VAL F 173 7.31 76.22 41.54
C VAL F 173 7.92 77.61 41.39
N ASP F 174 9.18 77.74 41.80
CA ASP F 174 9.87 79.01 41.67
C ASP F 174 10.12 79.28 40.17
N ASP F 175 10.58 78.25 39.45
CA ASP F 175 10.82 78.39 38.01
C ASP F 175 9.51 78.68 37.27
N ILE F 176 8.43 78.04 37.69
CA ILE F 176 7.14 78.24 37.04
C ILE F 176 6.59 79.64 37.24
N ALA F 177 6.66 80.15 38.47
CA ALA F 177 6.16 81.49 38.75
C ALA F 177 6.92 82.51 37.90
N ARG F 178 8.24 82.41 37.88
CA ARG F 178 9.04 83.32 37.09
C ARG F 178 8.70 83.23 35.60
N ALA F 179 8.54 82.01 35.11
CA ALA F 179 8.22 81.81 33.69
C ALA F 179 6.89 82.46 33.30
N MET F 180 5.86 82.29 34.11
CA MET F 180 4.56 82.88 33.79
C MET F 180 4.56 84.40 33.93
N LEU F 181 5.44 84.92 34.77
CA LEU F 181 5.52 86.36 34.94
C LEU F 181 6.28 87.00 33.79
N GLN F 182 7.16 86.25 33.15
CA GLN F 182 7.99 86.81 32.09
C GLN F 182 7.89 86.29 30.65
N HIS F 183 7.15 85.21 30.40
CA HIS F 183 7.07 84.70 29.04
C HIS F 183 5.69 84.23 28.61
N ARG F 184 5.44 84.32 27.31
CA ARG F 184 4.16 83.93 26.73
C ARG F 184 4.05 82.42 26.48
N VAL F 185 5.17 81.80 26.10
CA VAL F 185 5.20 80.39 25.79
C VAL F 185 6.18 79.66 26.69
N ILE F 186 5.61 78.74 27.48
CA ILE F 186 6.39 77.98 28.44
C ILE F 186 6.25 76.47 28.25
N VAL F 187 7.37 75.77 28.37
CA VAL F 187 7.39 74.33 28.26
C VAL F 187 7.85 73.75 29.60
N ILE F 188 7.09 72.78 30.10
CA ILE F 188 7.45 72.11 31.36
C ILE F 188 7.78 70.68 30.96
N ASP F 189 9.02 70.26 31.11
CA ASP F 189 9.29 68.91 30.74
C ASP F 189 9.28 68.02 31.95
N SER F 190 8.20 67.25 31.97
CA SER F 190 7.86 66.25 32.96
C SER F 190 7.02 66.71 34.12
N LEU F 191 5.73 66.39 34.04
CA LEU F 191 4.80 66.68 35.11
C LEU F 191 4.83 65.43 35.98
N LYS F 192 5.76 64.54 35.67
CA LYS F 192 5.94 63.30 36.42
C LYS F 192 6.28 63.74 37.85
N ASN F 193 6.36 62.80 38.79
CA ASN F 193 6.66 63.17 40.18
C ASN F 193 5.42 63.90 40.71
N VAL F 194 5.13 65.08 40.18
CA VAL F 194 3.91 65.77 40.59
C VAL F 194 2.84 64.89 39.95
N ILE F 195 1.62 64.90 40.46
CA ILE F 195 0.59 64.05 39.88
C ILE F 195 1.14 62.62 39.89
N ILE F 207 0.04 62.11 47.31
CA ILE F 207 0.54 63.32 46.64
C ILE F 207 0.58 64.48 47.65
N SER F 208 1.65 65.27 47.61
CA SER F 208 1.82 66.40 48.51
C SER F 208 0.79 67.49 48.25
N ARG F 209 0.56 68.34 49.24
CA ARG F 209 -0.40 69.43 49.11
C ARG F 209 0.04 70.39 48.00
N GLY F 210 1.34 70.63 47.90
CA GLY F 210 1.86 71.52 46.88
C GLY F 210 1.57 71.00 45.48
N ALA F 211 1.83 69.71 45.27
CA ALA F 211 1.60 69.09 43.96
C ALA F 211 0.13 69.17 43.58
N PHE F 212 -0.74 68.95 44.56
CA PHE F 212 -2.17 68.99 44.33
C PHE F 212 -2.63 70.42 44.02
N ASP F 213 -2.08 71.40 44.74
CA ASP F 213 -2.44 72.79 44.50
C ASP F 213 -2.01 73.20 43.08
N LEU F 214 -0.78 72.85 42.71
CA LEU F 214 -0.24 73.19 41.41
C LEU F 214 -1.13 72.67 40.28
N LEU F 215 -1.49 71.40 40.39
CA LEU F 215 -2.33 70.76 39.39
C LEU F 215 -3.67 71.45 39.20
N SER F 216 -4.24 71.99 40.26
CA SER F 216 -5.53 72.64 40.14
C SER F 216 -5.48 74.17 40.00
N ASP F 217 -4.28 74.75 40.09
CA ASP F 217 -4.13 76.20 39.98
C ASP F 217 -3.52 76.68 38.66
N ILE F 218 -2.51 75.97 38.19
CA ILE F 218 -1.77 76.38 37.00
C ILE F 218 -2.56 76.74 35.75
N GLY F 219 -3.63 76.00 35.46
CA GLY F 219 -4.41 76.31 34.27
C GLY F 219 -5.06 77.67 34.33
N ALA F 220 -5.66 78.00 35.46
CA ALA F 220 -6.33 79.28 35.64
C ALA F 220 -5.31 80.41 35.68
N MET F 221 -4.15 80.15 36.29
CA MET F 221 -3.12 81.17 36.38
C MET F 221 -2.66 81.55 34.97
N ALA F 222 -2.37 80.55 34.16
CA ALA F 222 -1.91 80.74 32.79
C ALA F 222 -2.96 81.41 31.91
N ALA F 223 -4.20 80.94 31.97
CA ALA F 223 -5.27 81.51 31.14
C ALA F 223 -5.51 82.96 31.50
N SER F 224 -5.37 83.30 32.78
CA SER F 224 -5.56 84.66 33.23
C SER F 224 -4.47 85.60 32.70
N ARG F 225 -3.24 85.09 32.62
CA ARG F 225 -2.11 85.88 32.13
C ARG F 225 -2.13 85.96 30.61
N GLY F 226 -2.61 84.89 29.97
CA GLY F 226 -2.64 84.87 28.52
C GLY F 226 -1.41 84.14 27.99
N CYS F 227 -0.73 83.40 28.86
CA CYS F 227 0.45 82.62 28.43
C CYS F 227 0.04 81.15 28.33
N VAL F 228 0.85 80.34 27.66
CA VAL F 228 0.53 78.94 27.51
C VAL F 228 1.61 78.07 28.13
N VAL F 229 1.19 77.11 28.94
CA VAL F 229 2.11 76.19 29.59
C VAL F 229 1.93 74.82 28.93
N ILE F 230 2.97 74.36 28.26
CA ILE F 230 2.96 73.09 27.53
C ILE F 230 3.72 72.05 28.35
N ALA F 231 2.97 71.14 28.99
CA ALA F 231 3.56 70.14 29.87
C ALA F 231 3.44 68.69 29.40
N SER F 232 4.57 67.98 29.40
CA SER F 232 4.59 66.57 29.01
C SER F 232 4.23 65.73 30.23
N LEU F 233 3.47 64.67 30.00
CA LEU F 233 3.04 63.78 31.06
C LEU F 233 2.92 62.37 30.51
N ASN F 234 3.82 61.48 30.93
CA ASN F 234 3.75 60.10 30.47
C ASN F 234 2.90 59.28 31.42
N PRO F 235 1.88 58.58 30.88
CA PRO F 235 0.99 57.75 31.70
C PRO F 235 1.76 56.50 32.11
N THR F 236 3.01 56.72 32.49
CA THR F 236 3.94 55.68 32.92
C THR F 236 3.27 54.52 33.65
N SER F 237 3.25 54.59 34.97
CA SER F 237 2.65 53.55 35.80
C SER F 237 1.26 53.18 35.31
N ASN F 238 1.01 51.88 35.19
CA ASN F 238 -0.29 51.39 34.77
C ASN F 238 -1.09 51.03 36.01
N ASP F 239 -0.81 51.76 37.08
CA ASP F 239 -1.48 51.60 38.37
C ASP F 239 -2.76 52.43 38.33
N ASP F 240 -3.89 51.76 38.19
CA ASP F 240 -5.20 52.40 38.09
C ASP F 240 -5.52 53.54 39.06
N LYS F 241 -4.68 53.75 40.08
CA LYS F 241 -4.96 54.84 41.01
C LYS F 241 -4.40 56.15 40.47
N ILE F 242 -3.32 56.08 39.70
CA ILE F 242 -2.73 57.28 39.13
C ILE F 242 -3.07 57.37 37.65
N VAL F 243 -3.49 56.26 37.05
CA VAL F 243 -3.87 56.24 35.64
C VAL F 243 -5.14 57.07 35.53
N GLU F 244 -5.89 57.09 36.62
CA GLU F 244 -7.14 57.84 36.67
C GLU F 244 -6.82 59.28 37.06
N LEU F 245 -5.67 59.47 37.70
CA LEU F 245 -5.24 60.81 38.09
C LEU F 245 -4.71 61.52 36.85
N VAL F 246 -4.29 60.74 35.86
CA VAL F 246 -3.77 61.27 34.60
C VAL F 246 -4.94 61.65 33.72
N LYS F 247 -5.96 60.80 33.68
CA LYS F 247 -7.14 61.05 32.87
C LYS F 247 -7.96 62.19 33.47
N GLU F 248 -7.80 62.41 34.76
CA GLU F 248 -8.51 63.47 35.45
C GLU F 248 -7.79 64.80 35.20
N ALA F 249 -6.48 64.80 35.37
CA ALA F 249 -5.68 65.98 35.14
C ALA F 249 -5.92 66.44 33.70
N SER F 250 -5.87 65.49 32.77
CA SER F 250 -6.06 65.79 31.36
C SER F 250 -7.46 66.27 31.06
N ARG F 251 -8.45 65.62 31.68
CA ARG F 251 -9.84 65.96 31.44
C ARG F 251 -10.29 67.29 32.05
N SER F 252 -10.03 67.47 33.34
CA SER F 252 -10.50 68.66 34.04
C SER F 252 -9.53 69.77 34.41
N ASN F 253 -8.24 69.50 34.40
CA ASN F 253 -7.29 70.53 34.79
C ASN F 253 -6.54 71.16 33.61
N SER F 254 -6.86 70.74 32.41
CA SER F 254 -6.21 71.26 31.22
C SER F 254 -7.14 72.14 30.39
N THR F 255 -6.58 73.18 29.80
CA THR F 255 -7.36 74.06 28.95
C THR F 255 -7.41 73.38 27.57
N SER F 256 -6.30 72.72 27.21
CA SER F 256 -6.19 72.01 25.95
C SER F 256 -5.46 70.71 26.22
N LEU F 257 -5.66 69.76 25.32
CA LEU F 257 -5.05 68.45 25.42
C LEU F 257 -4.43 68.08 24.07
N VAL F 258 -3.24 67.49 24.10
CA VAL F 258 -2.57 67.05 22.90
C VAL F 258 -2.21 65.58 23.16
N ILE F 259 -2.85 64.68 22.45
CA ILE F 259 -2.61 63.24 22.65
C ILE F 259 -2.16 62.51 21.40
N SER F 260 -1.27 61.55 21.58
CA SER F 260 -0.76 60.75 20.47
C SER F 260 -1.83 59.78 19.97
N THR F 261 -1.71 59.34 18.73
CA THR F 261 -2.67 58.41 18.15
C THR F 261 -1.97 57.12 17.79
N ASP F 262 -2.68 56.21 17.14
CA ASP F 262 -2.10 54.93 16.76
C ASP F 262 -1.26 55.02 15.49
N VAL F 263 -1.21 56.20 14.88
CA VAL F 263 -0.42 56.41 13.69
C VAL F 263 0.83 57.18 14.10
N ASP F 264 2.00 56.67 13.74
CA ASP F 264 3.26 57.29 14.12
C ASP F 264 3.42 58.72 13.66
N GLY F 265 3.80 59.59 14.60
CA GLY F 265 4.01 60.99 14.31
C GLY F 265 2.77 61.84 14.31
N GLU F 266 1.60 61.22 14.44
CA GLU F 266 0.33 61.95 14.43
C GLU F 266 -0.21 62.26 15.83
N TRP F 267 -0.67 63.48 16.03
CA TRP F 267 -1.21 63.89 17.32
C TRP F 267 -2.55 64.56 17.15
N GLN F 268 -3.37 64.49 18.19
CA GLN F 268 -4.70 65.09 18.19
C GLN F 268 -4.73 66.22 19.21
N VAL F 269 -5.23 67.39 18.81
CA VAL F 269 -5.32 68.56 19.68
C VAL F 269 -6.78 68.83 20.03
N LEU F 270 -7.10 68.84 21.31
CA LEU F 270 -8.47 69.08 21.78
C LEU F 270 -8.38 70.37 22.59
N THR F 271 -9.10 71.39 22.19
CA THR F 271 -9.01 72.64 22.92
C THR F 271 -10.34 73.24 23.38
N ARG F 272 -10.36 73.67 24.63
CA ARG F 272 -11.56 74.30 25.22
C ARG F 272 -11.48 75.78 24.85
N THR F 273 -12.44 76.24 24.04
CA THR F 273 -12.43 77.64 23.59
C THR F 273 -13.00 78.65 24.56
N GLY F 274 -13.60 78.18 25.64
CA GLY F 274 -14.12 79.11 26.61
C GLY F 274 -15.20 78.52 27.49
N GLU F 275 -15.59 79.29 28.49
CA GLU F 275 -16.63 78.89 29.43
C GLU F 275 -17.94 78.56 28.72
N GLY F 276 -18.33 77.29 28.78
CA GLY F 276 -19.58 76.88 28.14
C GLY F 276 -19.52 76.81 26.63
N LEU F 277 -18.36 77.11 26.06
CA LEU F 277 -18.21 77.08 24.61
C LEU F 277 -17.85 75.68 24.13
N GLN F 278 -17.79 75.51 22.81
CA GLN F 278 -17.47 74.22 22.21
C GLN F 278 -16.01 73.81 22.30
N ARG F 279 -15.76 72.51 22.45
CA ARG F 279 -14.40 72.00 22.50
C ARG F 279 -14.05 71.65 21.05
N LEU F 280 -12.95 72.22 20.54
CA LEU F 280 -12.56 71.97 19.16
C LEU F 280 -11.45 70.93 19.06
N THR F 281 -11.29 70.38 17.87
CA THR F 281 -10.26 69.38 17.63
C THR F 281 -9.66 69.47 16.23
N HIS F 282 -8.35 69.23 16.12
CA HIS F 282 -7.69 69.20 14.83
C HIS F 282 -6.49 68.25 14.95
N THR F 283 -5.91 67.87 13.83
CA THR F 283 -4.79 66.92 13.84
C THR F 283 -3.47 67.53 13.43
N LEU F 284 -2.39 66.92 13.90
CA LEU F 284 -1.04 67.36 13.60
C LEU F 284 -0.20 66.21 13.06
N GLN F 285 0.61 66.49 12.04
CA GLN F 285 1.50 65.49 11.47
C GLN F 285 2.92 65.99 11.78
N THR F 286 3.83 65.08 12.07
CA THR F 286 5.18 65.49 12.43
C THR F 286 6.25 64.55 11.89
N SER F 287 7.49 65.01 11.88
CA SER F 287 8.60 64.18 11.42
C SER F 287 9.90 64.63 12.06
N TYR F 288 10.85 63.71 12.18
CA TYR F 288 12.13 63.99 12.79
C TYR F 288 13.21 64.43 11.81
N GLY F 289 14.06 65.33 12.27
CA GLY F 289 15.18 65.82 11.47
C GLY F 289 16.42 65.24 12.11
N GLU F 290 17.50 66.01 12.17
CA GLU F 290 18.73 65.52 12.78
C GLU F 290 18.73 65.73 14.30
N HIS F 291 19.39 64.82 15.02
CA HIS F 291 19.48 64.88 16.47
C HIS F 291 18.10 64.88 17.13
N SER F 292 17.17 64.18 16.51
CA SER F 292 15.81 64.06 17.04
C SER F 292 15.02 65.37 17.12
N VAL F 293 15.37 66.36 16.32
CA VAL F 293 14.63 67.62 16.32
C VAL F 293 13.36 67.35 15.55
N LEU F 294 12.22 67.63 16.16
CA LEU F 294 10.92 67.36 15.56
C LEU F 294 10.34 68.57 14.85
N THR F 295 9.64 68.33 13.76
CA THR F 295 9.00 69.41 13.01
C THR F 295 7.51 69.14 12.84
N ILE F 296 6.70 70.16 13.08
CA ILE F 296 5.26 70.03 12.91
C ILE F 296 4.89 70.55 11.52
N HIS F 297 4.36 69.68 10.66
CA HIS F 297 4.00 70.09 9.31
C HIS F 297 2.81 71.05 9.31
N THR F 298 2.74 71.88 8.28
CA THR F 298 1.65 72.84 8.13
C THR F 298 1.08 72.73 6.71
N SER F 299 -0.21 72.43 6.61
CA SER F 299 -0.88 72.28 5.32
C SER F 299 -0.48 73.36 4.32
N GLN F 306 -13.05 71.73 14.37
CA GLN F 306 -14.32 71.02 14.39
C GLN F 306 -14.63 70.53 15.81
N ALA F 307 -15.91 70.53 16.17
CA ALA F 307 -16.33 70.13 17.51
C ALA F 307 -16.30 68.63 17.77
N SER F 308 -16.08 68.24 19.02
CA SER F 308 -16.05 66.84 19.43
C SER F 308 -16.88 66.70 20.70
N GLY F 309 -17.96 65.92 20.61
CA GLY F 309 -18.83 65.71 21.75
C GLY F 309 -18.12 65.22 22.99
N LYS F 310 -18.78 65.35 24.14
CA LYS F 310 -18.20 64.92 25.40
C LYS F 310 -18.02 63.41 25.42
N ALA F 311 -18.82 62.71 24.63
CA ALA F 311 -18.75 61.26 24.54
C ALA F 311 -17.48 60.86 23.79
N ILE F 312 -17.24 61.54 22.67
CA ILE F 312 -16.06 61.26 21.84
C ILE F 312 -14.81 61.62 22.64
N GLN F 313 -14.98 62.57 23.55
CA GLN F 313 -13.90 63.05 24.40
C GLN F 313 -13.36 61.96 25.33
N THR F 314 -14.26 61.26 26.01
CA THR F 314 -13.85 60.20 26.93
C THR F 314 -13.34 58.99 26.15
N VAL F 315 -13.73 58.86 24.89
CA VAL F 315 -13.27 57.77 24.05
C VAL F 315 -11.78 58.00 23.84
N ILE F 316 -11.39 59.27 23.84
CA ILE F 316 -10.00 59.66 23.67
C ILE F 316 -9.25 59.39 24.98
N LYS F 317 -9.97 59.50 26.09
CA LYS F 317 -9.41 59.29 27.41
C LYS F 317 -8.98 57.86 27.73
N ASN F 318 -9.80 56.88 27.35
CA ASN F 318 -9.43 55.49 27.64
C ASN F 318 -8.19 55.04 26.88
N ASP F 319 -7.63 55.93 26.08
CA ASP F 319 -6.41 55.64 25.33
C ASP F 319 -5.29 55.58 26.37
N GLU F 320 -5.36 56.48 27.34
CA GLU F 320 -4.39 56.59 28.42
C GLU F 320 -4.52 55.41 29.37
N LEU F 321 -5.75 54.92 29.53
CA LEU F 321 -6.02 53.79 30.41
C LEU F 321 -5.17 52.63 29.90
N MET G 1 -28.24 38.30 -6.87
CA MET G 1 -27.08 38.06 -7.77
C MET G 1 -25.98 39.07 -7.45
N ILE G 2 -24.87 39.00 -8.19
CA ILE G 2 -23.79 39.94 -7.98
C ILE G 2 -23.94 41.10 -8.98
N HIS G 3 -23.46 42.28 -8.61
CA HIS G 3 -23.56 43.47 -9.46
C HIS G 3 -22.19 44.07 -9.65
N LEU G 4 -21.95 44.62 -10.84
CA LEU G 4 -20.68 45.24 -11.15
C LEU G 4 -20.85 46.76 -11.15
N TYR G 5 -19.80 47.48 -10.77
CA TYR G 5 -19.87 48.94 -10.73
C TYR G 5 -18.56 49.61 -11.08
N ASP G 6 -18.68 50.88 -11.45
CA ASP G 6 -17.55 51.76 -11.71
C ASP G 6 -18.00 53.02 -10.98
N ALA G 7 -17.15 54.04 -10.90
CA ALA G 7 -17.52 55.25 -10.19
C ALA G 7 -18.91 55.78 -10.58
N LYS G 8 -19.18 55.86 -11.89
CA LYS G 8 -20.45 56.38 -12.38
C LYS G 8 -21.68 55.57 -12.00
N SER G 9 -21.64 54.27 -12.27
CA SER G 9 -22.79 53.42 -11.92
C SER G 9 -23.00 53.39 -10.41
N PHE G 10 -21.92 53.43 -9.65
CA PHE G 10 -22.04 53.41 -8.19
C PHE G 10 -22.73 54.67 -7.70
N ALA G 11 -22.31 55.82 -8.22
CA ALA G 11 -22.90 57.09 -7.84
C ALA G 11 -24.40 57.12 -8.12
N LYS G 12 -24.81 56.52 -9.24
CA LYS G 12 -26.23 56.49 -9.58
C LYS G 12 -26.98 55.63 -8.58
N LEU G 13 -26.40 54.50 -8.21
CA LEU G 13 -27.02 53.61 -7.25
C LEU G 13 -27.28 54.33 -5.92
N ARG G 14 -26.26 55.01 -5.42
CA ARG G 14 -26.42 55.73 -4.16
C ARG G 14 -27.50 56.79 -4.24
N ALA G 15 -27.58 57.49 -5.37
CA ALA G 15 -28.61 58.52 -5.54
C ALA G 15 -29.99 57.87 -5.51
N ALA G 16 -30.12 56.73 -6.18
CA ALA G 16 -31.40 56.03 -6.21
C ALA G 16 -31.78 55.53 -4.82
N GLN G 17 -30.80 54.97 -4.11
CA GLN G 17 -31.07 54.46 -2.75
C GLN G 17 -31.53 55.60 -1.86
N TYR G 18 -30.84 56.74 -1.97
CA TYR G 18 -31.20 57.91 -1.18
C TYR G 18 -32.65 58.32 -1.45
N ALA G 19 -33.04 58.31 -2.72
CA ALA G 19 -34.39 58.69 -3.11
C ALA G 19 -35.45 57.70 -2.63
N ALA G 20 -35.10 56.42 -2.60
CA ALA G 20 -36.04 55.38 -2.16
C ALA G 20 -36.56 55.63 -0.74
N PHE G 21 -35.80 56.36 0.06
CA PHE G 21 -36.24 56.65 1.41
C PHE G 21 -36.70 58.10 1.59
N HIS G 22 -35.90 59.03 1.07
CA HIS G 22 -36.16 60.47 1.21
C HIS G 22 -37.19 61.15 0.32
N THR G 23 -37.28 60.75 -0.96
CA THR G 23 -38.20 61.43 -1.86
C THR G 23 -39.36 60.63 -2.46
N ASP G 24 -39.20 59.33 -2.66
CA ASP G 24 -40.28 58.53 -3.22
C ASP G 24 -41.54 58.75 -2.38
N ALA G 25 -42.69 58.47 -2.96
CA ALA G 25 -43.94 58.63 -2.25
C ALA G 25 -44.07 57.48 -1.25
N PRO G 26 -44.40 57.79 0.01
CA PRO G 26 -44.56 56.76 1.05
C PRO G 26 -45.45 55.61 0.61
N GLY G 27 -44.93 54.38 0.70
CA GLY G 27 -45.70 53.22 0.33
C GLY G 27 -45.72 52.88 -1.16
N SER G 28 -45.07 53.68 -1.98
CA SER G 28 -45.07 53.39 -3.41
C SER G 28 -44.35 52.07 -3.74
N TRP G 29 -43.26 51.78 -3.02
CA TRP G 29 -42.49 50.56 -3.26
C TRP G 29 -43.36 49.33 -2.97
N PHE G 30 -44.14 49.39 -1.90
CA PHE G 30 -45.03 48.28 -1.57
C PHE G 30 -45.99 48.03 -2.73
N ASP G 31 -46.66 49.10 -3.18
CA ASP G 31 -47.60 49.01 -4.29
C ASP G 31 -46.93 48.41 -5.52
N HIS G 32 -45.71 48.83 -5.80
CA HIS G 32 -45.00 48.29 -6.95
C HIS G 32 -44.76 46.77 -6.82
N THR G 33 -44.29 46.31 -5.67
CA THR G 33 -44.05 44.88 -5.52
C THR G 33 -45.35 44.10 -5.53
N SER G 34 -46.43 44.73 -5.10
CA SER G 34 -47.73 44.06 -5.12
C SER G 34 -48.03 43.77 -6.59
N GLY G 35 -47.69 44.72 -7.45
CA GLY G 35 -47.91 44.55 -8.88
C GLY G 35 -47.09 43.39 -9.44
N VAL G 36 -45.81 43.34 -9.08
CA VAL G 36 -44.96 42.26 -9.56
C VAL G 36 -45.51 40.90 -9.13
N LEU G 37 -45.96 40.81 -7.89
CA LEU G 37 -46.50 39.54 -7.40
C LEU G 37 -47.77 39.12 -8.11
N GLU G 38 -48.63 40.09 -8.42
CA GLU G 38 -49.88 39.77 -9.11
C GLU G 38 -49.66 39.26 -10.52
N SER G 39 -48.56 39.67 -11.15
CA SER G 39 -48.25 39.25 -12.51
C SER G 39 -47.60 37.87 -12.59
N VAL G 40 -47.50 37.18 -11.46
CA VAL G 40 -46.90 35.85 -11.43
C VAL G 40 -47.83 34.79 -12.01
N GLU G 41 -47.24 33.82 -12.70
CA GLU G 41 -47.96 32.73 -13.37
C GLU G 41 -48.94 31.87 -12.59
N ASP G 42 -49.24 32.23 -11.34
CA ASP G 42 -50.17 31.42 -10.54
C ASP G 42 -49.56 30.05 -10.26
N GLY G 43 -49.57 29.63 -9.00
CA GLY G 43 -48.98 28.35 -8.66
C GLY G 43 -47.46 28.44 -8.65
N THR G 44 -46.95 29.59 -9.06
CA THR G 44 -45.51 29.82 -9.10
C THR G 44 -45.03 30.19 -7.70
N PRO G 45 -43.99 29.49 -7.21
CA PRO G 45 -43.44 29.76 -5.87
C PRO G 45 -42.89 31.18 -5.80
N VAL G 46 -43.26 31.93 -4.78
CA VAL G 46 -42.76 33.31 -4.63
C VAL G 46 -42.02 33.56 -3.32
N LEU G 47 -42.31 32.78 -2.28
CA LEU G 47 -41.67 32.98 -1.00
C LEU G 47 -41.33 31.66 -0.30
N ALA G 48 -40.12 31.59 0.26
CA ALA G 48 -39.69 30.40 1.01
C ALA G 48 -39.21 30.87 2.37
N ILE G 49 -39.67 30.19 3.42
CA ILE G 49 -39.29 30.56 4.79
C ILE G 49 -39.00 29.31 5.61
N GLY G 50 -38.06 29.42 6.54
CA GLY G 50 -37.69 28.27 7.34
C GLY G 50 -38.58 27.92 8.52
N VAL G 51 -38.81 26.61 8.69
CA VAL G 51 -39.60 26.13 9.81
C VAL G 51 -38.62 25.72 10.90
N GLU G 52 -39.14 25.35 12.07
CA GLU G 52 -38.31 25.01 13.21
C GLU G 52 -37.10 24.13 12.93
N SER G 53 -37.30 23.06 12.17
CA SER G 53 -36.23 22.12 11.87
C SER G 53 -35.10 22.67 11.01
N GLY G 54 -35.37 23.72 10.25
CA GLY G 54 -34.35 24.27 9.37
C GLY G 54 -34.76 24.08 7.92
N ASP G 55 -35.75 23.22 7.68
CA ASP G 55 -36.27 23.00 6.34
C ASP G 55 -37.07 24.24 6.01
N ALA G 56 -37.56 24.33 4.77
CA ALA G 56 -38.34 25.49 4.36
C ALA G 56 -39.66 25.13 3.68
N ILE G 57 -40.68 25.95 3.91
CA ILE G 57 -41.98 25.76 3.28
C ILE G 57 -42.10 26.85 2.23
N VAL G 58 -42.89 26.60 1.19
CA VAL G 58 -43.04 27.56 0.10
C VAL G 58 -44.48 28.03 -0.12
N PHE G 59 -44.65 29.28 -0.53
CA PHE G 59 -45.97 29.83 -0.80
C PHE G 59 -46.09 30.46 -2.18
N ASP G 60 -47.33 30.56 -2.68
CA ASP G 60 -47.57 31.20 -3.97
C ASP G 60 -48.04 32.62 -3.67
N LYS G 61 -48.27 33.41 -4.72
CA LYS G 61 -48.69 34.79 -4.56
C LYS G 61 -49.94 34.99 -3.72
N ASN G 62 -50.70 33.94 -3.50
CA ASN G 62 -51.93 34.04 -2.72
C ASN G 62 -51.76 33.53 -1.30
N ALA G 63 -50.53 33.45 -0.85
CA ALA G 63 -50.24 32.96 0.49
C ALA G 63 -50.75 31.55 0.69
N GLN G 64 -50.84 30.79 -0.40
CA GLN G 64 -51.29 29.41 -0.30
C GLN G 64 -50.02 28.56 -0.36
N ARG G 65 -49.92 27.59 0.54
CA ARG G 65 -48.74 26.75 0.59
C ARG G 65 -48.65 25.76 -0.58
N ILE G 66 -47.45 25.63 -1.14
CA ILE G 66 -47.20 24.73 -2.26
C ILE G 66 -46.59 23.43 -1.76
N VAL G 67 -47.26 22.31 -2.04
CA VAL G 67 -46.79 21.01 -1.59
C VAL G 67 -45.97 20.24 -2.62
N ALA G 68 -46.24 20.46 -3.90
CA ALA G 68 -45.51 19.77 -4.95
C ALA G 68 -45.23 20.69 -6.13
N TYR G 69 -43.99 20.66 -6.60
CA TYR G 69 -43.60 21.52 -7.72
C TYR G 69 -42.35 20.98 -8.36
N LYS G 70 -42.47 20.55 -9.61
CA LYS G 70 -41.35 19.96 -10.34
C LYS G 70 -40.25 20.96 -10.63
N GLU G 71 -39.02 20.48 -10.54
CA GLU G 71 -37.83 21.28 -10.79
C GLU G 71 -37.99 22.23 -11.97
N LYS G 72 -37.60 23.48 -11.76
CA LYS G 72 -37.66 24.50 -12.80
C LYS G 72 -36.55 25.50 -12.57
N SER G 73 -35.81 25.82 -13.63
CA SER G 73 -34.69 26.75 -13.54
C SER G 73 -34.92 28.06 -14.26
N VAL G 74 -34.15 29.07 -13.86
CA VAL G 74 -34.25 30.40 -14.46
C VAL G 74 -32.86 31.02 -14.48
N LYS G 75 -32.45 31.52 -15.65
CA LYS G 75 -31.14 32.14 -15.78
C LYS G 75 -31.26 33.66 -15.79
N ALA G 76 -30.48 34.31 -14.93
CA ALA G 76 -30.49 35.76 -14.85
C ALA G 76 -29.41 36.34 -15.76
N GLU G 77 -29.34 37.67 -15.82
CA GLU G 77 -28.34 38.34 -16.65
C GLU G 77 -26.97 38.05 -16.04
N ASP G 78 -26.98 37.79 -14.74
CA ASP G 78 -25.77 37.48 -13.99
C ASP G 78 -25.13 36.21 -14.58
N GLY G 79 -25.91 35.48 -15.36
CA GLY G 79 -25.42 34.25 -15.95
C GLY G 79 -25.71 33.11 -15.00
N SER G 80 -25.97 33.47 -13.74
CA SER G 80 -26.29 32.51 -12.69
C SER G 80 -27.69 31.96 -12.89
N VAL G 81 -27.96 30.78 -12.36
CA VAL G 81 -29.28 30.19 -12.49
C VAL G 81 -29.86 29.81 -11.14
N SER G 82 -31.15 30.03 -10.96
CA SER G 82 -31.83 29.70 -9.73
C SER G 82 -32.75 28.52 -10.03
N VAL G 83 -32.90 27.61 -9.07
CA VAL G 83 -33.73 26.44 -9.26
C VAL G 83 -34.68 26.30 -8.08
N VAL G 84 -35.92 25.90 -8.36
CA VAL G 84 -36.91 25.72 -7.31
C VAL G 84 -37.57 24.37 -7.50
N GLN G 85 -37.72 23.63 -6.40
CA GLN G 85 -38.35 22.33 -6.45
C GLN G 85 -38.97 22.02 -5.10
N VAL G 86 -40.26 21.76 -5.09
CA VAL G 86 -40.93 21.44 -3.85
C VAL G 86 -41.40 19.99 -3.92
N GLU G 87 -41.15 19.24 -2.85
CA GLU G 87 -41.54 17.85 -2.79
C GLU G 87 -42.05 17.46 -1.40
N ASN G 88 -43.26 16.91 -1.36
CA ASN G 88 -43.87 16.48 -0.12
C ASN G 88 -44.05 17.63 0.87
N GLY G 89 -44.33 18.83 0.35
CA GLY G 89 -44.54 19.97 1.20
C GLY G 89 -43.31 20.75 1.64
N PHE G 90 -42.13 20.31 1.23
CA PHE G 90 -40.90 21.01 1.59
C PHE G 90 -39.98 21.28 0.41
N MET G 91 -39.29 22.41 0.48
CA MET G 91 -38.37 22.83 -0.58
C MET G 91 -37.25 21.79 -0.71
N LYS G 92 -37.02 21.34 -1.95
CA LYS G 92 -35.97 20.35 -2.21
C LYS G 92 -34.81 21.07 -2.88
N GLN G 93 -35.13 22.13 -3.61
CA GLN G 93 -34.12 22.95 -4.29
C GLN G 93 -34.58 24.40 -4.24
N GLY G 94 -33.64 25.30 -3.99
CA GLY G 94 -33.95 26.72 -3.91
C GLY G 94 -33.29 27.34 -2.69
N HIS G 95 -33.73 28.52 -2.29
CA HIS G 95 -33.16 29.21 -1.15
C HIS G 95 -34.27 29.89 -0.34
N ARG G 96 -33.93 30.32 0.87
CA ARG G 96 -34.91 31.00 1.72
C ARG G 96 -35.05 32.44 1.20
N GLY G 97 -36.23 33.02 1.36
CA GLY G 97 -36.46 34.37 0.89
C GLY G 97 -37.38 34.46 -0.32
N TRP G 98 -37.40 35.61 -0.98
CA TRP G 98 -38.24 35.77 -2.15
C TRP G 98 -37.68 34.96 -3.32
N LEU G 99 -38.55 34.19 -3.96
CA LEU G 99 -38.15 33.35 -5.08
C LEU G 99 -38.40 34.02 -6.41
N VAL G 100 -38.83 35.27 -6.35
CA VAL G 100 -39.10 36.06 -7.53
C VAL G 100 -38.44 37.42 -7.33
N ASP G 101 -37.93 38.01 -8.41
CA ASP G 101 -37.25 39.30 -8.30
C ASP G 101 -38.22 40.47 -8.12
N LEU G 102 -38.11 41.15 -6.99
CA LEU G 102 -38.98 42.29 -6.69
C LEU G 102 -38.21 43.60 -6.74
N THR G 103 -36.89 43.52 -6.58
CA THR G 103 -36.05 44.71 -6.54
C THR G 103 -35.30 45.09 -7.81
N GLY G 104 -35.12 44.16 -8.73
CA GLY G 104 -34.37 44.48 -9.93
C GLY G 104 -32.95 44.76 -9.49
N GLU G 105 -32.30 45.78 -10.04
CA GLU G 105 -30.94 46.07 -9.62
C GLU G 105 -30.92 47.18 -8.57
N LEU G 106 -32.09 47.55 -8.09
CA LEU G 106 -32.21 48.58 -7.07
C LEU G 106 -32.14 47.86 -5.73
N VAL G 107 -30.92 47.57 -5.28
CA VAL G 107 -30.75 46.88 -4.02
C VAL G 107 -30.12 47.76 -2.94
N GLY G 108 -30.24 47.33 -1.69
CA GLY G 108 -29.66 48.10 -0.59
C GLY G 108 -30.49 49.28 -0.13
N CYS G 109 -31.80 49.23 -0.34
CA CYS G 109 -32.67 50.33 0.07
C CYS G 109 -33.47 50.02 1.32
N SER G 110 -34.04 51.08 1.88
CA SER G 110 -34.93 51.02 3.05
C SER G 110 -36.11 51.83 2.52
N PRO G 111 -36.91 51.24 1.60
CA PRO G 111 -38.08 51.90 0.99
C PRO G 111 -38.99 52.54 2.01
N VAL G 112 -39.29 53.83 1.83
CA VAL G 112 -40.19 54.51 2.76
C VAL G 112 -41.53 53.78 2.76
N VAL G 113 -42.01 53.41 3.94
CA VAL G 113 -43.28 52.69 4.07
C VAL G 113 -44.45 53.60 4.46
N ALA G 114 -44.14 54.72 5.10
CA ALA G 114 -45.18 55.64 5.52
C ALA G 114 -44.60 56.91 6.11
N GLU G 115 -45.48 57.87 6.37
CA GLU G 115 -45.09 59.13 6.96
C GLU G 115 -46.10 59.44 8.03
N PHE G 116 -45.63 59.91 9.18
CA PHE G 116 -46.51 60.23 10.29
C PHE G 116 -45.86 61.26 11.21
N GLY G 117 -46.67 62.16 11.74
CA GLY G 117 -46.16 63.18 12.63
C GLY G 117 -44.97 63.95 12.10
N GLY G 118 -44.85 64.03 10.77
CA GLY G 118 -43.75 64.76 10.18
C GLY G 118 -42.48 63.96 9.97
N HIS G 119 -42.54 62.64 10.16
CA HIS G 119 -41.37 61.79 9.98
C HIS G 119 -41.62 60.66 9.01
N ARG G 120 -40.60 60.33 8.24
CA ARG G 120 -40.69 59.21 7.29
C ARG G 120 -40.20 57.94 8.01
N TYR G 121 -40.92 56.83 7.81
CA TYR G 121 -40.55 55.57 8.43
C TYR G 121 -40.17 54.57 7.35
N ALA G 122 -39.16 53.75 7.64
CA ALA G 122 -38.68 52.77 6.68
C ALA G 122 -39.38 51.43 6.78
N SER G 123 -39.37 50.70 5.68
CA SER G 123 -39.94 49.37 5.64
C SER G 123 -38.81 48.46 6.16
N GLY G 124 -39.06 47.16 6.23
CA GLY G 124 -38.05 46.25 6.73
C GLY G 124 -38.47 45.88 8.14
N MET G 125 -37.54 45.46 8.99
CA MET G 125 -37.95 45.12 10.34
C MET G 125 -37.62 46.17 11.38
N VAL G 126 -38.58 46.40 12.28
CA VAL G 126 -38.43 47.36 13.36
C VAL G 126 -38.57 46.62 14.68
N ILE G 127 -37.52 46.66 15.50
CA ILE G 127 -37.60 46.00 16.79
C ILE G 127 -37.88 47.07 17.84
N VAL G 128 -38.89 46.81 18.64
CA VAL G 128 -39.30 47.71 19.71
C VAL G 128 -38.87 47.03 21.00
N THR G 129 -37.91 47.64 21.68
CA THR G 129 -37.40 47.04 22.89
C THR G 129 -36.99 48.08 23.94
N GLY G 130 -36.12 47.65 24.86
CA GLY G 130 -35.67 48.53 25.91
C GLY G 130 -36.03 47.91 27.25
N LYS G 131 -35.36 48.34 28.31
CA LYS G 131 -35.68 47.79 29.61
C LYS G 131 -36.24 48.92 30.44
N GLY G 132 -37.45 48.75 30.93
CA GLY G 132 -38.06 49.80 31.73
C GLY G 132 -39.54 49.62 31.96
N ASN G 133 -40.20 50.70 32.37
CA ASN G 133 -41.63 50.66 32.65
C ASN G 133 -42.50 50.75 31.41
N SER G 134 -42.07 51.53 30.42
CA SER G 134 -42.84 51.68 29.18
C SER G 134 -43.12 50.33 28.52
N GLY G 135 -44.40 50.03 28.31
CA GLY G 135 -44.82 48.77 27.71
C GLY G 135 -44.69 48.72 26.20
N LYS G 136 -44.14 47.61 25.70
CA LYS G 136 -43.93 47.44 24.27
C LYS G 136 -45.19 47.13 23.50
N THR G 137 -46.08 46.34 24.09
CA THR G 137 -47.33 45.97 23.42
C THR G 137 -48.18 47.19 23.01
N PRO G 138 -48.40 48.14 23.92
CA PRO G 138 -49.22 49.30 23.52
C PRO G 138 -48.53 50.11 22.43
N LEU G 139 -47.21 50.18 22.50
CA LEU G 139 -46.45 50.94 21.50
C LEU G 139 -46.51 50.32 20.10
N VAL G 140 -46.34 49.00 20.00
CA VAL G 140 -46.39 48.40 18.66
C VAL G 140 -47.76 48.56 18.03
N HIS G 141 -48.83 48.48 18.81
CA HIS G 141 -50.17 48.66 18.26
C HIS G 141 -50.42 50.10 17.84
N ALA G 142 -49.89 51.06 18.59
CA ALA G 142 -50.07 52.45 18.24
C ALA G 142 -49.30 52.78 16.98
N LEU G 143 -48.10 52.20 16.86
CA LEU G 143 -47.27 52.44 15.68
C LEU G 143 -47.88 51.75 14.46
N GLY G 144 -48.52 50.62 14.70
CA GLY G 144 -49.16 49.88 13.61
C GLY G 144 -50.29 50.69 13.01
N GLU G 145 -51.14 51.23 13.88
CA GLU G 145 -52.27 52.04 13.42
C GLU G 145 -51.79 53.31 12.75
N ALA G 146 -50.79 53.96 13.32
CA ALA G 146 -50.28 55.21 12.75
C ALA G 146 -49.65 55.02 11.37
N LEU G 147 -48.79 54.01 11.23
CA LEU G 147 -48.15 53.79 9.93
C LEU G 147 -49.16 53.19 8.96
N GLY G 148 -50.18 52.53 9.50
CA GLY G 148 -51.18 51.95 8.63
C GLY G 148 -51.90 53.06 7.89
N GLY G 149 -52.15 54.17 8.59
CA GLY G 149 -52.82 55.31 7.99
C GLY G 149 -54.23 55.01 7.54
N LYS G 150 -54.43 54.94 6.22
CA LYS G 150 -55.74 54.67 5.65
C LYS G 150 -56.03 53.18 5.70
N ASP G 151 -54.98 52.37 5.76
CA ASP G 151 -55.13 50.93 5.78
C ASP G 151 -55.06 50.35 7.18
N LYS G 152 -55.65 49.17 7.34
CA LYS G 152 -55.61 48.47 8.62
C LYS G 152 -54.24 47.80 8.69
N TYR G 153 -53.80 47.47 9.90
CA TYR G 153 -52.52 46.79 10.04
C TYR G 153 -52.81 45.36 10.46
N ALA G 154 -51.90 44.44 10.14
CA ALA G 154 -52.08 43.03 10.49
C ALA G 154 -51.34 42.69 11.77
N THR G 155 -51.96 41.87 12.60
CA THR G 155 -51.33 41.48 13.87
C THR G 155 -51.06 40.00 13.98
N VAL G 156 -49.79 39.65 14.16
CA VAL G 156 -49.37 38.26 14.33
C VAL G 156 -49.08 38.09 15.81
N ARG G 157 -49.79 37.17 16.47
CA ARG G 157 -49.59 36.94 17.90
C ARG G 157 -48.83 35.64 18.15
N PHE G 158 -47.84 35.69 19.03
CA PHE G 158 -47.02 34.51 19.31
C PHE G 158 -46.36 34.44 20.68
N GLY G 159 -46.41 33.26 21.27
CA GLY G 159 -45.76 32.97 22.55
C GLY G 159 -46.03 33.78 23.81
N GLU G 160 -47.29 34.05 24.11
CA GLU G 160 -47.61 34.81 25.32
C GLU G 160 -48.69 33.99 26.05
N PRO G 161 -48.63 33.94 27.38
CA PRO G 161 -49.63 33.17 28.13
C PRO G 161 -51.01 33.84 28.25
N LEU G 162 -51.57 34.19 27.11
CA LEU G 162 -52.89 34.82 27.02
C LEU G 162 -53.79 33.99 26.09
N SER G 163 -55.10 34.21 26.18
CA SER G 163 -56.05 33.46 25.35
C SER G 163 -55.87 33.64 23.86
N GLY G 164 -56.04 32.55 23.11
CA GLY G 164 -55.93 32.62 21.67
C GLY G 164 -54.53 32.79 21.07
N TYR G 165 -53.50 32.76 21.90
CA TYR G 165 -52.13 32.92 21.40
C TYR G 165 -51.52 31.62 20.90
N ASN G 166 -51.05 31.64 19.67
CA ASN G 166 -50.40 30.46 19.11
C ASN G 166 -49.01 30.40 19.74
N THR G 167 -48.54 29.19 20.04
CA THR G 167 -47.21 29.04 20.62
C THR G 167 -46.35 28.05 19.84
N ASP G 168 -46.84 27.64 18.69
CA ASP G 168 -46.14 26.70 17.82
C ASP G 168 -45.40 27.48 16.74
N PHE G 169 -44.08 27.39 16.74
CA PHE G 169 -43.25 28.12 15.78
C PHE G 169 -43.64 27.96 14.32
N ASN G 170 -44.00 26.75 13.92
CA ASN G 170 -44.37 26.54 12.53
C ASN G 170 -45.64 27.25 12.10
N VAL G 171 -46.59 27.43 13.01
CA VAL G 171 -47.81 28.16 12.68
C VAL G 171 -47.40 29.63 12.59
N PHE G 172 -46.44 30.01 13.42
CA PHE G 172 -45.92 31.38 13.45
C PHE G 172 -45.33 31.83 12.11
N VAL G 173 -44.46 31.02 11.51
CA VAL G 173 -43.84 31.42 10.24
C VAL G 173 -44.88 31.43 9.15
N ASP G 174 -45.93 30.65 9.34
CA ASP G 174 -47.01 30.59 8.38
C ASP G 174 -47.76 31.94 8.44
N ASP G 175 -48.05 32.42 9.64
CA ASP G 175 -48.74 33.70 9.79
C ASP G 175 -47.88 34.85 9.24
N ILE G 176 -46.57 34.77 9.45
CA ILE G 176 -45.67 35.83 8.97
C ILE G 176 -45.59 35.88 7.45
N ALA G 177 -45.47 34.71 6.81
CA ALA G 177 -45.39 34.68 5.35
C ALA G 177 -46.67 35.28 4.75
N ARG G 178 -47.82 34.87 5.26
CA ARG G 178 -49.09 35.39 4.75
C ARG G 178 -49.18 36.89 4.96
N ALA G 179 -48.76 37.36 6.13
CA ALA G 179 -48.82 38.79 6.42
C ALA G 179 -47.97 39.62 5.46
N MET G 180 -46.74 39.20 5.18
CA MET G 180 -45.88 39.95 4.28
C MET G 180 -46.36 39.90 2.84
N LEU G 181 -47.06 38.83 2.49
CA LEU G 181 -47.57 38.69 1.12
C LEU G 181 -48.80 39.56 0.93
N GLN G 182 -49.52 39.83 2.01
CA GLN G 182 -50.77 40.60 1.88
C GLN G 182 -50.92 41.96 2.53
N HIS G 183 -49.99 42.38 3.38
CA HIS G 183 -50.15 43.69 4.02
C HIS G 183 -48.87 44.52 4.12
N ARG G 184 -49.05 45.83 4.15
CA ARG G 184 -47.96 46.79 4.22
C ARG G 184 -47.43 46.99 5.64
N VAL G 185 -48.33 46.96 6.62
CA VAL G 185 -47.96 47.19 8.01
C VAL G 185 -48.33 45.99 8.85
N ILE G 186 -47.30 45.39 9.46
CA ILE G 186 -47.45 44.19 10.25
C ILE G 186 -46.88 44.34 11.66
N VAL G 187 -47.60 43.82 12.63
CA VAL G 187 -47.19 43.87 14.03
C VAL G 187 -46.99 42.44 14.51
N ILE G 188 -45.85 42.16 15.12
CA ILE G 188 -45.57 40.84 15.67
C ILE G 188 -45.50 41.03 17.17
N ASP G 189 -46.45 40.49 17.92
CA ASP G 189 -46.33 40.68 19.34
C ASP G 189 -45.67 39.50 19.99
N SER G 190 -44.44 39.79 20.38
CA SER G 190 -43.51 38.93 21.07
C SER G 190 -42.56 38.11 20.20
N LEU G 191 -41.32 38.59 20.14
CA LEU G 191 -40.26 37.90 19.42
C LEU G 191 -39.62 37.03 20.48
N LYS G 192 -40.25 36.98 21.65
CA LYS G 192 -39.80 36.16 22.76
C LYS G 192 -39.82 34.72 22.24
N ASN G 193 -39.30 33.77 23.01
CA ASN G 193 -39.27 32.37 22.53
C ASN G 193 -38.25 32.31 21.40
N VAL G 194 -38.54 32.95 20.27
CA VAL G 194 -37.56 33.00 19.19
C VAL G 194 -36.50 33.91 19.79
N ILE G 195 -35.25 33.83 19.34
CA ILE G 195 -34.22 34.68 19.92
C ILE G 195 -34.23 34.44 21.42
N ILE G 207 -30.89 27.78 20.45
CA ILE G 207 -31.94 28.28 19.58
C ILE G 207 -32.07 27.36 18.35
N SER G 208 -33.30 27.10 17.93
CA SER G 208 -33.57 26.24 16.79
C SER G 208 -33.08 26.86 15.49
N ARG G 209 -32.88 26.02 14.47
CA ARG G 209 -32.42 26.53 13.18
C ARG G 209 -33.46 27.46 12.58
N GLY G 210 -34.74 27.14 12.77
CA GLY G 210 -35.80 27.98 12.24
C GLY G 210 -35.78 29.38 12.86
N ALA G 211 -35.64 29.44 14.18
CA ALA G 211 -35.59 30.72 14.87
C ALA G 211 -34.42 31.57 14.39
N PHE G 212 -33.28 30.92 14.21
CA PHE G 212 -32.08 31.60 13.75
C PHE G 212 -32.25 32.11 12.32
N ASP G 213 -32.85 31.29 11.46
CA ASP G 213 -33.08 31.71 10.07
C ASP G 213 -34.02 32.91 10.02
N LEU G 214 -35.11 32.84 10.78
CA LEU G 214 -36.10 33.90 10.84
C LEU G 214 -35.45 35.23 11.23
N LEU G 215 -34.68 35.20 12.30
CA LEU G 215 -34.01 36.39 12.78
C LEU G 215 -33.10 37.04 11.76
N SER G 216 -32.45 36.24 10.92
CA SER G 216 -31.55 36.81 9.92
C SER G 216 -32.15 36.99 8.53
N ASP G 217 -33.39 36.55 8.33
CA ASP G 217 -34.03 36.66 7.03
C ASP G 217 -35.12 37.74 6.94
N ILE G 218 -35.94 37.81 7.98
CA ILE G 218 -37.08 38.71 8.00
C ILE G 218 -36.86 40.16 7.61
N GLY G 219 -35.76 40.76 8.04
CA GLY G 219 -35.53 42.16 7.69
C GLY G 219 -35.37 42.37 6.19
N ALA G 220 -34.58 41.51 5.55
CA ALA G 220 -34.37 41.62 4.11
C ALA G 220 -35.66 41.28 3.35
N MET G 221 -36.42 40.31 3.85
CA MET G 221 -37.67 39.94 3.18
C MET G 221 -38.61 41.14 3.17
N ALA G 222 -38.77 41.76 4.33
CA ALA G 222 -39.65 42.91 4.49
C ALA G 222 -39.22 44.12 3.67
N ALA G 223 -37.94 44.46 3.74
CA ALA G 223 -37.43 45.61 2.99
C ALA G 223 -37.58 45.41 1.49
N SER G 224 -37.45 44.17 1.03
CA SER G 224 -37.60 43.86 -0.40
C SER G 224 -39.05 44.06 -0.84
N ARG G 225 -40.00 43.67 0.02
CA ARG G 225 -41.41 43.80 -0.30
C ARG G 225 -41.88 45.25 -0.17
N GLY G 226 -41.29 45.98 0.78
CA GLY G 226 -41.69 47.35 1.00
C GLY G 226 -42.68 47.42 2.15
N CYS G 227 -42.80 46.34 2.93
CA CYS G 227 -43.69 46.34 4.07
C CYS G 227 -42.85 46.51 5.35
N VAL G 228 -43.51 46.85 6.46
CA VAL G 228 -42.79 47.03 7.71
C VAL G 228 -43.30 46.05 8.75
N VAL G 229 -42.37 45.38 9.43
CA VAL G 229 -42.69 44.42 10.47
C VAL G 229 -42.25 45.04 11.81
N ILE G 230 -43.23 45.34 12.66
CA ILE G 230 -43.01 45.96 13.96
C ILE G 230 -43.10 44.90 15.04
N ALA G 231 -41.94 44.49 15.57
CA ALA G 231 -41.87 43.42 16.56
C ALA G 231 -41.42 43.83 17.95
N SER G 232 -42.18 43.41 18.96
CA SER G 232 -41.83 43.73 20.33
C SER G 232 -40.88 42.66 20.85
N LEU G 233 -39.91 43.10 21.64
CA LEU G 233 -38.93 42.20 22.21
C LEU G 233 -38.49 42.69 23.58
N ASN G 234 -38.88 41.97 24.63
CA ASN G 234 -38.49 42.35 25.97
C ASN G 234 -37.18 41.70 26.34
N PRO G 235 -36.19 42.52 26.77
CA PRO G 235 -34.89 42.00 27.16
C PRO G 235 -35.03 41.31 28.52
N THR G 236 -36.11 40.54 28.64
CA THR G 236 -36.46 39.79 29.83
C THR G 236 -35.25 39.28 30.62
N SER G 237 -34.88 38.03 30.35
CA SER G 237 -33.75 37.41 31.02
C SER G 237 -32.53 38.31 31.03
N ASN G 238 -31.90 38.44 32.19
CA ASN G 238 -30.70 39.25 32.31
C ASN G 238 -29.49 38.33 32.22
N ASP G 239 -29.68 37.26 31.46
CA ASP G 239 -28.64 36.26 31.22
C ASP G 239 -27.78 36.75 30.05
N ASP G 240 -26.59 37.22 30.37
CA ASP G 240 -25.67 37.77 29.37
C ASP G 240 -25.48 37.00 28.07
N LYS G 241 -25.99 35.78 27.97
CA LYS G 241 -25.83 35.04 26.72
C LYS G 241 -26.94 35.41 25.73
N ILE G 242 -28.10 35.79 26.25
CA ILE G 242 -29.20 36.19 25.39
C ILE G 242 -29.37 37.71 25.41
N VAL G 243 -28.80 38.36 26.42
CA VAL G 243 -28.87 39.81 26.53
C VAL G 243 -28.04 40.36 25.38
N GLU G 244 -27.04 39.59 24.98
CA GLU G 244 -26.17 39.97 23.88
C GLU G 244 -26.83 39.58 22.57
N LEU G 245 -27.74 38.61 22.64
CA LEU G 245 -28.46 38.14 21.47
C LEU G 245 -29.54 39.17 21.13
N VAL G 246 -29.95 39.93 22.15
CA VAL G 246 -30.96 40.97 22.00
C VAL G 246 -30.29 42.23 21.42
N LYS G 247 -29.10 42.54 21.91
CA LYS G 247 -28.37 43.70 21.43
C LYS G 247 -27.85 43.45 20.01
N GLU G 248 -27.69 42.18 19.66
CA GLU G 248 -27.20 41.81 18.34
C GLU G 248 -28.36 41.87 17.36
N ALA G 249 -29.48 41.28 17.74
CA ALA G 249 -30.66 41.30 16.89
C ALA G 249 -31.03 42.74 16.60
N SER G 250 -31.01 43.57 17.65
CA SER G 250 -31.37 44.97 17.51
C SER G 250 -30.34 45.73 16.66
N ARG G 251 -29.08 45.44 16.90
CA ARG G 251 -28.01 46.12 16.19
C ARG G 251 -27.88 45.75 14.71
N SER G 252 -27.78 44.46 14.43
CA SER G 252 -27.56 43.98 13.08
C SER G 252 -28.70 43.36 12.27
N ASN G 253 -29.77 42.95 12.92
CA ASN G 253 -30.85 42.33 12.17
C ASN G 253 -32.07 43.22 11.97
N SER G 254 -32.01 44.46 12.44
CA SER G 254 -33.12 45.39 12.33
C SER G 254 -32.84 46.52 11.37
N THR G 255 -33.86 46.93 10.63
CA THR G 255 -33.72 48.03 9.69
C THR G 255 -33.85 49.31 10.52
N SER G 256 -34.70 49.25 11.53
CA SER G 256 -34.94 50.38 12.42
C SER G 256 -35.08 49.86 13.83
N LEU G 257 -34.81 50.73 14.79
CA LEU G 257 -34.89 50.36 16.20
C LEU G 257 -35.72 51.40 16.94
N VAL G 258 -36.59 50.96 17.84
CA VAL G 258 -37.40 51.86 18.64
C VAL G 258 -37.15 51.44 20.09
N ILE G 259 -36.49 52.29 20.87
CA ILE G 259 -36.16 51.96 22.25
C ILE G 259 -36.69 52.97 23.25
N SER G 260 -37.10 52.46 24.41
CA SER G 260 -37.62 53.31 25.48
C SER G 260 -36.48 54.08 26.14
N THR G 261 -36.82 55.21 26.75
CA THR G 261 -35.82 56.03 27.42
C THR G 261 -36.12 56.07 28.92
N ASP G 262 -35.38 56.89 29.65
CA ASP G 262 -35.57 57.00 31.09
C ASP G 262 -36.72 57.93 31.45
N VAL G 263 -37.34 58.53 30.45
CA VAL G 263 -38.48 59.42 30.66
C VAL G 263 -39.74 58.65 30.25
N ASP G 264 -40.70 58.57 31.16
CA ASP G 264 -41.94 57.84 30.89
C ASP G 264 -42.70 58.29 29.64
N GLY G 265 -43.05 57.31 28.82
CA GLY G 265 -43.80 57.58 27.60
C GLY G 265 -42.96 58.02 26.42
N GLU G 266 -41.67 58.26 26.64
CA GLU G 266 -40.79 58.71 25.57
C GLU G 266 -40.00 57.57 24.91
N TRP G 267 -39.93 57.60 23.59
CA TRP G 267 -39.21 56.56 22.85
C TRP G 267 -38.28 57.20 21.82
N GLN G 268 -37.22 56.46 21.48
CA GLN G 268 -36.23 56.93 20.53
C GLN G 268 -36.28 56.03 19.29
N VAL G 269 -36.35 56.63 18.12
CA VAL G 269 -36.40 55.89 16.87
C VAL G 269 -35.08 56.04 16.10
N LEU G 270 -34.41 54.93 15.83
CA LEU G 270 -33.14 54.94 15.09
C LEU G 270 -33.40 54.19 13.81
N THR G 271 -33.23 54.85 12.68
CA THR G 271 -33.50 54.18 11.42
C THR G 271 -32.36 54.22 10.40
N ARG G 272 -32.14 53.07 9.76
CA ARG G 272 -31.12 52.94 8.74
C ARG G 272 -31.80 53.32 7.43
N THR G 273 -31.34 54.40 6.81
CA THR G 273 -31.94 54.90 5.58
C THR G 273 -31.49 54.21 4.30
N GLY G 274 -30.49 53.34 4.42
CA GLY G 274 -30.03 52.62 3.25
C GLY G 274 -28.59 52.14 3.33
N GLU G 275 -28.20 51.37 2.32
CA GLU G 275 -26.86 50.81 2.25
C GLU G 275 -25.80 51.90 2.26
N GLY G 276 -24.99 51.91 3.32
CA GLY G 276 -23.94 52.90 3.43
C GLY G 276 -24.41 54.31 3.73
N LEU G 277 -25.71 54.50 3.89
CA LEU G 277 -26.26 55.81 4.18
C LEU G 277 -26.27 56.07 5.68
N GLN G 278 -26.64 57.29 6.06
CA GLN G 278 -26.68 57.69 7.46
C GLN G 278 -27.83 57.11 8.27
N ARG G 279 -27.57 56.85 9.55
CA ARG G 279 -28.60 56.33 10.44
C ARG G 279 -29.23 57.57 11.09
N LEU G 280 -30.54 57.71 10.95
CA LEU G 280 -31.24 58.86 11.51
C LEU G 280 -31.91 58.56 12.84
N THR G 281 -32.21 59.61 13.59
CA THR G 281 -32.87 59.46 14.88
C THR G 281 -33.83 60.59 15.18
N HIS G 282 -34.96 60.27 15.83
CA HIS G 282 -35.93 61.26 16.25
C HIS G 282 -36.63 60.71 17.48
N THR G 283 -37.33 61.57 18.21
CA THR G 283 -38.03 61.16 19.43
C THR G 283 -39.54 61.14 19.32
N LEU G 284 -40.17 60.31 20.15
CA LEU G 284 -41.61 60.16 20.17
C LEU G 284 -42.15 60.36 21.59
N GLN G 285 -43.26 61.07 21.72
CA GLN G 285 -43.90 61.28 23.02
C GLN G 285 -45.23 60.54 22.94
N THR G 286 -45.65 59.91 24.03
CA THR G 286 -46.90 59.15 24.02
C THR G 286 -47.69 59.28 25.29
N SER G 287 -48.97 58.90 25.25
CA SER G 287 -49.82 58.94 26.43
C SER G 287 -50.96 57.93 26.32
N TYR G 288 -51.44 57.46 27.45
CA TYR G 288 -52.51 56.47 27.48
C TYR G 288 -53.92 57.06 27.55
N GLY G 289 -54.85 56.39 26.89
CA GLY G 289 -56.23 56.81 26.90
C GLY G 289 -56.98 55.78 27.73
N GLU G 290 -58.17 55.40 27.31
CA GLU G 290 -58.93 54.40 28.05
C GLU G 290 -58.55 52.97 27.64
N HIS G 291 -58.63 52.03 28.58
CA HIS G 291 -58.30 50.63 28.33
C HIS G 291 -56.86 50.46 27.82
N SER G 292 -55.98 51.33 28.27
CA SER G 292 -54.57 51.28 27.90
C SER G 292 -54.29 51.50 26.41
N VAL G 293 -55.17 52.20 25.72
CA VAL G 293 -54.93 52.49 24.31
C VAL G 293 -53.92 53.62 24.28
N LEU G 294 -52.82 53.43 23.57
CA LEU G 294 -51.75 54.41 23.53
C LEU G 294 -51.84 55.33 22.31
N THR G 295 -51.44 56.58 22.49
CA THR G 295 -51.47 57.54 21.40
C THR G 295 -50.08 58.17 21.22
N ILE G 296 -49.65 58.30 19.98
CA ILE G 296 -48.36 58.90 19.69
C ILE G 296 -48.63 60.35 19.29
N HIS G 297 -48.11 61.28 20.07
CA HIS G 297 -48.31 62.69 19.76
C HIS G 297 -47.57 63.12 18.51
N THR G 298 -48.07 64.16 17.86
CA THR G 298 -47.47 64.69 16.65
C THR G 298 -47.34 66.21 16.79
N SER G 299 -46.11 66.71 16.71
CA SER G 299 -45.85 68.15 16.82
C SER G 299 -46.87 69.01 16.09
N GLN G 306 -32.11 63.55 12.31
CA GLN G 306 -30.72 63.91 12.59
C GLN G 306 -29.88 62.66 12.74
N ALA G 307 -28.63 62.73 12.30
CA ALA G 307 -27.72 61.59 12.35
C ALA G 307 -27.17 61.28 13.74
N SER G 308 -26.86 60.00 13.98
CA SER G 308 -26.31 59.55 15.24
C SER G 308 -25.13 58.62 14.94
N GLY G 309 -23.93 59.03 15.36
CA GLY G 309 -22.74 58.23 15.12
C GLY G 309 -22.85 56.79 15.61
N LYS G 310 -21.97 55.93 15.12
CA LYS G 310 -21.96 54.52 15.51
C LYS G 310 -21.61 54.38 16.99
N ALA G 311 -20.89 55.37 17.52
CA ALA G 311 -20.50 55.37 18.92
C ALA G 311 -21.72 55.65 19.80
N ILE G 312 -22.50 56.66 19.40
CA ILE G 312 -23.70 57.04 20.14
C ILE G 312 -24.71 55.89 20.06
N GLN G 313 -24.61 55.12 18.99
CA GLN G 313 -25.49 54.00 18.74
C GLN G 313 -25.33 52.89 19.79
N THR G 314 -24.08 52.51 20.08
CA THR G 314 -23.84 51.47 21.07
C THR G 314 -24.11 51.98 22.47
N VAL G 315 -24.09 53.29 22.65
CA VAL G 315 -24.38 53.88 23.94
C VAL G 315 -25.86 53.61 24.22
N ILE G 316 -26.63 53.53 23.14
CA ILE G 316 -28.06 53.25 23.23
C ILE G 316 -28.24 51.77 23.51
N LYS G 317 -27.32 50.97 23.02
CA LYS G 317 -27.36 49.51 23.20
C LYS G 317 -27.16 49.03 24.63
N ASN G 318 -26.22 49.61 25.35
CA ASN G 318 -25.99 49.16 26.73
C ASN G 318 -27.17 49.44 27.63
N ASP G 319 -28.21 50.07 27.08
CA ASP G 319 -29.43 50.35 27.84
C ASP G 319 -30.10 48.99 28.09
N GLU G 320 -30.05 48.14 27.07
CA GLU G 320 -30.64 46.81 27.12
C GLU G 320 -29.84 45.89 28.03
N LEU G 321 -28.53 46.14 28.11
CA LEU G 321 -27.66 45.35 28.96
C LEU G 321 -28.18 45.49 30.38
N MET H 1 0.95 20.09 -3.37
CA MET H 1 1.92 18.98 -3.21
C MET H 1 3.08 19.44 -2.33
N ILE H 2 4.00 18.53 -2.04
CA ILE H 2 5.13 18.89 -1.22
C ILE H 2 6.30 19.28 -2.12
N HIS H 3 7.12 20.22 -1.67
CA HIS H 3 8.26 20.68 -2.44
C HIS H 3 9.56 20.45 -1.69
N LEU H 4 10.63 20.16 -2.44
CA LEU H 4 11.94 19.93 -1.83
C LEU H 4 12.86 21.11 -2.10
N TYR H 5 13.75 21.41 -1.17
CA TYR H 5 14.66 22.54 -1.33
C TYR H 5 16.02 22.30 -0.71
N ASP H 6 16.99 23.06 -1.21
CA ASP H 6 18.35 23.10 -0.68
C ASP H 6 18.59 24.62 -0.64
N ALA H 7 19.71 25.05 -0.09
CA ALA H 7 19.96 26.49 0.01
C ALA H 7 19.75 27.27 -1.28
N LYS H 8 20.20 26.71 -2.39
CA LYS H 8 20.05 27.37 -3.68
C LYS H 8 18.63 27.49 -4.18
N SER H 9 17.91 26.38 -4.26
CA SER H 9 16.53 26.42 -4.75
C SER H 9 15.68 27.30 -3.83
N PHE H 10 15.96 27.26 -2.53
CA PHE H 10 15.18 28.07 -1.60
C PHE H 10 15.39 29.55 -1.87
N ALA H 11 16.65 29.95 -2.09
CA ALA H 11 16.96 31.36 -2.36
C ALA H 11 16.25 31.85 -3.61
N LYS H 12 16.18 31.00 -4.63
CA LYS H 12 15.49 31.36 -5.86
C LYS H 12 14.01 31.57 -5.61
N LEU H 13 13.41 30.66 -4.84
CA LEU H 13 11.99 30.75 -4.51
C LEU H 13 11.71 32.11 -3.86
N ARG H 14 12.49 32.43 -2.83
CA ARG H 14 12.29 33.70 -2.13
C ARG H 14 12.41 34.91 -3.07
N ALA H 15 13.34 34.84 -4.03
CA ALA H 15 13.52 35.92 -4.98
C ALA H 15 12.29 36.03 -5.87
N ALA H 16 11.78 34.88 -6.31
CA ALA H 16 10.60 34.85 -7.15
C ALA H 16 9.37 35.39 -6.41
N GLN H 17 9.21 35.01 -5.16
CA GLN H 17 8.08 35.48 -4.36
C GLN H 17 8.15 36.99 -4.19
N TYR H 18 9.36 37.49 -3.92
CA TYR H 18 9.56 38.92 -3.72
C TYR H 18 9.16 39.66 -4.99
N ALA H 19 9.54 39.11 -6.15
CA ALA H 19 9.19 39.73 -7.41
C ALA H 19 7.69 39.70 -7.70
N ALA H 20 7.02 38.62 -7.31
CA ALA H 20 5.59 38.49 -7.55
C ALA H 20 4.79 39.64 -6.93
N PHE H 21 5.33 40.26 -5.89
CA PHE H 21 4.64 41.39 -5.28
C PHE H 21 5.24 42.74 -5.66
N HIS H 22 6.56 42.84 -5.59
CA HIS H 22 7.27 44.08 -5.84
C HIS H 22 7.54 44.55 -7.27
N THR H 23 7.87 43.64 -8.18
CA THR H 23 8.20 44.05 -9.53
C THR H 23 7.30 43.60 -10.69
N ASP H 24 6.59 42.48 -10.54
CA ASP H 24 5.70 42.03 -11.60
C ASP H 24 4.71 43.15 -11.94
N ALA H 25 4.14 43.07 -13.12
CA ALA H 25 3.18 44.07 -13.53
C ALA H 25 1.87 43.81 -12.80
N PRO H 26 1.31 44.85 -12.15
CA PRO H 26 0.06 44.71 -11.41
C PRO H 26 -1.02 43.99 -12.21
N GLY H 27 -1.58 42.93 -11.64
CA GLY H 27 -2.64 42.19 -12.30
C GLY H 27 -2.18 41.16 -13.33
N SER H 28 -0.86 41.04 -13.57
CA SER H 28 -0.40 40.07 -14.55
C SER H 28 -0.66 38.63 -14.10
N TRP H 29 -0.61 38.38 -12.80
CA TRP H 29 -0.87 37.03 -12.28
C TRP H 29 -2.30 36.62 -12.59
N PHE H 30 -3.25 37.53 -12.34
CA PHE H 30 -4.66 37.26 -12.63
C PHE H 30 -4.82 36.88 -14.12
N ASP H 31 -4.25 37.69 -15.01
CA ASP H 31 -4.34 37.46 -16.44
C ASP H 31 -3.77 36.09 -16.79
N HIS H 32 -2.68 35.72 -16.13
CA HIS H 32 -2.08 34.43 -16.40
C HIS H 32 -2.97 33.26 -15.96
N THR H 33 -3.60 33.36 -14.80
CA THR H 33 -4.47 32.27 -14.36
C THR H 33 -5.72 32.25 -15.21
N SER H 34 -6.12 33.41 -15.74
CA SER H 34 -7.29 33.48 -16.60
C SER H 34 -6.96 32.64 -17.83
N GLY H 35 -5.75 32.80 -18.35
CA GLY H 35 -5.33 32.04 -19.50
C GLY H 35 -5.43 30.55 -19.23
N VAL H 36 -4.87 30.12 -18.11
CA VAL H 36 -4.89 28.71 -17.74
C VAL H 36 -6.32 28.18 -17.62
N LEU H 37 -7.18 28.92 -16.93
CA LEU H 37 -8.55 28.48 -16.78
C LEU H 37 -9.26 28.33 -18.13
N GLU H 38 -8.99 29.27 -19.04
CA GLU H 38 -9.60 29.24 -20.35
C GLU H 38 -9.17 28.01 -21.14
N SER H 39 -8.00 27.46 -20.81
CA SER H 39 -7.48 26.29 -21.51
C SER H 39 -8.12 24.96 -21.08
N VAL H 40 -8.92 24.98 -20.02
CA VAL H 40 -9.56 23.76 -19.54
C VAL H 40 -10.66 23.27 -20.47
N GLU H 41 -10.76 21.94 -20.56
CA GLU H 41 -11.71 21.22 -21.42
C GLU H 41 -13.22 21.48 -21.40
N ASP H 42 -13.71 22.32 -20.48
CA ASP H 42 -15.15 22.57 -20.38
C ASP H 42 -15.77 21.33 -19.73
N GLY H 43 -16.60 21.55 -18.72
CA GLY H 43 -17.20 20.43 -18.02
C GLY H 43 -16.19 19.84 -17.06
N THR H 44 -14.94 20.30 -17.18
CA THR H 44 -13.88 19.86 -16.30
C THR H 44 -13.92 20.69 -15.02
N PRO H 45 -13.98 20.03 -13.86
CA PRO H 45 -14.03 20.72 -12.55
C PRO H 45 -12.79 21.56 -12.29
N VAL H 46 -12.99 22.81 -11.87
CA VAL H 46 -11.85 23.69 -11.58
C VAL H 46 -11.88 24.25 -10.18
N LEU H 47 -13.06 24.35 -9.59
CA LEU H 47 -13.20 24.92 -8.24
C LEU H 47 -14.20 24.16 -7.39
N ALA H 48 -13.84 23.93 -6.13
CA ALA H 48 -14.73 23.26 -5.20
C ALA H 48 -14.78 24.10 -3.93
N ILE H 49 -15.98 24.40 -3.45
CA ILE H 49 -16.16 25.20 -2.25
C ILE H 49 -17.22 24.58 -1.35
N GLY H 50 -17.05 24.73 -0.04
CA GLY H 50 -17.99 24.14 0.88
C GLY H 50 -19.28 24.88 1.15
N VAL H 51 -20.37 24.12 1.29
CA VAL H 51 -21.67 24.69 1.61
C VAL H 51 -21.89 24.53 3.10
N GLU H 52 -22.97 25.12 3.61
CA GLU H 52 -23.28 25.11 5.02
C GLU H 52 -23.05 23.81 5.80
N SER H 53 -23.51 22.70 5.25
CA SER H 53 -23.39 21.40 5.89
C SER H 53 -21.96 20.87 6.00
N GLY H 54 -21.08 21.35 5.15
CA GLY H 54 -19.70 20.87 5.17
C GLY H 54 -19.40 20.16 3.87
N ASP H 55 -20.45 19.81 3.12
CA ASP H 55 -20.29 19.18 1.82
C ASP H 55 -19.74 20.26 0.90
N ALA H 56 -19.37 19.88 -0.31
CA ALA H 56 -18.83 20.83 -1.25
C ALA H 56 -19.48 20.76 -2.63
N ILE H 57 -19.62 21.91 -3.28
CA ILE H 57 -20.19 21.96 -4.62
C ILE H 57 -19.02 22.27 -5.58
N VAL H 58 -19.18 21.90 -6.85
CA VAL H 58 -18.13 22.07 -7.83
C VAL H 58 -18.53 22.88 -9.06
N PHE H 59 -17.60 23.66 -9.59
CA PHE H 59 -17.85 24.50 -10.76
C PHE H 59 -16.85 24.30 -11.89
N ASP H 60 -17.27 24.57 -13.12
CA ASP H 60 -16.38 24.49 -14.26
C ASP H 60 -15.80 25.88 -14.51
N LYS H 61 -14.98 26.02 -15.54
CA LYS H 61 -14.37 27.32 -15.83
C LYS H 61 -15.36 28.43 -16.15
N ASN H 62 -16.62 28.08 -16.40
CA ASN H 62 -17.63 29.08 -16.73
C ASN H 62 -18.56 29.36 -15.55
N ALA H 63 -18.13 28.96 -14.36
CA ALA H 63 -18.93 29.17 -13.16
C ALA H 63 -20.25 28.44 -13.24
N GLN H 64 -20.27 27.33 -13.96
CA GLN H 64 -21.48 26.54 -14.09
C GLN H 64 -21.30 25.38 -13.10
N ARG H 65 -22.33 25.11 -12.31
CA ARG H 65 -22.23 24.04 -11.33
C ARG H 65 -22.27 22.64 -11.98
N ILE H 66 -21.36 21.78 -11.54
CA ILE H 66 -21.27 20.41 -12.05
C ILE H 66 -22.08 19.46 -11.18
N VAL H 67 -23.11 18.87 -11.76
CA VAL H 67 -23.98 17.96 -11.03
C VAL H 67 -23.49 16.51 -11.02
N ALA H 68 -22.96 16.05 -12.15
CA ALA H 68 -22.46 14.70 -12.25
C ALA H 68 -21.13 14.65 -12.99
N TYR H 69 -20.19 13.88 -12.45
CA TYR H 69 -18.86 13.77 -13.06
C TYR H 69 -18.21 12.50 -12.55
N LYS H 70 -18.03 11.55 -13.47
CA LYS H 70 -17.42 10.27 -13.13
C LYS H 70 -15.97 10.41 -12.72
N GLU H 71 -15.59 9.60 -11.74
CA GLU H 71 -14.22 9.60 -11.21
C GLU H 71 -13.17 9.78 -12.29
N LYS H 72 -12.12 10.51 -11.94
CA LYS H 72 -11.01 10.77 -12.84
C LYS H 72 -9.80 11.20 -12.02
N SER H 73 -8.70 10.50 -12.19
CA SER H 73 -7.47 10.79 -11.45
C SER H 73 -6.40 11.46 -12.29
N VAL H 74 -5.45 12.10 -11.61
CA VAL H 74 -4.35 12.79 -12.26
C VAL H 74 -3.12 12.65 -11.38
N LYS H 75 -2.03 12.14 -11.95
CA LYS H 75 -0.80 11.97 -11.19
C LYS H 75 0.16 13.10 -11.49
N ALA H 76 0.81 13.61 -10.46
CA ALA H 76 1.77 14.71 -10.61
C ALA H 76 3.20 14.20 -10.49
N GLU H 77 4.14 15.14 -10.45
CA GLU H 77 5.55 14.81 -10.32
C GLU H 77 5.80 14.36 -8.89
N ASP H 78 5.05 14.95 -7.96
CA ASP H 78 5.15 14.64 -6.55
C ASP H 78 4.96 13.14 -6.33
N GLY H 79 4.37 12.47 -7.32
CA GLY H 79 4.11 11.05 -7.20
C GLY H 79 2.70 10.87 -6.67
N SER H 80 2.20 11.91 -6.01
CA SER H 80 0.86 11.90 -5.45
C SER H 80 -0.15 11.99 -6.57
N VAL H 81 -1.40 11.64 -6.28
CA VAL H 81 -2.45 11.69 -7.28
C VAL H 81 -3.70 12.38 -6.73
N SER H 82 -4.39 13.11 -7.60
CA SER H 82 -5.61 13.80 -7.19
C SER H 82 -6.77 13.13 -7.90
N VAL H 83 -7.91 13.06 -7.22
CA VAL H 83 -9.09 12.42 -7.79
C VAL H 83 -10.27 13.35 -7.64
N VAL H 84 -11.15 13.36 -8.64
CA VAL H 84 -12.34 14.20 -8.58
C VAL H 84 -13.56 13.41 -9.02
N GLN H 85 -14.61 13.46 -8.21
CA GLN H 85 -15.84 12.75 -8.52
C GLN H 85 -17.02 13.52 -7.95
N VAL H 86 -17.97 13.88 -8.82
CA VAL H 86 -19.15 14.60 -8.38
C VAL H 86 -20.35 13.72 -8.61
N GLU H 87 -21.19 13.59 -7.59
CA GLU H 87 -22.37 12.76 -7.70
C GLU H 87 -23.57 13.41 -7.04
N ASN H 88 -24.61 13.61 -7.84
CA ASN H 88 -25.85 14.20 -7.37
C ASN H 88 -25.69 15.64 -6.87
N GLY H 89 -24.81 16.40 -7.52
CA GLY H 89 -24.59 17.78 -7.14
C GLY H 89 -23.54 18.04 -6.07
N PHE H 90 -22.97 16.99 -5.50
CA PHE H 90 -21.95 17.16 -4.46
C PHE H 90 -20.68 16.33 -4.72
N MET H 91 -19.55 16.87 -4.26
CA MET H 91 -18.27 16.22 -4.42
C MET H 91 -18.19 14.92 -3.63
N LYS H 92 -17.84 13.82 -4.30
CA LYS H 92 -17.73 12.51 -3.66
C LYS H 92 -16.26 12.23 -3.41
N GLN H 93 -15.41 12.75 -4.28
CA GLN H 93 -13.96 12.60 -4.13
C GLN H 93 -13.32 13.90 -4.57
N GLY H 94 -12.28 14.31 -3.87
CA GLY H 94 -11.59 15.54 -4.20
C GLY H 94 -11.31 16.34 -2.96
N HIS H 95 -10.96 17.62 -3.13
CA HIS H 95 -10.67 18.50 -2.01
C HIS H 95 -11.24 19.89 -2.28
N ARG H 96 -11.37 20.71 -1.24
CA ARG H 96 -11.87 22.06 -1.43
C ARG H 96 -10.75 22.90 -2.04
N GLY H 97 -11.12 23.95 -2.77
CA GLY H 97 -10.13 24.80 -3.39
C GLY H 97 -10.02 24.59 -4.89
N TRP H 98 -8.97 25.13 -5.49
CA TRP H 98 -8.78 24.98 -6.93
C TRP H 98 -8.47 23.53 -7.28
N LEU H 99 -9.18 23.00 -8.27
CA LEU H 99 -9.00 21.62 -8.68
C LEU H 99 -8.06 21.51 -9.88
N VAL H 100 -7.48 22.64 -10.25
CA VAL H 100 -6.56 22.71 -11.38
C VAL H 100 -5.35 23.51 -10.92
N ASP H 101 -4.17 23.20 -11.45
CA ASP H 101 -2.96 23.92 -11.06
C ASP H 101 -2.83 25.27 -11.77
N LEU H 102 -2.80 26.34 -10.99
CA LEU H 102 -2.68 27.70 -11.53
C LEU H 102 -1.30 28.26 -11.22
N THR H 103 -0.84 27.98 -10.02
CA THR H 103 0.43 28.46 -9.50
C THR H 103 1.71 27.75 -9.94
N GLY H 104 1.60 26.54 -10.48
CA GLY H 104 2.82 25.84 -10.87
C GLY H 104 3.55 25.60 -9.57
N GLU H 105 4.88 25.73 -9.56
CA GLU H 105 5.60 25.52 -8.32
C GLU H 105 5.96 26.82 -7.63
N LEU H 106 5.33 27.90 -8.08
CA LEU H 106 5.56 29.19 -7.47
C LEU H 106 4.45 29.33 -6.42
N VAL H 107 4.77 28.97 -5.19
CA VAL H 107 3.79 29.03 -4.13
C VAL H 107 4.25 30.00 -3.06
N GLY H 108 3.33 30.38 -2.19
CA GLY H 108 3.67 31.30 -1.12
C GLY H 108 3.75 32.75 -1.53
N CYS H 109 3.06 33.15 -2.59
CA CYS H 109 3.09 34.54 -3.04
C CYS H 109 1.83 35.31 -2.67
N SER H 110 1.95 36.63 -2.76
CA SER H 110 0.85 37.58 -2.57
C SER H 110 0.97 38.38 -3.87
N PRO H 111 0.56 37.77 -5.00
CA PRO H 111 0.62 38.41 -6.32
C PRO H 111 0.01 39.81 -6.32
N VAL H 112 0.75 40.80 -6.82
CA VAL H 112 0.24 42.16 -6.86
C VAL H 112 -1.02 42.19 -7.74
N VAL H 113 -2.08 42.79 -7.21
CA VAL H 113 -3.34 42.87 -7.95
C VAL H 113 -3.60 44.26 -8.58
N ALA H 114 -2.99 45.29 -8.02
CA ALA H 114 -3.17 46.64 -8.53
C ALA H 114 -2.23 47.63 -7.87
N GLU H 115 -2.21 48.84 -8.43
CA GLU H 115 -1.39 49.90 -7.89
C GLU H 115 -2.29 51.11 -7.83
N PHE H 116 -2.28 51.82 -6.71
CA PHE H 116 -3.11 52.99 -6.55
C PHE H 116 -2.51 53.96 -5.54
N GLY H 117 -2.67 55.26 -5.81
CA GLY H 117 -2.16 56.28 -4.92
C GLY H 117 -0.72 56.12 -4.52
N GLY H 118 0.07 55.44 -5.34
CA GLY H 118 1.47 55.24 -5.02
C GLY H 118 1.79 53.99 -4.24
N HIS H 119 0.81 53.12 -4.06
CA HIS H 119 1.02 51.88 -3.31
C HIS H 119 0.57 50.66 -4.09
N ARG H 120 1.30 49.57 -3.93
CA ARG H 120 0.94 48.31 -4.56
C ARG H 120 0.06 47.54 -3.57
N TYR H 121 -1.02 46.94 -4.05
CA TYR H 121 -1.92 46.16 -3.22
C TYR H 121 -1.84 44.68 -3.60
N ALA H 122 -1.98 43.82 -2.59
CA ALA H 122 -1.91 42.38 -2.81
C ALA H 122 -3.25 41.75 -3.13
N SER H 123 -3.20 40.63 -3.85
CA SER H 123 -4.39 39.87 -4.16
C SER H 123 -4.62 39.00 -2.92
N GLY H 124 -5.66 38.20 -2.92
CA GLY H 124 -5.93 37.38 -1.75
C GLY H 124 -7.08 38.02 -0.99
N MET H 125 -7.19 37.76 0.31
CA MET H 125 -8.28 38.37 1.04
C MET H 125 -7.89 39.56 1.90
N VAL H 126 -8.73 40.58 1.85
CA VAL H 126 -8.52 41.80 2.61
C VAL H 126 -9.72 42.02 3.51
N ILE H 127 -9.49 42.00 4.81
CA ILE H 127 -10.57 42.22 5.75
C ILE H 127 -10.52 43.67 6.21
N VAL H 128 -11.67 44.32 6.15
CA VAL H 128 -11.79 45.72 6.56
C VAL H 128 -12.60 45.70 7.83
N THR H 129 -11.99 46.11 8.93
CA THR H 129 -12.70 46.09 10.20
C THR H 129 -12.22 47.16 11.18
N GLY H 130 -12.57 46.97 12.44
CA GLY H 130 -12.21 47.93 13.46
C GLY H 130 -13.44 48.40 14.20
N LYS H 131 -13.22 49.16 15.26
CA LYS H 131 -14.31 49.69 16.06
C LYS H 131 -14.27 51.18 15.88
N GLY H 132 -15.42 51.82 15.80
CA GLY H 132 -15.42 53.27 15.62
C GLY H 132 -16.48 53.80 14.68
N ASN H 133 -16.39 55.10 14.39
CA ASN H 133 -17.37 55.75 13.54
C ASN H 133 -17.17 55.56 12.04
N SER H 134 -15.94 55.41 11.59
CA SER H 134 -15.68 55.21 10.16
C SER H 134 -16.43 53.99 9.65
N GLY H 135 -17.31 54.21 8.67
CA GLY H 135 -18.11 53.13 8.09
C GLY H 135 -17.35 52.22 7.15
N LYS H 136 -17.52 50.92 7.34
CA LYS H 136 -16.83 49.94 6.51
C LYS H 136 -17.39 49.82 5.11
N THR H 137 -18.72 49.90 4.98
CA THR H 137 -19.34 49.77 3.67
C THR H 137 -18.82 50.79 2.64
N PRO H 138 -18.76 52.08 3.00
CA PRO H 138 -18.26 53.06 2.02
C PRO H 138 -16.81 52.80 1.64
N LEU H 139 -16.03 52.32 2.60
CA LEU H 139 -14.61 52.04 2.38
C LEU H 139 -14.39 50.85 1.43
N VAL H 140 -15.13 49.76 1.60
CA VAL H 140 -14.92 48.63 0.71
C VAL H 140 -15.28 49.00 -0.73
N HIS H 141 -16.36 49.76 -0.92
CA HIS H 141 -16.75 50.17 -2.27
C HIS H 141 -15.75 51.12 -2.91
N ALA H 142 -15.19 52.03 -2.12
CA ALA H 142 -14.21 52.97 -2.65
C ALA H 142 -12.94 52.21 -3.03
N LEU H 143 -12.58 51.23 -2.21
CA LEU H 143 -11.38 50.46 -2.46
C LEU H 143 -11.59 49.55 -3.69
N GLY H 144 -12.83 49.06 -3.85
CA GLY H 144 -13.13 48.22 -5.00
C GLY H 144 -12.96 49.00 -6.30
N GLU H 145 -13.51 50.21 -6.34
CA GLU H 145 -13.41 51.04 -7.52
C GLU H 145 -11.96 51.43 -7.81
N ALA H 146 -11.20 51.80 -6.77
CA ALA H 146 -9.81 52.20 -6.97
C ALA H 146 -8.90 51.07 -7.44
N LEU H 147 -9.08 49.88 -6.88
CA LEU H 147 -8.26 48.75 -7.29
C LEU H 147 -8.77 48.19 -8.61
N GLY H 148 -10.07 48.35 -8.86
CA GLY H 148 -10.62 47.88 -10.12
C GLY H 148 -9.91 48.62 -11.25
N GLY H 149 -9.69 49.92 -11.07
CA GLY H 149 -9.02 50.73 -12.07
C GLY H 149 -9.84 50.89 -13.34
N LYS H 150 -9.36 50.28 -14.42
CA LYS H 150 -10.04 50.34 -15.71
C LYS H 150 -11.19 49.34 -15.75
N ASP H 151 -11.16 48.39 -14.82
CA ASP H 151 -12.19 47.35 -14.77
C ASP H 151 -13.22 47.60 -13.68
N LYS H 152 -14.41 47.07 -13.89
CA LYS H 152 -15.46 47.22 -12.89
C LYS H 152 -15.18 46.18 -11.80
N TYR H 153 -15.72 46.40 -10.61
CA TYR H 153 -15.51 45.45 -9.53
C TYR H 153 -16.83 44.74 -9.24
N ALA H 154 -16.72 43.50 -8.79
CA ALA H 154 -17.90 42.70 -8.50
C ALA H 154 -18.30 42.83 -7.04
N THR H 155 -19.59 42.95 -6.78
CA THR H 155 -20.09 43.10 -5.42
C THR H 155 -20.97 41.94 -4.98
N VAL H 156 -20.56 41.26 -3.89
CA VAL H 156 -21.33 40.16 -3.33
C VAL H 156 -22.00 40.68 -2.07
N ARG H 157 -23.33 40.60 -2.00
CA ARG H 157 -24.05 41.09 -0.84
C ARG H 157 -24.60 39.96 0.01
N PHE H 158 -24.45 40.08 1.32
CA PHE H 158 -24.90 39.02 2.22
C PHE H 158 -25.22 39.45 3.66
N GLY H 159 -26.33 38.91 4.17
CA GLY H 159 -26.76 39.11 5.54
C GLY H 159 -27.11 40.44 6.15
N GLU H 160 -27.57 41.40 5.37
CA GLU H 160 -27.93 42.69 5.93
C GLU H 160 -29.45 42.86 5.80
N PRO H 161 -30.10 43.52 6.77
CA PRO H 161 -31.55 43.68 6.68
C PRO H 161 -32.00 44.81 5.75
N LEU H 162 -31.52 44.76 4.51
CA LEU H 162 -31.84 45.73 3.48
C LEU H 162 -32.44 45.00 2.27
N SER H 163 -33.08 45.74 1.37
CA SER H 163 -33.72 45.14 0.20
C SER H 163 -32.77 44.43 -0.74
N GLY H 164 -33.24 43.31 -1.28
CA GLY H 164 -32.44 42.53 -2.22
C GLY H 164 -31.23 41.79 -1.67
N TYR H 165 -31.07 41.74 -0.35
CA TYR H 165 -29.93 41.03 0.25
C TYR H 165 -30.20 39.55 0.47
N ASN H 166 -29.33 38.71 -0.05
CA ASN H 166 -29.46 37.28 0.15
C ASN H 166 -28.99 37.02 1.57
N THR H 167 -29.63 36.09 2.26
CA THR H 167 -29.25 35.75 3.62
C THR H 167 -29.06 34.24 3.79
N ASP H 168 -29.02 33.53 2.67
CA ASP H 168 -28.84 32.09 2.67
C ASP H 168 -27.37 31.79 2.35
N PHE H 169 -26.68 31.15 3.28
CA PHE H 169 -25.26 30.85 3.10
C PHE H 169 -24.93 30.12 1.80
N ASN H 170 -25.79 29.19 1.38
CA ASN H 170 -25.46 28.44 0.18
C ASN H 170 -25.49 29.27 -1.09
N VAL H 171 -26.32 30.31 -1.12
CA VAL H 171 -26.37 31.18 -2.28
C VAL H 171 -25.10 32.03 -2.23
N PHE H 172 -24.68 32.35 -1.01
CA PHE H 172 -23.49 33.15 -0.78
C PHE H 172 -22.23 32.53 -1.37
N VAL H 173 -21.96 31.26 -1.09
CA VAL H 173 -20.76 30.61 -1.60
C VAL H 173 -20.83 30.50 -3.11
N ASP H 174 -22.05 30.41 -3.62
CA ASP H 174 -22.25 30.33 -5.05
C ASP H 174 -21.83 31.67 -5.67
N ASP H 175 -22.24 32.79 -5.06
CA ASP H 175 -21.87 34.10 -5.57
C ASP H 175 -20.36 34.28 -5.50
N ILE H 176 -19.76 33.84 -4.39
CA ILE H 176 -18.31 33.97 -4.22
C ILE H 176 -17.51 33.17 -5.24
N ALA H 177 -17.89 31.93 -5.47
CA ALA H 177 -17.16 31.10 -6.43
C ALA H 177 -17.22 31.73 -7.81
N ARG H 178 -18.40 32.14 -8.22
CA ARG H 178 -18.57 32.76 -9.54
C ARG H 178 -17.72 34.02 -9.64
N ALA H 179 -17.72 34.83 -8.59
CA ALA H 179 -16.95 36.07 -8.58
C ALA H 179 -15.46 35.86 -8.76
N MET H 180 -14.89 34.89 -8.04
CA MET H 180 -13.45 34.61 -8.16
C MET H 180 -13.08 33.97 -9.49
N LEU H 181 -14.04 33.33 -10.13
CA LEU H 181 -13.77 32.69 -11.42
C LEU H 181 -13.78 33.74 -12.54
N GLN H 182 -14.56 34.79 -12.34
CA GLN H 182 -14.72 35.81 -13.37
C GLN H 182 -14.20 37.23 -13.15
N HIS H 183 -13.79 37.58 -11.94
CA HIS H 183 -13.33 38.95 -11.71
C HIS H 183 -12.08 39.09 -10.85
N ARG H 184 -11.34 40.15 -11.11
CA ARG H 184 -10.10 40.45 -10.42
C ARG H 184 -10.31 41.18 -9.08
N VAL H 185 -11.36 41.99 -9.01
CA VAL H 185 -11.64 42.78 -7.80
C VAL H 185 -13.05 42.51 -7.32
N ILE H 186 -13.13 41.94 -6.12
CA ILE H 186 -14.39 41.55 -5.52
C ILE H 186 -14.60 42.17 -4.15
N VAL H 187 -15.83 42.57 -3.89
CA VAL H 187 -16.21 43.16 -2.63
C VAL H 187 -17.29 42.30 -2.00
N ILE H 188 -17.13 41.96 -0.74
CA ILE H 188 -18.12 41.18 -0.03
C ILE H 188 -18.63 42.09 1.07
N ASP H 189 -19.90 42.43 1.02
CA ASP H 189 -20.39 43.29 2.08
C ASP H 189 -21.08 42.48 3.14
N SER H 190 -20.35 42.41 4.26
CA SER H 190 -20.72 41.72 5.48
C SER H 190 -20.37 40.25 5.53
N LEU H 191 -19.34 39.94 6.30
CA LEU H 191 -18.92 38.57 6.52
C LEU H 191 -19.65 38.14 7.81
N LYS H 192 -20.95 38.38 7.86
CA LYS H 192 -21.75 38.02 9.03
C LYS H 192 -21.91 36.51 9.13
N ASN H 193 -22.52 36.06 10.23
CA ASN H 193 -22.74 34.63 10.45
C ASN H 193 -21.38 33.94 10.53
N VAL H 194 -20.61 34.01 9.45
CA VAL H 194 -19.27 33.43 9.46
C VAL H 194 -18.55 34.27 10.51
N ILE H 195 -17.78 33.63 11.38
CA ILE H 195 -17.07 34.34 12.44
C ILE H 195 -18.13 35.07 13.29
N ILE H 207 -20.47 28.09 14.89
CA ILE H 207 -20.30 28.38 13.48
C ILE H 207 -20.52 27.12 12.66
N SER H 208 -21.18 27.24 11.51
CA SER H 208 -21.44 26.08 10.67
C SER H 208 -20.13 25.61 10.03
N ARG H 209 -20.09 24.34 9.61
CA ARG H 209 -18.88 23.80 8.99
C ARG H 209 -18.56 24.59 7.74
N GLY H 210 -19.59 24.97 7.00
CA GLY H 210 -19.39 25.72 5.77
C GLY H 210 -18.73 27.06 6.01
N ALA H 211 -19.21 27.76 7.04
CA ALA H 211 -18.67 29.06 7.40
C ALA H 211 -17.22 28.94 7.83
N PHE H 212 -16.90 27.85 8.52
CA PHE H 212 -15.54 27.62 9.00
C PHE H 212 -14.61 27.32 7.82
N ASP H 213 -15.11 26.56 6.85
CA ASP H 213 -14.31 26.22 5.67
C ASP H 213 -14.00 27.48 4.86
N LEU H 214 -15.02 28.33 4.72
CA LEU H 214 -14.91 29.56 3.97
C LEU H 214 -13.81 30.47 4.53
N LEU H 215 -13.86 30.72 5.84
CA LEU H 215 -12.88 31.57 6.48
C LEU H 215 -11.45 31.08 6.28
N SER H 216 -11.27 29.77 6.30
CA SER H 216 -9.92 29.23 6.14
C SER H 216 -9.50 28.89 4.71
N ASP H 217 -10.40 29.05 3.74
CA ASP H 217 -10.07 28.73 2.36
C ASP H 217 -9.98 29.94 1.44
N ILE H 218 -10.89 30.90 1.63
CA ILE H 218 -10.97 32.04 0.74
C ILE H 218 -9.69 32.82 0.43
N GLY H 219 -8.86 33.07 1.43
CA GLY H 219 -7.62 33.79 1.19
C GLY H 219 -6.69 33.07 0.23
N ALA H 220 -6.50 31.77 0.44
CA ALA H 220 -5.62 30.99 -0.43
C ALA H 220 -6.22 30.86 -1.83
N MET H 221 -7.53 30.72 -1.91
CA MET H 221 -8.18 30.62 -3.22
C MET H 221 -7.92 31.91 -4.01
N ALA H 222 -8.19 33.04 -3.37
CA ALA H 222 -8.01 34.34 -4.01
C ALA H 222 -6.55 34.62 -4.43
N ALA H 223 -5.60 34.36 -3.54
CA ALA H 223 -4.19 34.59 -3.83
C ALA H 223 -3.70 33.70 -4.99
N SER H 224 -4.24 32.49 -5.07
CA SER H 224 -3.86 31.58 -6.15
C SER H 224 -4.35 32.10 -7.50
N ARG H 225 -5.55 32.66 -7.50
CA ARG H 225 -6.15 33.19 -8.71
C ARG H 225 -5.49 34.52 -9.10
N GLY H 226 -5.11 35.32 -8.11
CA GLY H 226 -4.52 36.61 -8.40
C GLY H 226 -5.60 37.68 -8.27
N CYS H 227 -6.75 37.31 -7.69
CA CYS H 227 -7.83 38.28 -7.49
C CYS H 227 -7.84 38.76 -6.03
N VAL H 228 -8.52 39.86 -5.77
CA VAL H 228 -8.60 40.38 -4.41
C VAL H 228 -10.03 40.40 -3.91
N VAL H 229 -10.25 39.87 -2.72
CA VAL H 229 -11.56 39.85 -2.10
C VAL H 229 -11.53 40.81 -0.90
N ILE H 230 -12.31 41.89 -0.99
CA ILE H 230 -12.36 42.94 0.02
C ILE H 230 -13.64 42.75 0.85
N ALA H 231 -13.48 42.26 2.06
CA ALA H 231 -14.63 41.98 2.90
C ALA H 231 -14.75 42.83 4.16
N SER H 232 -15.94 43.35 4.40
CA SER H 232 -16.19 44.15 5.58
C SER H 232 -16.57 43.19 6.69
N LEU H 233 -16.11 43.49 7.89
CA LEU H 233 -16.40 42.67 9.04
C LEU H 233 -16.61 43.58 10.24
N ASN H 234 -17.87 43.69 10.67
CA ASN H 234 -18.17 44.53 11.81
C ASN H 234 -18.03 43.74 13.09
N PRO H 235 -17.17 44.20 14.01
CA PRO H 235 -16.98 43.49 15.27
C PRO H 235 -18.21 43.76 16.13
N THR H 236 -19.38 43.62 15.49
CA THR H 236 -20.67 43.83 16.13
C THR H 236 -20.71 43.14 17.49
N SER H 237 -20.60 41.81 17.46
CA SER H 237 -20.61 41.03 18.67
C SER H 237 -19.73 41.76 19.68
N ASN H 238 -20.36 42.45 20.62
CA ASN H 238 -19.66 43.21 21.66
C ASN H 238 -19.05 44.48 21.09
N ASP H 239 -18.87 45.48 21.96
CA ASP H 239 -18.26 46.75 21.58
C ASP H 239 -17.02 46.90 22.44
N ASP H 240 -16.86 45.94 23.34
CA ASP H 240 -15.72 45.89 24.25
C ASP H 240 -14.46 45.85 23.39
N LYS H 241 -13.30 46.00 24.02
CA LYS H 241 -12.06 45.94 23.27
C LYS H 241 -11.83 44.49 22.86
N ILE H 242 -12.94 43.82 22.53
CA ILE H 242 -12.95 42.45 22.06
C ILE H 242 -12.74 42.58 20.55
N VAL H 243 -12.64 43.82 20.10
CA VAL H 243 -12.42 44.11 18.68
C VAL H 243 -11.03 43.59 18.33
N GLU H 244 -10.31 43.13 19.35
CA GLU H 244 -8.98 42.58 19.20
C GLU H 244 -9.13 41.08 18.95
N LEU H 245 -10.34 40.57 19.19
CA LEU H 245 -10.65 39.15 18.99
C LEU H 245 -10.81 38.85 17.51
N VAL H 246 -11.88 39.38 16.91
CA VAL H 246 -12.12 39.17 15.49
C VAL H 246 -10.87 39.61 14.74
N LYS H 247 -10.28 40.70 15.20
CA LYS H 247 -9.04 41.19 14.61
C LYS H 247 -8.04 40.10 15.03
N GLU H 248 -6.81 40.16 14.53
CA GLU H 248 -5.84 39.10 14.87
C GLU H 248 -6.34 37.83 14.20
N ALA H 249 -7.57 37.41 14.54
CA ALA H 249 -8.18 36.25 13.93
C ALA H 249 -8.40 36.62 12.47
N SER H 250 -8.54 37.92 12.24
CA SER H 250 -8.72 38.50 10.91
C SER H 250 -7.34 38.50 10.28
N ARG H 251 -6.40 39.06 11.03
CA ARG H 251 -5.00 39.16 10.64
C ARG H 251 -4.41 37.80 10.30
N SER H 252 -4.92 36.75 10.92
CA SER H 252 -4.44 35.39 10.69
C SER H 252 -4.98 34.71 9.44
N ASN H 253 -6.20 35.03 9.03
CA ASN H 253 -6.77 34.41 7.84
C ASN H 253 -6.88 35.39 6.68
N SER H 254 -6.22 36.53 6.81
CA SER H 254 -6.26 37.55 5.77
C SER H 254 -4.88 37.77 5.19
N THR H 255 -4.84 38.12 3.92
CA THR H 255 -3.58 38.41 3.26
C THR H 255 -3.23 39.85 3.63
N SER H 256 -4.26 40.69 3.77
CA SER H 256 -4.08 42.10 4.15
C SER H 256 -5.20 42.51 5.10
N LEU H 257 -4.91 43.49 5.94
CA LEU H 257 -5.87 44.02 6.89
C LEU H 257 -5.99 45.54 6.72
N VAL H 258 -7.23 46.04 6.78
CA VAL H 258 -7.49 47.47 6.69
C VAL H 258 -8.34 47.80 7.91
N ILE H 259 -7.75 48.51 8.87
CA ILE H 259 -8.44 48.85 10.11
C ILE H 259 -8.53 50.36 10.30
N SER H 260 -9.65 50.80 10.86
CA SER H 260 -9.87 52.21 11.13
C SER H 260 -9.00 52.68 12.30
N THR H 261 -8.75 53.97 12.37
CA THR H 261 -7.94 54.52 13.43
C THR H 261 -8.78 55.46 14.28
N ASP H 262 -8.15 56.12 15.24
CA ASP H 262 -8.88 57.04 16.11
C ASP H 262 -9.17 58.40 15.46
N VAL H 263 -8.60 58.62 14.27
CA VAL H 263 -8.85 59.86 13.54
C VAL H 263 -9.86 59.52 12.45
N ASP H 264 -11.00 60.18 12.47
CA ASP H 264 -12.05 59.92 11.49
C ASP H 264 -11.60 60.05 10.06
N GLY H 265 -12.02 59.07 9.24
CA GLY H 265 -11.66 59.05 7.84
C GLY H 265 -10.30 58.42 7.56
N GLU H 266 -9.51 58.17 8.60
CA GLU H 266 -8.19 57.58 8.40
C GLU H 266 -8.15 56.08 8.64
N TRP H 267 -7.49 55.36 7.74
CA TRP H 267 -7.39 53.90 7.85
C TRP H 267 -5.95 53.43 7.71
N GLN H 268 -5.66 52.28 8.30
CA GLN H 268 -4.32 51.73 8.21
C GLN H 268 -4.37 50.42 7.42
N VAL H 269 -3.44 50.27 6.48
CA VAL H 269 -3.36 49.08 5.63
C VAL H 269 -2.12 48.27 6.00
N LEU H 270 -2.34 47.02 6.40
CA LEU H 270 -1.24 46.12 6.78
C LEU H 270 -1.27 45.01 5.74
N THR H 271 -0.17 44.82 5.04
CA THR H 271 -0.16 43.79 4.00
C THR H 271 1.00 42.81 4.05
N ARG H 272 0.65 41.54 3.86
CA ARG H 272 1.63 40.45 3.85
C ARG H 272 2.10 40.32 2.41
N THR H 273 3.37 40.60 2.19
CA THR H 273 3.93 40.57 0.85
C THR H 273 4.34 39.20 0.34
N GLY H 274 4.25 38.20 1.20
CA GLY H 274 4.61 36.85 0.79
C GLY H 274 5.05 35.95 1.92
N GLU H 275 5.23 34.67 1.60
CA GLU H 275 5.66 33.66 2.56
C GLU H 275 6.99 34.05 3.22
N GLY H 276 6.92 34.33 4.52
CA GLY H 276 8.12 34.69 5.25
C GLY H 276 8.72 36.05 4.92
N LEU H 277 7.99 36.83 4.11
CA LEU H 277 8.44 38.16 3.72
C LEU H 277 7.97 39.22 4.70
N GLN H 278 8.40 40.47 4.49
CA GLN H 278 8.03 41.56 5.37
C GLN H 278 6.58 42.01 5.24
N ARG H 279 5.97 42.41 6.36
CA ARG H 279 4.61 42.91 6.36
C ARG H 279 4.75 44.42 6.23
N LEU H 280 4.13 45.00 5.21
CA LEU H 280 4.21 46.43 5.00
C LEU H 280 2.98 47.14 5.57
N THR H 281 3.11 48.44 5.80
CA THR H 281 2.01 49.23 6.32
C THR H 281 2.02 50.64 5.74
N HIS H 282 0.85 51.16 5.41
CA HIS H 282 0.74 52.54 4.94
C HIS H 282 -0.60 53.11 5.40
N THR H 283 -0.75 54.43 5.34
CA THR H 283 -1.99 55.06 5.79
C THR H 283 -2.84 55.56 4.63
N LEU H 284 -4.14 55.67 4.87
CA LEU H 284 -5.09 56.14 3.88
C LEU H 284 -5.96 57.27 4.45
N GLN H 285 -6.15 58.33 3.66
CA GLN H 285 -6.99 59.45 4.08
C GLN H 285 -8.22 59.40 3.18
N THR H 286 -9.39 59.70 3.73
CA THR H 286 -10.61 59.65 2.91
C THR H 286 -11.60 60.75 3.26
N SER H 287 -12.58 60.95 2.39
CA SER H 287 -13.61 61.96 2.63
C SER H 287 -14.85 61.64 1.81
N TYR H 288 -16.00 62.08 2.31
CA TYR H 288 -17.28 61.84 1.66
C TYR H 288 -17.69 62.91 0.65
N GLY H 289 -18.50 62.49 -0.32
CA GLY H 289 -19.02 63.38 -1.33
C GLY H 289 -20.52 63.28 -1.20
N GLU H 290 -21.24 63.40 -2.31
CA GLU H 290 -22.69 63.32 -2.26
C GLU H 290 -23.18 61.87 -2.14
N HIS H 291 -24.30 61.69 -1.44
CA HIS H 291 -24.91 60.38 -1.23
C HIS H 291 -23.95 59.40 -0.57
N SER H 292 -23.09 59.92 0.30
CA SER H 292 -22.15 59.09 1.02
C SER H 292 -21.11 58.34 0.17
N VAL H 293 -20.79 58.86 -1.02
CA VAL H 293 -19.79 58.21 -1.84
C VAL H 293 -18.45 58.62 -1.22
N LEU H 294 -17.63 57.63 -0.92
CA LEU H 294 -16.33 57.86 -0.28
C LEU H 294 -15.22 57.93 -1.30
N THR H 295 -14.25 58.80 -1.06
CA THR H 295 -13.11 58.94 -1.96
C THR H 295 -11.80 58.78 -1.17
N ILE H 296 -10.87 58.02 -1.73
CA ILE H 296 -9.58 57.81 -1.09
C ILE H 296 -8.58 58.80 -1.70
N HIS H 297 -8.03 59.69 -0.88
CA HIS H 297 -7.08 60.66 -1.38
C HIS H 297 -5.79 60.03 -1.84
N THR H 298 -5.19 60.61 -2.88
CA THR H 298 -3.94 60.13 -3.43
C THR H 298 -2.96 61.29 -3.49
N SER H 299 -1.76 61.08 -2.96
CA SER H 299 -0.72 62.11 -2.94
C SER H 299 -0.35 62.60 -4.35
N LYS H 300 0.50 63.52 -4.44
N MET I 1 3.72 -3.33 21.35
CA MET I 1 3.45 -4.47 22.26
C MET I 1 3.94 -4.14 23.66
N ILE I 2 3.72 -5.04 24.61
CA ILE I 2 4.19 -4.80 25.96
C ILE I 2 5.55 -5.47 26.12
N HIS I 3 6.41 -4.87 26.94
CA HIS I 3 7.74 -5.40 27.20
C HIS I 3 7.92 -5.71 28.68
N LEU I 4 8.71 -6.75 28.97
CA LEU I 4 8.97 -7.15 30.35
C LEU I 4 10.41 -6.78 30.71
N TYR I 5 10.64 -6.44 31.97
CA TYR I 5 11.97 -6.07 32.42
C TYR I 5 12.27 -6.50 33.85
N ASP I 6 13.56 -6.57 34.14
CA ASP I 6 14.08 -6.83 35.48
C ASP I 6 15.19 -5.78 35.55
N ALA I 7 15.84 -5.62 36.69
CA ALA I 7 16.87 -4.60 36.81
C ALA I 7 17.89 -4.63 35.68
N LYS I 8 18.34 -5.82 35.29
CA LYS I 8 19.34 -5.93 34.25
C LYS I 8 18.89 -5.52 32.85
N SER I 9 17.79 -6.10 32.39
CA SER I 9 17.30 -5.76 31.06
C SER I 9 16.91 -4.27 30.99
N PHE I 10 16.39 -3.72 32.09
CA PHE I 10 16.04 -2.30 32.09
C PHE I 10 17.30 -1.44 31.94
N ALA I 11 18.36 -1.77 32.66
CA ALA I 11 19.59 -1.00 32.59
C ALA I 11 20.14 -1.00 31.16
N LYS I 12 20.04 -2.15 30.49
CA LYS I 12 20.52 -2.25 29.11
C LYS I 12 19.71 -1.35 28.20
N LEU I 13 18.39 -1.36 28.38
CA LEU I 13 17.50 -0.53 27.59
C LEU I 13 17.92 0.95 27.71
N ARG I 14 18.04 1.43 28.94
CA ARG I 14 18.44 2.81 29.17
C ARG I 14 19.78 3.13 28.51
N ALA I 15 20.74 2.21 28.54
CA ALA I 15 22.03 2.44 27.91
C ALA I 15 21.86 2.56 26.39
N ALA I 16 21.03 1.69 25.82
CA ALA I 16 20.79 1.71 24.38
C ALA I 16 20.08 3.03 23.97
N GLN I 17 19.10 3.45 24.76
CA GLN I 17 18.38 4.69 24.46
C GLN I 17 19.34 5.88 24.51
N TYR I 18 20.21 5.88 25.51
CA TYR I 18 21.17 6.96 25.67
C TYR I 18 22.08 7.02 24.44
N ALA I 19 22.50 5.86 23.95
CA ALA I 19 23.36 5.80 22.78
C ALA I 19 22.65 6.25 21.51
N ALA I 20 21.37 5.91 21.39
CA ALA I 20 20.60 6.27 20.21
C ALA I 20 20.61 7.78 19.95
N PHE I 21 20.82 8.57 20.99
CA PHE I 21 20.87 10.01 20.81
C PHE I 21 22.29 10.58 20.88
N HIS I 22 23.05 10.14 21.88
CA HIS I 22 24.39 10.63 22.11
C HIS I 22 25.56 10.11 21.29
N THR I 23 25.58 8.82 20.96
CA THR I 23 26.72 8.28 20.25
C THR I 23 26.50 7.70 18.85
N ASP I 24 25.29 7.24 18.54
CA ASP I 24 25.03 6.72 17.21
C ASP I 24 25.40 7.78 16.17
N ALA I 25 25.68 7.34 14.95
CA ALA I 25 26.00 8.28 13.90
C ALA I 25 24.71 8.99 13.47
N PRO I 26 24.74 10.33 13.39
CA PRO I 26 23.59 11.15 13.01
C PRO I 26 22.92 10.64 11.75
N GLY I 27 21.61 10.40 11.82
CA GLY I 27 20.90 9.91 10.66
C GLY I 27 20.97 8.42 10.40
N SER I 28 21.72 7.67 11.20
CA SER I 28 21.82 6.21 10.96
C SER I 28 20.50 5.48 11.21
N TRP I 29 19.70 5.96 12.16
CA TRP I 29 18.41 5.34 12.43
C TRP I 29 17.50 5.47 11.19
N PHE I 30 17.44 6.66 10.61
CA PHE I 30 16.64 6.87 9.42
C PHE I 30 17.04 5.87 8.32
N ASP I 31 18.33 5.78 8.06
CA ASP I 31 18.84 4.87 7.04
C ASP I 31 18.43 3.42 7.32
N HIS I 32 18.47 3.05 8.59
CA HIS I 32 18.06 1.71 8.96
C HIS I 32 16.57 1.47 8.72
N THR I 33 15.71 2.41 9.07
CA THR I 33 14.27 2.19 8.83
C THR I 33 14.00 2.24 7.34
N SER I 34 14.81 3.00 6.61
CA SER I 34 14.66 3.06 5.16
C SER I 34 14.88 1.65 4.62
N GLY I 35 15.92 1.00 5.14
CA GLY I 35 16.22 -0.36 4.72
C GLY I 35 15.05 -1.29 4.97
N VAL I 36 14.52 -1.25 6.18
CA VAL I 36 13.38 -2.08 6.54
C VAL I 36 12.19 -1.82 5.63
N LEU I 37 11.83 -0.54 5.43
CA LEU I 37 10.69 -0.23 4.55
C LEU I 37 10.90 -0.76 3.15
N GLU I 38 12.12 -0.66 2.64
CA GLU I 38 12.42 -1.12 1.30
C GLU I 38 12.23 -2.63 1.18
N SER I 39 12.29 -3.32 2.33
CA SER I 39 12.10 -4.77 2.37
C SER I 39 10.70 -5.29 2.29
N VAL I 40 9.75 -4.39 2.41
CA VAL I 40 8.35 -4.76 2.36
C VAL I 40 7.87 -5.16 0.97
N GLU I 41 7.02 -6.17 0.94
CA GLU I 41 6.45 -6.78 -0.28
C GLU I 41 5.77 -5.94 -1.36
N ASP I 42 5.59 -4.64 -1.15
CA ASP I 42 4.89 -3.81 -2.15
C ASP I 42 3.40 -4.12 -2.06
N GLY I 43 2.58 -3.07 -1.96
CA GLY I 43 1.16 -3.27 -1.83
C GLY I 43 0.85 -3.60 -0.38
N THR I 44 1.89 -3.85 0.40
CA THR I 44 1.76 -4.18 1.80
C THR I 44 1.65 -2.89 2.59
N PRO I 45 0.58 -2.73 3.38
CA PRO I 45 0.37 -1.53 4.20
C PRO I 45 1.50 -1.27 5.19
N VAL I 46 2.01 -0.04 5.24
CA VAL I 46 3.08 0.28 6.18
C VAL I 46 2.73 1.47 7.09
N LEU I 47 1.84 2.33 6.62
CA LEU I 47 1.46 3.52 7.38
C LEU I 47 -0.03 3.84 7.32
N ALA I 48 -0.62 4.16 8.46
CA ALA I 48 -2.04 4.51 8.53
C ALA I 48 -2.13 5.82 9.30
N ILE I 49 -2.84 6.78 8.74
CA ILE I 49 -3.00 8.08 9.37
C ILE I 49 -4.45 8.54 9.27
N GLY I 50 -4.91 9.26 10.30
CA GLY I 50 -6.28 9.71 10.30
C GLY I 50 -6.66 10.94 9.50
N VAL I 51 -7.82 10.89 8.86
CA VAL I 51 -8.34 12.01 8.09
C VAL I 51 -9.33 12.76 8.97
N GLU I 52 -9.78 13.92 8.51
CA GLU I 52 -10.67 14.79 9.27
C GLU I 52 -11.80 14.14 10.09
N SER I 53 -12.53 13.21 9.46
CA SER I 53 -13.65 12.53 10.11
C SER I 53 -13.24 11.61 11.25
N GLY I 54 -11.99 11.17 11.26
CA GLY I 54 -11.55 10.25 12.30
C GLY I 54 -11.22 8.91 11.70
N ASP I 55 -11.64 8.70 10.45
CA ASP I 55 -11.32 7.46 9.73
C ASP I 55 -9.83 7.56 9.41
N ALA I 56 -9.26 6.49 8.86
CA ALA I 56 -7.85 6.48 8.53
C ALA I 56 -7.59 5.96 7.11
N ILE I 57 -6.58 6.52 6.46
CA ILE I 57 -6.20 6.09 5.12
C ILE I 57 -4.87 5.34 5.27
N VAL I 58 -4.58 4.46 4.32
CA VAL I 58 -3.38 3.63 4.39
C VAL I 58 -2.45 3.76 3.18
N PHE I 59 -1.15 3.68 3.43
CA PHE I 59 -0.15 3.78 2.36
C PHE I 59 0.84 2.62 2.33
N ASP I 60 1.40 2.35 1.14
CA ASP I 60 2.43 1.32 1.02
C ASP I 60 3.80 2.00 1.14
N LYS I 61 4.86 1.24 1.01
CA LYS I 61 6.21 1.79 1.12
C LYS I 61 6.55 2.87 0.09
N ASN I 62 5.74 2.98 -0.96
CA ASN I 62 5.99 3.96 -2.01
C ASN I 62 5.07 5.17 -1.89
N ALA I 63 4.44 5.33 -0.73
CA ALA I 63 3.54 6.44 -0.50
C ALA I 63 2.36 6.40 -1.44
N GLN I 64 1.98 5.19 -1.83
CA GLN I 64 0.84 5.03 -2.72
C GLN I 64 -0.32 4.62 -1.82
N ARG I 65 -1.46 5.25 -1.99
CA ARG I 65 -2.61 4.93 -1.15
C ARG I 65 -3.23 3.57 -1.50
N ILE I 66 -3.53 2.79 -0.47
CA ILE I 66 -4.12 1.48 -0.63
C ILE I 66 -5.63 1.56 -0.53
N VAL I 67 -6.32 1.23 -1.62
CA VAL I 67 -7.77 1.30 -1.65
C VAL I 67 -8.46 0.03 -1.17
N ALA I 68 -7.91 -1.13 -1.53
CA ALA I 68 -8.50 -2.40 -1.11
C ALA I 68 -7.43 -3.38 -0.68
N TYR I 69 -7.66 -4.03 0.45
CA TYR I 69 -6.70 -4.98 1.00
C TYR I 69 -7.42 -5.93 1.92
N LYS I 70 -7.49 -7.20 1.50
CA LYS I 70 -8.17 -8.22 2.29
C LYS I 70 -7.46 -8.49 3.61
N GLU I 71 -8.27 -8.74 4.64
CA GLU I 71 -7.78 -9.02 5.97
C GLU I 71 -6.51 -9.87 5.96
N LYS I 72 -5.62 -9.58 6.90
CA LYS I 72 -4.38 -10.32 7.05
C LYS I 72 -3.83 -10.07 8.44
N SER I 73 -3.58 -11.14 9.18
CA SER I 73 -3.07 -11.03 10.55
C SER I 73 -1.60 -11.41 10.67
N VAL I 74 -0.99 -10.98 11.77
CA VAL I 74 0.40 -11.27 12.07
C VAL I 74 0.55 -11.41 13.58
N LYS I 75 1.11 -12.54 14.02
CA LYS I 75 1.30 -12.77 15.44
C LYS I 75 2.75 -12.48 15.83
N ALA I 76 2.93 -11.82 16.96
CA ALA I 76 4.26 -11.48 17.45
C ALA I 76 4.66 -12.38 18.62
N GLU I 77 5.79 -12.06 19.24
CA GLU I 77 6.29 -12.82 20.37
C GLU I 77 5.40 -12.50 21.58
N ASP I 78 4.93 -11.26 21.62
CA ASP I 78 4.05 -10.78 22.69
C ASP I 78 2.84 -11.70 22.83
N GLY I 79 2.57 -12.48 21.80
CA GLY I 79 1.43 -13.37 21.81
C GLY I 79 0.26 -12.65 21.18
N SER I 80 0.34 -11.33 21.17
CA SER I 80 -0.69 -10.48 20.60
C SER I 80 -0.63 -10.59 19.07
N VAL I 81 -1.71 -10.19 18.41
CA VAL I 81 -1.76 -10.25 16.96
C VAL I 81 -2.28 -8.94 16.38
N SER I 82 -1.74 -8.56 15.23
CA SER I 82 -2.17 -7.34 14.56
C SER I 82 -2.91 -7.73 13.28
N VAL I 83 -3.94 -6.97 12.94
CA VAL I 83 -4.72 -7.24 11.76
C VAL I 83 -4.85 -5.98 10.93
N VAL I 84 -4.84 -6.14 9.62
CA VAL I 84 -4.97 -4.99 8.73
C VAL I 84 -5.94 -5.30 7.61
N GLN I 85 -6.92 -4.43 7.42
CA GLN I 85 -7.92 -4.59 6.38
C GLN I 85 -8.34 -3.24 5.85
N VAL I 86 -8.22 -3.05 4.55
CA VAL I 86 -8.61 -1.80 3.93
C VAL I 86 -9.76 -2.08 2.99
N GLU I 87 -10.82 -1.30 3.11
CA GLU I 87 -11.98 -1.47 2.27
C GLU I 87 -12.55 -0.15 1.79
N ASN I 88 -12.61 0.00 0.47
CA ASN I 88 -13.14 1.20 -0.16
C ASN I 88 -12.34 2.47 0.18
N GLY I 89 -11.02 2.32 0.29
CA GLY I 89 -10.18 3.47 0.59
C GLY I 89 -9.96 3.80 2.06
N PHE I 90 -10.62 3.07 2.96
CA PHE I 90 -10.45 3.32 4.38
C PHE I 90 -10.16 2.06 5.19
N MET I 91 -9.41 2.24 6.26
CA MET I 91 -9.04 1.15 7.15
C MET I 91 -10.26 0.57 7.86
N LYS I 92 -10.44 -0.75 7.74
CA LYS I 92 -11.57 -1.43 8.38
C LYS I 92 -11.06 -2.10 9.66
N GLN I 93 -9.81 -2.53 9.62
CA GLN I 93 -9.17 -3.17 10.78
C GLN I 93 -7.72 -2.70 10.81
N GLY I 94 -7.22 -2.47 12.02
CA GLY I 94 -5.85 -2.01 12.17
C GLY I 94 -5.78 -0.87 13.15
N HIS I 95 -4.67 -0.15 13.16
CA HIS I 95 -4.48 0.99 14.06
C HIS I 95 -3.74 2.12 13.34
N ARG I 96 -3.79 3.31 13.91
CA ARG I 96 -3.08 4.43 13.30
C ARG I 96 -1.59 4.28 13.61
N GLY I 97 -0.74 4.82 12.74
CA GLY I 97 0.69 4.71 12.95
C GLY I 97 1.36 3.73 12.01
N TRP I 98 2.61 3.37 12.30
CA TRP I 98 3.34 2.42 11.48
C TRP I 98 2.74 1.03 11.60
N LEU I 99 2.47 0.41 10.47
CA LEU I 99 1.85 -0.91 10.43
C LEU I 99 2.91 -2.00 10.29
N VAL I 100 4.17 -1.58 10.33
CA VAL I 100 5.29 -2.49 10.22
C VAL I 100 6.28 -2.15 11.33
N ASP I 101 6.99 -3.15 11.85
CA ASP I 101 7.94 -2.92 12.92
C ASP I 101 9.26 -2.33 12.41
N LEU I 102 9.60 -1.15 12.87
CA LEU I 102 10.82 -0.47 12.47
C LEU I 102 11.82 -0.46 13.61
N THR I 103 11.28 -0.23 14.81
CA THR I 103 12.06 -0.11 16.03
C THR I 103 12.54 -1.40 16.71
N GLY I 104 11.95 -2.54 16.37
CA GLY I 104 12.35 -3.76 17.04
C GLY I 104 11.94 -3.58 18.49
N GLU I 105 12.76 -4.01 19.44
CA GLU I 105 12.40 -3.81 20.84
C GLU I 105 13.12 -2.62 21.46
N LEU I 106 13.72 -1.81 20.59
CA LEU I 106 14.40 -0.61 21.06
C LEU I 106 13.35 0.50 20.96
N VAL I 107 12.67 0.76 22.07
CA VAL I 107 11.63 1.77 22.09
C VAL I 107 11.98 2.87 23.07
N GLY I 108 11.28 4.00 22.97
CA GLY I 108 11.52 5.12 23.87
C GLY I 108 12.73 5.96 23.51
N CYS I 109 13.15 5.95 22.25
CA CYS I 109 14.31 6.73 21.83
C CYS I 109 13.94 8.03 21.11
N SER I 110 14.94 8.90 21.01
CA SER I 110 14.86 10.16 20.30
C SER I 110 16.10 10.04 19.41
N PRO I 111 16.05 9.15 18.39
CA PRO I 111 17.15 8.91 17.47
C PRO I 111 17.74 10.20 16.92
N VAL I 112 19.06 10.35 17.02
CA VAL I 112 19.71 11.57 16.51
C VAL I 112 19.49 11.64 15.00
N VAL I 113 19.03 12.80 14.53
CA VAL I 113 18.74 12.99 13.11
C VAL I 113 19.82 13.78 12.36
N ALA I 114 20.59 14.57 13.09
CA ALA I 114 21.62 15.39 12.49
C ALA I 114 22.47 16.08 13.53
N GLU I 115 23.55 16.69 13.06
CA GLU I 115 24.44 17.43 13.93
C GLU I 115 24.73 18.73 13.21
N PHE I 116 24.64 19.84 13.93
CA PHE I 116 24.89 21.15 13.33
C PHE I 116 25.35 22.15 14.38
N GLY I 117 26.24 23.04 13.96
CA GLY I 117 26.79 24.05 14.85
C GLY I 117 27.28 23.55 16.19
N GLY I 118 27.69 22.28 16.23
CA GLY I 118 28.18 21.73 17.48
C GLY I 118 27.12 21.09 18.36
N HIS I 119 25.90 20.95 17.85
CA HIS I 119 24.82 20.33 18.62
C HIS I 119 24.14 19.19 17.88
N ARG I 120 23.74 18.17 18.61
CA ARG I 120 23.01 17.04 18.03
C ARG I 120 21.52 17.35 18.14
N TYR I 121 20.78 17.08 17.08
CA TYR I 121 19.34 17.32 17.07
C TYR I 121 18.58 16.01 16.99
N ALA I 122 17.46 15.95 17.67
CA ALA I 122 16.64 14.75 17.71
C ALA I 122 15.63 14.65 16.58
N SER I 123 15.28 13.41 16.22
CA SER I 123 14.26 13.19 15.22
C SER I 123 12.94 13.29 16.00
N GLY I 124 11.81 13.10 15.32
CA GLY I 124 10.53 13.22 16.00
C GLY I 124 9.95 14.57 15.64
N MET I 125 9.07 15.11 16.48
CA MET I 125 8.50 16.39 16.14
C MET I 125 9.06 17.57 16.90
N VAL I 126 9.32 18.64 16.16
CA VAL I 126 9.85 19.87 16.72
C VAL I 126 8.88 20.99 16.46
N ILE I 127 8.31 21.55 17.52
CA ILE I 127 7.39 22.66 17.36
C ILE I 127 8.16 23.96 17.59
N VAL I 128 7.99 24.89 16.66
CA VAL I 128 8.63 26.20 16.73
C VAL I 128 7.54 27.21 17.02
N THR I 129 7.60 27.84 18.18
CA THR I 129 6.57 28.77 18.56
C THR I 129 7.04 29.90 19.46
N GLY I 130 6.09 30.54 20.12
CA GLY I 130 6.40 31.64 21.01
C GLY I 130 5.65 32.90 20.59
N LYS I 131 5.77 33.94 21.39
CA LYS I 131 5.10 35.19 21.09
C LYS I 131 6.22 36.19 20.87
N GLY I 132 6.05 37.10 19.93
CA GLY I 132 7.11 38.06 19.69
C GLY I 132 7.33 38.41 18.24
N ASN I 133 8.37 39.20 17.99
CA ASN I 133 8.69 39.64 16.64
C ASN I 133 9.41 38.62 15.76
N SER I 134 10.23 37.76 16.36
CA SER I 134 10.95 36.76 15.59
C SER I 134 9.97 35.88 14.80
N GLY I 135 10.12 35.87 13.47
CA GLY I 135 9.24 35.11 12.60
C GLY I 135 9.55 33.63 12.56
N LYS I 136 8.50 32.82 12.71
CA LYS I 136 8.64 31.38 12.71
C LYS I 136 8.94 30.78 11.34
N THR I 137 8.34 31.32 10.28
CA THR I 137 8.56 30.79 8.95
C THR I 137 10.04 30.81 8.52
N PRO I 138 10.76 31.93 8.72
CA PRO I 138 12.17 31.92 8.31
C PRO I 138 12.99 30.92 9.13
N LEU I 139 12.63 30.76 10.40
CA LEU I 139 13.33 29.85 11.29
C LEU I 139 13.15 28.38 10.89
N VAL I 140 11.92 27.96 10.56
CA VAL I 140 11.74 26.57 10.20
C VAL I 140 12.49 26.24 8.90
N HIS I 141 12.52 27.16 7.95
CA HIS I 141 13.23 26.90 6.70
C HIS I 141 14.74 26.86 6.92
N ALA I 142 15.27 27.72 7.78
CA ALA I 142 16.69 27.74 8.03
C ALA I 142 17.09 26.44 8.74
N LEU I 143 16.23 26.00 9.66
CA LEU I 143 16.51 24.79 10.41
C LEU I 143 16.42 23.56 9.49
N GLY I 144 15.49 23.60 8.55
CA GLY I 144 15.35 22.50 7.62
C GLY I 144 16.60 22.34 6.77
N GLU I 145 17.12 23.46 6.27
CA GLU I 145 18.32 23.43 5.45
C GLU I 145 19.55 22.98 6.24
N ALA I 146 19.69 23.46 7.46
CA ALA I 146 20.82 23.09 8.28
C ALA I 146 20.80 21.61 8.71
N LEU I 147 19.64 21.09 9.10
CA LEU I 147 19.57 19.69 9.50
C LEU I 147 19.57 18.81 8.25
N GLY I 148 19.10 19.34 7.14
CA GLY I 148 19.11 18.55 5.92
C GLY I 148 20.55 18.20 5.59
N GLY I 149 21.43 19.19 5.75
CA GLY I 149 22.85 19.00 5.48
C GLY I 149 23.15 18.78 4.01
N LYS I 150 23.52 17.55 3.66
CA LYS I 150 23.82 17.20 2.27
C LYS I 150 22.53 16.91 1.51
N ASP I 151 21.44 16.67 2.23
CA ASP I 151 20.17 16.35 1.63
C ASP I 151 19.22 17.55 1.61
N LYS I 152 18.29 17.53 0.67
CA LYS I 152 17.30 18.58 0.58
C LYS I 152 16.24 18.27 1.63
N TYR I 153 15.50 19.28 2.06
CA TYR I 153 14.45 19.05 3.04
C TYR I 153 13.10 19.19 2.32
N ALA I 154 12.09 18.49 2.82
CA ALA I 154 10.76 18.52 2.23
C ALA I 154 9.90 19.55 2.96
N THR I 155 9.11 20.31 2.20
CA THR I 155 8.24 21.33 2.77
C THR I 155 6.77 21.05 2.52
N VAL I 156 6.01 20.96 3.63
CA VAL I 156 4.58 20.74 3.56
C VAL I 156 3.90 22.07 3.91
N ARG I 157 3.09 22.60 3.00
CA ARG I 157 2.42 23.89 3.24
C ARG I 157 0.94 23.70 3.53
N PHE I 158 0.44 24.40 4.54
CA PHE I 158 -0.96 24.28 4.94
C PHE I 158 -1.58 25.49 5.66
N GLY I 159 -2.81 25.82 5.26
CA GLY I 159 -3.59 26.89 5.88
C GLY I 159 -3.19 28.35 5.93
N GLU I 160 -2.43 28.84 4.97
CA GLU I 160 -2.06 30.24 5.00
C GLU I 160 -2.75 30.90 3.79
N PRO I 161 -3.15 32.18 3.92
CA PRO I 161 -3.82 32.86 2.80
C PRO I 161 -2.84 33.39 1.75
N LEU I 162 -1.99 32.50 1.23
CA LEU I 162 -1.01 32.81 0.20
C LEU I 162 -1.22 31.87 -0.99
N SER I 163 -0.65 32.22 -2.15
CA SER I 163 -0.83 31.42 -3.35
C SER I 163 -0.32 29.99 -3.23
N GLY I 164 -1.06 29.07 -3.84
CA GLY I 164 -0.66 27.68 -3.84
C GLY I 164 -0.74 26.91 -2.53
N TYR I 165 -1.33 27.52 -1.51
CA TYR I 165 -1.45 26.86 -0.22
C TYR I 165 -2.68 25.97 -0.13
N ASN I 166 -2.49 24.70 0.21
CA ASN I 166 -3.61 23.80 0.39
C ASN I 166 -4.23 24.14 1.73
N THR I 167 -5.55 24.10 1.81
CA THR I 167 -6.25 24.40 3.06
C THR I 167 -7.21 23.28 3.45
N ASP I 168 -7.11 22.15 2.75
CA ASP I 168 -7.97 21.00 3.01
C ASP I 168 -7.22 19.99 3.88
N PHE I 169 -7.72 19.75 5.10
CA PHE I 169 -7.03 18.84 6.01
C PHE I 169 -6.69 17.46 5.44
N ASN I 170 -7.56 16.90 4.60
CA ASN I 170 -7.26 15.60 4.05
C ASN I 170 -6.09 15.56 3.08
N VAL I 171 -5.85 16.67 2.37
CA VAL I 171 -4.72 16.72 1.46
C VAL I 171 -3.48 16.86 2.34
N PHE I 172 -3.65 17.57 3.45
CA PHE I 172 -2.56 17.80 4.39
C PHE I 172 -1.95 16.51 4.95
N VAL I 173 -2.78 15.60 5.49
CA VAL I 173 -2.28 14.35 6.05
C VAL I 173 -1.67 13.49 4.95
N ASP I 174 -2.15 13.67 3.73
CA ASP I 174 -1.61 12.94 2.61
C ASP I 174 -0.17 13.43 2.36
N ASP I 175 0.04 14.75 2.39
CA ASP I 175 1.36 15.31 2.18
C ASP I 175 2.30 14.84 3.30
N ILE I 176 1.80 14.87 4.54
CA ILE I 176 2.61 14.47 5.68
C ILE I 176 3.03 13.00 5.63
N ALA I 177 2.11 12.10 5.29
CA ALA I 177 2.44 10.69 5.22
C ALA I 177 3.52 10.45 4.16
N ARG I 178 3.34 11.01 2.97
CA ARG I 178 4.34 10.85 1.92
C ARG I 178 5.69 11.41 2.37
N ALA I 179 5.68 12.57 3.03
CA ALA I 179 6.93 13.17 3.48
C ALA I 179 7.71 12.29 4.43
N MET I 180 7.05 11.72 5.43
CA MET I 180 7.72 10.86 6.41
C MET I 180 8.18 9.53 5.81
N LEU I 181 7.51 9.10 4.75
CA LEU I 181 7.89 7.86 4.10
C LEU I 181 9.13 8.06 3.22
N GLN I 182 9.31 9.28 2.71
CA GLN I 182 10.42 9.54 1.81
C GLN I 182 11.54 10.49 2.20
N HIS I 183 11.39 11.23 3.30
CA HIS I 183 12.44 12.17 3.66
C HIS I 183 12.80 12.21 5.13
N ARG I 184 14.04 12.58 5.40
CA ARG I 184 14.58 12.66 6.75
C ARG I 184 14.29 13.99 7.46
N VAL I 185 14.20 15.07 6.68
CA VAL I 185 13.97 16.40 7.24
C VAL I 185 12.75 17.02 6.58
N ILE I 186 11.73 17.27 7.39
CA ILE I 186 10.47 17.81 6.91
C ILE I 186 10.07 19.09 7.66
N VAL I 187 9.51 20.02 6.91
CA VAL I 187 9.06 21.28 7.46
C VAL I 187 7.58 21.42 7.20
N ILE I 188 6.83 21.76 8.23
CA ILE I 188 5.39 21.96 8.07
C ILE I 188 5.15 23.43 8.36
N ASP I 189 4.69 24.18 7.37
CA ASP I 189 4.46 25.57 7.67
C ASP I 189 3.01 25.80 7.97
N SER I 190 2.80 26.03 9.28
CA SER I 190 1.54 26.31 9.92
C SER I 190 0.74 25.10 10.34
N LEU I 191 0.71 24.87 11.64
CA LEU I 191 -0.08 23.80 12.22
C LEU I 191 -1.40 24.45 12.61
N LYS I 192 -1.99 25.20 11.69
CA LYS I 192 -3.27 25.88 11.95
C LYS I 192 -4.40 24.87 12.04
N ASN I 193 -5.58 25.36 12.37
CA ASN I 193 -6.76 24.50 12.51
C ASN I 193 -6.49 23.47 13.61
N VAL I 194 -5.47 22.65 13.42
CA VAL I 194 -5.13 21.68 14.44
C VAL I 194 -4.68 22.56 15.60
N ILE I 195 -5.12 22.22 16.81
CA ILE I 195 -4.78 23.01 17.99
C ILE I 195 -5.30 24.43 17.74
N ILE I 207 -12.05 21.05 17.78
CA ILE I 207 -11.04 20.46 16.91
C ILE I 207 -11.61 19.17 16.31
N SER I 208 -11.33 18.92 15.03
CA SER I 208 -11.82 17.72 14.38
C SER I 208 -11.09 16.49 14.93
N ARG I 209 -11.69 15.32 14.78
CA ARG I 209 -11.06 14.10 15.27
C ARG I 209 -9.73 13.88 14.58
N GLY I 210 -9.69 14.19 13.28
CA GLY I 210 -8.46 14.03 12.53
C GLY I 210 -7.33 14.88 13.05
N ALA I 211 -7.63 16.16 13.33
CA ALA I 211 -6.64 17.09 13.85
C ALA I 211 -6.13 16.64 15.21
N PHE I 212 -7.02 16.05 16.00
CA PHE I 212 -6.66 15.58 17.33
C PHE I 212 -5.76 14.35 17.21
N ASP I 213 -6.05 13.47 16.26
CA ASP I 213 -5.24 12.26 16.06
C ASP I 213 -3.85 12.65 15.61
N LEU I 214 -3.77 13.64 14.71
CA LEU I 214 -2.51 14.12 14.16
C LEU I 214 -1.57 14.63 15.25
N LEU I 215 -2.09 15.51 16.09
CA LEU I 215 -1.30 16.09 17.16
C LEU I 215 -0.74 15.03 18.09
N SER I 216 -1.52 14.00 18.37
CA SER I 216 -1.05 12.96 19.27
C SER I 216 -0.30 11.79 18.63
N ASP I 217 -0.24 11.75 17.30
CA ASP I 217 0.44 10.66 16.60
C ASP I 217 1.77 11.05 15.92
N ILE I 218 1.79 12.22 15.31
CA ILE I 218 2.94 12.64 14.54
C ILE I 218 4.32 12.53 15.18
N GLY I 219 4.46 12.88 16.45
CA GLY I 219 5.75 12.79 17.11
C GLY I 219 6.27 11.36 17.19
N ALA I 220 5.41 10.43 17.60
CA ALA I 220 5.81 9.04 17.71
C ALA I 220 6.11 8.47 16.32
N MET I 221 5.30 8.84 15.33
CA MET I 221 5.53 8.35 13.96
C MET I 221 6.91 8.78 13.48
N ALA I 222 7.22 10.06 13.65
CA ALA I 222 8.50 10.60 13.22
C ALA I 222 9.70 10.00 13.96
N ALA I 223 9.60 9.88 15.27
CA ALA I 223 10.68 9.32 16.06
C ALA I 223 10.95 7.86 15.70
N SER I 224 9.89 7.13 15.36
CA SER I 224 10.05 5.74 14.97
C SER I 224 10.79 5.62 13.65
N ARG I 225 10.50 6.53 12.73
CA ARG I 225 11.13 6.53 11.43
C ARG I 225 12.57 7.04 11.51
N GLY I 226 12.81 7.98 12.41
CA GLY I 226 14.13 8.57 12.52
C GLY I 226 14.19 9.88 11.73
N CYS I 227 13.02 10.41 11.33
CA CYS I 227 12.98 11.66 10.61
C CYS I 227 12.56 12.77 11.56
N VAL I 228 12.79 14.02 11.16
CA VAL I 228 12.39 15.14 12.01
C VAL I 228 11.35 15.99 11.28
N VAL I 229 10.29 16.35 12.00
CA VAL I 229 9.21 17.20 11.47
C VAL I 229 9.29 18.52 12.23
N ILE I 230 9.59 19.59 11.50
CA ILE I 230 9.74 20.93 12.07
C ILE I 230 8.50 21.76 11.73
N ALA I 231 7.64 21.95 12.72
CA ALA I 231 6.39 22.66 12.52
C ALA I 231 6.25 24.00 13.22
N SER I 232 5.82 25.00 12.47
CA SER I 232 5.63 26.31 13.04
C SER I 232 4.23 26.36 13.61
N LEU I 233 4.08 27.02 14.75
CA LEU I 233 2.79 27.14 15.41
C LEU I 233 2.68 28.52 15.98
N ASN I 234 1.84 29.35 15.38
CA ASN I 234 1.67 30.71 15.87
C ASN I 234 0.58 30.73 16.92
N PRO I 235 0.90 31.21 18.13
CA PRO I 235 -0.09 31.27 19.19
C PRO I 235 -1.03 32.42 18.88
N THR I 236 -1.45 32.47 17.61
CA THR I 236 -2.34 33.49 17.09
C THR I 236 -3.50 33.71 18.06
N SER I 237 -4.30 32.65 18.23
CA SER I 237 -5.43 32.72 19.14
C SER I 237 -4.96 33.44 20.41
N ASN I 238 -5.34 34.70 20.53
CA ASN I 238 -4.96 35.53 21.68
C ASN I 238 -3.48 35.93 21.62
N ASP I 239 -3.16 37.05 22.26
CA ASP I 239 -1.78 37.54 22.31
C ASP I 239 -1.43 37.60 23.79
N ASP I 240 -2.43 37.30 24.62
CA ASP I 240 -2.28 37.28 26.06
C ASP I 240 -1.17 36.28 26.38
N LYS I 241 -0.74 36.24 27.63
CA LYS I 241 0.30 35.29 28.03
C LYS I 241 -0.33 33.90 28.03
N ILE I 242 -1.23 33.69 27.07
CA ILE I 242 -1.91 32.41 26.86
C ILE I 242 -0.97 31.63 25.96
N VAL I 243 0.15 32.27 25.61
CA VAL I 243 1.17 31.66 24.78
C VAL I 243 1.78 30.51 25.58
N GLU I 244 1.36 30.42 26.84
CA GLU I 244 1.82 29.37 27.74
C GLU I 244 0.87 28.19 27.60
N LEU I 245 -0.27 28.43 26.94
CA LEU I 245 -1.28 27.40 26.71
C LEU I 245 -0.83 26.47 25.58
N VAL I 246 -0.77 26.99 24.35
CA VAL I 246 -0.35 26.17 23.23
C VAL I 246 1.01 25.59 23.58
N LYS I 247 1.84 26.40 24.24
CA LYS I 247 3.15 25.94 24.68
C LYS I 247 2.78 24.94 25.77
N GLU I 248 3.74 24.21 26.31
CA GLU I 248 3.42 23.22 27.33
C GLU I 248 2.63 22.12 26.63
N ALA I 249 1.51 22.50 26.01
CA ALA I 249 0.68 21.56 25.26
C ALA I 249 1.54 21.17 24.06
N SER I 250 2.45 22.07 23.68
CA SER I 250 3.40 21.86 22.59
C SER I 250 4.47 20.96 23.16
N ARG I 251 4.99 21.40 24.30
CA ARG I 251 6.04 20.69 25.03
C ARG I 251 5.64 19.25 25.33
N SER I 252 4.33 19.02 25.49
CA SER I 252 3.82 17.69 25.80
C SER I 252 3.67 16.74 24.60
N ASN I 253 3.43 17.27 23.41
CA ASN I 253 3.30 16.41 22.23
C ASN I 253 4.47 16.58 21.27
N SER I 254 5.54 17.23 21.73
CA SER I 254 6.72 17.45 20.92
C SER I 254 7.94 16.77 21.49
N THR I 255 8.82 16.31 20.61
CA THR I 255 10.04 15.67 21.03
C THR I 255 10.99 16.81 21.43
N SER I 256 10.93 17.90 20.68
CA SER I 256 11.75 19.08 20.96
C SER I 256 10.92 20.34 20.79
N LEU I 257 11.33 21.41 21.47
CA LEU I 257 10.67 22.70 21.40
C LEU I 257 11.68 23.78 21.03
N VAL I 258 11.28 24.69 20.15
CA VAL I 258 12.13 25.81 19.76
C VAL I 258 11.26 27.05 19.97
N ILE I 259 11.59 27.84 21.00
CA ILE I 259 10.82 29.04 21.33
C ILE I 259 11.67 30.30 21.25
N SER I 260 11.05 31.38 20.81
CA SER I 260 11.73 32.66 20.67
C SER I 260 11.94 33.26 22.06
N THR I 261 12.90 34.17 22.17
CA THR I 261 13.20 34.81 23.45
C THR I 261 12.94 36.31 23.34
N ASP I 262 13.22 37.04 24.41
CA ASP I 262 12.99 38.49 24.40
C ASP I 262 14.07 39.26 23.63
N VAL I 263 15.11 38.56 23.20
CA VAL I 263 16.18 39.18 22.41
C VAL I 263 15.95 38.77 20.96
N ASP I 264 15.74 39.76 20.09
CA ASP I 264 15.48 39.49 18.69
C ASP I 264 16.52 38.62 18.01
N GLY I 265 16.04 37.63 17.25
CA GLY I 265 16.93 36.74 16.53
C GLY I 265 17.40 35.57 17.36
N GLU I 266 17.17 35.60 18.67
CA GLU I 266 17.61 34.53 19.55
C GLU I 266 16.50 33.52 19.87
N TRP I 267 16.84 32.23 19.81
CA TRP I 267 15.87 31.17 20.08
C TRP I 267 16.44 30.15 21.05
N GLN I 268 15.55 29.49 21.77
CA GLN I 268 15.96 28.47 22.73
C GLN I 268 15.48 27.11 22.25
N VAL I 269 16.36 26.12 22.31
CA VAL I 269 16.05 24.77 21.89
C VAL I 269 16.01 23.86 23.11
N LEU I 270 14.86 23.23 23.35
CA LEU I 270 14.69 22.30 24.46
C LEU I 270 14.46 20.93 23.83
N THR I 271 15.30 19.95 24.15
CA THR I 271 15.13 18.66 23.55
C THR I 271 15.10 17.47 24.50
N ARG I 272 14.15 16.56 24.23
CA ARG I 272 13.98 15.35 25.01
C ARG I 272 14.88 14.29 24.38
N THR I 273 15.90 13.87 25.12
CA THR I 273 16.86 12.91 24.61
C THR I 273 16.42 11.46 24.67
N GLY I 274 15.28 11.20 25.30
CA GLY I 274 14.79 9.84 25.39
C GLY I 274 13.86 9.59 26.55
N GLU I 275 13.30 8.38 26.57
CA GLU I 275 12.38 7.96 27.63
C GLU I 275 13.04 8.05 29.00
N GLY I 276 12.54 8.96 29.84
CA GLY I 276 13.10 9.12 31.18
C GLY I 276 14.50 9.73 31.23
N LEU I 277 15.00 10.17 30.08
CA LEU I 277 16.33 10.78 30.02
C LEU I 277 16.27 12.29 30.26
N GLN I 278 17.44 12.91 30.31
CA GLN I 278 17.51 14.35 30.56
C GLN I 278 17.07 15.20 29.39
N ARG I 279 16.43 16.33 29.69
CA ARG I 279 16.01 17.28 28.66
C ARG I 279 17.15 18.29 28.54
N LEU I 280 17.71 18.43 27.34
CA LEU I 280 18.81 19.37 27.12
C LEU I 280 18.32 20.68 26.57
N THR I 281 19.14 21.71 26.70
CA THR I 281 18.79 23.03 26.19
C THR I 281 20.02 23.78 25.69
N HIS I 282 19.87 24.47 24.57
CA HIS I 282 20.96 25.29 24.05
C HIS I 282 20.36 26.50 23.34
N THR I 283 21.18 27.51 23.06
CA THR I 283 20.68 28.72 22.42
C THR I 283 21.12 28.83 20.98
N LEU I 284 20.36 29.58 20.20
CA LEU I 284 20.64 29.79 18.79
C LEU I 284 20.62 31.28 18.46
N GLN I 285 21.61 31.74 17.69
CA GLN I 285 21.67 33.14 17.27
C GLN I 285 21.41 33.13 15.77
N THR I 286 20.65 34.10 15.27
CA THR I 286 20.34 34.16 13.85
C THR I 286 20.36 35.57 13.27
N SER I 287 20.38 35.67 11.95
CA SER I 287 20.36 36.96 11.28
C SER I 287 19.86 36.81 9.85
N TYR I 288 19.26 37.87 9.33
CA TYR I 288 18.71 37.87 7.98
C TYR I 288 19.69 38.30 6.90
N GLY I 289 19.44 37.82 5.69
CA GLY I 289 20.24 38.14 4.54
C GLY I 289 19.27 38.76 3.53
N GLU I 290 19.51 38.56 2.25
CA GLU I 290 18.62 39.12 1.24
C GLU I 290 17.33 38.31 1.08
N HIS I 291 16.24 39.00 0.80
CA HIS I 291 14.93 38.39 0.62
C HIS I 291 14.48 37.61 1.84
N SER I 292 14.86 38.11 3.01
CA SER I 292 14.48 37.49 4.27
C SER I 292 14.99 36.06 4.50
N VAL I 293 16.10 35.69 3.87
CA VAL I 293 16.65 34.35 4.08
C VAL I 293 17.36 34.43 5.43
N LEU I 294 17.01 33.51 6.33
CA LEU I 294 17.57 33.49 7.68
C LEU I 294 18.76 32.54 7.78
N THR I 295 19.74 32.91 8.57
CA THR I 295 20.93 32.08 8.76
C THR I 295 21.17 31.85 10.25
N ILE I 296 21.44 30.60 10.61
CA ILE I 296 21.71 30.25 12.01
C ILE I 296 23.22 30.25 12.21
N HIS I 297 23.70 31.12 13.10
CA HIS I 297 25.14 31.21 13.35
C HIS I 297 25.66 29.95 14.02
N THR I 298 26.90 29.59 13.68
CA THR I 298 27.56 28.42 14.26
C THR I 298 28.90 28.86 14.82
N SER I 299 29.17 28.49 16.06
CA SER I 299 30.42 28.85 16.72
C SER I 299 31.66 28.31 15.98
N LYS I 300 32.79 28.61 16.45
N MET J 1 -22.92 -8.81 42.06
CA MET J 1 -24.32 -9.02 42.56
C MET J 1 -24.53 -8.27 43.87
N ILE J 2 -25.73 -8.36 44.43
CA ILE J 2 -26.00 -7.70 45.69
C ILE J 2 -25.77 -8.69 46.84
N HIS J 3 -25.38 -8.18 48.00
CA HIS J 3 -25.11 -9.01 49.16
C HIS J 3 -25.96 -8.55 50.34
N LEU J 4 -26.38 -9.50 51.18
CA LEU J 4 -27.18 -9.18 52.35
C LEU J 4 -26.32 -9.34 53.59
N TYR J 5 -26.60 -8.53 54.61
CA TYR J 5 -25.82 -8.59 55.84
C TYR J 5 -26.64 -8.29 57.09
N ASP J 6 -26.08 -8.70 58.22
CA ASP J 6 -26.63 -8.42 59.55
C ASP J 6 -25.34 -8.07 60.30
N ALA J 7 -25.45 -7.64 61.55
CA ALA J 7 -24.26 -7.26 62.30
C ALA J 7 -23.14 -8.29 62.25
N LYS J 8 -23.49 -9.56 62.44
CA LYS J 8 -22.50 -10.64 62.44
C LYS J 8 -21.82 -10.88 61.11
N SER J 9 -22.59 -11.02 60.03
CA SER J 9 -21.99 -11.26 58.73
C SER J 9 -21.17 -10.04 58.30
N PHE J 10 -21.63 -8.84 58.64
CA PHE J 10 -20.89 -7.64 58.29
C PHE J 10 -19.53 -7.61 58.99
N ALA J 11 -19.53 -7.94 60.28
CA ALA J 11 -18.29 -7.93 61.03
C ALA J 11 -17.28 -8.92 60.46
N LYS J 12 -17.76 -10.06 59.97
CA LYS J 12 -16.86 -11.05 59.39
C LYS J 12 -16.26 -10.49 58.11
N LEU J 13 -17.09 -9.85 57.30
CA LEU J 13 -16.63 -9.26 56.04
C LEU J 13 -15.49 -8.27 56.29
N ARG J 14 -15.69 -7.36 57.24
CA ARG J 14 -14.67 -6.37 57.56
C ARG J 14 -13.37 -7.02 58.01
N ALA J 15 -13.48 -8.08 58.82
CA ALA J 15 -12.28 -8.77 59.28
C ALA J 15 -11.54 -9.39 58.09
N ALA J 16 -12.29 -9.99 57.18
CA ALA J 16 -11.69 -10.62 56.01
C ALA J 16 -11.02 -9.56 55.11
N GLN J 17 -11.71 -8.43 54.90
CA GLN J 17 -11.16 -7.36 54.07
C GLN J 17 -9.86 -6.85 54.70
N TYR J 18 -9.87 -6.66 56.01
CA TYR J 18 -8.69 -6.21 56.72
C TYR J 18 -7.53 -7.19 56.49
N ALA J 19 -7.81 -8.48 56.56
CA ALA J 19 -6.76 -9.49 56.36
C ALA J 19 -6.22 -9.53 54.93
N ALA J 20 -7.10 -9.29 53.96
CA ALA J 20 -6.71 -9.31 52.56
C ALA J 20 -5.57 -8.33 52.26
N PHE J 21 -5.43 -7.30 53.08
CA PHE J 21 -4.35 -6.34 52.88
C PHE J 21 -3.24 -6.47 53.91
N HIS J 22 -3.60 -6.58 55.17
CA HIS J 22 -2.63 -6.66 56.26
C HIS J 22 -1.93 -7.98 56.58
N THR J 23 -2.62 -9.11 56.45
CA THR J 23 -2.00 -10.39 56.82
C THR J 23 -1.79 -11.44 55.74
N ASP J 24 -2.64 -11.46 54.71
CA ASP J 24 -2.47 -12.44 53.63
C ASP J 24 -1.04 -12.35 53.09
N ALA J 25 -0.58 -13.42 52.47
CA ALA J 25 0.76 -13.41 51.91
C ALA J 25 0.76 -12.55 50.64
N PRO J 26 1.72 -11.63 50.51
CA PRO J 26 1.81 -10.75 49.34
C PRO J 26 1.72 -11.50 48.02
N GLY J 27 0.78 -11.10 47.17
CA GLY J 27 0.62 -11.76 45.88
C GLY J 27 -0.19 -13.04 45.87
N SER J 28 -0.66 -13.48 47.04
CA SER J 28 -1.44 -14.72 47.08
C SER J 28 -2.76 -14.58 46.31
N TRP J 29 -3.40 -13.42 46.42
CA TRP J 29 -4.67 -13.20 45.72
C TRP J 29 -4.49 -13.32 44.20
N PHE J 30 -3.40 -12.78 43.68
CA PHE J 30 -3.11 -12.87 42.25
C PHE J 30 -3.03 -14.34 41.86
N ASP J 31 -2.21 -15.10 42.58
CA ASP J 31 -2.05 -16.54 42.32
C ASP J 31 -3.39 -17.24 42.33
N HIS J 32 -4.25 -16.90 43.30
CA HIS J 32 -5.55 -17.52 43.36
C HIS J 32 -6.41 -17.22 42.13
N THR J 33 -6.48 -15.97 41.69
CA THR J 33 -7.29 -15.66 40.52
C THR J 33 -6.68 -16.27 39.26
N SER J 34 -5.37 -16.45 39.24
CA SER J 34 -4.75 -17.08 38.09
C SER J 34 -5.33 -18.49 37.99
N GLY J 35 -5.49 -19.12 39.15
CA GLY J 35 -6.04 -20.47 39.20
C GLY J 35 -7.47 -20.50 38.67
N VAL J 36 -8.29 -19.55 39.11
CA VAL J 36 -9.68 -19.50 38.66
C VAL J 36 -9.75 -19.32 37.14
N LEU J 37 -8.88 -18.50 36.59
CA LEU J 37 -8.88 -18.26 35.15
C LEU J 37 -8.44 -19.48 34.35
N GLU J 38 -7.47 -20.22 34.88
CA GLU J 38 -6.98 -21.40 34.19
C GLU J 38 -8.03 -22.50 34.13
N SER J 39 -8.94 -22.52 35.11
CA SER J 39 -9.97 -23.54 35.16
C SER J 39 -11.18 -23.23 34.28
N VAL J 40 -11.09 -22.18 33.48
CA VAL J 40 -12.19 -21.80 32.59
C VAL J 40 -12.25 -22.73 31.37
N GLU J 41 -13.48 -22.98 30.90
CA GLU J 41 -13.75 -23.87 29.76
C GLU J 41 -13.07 -23.62 28.42
N ASP J 42 -12.12 -22.69 28.34
CA ASP J 42 -11.45 -22.42 27.05
C ASP J 42 -12.47 -21.82 26.09
N GLY J 43 -12.10 -20.72 25.45
CA GLY J 43 -13.01 -20.07 24.53
C GLY J 43 -14.11 -19.33 25.28
N THR J 44 -14.11 -19.47 26.61
CA THR J 44 -15.08 -18.82 27.46
C THR J 44 -14.65 -17.38 27.71
N PRO J 45 -15.54 -16.41 27.46
CA PRO J 45 -15.23 -14.99 27.67
C PRO J 45 -14.91 -14.72 29.14
N VAL J 46 -13.81 -14.04 29.42
CA VAL J 46 -13.46 -13.73 30.80
C VAL J 46 -13.31 -12.23 31.09
N LEU J 47 -13.00 -11.45 30.06
CA LEU J 47 -12.80 -10.02 30.25
C LEU J 47 -13.39 -9.17 29.11
N ALA J 48 -14.08 -8.11 29.46
CA ALA J 48 -14.65 -7.19 28.48
C ALA J 48 -14.16 -5.77 28.84
N ILE J 49 -13.69 -5.05 27.84
CA ILE J 49 -13.16 -3.70 28.05
C ILE J 49 -13.60 -2.78 26.92
N GLY J 50 -13.88 -1.52 27.25
CA GLY J 50 -14.35 -0.60 26.24
C GLY J 50 -13.33 0.02 25.30
N VAL J 51 -13.70 0.12 24.02
CA VAL J 51 -12.85 0.72 23.01
C VAL J 51 -13.30 2.17 22.87
N GLU J 52 -12.56 2.96 22.10
CA GLU J 52 -12.84 4.37 21.92
C GLU J 52 -14.32 4.77 21.76
N SER J 53 -15.02 4.07 20.89
CA SER J 53 -16.42 4.36 20.60
C SER J 53 -17.38 4.14 21.76
N GLY J 54 -17.01 3.29 22.71
CA GLY J 54 -17.90 3.00 23.82
C GLY J 54 -18.33 1.54 23.77
N ASP J 55 -18.12 0.89 22.63
CA ASP J 55 -18.42 -0.52 22.46
C ASP J 55 -17.37 -1.27 23.26
N ALA J 56 -17.51 -2.59 23.36
CA ALA J 56 -16.52 -3.37 24.12
C ALA J 56 -16.02 -4.59 23.36
N ILE J 57 -14.76 -4.93 23.59
CA ILE J 57 -14.15 -6.10 22.96
C ILE J 57 -14.00 -7.13 24.09
N VAL J 58 -13.97 -8.41 23.73
CA VAL J 58 -13.89 -9.47 24.72
C VAL J 58 -12.71 -10.41 24.52
N PHE J 59 -12.15 -10.89 25.63
CA PHE J 59 -11.00 -11.80 25.57
C PHE J 59 -11.23 -13.09 26.35
N ASP J 60 -10.48 -14.12 26.00
CA ASP J 60 -10.55 -15.40 26.69
C ASP J 60 -9.37 -15.44 27.67
N LYS J 61 -9.31 -16.50 28.46
CA LYS J 61 -8.25 -16.64 29.46
C LYS J 61 -6.83 -16.54 28.91
N ASN J 62 -6.66 -16.67 27.61
CA ASN J 62 -5.34 -16.59 27.00
C ASN J 62 -5.08 -15.25 26.34
N ALA J 63 -5.86 -14.24 26.71
CA ALA J 63 -5.69 -12.91 26.14
C ALA J 63 -5.90 -12.93 24.65
N GLN J 64 -6.69 -13.88 24.17
CA GLN J 64 -6.99 -13.94 22.74
C GLN J 64 -8.38 -13.33 22.57
N ARG J 65 -8.52 -12.45 21.59
CA ARG J 65 -9.80 -11.80 21.36
C ARG J 65 -10.86 -12.72 20.78
N ILE J 66 -12.08 -12.62 21.31
CA ILE J 66 -13.20 -13.43 20.86
C ILE J 66 -14.07 -12.64 19.89
N VAL J 67 -14.23 -13.17 18.67
CA VAL J 67 -15.01 -12.49 17.66
C VAL J 67 -16.46 -12.94 17.57
N ALA J 68 -16.73 -14.20 17.89
CA ALA J 68 -18.10 -14.72 17.82
C ALA J 68 -18.39 -15.66 18.98
N TYR J 69 -19.53 -15.45 19.63
CA TYR J 69 -19.91 -16.27 20.77
C TYR J 69 -21.41 -16.19 20.97
N LYS J 70 -22.08 -17.32 20.78
CA LYS J 70 -23.54 -17.39 20.92
C LYS J 70 -24.02 -17.16 22.33
N GLU J 71 -25.14 -16.45 22.44
CA GLU J 71 -25.75 -16.12 23.71
C GLU J 71 -25.71 -17.27 24.72
N LYS J 72 -25.29 -16.97 25.94
CA LYS J 72 -25.22 -17.95 27.01
C LYS J 72 -25.46 -17.25 28.33
N SER J 73 -26.34 -17.83 29.16
CA SER J 73 -26.68 -17.25 30.44
C SER J 73 -26.19 -18.05 31.64
N VAL J 74 -26.11 -17.38 32.78
CA VAL J 74 -25.67 -18.00 34.02
C VAL J 74 -26.42 -17.36 35.18
N LYS J 75 -27.00 -18.21 36.03
CA LYS J 75 -27.75 -17.71 37.18
C LYS J 75 -26.93 -17.84 38.44
N ALA J 76 -26.82 -16.75 39.20
CA ALA J 76 -26.07 -16.74 40.45
C ALA J 76 -27.00 -17.03 41.62
N GLU J 77 -26.43 -17.12 42.81
CA GLU J 77 -27.23 -17.38 44.01
C GLU J 77 -28.12 -16.17 44.25
N ASP J 78 -27.67 -15.03 43.74
CA ASP J 78 -28.38 -13.78 43.87
C ASP J 78 -29.74 -13.91 43.17
N GLY J 79 -29.85 -14.93 42.33
CA GLY J 79 -31.09 -15.15 41.60
C GLY J 79 -30.99 -14.42 40.28
N SER J 80 -30.06 -13.46 40.23
CA SER J 80 -29.82 -12.66 39.04
C SER J 80 -29.11 -13.50 37.98
N VAL J 81 -29.26 -13.10 36.72
CA VAL J 81 -28.61 -13.84 35.64
C VAL J 81 -27.75 -12.92 34.79
N SER J 82 -26.60 -13.42 34.37
CA SER J 82 -25.69 -12.67 33.52
C SER J 82 -25.70 -13.32 32.14
N VAL J 83 -25.62 -12.51 31.10
CA VAL J 83 -25.63 -13.02 29.74
C VAL J 83 -24.46 -12.47 28.95
N VAL J 84 -23.85 -13.31 28.13
CA VAL J 84 -22.73 -12.89 27.31
C VAL J 84 -22.96 -13.29 25.86
N GLN J 85 -22.71 -12.38 24.94
CA GLN J 85 -22.91 -12.64 23.53
C GLN J 85 -21.98 -11.75 22.72
N VAL J 86 -21.12 -12.37 21.91
CA VAL J 86 -20.22 -11.60 21.07
C VAL J 86 -20.58 -11.82 19.63
N GLU J 87 -20.67 -10.73 18.88
CA GLU J 87 -21.03 -10.81 17.47
C GLU J 87 -20.21 -9.83 16.63
N ASN J 88 -19.56 -10.36 15.61
CA ASN J 88 -18.76 -9.56 14.71
C ASN J 88 -17.62 -8.84 15.43
N GLY J 89 -17.06 -9.48 16.45
CA GLY J 89 -15.96 -8.88 17.19
C GLY J 89 -16.31 -7.95 18.33
N PHE J 90 -17.60 -7.70 18.56
CA PHE J 90 -18.01 -6.83 19.64
C PHE J 90 -19.09 -7.43 20.52
N MET J 91 -19.05 -7.07 21.80
CA MET J 91 -20.02 -7.56 22.77
C MET J 91 -21.43 -7.09 22.39
N LYS J 92 -22.37 -8.02 22.33
CA LYS J 92 -23.74 -7.70 22.01
C LYS J 92 -24.59 -7.75 23.28
N GLN J 93 -24.15 -8.57 24.22
CA GLN J 93 -24.81 -8.71 25.51
C GLN J 93 -23.74 -8.97 26.56
N GLY J 94 -23.89 -8.34 27.71
CA GLY J 94 -22.92 -8.49 28.78
C GLY J 94 -22.58 -7.13 29.39
N HIS J 95 -21.50 -7.07 30.16
CA HIS J 95 -21.09 -5.82 30.79
C HIS J 95 -19.59 -5.68 30.71
N ARG J 96 -19.08 -4.49 30.99
CA ARG J 96 -17.64 -4.27 30.98
C ARG J 96 -17.07 -4.85 32.27
N GLY J 97 -15.84 -5.33 32.21
CA GLY J 97 -15.22 -5.89 33.41
C GLY J 97 -15.02 -7.40 33.30
N TRP J 98 -14.74 -8.05 34.42
CA TRP J 98 -14.53 -9.48 34.44
C TRP J 98 -15.88 -10.18 34.21
N LEU J 99 -15.89 -11.12 33.28
CA LEU J 99 -17.10 -11.86 32.95
C LEU J 99 -17.19 -13.18 33.71
N VAL J 100 -16.23 -13.39 34.60
CA VAL J 100 -16.17 -14.59 35.42
C VAL J 100 -15.93 -14.15 36.86
N ASP J 101 -16.50 -14.86 37.82
CA ASP J 101 -16.35 -14.49 39.22
C ASP J 101 -14.98 -14.86 39.78
N LEU J 102 -14.23 -13.85 40.19
CA LEU J 102 -12.89 -14.08 40.73
C LEU J 102 -12.86 -13.83 42.24
N THR J 103 -13.82 -13.05 42.72
CA THR J 103 -13.85 -12.65 44.13
C THR J 103 -14.81 -13.39 45.05
N GLY J 104 -15.82 -14.06 44.48
CA GLY J 104 -16.76 -14.74 45.34
C GLY J 104 -17.49 -13.69 46.13
N GLU J 105 -17.72 -13.91 47.42
CA GLU J 105 -18.39 -12.90 48.22
C GLU J 105 -17.40 -12.02 48.98
N LEU J 106 -16.12 -12.22 48.70
CA LEU J 106 -15.08 -11.41 49.32
C LEU J 106 -14.89 -10.18 48.45
N VAL J 107 -15.73 -9.17 48.64
CA VAL J 107 -15.65 -7.96 47.85
C VAL J 107 -15.21 -6.75 48.68
N GLY J 108 -14.75 -5.71 47.99
CA GLY J 108 -14.33 -4.50 48.68
C GLY J 108 -12.95 -4.57 49.28
N CYS J 109 -12.06 -5.37 48.70
CA CYS J 109 -10.70 -5.50 49.18
C CYS J 109 -9.68 -4.77 48.32
N SER J 110 -8.48 -4.62 48.87
CA SER J 110 -7.32 -4.04 48.20
C SER J 110 -6.26 -5.11 48.48
N PRO J 111 -6.37 -6.28 47.82
CA PRO J 111 -5.45 -7.41 47.99
C PRO J 111 -3.99 -7.01 47.93
N VAL J 112 -3.22 -7.37 48.95
CA VAL J 112 -1.80 -7.02 48.97
C VAL J 112 -1.13 -7.66 47.75
N VAL J 113 -0.42 -6.84 46.98
CA VAL J 113 0.22 -7.30 45.76
C VAL J 113 1.71 -7.59 45.95
N ALA J 114 2.31 -6.94 46.94
CA ALA J 114 3.72 -7.13 47.21
C ALA J 114 4.16 -6.37 48.45
N GLU J 115 5.40 -6.63 48.85
CA GLU J 115 6.00 -5.98 50.00
C GLU J 115 7.40 -5.54 49.62
N PHE J 116 7.77 -4.34 50.02
CA PHE J 116 9.09 -3.82 49.67
C PHE J 116 9.52 -2.77 50.66
N GLY J 117 10.80 -2.77 51.00
CA GLY J 117 11.32 -1.78 51.93
C GLY J 117 10.56 -1.70 53.24
N GLY J 118 9.89 -2.79 53.61
CA GLY J 118 9.15 -2.79 54.85
C GLY J 118 7.72 -2.29 54.75
N HIS J 119 7.21 -2.10 53.54
CA HIS J 119 5.84 -1.64 53.36
C HIS J 119 5.05 -2.57 52.45
N ARG J 120 3.77 -2.73 52.76
CA ARG J 120 2.89 -3.55 51.94
C ARG J 120 2.24 -2.63 50.91
N TYR J 121 2.14 -3.09 49.67
CA TYR J 121 1.52 -2.31 48.60
C TYR J 121 0.26 -3.01 48.11
N ALA J 122 -0.76 -2.22 47.79
CA ALA J 122 -2.03 -2.77 47.33
C ALA J 122 -2.11 -2.97 45.84
N SER J 123 -2.97 -3.89 45.42
CA SER J 123 -3.20 -4.15 44.02
C SER J 123 -4.26 -3.10 43.61
N GLY J 124 -4.66 -3.11 42.35
CA GLY J 124 -5.63 -2.13 41.90
C GLY J 124 -4.87 -1.09 41.11
N MET J 125 -5.39 0.14 40.99
CA MET J 125 -4.65 1.14 40.25
C MET J 125 -3.94 2.17 41.08
N VAL J 126 -2.70 2.45 40.69
CA VAL J 126 -1.86 3.43 41.38
C VAL J 126 -1.52 4.54 40.41
N ILE J 127 -1.94 5.76 40.71
CA ILE J 127 -1.62 6.88 39.85
C ILE J 127 -0.41 7.61 40.45
N VAL J 128 0.61 7.80 39.62
CA VAL J 128 1.83 8.50 40.02
C VAL J 128 1.76 9.87 39.35
N THR J 129 1.61 10.90 40.17
CA THR J 129 1.48 12.23 39.62
C THR J 129 2.15 13.29 40.50
N GLY J 130 1.71 14.53 40.33
CA GLY J 130 2.26 15.64 41.08
C GLY J 130 2.82 16.65 40.12
N LYS J 131 3.00 17.89 40.57
CA LYS J 131 3.56 18.90 39.69
C LYS J 131 4.89 19.29 40.26
N GLY J 132 5.95 19.13 39.48
CA GLY J 132 7.27 19.49 39.98
C GLY J 132 8.40 18.98 39.11
N ASN J 133 9.60 18.96 39.68
CA ASN J 133 10.77 18.50 38.94
C ASN J 133 10.91 16.99 38.88
N SER J 134 10.53 16.30 39.95
CA SER J 134 10.63 14.84 39.99
C SER J 134 9.89 14.19 38.83
N GLY J 135 10.62 13.40 38.05
CA GLY J 135 10.05 12.73 36.88
C GLY J 135 9.25 11.48 37.20
N LYS J 136 8.07 11.37 36.58
CA LYS J 136 7.20 10.23 36.81
C LYS J 136 7.66 8.96 36.13
N THR J 137 8.22 9.09 34.94
CA THR J 137 8.67 7.91 34.20
C THR J 137 9.72 7.07 34.96
N PRO J 138 10.76 7.72 35.51
CA PRO J 138 11.75 6.91 36.25
C PRO J 138 11.16 6.26 37.48
N LEU J 139 10.22 6.94 38.12
CA LEU J 139 9.56 6.43 39.32
C LEU J 139 8.69 5.21 39.02
N VAL J 140 7.86 5.25 37.96
CA VAL J 140 7.02 4.10 37.67
C VAL J 140 7.83 2.86 37.34
N HIS J 141 8.93 3.02 36.64
CA HIS J 141 9.79 1.89 36.30
C HIS J 141 10.50 1.32 37.54
N ALA J 142 10.90 2.20 38.47
CA ALA J 142 11.56 1.74 39.68
C ALA J 142 10.55 0.99 40.55
N LEU J 143 9.33 1.51 40.63
CA LEU J 143 8.29 0.87 41.43
C LEU J 143 7.88 -0.45 40.80
N GLY J 144 7.90 -0.51 39.48
CA GLY J 144 7.54 -1.72 38.77
C GLY J 144 8.51 -2.85 39.09
N GLU J 145 9.81 -2.54 39.04
CA GLU J 145 10.84 -3.51 39.32
C GLU J 145 10.81 -3.94 40.78
N ALA J 146 10.61 -2.98 41.68
CA ALA J 146 10.59 -3.28 43.10
C ALA J 146 9.40 -4.16 43.50
N LEU J 147 8.20 -3.83 43.03
CA LEU J 147 7.03 -4.63 43.37
C LEU J 147 7.07 -5.95 42.60
N GLY J 148 7.76 -5.95 41.46
CA GLY J 148 7.86 -7.16 40.68
C GLY J 148 8.62 -8.21 41.49
N GLY J 149 9.64 -7.76 42.20
CA GLY J 149 10.44 -8.65 43.03
C GLY J 149 11.15 -9.74 42.23
N LYS J 150 10.66 -10.98 42.35
CA LYS J 150 11.25 -12.10 41.64
C LYS J 150 10.76 -12.14 40.20
N ASP J 151 9.62 -11.51 39.94
CA ASP J 151 9.03 -11.51 38.62
C ASP J 151 9.32 -10.24 37.85
N LYS J 152 9.27 -10.33 36.53
CA LYS J 152 9.47 -9.17 35.68
C LYS J 152 8.15 -8.40 35.67
N TYR J 153 8.21 -7.12 35.37
CA TYR J 153 6.98 -6.34 35.30
C TYR J 153 6.69 -6.05 33.82
N ALA J 154 5.42 -5.86 33.50
CA ALA J 154 5.02 -5.58 32.13
C ALA J 154 4.88 -4.07 31.91
N THR J 155 5.31 -3.61 30.74
CA THR J 155 5.23 -2.19 30.43
C THR J 155 4.34 -1.89 29.22
N VAL J 156 3.30 -1.10 29.45
CA VAL J 156 2.39 -0.67 28.39
C VAL J 156 2.75 0.79 28.06
N ARG J 157 3.14 1.04 26.81
CA ARG J 157 3.51 2.40 26.41
C ARG J 157 2.41 3.04 25.57
N PHE J 158 2.09 4.29 25.87
CA PHE J 158 1.03 4.98 25.14
C PHE J 158 1.13 6.51 25.10
N GLY J 159 0.86 7.06 23.91
CA GLY J 159 0.82 8.49 23.70
C GLY J 159 1.96 9.43 24.03
N GLU J 160 3.18 9.06 23.68
CA GLU J 160 4.32 9.93 23.94
C GLU J 160 5.04 10.08 22.61
N PRO J 161 5.60 11.26 22.32
CA PRO J 161 6.29 11.46 21.04
C PRO J 161 7.70 10.89 20.99
N LEU J 162 7.80 9.58 21.28
CA LEU J 162 9.06 8.85 21.27
C LEU J 162 8.91 7.65 20.34
N SER J 163 10.04 7.06 19.94
CA SER J 163 10.01 5.91 19.02
C SER J 163 9.30 4.68 19.58
N GLY J 164 8.57 3.98 18.72
CA GLY J 164 7.87 2.78 19.11
C GLY J 164 6.64 2.93 19.97
N TYR J 165 6.24 4.16 20.26
CA TYR J 165 5.06 4.40 21.08
C TYR J 165 3.75 4.32 20.32
N ASN J 166 2.84 3.48 20.78
CA ASN J 166 1.54 3.37 20.17
C ASN J 166 0.74 4.60 20.60
N THR J 167 -0.07 5.15 19.70
CA THR J 167 -0.87 6.31 20.03
C THR J 167 -2.36 6.07 19.72
N ASP J 168 -2.68 4.84 19.35
CA ASP J 168 -4.06 4.49 19.01
C ASP J 168 -4.73 3.88 20.26
N PHE J 169 -5.77 4.54 20.76
CA PHE J 169 -6.47 4.08 21.95
C PHE J 169 -6.92 2.61 21.93
N ASN J 170 -7.41 2.13 20.79
CA ASN J 170 -7.85 0.75 20.74
C ASN J 170 -6.74 -0.28 20.87
N VAL J 171 -5.54 0.05 20.43
CA VAL J 171 -4.42 -0.86 20.59
C VAL J 171 -4.06 -0.82 22.08
N PHE J 172 -4.22 0.36 22.68
CA PHE J 172 -3.94 0.58 24.08
C PHE J 172 -4.75 -0.32 25.01
N VAL J 173 -6.07 -0.36 24.83
CA VAL J 173 -6.91 -1.20 25.69
C VAL J 173 -6.62 -2.66 25.46
N ASP J 174 -6.13 -2.99 24.27
CA ASP J 174 -5.77 -4.35 23.94
C ASP J 174 -4.52 -4.73 24.77
N ASP J 175 -3.53 -3.83 24.81
CA ASP J 175 -2.32 -4.08 25.59
C ASP J 175 -2.65 -4.20 27.08
N ILE J 176 -3.58 -3.38 27.56
CA ILE J 176 -3.97 -3.41 28.97
C ILE J 176 -4.67 -4.71 29.36
N ALA J 177 -5.63 -5.15 28.55
CA ALA J 177 -6.36 -6.38 28.84
C ALA J 177 -5.37 -7.55 28.91
N ARG J 178 -4.47 -7.64 27.94
CA ARG J 178 -3.49 -8.72 27.92
C ARG J 178 -2.59 -8.68 29.15
N ALA J 179 -2.15 -7.48 29.52
CA ALA J 179 -1.29 -7.31 30.67
C ALA J 179 -1.95 -7.78 31.98
N MET J 180 -3.20 -7.40 32.21
CA MET J 180 -3.89 -7.79 33.42
C MET J 180 -4.22 -9.28 33.45
N LEU J 181 -4.36 -9.88 32.27
CA LEU J 181 -4.65 -11.31 32.21
C LEU J 181 -3.38 -12.13 32.46
N GLN J 182 -2.23 -11.54 32.18
CA GLN J 182 -0.98 -12.28 32.31
C GLN J 182 0.09 -11.86 33.30
N HIS J 183 -0.04 -10.70 33.93
CA HIS J 183 1.01 -10.27 34.85
C HIS J 183 0.50 -9.60 36.11
N ARG J 184 1.27 -9.73 37.18
CA ARG J 184 0.94 -9.17 38.48
C ARG J 184 1.27 -7.68 38.61
N VAL J 185 2.38 -7.28 38.01
CA VAL J 185 2.85 -5.90 38.07
C VAL J 185 2.90 -5.29 36.69
N ILE J 186 2.10 -4.25 36.50
CA ILE J 186 2.00 -3.57 35.23
C ILE J 186 2.28 -2.06 35.33
N VAL J 187 3.04 -1.55 34.37
CA VAL J 187 3.35 -0.13 34.30
C VAL J 187 2.72 0.46 33.04
N ILE J 188 2.00 1.55 33.18
CA ILE J 188 1.40 2.24 32.05
C ILE J 188 2.11 3.57 31.96
N ASP J 189 2.88 3.80 30.90
CA ASP J 189 3.53 5.08 30.84
C ASP J 189 2.75 6.01 29.97
N SER J 190 2.13 6.95 30.68
CA SER J 190 1.33 8.04 30.21
C SER J 190 -0.16 7.77 30.10
N LEU J 191 -0.89 8.29 31.08
CA LEU J 191 -2.33 8.23 31.10
C LEU J 191 -2.77 9.51 30.41
N LYS J 192 -1.80 10.23 29.84
CA LYS J 192 -2.05 11.46 29.11
C LYS J 192 -2.97 11.06 27.94
N ASN J 193 -3.47 12.02 27.17
CA ASN J 193 -4.38 11.69 26.07
C ASN J 193 -5.70 11.21 26.68
N VAL J 194 -5.67 10.05 27.34
CA VAL J 194 -6.87 9.59 28.04
C VAL J 194 -6.95 10.57 29.19
N ILE J 195 -8.12 10.80 29.76
CA ILE J 195 -8.23 11.77 30.85
C ILE J 195 -7.67 13.08 30.32
N ILE J 207 -13.84 14.19 26.16
CA ILE J 207 -13.20 12.89 26.32
C ILE J 207 -14.09 11.80 25.72
N SER J 208 -13.49 10.86 25.01
CA SER J 208 -14.22 9.77 24.37
C SER J 208 -14.85 8.84 25.41
N ARG J 209 -15.87 8.08 24.98
CA ARG J 209 -16.55 7.15 25.87
C ARG J 209 -15.59 6.07 26.36
N GLY J 210 -14.71 5.63 25.47
CA GLY J 210 -13.73 4.62 25.84
C GLY J 210 -12.80 5.11 26.94
N ALA J 211 -12.28 6.32 26.80
CA ALA J 211 -11.36 6.88 27.78
C ALA J 211 -12.06 7.00 29.13
N PHE J 212 -13.31 7.43 29.11
CA PHE J 212 -14.10 7.59 30.33
C PHE J 212 -14.36 6.23 30.99
N ASP J 213 -14.70 5.22 30.19
CA ASP J 213 -14.95 3.89 30.73
C ASP J 213 -13.67 3.33 31.37
N LEU J 214 -12.54 3.48 30.68
CA LEU J 214 -11.26 2.98 31.17
C LEU J 214 -10.91 3.57 32.53
N LEU J 215 -11.06 4.89 32.64
CA LEU J 215 -10.76 5.57 33.87
C LEU J 215 -11.59 5.08 35.05
N SER J 216 -12.83 4.73 34.81
CA SER J 216 -13.68 4.27 35.89
C SER J 216 -13.77 2.74 36.07
N ASP J 217 -13.15 1.99 35.17
CA ASP J 217 -13.20 0.53 35.26
C ASP J 217 -11.88 -0.11 35.72
N ILE J 218 -10.76 0.41 35.23
CA ILE J 218 -9.46 -0.19 35.49
C ILE J 218 -9.09 -0.50 36.93
N GLY J 219 -9.46 0.37 37.87
CA GLY J 219 -9.12 0.13 39.25
C GLY J 219 -9.80 -1.13 39.82
N ALA J 220 -11.08 -1.26 39.54
CA ALA J 220 -11.84 -2.42 40.01
C ALA J 220 -11.38 -3.69 39.31
N MET J 221 -11.06 -3.59 38.03
CA MET J 221 -10.58 -4.76 37.28
C MET J 221 -9.28 -5.28 37.91
N ALA J 222 -8.33 -4.37 38.14
CA ALA J 222 -7.06 -4.73 38.71
C ALA J 222 -7.17 -5.26 40.14
N ALA J 223 -7.95 -4.60 41.00
CA ALA J 223 -8.12 -5.04 42.38
C ALA J 223 -8.76 -6.44 42.43
N SER J 224 -9.67 -6.70 41.51
CA SER J 224 -10.33 -8.01 41.46
C SER J 224 -9.34 -9.12 41.07
N ARG J 225 -8.42 -8.81 40.17
CA ARG J 225 -7.43 -9.78 39.72
C ARG J 225 -6.32 -9.95 40.75
N GLY J 226 -6.00 -8.88 41.44
CA GLY J 226 -4.94 -8.93 42.42
C GLY J 226 -3.65 -8.44 41.78
N CYS J 227 -3.75 -7.76 40.65
CA CYS J 227 -2.56 -7.20 40.02
C CYS J 227 -2.52 -5.70 40.29
N VAL J 228 -1.35 -5.09 40.11
CA VAL J 228 -1.24 -3.65 40.30
C VAL J 228 -0.88 -2.93 39.00
N VAL J 229 -1.63 -1.87 38.68
CA VAL J 229 -1.38 -1.06 37.49
C VAL J 229 -0.80 0.28 37.98
N ILE J 230 0.45 0.54 37.61
CA ILE J 230 1.18 1.75 38.00
C ILE J 230 1.20 2.72 36.82
N ALA J 231 0.37 3.76 36.88
CA ALA J 231 0.25 4.71 35.77
C ALA J 231 0.73 6.13 36.04
N SER J 232 1.56 6.64 35.14
CA SER J 232 2.07 8.00 35.28
C SER J 232 1.06 8.96 34.67
N LEU J 233 0.90 10.10 35.32
CA LEU J 233 -0.03 11.11 34.87
C LEU J 233 0.49 12.50 35.20
N ASN J 234 0.92 13.24 34.19
CA ASN J 234 1.40 14.60 34.43
C ASN J 234 0.27 15.60 34.38
N PRO J 235 0.12 16.41 35.44
CA PRO J 235 -0.95 17.42 35.48
C PRO J 235 -0.56 18.56 34.54
N THR J 236 -0.07 18.17 33.37
CA THR J 236 0.37 19.08 32.32
C THR J 236 -0.43 20.38 32.24
N SER J 237 -1.44 20.38 31.37
CA SER J 237 -2.29 21.55 31.19
C SER J 237 -2.78 22.11 32.52
N ASN J 238 -2.66 23.43 32.68
CA ASN J 238 -3.12 24.09 33.90
C ASN J 238 -4.51 24.63 33.63
N ASP J 239 -5.24 23.94 32.77
CA ASP J 239 -6.60 24.27 32.41
C ASP J 239 -7.53 23.64 33.44
N ASP J 240 -8.06 24.49 34.33
CA ASP J 240 -8.93 24.05 35.42
C ASP J 240 -10.03 23.04 35.10
N LYS J 241 -10.28 22.75 33.83
CA LYS J 241 -11.31 21.77 33.49
C LYS J 241 -10.75 20.36 33.53
N ILE J 242 -9.46 20.23 33.24
CA ILE J 242 -8.82 18.92 33.28
C ILE J 242 -7.93 18.79 34.52
N VAL J 243 -7.61 19.91 35.15
CA VAL J 243 -6.80 19.90 36.36
C VAL J 243 -7.67 19.28 37.44
N GLU J 244 -8.98 19.45 37.28
CA GLU J 244 -9.94 18.91 38.23
C GLU J 244 -10.24 17.47 37.85
N LEU J 245 -9.99 17.13 36.59
CA LEU J 245 -10.20 15.77 36.10
C LEU J 245 -9.03 14.89 36.59
N VAL J 246 -7.90 15.55 36.87
CA VAL J 246 -6.71 14.87 37.37
C VAL J 246 -6.86 14.63 38.87
N LYS J 247 -7.38 15.64 39.56
CA LYS J 247 -7.59 15.53 41.00
C LYS J 247 -8.72 14.56 41.30
N GLU J 248 -9.61 14.39 40.33
CA GLU J 248 -10.75 13.49 40.49
C GLU J 248 -10.28 12.06 40.24
N ALA J 249 -9.56 11.88 39.14
CA ALA J 249 -9.06 10.56 38.80
C ALA J 249 -8.21 10.05 39.96
N SER J 250 -7.35 10.94 40.48
CA SER J 250 -6.46 10.60 41.58
C SER J 250 -7.23 10.32 42.87
N ARG J 251 -8.22 11.15 43.15
CA ARG J 251 -9.01 11.01 44.35
C ARG J 251 -9.96 9.80 44.38
N SER J 252 -10.79 9.68 43.36
CA SER J 252 -11.79 8.62 43.33
C SER J 252 -11.61 7.39 42.43
N ASN J 253 -10.72 7.44 41.46
CA ASN J 253 -10.54 6.29 40.59
C ASN J 253 -9.29 5.48 40.86
N SER J 254 -8.51 5.87 41.88
CA SER J 254 -7.27 5.19 42.20
C SER J 254 -7.38 4.43 43.51
N THR J 255 -6.73 3.28 43.57
CA THR J 255 -6.73 2.49 44.79
C THR J 255 -5.63 3.08 45.67
N SER J 256 -4.56 3.53 45.04
CA SER J 256 -3.43 4.14 45.75
C SER J 256 -2.96 5.32 44.93
N LEU J 257 -2.31 6.26 45.61
CA LEU J 257 -1.79 7.46 44.98
C LEU J 257 -0.33 7.64 45.39
N VAL J 258 0.51 8.02 44.43
CA VAL J 258 1.92 8.29 44.69
C VAL J 258 2.19 9.70 44.14
N ILE J 259 2.41 10.66 45.03
CA ILE J 259 2.64 12.05 44.61
C ILE J 259 3.99 12.63 45.05
N SER J 260 4.57 13.44 44.18
CA SER J 260 5.84 14.08 44.47
C SER J 260 5.66 15.17 45.52
N THR J 261 6.73 15.49 46.24
CA THR J 261 6.69 16.53 47.27
C THR J 261 7.60 17.68 46.86
N ASP J 262 7.76 18.65 47.77
CA ASP J 262 8.61 19.81 47.49
C ASP J 262 10.09 19.52 47.71
N VAL J 263 10.40 18.31 48.18
CA VAL J 263 11.78 17.89 48.39
C VAL J 263 12.16 16.96 47.25
N ASP J 264 13.26 17.27 46.58
CA ASP J 264 13.70 16.48 45.43
C ASP J 264 13.94 15.02 45.73
N GLY J 265 13.36 14.16 44.89
CA GLY J 265 13.51 12.73 45.05
C GLY J 265 12.57 12.08 46.04
N GLU J 266 11.81 12.87 46.79
CA GLU J 266 10.88 12.35 47.77
C GLU J 266 9.45 12.22 47.25
N TRP J 267 8.80 11.11 47.58
CA TRP J 267 7.43 10.85 47.16
C TRP J 267 6.59 10.38 48.32
N GLN J 268 5.29 10.65 48.23
CA GLN J 268 4.35 10.26 49.26
C GLN J 268 3.40 9.21 48.68
N VAL J 269 3.20 8.12 49.42
CA VAL J 269 2.32 7.04 49.01
C VAL J 269 1.08 7.03 49.88
N LEU J 270 -0.09 7.16 49.27
CA LEU J 270 -1.37 7.16 49.98
C LEU J 270 -2.11 5.93 49.46
N THR J 271 -2.44 5.01 50.36
CA THR J 271 -3.12 3.81 49.90
C THR J 271 -4.42 3.47 50.64
N ARG J 272 -5.44 3.11 49.87
CA ARG J 272 -6.72 2.71 50.41
C ARG J 272 -6.60 1.22 50.71
N THR J 273 -6.70 0.85 51.98
CA THR J 273 -6.55 -0.55 52.40
C THR J 273 -7.79 -1.41 52.25
N GLY J 274 -8.92 -0.80 51.90
CA GLY J 274 -10.14 -1.56 51.74
C GLY J 274 -11.42 -0.77 51.93
N GLU J 275 -12.53 -1.40 51.62
CA GLU J 275 -13.86 -0.78 51.75
C GLU J 275 -14.11 -0.31 53.16
N GLY J 276 -14.26 1.00 53.34
CA GLY J 276 -14.52 1.56 54.66
C GLY J 276 -13.34 1.54 55.61
N LEU J 277 -12.21 1.03 55.14
CA LEU J 277 -11.01 0.97 55.98
C LEU J 277 -10.19 2.25 55.91
N GLN J 278 -9.17 2.35 56.74
CA GLN J 278 -8.32 3.53 56.79
C GLN J 278 -7.37 3.71 55.60
N ARG J 279 -7.13 4.95 55.22
CA ARG J 279 -6.21 5.26 54.15
C ARG J 279 -4.84 5.46 54.83
N LEU J 280 -3.84 4.71 54.39
CA LEU J 280 -2.52 4.80 54.98
C LEU J 280 -1.56 5.63 54.14
N THR J 281 -0.48 6.08 54.77
CA THR J 281 0.51 6.88 54.09
C THR J 281 1.92 6.62 54.59
N HIS J 282 2.89 6.64 53.67
CA HIS J 282 4.29 6.50 54.02
C HIS J 282 5.13 7.26 52.97
N THR J 283 6.40 7.49 53.27
CA THR J 283 7.25 8.24 52.37
C THR J 283 8.33 7.41 51.70
N LEU J 284 8.75 7.86 50.52
CA LEU J 284 9.79 7.20 49.75
C LEU J 284 10.93 8.17 49.40
N GLN J 285 12.17 7.69 49.51
CA GLN J 285 13.33 8.51 49.15
C GLN J 285 13.95 7.81 47.94
N THR J 286 14.45 8.60 46.99
CA THR J 286 15.00 8.02 45.77
C THR J 286 16.23 8.74 45.27
N SER J 287 16.98 8.09 44.37
CA SER J 287 18.17 8.70 43.80
C SER J 287 18.49 8.08 42.44
N TYR J 288 19.13 8.87 41.58
CA TYR J 288 19.49 8.42 40.24
C TYR J 288 20.85 7.75 40.11
N GLY J 289 20.92 6.73 39.27
CA GLY J 289 22.17 6.05 39.01
C GLY J 289 22.60 6.46 37.61
N GLU J 290 23.13 5.54 36.83
CA GLU J 290 23.56 5.87 35.48
C GLU J 290 22.38 5.76 34.49
N HIS J 291 22.42 6.58 33.44
CA HIS J 291 21.37 6.60 32.41
C HIS J 291 19.99 6.86 33.01
N SER J 292 19.94 7.66 34.05
CA SER J 292 18.69 8.01 34.71
C SER J 292 17.92 6.84 35.34
N VAL J 293 18.61 5.76 35.68
CA VAL J 293 17.93 4.64 36.33
C VAL J 293 17.72 5.08 37.77
N LEU J 294 16.48 5.02 38.24
CA LEU J 294 16.12 5.46 39.59
C LEU J 294 16.08 4.30 40.58
N THR J 295 16.49 4.58 41.81
CA THR J 295 16.48 3.56 42.87
C THR J 295 15.68 4.05 44.06
N ILE J 296 14.82 3.18 44.60
CA ILE J 296 14.02 3.53 45.76
C ILE J 296 14.75 3.00 47.00
N HIS J 297 15.17 3.89 47.89
CA HIS J 297 15.87 3.46 49.09
C HIS J 297 14.96 2.70 50.05
N THR J 298 15.56 1.85 50.87
CA THR J 298 14.82 1.06 51.84
C THR J 298 15.52 1.17 53.19
N SER J 299 14.81 1.67 54.19
CA SER J 299 15.35 1.84 55.54
C SER J 299 16.20 0.66 55.99
N GLN J 306 0.77 4.82 58.53
CA GLN J 306 0.03 5.73 59.41
C GLN J 306 -1.14 6.33 58.65
N ALA J 307 -2.25 6.56 59.35
CA ALA J 307 -3.45 7.11 58.75
C ALA J 307 -3.40 8.60 58.45
N SER J 308 -4.14 9.01 57.42
CA SER J 308 -4.22 10.40 57.02
C SER J 308 -5.69 10.75 56.78
N GLY J 309 -6.21 11.69 57.58
CA GLY J 309 -7.60 12.10 57.46
C GLY J 309 -7.99 12.55 56.05
N LYS J 310 -9.29 12.58 55.79
CA LYS J 310 -9.79 12.99 54.49
C LYS J 310 -9.45 14.46 54.22
N ALA J 311 -9.29 15.22 55.30
CA ALA J 311 -8.96 16.64 55.18
C ALA J 311 -7.51 16.78 54.71
N ILE J 312 -6.62 16.03 55.33
CA ILE J 312 -5.20 16.05 54.99
C ILE J 312 -5.04 15.55 53.55
N GLN J 313 -5.98 14.71 53.14
CA GLN J 313 -5.97 14.11 51.81
C GLN J 313 -6.15 15.15 50.70
N THR J 314 -7.14 16.03 50.87
CA THR J 314 -7.39 17.06 49.86
C THR J 314 -6.30 18.13 49.90
N VAL J 315 -5.60 18.23 51.04
CA VAL J 315 -4.51 19.20 51.16
C VAL J 315 -3.41 18.73 50.22
N ILE J 316 -3.36 17.41 50.01
CA ILE J 316 -2.38 16.79 49.13
C ILE J 316 -2.83 17.01 47.69
N LYS J 317 -4.14 17.08 47.49
CA LYS J 317 -4.73 17.28 46.18
C LYS J 317 -4.48 18.65 45.55
N ASN J 318 -4.58 19.73 46.32
CA ASN J 318 -4.36 21.05 45.76
C ASN J 318 -2.92 21.25 45.29
N ASP J 319 -2.08 20.24 45.49
CA ASP J 319 -0.70 20.29 45.05
C ASP J 319 -0.73 20.24 43.52
N GLU J 320 -1.64 19.42 43.01
CA GLU J 320 -1.82 19.22 41.57
C GLU J 320 -2.45 20.46 40.93
N LEU J 321 -3.28 21.15 41.72
CA LEU J 321 -3.94 22.36 41.24
C LEU J 321 -2.85 23.33 40.85
N MET K 1 -52.20 8.94 38.63
CA MET K 1 -53.36 9.63 38.03
C MET K 1 -53.62 10.95 38.74
N ILE K 2 -54.64 11.69 38.30
CA ILE K 2 -54.97 12.95 38.94
C ILE K 2 -56.06 12.70 39.99
N HIS K 3 -56.07 13.50 41.05
CA HIS K 3 -57.05 13.37 42.12
C HIS K 3 -57.79 14.69 42.31
N LEU K 4 -59.07 14.59 42.68
CA LEU K 4 -59.89 15.78 42.91
C LEU K 4 -60.10 15.93 44.41
N TYR K 5 -60.24 17.18 44.87
CA TYR K 5 -60.42 17.44 46.29
C TYR K 5 -61.30 18.66 46.57
N ASP K 6 -61.81 18.70 47.79
CA ASP K 6 -62.58 19.82 48.31
C ASP K 6 -61.99 19.92 49.71
N ALA K 7 -62.37 20.94 50.47
CA ALA K 7 -61.81 21.11 51.81
C ALA K 7 -61.82 19.83 52.64
N LYS K 8 -62.97 19.14 52.66
CA LYS K 8 -63.09 17.92 53.45
C LYS K 8 -62.20 16.77 53.02
N SER K 9 -62.23 16.43 51.74
CA SER K 9 -61.41 15.32 51.26
C SER K 9 -59.92 15.65 51.44
N PHE K 10 -59.56 16.92 51.24
CA PHE K 10 -58.17 17.33 51.39
C PHE K 10 -57.71 17.14 52.85
N ALA K 11 -58.54 17.58 53.78
CA ALA K 11 -58.21 17.46 55.19
C ALA K 11 -58.01 15.99 55.60
N LYS K 12 -58.81 15.10 55.01
CA LYS K 12 -58.65 13.68 55.32
C LYS K 12 -57.32 13.18 54.79
N LEU K 13 -56.97 13.59 53.58
CA LEU K 13 -55.70 13.18 52.96
C LEU K 13 -54.52 13.58 53.86
N ARG K 14 -54.50 14.84 54.28
CA ARG K 14 -53.42 15.30 55.14
C ARG K 14 -53.33 14.49 56.44
N ALA K 15 -54.47 14.17 57.03
CA ALA K 15 -54.47 13.41 58.27
C ALA K 15 -53.89 12.01 58.03
N ALA K 16 -54.26 11.42 56.89
CA ALA K 16 -53.77 10.10 56.55
C ALA K 16 -52.26 10.14 56.28
N GLN K 17 -51.81 11.16 55.56
CA GLN K 17 -50.37 11.28 55.27
C GLN K 17 -49.60 11.43 56.58
N TYR K 18 -50.14 12.25 57.47
CA TYR K 18 -49.50 12.47 58.76
C TYR K 18 -49.35 11.16 59.52
N ALA K 19 -50.40 10.34 59.49
CA ALA K 19 -50.38 9.05 60.19
C ALA K 19 -49.40 8.07 59.56
N ALA K 20 -49.29 8.10 58.23
CA ALA K 20 -48.39 7.19 57.51
C ALA K 20 -46.95 7.28 58.02
N PHE K 21 -46.58 8.42 58.60
CA PHE K 21 -45.23 8.58 59.14
C PHE K 21 -45.17 8.53 60.67
N HIS K 22 -46.09 9.26 61.30
CA HIS K 22 -46.12 9.37 62.76
C HIS K 22 -46.74 8.26 63.60
N THR K 23 -47.82 7.65 63.11
CA THR K 23 -48.48 6.62 63.92
C THR K 23 -48.53 5.18 63.41
N ASP K 24 -48.54 4.98 62.09
CA ASP K 24 -48.55 3.63 61.55
C ASP K 24 -47.39 2.83 62.17
N ALA K 25 -47.52 1.51 62.15
CA ALA K 25 -46.47 0.67 62.71
C ALA K 25 -45.31 0.67 61.73
N PRO K 26 -44.08 0.88 62.23
CA PRO K 26 -42.88 0.90 61.37
C PRO K 26 -42.79 -0.31 60.45
N GLY K 27 -42.67 -0.06 59.16
CA GLY K 27 -42.54 -1.15 58.20
C GLY K 27 -43.84 -1.79 57.74
N SER K 28 -44.97 -1.30 58.24
CA SER K 28 -46.23 -1.88 57.84
C SER K 28 -46.54 -1.62 56.37
N TRP K 29 -46.20 -0.42 55.87
CA TRP K 29 -46.45 -0.09 54.47
C TRP K 29 -45.67 -1.04 53.55
N PHE K 30 -44.43 -1.37 53.93
CA PHE K 30 -43.63 -2.28 53.12
C PHE K 30 -44.36 -3.62 53.03
N ASP K 31 -44.74 -4.16 54.18
CA ASP K 31 -45.45 -5.45 54.24
C ASP K 31 -46.70 -5.40 53.36
N HIS K 32 -47.43 -4.30 53.42
CA HIS K 32 -48.62 -4.18 52.59
C HIS K 32 -48.31 -4.25 51.10
N THR K 33 -47.31 -3.49 50.64
CA THR K 33 -46.99 -3.51 49.20
C THR K 33 -46.44 -4.87 48.78
N SER K 34 -45.79 -5.58 49.72
CA SER K 34 -45.28 -6.90 49.41
C SER K 34 -46.50 -7.77 49.07
N GLY K 35 -47.58 -7.57 49.83
CA GLY K 35 -48.80 -8.31 49.59
C GLY K 35 -49.36 -8.02 48.21
N VAL K 36 -49.46 -6.75 47.86
CA VAL K 36 -49.99 -6.38 46.55
C VAL K 36 -49.17 -7.01 45.43
N LEU K 37 -47.85 -7.01 45.58
CA LEU K 37 -46.98 -7.57 44.54
C LEU K 37 -47.14 -9.08 44.39
N GLU K 38 -47.34 -9.76 45.52
CA GLU K 38 -47.50 -11.21 45.48
C GLU K 38 -48.80 -11.62 44.80
N SER K 39 -49.81 -10.76 44.86
CA SER K 39 -51.10 -11.06 44.26
C SER K 39 -51.15 -10.79 42.75
N VAL K 40 -50.01 -10.45 42.16
CA VAL K 40 -49.96 -10.16 40.73
C VAL K 40 -50.02 -11.45 39.91
N GLU K 41 -50.65 -11.36 38.74
CA GLU K 41 -50.83 -12.49 37.83
C GLU K 41 -49.63 -13.29 37.33
N ASP K 42 -48.44 -13.05 37.87
CA ASP K 42 -47.25 -13.77 37.41
C ASP K 42 -46.96 -13.40 35.94
N GLY K 43 -45.71 -13.05 35.67
CA GLY K 43 -45.36 -12.66 34.31
C GLY K 43 -45.86 -11.26 34.01
N THR K 44 -46.61 -10.70 34.95
CA THR K 44 -47.14 -9.36 34.80
C THR K 44 -46.06 -8.33 35.16
N PRO K 45 -45.82 -7.36 34.27
CA PRO K 45 -44.82 -6.32 34.51
C PRO K 45 -45.18 -5.50 35.75
N VAL K 46 -44.24 -5.30 36.66
CA VAL K 46 -44.52 -4.51 37.85
C VAL K 46 -43.59 -3.30 38.03
N LEU K 47 -42.39 -3.38 37.44
CA LEU K 47 -41.42 -2.29 37.58
C LEU K 47 -40.64 -2.01 36.29
N ALA K 48 -40.51 -0.73 35.95
CA ALA K 48 -39.74 -0.31 34.78
C ALA K 48 -38.71 0.71 35.24
N ILE K 49 -37.47 0.53 34.82
CA ILE K 49 -36.39 1.44 35.21
C ILE K 49 -35.49 1.73 34.01
N GLY K 50 -34.97 2.95 33.94
CA GLY K 50 -34.14 3.32 32.79
C GLY K 50 -32.69 2.87 32.79
N VAL K 51 -32.22 2.42 31.63
CA VAL K 51 -30.83 2.01 31.49
C VAL K 51 -30.06 3.21 30.94
N GLU K 52 -28.74 3.08 30.84
CA GLU K 52 -27.89 4.17 30.39
C GLU K 52 -28.36 5.00 29.20
N SER K 53 -28.82 4.32 28.15
CA SER K 53 -29.29 4.98 26.94
C SER K 53 -30.56 5.82 27.10
N GLY K 54 -31.37 5.52 28.11
CA GLY K 54 -32.61 6.25 28.27
C GLY K 54 -33.79 5.31 28.06
N ASP K 55 -33.52 4.14 27.47
CA ASP K 55 -34.56 3.13 27.27
C ASP K 55 -34.83 2.54 28.65
N ALA K 56 -35.83 1.69 28.75
CA ALA K 56 -36.16 1.08 30.05
C ALA K 56 -36.30 -0.43 29.98
N ILE K 57 -35.92 -1.11 31.07
CA ILE K 57 -36.05 -2.56 31.15
C ILE K 57 -37.18 -2.82 32.14
N VAL K 58 -37.84 -3.96 32.00
CA VAL K 58 -38.98 -4.29 32.85
C VAL K 58 -38.82 -5.59 33.64
N PHE K 59 -39.36 -5.62 34.86
CA PHE K 59 -39.27 -6.79 35.71
C PHE K 59 -40.64 -7.26 36.22
N ASP K 60 -40.71 -8.53 36.60
CA ASP K 60 -41.93 -9.10 37.16
C ASP K 60 -41.77 -9.12 38.66
N LYS K 61 -42.82 -9.53 39.37
CA LYS K 61 -42.78 -9.55 40.83
C LYS K 61 -41.63 -10.36 41.44
N ASN K 62 -40.98 -11.19 40.64
CA ASN K 62 -39.88 -12.00 41.15
C ASN K 62 -38.53 -11.45 40.74
N ALA K 63 -38.49 -10.17 40.37
CA ALA K 63 -37.25 -9.55 39.96
C ALA K 63 -36.64 -10.26 38.77
N GLN K 64 -37.47 -10.87 37.94
CA GLN K 64 -36.98 -11.55 36.75
C GLN K 64 -37.31 -10.60 35.60
N ARG K 65 -36.33 -10.38 34.73
CA ARG K 65 -36.53 -9.47 33.61
C ARG K 65 -37.45 -10.01 32.52
N ILE K 66 -38.35 -9.14 32.03
CA ILE K 66 -39.30 -9.51 31.00
C ILE K 66 -38.82 -9.07 29.63
N VAL K 67 -38.65 -10.02 28.72
CA VAL K 67 -38.15 -9.71 27.39
C VAL K 67 -39.23 -9.49 26.33
N ALA K 68 -40.37 -10.15 26.49
CA ALA K 68 -41.46 -10.00 25.53
C ALA K 68 -42.81 -9.97 26.23
N TYR K 69 -43.65 -9.01 25.86
CA TYR K 69 -44.96 -8.88 26.47
C TYR K 69 -45.88 -8.08 25.55
N LYS K 70 -46.91 -8.74 25.04
CA LYS K 70 -47.85 -8.11 24.12
C LYS K 70 -48.67 -7.01 24.75
N GLU K 71 -48.90 -5.95 23.97
CA GLU K 71 -49.67 -4.80 24.42
C GLU K 71 -50.88 -5.17 25.26
N LYS K 72 -51.04 -4.48 26.38
CA LYS K 72 -52.16 -4.70 27.27
C LYS K 72 -52.49 -3.37 27.96
N SER K 73 -53.77 -3.03 27.97
CA SER K 73 -54.22 -1.78 28.58
C SER K 73 -55.05 -1.97 29.84
N VAL K 74 -55.13 -0.90 30.64
CA VAL K 74 -55.88 -0.91 31.89
C VAL K 74 -56.46 0.47 32.13
N LYS K 75 -57.77 0.53 32.39
CA LYS K 75 -58.42 1.80 32.62
C LYS K 75 -58.67 2.01 34.10
N ALA K 76 -58.25 3.16 34.61
CA ALA K 76 -58.44 3.49 36.02
C ALA K 76 -59.73 4.27 36.22
N GLU K 77 -60.05 4.59 37.46
CA GLU K 77 -61.25 5.35 37.76
C GLU K 77 -61.08 6.75 37.18
N ASP K 78 -59.82 7.15 37.05
CA ASP K 78 -59.47 8.45 36.52
C ASP K 78 -59.99 8.57 35.08
N GLY K 79 -60.32 7.42 34.49
CA GLY K 79 -60.81 7.38 33.14
C GLY K 79 -59.62 7.21 32.21
N SER K 80 -58.44 7.51 32.74
CA SER K 80 -57.19 7.40 32.00
C SER K 80 -56.83 5.94 31.84
N VAL K 81 -56.04 5.63 30.82
CA VAL K 81 -55.63 4.25 30.58
C VAL K 81 -54.11 4.14 30.49
N SER K 82 -53.58 3.06 31.05
CA SER K 82 -52.15 2.81 31.03
C SER K 82 -51.92 1.62 30.11
N VAL K 83 -50.81 1.65 29.37
CA VAL K 83 -50.50 0.57 28.46
C VAL K 83 -49.07 0.10 28.68
N VAL K 84 -48.86 -1.21 28.59
CA VAL K 84 -47.55 -1.79 28.77
C VAL K 84 -47.24 -2.73 27.63
N GLN K 85 -46.04 -2.62 27.07
CA GLN K 85 -45.65 -3.49 25.97
C GLN K 85 -44.13 -3.62 25.97
N VAL K 86 -43.65 -4.86 26.06
CA VAL K 86 -42.22 -5.10 26.06
C VAL K 86 -41.87 -5.86 24.79
N GLU K 87 -40.83 -5.40 24.10
CA GLU K 87 -40.40 -6.02 22.86
C GLU K 87 -38.89 -6.08 22.77
N ASN K 88 -38.36 -7.27 22.55
CA ASN K 88 -36.93 -7.48 22.41
C ASN K 88 -36.16 -7.03 23.65
N GLY K 89 -36.77 -7.22 24.83
CA GLY K 89 -36.10 -6.86 26.07
C GLY K 89 -36.24 -5.42 26.54
N PHE K 90 -36.93 -4.59 25.77
CA PHE K 90 -37.11 -3.20 26.16
C PHE K 90 -38.55 -2.74 26.06
N MET K 91 -38.92 -1.83 26.96
CA MET K 91 -40.26 -1.28 27.01
C MET K 91 -40.59 -0.55 25.72
N LYS K 92 -41.71 -0.88 25.09
CA LYS K 92 -42.13 -0.24 23.85
C LYS K 92 -43.27 0.74 24.17
N GLN K 93 -44.02 0.43 25.22
CA GLN K 93 -45.11 1.27 25.67
C GLN K 93 -45.17 1.18 27.18
N GLY K 94 -45.42 2.32 27.83
CA GLY K 94 -45.49 2.35 29.27
C GLY K 94 -44.71 3.53 29.82
N HIS K 95 -44.40 3.51 31.12
CA HIS K 95 -43.66 4.60 31.73
C HIS K 95 -42.68 4.03 32.74
N ARG K 96 -41.72 4.85 33.17
CA ARG K 96 -40.75 4.40 34.16
C ARG K 96 -41.45 4.39 35.52
N GLY K 97 -41.01 3.50 36.41
CA GLY K 97 -41.61 3.42 37.73
C GLY K 97 -42.44 2.17 37.93
N TRP K 98 -43.28 2.16 38.98
CA TRP K 98 -44.12 1.00 39.27
C TRP K 98 -45.24 0.92 38.24
N LEU K 99 -45.40 -0.26 37.66
CA LEU K 99 -46.42 -0.47 36.64
C LEU K 99 -47.70 -1.02 37.22
N VAL K 100 -47.74 -1.14 38.54
CA VAL K 100 -48.89 -1.63 39.27
C VAL K 100 -49.16 -0.67 40.41
N ASP K 101 -50.43 -0.47 40.74
CA ASP K 101 -50.79 0.46 41.81
C ASP K 101 -50.52 -0.10 43.20
N LEU K 102 -49.63 0.54 43.93
CA LEU K 102 -49.27 0.10 45.28
C LEU K 102 -49.81 1.06 46.34
N THR K 103 -50.07 2.29 45.94
CA THR K 103 -50.52 3.32 46.87
C THR K 103 -52.03 3.64 46.92
N GLY K 104 -52.76 3.27 45.88
CA GLY K 104 -54.18 3.59 45.86
C GLY K 104 -54.28 5.10 45.80
N GLU K 105 -55.18 5.71 46.56
CA GLU K 105 -55.28 7.16 46.53
C GLU K 105 -54.51 7.79 47.69
N LEU K 106 -53.76 6.97 48.41
CA LEU K 106 -52.96 7.47 49.53
C LEU K 106 -51.60 7.86 48.95
N VAL K 107 -51.52 9.05 48.37
CA VAL K 107 -50.28 9.52 47.77
C VAL K 107 -49.65 10.66 48.55
N GLY K 108 -48.36 10.91 48.30
CA GLY K 108 -47.66 11.99 48.98
C GLY K 108 -47.21 11.67 50.39
N CYS K 109 -46.94 10.40 50.67
CA CYS K 109 -46.48 9.99 51.99
C CYS K 109 -44.99 9.64 52.04
N SER K 110 -44.49 9.52 53.26
CA SER K 110 -43.12 9.13 53.54
C SER K 110 -43.35 8.04 54.58
N PRO K 111 -43.85 6.87 54.14
CA PRO K 111 -44.15 5.72 55.00
C PRO K 111 -43.02 5.39 55.97
N VAL K 112 -43.33 5.31 57.25
CA VAL K 112 -42.30 5.00 58.23
C VAL K 112 -41.74 3.63 57.89
N VAL K 113 -40.42 3.53 57.79
CA VAL K 113 -39.78 2.27 57.44
C VAL K 113 -39.21 1.55 58.65
N ALA K 114 -38.94 2.29 59.71
CA ALA K 114 -38.38 1.68 60.90
C ALA K 114 -38.23 2.70 62.02
N GLU K 115 -37.86 2.19 63.19
CA GLU K 115 -37.65 3.04 64.35
C GLU K 115 -36.37 2.58 65.03
N PHE K 116 -35.55 3.52 65.46
CA PHE K 116 -34.29 3.18 66.10
C PHE K 116 -33.83 4.31 67.00
N GLY K 117 -33.25 3.96 68.15
CA GLY K 117 -32.77 4.95 69.09
C GLY K 117 -33.78 6.00 69.46
N GLY K 118 -35.07 5.66 69.35
CA GLY K 118 -36.10 6.61 69.71
C GLY K 118 -36.56 7.53 68.58
N HIS K 119 -36.13 7.24 67.35
CA HIS K 119 -36.52 8.07 66.22
C HIS K 119 -37.15 7.24 65.11
N ARG K 120 -38.14 7.82 64.44
CA ARG K 120 -38.77 7.17 63.31
C ARG K 120 -38.05 7.59 62.03
N TYR K 121 -37.79 6.64 61.14
CA TYR K 121 -37.11 6.93 59.89
C TYR K 121 -38.05 6.68 58.73
N ALA K 122 -37.98 7.55 57.71
CA ALA K 122 -38.85 7.43 56.55
C ALA K 122 -38.28 6.54 55.44
N SER K 123 -39.19 6.01 54.63
CA SER K 123 -38.80 5.17 53.50
C SER K 123 -38.52 6.18 52.39
N GLY K 124 -38.14 5.71 51.21
CA GLY K 124 -37.81 6.62 50.13
C GLY K 124 -36.29 6.66 50.01
N MET K 125 -35.74 7.73 49.45
CA MET K 125 -34.29 7.77 49.36
C MET K 125 -33.61 8.69 50.35
N VAL K 126 -32.52 8.19 50.92
CA VAL K 126 -31.74 8.92 51.90
C VAL K 126 -30.32 9.11 51.37
N ILE K 127 -29.91 10.35 51.18
CA ILE K 127 -28.56 10.60 50.70
C ILE K 127 -27.69 10.96 51.89
N VAL K 128 -26.58 10.24 52.01
CA VAL K 128 -25.63 10.46 53.08
C VAL K 128 -24.44 11.17 52.44
N THR K 129 -24.23 12.41 52.82
CA THR K 129 -23.17 13.18 52.23
C THR K 129 -22.54 14.15 53.21
N GLY K 130 -21.87 15.17 52.67
CA GLY K 130 -21.20 16.15 53.48
C GLY K 130 -19.73 16.17 53.12
N LYS K 131 -19.03 17.25 53.46
CA LYS K 131 -17.62 17.33 53.15
C LYS K 131 -16.88 17.35 54.46
N GLY K 132 -16.00 16.39 54.67
CA GLY K 132 -15.26 16.36 55.92
C GLY K 132 -14.52 15.06 56.14
N ASN K 133 -14.11 14.83 57.38
CA ASN K 133 -13.38 13.62 57.74
C ASN K 133 -14.26 12.39 57.94
N SER K 134 -15.47 12.59 58.48
CA SER K 134 -16.39 11.48 58.71
C SER K 134 -16.66 10.71 57.42
N GLY K 135 -16.38 9.40 57.45
CA GLY K 135 -16.59 8.54 56.30
C GLY K 135 -18.02 8.11 56.06
N LYS K 136 -18.47 8.21 54.81
CA LYS K 136 -19.84 7.84 54.47
C LYS K 136 -20.08 6.34 54.42
N THR K 137 -19.10 5.58 53.95
CA THR K 137 -19.26 4.14 53.86
C THR K 137 -19.58 3.48 55.20
N PRO K 138 -18.83 3.79 56.27
CA PRO K 138 -19.15 3.15 57.55
C PRO K 138 -20.53 3.56 58.05
N LEU K 139 -20.92 4.79 57.77
CA LEU K 139 -22.23 5.30 58.22
C LEU K 139 -23.39 4.61 57.53
N VAL K 140 -23.32 4.45 56.19
CA VAL K 140 -24.43 3.79 55.51
C VAL K 140 -24.60 2.34 55.95
N HIS K 141 -23.50 1.65 56.24
CA HIS K 141 -23.61 0.26 56.69
C HIS K 141 -24.17 0.18 58.11
N ALA K 142 -23.82 1.15 58.95
CA ALA K 142 -24.34 1.15 60.32
C ALA K 142 -25.83 1.47 60.30
N LEU K 143 -26.22 2.40 59.43
CA LEU K 143 -27.62 2.78 59.33
C LEU K 143 -28.42 1.65 58.71
N GLY K 144 -27.80 0.90 57.80
CA GLY K 144 -28.49 -0.21 57.17
C GLY K 144 -28.82 -1.30 58.18
N GLU K 145 -27.83 -1.64 59.00
CA GLU K 145 -28.03 -2.65 60.02
C GLU K 145 -29.06 -2.19 61.05
N ALA K 146 -28.96 -0.95 61.48
CA ALA K 146 -29.87 -0.42 62.49
C ALA K 146 -31.33 -0.38 62.01
N LEU K 147 -31.57 0.14 60.82
CA LEU K 147 -32.93 0.20 60.30
C LEU K 147 -33.39 -1.19 59.89
N GLY K 148 -32.45 -2.07 59.58
CA GLY K 148 -32.82 -3.42 59.21
C GLY K 148 -33.47 -4.11 60.41
N GLY K 149 -32.94 -3.85 61.60
CA GLY K 149 -33.47 -4.43 62.82
C GLY K 149 -33.39 -5.94 62.86
N LYS K 150 -34.53 -6.59 62.72
CA LYS K 150 -34.59 -8.05 62.73
C LYS K 150 -34.20 -8.63 61.37
N ASP K 151 -34.32 -7.81 60.33
CA ASP K 151 -34.01 -8.23 58.98
C ASP K 151 -32.62 -7.79 58.53
N LYS K 152 -32.07 -8.53 57.57
CA LYS K 152 -30.77 -8.19 57.01
C LYS K 152 -31.01 -7.06 56.02
N TYR K 153 -29.98 -6.29 55.71
CA TYR K 153 -30.14 -5.23 54.74
C TYR K 153 -29.41 -5.65 53.47
N ALA K 154 -29.86 -5.15 52.33
CA ALA K 154 -29.22 -5.48 51.05
C ALA K 154 -28.20 -4.41 50.66
N THR K 155 -27.06 -4.84 50.11
CA THR K 155 -26.02 -3.91 49.69
C THR K 155 -25.75 -3.93 48.19
N VAL K 156 -25.94 -2.77 47.55
CA VAL K 156 -25.66 -2.63 46.12
C VAL K 156 -24.33 -1.87 46.02
N ARG K 157 -23.32 -2.48 45.39
CA ARG K 157 -22.01 -1.84 45.24
C ARG K 157 -21.78 -1.33 43.82
N PHE K 158 -21.31 -0.09 43.70
CA PHE K 158 -21.11 0.49 42.37
C PHE K 158 -20.03 1.58 42.27
N GLY K 159 -19.26 1.49 41.20
CA GLY K 159 -18.22 2.45 40.88
C GLY K 159 -17.10 2.83 41.83
N GLU K 160 -16.48 1.86 42.48
CA GLU K 160 -15.38 2.15 43.40
C GLU K 160 -14.21 1.27 42.96
N PRO K 161 -12.97 1.79 43.02
CA PRO K 161 -11.82 0.99 42.61
C PRO K 161 -11.38 -0.07 43.61
N LEU K 162 -12.32 -0.92 44.01
CA LEU K 162 -12.07 -2.01 44.94
C LEU K 162 -12.50 -3.34 44.30
N SER K 163 -12.06 -4.45 44.89
CA SER K 163 -12.38 -5.76 44.33
C SER K 163 -13.86 -6.11 44.30
N GLY K 164 -14.29 -6.75 43.22
CA GLY K 164 -15.68 -7.16 43.11
C GLY K 164 -16.72 -6.08 42.86
N TYR K 165 -16.28 -4.84 42.65
CA TYR K 165 -17.20 -3.74 42.40
C TYR K 165 -17.63 -3.65 40.94
N ASN K 166 -18.94 -3.67 40.71
CA ASN K 166 -19.45 -3.53 39.36
C ASN K 166 -19.29 -2.04 39.00
N THR K 167 -18.96 -1.77 37.73
CA THR K 167 -18.81 -0.39 37.29
C THR K 167 -19.64 -0.09 36.05
N ASP K 168 -20.47 -1.05 35.67
CA ASP K 168 -21.35 -0.92 34.50
C ASP K 168 -22.73 -0.44 34.97
N PHE K 169 -23.15 0.72 34.52
CA PHE K 169 -24.43 1.29 34.92
C PHE K 169 -25.63 0.38 34.73
N ASN K 170 -25.67 -0.36 33.63
CA ASN K 170 -26.81 -1.23 33.39
C ASN K 170 -26.93 -2.38 34.38
N VAL K 171 -25.79 -2.87 34.88
CA VAL K 171 -25.82 -3.94 35.87
C VAL K 171 -26.31 -3.30 37.17
N PHE K 172 -25.94 -2.05 37.35
CA PHE K 172 -26.33 -1.28 38.53
C PHE K 172 -27.85 -1.13 38.68
N VAL K 173 -28.54 -0.70 37.62
CA VAL K 173 -29.99 -0.53 37.71
C VAL K 173 -30.68 -1.87 37.90
N ASP K 174 -30.01 -2.93 37.45
CA ASP K 174 -30.55 -4.26 37.59
C ASP K 174 -30.49 -4.63 39.07
N ASP K 175 -29.37 -4.34 39.72
CA ASP K 175 -29.22 -4.64 41.14
C ASP K 175 -30.21 -3.83 41.98
N ILE K 176 -30.45 -2.58 41.58
CA ILE K 176 -31.38 -1.72 42.31
C ILE K 176 -32.82 -2.19 42.20
N ALA K 177 -33.25 -2.53 40.99
CA ALA K 177 -34.62 -3.00 40.78
C ALA K 177 -34.86 -4.24 41.65
N ARG K 178 -33.96 -5.21 41.59
CA ARG K 178 -34.11 -6.43 42.38
C ARG K 178 -34.15 -6.11 43.87
N ALA K 179 -33.28 -5.22 44.31
CA ALA K 179 -33.25 -4.86 45.73
C ALA K 179 -34.57 -4.27 46.22
N MET K 180 -35.14 -3.35 45.46
CA MET K 180 -36.40 -2.72 45.88
C MET K 180 -37.57 -3.69 45.81
N LEU K 181 -37.49 -4.67 44.93
CA LEU K 181 -38.55 -5.66 44.80
C LEU K 181 -38.48 -6.67 45.95
N GLN K 182 -37.31 -6.87 46.52
CA GLN K 182 -37.17 -7.89 47.55
C GLN K 182 -36.76 -7.50 48.97
N HIS K 183 -36.36 -6.25 49.21
CA HIS K 183 -35.94 -5.89 50.55
C HIS K 183 -36.41 -4.52 51.03
N ARG K 184 -36.54 -4.40 52.35
CA ARG K 184 -37.02 -3.16 52.97
C ARG K 184 -35.90 -2.13 53.17
N VAL K 185 -34.71 -2.62 53.50
CA VAL K 185 -33.56 -1.76 53.75
C VAL K 185 -32.45 -2.03 52.75
N ILE K 186 -32.13 -1.01 51.97
CA ILE K 186 -31.12 -1.10 50.94
C ILE K 186 -30.03 -0.04 51.06
N VAL K 187 -28.78 -0.47 50.86
CA VAL K 187 -27.64 0.42 50.91
C VAL K 187 -27.00 0.47 49.53
N ILE K 188 -26.76 1.67 49.03
CA ILE K 188 -26.10 1.85 47.74
C ILE K 188 -24.76 2.51 48.04
N ASP K 189 -23.67 1.79 47.85
CA ASP K 189 -22.41 2.44 48.13
C ASP K 189 -21.80 3.02 46.89
N SER K 190 -21.90 4.34 46.87
CA SER K 190 -21.41 5.26 45.87
C SER K 190 -22.38 5.63 44.78
N LEU K 191 -22.93 6.84 44.90
CA LEU K 191 -23.82 7.39 43.89
C LEU K 191 -22.89 8.18 42.98
N LYS K 192 -21.59 8.01 43.20
CA LYS K 192 -20.56 8.65 42.39
C LYS K 192 -20.78 8.14 40.97
N ASN K 193 -20.07 8.67 39.99
CA ASN K 193 -20.25 8.24 38.61
C ASN K 193 -21.62 8.75 38.16
N VAL K 194 -22.69 8.21 38.75
CA VAL K 194 -24.02 8.72 38.43
C VAL K 194 -23.98 10.10 39.10
N ILE K 195 -24.79 11.04 38.64
CA ILE K 195 -24.75 12.37 39.25
C ILE K 195 -23.30 12.86 39.15
N ILE K 207 -24.07 14.11 31.78
CA ILE K 207 -24.64 12.96 32.47
C ILE K 207 -25.58 12.20 31.51
N SER K 208 -25.50 10.88 31.53
CA SER K 208 -26.33 10.05 30.67
C SER K 208 -27.81 10.15 31.03
N ARG K 209 -28.68 9.80 30.08
CA ARG K 209 -30.11 9.84 30.32
C ARG K 209 -30.50 8.88 31.43
N GLY K 210 -29.87 7.72 31.47
CA GLY K 210 -30.16 6.75 32.50
C GLY K 210 -29.84 7.29 33.89
N ALA K 211 -28.66 7.90 34.04
CA ALA K 211 -28.25 8.44 35.33
C ALA K 211 -29.22 9.53 35.78
N PHE K 212 -29.65 10.37 34.84
CA PHE K 212 -30.59 11.44 35.14
C PHE K 212 -31.96 10.86 35.54
N ASP K 213 -32.42 9.84 34.83
CA ASP K 213 -33.70 9.22 35.14
C ASP K 213 -33.67 8.61 36.55
N LEU K 214 -32.59 7.89 36.84
CA LEU K 214 -32.42 7.23 38.13
C LEU K 214 -32.50 8.23 39.28
N LEU K 215 -31.75 9.32 39.15
CA LEU K 215 -31.74 10.36 40.16
C LEU K 215 -33.11 10.94 40.45
N SER K 216 -33.95 11.08 39.42
CA SER K 216 -35.27 11.66 39.64
C SER K 216 -36.41 10.65 39.84
N ASP K 217 -36.11 9.36 39.72
CA ASP K 217 -37.14 8.34 39.87
C ASP K 217 -37.04 7.54 41.18
N ILE K 218 -35.82 7.20 41.58
CA ILE K 218 -35.59 6.36 42.73
C ILE K 218 -36.29 6.71 44.03
N GLY K 219 -36.37 8.00 44.35
CA GLY K 219 -37.03 8.39 45.60
C GLY K 219 -38.50 8.00 45.62
N ALA K 220 -39.20 8.33 44.55
CA ALA K 220 -40.61 8.02 44.46
C ALA K 220 -40.85 6.51 44.41
N MET K 221 -39.97 5.79 43.71
CA MET K 221 -40.12 4.34 43.62
C MET K 221 -40.02 3.74 45.03
N ALA K 222 -39.00 4.15 45.77
CA ALA K 222 -38.78 3.65 47.11
C ALA K 222 -39.89 4.00 48.09
N ALA K 223 -40.33 5.26 48.08
CA ALA K 223 -41.39 5.70 48.98
C ALA K 223 -42.69 4.96 48.69
N SER K 224 -42.94 4.67 47.41
CA SER K 224 -44.13 3.96 47.02
C SER K 224 -44.13 2.52 47.54
N ARG K 225 -42.96 1.90 47.53
CA ARG K 225 -42.82 0.53 48.00
C ARG K 225 -42.79 0.47 49.52
N GLY K 226 -42.24 1.50 50.12
CA GLY K 226 -42.14 1.51 51.58
C GLY K 226 -40.77 1.01 52.01
N CYS K 227 -39.82 0.97 51.08
CA CYS K 227 -38.45 0.54 51.42
C CYS K 227 -37.58 1.80 51.50
N VAL K 228 -36.42 1.67 52.10
CA VAL K 228 -35.52 2.82 52.20
C VAL K 228 -34.20 2.53 51.51
N VAL K 229 -33.78 3.48 50.67
CA VAL K 229 -32.51 3.37 49.93
C VAL K 229 -31.52 4.37 50.53
N ILE K 230 -30.47 3.83 51.16
CA ILE K 230 -29.45 4.64 51.82
C ILE K 230 -28.22 4.73 50.92
N ALA K 231 -28.05 5.88 50.27
CA ALA K 231 -26.95 6.07 49.34
C ALA K 231 -25.86 7.07 49.74
N SER K 232 -24.61 6.65 49.65
CA SER K 232 -23.49 7.52 49.98
C SER K 232 -23.15 8.36 48.75
N LEU K 233 -22.78 9.62 48.99
CA LEU K 233 -22.43 10.52 47.90
C LEU K 233 -21.39 11.51 48.38
N ASN K 234 -20.16 11.36 47.91
CA ASN K 234 -19.10 12.29 48.30
C ASN K 234 -19.08 13.50 47.38
N PRO K 235 -19.15 14.70 47.95
CA PRO K 235 -19.11 15.92 47.14
C PRO K 235 -17.68 16.13 46.65
N THR K 236 -17.09 15.04 46.20
CA THR K 236 -15.72 14.99 45.68
C THR K 236 -15.29 16.25 44.94
N SER K 237 -15.44 16.23 43.62
CA SER K 237 -15.06 17.36 42.79
C SER K 237 -15.62 18.67 43.34
N ASN K 238 -14.77 19.69 43.42
CA ASN K 238 -15.19 21.00 43.89
C ASN K 238 -15.51 21.86 42.67
N ASP K 239 -15.96 21.19 41.62
CA ASP K 239 -16.34 21.84 40.36
C ASP K 239 -17.78 22.30 40.50
N ASP K 240 -17.96 23.60 40.67
CA ASP K 240 -19.29 24.21 40.86
C ASP K 240 -20.43 23.74 39.95
N LYS K 241 -20.14 22.98 38.90
CA LYS K 241 -21.22 22.52 38.03
C LYS K 241 -21.84 21.23 38.59
N ILE K 242 -21.05 20.44 39.30
CA ILE K 242 -21.56 19.21 39.90
C ILE K 242 -21.75 19.40 41.40
N VAL K 243 -21.12 20.43 41.96
CA VAL K 243 -21.26 20.71 43.40
C VAL K 243 -22.70 21.16 43.61
N GLU K 244 -23.26 21.75 42.55
CA GLU K 244 -24.63 22.24 42.60
C GLU K 244 -25.56 21.09 42.25
N LEU K 245 -25.02 20.09 41.56
CA LEU K 245 -25.80 18.90 41.19
C LEU K 245 -25.94 18.02 42.44
N VAL K 246 -25.01 18.19 43.38
CA VAL K 246 -25.00 17.44 44.62
C VAL K 246 -25.98 18.09 45.59
N LYS K 247 -25.96 19.42 45.64
CA LYS K 247 -26.85 20.15 46.52
C LYS K 247 -28.29 20.06 46.02
N GLU K 248 -28.45 19.82 44.72
CA GLU K 248 -29.77 19.70 44.11
C GLU K 248 -30.32 18.32 44.39
N ALA K 249 -29.49 17.31 44.14
CA ALA K 249 -29.90 15.94 44.38
C ALA K 249 -30.31 15.80 45.85
N SER K 250 -29.49 16.36 46.72
CA SER K 250 -29.75 16.29 48.15
C SER K 250 -30.99 17.07 48.54
N ARG K 251 -31.14 18.26 47.96
CA ARG K 251 -32.28 19.10 48.27
C ARG K 251 -33.63 18.60 47.74
N SER K 252 -33.70 18.33 46.44
CA SER K 252 -34.94 17.95 45.81
C SER K 252 -35.21 16.49 45.43
N ASN K 253 -34.18 15.66 45.38
CA ASN K 253 -34.41 14.28 44.99
C ASN K 253 -34.35 13.29 46.13
N SER K 254 -34.15 13.78 47.35
CA SER K 254 -34.06 12.92 48.52
C SER K 254 -35.26 13.08 49.44
N THR K 255 -35.68 11.98 50.04
CA THR K 255 -36.80 12.01 50.97
C THR K 255 -36.23 12.46 52.32
N SER K 256 -35.01 12.01 52.60
CA SER K 256 -34.30 12.36 53.82
C SER K 256 -32.84 12.61 53.47
N LEU K 257 -32.17 13.38 54.33
CA LEU K 257 -30.79 13.74 54.13
C LEU K 257 -30.02 13.49 55.43
N VAL K 258 -28.82 12.93 55.31
CA VAL K 258 -27.97 12.68 56.47
C VAL K 258 -26.63 13.33 56.13
N ILE K 259 -26.28 14.39 56.85
CA ILE K 259 -25.05 15.12 56.57
C ILE K 259 -24.13 15.21 57.77
N SER K 260 -22.84 15.14 57.51
CA SER K 260 -21.83 15.23 58.54
C SER K 260 -21.73 16.68 59.05
N THR K 261 -21.24 16.84 60.28
CA THR K 261 -21.10 18.16 60.87
C THR K 261 -19.62 18.43 61.14
N ASP K 262 -19.32 19.55 61.80
CA ASP K 262 -17.94 19.90 62.09
C ASP K 262 -17.39 19.18 63.30
N VAL K 263 -18.24 18.39 63.96
CA VAL K 263 -17.82 17.61 65.12
C VAL K 263 -17.65 16.16 64.67
N ASP K 264 -16.49 15.59 64.94
CA ASP K 264 -16.21 14.22 64.52
C ASP K 264 -17.19 13.19 65.03
N GLY K 265 -17.68 12.37 64.11
CA GLY K 265 -18.61 11.32 64.43
C GLY K 265 -20.06 11.74 64.54
N GLU K 266 -20.32 13.03 64.45
CA GLU K 266 -21.69 13.53 64.56
C GLU K 266 -22.34 13.76 63.21
N TRP K 267 -23.59 13.35 63.09
CA TRP K 267 -24.34 13.54 61.84
C TRP K 267 -25.70 14.15 62.11
N GLN K 268 -26.24 14.83 61.10
CA GLN K 268 -27.53 15.48 61.21
C GLN K 268 -28.49 14.82 60.23
N VAL K 269 -29.67 14.45 60.71
CA VAL K 269 -30.69 13.80 59.89
C VAL K 269 -31.85 14.76 59.62
N LEU K 270 -32.11 15.03 58.35
CA LEU K 270 -33.21 15.93 57.97
C LEU K 270 -34.18 15.06 57.21
N THR K 271 -35.42 14.97 57.68
CA THR K 271 -36.37 14.12 56.99
C THR K 271 -37.71 14.77 56.63
N ARG K 272 -38.14 14.53 55.40
CA ARG K 272 -39.41 15.07 54.90
C ARG K 272 -40.48 14.06 55.33
N THR K 273 -41.39 14.49 56.20
CA THR K 273 -42.43 13.60 56.72
C THR K 273 -43.63 13.39 55.81
N GLY K 274 -43.71 14.16 54.72
CA GLY K 274 -44.82 14.00 53.81
C GLY K 274 -45.12 15.22 52.98
N GLU K 275 -46.03 15.05 52.02
CA GLU K 275 -46.44 16.13 51.13
C GLU K 275 -46.95 17.34 51.90
N GLY K 276 -46.25 18.46 51.81
CA GLY K 276 -46.67 19.67 52.48
C GLY K 276 -46.47 19.65 53.99
N LEU K 277 -45.95 18.55 54.52
CA LEU K 277 -45.73 18.43 55.95
C LEU K 277 -44.39 19.03 56.36
N GLN K 278 -44.13 19.07 57.67
CA GLN K 278 -42.90 19.64 58.19
C GLN K 278 -41.67 18.76 58.01
N ARG K 279 -40.52 19.41 57.81
CA ARG K 279 -39.26 18.68 57.68
C ARG K 279 -38.68 18.61 59.08
N LEU K 280 -38.40 17.41 59.56
CA LEU K 280 -37.85 17.22 60.90
C LEU K 280 -36.35 17.02 60.90
N THR K 281 -35.75 17.21 62.07
CA THR K 281 -34.31 17.05 62.22
C THR K 281 -33.93 16.52 63.59
N HIS K 282 -32.91 15.65 63.63
CA HIS K 282 -32.38 15.15 64.88
C HIS K 282 -30.90 14.84 64.66
N THR K 283 -30.15 14.61 65.73
CA THR K 283 -28.73 14.36 65.62
C THR K 283 -28.33 12.94 65.98
N LEU K 284 -27.21 12.49 65.41
CA LEU K 284 -26.68 11.15 65.67
C LEU K 284 -25.23 11.22 66.13
N GLN K 285 -24.86 10.41 67.11
CA GLN K 285 -23.49 10.34 67.61
C GLN K 285 -23.01 8.95 67.24
N THR K 286 -21.74 8.81 66.87
CA THR K 286 -21.23 7.51 66.46
C THR K 286 -19.79 7.29 66.91
N SER K 287 -19.35 6.04 66.85
CA SER K 287 -17.98 5.70 67.24
C SER K 287 -17.55 4.41 66.56
N TYR K 288 -16.25 4.27 66.34
CA TYR K 288 -15.69 3.10 65.68
C TYR K 288 -15.28 1.97 66.62
N GLY K 289 -15.49 0.74 66.16
CA GLY K 289 -15.10 -0.43 66.92
C GLY K 289 -13.90 -1.02 66.20
N GLU K 290 -13.82 -2.33 66.11
CA GLU K 290 -12.70 -2.96 65.43
C GLU K 290 -12.97 -3.08 63.93
N HIS K 291 -11.89 -3.00 63.14
CA HIS K 291 -11.97 -3.09 61.68
C HIS K 291 -12.89 -2.02 61.10
N SER K 292 -12.90 -0.85 61.73
CA SER K 292 -13.71 0.27 61.27
C SER K 292 -15.21 0.05 61.26
N VAL K 293 -15.70 -0.86 62.11
CA VAL K 293 -17.15 -1.08 62.19
C VAL K 293 -17.68 0.07 63.02
N LEU K 294 -18.66 0.78 62.46
CA LEU K 294 -19.23 1.95 63.11
C LEU K 294 -20.51 1.62 63.89
N THR K 295 -20.70 2.29 65.03
CA THR K 295 -21.88 2.09 65.85
C THR K 295 -22.61 3.41 66.09
N ILE K 296 -23.92 3.39 65.95
CA ILE K 296 -24.73 4.58 66.18
C ILE K 296 -25.26 4.51 67.60
N HIS K 297 -24.88 5.47 68.44
CA HIS K 297 -25.34 5.48 69.82
C HIS K 297 -26.82 5.79 69.92
N THR K 298 -27.45 5.31 70.99
CA THR K 298 -28.87 5.54 71.23
C THR K 298 -29.05 6.03 72.67
N SER K 299 -29.62 7.22 72.82
CA SER K 299 -29.85 7.82 74.14
C SER K 299 -30.36 6.80 75.16
N GLN K 306 -37.70 17.70 65.69
CA GLN K 306 -37.94 19.14 65.71
C GLN K 306 -37.86 19.69 64.30
N ALA K 307 -38.67 20.69 64.00
CA ALA K 307 -38.72 21.29 62.68
C ALA K 307 -37.55 22.22 62.36
N SER K 308 -37.20 22.31 61.08
CA SER K 308 -36.12 23.18 60.61
C SER K 308 -36.63 23.94 59.38
N GLY K 309 -36.69 25.26 59.50
CA GLY K 309 -37.16 26.09 58.40
C GLY K 309 -36.41 25.88 57.10
N LYS K 310 -37.00 26.31 55.98
CA LYS K 310 -36.38 26.15 54.68
C LYS K 310 -35.09 26.97 54.58
N ALA K 311 -35.01 28.02 55.39
CA ALA K 311 -33.83 28.88 55.42
C ALA K 311 -32.69 28.15 56.10
N ILE K 312 -32.97 27.52 57.23
CA ILE K 312 -31.97 26.76 57.99
C ILE K 312 -31.51 25.58 57.14
N GLN K 313 -32.41 25.11 56.27
CA GLN K 313 -32.14 23.98 55.39
C GLN K 313 -31.04 24.27 54.38
N THR K 314 -31.09 25.42 53.72
CA THR K 314 -30.07 25.78 52.75
C THR K 314 -28.76 26.15 53.45
N VAL K 315 -28.84 26.52 54.72
CA VAL K 315 -27.65 26.85 55.50
C VAL K 315 -26.86 25.54 55.65
N ILE K 316 -27.60 24.43 55.67
CA ILE K 316 -27.02 23.11 55.79
C ILE K 316 -26.42 22.72 54.43
N LYS K 317 -27.04 23.23 53.37
CA LYS K 317 -26.60 22.95 52.01
C LYS K 317 -25.24 23.54 51.61
N ASN K 318 -24.98 24.78 51.98
CA ASN K 318 -23.70 25.38 51.63
C ASN K 318 -22.52 24.69 52.30
N ASP K 319 -22.80 23.68 53.12
CA ASP K 319 -21.75 22.90 53.78
C ASP K 319 -21.06 22.10 52.69
N GLU K 320 -21.86 21.59 51.76
CA GLU K 320 -21.41 20.79 50.63
C GLU K 320 -20.64 21.65 49.64
N LEU K 321 -21.04 22.91 49.53
CA LEU K 321 -20.40 23.85 48.62
C LEU K 321 -18.93 23.92 49.03
N MET L 1 -54.91 32.72 13.98
CA MET L 1 -54.86 33.41 12.67
C MET L 1 -54.46 34.85 12.88
N ILE L 2 -54.32 35.60 11.79
CA ILE L 2 -53.96 37.01 11.92
C ILE L 2 -55.23 37.85 11.90
N HIS L 3 -55.22 38.96 12.64
CA HIS L 3 -56.38 39.85 12.71
C HIS L 3 -56.02 41.24 12.20
N LEU L 4 -56.98 41.90 11.56
CA LEU L 4 -56.76 43.24 11.04
C LEU L 4 -57.49 44.24 11.93
N TYR L 5 -56.95 45.44 12.04
CA TYR L 5 -57.58 46.47 12.87
C TYR L 5 -57.37 47.88 12.34
N ASP L 6 -58.27 48.77 12.78
CA ASP L 6 -58.19 50.19 12.50
C ASP L 6 -58.48 50.76 13.89
N ALA L 7 -58.37 52.07 14.07
CA ALA L 7 -58.60 52.64 15.39
C ALA L 7 -59.88 52.18 16.08
N LYS L 8 -60.98 52.10 15.32
CA LYS L 8 -62.26 51.69 15.88
C LYS L 8 -62.30 50.24 16.34
N SER L 9 -61.99 49.32 15.44
CA SER L 9 -62.01 47.90 15.80
C SER L 9 -61.04 47.60 16.94
N PHE L 10 -59.91 48.29 16.96
CA PHE L 10 -58.93 48.08 18.03
C PHE L 10 -59.50 48.53 19.37
N ALA L 11 -60.14 49.68 19.40
CA ALA L 11 -60.73 50.18 20.63
C ALA L 11 -61.77 49.21 21.17
N LYS L 12 -62.56 48.61 20.28
CA LYS L 12 -63.57 47.65 20.72
C LYS L 12 -62.91 46.43 21.33
N LEU L 13 -61.85 45.96 20.69
CA LEU L 13 -61.13 44.78 21.19
C LEU L 13 -60.67 45.05 22.61
N ARG L 14 -60.00 46.17 22.82
CA ARG L 14 -59.51 46.50 24.16
C ARG L 14 -60.64 46.56 25.18
N ALA L 15 -61.80 47.08 24.78
CA ALA L 15 -62.93 47.16 25.70
C ALA L 15 -63.39 45.76 26.06
N ALA L 16 -63.46 44.89 25.05
CA ALA L 16 -63.89 43.51 25.27
C ALA L 16 -62.92 42.77 26.19
N GLN L 17 -61.61 42.97 25.97
CA GLN L 17 -60.60 42.29 26.78
C GLN L 17 -60.71 42.77 28.22
N TYR L 18 -60.91 44.08 28.40
CA TYR L 18 -61.03 44.63 29.73
C TYR L 18 -62.23 44.00 30.45
N ALA L 19 -63.33 43.83 29.74
CA ALA L 19 -64.52 43.24 30.32
C ALA L 19 -64.33 41.77 30.68
N ALA L 20 -63.59 41.05 29.82
CA ALA L 20 -63.35 39.63 30.06
C ALA L 20 -62.73 39.35 31.43
N PHE L 21 -62.06 40.34 31.98
CA PHE L 21 -61.45 40.17 33.30
C PHE L 21 -62.21 40.90 34.41
N HIS L 22 -62.56 42.14 34.15
CA HIS L 22 -63.24 42.99 35.13
C HIS L 22 -64.74 42.87 35.37
N THR L 23 -65.52 42.65 34.32
CA THR L 23 -66.96 42.58 34.51
C THR L 23 -67.70 41.27 34.22
N ASP L 24 -67.15 40.43 33.36
CA ASP L 24 -67.79 39.15 33.06
C ASP L 24 -68.01 38.39 34.37
N ALA L 25 -68.95 37.46 34.37
CA ALA L 25 -69.21 36.69 35.56
C ALA L 25 -68.08 35.66 35.71
N PRO L 26 -67.49 35.57 36.91
CA PRO L 26 -66.39 34.64 37.18
C PRO L 26 -66.69 33.24 36.71
N GLY L 27 -65.82 32.68 35.89
CA GLY L 27 -66.02 31.32 35.41
C GLY L 27 -66.92 31.17 34.20
N SER L 28 -67.49 32.27 33.71
CA SER L 28 -68.38 32.15 32.55
C SER L 28 -67.64 31.73 31.29
N TRP L 29 -66.38 32.15 31.14
CA TRP L 29 -65.61 31.79 29.96
C TRP L 29 -65.39 30.28 29.93
N PHE L 30 -65.04 29.71 31.07
CA PHE L 30 -64.83 28.26 31.16
C PHE L 30 -66.09 27.54 30.69
N ASP L 31 -67.24 27.92 31.25
CA ASP L 31 -68.52 27.31 30.91
C ASP L 31 -68.78 27.42 29.41
N HIS L 32 -68.45 28.55 28.83
CA HIS L 32 -68.66 28.73 27.41
C HIS L 32 -67.77 27.79 26.57
N THR L 33 -66.49 27.63 26.95
CA THR L 33 -65.64 26.74 26.16
C THR L 33 -66.05 25.30 26.41
N SER L 34 -66.62 25.04 27.58
CA SER L 34 -67.09 23.68 27.89
C SER L 34 -68.20 23.38 26.88
N GLY L 35 -69.08 24.35 26.66
CA GLY L 35 -70.15 24.17 25.71
C GLY L 35 -69.60 23.85 24.34
N VAL L 36 -68.66 24.66 23.87
CA VAL L 36 -68.07 24.44 22.55
C VAL L 36 -67.44 23.06 22.44
N LEU L 37 -66.67 22.66 23.44
CA LEU L 37 -66.02 21.35 23.39
C LEU L 37 -67.04 20.23 23.33
N GLU L 38 -68.14 20.38 24.07
CA GLU L 38 -69.18 19.37 24.08
C GLU L 38 -69.85 19.22 22.71
N SER L 39 -69.79 20.26 21.90
CA SER L 39 -70.40 20.24 20.57
C SER L 39 -69.57 19.51 19.51
N VAL L 40 -68.35 19.13 19.86
CA VAL L 40 -67.49 18.44 18.89
C VAL L 40 -67.94 17.01 18.62
N GLU L 41 -67.78 16.60 17.37
CA GLU L 41 -68.17 15.29 16.83
C GLU L 41 -67.74 13.98 17.50
N ASP L 42 -66.86 14.03 18.50
CA ASP L 42 -66.37 12.80 19.14
C ASP L 42 -65.36 12.17 18.18
N GLY L 43 -64.19 11.80 18.70
CA GLY L 43 -63.17 11.23 17.85
C GLY L 43 -62.47 12.36 17.12
N THR L 44 -63.05 13.55 17.20
CA THR L 44 -62.48 14.74 16.57
C THR L 44 -61.41 15.32 17.49
N PRO L 45 -60.18 15.48 16.97
CA PRO L 45 -59.06 16.04 17.75
C PRO L 45 -59.37 17.44 18.26
N VAL L 46 -59.11 17.69 19.55
CA VAL L 46 -59.34 19.02 20.13
C VAL L 46 -58.10 19.61 20.80
N LEU L 47 -57.20 18.75 21.27
CA LEU L 47 -56.00 19.19 21.96
C LEU L 47 -54.75 18.39 21.57
N ALA L 48 -53.64 19.10 21.34
CA ALA L 48 -52.37 18.44 21.01
C ALA L 48 -51.30 19.03 21.92
N ILE L 49 -50.56 18.15 22.58
CA ILE L 49 -49.52 18.58 23.50
C ILE L 49 -48.24 17.78 23.28
N GLY L 50 -47.10 18.42 23.48
CA GLY L 50 -45.83 17.74 23.25
C GLY L 50 -45.31 16.81 24.33
N VAL L 51 -44.72 15.70 23.90
CA VAL L 51 -44.13 14.72 24.81
C VAL L 51 -42.63 14.98 24.85
N GLU L 52 -41.94 14.31 25.77
CA GLU L 52 -40.51 14.51 25.96
C GLU L 52 -39.63 14.70 24.72
N SER L 53 -39.83 13.84 23.72
CA SER L 53 -39.03 13.89 22.49
C SER L 53 -39.28 15.11 21.62
N GLY L 54 -40.43 15.74 21.78
CA GLY L 54 -40.74 16.89 20.95
C GLY L 54 -41.93 16.56 20.07
N ASP L 55 -42.26 15.27 19.97
CA ASP L 55 -43.41 14.84 19.20
C ASP L 55 -44.63 15.28 20.00
N ALA L 56 -45.82 15.13 19.44
CA ALA L 56 -47.04 15.53 20.13
C ALA L 56 -48.11 14.45 20.10
N ILE L 57 -48.87 14.35 21.17
CA ILE L 57 -49.97 13.39 21.25
C ILE L 57 -51.25 14.20 21.16
N VAL L 58 -52.33 13.55 20.72
CA VAL L 58 -53.62 14.20 20.52
C VAL L 58 -54.78 13.59 21.31
N PHE L 59 -55.69 14.45 21.78
CA PHE L 59 -56.85 14.00 22.55
C PHE L 59 -58.19 14.49 21.99
N ASP L 60 -59.25 13.76 22.27
CA ASP L 60 -60.59 14.17 21.84
C ASP L 60 -61.24 14.92 23.01
N LYS L 61 -62.47 15.37 22.83
CA LYS L 61 -63.15 16.11 23.88
C LYS L 61 -63.34 15.34 25.18
N ASN L 62 -63.13 14.03 25.16
CA ASN L 62 -63.29 13.21 26.36
C ASN L 62 -61.96 12.82 26.99
N ALA L 63 -60.89 13.51 26.59
CA ALA L 63 -59.56 13.25 27.11
C ALA L 63 -59.11 11.83 26.75
N GLN L 64 -59.60 11.34 25.62
CA GLN L 64 -59.21 10.01 25.17
C GLN L 64 -58.15 10.25 24.11
N ARG L 65 -57.05 9.52 24.18
CA ARG L 65 -55.99 9.71 23.21
C ARG L 65 -56.34 9.15 21.83
N ILE L 66 -56.06 9.94 20.79
CA ILE L 66 -56.34 9.54 19.42
C ILE L 66 -55.12 8.88 18.80
N VAL L 67 -55.24 7.60 18.46
CA VAL L 67 -54.13 6.84 17.88
C VAL L 67 -54.03 6.98 16.36
N ALA L 68 -55.18 6.99 15.68
CA ALA L 68 -55.19 7.10 14.22
C ALA L 68 -56.28 8.04 13.75
N TYR L 69 -55.93 8.93 12.82
CA TYR L 69 -56.88 9.90 12.31
C TYR L 69 -56.41 10.40 10.96
N LYS L 70 -57.15 10.05 9.92
CA LYS L 70 -56.80 10.44 8.56
C LYS L 70 -56.87 11.93 8.35
N GLU L 71 -55.94 12.44 7.56
CA GLU L 71 -55.85 13.86 7.25
C GLU L 71 -57.21 14.51 7.05
N LYS L 72 -57.32 15.76 7.50
CA LYS L 72 -58.55 16.52 7.37
C LYS L 72 -58.24 17.99 7.55
N SER L 73 -58.61 18.79 6.55
CA SER L 73 -58.34 20.23 6.58
C SER L 73 -59.58 21.06 6.88
N VAL L 74 -59.33 22.30 7.29
CA VAL L 74 -60.38 23.26 7.60
C VAL L 74 -59.92 24.64 7.22
N LYS L 75 -60.69 25.33 6.39
CA LYS L 75 -60.33 26.67 5.97
C LYS L 75 -61.10 27.71 6.77
N ALA L 76 -60.42 28.77 7.18
CA ALA L 76 -61.04 29.83 7.96
C ALA L 76 -61.27 31.07 7.11
N GLU L 77 -61.69 32.15 7.76
CA GLU L 77 -61.94 33.41 7.08
C GLU L 77 -60.60 34.01 6.71
N ASP L 78 -59.61 33.78 7.55
CA ASP L 78 -58.25 34.27 7.36
C ASP L 78 -57.73 33.83 5.99
N GLY L 79 -58.36 32.82 5.41
CA GLY L 79 -57.93 32.30 4.13
C GLY L 79 -56.97 31.16 4.36
N SER L 80 -56.37 31.16 5.56
CA SER L 80 -55.44 30.13 5.96
C SER L 80 -56.20 28.83 6.22
N VAL L 81 -55.48 27.71 6.23
CA VAL L 81 -56.11 26.43 6.47
C VAL L 81 -55.33 25.63 7.52
N SER L 82 -56.06 24.87 8.34
CA SER L 82 -55.43 24.05 9.35
C SER L 82 -55.62 22.59 8.95
N VAL L 83 -54.63 21.76 9.24
CA VAL L 83 -54.70 20.35 8.90
C VAL L 83 -54.36 19.52 10.12
N VAL L 84 -55.02 18.38 10.27
CA VAL L 84 -54.74 17.50 11.40
C VAL L 84 -54.66 16.06 10.94
N GLN L 85 -53.58 15.38 11.32
CA GLN L 85 -53.38 13.98 10.94
C GLN L 85 -52.63 13.26 12.03
N VAL L 86 -53.22 12.20 12.55
CA VAL L 86 -52.57 11.43 13.59
C VAL L 86 -52.27 10.05 13.05
N GLU L 87 -51.02 9.61 13.23
CA GLU L 87 -50.62 8.31 12.74
C GLU L 87 -49.74 7.57 13.74
N ASN L 88 -50.21 6.39 14.14
CA ASN L 88 -49.49 5.54 15.08
C ASN L 88 -49.32 6.18 16.45
N GLY L 89 -50.33 6.94 16.89
CA GLY L 89 -50.28 7.57 18.19
C GLY L 89 -49.65 8.95 18.26
N PHE L 90 -49.10 9.43 17.15
CA PHE L 90 -48.48 10.76 17.14
C PHE L 90 -48.96 11.64 16.00
N MET L 91 -48.97 12.94 16.25
CA MET L 91 -49.41 13.92 15.27
C MET L 91 -48.45 13.98 14.07
N LYS L 92 -49.01 13.80 12.86
CA LYS L 92 -48.22 13.85 11.63
C LYS L 92 -48.37 15.21 10.99
N GLN L 93 -49.54 15.82 11.19
CA GLN L 93 -49.83 17.15 10.67
C GLN L 93 -50.64 17.88 11.72
N GLY L 94 -50.39 19.18 11.88
CA GLY L 94 -51.11 19.96 12.86
C GLY L 94 -50.16 20.82 13.67
N HIS L 95 -50.64 21.35 14.79
CA HIS L 95 -49.82 22.21 15.66
C HIS L 95 -50.15 21.91 17.10
N ARG L 96 -49.29 22.33 18.03
CA ARG L 96 -49.53 22.09 19.44
C ARG L 96 -50.59 23.08 19.90
N GLY L 97 -51.34 22.71 20.94
CA GLY L 97 -52.37 23.60 21.44
C GLY L 97 -53.77 23.15 21.09
N TRP L 98 -54.75 24.04 21.27
CA TRP L 98 -56.13 23.70 20.95
C TRP L 98 -56.30 23.54 19.45
N LEU L 99 -56.90 22.43 19.04
CA LEU L 99 -57.12 22.15 17.61
C LEU L 99 -58.52 22.58 17.17
N VAL L 100 -59.24 23.24 18.07
CA VAL L 100 -60.59 23.72 17.81
C VAL L 100 -60.68 25.16 18.30
N ASP L 101 -61.47 25.99 17.62
CA ASP L 101 -61.59 27.38 18.02
C ASP L 101 -62.52 27.56 19.23
N LEU L 102 -61.98 28.10 20.31
CA LEU L 102 -62.75 28.32 21.52
C LEU L 102 -62.98 29.81 21.73
N THR L 103 -61.94 30.58 21.45
CA THR L 103 -61.93 32.03 21.63
C THR L 103 -62.63 32.89 20.57
N GLY L 104 -62.89 32.35 19.39
CA GLY L 104 -63.50 33.17 18.36
C GLY L 104 -62.47 34.23 18.04
N GLU L 105 -62.88 35.48 17.81
CA GLU L 105 -61.89 36.50 17.52
C GLU L 105 -61.57 37.34 18.74
N LEU L 106 -62.00 36.85 19.89
CA LEU L 106 -61.72 37.56 21.13
C LEU L 106 -60.42 36.93 21.64
N VAL L 107 -59.30 37.56 21.32
CA VAL L 107 -58.02 37.04 21.74
C VAL L 107 -57.32 38.03 22.66
N GLY L 108 -56.28 37.54 23.35
CA GLY L 108 -55.52 38.40 24.25
C GLY L 108 -56.16 38.66 25.59
N CYS L 109 -57.03 37.77 26.05
CA CYS L 109 -57.69 37.97 27.32
C CYS L 109 -57.09 37.12 28.43
N SER L 110 -57.48 37.47 29.66
CA SER L 110 -57.11 36.77 30.88
C SER L 110 -58.49 36.61 31.51
N PRO L 111 -59.33 35.71 30.94
CA PRO L 111 -60.69 35.46 31.43
C PRO L 111 -60.74 35.23 32.92
N VAL L 112 -61.62 35.95 33.62
CA VAL L 112 -61.72 35.78 35.06
C VAL L 112 -62.18 34.35 35.34
N VAL L 113 -61.50 33.67 36.26
CA VAL L 113 -61.81 32.30 36.60
C VAL L 113 -62.55 32.16 37.93
N ALA L 114 -62.39 33.15 38.80
CA ALA L 114 -63.05 33.09 40.10
C ALA L 114 -62.86 34.39 40.87
N GLU L 115 -63.57 34.48 41.98
CA GLU L 115 -63.50 35.65 42.83
C GLU L 115 -63.39 35.13 44.25
N PHE L 116 -62.46 35.68 45.01
CA PHE L 116 -62.26 35.23 46.38
C PHE L 116 -61.68 36.35 47.23
N GLY L 117 -62.08 36.38 48.50
CA GLY L 117 -61.59 37.38 49.43
C GLY L 117 -61.65 38.80 48.93
N GLY L 118 -62.53 39.07 47.98
CA GLY L 118 -62.63 40.43 47.45
C GLY L 118 -61.77 40.70 46.24
N HIS L 119 -61.16 39.67 45.67
CA HIS L 119 -60.31 39.85 44.50
C HIS L 119 -60.68 38.90 43.36
N ARG L 120 -60.56 39.38 42.14
CA ARG L 120 -60.83 38.55 40.98
C ARG L 120 -59.50 37.90 40.57
N TYR L 121 -59.54 36.61 40.24
CA TYR L 121 -58.35 35.90 39.80
C TYR L 121 -58.45 35.51 38.34
N ALA L 122 -57.32 35.54 37.64
CA ALA L 122 -57.30 35.21 36.21
C ALA L 122 -57.10 33.75 35.92
N SER L 123 -57.59 33.31 34.76
CA SER L 123 -57.40 31.94 34.34
C SER L 123 -56.02 31.97 33.66
N GLY L 124 -55.55 30.84 33.17
CA GLY L 124 -54.24 30.78 32.53
C GLY L 124 -53.29 30.14 33.53
N MET L 125 -51.99 30.43 33.43
CA MET L 125 -51.08 29.82 34.38
C MET L 125 -50.58 30.74 35.48
N VAL L 126 -50.55 30.18 36.69
CA VAL L 126 -50.11 30.89 37.87
C VAL L 126 -48.95 30.14 38.47
N ILE L 127 -47.78 30.78 38.50
CA ILE L 127 -46.61 30.15 39.08
C ILE L 127 -46.44 30.68 40.49
N VAL L 128 -46.26 29.75 41.42
CA VAL L 128 -46.07 30.09 42.83
C VAL L 128 -44.62 29.77 43.14
N THR L 129 -43.86 30.79 43.46
CA THR L 129 -42.45 30.58 43.73
C THR L 129 -41.87 31.56 44.74
N GLY L 130 -40.55 31.64 44.76
CA GLY L 130 -39.86 32.53 45.67
C GLY L 130 -38.87 31.77 46.51
N LYS L 131 -38.08 32.48 47.29
CA LYS L 131 -37.09 31.86 48.15
C LYS L 131 -37.53 32.19 49.57
N GLY L 132 -37.37 31.25 50.49
CA GLY L 132 -37.79 31.53 51.85
C GLY L 132 -38.42 30.35 52.56
N ASN L 133 -38.94 30.62 53.76
CA ASN L 133 -39.56 29.59 54.57
C ASN L 133 -40.99 29.21 54.19
N SER L 134 -41.77 30.17 53.69
CA SER L 134 -43.14 29.87 53.30
C SER L 134 -43.19 28.74 52.27
N GLY L 135 -43.87 27.65 52.64
CA GLY L 135 -43.97 26.50 51.76
C GLY L 135 -44.93 26.66 50.61
N LYS L 136 -44.48 26.30 49.41
CA LYS L 136 -45.32 26.42 48.22
C LYS L 136 -46.45 25.38 48.14
N THR L 137 -46.17 24.16 48.55
CA THR L 137 -47.19 23.12 48.48
C THR L 137 -48.48 23.47 49.22
N PRO L 138 -48.38 23.93 50.48
CA PRO L 138 -49.63 24.27 51.20
C PRO L 138 -50.37 25.43 50.52
N LEU L 139 -49.62 26.35 49.94
CA LEU L 139 -50.22 27.51 49.28
C LEU L 139 -50.98 27.14 48.02
N VAL L 140 -50.42 26.26 47.18
CA VAL L 140 -51.13 25.92 45.95
C VAL L 140 -52.41 25.17 46.27
N HIS L 141 -52.39 24.31 47.29
CA HIS L 141 -53.60 23.57 47.65
C HIS L 141 -54.68 24.50 48.23
N ALA L 142 -54.25 25.48 49.04
CA ALA L 142 -55.21 26.40 49.63
C ALA L 142 -55.82 27.27 48.54
N LEU L 143 -55.01 27.63 47.56
CA LEU L 143 -55.49 28.46 46.48
C LEU L 143 -56.41 27.67 45.57
N GLY L 144 -56.12 26.38 45.43
CA GLY L 144 -56.95 25.52 44.59
C GLY L 144 -58.34 25.42 45.17
N GLU L 145 -58.42 25.17 46.48
CA GLU L 145 -59.70 25.06 47.15
C GLU L 145 -60.48 26.38 47.12
N ALA L 146 -59.80 27.49 47.35
CA ALA L 146 -60.48 28.78 47.35
C ALA L 146 -61.01 29.18 45.99
N LEU L 147 -60.22 28.95 44.94
CA LEU L 147 -60.67 29.32 43.60
C LEU L 147 -61.67 28.29 43.09
N GLY L 148 -61.56 27.06 43.58
CA GLY L 148 -62.48 26.04 43.15
C GLY L 148 -63.88 26.46 43.57
N GLY L 149 -63.98 27.01 44.78
CA GLY L 149 -65.26 27.46 45.31
C GLY L 149 -66.24 26.34 45.57
N LYS L 150 -67.27 26.26 44.74
CA LYS L 150 -68.28 25.21 44.86
C LYS L 150 -67.80 23.92 44.21
N ASP L 151 -66.78 24.05 43.35
CA ASP L 151 -66.24 22.91 42.64
C ASP L 151 -64.96 22.39 43.26
N LYS L 152 -64.69 21.10 43.05
CA LYS L 152 -63.45 20.50 43.55
C LYS L 152 -62.35 20.91 42.58
N TYR L 153 -61.10 20.88 43.04
CA TYR L 153 -59.98 21.22 42.16
C TYR L 153 -59.22 19.95 41.84
N ALA L 154 -58.61 19.90 40.65
CA ALA L 154 -57.83 18.73 40.23
C ALA L 154 -56.35 18.90 40.60
N THR L 155 -55.73 17.83 41.07
CA THR L 155 -54.34 17.88 41.46
C THR L 155 -53.46 16.96 40.61
N VAL L 156 -52.46 17.56 39.96
CA VAL L 156 -51.50 16.81 39.14
C VAL L 156 -50.20 16.74 39.94
N ARG L 157 -49.72 15.54 40.22
CA ARG L 157 -48.50 15.36 40.99
C ARG L 157 -47.34 14.91 40.10
N PHE L 158 -46.16 15.50 40.31
CA PHE L 158 -45.00 15.18 39.48
C PHE L 158 -43.62 15.46 40.08
N GLY L 159 -42.73 14.48 39.92
CA GLY L 159 -41.35 14.60 40.35
C GLY L 159 -40.90 14.80 41.79
N GLU L 160 -41.64 14.32 42.76
CA GLU L 160 -41.22 14.48 44.14
C GLU L 160 -40.90 13.09 44.67
N PRO L 161 -39.92 12.96 45.57
CA PRO L 161 -39.59 11.65 46.11
C PRO L 161 -40.52 11.18 47.24
N LEU L 162 -41.82 11.18 46.95
CA LEU L 162 -42.85 10.74 47.89
C LEU L 162 -43.67 9.61 47.23
N SER L 163 -44.45 8.89 48.03
CA SER L 163 -45.24 7.77 47.51
C SER L 163 -46.27 8.16 46.47
N GLY L 164 -46.44 7.31 45.47
CA GLY L 164 -47.44 7.55 44.44
C GLY L 164 -47.18 8.69 43.48
N TYR L 165 -45.98 9.25 43.51
CA TYR L 165 -45.66 10.35 42.60
C TYR L 165 -45.12 9.86 41.27
N ASN L 166 -45.74 10.31 40.18
CA ASN L 166 -45.26 9.93 38.85
C ASN L 166 -44.03 10.79 38.58
N THR L 167 -43.03 10.22 37.92
CA THR L 167 -41.82 10.96 37.61
C THR L 167 -41.46 10.85 36.13
N ASP L 168 -42.40 10.34 35.34
CA ASP L 168 -42.20 10.18 33.91
C ASP L 168 -42.90 11.35 33.21
N PHE L 169 -42.12 12.17 32.51
CA PHE L 169 -42.67 13.34 31.83
C PHE L 169 -43.85 13.06 30.91
N ASN L 170 -43.84 11.92 30.21
CA ASN L 170 -44.94 11.62 29.31
C ASN L 170 -46.27 11.35 30.00
N VAL L 171 -46.22 10.81 31.21
CA VAL L 171 -47.46 10.56 31.95
C VAL L 171 -47.92 11.93 32.43
N PHE L 172 -46.96 12.79 32.72
CA PHE L 172 -47.25 14.14 33.20
C PHE L 172 -48.10 14.95 32.23
N VAL L 173 -47.68 15.03 30.97
CA VAL L 173 -48.43 15.82 29.99
C VAL L 173 -49.80 15.20 29.77
N ASP L 174 -49.89 13.89 29.99
CA ASP L 174 -51.16 13.19 29.83
C ASP L 174 -52.10 13.67 30.94
N ASP L 175 -51.59 13.74 32.18
CA ASP L 175 -52.40 14.21 33.30
C ASP L 175 -52.84 15.66 33.06
N ILE L 176 -51.91 16.48 32.60
CA ILE L 176 -52.21 17.89 32.35
C ILE L 176 -53.27 18.10 31.28
N ALA L 177 -53.16 17.40 30.17
CA ALA L 177 -54.13 17.54 29.08
C ALA L 177 -55.52 17.15 29.58
N ARG L 178 -55.61 16.02 30.27
CA ARG L 178 -56.91 15.57 30.79
C ARG L 178 -57.48 16.59 31.76
N ALA L 179 -56.63 17.13 32.63
CA ALA L 179 -57.07 18.11 33.62
C ALA L 179 -57.66 19.37 32.98
N MET L 180 -57.00 19.93 31.98
CA MET L 180 -57.49 21.14 31.33
C MET L 180 -58.76 20.89 30.51
N LEU L 181 -58.94 19.64 30.07
CA LEU L 181 -60.12 19.32 29.29
C LEU L 181 -61.34 19.16 30.19
N GLN L 182 -61.10 18.75 31.44
CA GLN L 182 -62.19 18.49 32.36
C GLN L 182 -62.37 19.35 33.61
N HIS L 183 -61.42 20.23 33.94
CA HIS L 183 -61.59 21.02 35.15
C HIS L 183 -61.19 22.47 35.03
N ARG L 184 -61.83 23.30 35.85
CA ARG L 184 -61.60 24.74 35.86
C ARG L 184 -60.42 25.16 36.72
N VAL L 185 -60.19 24.42 37.80
CA VAL L 185 -59.10 24.74 38.72
C VAL L 185 -58.17 23.55 38.88
N ILE L 186 -56.92 23.75 38.44
CA ILE L 186 -55.91 22.71 38.46
C ILE L 186 -54.67 23.12 39.23
N VAL L 187 -54.13 22.17 39.98
CA VAL L 187 -52.92 22.38 40.76
C VAL L 187 -51.84 21.40 40.29
N ILE L 188 -50.66 21.93 39.99
CA ILE L 188 -49.55 21.07 39.57
C ILE L 188 -48.52 21.18 40.67
N ASP L 189 -48.25 20.07 41.36
CA ASP L 189 -47.26 20.18 42.39
C ASP L 189 -45.92 19.73 41.88
N SER L 190 -45.08 20.75 41.71
CA SER L 190 -43.70 20.69 41.26
C SER L 190 -43.51 20.69 39.76
N LEU L 191 -43.04 21.83 39.26
CA LEU L 191 -42.72 21.99 37.85
C LEU L 191 -41.23 21.66 37.76
N LYS L 192 -40.81 20.53 38.33
CA LYS L 192 -39.41 20.12 38.30
C LYS L 192 -39.02 19.67 36.90
N ASN L 193 -37.74 19.37 36.73
CA ASN L 193 -37.23 18.94 35.44
C ASN L 193 -37.45 20.06 34.42
N VAL L 194 -38.69 20.42 34.19
CA VAL L 194 -38.99 21.51 33.29
C VAL L 194 -38.38 22.71 33.99
N ILE L 195 -37.69 23.57 33.24
CA ILE L 195 -37.03 24.72 33.84
C ILE L 195 -36.05 24.21 34.89
N ILE L 207 -32.63 21.06 28.95
CA ILE L 207 -34.06 20.81 29.06
C ILE L 207 -34.54 20.06 27.82
N SER L 208 -35.43 19.09 28.01
CA SER L 208 -35.95 18.31 26.88
C SER L 208 -36.86 19.18 26.04
N ARG L 209 -37.05 18.80 24.77
CA ARG L 209 -37.91 19.57 23.88
C ARG L 209 -39.33 19.63 24.43
N GLY L 210 -39.77 18.52 25.02
CA GLY L 210 -41.11 18.46 25.57
C GLY L 210 -41.29 19.46 26.70
N ALA L 211 -40.31 19.51 27.60
CA ALA L 211 -40.37 20.41 28.74
C ALA L 211 -40.38 21.86 28.27
N PHE L 212 -39.65 22.13 27.21
CA PHE L 212 -39.57 23.48 26.66
C PHE L 212 -40.91 23.87 26.02
N ASP L 213 -41.54 22.91 25.34
CA ASP L 213 -42.82 23.17 24.70
C ASP L 213 -43.89 23.47 25.77
N LEU L 214 -43.86 22.68 26.83
CA LEU L 214 -44.81 22.79 27.93
C LEU L 214 -44.77 24.18 28.54
N LEU L 215 -43.57 24.62 28.93
CA LEU L 215 -43.42 25.94 29.54
C LEU L 215 -43.96 27.06 28.67
N SER L 216 -43.76 26.95 27.35
CA SER L 216 -44.24 27.99 26.46
C SER L 216 -45.65 27.82 25.91
N ASP L 217 -46.29 26.70 26.22
CA ASP L 217 -47.65 26.47 25.72
C ASP L 217 -48.74 26.51 26.78
N ILE L 218 -48.44 25.96 27.95
CA ILE L 218 -49.44 25.85 28.98
C ILE L 218 -50.27 27.09 29.35
N GLY L 219 -49.63 28.24 29.46
CA GLY L 219 -50.36 29.45 29.80
C GLY L 219 -51.42 29.80 28.77
N ALA L 220 -51.05 29.79 27.51
CA ALA L 220 -51.99 30.12 26.45
C ALA L 220 -53.12 29.07 26.37
N MET L 221 -52.77 27.80 26.57
CA MET L 221 -53.78 26.75 26.53
C MET L 221 -54.82 26.99 27.62
N ALA L 222 -54.34 27.20 28.84
CA ALA L 222 -55.22 27.45 29.98
C ALA L 222 -56.09 28.71 29.84
N ALA L 223 -55.50 29.82 29.39
CA ALA L 223 -56.25 31.07 29.23
C ALA L 223 -57.32 30.93 28.15
N SER L 224 -57.04 30.14 27.12
CA SER L 224 -58.00 29.94 26.05
C SER L 224 -59.21 29.15 26.56
N ARG L 225 -58.95 28.17 27.43
CA ARG L 225 -60.00 27.33 27.99
C ARG L 225 -60.78 28.08 29.06
N GLY L 226 -60.10 28.93 29.80
CA GLY L 226 -60.76 29.67 30.87
C GLY L 226 -60.51 28.97 32.19
N CYS L 227 -59.56 28.03 32.20
CA CYS L 227 -59.22 27.33 33.44
C CYS L 227 -57.93 27.93 34.01
N VAL L 228 -57.64 27.64 35.28
CA VAL L 228 -56.43 28.15 35.91
C VAL L 228 -55.55 26.99 36.36
N VAL L 229 -54.26 27.08 36.01
CA VAL L 229 -53.27 26.07 36.39
C VAL L 229 -52.35 26.73 37.42
N ILE L 230 -52.38 26.21 38.65
CA ILE L 230 -51.59 26.75 39.75
C ILE L 230 -50.38 25.83 39.99
N ALA L 231 -49.20 26.27 39.53
CA ALA L 231 -48.00 25.44 39.66
C ALA L 231 -46.93 25.95 40.62
N SER L 232 -46.45 25.05 41.47
CA SER L 232 -45.40 25.41 42.41
C SER L 232 -44.08 25.19 41.70
N LEU L 233 -43.15 26.11 41.95
CA LEU L 233 -41.83 26.05 41.34
C LEU L 233 -40.80 26.44 42.38
N ASN L 234 -40.03 25.48 42.86
CA ASN L 234 -39.01 25.78 43.85
C ASN L 234 -37.72 26.16 43.16
N PRO L 235 -37.21 27.36 43.46
CA PRO L 235 -35.96 27.80 42.84
C PRO L 235 -34.82 27.02 43.50
N THR L 236 -35.05 25.71 43.62
CA THR L 236 -34.09 24.80 44.23
C THR L 236 -32.70 25.05 43.68
N SER L 237 -32.54 24.86 42.39
CA SER L 237 -31.25 25.09 41.74
C SER L 237 -30.69 26.40 42.29
N ASN L 238 -29.74 26.28 43.21
CA ASN L 238 -29.10 27.45 43.84
C ASN L 238 -30.04 28.09 44.86
N ASP L 239 -29.45 28.78 45.84
CA ASP L 239 -30.22 29.48 46.86
C ASP L 239 -29.82 30.94 46.76
N ASP L 240 -28.86 31.18 45.87
CA ASP L 240 -28.34 32.52 45.61
C ASP L 240 -29.52 33.37 45.16
N LYS L 241 -29.31 34.67 45.04
CA LYS L 241 -30.38 35.55 44.60
C LYS L 241 -30.59 35.30 43.11
N ILE L 242 -30.45 34.03 42.74
CA ILE L 242 -30.65 33.55 41.37
C ILE L 242 -32.15 33.25 41.31
N VAL L 243 -32.82 33.48 42.44
CA VAL L 243 -34.26 33.27 42.53
C VAL L 243 -34.92 34.29 41.62
N GLU L 244 -34.11 35.20 41.09
CA GLU L 244 -34.57 36.24 40.19
C GLU L 244 -34.49 35.69 38.77
N LEU L 245 -33.82 34.56 38.62
CA LEU L 245 -33.67 33.89 37.33
C LEU L 245 -34.96 33.17 36.95
N VAL L 246 -35.28 32.11 37.70
CA VAL L 246 -36.50 31.35 37.43
C VAL L 246 -37.66 32.34 37.45
N LYS L 247 -37.59 33.29 38.37
CA LYS L 247 -38.60 34.34 38.46
C LYS L 247 -38.34 35.14 37.20
N GLU L 248 -39.18 36.11 36.87
CA GLU L 248 -38.98 36.88 35.64
C GLU L 248 -39.24 35.91 34.49
N ALA L 249 -38.49 34.81 34.45
CA ALA L 249 -38.66 33.80 33.43
C ALA L 249 -40.04 33.18 33.72
N SER L 250 -40.43 33.26 34.99
CA SER L 250 -41.73 32.78 35.46
C SER L 250 -42.73 33.83 35.05
N ARG L 251 -42.41 35.06 35.41
CA ARG L 251 -43.22 36.23 35.11
C ARG L 251 -43.48 36.34 33.61
N SER L 252 -42.55 35.86 32.80
CA SER L 252 -42.68 35.93 31.35
C SER L 252 -43.57 34.85 30.72
N ASN L 253 -43.65 33.67 31.34
CA ASN L 253 -44.48 32.62 30.78
C ASN L 253 -45.71 32.33 31.64
N SER L 254 -45.98 33.22 32.58
CA SER L 254 -47.12 33.08 33.48
C SER L 254 -48.13 34.19 33.28
N THR L 255 -49.39 33.86 33.50
CA THR L 255 -50.45 34.86 33.38
C THR L 255 -50.43 35.64 34.70
N SER L 256 -50.12 34.93 35.78
CA SER L 256 -50.07 35.54 37.11
C SER L 256 -48.91 34.93 37.89
N LEU L 257 -48.40 35.69 38.85
CA LEU L 257 -47.29 35.24 39.69
C LEU L 257 -47.68 35.40 41.15
N VAL L 258 -47.30 34.41 41.96
CA VAL L 258 -47.55 34.46 43.40
C VAL L 258 -46.20 34.18 44.04
N ILE L 259 -45.61 35.19 44.64
CA ILE L 259 -44.30 35.06 45.27
C ILE L 259 -44.36 35.38 46.75
N SER L 260 -43.58 34.63 47.53
CA SER L 260 -43.51 34.82 48.97
C SER L 260 -42.76 36.10 49.30
N THR L 261 -42.98 36.64 50.49
CA THR L 261 -42.33 37.88 50.89
C THR L 261 -41.44 37.61 52.10
N ASP L 262 -40.83 38.66 52.64
CA ASP L 262 -39.95 38.50 53.80
C ASP L 262 -40.70 38.32 55.10
N VAL L 263 -42.02 38.48 55.06
CA VAL L 263 -42.86 38.30 56.24
C VAL L 263 -43.51 36.92 56.10
N ASP L 264 -43.25 36.03 57.06
CA ASP L 264 -43.80 34.69 56.99
C ASP L 264 -45.33 34.62 56.86
N GLY L 265 -45.78 33.77 55.95
CA GLY L 265 -47.21 33.61 55.72
C GLY L 265 -47.78 34.61 54.73
N GLU L 266 -47.01 35.63 54.37
CA GLU L 266 -47.49 36.65 53.45
C GLU L 266 -47.01 36.43 52.01
N TRP L 267 -47.93 36.58 51.06
CA TRP L 267 -47.62 36.37 49.65
C TRP L 267 -48.12 37.53 48.80
N GLN L 268 -47.45 37.75 47.67
CA GLN L 268 -47.85 38.82 46.77
C GLN L 268 -48.34 38.22 45.48
N VAL L 269 -49.47 38.74 45.00
CA VAL L 269 -50.09 38.27 43.77
C VAL L 269 -49.98 39.33 42.69
N LEU L 270 -49.32 38.99 41.59
CA LEU L 270 -49.15 39.91 40.45
C LEU L 270 -49.93 39.29 39.32
N THR L 271 -50.90 40.01 38.77
CA THR L 271 -51.69 39.43 37.69
C THR L 271 -51.84 40.29 36.43
N ARG L 272 -51.68 39.64 35.29
CA ARG L 272 -51.80 40.28 33.99
C ARG L 272 -53.27 40.20 33.61
N THR L 273 -53.93 41.35 33.55
CA THR L 273 -55.36 41.40 33.23
C THR L 273 -55.70 41.29 31.76
N GLY L 274 -54.68 41.29 30.91
CA GLY L 274 -54.95 41.17 29.49
C GLY L 274 -53.89 41.77 28.60
N GLU L 275 -54.04 41.53 27.29
CA GLU L 275 -53.11 42.03 26.28
C GLU L 275 -52.95 43.54 26.36
N GLY L 276 -51.77 44.00 26.76
CA GLY L 276 -51.52 45.43 26.84
C GLY L 276 -52.21 46.14 27.99
N LEU L 277 -52.90 45.38 28.84
CA LEU L 277 -53.63 45.94 29.97
C LEU L 277 -52.73 46.08 31.19
N GLN L 278 -53.27 46.68 32.26
CA GLN L 278 -52.52 46.88 33.48
C GLN L 278 -52.27 45.61 34.28
N ARG L 279 -51.12 45.54 34.94
CA ARG L 279 -50.79 44.39 35.78
C ARG L 279 -51.19 44.81 37.19
N LEU L 280 -52.07 44.03 37.81
CA LEU L 280 -52.53 44.34 39.15
C LEU L 280 -51.76 43.58 40.20
N THR L 281 -51.80 44.07 41.44
CA THR L 281 -51.12 43.42 42.54
C THR L 281 -51.89 43.54 43.85
N HIS L 282 -51.92 42.47 44.63
CA HIS L 282 -52.57 42.52 45.94
C HIS L 282 -51.86 41.56 46.88
N THR L 283 -52.08 41.70 48.17
CA THR L 283 -51.40 40.86 49.14
C THR L 283 -52.30 39.81 49.76
N LEU L 284 -51.70 38.73 50.23
CA LEU L 284 -52.43 37.63 50.85
C LEU L 284 -51.81 37.28 52.20
N GLN L 285 -52.66 37.08 53.20
CA GLN L 285 -52.21 36.70 54.54
C GLN L 285 -52.68 35.26 54.74
N THR L 286 -51.87 34.43 55.39
CA THR L 286 -52.24 33.04 55.59
C THR L 286 -51.81 32.50 56.94
N SER L 287 -52.36 31.34 57.31
CA SER L 287 -52.00 30.70 58.57
C SER L 287 -52.30 29.21 58.52
N TYR L 288 -51.58 28.44 59.32
CA TYR L 288 -51.75 26.99 59.35
C TYR L 288 -52.74 26.50 60.39
N GLY L 289 -53.35 25.36 60.10
CA GLY L 289 -54.29 24.73 61.00
C GLY L 289 -53.69 23.38 61.34
N GLU L 290 -54.53 22.37 61.54
CA GLU L 290 -54.02 21.04 61.86
C GLU L 290 -53.52 20.30 60.61
N HIS L 291 -52.49 19.49 60.79
CA HIS L 291 -51.89 18.71 59.71
C HIS L 291 -51.40 19.60 58.56
N SER L 292 -50.92 20.78 58.91
CA SER L 292 -50.39 21.72 57.93
C SER L 292 -51.37 22.20 56.87
N VAL L 293 -52.67 22.21 57.18
CA VAL L 293 -53.64 22.71 56.21
C VAL L 293 -53.53 24.23 56.30
N LEU L 294 -53.35 24.87 55.15
CA LEU L 294 -53.18 26.32 55.09
C LEU L 294 -54.50 27.02 54.77
N THR L 295 -54.71 28.18 55.38
CA THR L 295 -55.93 28.95 55.14
C THR L 295 -55.57 30.36 54.71
N ILE L 296 -56.23 30.87 53.68
CA ILE L 296 -55.99 32.21 53.20
C ILE L 296 -57.03 33.13 53.82
N HIS L 297 -56.59 34.10 54.61
CA HIS L 297 -57.52 35.04 55.26
C HIS L 297 -58.23 35.92 54.25
N THR L 298 -59.47 36.25 54.57
CA THR L 298 -60.29 37.11 53.71
C THR L 298 -60.84 38.24 54.56
N SER L 299 -60.68 39.47 54.08
CA SER L 299 -61.15 40.64 54.81
C SER L 299 -62.66 40.62 55.06
N LYS L 300 -63.16 41.57 55.71
N MET M 1 12.07 -35.93 9.66
CA MET M 1 11.06 -36.89 10.18
C MET M 1 9.71 -36.67 9.51
N ILE M 2 8.71 -37.46 9.89
CA ILE M 2 7.38 -37.27 9.31
C ILE M 2 6.55 -36.37 10.24
N HIS M 3 5.61 -35.64 9.66
CA HIS M 3 4.76 -34.73 10.42
C HIS M 3 3.29 -35.06 10.19
N LEU M 4 2.47 -34.86 11.22
CA LEU M 4 1.04 -35.13 11.12
C LEU M 4 0.29 -33.81 11.05
N TYR M 5 -0.84 -33.77 10.35
CA TYR M 5 -1.61 -32.54 10.23
C TYR M 5 -3.10 -32.78 10.16
N ASP M 6 -3.86 -31.74 10.45
CA ASP M 6 -5.30 -31.70 10.31
C ASP M 6 -5.49 -30.33 9.66
N ALA M 7 -6.70 -29.98 9.27
CA ALA M 7 -6.94 -28.69 8.62
C ALA M 7 -6.30 -27.51 9.36
N LYS M 8 -6.48 -27.45 10.68
CA LYS M 8 -5.94 -26.35 11.47
C LYS M 8 -4.41 -26.28 11.54
N SER M 9 -3.76 -27.39 11.85
CA SER M 9 -2.31 -27.39 11.92
C SER M 9 -1.69 -27.13 10.55
N PHE M 10 -2.35 -27.62 9.50
CA PHE M 10 -1.85 -27.39 8.14
C PHE M 10 -1.93 -25.90 7.78
N ALA M 11 -3.04 -25.27 8.12
CA ALA M 11 -3.23 -23.83 7.82
C ALA M 11 -2.17 -22.99 8.53
N LYS M 12 -1.81 -23.39 9.75
CA LYS M 12 -0.79 -22.65 10.49
C LYS M 12 0.55 -22.80 9.80
N LEU M 13 0.86 -24.01 9.36
CA LEU M 13 2.12 -24.26 8.68
C LEU M 13 2.24 -23.35 7.45
N ARG M 14 1.21 -23.33 6.62
CA ARG M 14 1.25 -22.52 5.40
C ARG M 14 1.45 -21.03 5.73
N ALA M 15 0.79 -20.53 6.76
CA ALA M 15 0.94 -19.14 7.17
C ALA M 15 2.38 -18.87 7.61
N ALA M 16 2.97 -19.80 8.35
CA ALA M 16 4.35 -19.65 8.78
C ALA M 16 5.32 -19.69 7.59
N GLN M 17 5.08 -20.60 6.66
CA GLN M 17 5.95 -20.71 5.49
C GLN M 17 5.87 -19.41 4.70
N TYR M 18 4.65 -18.89 4.55
CA TYR M 18 4.44 -17.65 3.82
C TYR M 18 5.24 -16.52 4.45
N ALA M 19 5.22 -16.45 5.78
CA ALA M 19 5.95 -15.43 6.51
C ALA M 19 7.47 -15.57 6.41
N ALA M 20 7.95 -16.82 6.37
CA ALA M 20 9.39 -17.06 6.26
C ALA M 20 10.02 -16.38 5.04
N PHE M 21 9.23 -16.16 4.00
CA PHE M 21 9.75 -15.50 2.82
C PHE M 21 9.31 -14.04 2.68
N HIS M 22 8.03 -13.79 2.89
CA HIS M 22 7.43 -12.47 2.73
C HIS M 22 7.57 -11.41 3.83
N THR M 23 7.55 -11.83 5.11
CA THR M 23 7.61 -10.87 6.19
C THR M 23 8.79 -10.92 7.16
N ASP M 24 9.39 -12.10 7.38
CA ASP M 24 10.53 -12.19 8.28
C ASP M 24 11.59 -11.19 7.83
N ALA M 25 12.46 -10.80 8.74
CA ALA M 25 13.53 -9.88 8.39
C ALA M 25 14.56 -10.65 7.56
N PRO M 26 14.99 -10.07 6.44
CA PRO M 26 15.97 -10.71 5.55
C PRO M 26 17.21 -11.18 6.31
N GLY M 27 17.54 -12.46 6.16
CA GLY M 27 18.72 -13.00 6.81
C GLY M 27 18.55 -13.43 8.25
N SER M 28 17.35 -13.27 8.80
CA SER M 28 17.13 -13.66 10.18
C SER M 28 17.24 -15.18 10.38
N TRP M 29 16.77 -15.95 9.40
CA TRP M 29 16.84 -17.40 9.49
C TRP M 29 18.30 -17.86 9.57
N PHE M 30 19.17 -17.25 8.75
CA PHE M 30 20.58 -17.59 8.75
C PHE M 30 21.14 -17.36 10.16
N ASP M 31 20.91 -16.16 10.71
CA ASP M 31 21.39 -15.85 12.05
C ASP M 31 20.89 -16.86 13.07
N HIS M 32 19.62 -17.26 12.94
CA HIS M 32 19.09 -18.25 13.87
C HIS M 32 19.83 -19.59 13.79
N THR M 33 20.04 -20.10 12.58
CA THR M 33 20.73 -21.39 12.46
C THR M 33 22.18 -21.27 12.91
N SER M 34 22.77 -20.10 12.77
CA SER M 34 24.13 -19.90 13.21
C SER M 34 24.13 -20.13 14.73
N GLY M 35 23.08 -19.66 15.38
CA GLY M 35 22.96 -19.83 16.81
C GLY M 35 22.86 -21.30 17.20
N VAL M 36 22.01 -22.03 16.49
CA VAL M 36 21.85 -23.46 16.78
C VAL M 36 23.17 -24.20 16.60
N LEU M 37 23.93 -23.86 15.56
CA LEU M 37 25.21 -24.54 15.32
C LEU M 37 26.25 -24.24 16.38
N GLU M 38 26.27 -23.01 16.87
CA GLU M 38 27.22 -22.62 17.90
C GLU M 38 26.95 -23.32 19.23
N SER M 39 25.70 -23.69 19.48
CA SER M 39 25.33 -24.36 20.72
C SER M 39 25.61 -25.86 20.70
N VAL M 40 26.23 -26.35 19.65
CA VAL M 40 26.54 -27.77 19.54
C VAL M 40 27.72 -28.16 20.45
N GLU M 41 27.65 -29.37 21.00
CA GLU M 41 28.65 -29.91 21.90
C GLU M 41 30.14 -29.95 21.49
N ASP M 42 30.49 -29.35 20.36
CA ASP M 42 31.89 -29.39 19.91
C ASP M 42 32.27 -30.83 19.58
N GLY M 43 32.88 -31.03 18.41
CA GLY M 43 33.26 -32.37 18.01
C GLY M 43 32.04 -33.15 17.55
N THR M 44 30.88 -32.55 17.72
CA THR M 44 29.62 -33.18 17.31
C THR M 44 29.41 -33.00 15.81
N PRO M 45 29.14 -34.10 15.09
CA PRO M 45 28.93 -34.03 13.64
C PRO M 45 27.71 -33.18 13.32
N VAL M 46 27.83 -32.26 12.37
CA VAL M 46 26.69 -31.41 12.01
C VAL M 46 26.33 -31.47 10.53
N LEU M 47 27.30 -31.82 9.68
CA LEU M 47 27.06 -31.88 8.25
C LEU M 47 27.75 -33.05 7.56
N ALA M 48 27.02 -33.74 6.69
CA ALA M 48 27.57 -34.86 5.93
C ALA M 48 27.30 -34.59 4.45
N ILE M 49 28.33 -34.75 3.62
CA ILE M 49 28.19 -34.50 2.20
C ILE M 49 28.92 -35.60 1.40
N GLY M 50 28.38 -35.96 0.24
CA GLY M 50 28.99 -37.02 -0.54
C GLY M 50 30.20 -36.66 -1.39
N VAL M 51 31.19 -37.56 -1.41
CA VAL M 51 32.39 -37.37 -2.23
C VAL M 51 32.18 -38.15 -3.51
N GLU M 52 33.09 -37.99 -4.46
CA GLU M 52 32.96 -38.62 -5.77
C GLU M 52 32.46 -40.06 -5.80
N SER M 53 33.02 -40.91 -4.94
CA SER M 53 32.66 -42.31 -4.90
C SER M 53 31.23 -42.61 -4.44
N GLY M 54 30.64 -41.69 -3.69
CA GLY M 54 29.30 -41.92 -3.18
C GLY M 54 29.34 -42.02 -1.66
N ASP M 55 30.53 -42.16 -1.10
CA ASP M 55 30.70 -42.20 0.34
C ASP M 55 30.52 -40.77 0.81
N ALA M 56 30.48 -40.56 2.12
CA ALA M 56 30.31 -39.23 2.66
C ALA M 56 31.35 -38.85 3.70
N ILE M 57 31.71 -37.56 3.73
CA ILE M 57 32.64 -37.05 4.72
C ILE M 57 31.81 -36.21 5.69
N VAL M 58 32.28 -36.07 6.92
CA VAL M 58 31.54 -35.35 7.93
C VAL M 58 32.32 -34.17 8.53
N PHE M 59 31.61 -33.11 8.90
CA PHE M 59 32.24 -31.93 9.50
C PHE M 59 31.60 -31.52 10.81
N ASP M 60 32.35 -30.77 11.62
CA ASP M 60 31.82 -30.28 12.89
C ASP M 60 31.41 -28.82 12.65
N LYS M 61 30.86 -28.18 13.68
CA LYS M 61 30.42 -26.80 13.55
C LYS M 61 31.48 -25.81 13.10
N ASN M 62 32.75 -26.22 13.17
CA ASN M 62 33.83 -25.33 12.78
C ASN M 62 34.40 -25.68 11.41
N ALA M 63 33.61 -26.40 10.63
CA ALA M 63 34.05 -26.80 9.30
C ALA M 63 35.31 -27.63 9.35
N GLN M 64 35.53 -28.33 10.46
CA GLN M 64 36.71 -29.17 10.58
C GLN M 64 36.22 -30.60 10.33
N ARG M 65 36.93 -31.34 9.49
CA ARG M 65 36.53 -32.70 9.17
C ARG M 65 36.71 -33.69 10.33
N ILE M 66 35.72 -34.55 10.53
CA ILE M 66 35.74 -35.54 11.59
C ILE M 66 36.17 -36.89 11.02
N VAL M 67 37.27 -37.43 11.55
CA VAL M 67 37.79 -38.71 11.07
C VAL M 67 37.32 -39.92 11.86
N ALA M 68 37.05 -39.74 13.16
CA ALA M 68 36.60 -40.85 13.99
C ALA M 68 35.53 -40.40 14.97
N TYR M 69 34.46 -41.17 15.06
CA TYR M 69 33.35 -40.83 15.95
C TYR M 69 32.53 -42.08 16.25
N LYS M 70 32.56 -42.52 17.51
CA LYS M 70 31.84 -43.72 17.93
C LYS M 70 30.33 -43.57 17.83
N GLU M 71 29.69 -44.66 17.42
CA GLU M 71 28.24 -44.70 17.26
C GLU M 71 27.50 -43.99 18.38
N LYS M 72 26.53 -43.17 17.99
CA LYS M 72 25.71 -42.42 18.93
C LYS M 72 24.33 -42.22 18.33
N SER M 73 23.29 -42.52 19.10
CA SER M 73 21.91 -42.39 18.63
C SER M 73 21.13 -41.27 19.30
N VAL M 74 20.06 -40.85 18.64
CA VAL M 74 19.20 -39.79 19.15
C VAL M 74 17.76 -40.09 18.73
N LYS M 75 16.85 -40.05 19.69
CA LYS M 75 15.45 -40.32 19.40
C LYS M 75 14.65 -39.03 19.34
N ALA M 76 13.91 -38.84 18.26
CA ALA M 76 13.09 -37.64 18.08
C ALA M 76 11.67 -37.89 18.60
N GLU M 77 10.83 -36.86 18.56
CA GLU M 77 9.46 -36.99 19.02
C GLU M 77 8.74 -37.93 18.06
N ASP M 78 9.25 -37.99 16.83
CA ASP M 78 8.70 -38.85 15.80
C ASP M 78 8.77 -40.30 16.26
N GLY M 79 9.60 -40.55 17.27
CA GLY M 79 9.77 -41.90 17.78
C GLY M 79 10.92 -42.54 17.02
N SER M 80 11.25 -41.95 15.88
CA SER M 80 12.33 -42.42 15.03
C SER M 80 13.67 -42.08 15.66
N VAL M 81 14.71 -42.82 15.30
CA VAL M 81 16.03 -42.57 15.84
C VAL M 81 17.06 -42.39 14.74
N SER M 82 17.98 -41.45 14.95
CA SER M 82 19.03 -41.19 13.99
C SER M 82 20.34 -41.65 14.62
N VAL M 83 21.24 -42.18 13.80
CA VAL M 83 22.51 -42.67 14.30
C VAL M 83 23.64 -42.09 13.45
N VAL M 84 24.74 -41.75 14.11
CA VAL M 84 25.90 -41.21 13.41
C VAL M 84 27.15 -41.97 13.86
N GLN M 85 27.98 -42.35 12.90
CA GLN M 85 29.21 -43.06 13.21
C GLN M 85 30.23 -42.79 12.12
N VAL M 86 31.38 -42.26 12.49
CA VAL M 86 32.42 -41.99 11.52
C VAL M 86 33.61 -42.89 11.80
N GLU M 87 34.12 -43.53 10.76
CA GLU M 87 35.25 -44.43 10.91
C GLU M 87 36.24 -44.29 9.76
N ASN M 88 37.49 -44.04 10.11
CA ASN M 88 38.55 -43.89 9.13
C ASN M 88 38.30 -42.73 8.16
N GLY M 89 37.67 -41.67 8.66
CA GLY M 89 37.40 -40.52 7.83
C GLY M 89 36.11 -40.55 7.00
N PHE M 90 35.35 -41.62 7.07
CA PHE M 90 34.10 -41.71 6.33
C PHE M 90 32.93 -42.15 7.18
N MET M 91 31.75 -41.65 6.84
CA MET M 91 30.53 -41.96 7.55
C MET M 91 30.23 -43.45 7.44
N LYS M 92 29.99 -44.10 8.58
CA LYS M 92 29.67 -45.52 8.60
C LYS M 92 28.19 -45.69 8.87
N GLN M 93 27.62 -44.72 9.57
CA GLN M 93 26.19 -44.72 9.87
C GLN M 93 25.71 -43.27 9.86
N GLY M 94 24.54 -43.05 9.29
CA GLY M 94 23.98 -41.71 9.21
C GLY M 94 23.43 -41.45 7.83
N HIS M 95 23.19 -40.18 7.50
CA HIS M 95 22.66 -39.82 6.19
C HIS M 95 23.34 -38.56 5.69
N ARG M 96 23.18 -38.26 4.41
CA ARG M 96 23.76 -37.04 3.84
C ARG M 96 22.90 -35.86 4.29
N GLY M 97 23.50 -34.69 4.43
CA GLY M 97 22.75 -33.52 4.85
C GLY M 97 23.10 -33.06 6.26
N TRP M 98 22.26 -32.20 6.83
CA TRP M 98 22.49 -31.70 8.18
C TRP M 98 22.21 -32.80 9.19
N LEU M 99 23.14 -33.02 10.09
CA LEU M 99 23.02 -34.07 11.11
C LEU M 99 22.45 -33.54 12.41
N VAL M 100 22.08 -32.26 12.39
CA VAL M 100 21.51 -31.60 13.55
C VAL M 100 20.26 -30.85 13.06
N ASP M 101 19.23 -30.79 13.90
CA ASP M 101 17.99 -30.12 13.53
C ASP M 101 18.10 -28.61 13.57
N LEU M 102 17.94 -27.99 12.40
CA LEU M 102 18.03 -26.53 12.29
C LEU M 102 16.66 -25.90 12.03
N THR M 103 15.74 -26.70 11.52
CA THR M 103 14.41 -26.21 11.16
C THR M 103 13.26 -26.50 12.13
N GLY M 104 13.42 -27.45 13.02
CA GLY M 104 12.33 -27.76 13.93
C GLY M 104 11.20 -28.28 13.07
N GLU M 105 9.96 -27.89 13.35
CA GLU M 105 8.86 -28.38 12.54
C GLU M 105 8.47 -27.36 11.46
N LEU M 106 9.30 -26.34 11.31
CA LEU M 106 9.06 -25.33 10.30
C LEU M 106 9.79 -25.79 9.03
N VAL M 107 9.16 -26.66 8.28
CA VAL M 107 9.77 -27.20 7.07
C VAL M 107 9.06 -26.72 5.82
N GLY M 108 9.73 -26.87 4.68
CA GLY M 108 9.15 -26.45 3.42
C GLY M 108 9.20 -24.97 3.15
N CYS M 109 10.18 -24.26 3.73
CA CYS M 109 10.33 -22.82 3.52
C CYS M 109 11.46 -22.46 2.56
N SER M 110 11.44 -21.22 2.12
CA SER M 110 12.46 -20.62 1.28
C SER M 110 12.76 -19.35 2.05
N PRO M 111 13.46 -19.48 3.20
CA PRO M 111 13.81 -18.36 4.06
C PRO M 111 14.43 -17.19 3.30
N VAL M 112 13.86 -16.00 3.47
CA VAL M 112 14.41 -14.82 2.80
C VAL M 112 15.87 -14.63 3.25
N VAL M 113 16.76 -14.51 2.29
CA VAL M 113 18.19 -14.37 2.58
C VAL M 113 18.66 -12.91 2.51
N ALA M 114 17.95 -12.12 1.72
CA ALA M 114 18.32 -10.72 1.55
C ALA M 114 17.30 -9.96 0.73
N GLU M 115 17.49 -8.66 0.68
CA GLU M 115 16.64 -7.78 -0.10
C GLU M 115 17.55 -6.85 -0.87
N PHE M 116 17.21 -6.60 -2.12
CA PHE M 116 18.01 -5.71 -2.94
C PHE M 116 17.17 -5.12 -4.07
N GLY M 117 17.38 -3.85 -4.37
CA GLY M 117 16.64 -3.19 -5.43
C GLY M 117 15.12 -3.31 -5.30
N GLY M 118 14.65 -3.47 -4.08
CA GLY M 118 13.22 -3.60 -3.86
C GLY M 118 12.65 -5.01 -3.99
N HIS M 119 13.51 -6.00 -4.10
CA HIS M 119 13.05 -7.38 -4.22
C HIS M 119 13.63 -8.28 -3.13
N ARG M 120 12.83 -9.22 -2.67
CA ARG M 120 13.29 -10.19 -1.68
C ARG M 120 13.85 -11.40 -2.41
N TYR M 121 14.97 -11.92 -1.93
CA TYR M 121 15.61 -13.08 -2.55
C TYR M 121 15.59 -14.23 -1.56
N ALA M 122 15.37 -15.44 -2.07
CA ALA M 122 15.31 -16.62 -1.24
C ALA M 122 16.67 -17.29 -1.05
N SER M 123 16.79 -18.03 0.06
CA SER M 123 17.99 -18.79 0.33
C SER M 123 17.79 -20.11 -0.44
N GLY M 124 18.74 -21.03 -0.33
CA GLY M 124 18.63 -22.28 -1.06
C GLY M 124 19.57 -22.16 -2.25
N MET M 125 19.33 -22.93 -3.30
CA MET M 125 20.20 -22.83 -4.46
C MET M 125 19.61 -22.06 -5.64
N VAL M 126 20.44 -21.21 -6.22
CA VAL M 126 20.07 -20.39 -7.37
C VAL M 126 20.97 -20.74 -8.54
N ILE M 127 20.38 -21.28 -9.62
CA ILE M 127 21.18 -21.60 -10.78
C ILE M 127 21.05 -20.44 -11.77
N VAL M 128 22.19 -19.96 -12.24
CA VAL M 128 22.27 -18.86 -13.19
C VAL M 128 22.68 -19.50 -14.51
N THR M 129 21.77 -19.49 -15.46
CA THR M 129 22.06 -20.12 -16.74
C THR M 129 21.42 -19.42 -17.92
N GLY M 130 21.24 -20.15 -19.01
CA GLY M 130 20.67 -19.60 -20.22
C GLY M 130 21.67 -19.71 -21.33
N LYS M 131 21.21 -19.61 -22.58
CA LYS M 131 22.13 -19.72 -23.70
C LYS M 131 22.12 -18.38 -24.40
N GLY M 132 23.28 -17.76 -24.51
CA GLY M 132 23.35 -16.47 -25.17
C GLY M 132 24.67 -15.75 -24.96
N ASN M 133 24.66 -14.45 -25.24
CA ASN M 133 25.86 -13.64 -25.09
C ASN M 133 26.14 -13.20 -23.65
N SER M 134 25.09 -12.93 -22.88
CA SER M 134 25.27 -12.51 -21.49
C SER M 134 26.08 -13.54 -20.69
N GLY M 135 27.18 -13.07 -20.09
CA GLY M 135 28.06 -13.92 -19.32
C GLY M 135 27.58 -14.22 -17.91
N LYS M 136 27.67 -15.48 -17.52
CA LYS M 136 27.23 -15.90 -16.20
C LYS M 136 28.17 -15.52 -15.07
N THR M 137 29.46 -15.59 -15.33
CA THR M 137 30.44 -15.25 -14.31
C THR M 137 30.29 -13.84 -13.76
N PRO M 138 30.15 -12.82 -14.63
CA PRO M 138 30.01 -11.46 -14.07
C PRO M 138 28.71 -11.31 -13.30
N LEU M 139 27.66 -12.00 -13.73
CA LEU M 139 26.37 -11.94 -13.06
C LEU M 139 26.41 -12.59 -11.67
N VAL M 140 27.01 -13.78 -11.53
CA VAL M 140 27.04 -14.39 -10.20
C VAL M 140 27.83 -13.54 -9.20
N HIS M 141 28.91 -12.91 -9.65
CA HIS M 141 29.69 -12.06 -8.73
C HIS M 141 28.92 -10.79 -8.36
N ALA M 142 28.16 -10.25 -9.29
CA ALA M 142 27.39 -9.03 -9.00
C ALA M 142 26.27 -9.36 -8.02
N LEU M 143 25.64 -10.51 -8.22
CA LEU M 143 24.55 -10.93 -7.35
C LEU M 143 25.09 -11.28 -5.96
N GLY M 144 26.30 -11.83 -5.93
CA GLY M 144 26.93 -12.18 -4.67
C GLY M 144 27.17 -10.96 -3.82
N GLU M 145 27.75 -9.93 -4.42
CA GLU M 145 28.02 -8.68 -3.73
C GLU M 145 26.73 -8.01 -3.30
N ALA M 146 25.73 -7.99 -4.18
CA ALA M 146 24.46 -7.33 -3.87
C ALA M 146 23.71 -8.00 -2.73
N LEU M 147 23.58 -9.32 -2.78
CA LEU M 147 22.88 -10.03 -1.71
C LEU M 147 23.74 -10.03 -0.45
N GLY M 148 25.05 -9.95 -0.62
CA GLY M 148 25.94 -9.91 0.53
C GLY M 148 25.64 -8.68 1.37
N GLY M 149 25.37 -7.56 0.70
CA GLY M 149 25.06 -6.32 1.39
C GLY M 149 26.20 -5.81 2.27
N LYS M 150 26.02 -5.90 3.57
CA LYS M 150 27.04 -5.46 4.51
C LYS M 150 28.14 -6.49 4.66
N ASP M 151 27.83 -7.73 4.32
CA ASP M 151 28.78 -8.82 4.46
C ASP M 151 29.45 -9.18 3.14
N LYS M 152 30.64 -9.77 3.23
CA LYS M 152 31.35 -10.22 2.05
C LYS M 152 30.71 -11.55 1.62
N TYR M 153 30.87 -11.91 0.36
CA TYR M 153 30.33 -13.18 -0.09
C TYR M 153 31.52 -14.13 -0.30
N ALA M 154 31.26 -15.43 -0.18
CA ALA M 154 32.30 -16.44 -0.38
C ALA M 154 32.28 -16.99 -1.80
N THR M 155 33.46 -17.19 -2.39
CA THR M 155 33.54 -17.71 -3.74
C THR M 155 34.22 -19.06 -3.82
N VAL M 156 33.49 -20.04 -4.36
CA VAL M 156 34.02 -21.39 -4.55
C VAL M 156 34.31 -21.54 -6.04
N ARG M 157 35.57 -21.79 -6.39
CA ARG M 157 35.95 -21.94 -7.79
C ARG M 157 36.17 -23.40 -8.16
N PHE M 158 35.63 -23.82 -9.30
CA PHE M 158 35.75 -25.21 -9.73
C PHE M 158 35.66 -25.48 -11.22
N GLY M 159 36.55 -26.35 -11.69
CA GLY M 159 36.58 -26.80 -13.08
C GLY M 159 36.68 -25.85 -14.26
N GLU M 160 37.52 -24.85 -14.19
CA GLU M 160 37.68 -23.93 -15.31
C GLU M 160 39.18 -23.91 -15.64
N PRO M 161 39.53 -23.82 -16.93
CA PRO M 161 40.95 -23.81 -17.30
C PRO M 161 41.67 -22.46 -17.07
N LEU M 162 41.59 -21.97 -15.83
CA LEU M 162 42.20 -20.72 -15.44
C LEU M 162 43.11 -20.98 -14.24
N SER M 163 44.01 -20.04 -13.94
CA SER M 163 44.96 -20.19 -12.83
C SER M 163 44.28 -20.32 -11.46
N GLY M 164 44.84 -21.18 -10.63
CA GLY M 164 44.32 -21.38 -9.28
C GLY M 164 43.00 -22.11 -9.15
N TYR M 165 42.46 -22.62 -10.24
CA TYR M 165 41.19 -23.33 -10.17
C TYR M 165 41.32 -24.79 -9.78
N ASN M 166 40.62 -25.20 -8.73
CA ASN M 166 40.65 -26.57 -8.31
C ASN M 166 39.81 -27.35 -9.33
N THR M 167 40.21 -28.57 -9.64
CA THR M 167 39.45 -29.37 -10.58
C THR M 167 39.15 -30.77 -10.03
N ASP M 168 39.46 -30.96 -8.74
CA ASP M 168 39.22 -32.22 -8.06
C ASP M 168 37.90 -32.13 -7.29
N PHE M 169 36.94 -32.98 -7.67
CA PHE M 169 35.63 -32.96 -7.05
C PHE M 169 35.63 -33.05 -5.53
N ASN M 170 36.50 -33.87 -4.95
CA ASN M 170 36.51 -33.99 -3.49
C ASN M 170 36.96 -32.72 -2.77
N VAL M 171 37.83 -31.93 -3.39
CA VAL M 171 38.25 -30.67 -2.77
C VAL M 171 37.05 -29.73 -2.88
N PHE M 172 36.32 -29.88 -3.97
CA PHE M 172 35.13 -29.06 -4.24
C PHE M 172 34.05 -29.18 -3.15
N VAL M 173 33.67 -30.41 -2.79
CA VAL M 173 32.64 -30.59 -1.79
C VAL M 173 33.15 -30.10 -0.44
N ASP M 174 34.47 -30.12 -0.26
CA ASP M 174 35.07 -29.64 0.97
C ASP M 174 34.88 -28.12 1.05
N ASP M 175 35.15 -27.43 -0.06
CA ASP M 175 34.96 -25.99 -0.10
C ASP M 175 33.48 -25.61 0.12
N ILE M 176 32.58 -26.39 -0.46
CA ILE M 176 31.15 -26.12 -0.33
C ILE M 176 30.64 -26.29 1.09
N ALA M 177 31.06 -27.37 1.74
CA ALA M 177 30.63 -27.63 3.12
C ALA M 177 31.09 -26.49 4.01
N ARG M 178 32.36 -26.11 3.90
CA ARG M 178 32.88 -25.03 4.71
C ARG M 178 32.13 -23.72 4.45
N ALA M 179 31.88 -23.42 3.18
CA ALA M 179 31.17 -22.20 2.82
C ALA M 179 29.78 -22.11 3.45
N MET M 180 29.01 -23.19 3.37
CA MET M 180 27.67 -23.21 3.94
C MET M 180 27.67 -23.15 5.46
N LEU M 181 28.73 -23.66 6.08
CA LEU M 181 28.82 -23.62 7.53
C LEU M 181 29.20 -22.23 8.02
N GLN M 182 29.89 -21.46 7.18
CA GLN M 182 30.38 -20.15 7.60
C GLN M 182 29.88 -18.87 6.93
N HIS M 183 29.14 -18.98 5.84
CA HIS M 183 28.69 -17.76 5.16
C HIS M 183 27.25 -17.80 4.65
N ARG M 184 26.64 -16.63 4.60
CA ARG M 184 25.27 -16.46 4.16
C ARG M 184 25.12 -16.42 2.63
N VAL M 185 26.10 -15.82 1.96
CA VAL M 185 26.07 -15.68 0.51
C VAL M 185 27.28 -16.35 -0.12
N ILE M 186 26.99 -17.36 -0.95
CA ILE M 186 28.03 -18.14 -1.58
C ILE M 186 27.88 -18.18 -3.09
N VAL M 187 29.01 -18.08 -3.78
CA VAL M 187 29.03 -18.14 -5.24
C VAL M 187 29.85 -19.35 -5.67
N ILE M 188 29.29 -20.15 -6.57
CA ILE M 188 29.99 -21.31 -7.08
C ILE M 188 30.23 -21.03 -8.54
N ASP M 189 31.48 -20.86 -8.95
CA ASP M 189 31.67 -20.59 -10.35
C ASP M 189 32.02 -21.85 -11.10
N SER M 190 31.00 -22.28 -11.84
CA SER M 190 30.97 -23.43 -12.71
C SER M 190 30.48 -24.71 -12.09
N LEU M 191 29.24 -25.05 -12.43
CA LEU M 191 28.64 -26.30 -11.98
C LEU M 191 28.92 -27.24 -13.13
N LYS M 192 29.78 -26.80 -14.05
CA LYS M 192 30.20 -27.60 -15.19
C LYS M 192 30.90 -28.82 -14.60
N ASN M 193 31.26 -29.79 -15.41
CA ASN M 193 31.91 -31.00 -14.90
C ASN M 193 30.86 -31.77 -14.11
N VAL M 194 30.41 -31.22 -12.99
CA VAL M 194 29.34 -31.87 -12.24
C VAL M 194 28.15 -31.66 -13.17
N ILE M 195 27.12 -32.50 -13.09
CA ILE M 195 25.99 -32.33 -14.00
C ILE M 195 26.54 -32.34 -15.42
N ILE M 207 27.61 -39.78 -15.01
CA ILE M 207 27.88 -38.86 -13.91
C ILE M 207 28.17 -39.68 -12.64
N SER M 208 29.16 -39.23 -11.87
CA SER M 208 29.55 -39.91 -10.63
C SER M 208 28.46 -39.83 -9.58
N ARG M 209 28.51 -40.74 -8.60
CA ARG M 209 27.54 -40.75 -7.53
C ARG M 209 27.62 -39.48 -6.70
N GLY M 210 28.83 -38.98 -6.51
CA GLY M 210 29.02 -37.75 -5.75
C GLY M 210 28.36 -36.57 -6.43
N ALA M 211 28.58 -36.43 -7.74
CA ALA M 211 28.00 -35.32 -8.50
C ALA M 211 26.48 -35.38 -8.45
N PHE M 212 25.93 -36.59 -8.55
CA PHE M 212 24.49 -36.77 -8.53
C PHE M 212 23.93 -36.42 -7.14
N ASP M 213 24.64 -36.83 -6.09
CA ASP M 213 24.20 -36.54 -4.72
C ASP M 213 24.20 -35.03 -4.49
N LEU M 214 25.28 -34.38 -4.91
CA LEU M 214 25.44 -32.94 -4.73
C LEU M 214 24.28 -32.18 -5.38
N LEU M 215 23.99 -32.53 -6.62
CA LEU M 215 22.91 -31.89 -7.35
C LEU M 215 21.56 -32.00 -6.66
N SER M 216 21.30 -33.12 -6.01
CA SER M 216 20.02 -33.29 -5.35
C SER M 216 19.99 -32.96 -3.85
N ASP M 217 21.14 -32.65 -3.28
CA ASP M 217 21.21 -32.33 -1.85
C ASP M 217 21.41 -30.84 -1.54
N ILE M 218 22.25 -30.19 -2.34
CA ILE M 218 22.62 -28.81 -2.07
C ILE M 218 21.51 -27.80 -1.83
N GLY M 219 20.43 -27.86 -2.61
CA GLY M 219 19.34 -26.92 -2.43
C GLY M 219 18.71 -27.02 -1.05
N ALA M 220 18.41 -28.24 -0.60
CA ALA M 220 17.80 -28.44 0.71
C ALA M 220 18.78 -28.07 1.83
N MET M 221 20.06 -28.37 1.65
CA MET M 221 21.06 -28.03 2.67
C MET M 221 21.09 -26.51 2.86
N ALA M 222 21.18 -25.78 1.76
CA ALA M 222 21.22 -24.32 1.78
C ALA M 222 19.94 -23.69 2.35
N ALA M 223 18.79 -24.15 1.89
CA ALA M 223 17.52 -23.59 2.39
C ALA M 223 17.35 -23.84 3.88
N SER M 224 17.85 -24.98 4.37
CA SER M 224 17.77 -25.30 5.78
C SER M 224 18.63 -24.37 6.61
N ARG M 225 19.81 -24.04 6.10
CA ARG M 225 20.73 -23.14 6.80
C ARG M 225 20.28 -21.70 6.70
N GLY M 226 19.67 -21.35 5.58
CA GLY M 226 19.25 -19.98 5.39
C GLY M 226 20.29 -19.22 4.58
N CYS M 227 21.19 -19.94 3.93
CA CYS M 227 22.21 -19.29 3.10
C CYS M 227 21.81 -19.47 1.66
N VAL M 228 22.40 -18.69 0.76
CA VAL M 228 22.09 -18.82 -0.65
C VAL M 228 23.35 -19.22 -1.44
N VAL M 229 23.21 -20.21 -2.30
CA VAL M 229 24.30 -20.69 -3.16
C VAL M 229 23.97 -20.29 -4.60
N ILE M 230 24.77 -19.38 -5.15
CA ILE M 230 24.58 -18.85 -6.50
C ILE M 230 25.57 -19.55 -7.44
N ALA M 231 25.06 -20.47 -8.25
CA ALA M 231 25.89 -21.25 -9.14
C ALA M 231 25.68 -21.01 -10.64
N SER M 232 26.78 -20.78 -11.36
CA SER M 232 26.71 -20.57 -12.80
C SER M 232 26.72 -21.93 -13.50
N LEU M 233 25.96 -22.03 -14.57
CA LEU M 233 25.87 -23.27 -15.32
C LEU M 233 25.63 -22.96 -16.79
N ASN M 234 26.64 -23.20 -17.62
CA ASN M 234 26.47 -22.95 -19.05
C ASN M 234 25.93 -24.19 -19.75
N PRO M 235 24.83 -24.04 -20.48
CA PRO M 235 24.23 -25.17 -21.20
C PRO M 235 25.11 -25.48 -22.40
N THR M 236 26.41 -25.48 -22.16
CA THR M 236 27.44 -25.74 -23.16
C THR M 236 27.02 -26.75 -24.22
N SER M 237 27.38 -28.01 -23.99
CA SER M 237 27.07 -29.08 -24.92
C SER M 237 25.60 -29.06 -25.32
N ASN M 238 25.36 -29.17 -26.63
CA ASN M 238 24.00 -29.18 -27.15
C ASN M 238 23.59 -30.64 -27.35
N ASP M 239 24.14 -31.50 -26.50
CA ASP M 239 23.86 -32.93 -26.50
C ASP M 239 22.60 -33.15 -25.65
N ASP M 240 21.49 -33.42 -26.33
CA ASP M 240 20.19 -33.62 -25.69
C ASP M 240 20.14 -34.50 -24.44
N LYS M 241 21.22 -35.20 -24.12
CA LYS M 241 21.19 -36.06 -22.93
C LYS M 241 21.56 -35.23 -21.69
N ILE M 242 22.36 -34.20 -21.88
CA ILE M 242 22.75 -33.34 -20.76
C ILE M 242 22.01 -32.00 -20.84
N VAL M 243 21.46 -31.70 -22.01
CA VAL M 243 20.70 -30.46 -22.19
C VAL M 243 19.43 -30.61 -21.37
N GLU M 244 19.01 -31.86 -21.21
CA GLU M 244 17.82 -32.18 -20.45
C GLU M 244 18.19 -32.29 -18.97
N LEU M 245 19.47 -32.55 -18.71
CA LEU M 245 19.99 -32.65 -17.35
C LEU M 245 20.14 -31.23 -16.78
N VAL M 246 20.27 -30.26 -17.70
CA VAL M 246 20.39 -28.85 -17.34
C VAL M 246 19.00 -28.28 -17.04
N LYS M 247 18.04 -28.64 -17.89
CA LYS M 247 16.67 -28.17 -17.71
C LYS M 247 16.02 -28.84 -16.49
N GLU M 248 16.56 -30.00 -16.12
CA GLU M 248 16.04 -30.73 -14.97
C GLU M 248 16.62 -30.11 -13.70
N ALA M 249 17.93 -29.92 -13.70
CA ALA M 249 18.60 -29.34 -12.56
C ALA M 249 17.96 -27.98 -12.27
N SER M 250 17.76 -27.21 -13.33
CA SER M 250 17.19 -25.89 -13.19
C SER M 250 15.75 -25.95 -12.72
N ARG M 251 14.98 -26.87 -13.30
CA ARG M 251 13.58 -27.01 -12.96
C ARG M 251 13.31 -27.55 -11.55
N SER M 252 13.88 -28.70 -11.24
CA SER M 252 13.62 -29.36 -9.99
C SER M 252 14.63 -29.30 -8.86
N ASN M 253 15.87 -28.95 -9.14
CA ASN M 253 16.87 -28.93 -8.09
C ASN M 253 17.24 -27.55 -7.59
N SER M 254 16.59 -26.52 -8.14
CA SER M 254 16.88 -25.15 -7.76
C SER M 254 15.73 -24.52 -6.97
N THR M 255 16.09 -23.68 -6.02
CA THR M 255 15.08 -22.99 -5.24
C THR M 255 14.67 -21.78 -6.08
N SER M 256 15.63 -21.19 -6.79
CA SER M 256 15.39 -20.05 -7.66
C SER M 256 16.20 -20.24 -8.92
N LEU M 257 15.75 -19.60 -9.98
CA LEU M 257 16.40 -19.67 -11.28
C LEU M 257 16.62 -18.24 -11.82
N VAL M 258 17.79 -18.01 -12.39
CA VAL M 258 18.11 -16.71 -12.99
C VAL M 258 18.56 -17.03 -14.42
N ILE M 259 17.77 -16.62 -15.40
CA ILE M 259 18.09 -16.93 -16.79
C ILE M 259 18.17 -15.68 -17.67
N SER M 260 19.09 -15.72 -18.63
CA SER M 260 19.30 -14.62 -19.56
C SER M 260 18.16 -14.57 -20.57
N THR M 261 17.93 -13.38 -21.13
CA THR M 261 16.85 -13.21 -22.11
C THR M 261 17.46 -12.83 -23.45
N ASP M 262 16.62 -12.50 -24.41
CA ASP M 262 17.09 -12.13 -25.74
C ASP M 262 17.54 -10.68 -25.82
N VAL M 263 17.39 -9.96 -24.72
CA VAL M 263 17.81 -8.55 -24.65
C VAL M 263 19.11 -8.51 -23.85
N ASP M 264 20.15 -7.91 -24.43
CA ASP M 264 21.45 -7.83 -23.77
C ASP M 264 21.45 -7.18 -22.40
N GLY M 265 22.06 -7.88 -21.44
CA GLY M 265 22.14 -7.39 -20.08
C GLY M 265 20.91 -7.65 -19.22
N GLU M 266 19.85 -8.16 -19.82
CA GLU M 266 18.62 -8.42 -19.08
C GLU M 266 18.49 -9.86 -18.58
N TRP M 267 18.08 -10.03 -17.34
CA TRP M 267 17.92 -11.36 -16.78
C TRP M 267 16.57 -11.51 -16.10
N GLN M 268 16.08 -12.74 -16.05
CA GLN M 268 14.80 -13.03 -15.45
C GLN M 268 15.02 -13.89 -14.20
N VAL M 269 14.41 -13.50 -13.09
CA VAL M 269 14.53 -14.22 -11.82
C VAL M 269 13.23 -14.93 -11.48
N LEU M 270 13.28 -16.26 -11.36
CA LEU M 270 12.10 -17.06 -11.03
C LEU M 270 12.38 -17.65 -9.66
N THR M 271 11.55 -17.37 -8.68
CA THR M 271 11.80 -17.89 -7.35
C THR M 271 10.64 -18.63 -6.68
N ARG M 272 10.96 -19.77 -6.09
CA ARG M 272 9.98 -20.59 -5.39
C ARG M 272 9.91 -20.04 -3.98
N THR M 273 8.76 -19.51 -3.59
CA THR M 273 8.61 -18.91 -2.27
C THR M 273 8.33 -19.87 -1.13
N GLY M 274 8.09 -21.13 -1.47
CA GLY M 274 7.84 -22.11 -0.43
C GLY M 274 7.08 -23.33 -0.92
N GLU M 275 6.94 -24.30 -0.02
CA GLU M 275 6.22 -25.54 -0.31
C GLU M 275 4.76 -25.27 -0.70
N GLY M 276 4.42 -25.61 -1.94
CA GLY M 276 3.07 -25.38 -2.42
C GLY M 276 2.69 -23.92 -2.67
N LEU M 277 3.62 -23.00 -2.44
CA LEU M 277 3.37 -21.57 -2.64
C LEU M 277 3.62 -21.16 -4.08
N GLN M 278 3.30 -19.91 -4.40
CA GLN M 278 3.47 -19.40 -5.76
C GLN M 278 4.90 -19.13 -6.17
N ARG M 279 5.19 -19.34 -7.45
CA ARG M 279 6.53 -19.07 -7.98
C ARG M 279 6.46 -17.63 -8.50
N LEU M 280 7.35 -16.77 -8.00
CA LEU M 280 7.39 -15.38 -8.41
C LEU M 280 8.44 -15.09 -9.47
N THR M 281 8.25 -13.98 -10.18
CA THR M 281 9.19 -13.57 -11.21
C THR M 281 9.37 -12.05 -11.29
N HIS M 282 10.60 -11.61 -11.53
CA HIS M 282 10.89 -10.19 -11.72
C HIS M 282 12.09 -10.08 -12.67
N THR M 283 12.34 -8.89 -13.19
CA THR M 283 13.43 -8.71 -14.14
C THR M 283 14.58 -7.88 -13.60
N LEU M 284 15.77 -8.10 -14.16
CA LEU M 284 16.96 -7.38 -13.77
C LEU M 284 17.63 -6.76 -15.00
N GLN M 285 18.12 -5.53 -14.85
CA GLN M 285 18.84 -4.83 -15.92
C GLN M 285 20.26 -4.68 -15.42
N THR M 286 21.25 -4.83 -16.29
CA THR M 286 22.63 -4.74 -15.87
C THR M 286 23.53 -4.03 -16.89
N SER M 287 24.71 -3.61 -16.45
CA SER M 287 25.66 -2.95 -17.34
C SER M 287 27.09 -3.13 -16.82
N TYR M 288 28.04 -3.10 -17.74
CA TYR M 288 29.44 -3.29 -17.39
C TYR M 288 30.20 -2.00 -17.08
N GLY M 289 31.12 -2.09 -16.14
CA GLY M 289 31.94 -0.96 -15.76
C GLY M 289 33.33 -1.29 -16.27
N GLU M 290 34.36 -0.94 -15.52
CA GLU M 290 35.72 -1.23 -15.95
C GLU M 290 36.15 -2.66 -15.56
N HIS M 291 37.00 -3.24 -16.37
CA HIS M 291 37.49 -4.60 -16.15
C HIS M 291 36.36 -5.61 -16.06
N SER M 292 35.30 -5.38 -16.83
CA SER M 292 34.16 -6.27 -16.85
C SER M 292 33.40 -6.44 -15.53
N VAL M 293 33.49 -5.45 -14.65
CA VAL M 293 32.74 -5.51 -13.39
C VAL M 293 31.30 -5.17 -13.75
N LEU M 294 30.37 -6.06 -13.40
CA LEU M 294 28.96 -5.89 -13.71
C LEU M 294 28.17 -5.24 -12.57
N THR M 295 27.22 -4.40 -12.93
CA THR M 295 26.38 -3.73 -11.94
C THR M 295 24.91 -4.01 -12.22
N ILE M 296 24.16 -4.32 -11.16
CA ILE M 296 22.74 -4.59 -11.29
C ILE M 296 22.00 -3.31 -10.94
N HIS M 297 21.24 -2.78 -11.89
CA HIS M 297 20.51 -1.55 -11.65
C HIS M 297 19.35 -1.75 -10.69
N THR M 298 18.97 -0.70 -9.99
CA THR M 298 17.87 -0.76 -9.04
C THR M 298 16.93 0.42 -9.30
N SER M 299 15.67 0.12 -9.60
CA SER M 299 14.66 1.13 -9.89
C SER M 299 14.75 2.33 -8.94
N GLN M 306 5.56 -11.01 -9.22
CA GLN M 306 4.35 -11.45 -9.91
C GLN M 306 4.47 -12.95 -10.20
N ALA M 307 3.35 -13.65 -10.17
CA ALA M 307 3.33 -15.10 -10.40
C ALA M 307 3.46 -15.50 -11.87
N SER M 308 4.03 -16.67 -12.10
CA SER M 308 4.21 -17.22 -13.44
C SER M 308 3.77 -18.69 -13.43
N GLY M 309 2.73 -18.99 -14.20
CA GLY M 309 2.21 -20.34 -14.26
C GLY M 309 3.25 -21.40 -14.60
N LYS M 310 2.95 -22.66 -14.33
CA LYS M 310 3.88 -23.76 -14.61
C LYS M 310 4.09 -23.90 -16.12
N ALA M 311 3.11 -23.44 -16.89
CA ALA M 311 3.18 -23.51 -18.35
C ALA M 311 4.19 -22.48 -18.85
N ILE M 312 4.10 -21.26 -18.33
CA ILE M 312 4.99 -20.17 -18.69
C ILE M 312 6.42 -20.53 -18.26
N GLN M 313 6.49 -21.35 -17.20
CA GLN M 313 7.76 -21.78 -16.64
C GLN M 313 8.57 -22.65 -17.61
N THR M 314 7.91 -23.64 -18.23
CA THR M 314 8.60 -24.51 -19.17
C THR M 314 8.90 -23.78 -20.48
N VAL M 315 8.16 -22.70 -20.74
CA VAL M 315 8.38 -21.90 -21.94
C VAL M 315 9.75 -21.24 -21.76
N ILE M 316 10.10 -21.00 -20.50
CA ILE M 316 11.38 -20.40 -20.14
C ILE M 316 12.47 -21.46 -20.26
N LYS M 317 12.09 -22.70 -20.02
CA LYS M 317 13.00 -23.83 -20.08
C LYS M 317 13.53 -24.18 -21.46
N ASN M 318 12.66 -24.17 -22.47
CA ASN M 318 13.11 -24.50 -23.81
C ASN M 318 14.12 -23.49 -24.36
N ASP M 319 14.40 -22.45 -23.58
CA ASP M 319 15.37 -21.43 -23.97
C ASP M 319 16.73 -22.12 -23.93
N GLU M 320 16.92 -22.96 -22.91
CA GLU M 320 18.16 -23.71 -22.69
C GLU M 320 18.33 -24.80 -23.74
N LEU M 321 17.20 -25.34 -24.19
CA LEU M 321 17.22 -26.38 -25.21
C LEU M 321 17.92 -25.80 -26.43
N MET N 1 1.36 -66.75 -1.18
CA MET N 1 1.35 -68.19 -1.59
C MET N 1 0.44 -68.38 -2.80
N ILE N 2 0.35 -69.60 -3.29
CA ILE N 2 -0.51 -69.87 -4.43
C ILE N 2 -1.87 -70.33 -3.93
N HIS N 3 -2.92 -70.06 -4.69
CA HIS N 3 -4.27 -70.43 -4.32
C HIS N 3 -4.91 -71.27 -5.42
N LEU N 4 -5.76 -72.23 -5.04
CA LEU N 4 -6.43 -73.09 -5.99
C LEU N 4 -7.90 -72.66 -6.08
N TYR N 5 -8.51 -72.82 -7.25
CA TYR N 5 -9.90 -72.44 -7.42
C TYR N 5 -10.66 -73.33 -8.40
N ASP N 6 -11.98 -73.29 -8.28
CA ASP N 6 -12.89 -73.98 -9.19
C ASP N 6 -13.92 -72.88 -9.41
N ALA N 7 -14.89 -73.10 -10.28
CA ALA N 7 -15.89 -72.06 -10.54
C ALA N 7 -16.52 -71.48 -9.27
N LYS N 8 -16.91 -72.35 -8.34
CA LYS N 8 -17.54 -71.89 -7.11
C LYS N 8 -16.65 -71.05 -6.19
N SER N 9 -15.45 -71.54 -5.89
CA SER N 9 -14.55 -70.79 -5.02
C SER N 9 -14.15 -69.47 -5.69
N PHE N 10 -13.97 -69.49 -7.00
CA PHE N 10 -13.60 -68.27 -7.70
C PHE N 10 -14.71 -67.23 -7.60
N ALA N 11 -15.95 -67.65 -7.80
CA ALA N 11 -17.07 -66.73 -7.73
C ALA N 11 -17.18 -66.11 -6.35
N LYS N 12 -16.88 -66.88 -5.31
CA LYS N 12 -16.93 -66.33 -3.95
C LYS N 12 -15.85 -65.27 -3.78
N LEU N 13 -14.65 -65.56 -4.29
CA LEU N 13 -13.54 -64.62 -4.20
C LEU N 13 -13.92 -63.28 -4.82
N ARG N 14 -14.44 -63.32 -6.04
CA ARG N 14 -14.82 -62.10 -6.72
C ARG N 14 -15.87 -61.31 -5.94
N ALA N 15 -16.83 -62.01 -5.36
CA ALA N 15 -17.86 -61.33 -4.57
C ALA N 15 -17.24 -60.65 -3.36
N ALA N 16 -16.29 -61.32 -2.72
CA ALA N 16 -15.63 -60.77 -1.53
C ALA N 16 -14.77 -59.56 -1.92
N GLN N 17 -14.07 -59.66 -3.04
CA GLN N 17 -13.23 -58.56 -3.50
C GLN N 17 -14.12 -57.36 -3.78
N TYR N 18 -15.23 -57.60 -4.46
CA TYR N 18 -16.17 -56.53 -4.79
C TYR N 18 -16.65 -55.82 -3.51
N ALA N 19 -16.95 -56.59 -2.49
CA ALA N 19 -17.42 -56.04 -1.22
C ALA N 19 -16.34 -55.25 -0.48
N ALA N 20 -15.09 -55.71 -0.58
CA ALA N 20 -13.98 -55.03 0.09
C ALA N 20 -13.86 -53.55 -0.33
N PHE N 21 -14.37 -53.21 -1.51
CA PHE N 21 -14.32 -51.83 -1.95
C PHE N 21 -15.67 -51.13 -1.89
N HIS N 22 -16.71 -51.82 -2.37
CA HIS N 22 -18.06 -51.25 -2.44
C HIS N 22 -18.94 -51.22 -1.21
N THR N 23 -18.88 -52.25 -0.37
CA THR N 23 -19.76 -52.29 0.79
C THR N 23 -19.15 -52.28 2.19
N ASP N 24 -17.92 -52.77 2.34
CA ASP N 24 -17.28 -52.75 3.66
C ASP N 24 -17.29 -51.32 4.20
N ALA N 25 -17.15 -51.18 5.50
CA ALA N 25 -17.13 -49.86 6.10
C ALA N 25 -15.77 -49.25 5.83
N PRO N 26 -15.75 -47.99 5.33
CA PRO N 26 -14.50 -47.28 5.03
C PRO N 26 -13.48 -47.35 6.17
N GLY N 27 -12.28 -47.83 5.86
CA GLY N 27 -11.25 -47.92 6.88
C GLY N 27 -11.29 -49.15 7.77
N SER N 28 -12.27 -50.04 7.58
CA SER N 28 -12.35 -51.22 8.44
C SER N 28 -11.17 -52.17 8.21
N TRP N 29 -10.71 -52.30 6.96
CA TRP N 29 -9.59 -53.17 6.66
C TRP N 29 -8.33 -52.69 7.40
N PHE N 30 -8.10 -51.38 7.41
CA PHE N 30 -6.95 -50.82 8.11
C PHE N 30 -7.01 -51.22 9.58
N ASP N 31 -8.16 -50.98 10.20
CA ASP N 31 -8.35 -51.35 11.61
C ASP N 31 -8.07 -52.82 11.85
N HIS N 32 -8.55 -53.67 10.95
CA HIS N 32 -8.31 -55.10 11.08
C HIS N 32 -6.82 -55.44 11.04
N THR N 33 -6.07 -54.91 10.07
CA THR N 33 -4.64 -55.23 10.00
C THR N 33 -3.89 -54.63 11.19
N SER N 34 -4.39 -53.55 11.75
CA SER N 34 -3.74 -52.95 12.92
C SER N 34 -3.83 -54.02 14.02
N GLY N 35 -4.98 -54.66 14.10
CA GLY N 35 -5.17 -55.71 15.09
C GLY N 35 -4.19 -56.86 14.90
N VAL N 36 -4.06 -57.34 13.66
CA VAL N 36 -3.13 -58.42 13.37
C VAL N 36 -1.70 -58.06 13.78
N LEU N 37 -1.29 -56.83 13.49
CA LEU N 37 0.06 -56.40 13.83
C LEU N 37 0.28 -56.31 15.34
N GLU N 38 -0.73 -55.86 16.08
CA GLU N 38 -0.59 -55.73 17.51
C GLU N 38 -0.46 -57.10 18.20
N SER N 39 -1.02 -58.14 17.59
CA SER N 39 -0.96 -59.47 18.16
C SER N 39 0.34 -60.21 17.86
N VAL N 40 1.29 -59.52 17.25
CA VAL N 40 2.58 -60.15 16.94
C VAL N 40 3.44 -60.28 18.20
N GLU N 41 4.24 -61.35 18.24
CA GLU N 41 5.12 -61.67 19.37
C GLU N 41 6.16 -60.65 19.85
N ASP N 42 6.13 -59.43 19.36
CA ASP N 42 7.13 -58.43 19.79
C ASP N 42 8.52 -58.87 19.33
N GLY N 43 9.24 -57.97 18.70
CA GLY N 43 10.57 -58.32 18.22
C GLY N 43 10.48 -59.16 16.96
N THR N 44 9.26 -59.53 16.60
CA THR N 44 9.01 -60.32 15.40
C THR N 44 9.01 -59.42 14.16
N PRO N 45 9.79 -59.77 13.14
CA PRO N 45 9.87 -58.98 11.90
C PRO N 45 8.51 -58.94 11.21
N VAL N 46 8.05 -57.75 10.82
CA VAL N 46 6.76 -57.65 10.14
C VAL N 46 6.86 -56.99 8.77
N LEU N 47 7.89 -56.18 8.55
CA LEU N 47 8.02 -55.48 7.28
C LEU N 47 9.46 -55.39 6.80
N ALA N 48 9.68 -55.66 5.51
CA ALA N 48 11.02 -55.57 4.93
C ALA N 48 10.90 -54.65 3.71
N ILE N 49 11.82 -53.70 3.58
CA ILE N 49 11.80 -52.76 2.46
C ILE N 49 13.21 -52.53 1.94
N GLY N 50 13.34 -52.35 0.63
CA GLY N 50 14.67 -52.15 0.06
C GLY N 50 15.32 -50.78 0.17
N VAL N 51 16.62 -50.78 0.49
CA VAL N 51 17.38 -49.54 0.57
C VAL N 51 18.05 -49.32 -0.78
N GLU N 52 18.69 -48.18 -0.96
CA GLU N 52 19.31 -47.82 -2.23
C GLU N 52 20.10 -48.92 -2.95
N SER N 53 20.94 -49.62 -2.21
CA SER N 53 21.76 -50.68 -2.77
C SER N 53 21.01 -51.90 -3.29
N GLY N 54 19.81 -52.14 -2.79
CA GLY N 54 19.06 -53.30 -3.23
C GLY N 54 18.88 -54.24 -2.05
N ASP N 55 19.65 -54.02 -0.99
CA ASP N 55 19.53 -54.82 0.23
C ASP N 55 18.24 -54.36 0.90
N ALA N 56 17.85 -55.05 1.96
CA ALA N 56 16.62 -54.69 2.66
C ALA N 56 16.81 -54.52 4.17
N ILE N 57 16.05 -53.61 4.76
CA ILE N 57 16.08 -53.39 6.20
C ILE N 57 14.75 -53.92 6.72
N VAL N 58 14.71 -54.31 7.99
CA VAL N 58 13.52 -54.90 8.58
C VAL N 58 13.02 -54.16 9.81
N PHE N 59 11.70 -54.14 10.00
CA PHE N 59 11.11 -53.47 11.14
C PHE N 59 10.15 -54.37 11.92
N ASP N 60 9.93 -54.02 13.19
CA ASP N 60 8.99 -54.77 14.02
C ASP N 60 7.68 -53.99 14.02
N LYS N 61 6.67 -54.52 14.70
CA LYS N 61 5.36 -53.87 14.74
C LYS N 61 5.36 -52.45 15.28
N ASN N 62 6.43 -52.04 15.93
CA ASN N 62 6.52 -50.68 16.47
C ASN N 62 7.38 -49.76 15.62
N ALA N 63 7.58 -50.13 14.37
CA ALA N 63 8.39 -49.32 13.46
C ALA N 63 9.81 -49.17 13.98
N GLN N 64 10.27 -50.14 14.75
CA GLN N 64 11.63 -50.09 15.25
C GLN N 64 12.44 -51.03 14.39
N ARG N 65 13.60 -50.58 13.93
CA ARG N 65 14.44 -51.40 13.07
C ARG N 65 15.09 -52.58 13.79
N ILE N 66 15.07 -53.74 13.14
CA ILE N 66 15.66 -54.96 13.70
C ILE N 66 17.06 -55.19 13.12
N VAL N 67 18.06 -55.24 13.98
CA VAL N 67 19.43 -55.42 13.55
C VAL N 67 19.92 -56.87 13.55
N ALA N 68 19.39 -57.68 14.46
CA ALA N 68 19.81 -59.08 14.55
C ALA N 68 18.63 -59.99 14.85
N TYR N 69 18.51 -61.07 14.09
CA TYR N 69 17.40 -62.01 14.27
C TYR N 69 17.77 -63.35 13.67
N LYS N 70 17.91 -64.35 14.54
CA LYS N 70 18.28 -65.70 14.12
C LYS N 70 17.23 -66.37 13.25
N GLU N 71 17.71 -67.11 12.25
CA GLU N 71 16.87 -67.82 11.31
C GLU N 71 15.65 -68.48 11.98
N LYS N 72 14.49 -68.28 11.36
CA LYS N 72 13.24 -68.84 11.85
C LYS N 72 12.34 -69.10 10.66
N SER N 73 11.75 -70.30 10.61
CA SER N 73 10.88 -70.68 9.50
C SER N 73 9.42 -70.85 9.91
N VAL N 74 8.54 -70.78 8.92
CA VAL N 74 7.11 -70.93 9.13
C VAL N 74 6.50 -71.62 7.91
N LYS N 75 5.71 -72.66 8.16
CA LYS N 75 5.10 -73.39 7.07
C LYS N 75 3.62 -73.02 6.95
N ALA N 76 3.20 -72.67 5.75
CA ALA N 76 1.81 -72.29 5.49
C ALA N 76 1.01 -73.52 5.04
N GLU N 77 -0.29 -73.33 4.83
CA GLU N 77 -1.13 -74.43 4.37
C GLU N 77 -0.69 -74.79 2.96
N ASP N 78 -0.12 -73.80 2.27
CA ASP N 78 0.38 -73.99 0.91
C ASP N 78 1.44 -75.08 0.90
N GLY N 79 1.96 -75.39 2.09
CA GLY N 79 3.00 -76.40 2.20
C GLY N 79 4.35 -75.70 2.07
N SER N 80 4.31 -74.49 1.52
CA SER N 80 5.50 -73.68 1.34
C SER N 80 5.98 -73.14 2.67
N VAL N 81 7.26 -72.81 2.75
CA VAL N 81 7.80 -72.27 3.99
C VAL N 81 8.51 -70.95 3.76
N SER N 82 8.35 -70.03 4.70
CA SER N 82 8.99 -68.74 4.61
C SER N 82 10.06 -68.69 5.69
N VAL N 83 11.16 -68.01 5.40
CA VAL N 83 12.25 -67.91 6.36
C VAL N 83 12.68 -66.47 6.51
N VAL N 84 12.99 -66.06 7.73
CA VAL N 84 13.44 -64.71 7.98
C VAL N 84 14.71 -64.74 8.82
N GLN N 85 15.69 -63.94 8.43
CA GLN N 85 16.94 -63.88 9.16
C GLN N 85 17.57 -62.52 8.95
N VAL N 86 17.85 -61.82 10.04
CA VAL N 86 18.46 -60.50 9.95
C VAL N 86 19.84 -60.57 10.58
N GLU N 87 20.83 -60.04 9.89
CA GLU N 87 22.20 -60.06 10.38
C GLU N 87 22.91 -58.75 10.07
N ASN N 88 23.45 -58.14 11.11
CA ASN N 88 24.18 -56.89 10.98
C ASN N 88 23.32 -55.77 10.40
N GLY N 89 22.04 -55.78 10.75
CA GLY N 89 21.14 -54.74 10.27
C GLY N 89 20.50 -54.95 8.91
N PHE N 90 20.83 -56.05 8.24
CA PHE N 90 20.24 -56.32 6.95
C PHE N 90 19.67 -57.72 6.82
N MET N 91 18.61 -57.84 6.03
CA MET N 91 17.96 -59.12 5.81
C MET N 91 18.92 -60.10 5.13
N LYS N 92 19.05 -61.29 5.70
CA LYS N 92 19.93 -62.31 5.14
C LYS N 92 19.07 -63.37 4.47
N GLN N 93 17.86 -63.52 4.97
CA GLN N 93 16.89 -64.47 4.40
C GLN N 93 15.50 -63.86 4.54
N GLY N 94 14.70 -64.03 3.50
CA GLY N 94 13.34 -63.49 3.52
C GLY N 94 13.05 -62.79 2.21
N HIS N 95 11.98 -62.01 2.17
CA HIS N 95 11.62 -61.28 0.97
C HIS N 95 11.19 -59.87 1.32
N ARG N 96 11.07 -59.00 0.31
CA ARG N 96 10.62 -57.64 0.55
C ARG N 96 9.10 -57.67 0.75
N GLY N 97 8.58 -56.74 1.54
CA GLY N 97 7.14 -56.67 1.79
C GLY N 97 6.77 -57.08 3.20
N TRP N 98 5.49 -57.36 3.41
CA TRP N 98 5.01 -57.77 4.73
C TRP N 98 5.49 -59.19 5.03
N LEU N 99 6.08 -59.36 6.20
CA LEU N 99 6.62 -60.65 6.62
C LEU N 99 5.63 -61.44 7.46
N VAL N 100 4.43 -60.89 7.60
CA VAL N 100 3.37 -61.50 8.36
C VAL N 100 2.11 -61.44 7.51
N ASP N 101 1.27 -62.44 7.61
CA ASP N 101 0.04 -62.49 6.82
C ASP N 101 -1.03 -61.55 7.34
N LEU N 102 -1.40 -60.57 6.53
CA LEU N 102 -2.43 -59.60 6.91
C LEU N 102 -3.73 -59.82 6.13
N THR N 103 -3.62 -60.45 4.96
CA THR N 103 -4.76 -60.67 4.08
C THR N 103 -5.45 -62.04 4.13
N GLY N 104 -4.77 -63.07 4.63
CA GLY N 104 -5.37 -64.38 4.64
C GLY N 104 -5.53 -64.78 3.19
N GLU N 105 -6.66 -65.39 2.83
CA GLU N 105 -6.86 -65.77 1.43
C GLU N 105 -7.67 -64.74 0.66
N LEU N 106 -7.90 -63.60 1.30
CA LEU N 106 -8.63 -62.53 0.66
C LEU N 106 -7.59 -61.64 -0.03
N VAL N 107 -7.19 -62.04 -1.23
CA VAL N 107 -6.20 -61.29 -1.97
C VAL N 107 -6.79 -60.61 -3.22
N GLY N 108 -6.04 -59.67 -3.76
CA GLY N 108 -6.50 -58.95 -4.95
C GLY N 108 -7.54 -57.88 -4.70
N CYS N 109 -7.56 -57.30 -3.51
CA CYS N 109 -8.53 -56.25 -3.19
C CYS N 109 -7.91 -54.85 -3.19
N SER N 110 -8.80 -53.86 -3.18
CA SER N 110 -8.45 -52.44 -3.10
C SER N 110 -9.36 -52.01 -1.96
N PRO N 111 -9.03 -52.40 -0.72
CA PRO N 111 -9.81 -52.07 0.47
C PRO N 111 -10.18 -50.61 0.57
N VAL N 112 -11.46 -50.31 0.74
CA VAL N 112 -11.89 -48.92 0.85
C VAL N 112 -11.22 -48.28 2.05
N VAL N 113 -10.54 -47.17 1.84
CA VAL N 113 -9.82 -46.48 2.90
C VAL N 113 -10.61 -45.32 3.52
N ALA N 114 -11.53 -44.77 2.74
CA ALA N 114 -12.33 -43.66 3.20
C ALA N 114 -13.40 -43.25 2.21
N GLU N 115 -14.25 -42.35 2.65
CA GLU N 115 -15.32 -41.83 1.82
C GLU N 115 -15.35 -40.33 2.00
N PHE N 116 -15.54 -39.60 0.90
CA PHE N 116 -15.55 -38.15 0.96
C PHE N 116 -16.30 -37.58 -0.24
N GLY N 117 -17.09 -36.53 0.01
CA GLY N 117 -17.83 -35.90 -1.05
C GLY N 117 -18.71 -36.84 -1.84
N GLY N 118 -19.10 -37.95 -1.24
CA GLY N 118 -19.95 -38.89 -1.93
C GLY N 118 -19.22 -39.95 -2.73
N HIS N 119 -17.91 -40.05 -2.58
CA HIS N 119 -17.13 -41.04 -3.30
C HIS N 119 -16.27 -41.91 -2.38
N ARG N 120 -16.13 -43.17 -2.74
CA ARG N 120 -15.30 -44.08 -1.97
C ARG N 120 -13.90 -44.04 -2.57
N TYR N 121 -12.88 -44.04 -1.72
CA TYR N 121 -11.51 -44.02 -2.19
C TYR N 121 -10.82 -45.31 -1.76
N ALA N 122 -9.95 -45.82 -2.62
CA ALA N 122 -9.23 -47.06 -2.34
C ALA N 122 -7.91 -46.86 -1.63
N SER N 123 -7.48 -47.89 -0.91
CA SER N 123 -6.19 -47.86 -0.23
C SER N 123 -5.19 -48.27 -1.31
N GLY N 124 -3.92 -48.36 -0.94
CA GLY N 124 -2.91 -48.70 -1.93
C GLY N 124 -2.19 -47.42 -2.32
N MET N 125 -1.58 -47.38 -3.50
CA MET N 125 -0.90 -46.16 -3.88
C MET N 125 -1.65 -45.31 -4.89
N VAL N 126 -1.67 -44.02 -4.63
CA VAL N 126 -2.31 -43.04 -5.51
C VAL N 126 -1.27 -42.07 -6.02
N ILE N 127 -1.06 -42.04 -7.34
CA ILE N 127 -0.11 -41.10 -7.90
C ILE N 127 -0.90 -39.90 -8.41
N VAL N 128 -0.46 -38.72 -7.98
CA VAL N 128 -1.06 -37.45 -8.38
C VAL N 128 -0.07 -36.83 -9.36
N THR N 129 -0.48 -36.73 -10.63
CA THR N 129 0.40 -36.19 -11.62
C THR N 129 -0.32 -35.40 -12.69
N GLY N 130 0.32 -35.25 -13.84
CA GLY N 130 -0.25 -34.50 -14.94
C GLY N 130 0.68 -33.36 -15.31
N LYS N 131 0.52 -32.80 -16.49
CA LYS N 131 1.38 -31.70 -16.89
C LYS N 131 0.49 -30.49 -17.06
N GLY N 132 0.77 -29.43 -16.32
CA GLY N 132 -0.05 -28.24 -16.43
C GLY N 132 0.19 -27.24 -15.32
N ASN N 133 -0.75 -26.31 -15.16
CA ASN N 133 -0.63 -25.27 -14.14
C ASN N 133 -1.03 -25.73 -12.75
N SER N 134 -2.04 -26.60 -12.66
CA SER N 134 -2.50 -27.10 -11.37
C SER N 134 -1.35 -27.74 -10.58
N GLY N 135 -1.11 -27.23 -9.36
CA GLY N 135 -0.04 -27.72 -8.51
C GLY N 135 -0.37 -29.01 -7.77
N LYS N 136 0.56 -29.95 -7.78
CA LYS N 136 0.36 -31.23 -7.12
C LYS N 136 0.46 -31.17 -5.61
N THR N 137 1.39 -30.38 -5.09
CA THR N 137 1.56 -30.27 -3.65
C THR N 137 0.30 -29.84 -2.92
N PRO N 138 -0.39 -28.78 -3.38
CA PRO N 138 -1.60 -28.39 -2.65
C PRO N 138 -2.68 -29.48 -2.72
N LEU N 139 -2.74 -30.17 -3.85
CA LEU N 139 -3.73 -31.24 -4.02
C LEU N 139 -3.49 -32.44 -3.10
N VAL N 140 -2.23 -32.90 -2.99
CA VAL N 140 -1.97 -34.05 -2.11
C VAL N 140 -2.29 -33.74 -0.66
N HIS N 141 -2.00 -32.50 -0.21
CA HIS N 141 -2.32 -32.13 1.16
C HIS N 141 -3.83 -32.02 1.39
N ALA N 142 -4.56 -31.55 0.39
CA ALA N 142 -6.02 -31.42 0.54
C ALA N 142 -6.65 -32.82 0.57
N LEU N 143 -6.12 -33.72 -0.25
CA LEU N 143 -6.64 -35.06 -0.31
C LEU N 143 -6.28 -35.80 0.96
N GLY N 144 -5.10 -35.50 1.51
CA GLY N 144 -4.69 -36.14 2.75
C GLY N 144 -5.62 -35.79 3.90
N GLU N 145 -5.93 -34.51 4.04
CA GLU N 145 -6.81 -34.05 5.10
C GLU N 145 -8.24 -34.59 4.91
N ALA N 146 -8.71 -34.60 3.66
CA ALA N 146 -10.07 -35.07 3.38
C ALA N 146 -10.24 -36.57 3.66
N LEU N 147 -9.31 -37.40 3.19
CA LEU N 147 -9.40 -38.83 3.41
C LEU N 147 -9.06 -39.13 4.88
N GLY N 148 -8.28 -38.25 5.51
CA GLY N 148 -7.95 -38.48 6.90
C GLY N 148 -9.22 -38.42 7.73
N GLY N 149 -10.12 -37.49 7.37
CA GLY N 149 -11.37 -37.32 8.09
C GLY N 149 -11.20 -36.92 9.54
N LYS N 150 -11.46 -37.86 10.45
CA LYS N 150 -11.33 -37.62 11.87
C LYS N 150 -9.88 -37.74 12.32
N ASP N 151 -9.07 -38.43 11.52
CA ASP N 151 -7.67 -38.64 11.85
C ASP N 151 -6.74 -37.70 11.10
N LYS N 152 -5.57 -37.46 11.66
CA LYS N 152 -4.57 -36.63 11.03
C LYS N 152 -3.89 -37.51 9.97
N TYR N 153 -3.28 -36.88 8.97
CA TYR N 153 -2.58 -37.64 7.95
C TYR N 153 -1.09 -37.44 8.17
N ALA N 154 -0.30 -38.40 7.72
CA ALA N 154 1.15 -38.32 7.89
C ALA N 154 1.80 -37.80 6.61
N THR N 155 2.81 -36.95 6.77
CA THR N 155 3.51 -36.39 5.62
C THR N 155 4.98 -36.78 5.55
N VAL N 156 5.36 -37.44 4.46
CA VAL N 156 6.75 -37.83 4.22
C VAL N 156 7.30 -36.84 3.17
N ARG N 157 8.35 -36.11 3.51
CA ARG N 157 8.94 -35.15 2.59
C ARG N 157 10.24 -35.68 2.02
N PHE N 158 10.43 -35.52 0.71
CA PHE N 158 11.64 -36.03 0.06
C PHE N 158 12.06 -35.33 -1.23
N GLY N 159 13.35 -35.06 -1.33
CA GLY N 159 13.96 -34.48 -2.53
C GLY N 159 13.51 -33.18 -3.15
N GLU N 160 13.28 -32.16 -2.33
CA GLU N 160 12.86 -30.87 -2.85
C GLU N 160 13.84 -29.86 -2.26
N PRO N 161 14.23 -28.84 -3.04
CA PRO N 161 15.19 -27.83 -2.53
C PRO N 161 14.59 -26.80 -1.58
N LEU N 162 13.94 -27.30 -0.52
CA LEU N 162 13.30 -26.47 0.50
C LEU N 162 13.85 -26.85 1.87
N SER N 163 13.63 -25.99 2.87
CA SER N 163 14.15 -26.25 4.21
C SER N 163 13.57 -27.51 4.87
N GLY N 164 14.44 -28.21 5.59
CA GLY N 164 14.04 -29.41 6.30
C GLY N 164 13.73 -30.65 5.46
N TYR N 165 13.96 -30.59 4.16
CA TYR N 165 13.69 -31.73 3.29
C TYR N 165 14.83 -32.75 3.26
N ASN N 166 14.50 -33.99 3.58
CA ASN N 166 15.49 -35.05 3.52
C ASN N 166 15.72 -35.37 2.05
N THR N 167 16.96 -35.67 1.67
CA THR N 167 17.27 -35.99 0.28
C THR N 167 18.03 -37.31 0.15
N ASP N 168 18.14 -38.03 1.26
CA ASP N 168 18.83 -39.31 1.31
C ASP N 168 17.81 -40.44 1.19
N PHE N 169 17.90 -41.21 0.11
CA PHE N 169 16.95 -42.28 -0.13
C PHE N 169 16.74 -43.26 1.03
N ASN N 170 17.80 -43.60 1.74
CA ASN N 170 17.63 -44.55 2.83
C ASN N 170 16.83 -44.00 4.01
N VAL N 171 16.88 -42.69 4.25
CA VAL N 171 16.10 -42.09 5.32
C VAL N 171 14.66 -42.09 4.82
N PHE N 172 14.50 -41.95 3.52
CA PHE N 172 13.20 -41.93 2.88
C PHE N 172 12.42 -43.24 3.09
N VAL N 173 13.05 -44.38 2.81
CA VAL N 173 12.35 -45.66 2.97
C VAL N 173 12.06 -45.94 4.44
N ASP N 174 12.86 -45.33 5.31
CA ASP N 174 12.67 -45.47 6.73
C ASP N 174 11.38 -44.72 7.11
N ASP N 175 11.22 -43.50 6.60
CA ASP N 175 10.02 -42.72 6.89
C ASP N 175 8.78 -43.42 6.34
N ILE N 176 8.90 -44.03 5.16
CA ILE N 176 7.76 -44.71 4.55
C ILE N 176 7.32 -45.95 5.32
N ALA N 177 8.29 -46.77 5.73
CA ALA N 177 7.97 -47.96 6.49
C ALA N 177 7.25 -47.58 7.78
N ARG N 178 7.78 -46.60 8.49
CA ARG N 178 7.15 -46.16 9.74
C ARG N 178 5.74 -45.64 9.50
N ALA N 179 5.56 -44.87 8.44
CA ALA N 179 4.25 -44.30 8.11
C ALA N 179 3.20 -45.36 7.85
N MET N 180 3.56 -46.38 7.07
CA MET N 180 2.61 -47.43 6.74
C MET N 180 2.29 -48.30 7.94
N LEU N 181 3.24 -48.43 8.87
CA LEU N 181 3.01 -49.22 10.06
C LEU N 181 2.11 -48.47 11.06
N GLN N 182 2.12 -47.15 10.99
CA GLN N 182 1.36 -46.37 11.96
C GLN N 182 0.20 -45.48 11.53
N HIS N 183 -0.01 -45.29 10.24
CA HIS N 183 -1.10 -44.40 9.81
C HIS N 183 -1.87 -44.88 8.60
N ARG N 184 -3.14 -44.50 8.55
CA ARG N 184 -4.04 -44.88 7.48
C ARG N 184 -3.89 -44.01 6.21
N VAL N 185 -3.61 -42.72 6.41
CA VAL N 185 -3.48 -41.78 5.30
C VAL N 185 -2.10 -41.16 5.31
N ILE N 186 -1.38 -41.41 4.22
CA ILE N 186 -0.01 -40.94 4.07
C ILE N 186 0.19 -40.11 2.80
N VAL N 187 0.95 -39.03 2.92
CA VAL N 187 1.26 -38.18 1.80
C VAL N 187 2.77 -38.21 1.58
N ILE N 188 3.18 -38.44 0.34
CA ILE N 188 4.60 -38.43 0.00
C ILE N 188 4.78 -37.24 -0.94
N ASP N 189 5.53 -36.24 -0.51
CA ASP N 189 5.68 -35.14 -1.41
C ASP N 189 6.98 -35.24 -2.15
N SER N 190 6.80 -35.60 -3.41
CA SER N 190 7.80 -35.77 -4.43
C SER N 190 8.37 -37.17 -4.59
N LEU N 191 7.89 -37.83 -5.64
CA LEU N 191 8.37 -39.14 -5.99
C LEU N 191 9.49 -38.86 -6.98
N LYS N 192 9.83 -37.57 -7.11
CA LYS N 192 10.91 -37.14 -8.00
C LYS N 192 12.16 -37.83 -7.49
N ASN N 193 13.28 -37.72 -8.18
CA ASN N 193 14.50 -38.39 -7.76
C ASN N 193 14.28 -39.89 -7.95
N VAL N 194 13.38 -40.48 -7.18
CA VAL N 194 13.07 -41.88 -7.38
C VAL N 194 12.32 -41.85 -8.71
N ILE N 195 12.30 -42.94 -9.46
CA ILE N 195 11.61 -42.91 -10.75
C ILE N 195 12.23 -41.76 -11.55
N ILE N 207 18.44 -45.81 -12.76
CA ILE N 207 17.73 -45.79 -11.49
C ILE N 207 18.30 -46.87 -10.57
N SER N 208 18.45 -46.54 -9.29
CA SER N 208 19.00 -47.48 -8.32
C SER N 208 18.06 -48.66 -8.06
N ARG N 209 18.62 -49.75 -7.53
CA ARG N 209 17.82 -50.92 -7.25
C ARG N 209 16.76 -50.62 -6.22
N GLY N 210 17.13 -49.80 -5.23
CA GLY N 210 16.20 -49.42 -4.18
C GLY N 210 15.00 -48.67 -4.75
N ALA N 211 15.25 -47.70 -5.61
CA ALA N 211 14.20 -46.90 -6.22
C ALA N 211 13.25 -47.79 -7.04
N PHE N 212 13.84 -48.73 -7.78
CA PHE N 212 13.06 -49.64 -8.61
C PHE N 212 12.20 -50.56 -7.73
N ASP N 213 12.79 -51.08 -6.64
CA ASP N 213 12.03 -51.95 -5.74
C ASP N 213 10.85 -51.19 -5.12
N LEU N 214 11.12 -49.97 -4.64
CA LEU N 214 10.09 -49.14 -4.02
C LEU N 214 8.90 -48.94 -4.95
N LEU N 215 9.20 -48.54 -6.19
CA LEU N 215 8.16 -48.31 -7.18
C LEU N 215 7.28 -49.52 -7.44
N SER N 216 7.86 -50.71 -7.40
CA SER N 216 7.05 -51.90 -7.65
C SER N 216 6.53 -52.63 -6.40
N ASP N 217 6.90 -52.15 -5.23
CA ASP N 217 6.46 -52.80 -3.99
C ASP N 217 5.41 -52.00 -3.20
N ILE N 218 5.58 -50.69 -3.16
CA ILE N 218 4.73 -49.83 -2.36
C ILE N 218 3.22 -49.97 -2.50
N GLY N 219 2.73 -50.14 -3.72
CA GLY N 219 1.30 -50.27 -3.91
C GLY N 219 0.74 -51.50 -3.23
N ALA N 220 1.39 -52.63 -3.41
CA ALA N 220 0.94 -53.89 -2.79
C ALA N 220 1.07 -53.82 -1.27
N MET N 221 2.13 -53.19 -0.78
CA MET N 221 2.32 -53.07 0.67
C MET N 221 1.15 -52.27 1.28
N ALA N 222 0.85 -51.13 0.66
CA ALA N 222 -0.23 -50.26 1.14
C ALA N 222 -1.62 -50.91 1.04
N ALA N 223 -1.92 -51.55 -0.08
CA ALA N 223 -3.22 -52.18 -0.26
C ALA N 223 -3.40 -53.32 0.74
N SER N 224 -2.30 -54.01 1.07
CA SER N 224 -2.37 -55.10 2.03
C SER N 224 -2.68 -54.58 3.42
N ARG N 225 -2.10 -53.44 3.77
CA ARG N 225 -2.31 -52.83 5.09
C ARG N 225 -3.67 -52.16 5.17
N GLY N 226 -4.14 -51.64 4.05
CA GLY N 226 -5.40 -50.93 4.05
C GLY N 226 -5.18 -49.44 4.24
N CYS N 227 -3.95 -48.98 4.03
CA CYS N 227 -3.64 -47.55 4.14
C CYS N 227 -3.47 -46.98 2.73
N VAL N 228 -3.55 -45.66 2.60
CA VAL N 228 -3.41 -45.05 1.29
C VAL N 228 -2.20 -44.13 1.25
N VAL N 229 -1.37 -44.29 0.23
CA VAL N 229 -0.18 -43.47 0.04
C VAL N 229 -0.45 -42.55 -1.15
N ILE N 230 -0.53 -41.25 -0.87
CA ILE N 230 -0.81 -40.22 -1.88
C ILE N 230 0.50 -39.55 -2.27
N ALA N 231 1.02 -39.87 -3.44
CA ALA N 231 2.31 -39.34 -3.89
C ALA N 231 2.27 -38.40 -5.10
N SER N 232 2.93 -37.27 -4.99
CA SER N 232 2.99 -36.31 -6.09
C SER N 232 4.13 -36.68 -7.00
N LEU N 233 3.92 -36.52 -8.30
CA LEU N 233 4.93 -36.84 -9.28
C LEU N 233 4.81 -35.90 -10.48
N ASN N 234 5.77 -35.00 -10.62
CA ASN N 234 5.74 -34.07 -11.76
C ASN N 234 6.44 -34.68 -12.96
N PRO N 235 5.76 -34.73 -14.11
CA PRO N 235 6.36 -35.28 -15.32
C PRO N 235 7.36 -34.26 -15.86
N THR N 236 8.14 -33.72 -14.94
CA THR N 236 9.17 -32.72 -15.20
C THR N 236 9.87 -32.91 -16.55
N SER N 237 11.01 -33.59 -16.53
CA SER N 237 11.78 -33.83 -17.74
C SER N 237 10.91 -34.35 -18.86
N ASN N 238 11.07 -33.76 -20.05
CA ASN N 238 10.31 -34.19 -21.22
C ASN N 238 11.19 -35.16 -22.02
N ASP N 239 12.04 -35.88 -21.28
CA ASP N 239 12.94 -36.86 -21.85
C ASP N 239 12.17 -38.19 -21.97
N ASP N 240 11.79 -38.53 -23.20
CA ASP N 240 11.01 -39.73 -23.47
C ASP N 240 11.42 -41.03 -22.78
N LYS N 241 12.59 -41.06 -22.12
CA LYS N 241 13.00 -42.29 -21.45
C LYS N 241 12.38 -42.36 -20.05
N ILE N 242 12.14 -41.19 -19.45
CA ILE N 242 11.54 -41.16 -18.12
C ILE N 242 10.08 -40.72 -18.22
N VAL N 243 9.70 -40.13 -19.35
CA VAL N 243 8.31 -39.71 -19.56
C VAL N 243 7.49 -40.98 -19.67
N GLU N 244 8.15 -42.03 -20.15
CA GLU N 244 7.49 -43.32 -20.31
C GLU N 244 7.55 -44.07 -18.98
N LEU N 245 8.51 -43.69 -18.14
CA LEU N 245 8.67 -44.29 -16.82
C LEU N 245 7.60 -43.71 -15.89
N VAL N 246 7.11 -42.52 -16.25
CA VAL N 246 6.05 -41.84 -15.49
C VAL N 246 4.70 -42.43 -15.89
N LYS N 247 4.51 -42.66 -17.18
CA LYS N 247 3.27 -43.23 -17.68
C LYS N 247 3.14 -44.70 -17.28
N GLU N 248 4.29 -45.33 -17.03
CA GLU N 248 4.32 -46.72 -16.64
C GLU N 248 4.00 -46.82 -15.15
N ALA N 249 4.69 -45.99 -14.37
CA ALA N 249 4.47 -45.97 -12.93
C ALA N 249 2.99 -45.68 -12.68
N SER N 250 2.46 -44.70 -13.39
CA SER N 250 1.07 -44.33 -13.23
C SER N 250 0.13 -45.43 -13.69
N ARG N 251 0.45 -46.03 -14.83
CA ARG N 251 -0.39 -47.07 -15.39
C ARG N 251 -0.40 -48.38 -14.61
N SER N 252 0.77 -48.94 -14.37
CA SER N 252 0.89 -50.23 -13.73
C SER N 252 1.28 -50.34 -12.26
N ASN N 253 1.84 -49.29 -11.69
CA ASN N 253 2.26 -49.38 -10.30
C ASN N 253 1.37 -48.64 -9.31
N SER N 254 0.28 -48.07 -9.80
CA SER N 254 -0.64 -47.33 -8.96
C SER N 254 -1.98 -48.03 -8.81
N THR N 255 -2.56 -47.91 -7.63
CA THR N 255 -3.86 -48.52 -7.38
C THR N 255 -4.91 -47.54 -7.92
N SER N 256 -4.61 -46.25 -7.77
CA SER N 256 -5.47 -45.19 -8.24
C SER N 256 -4.60 -44.10 -8.84
N LEU N 257 -5.19 -43.32 -9.73
CA LEU N 257 -4.50 -42.23 -10.41
C LEU N 257 -5.33 -40.94 -10.30
N VAL N 258 -4.66 -39.82 -10.02
CA VAL N 258 -5.33 -38.52 -9.94
C VAL N 258 -4.54 -37.61 -10.90
N ILE N 259 -5.17 -37.21 -11.99
CA ILE N 259 -4.52 -36.38 -12.99
C ILE N 259 -5.23 -35.07 -13.27
N SER N 260 -4.45 -34.03 -13.52
CA SER N 260 -4.98 -32.71 -13.81
C SER N 260 -5.57 -32.68 -15.22
N THR N 261 -6.51 -31.75 -15.45
CA THR N 261 -7.14 -31.65 -16.75
C THR N 261 -6.81 -30.28 -17.34
N ASP N 262 -7.41 -29.98 -18.48
CA ASP N 262 -7.17 -28.70 -19.15
C ASP N 262 -7.97 -27.56 -18.54
N VAL N 263 -8.82 -27.88 -17.56
CA VAL N 263 -9.61 -26.87 -16.88
C VAL N 263 -8.95 -26.62 -15.52
N ASP N 264 -8.67 -25.36 -15.21
CA ASP N 264 -8.02 -25.02 -13.96
C ASP N 264 -8.76 -25.48 -12.70
N GLY N 265 -8.02 -26.13 -11.82
CA GLY N 265 -8.59 -26.60 -10.57
C GLY N 265 -9.32 -27.93 -10.64
N GLU N 266 -9.49 -28.46 -11.85
CA GLU N 266 -10.20 -29.71 -12.03
C GLU N 266 -9.27 -30.91 -12.15
N TRP N 267 -9.62 -31.98 -11.46
CA TRP N 267 -8.82 -33.20 -11.49
C TRP N 267 -9.68 -34.42 -11.77
N GLN N 268 -9.07 -35.44 -12.35
CA GLN N 268 -9.76 -36.67 -12.68
C GLN N 268 -9.19 -37.81 -11.82
N VAL N 269 -10.07 -38.58 -11.19
CA VAL N 269 -9.67 -39.69 -10.34
C VAL N 269 -10.02 -41.01 -11.02
N LEU N 270 -9.00 -41.84 -11.26
CA LEU N 270 -9.18 -43.16 -11.89
C LEU N 270 -8.81 -44.19 -10.84
N THR N 271 -9.74 -45.05 -10.46
CA THR N 271 -9.42 -46.02 -9.43
C THR N 271 -9.70 -47.47 -9.75
N ARG N 272 -8.73 -48.33 -9.44
CA ARG N 272 -8.86 -49.77 -9.67
C ARG N 272 -9.57 -50.33 -8.45
N THR N 273 -10.78 -50.85 -8.65
CA THR N 273 -11.56 -51.38 -7.53
C THR N 273 -11.21 -52.78 -7.08
N GLY N 274 -10.36 -53.47 -7.83
CA GLY N 274 -9.97 -54.81 -7.44
C GLY N 274 -9.48 -55.65 -8.58
N GLU N 275 -8.97 -56.83 -8.25
CA GLU N 275 -8.44 -57.78 -9.22
C GLU N 275 -9.51 -58.15 -10.26
N GLY N 276 -9.25 -57.80 -11.52
CA GLY N 276 -10.19 -58.13 -12.57
C GLY N 276 -11.47 -57.30 -12.55
N LEU N 277 -11.59 -56.40 -11.60
CA LEU N 277 -12.79 -55.57 -11.51
C LEU N 277 -12.68 -54.32 -12.37
N GLN N 278 -13.77 -53.57 -12.44
CA GLN N 278 -13.82 -52.35 -13.26
C GLN N 278 -13.05 -51.15 -12.70
N ARG N 279 -12.45 -50.37 -13.59
CA ARG N 279 -11.74 -49.17 -13.19
C ARG N 279 -12.77 -48.05 -13.22
N LEU N 280 -12.93 -47.34 -12.11
CA LEU N 280 -13.91 -46.27 -12.00
C LEU N 280 -13.28 -44.90 -12.13
N THR N 281 -14.11 -43.93 -12.46
CA THR N 281 -13.64 -42.55 -12.64
C THR N 281 -14.66 -41.51 -12.19
N HIS N 282 -14.17 -40.44 -11.58
CA HIS N 282 -15.03 -39.34 -11.16
C HIS N 282 -14.20 -38.05 -11.20
N THR N 283 -14.86 -36.91 -11.16
CA THR N 283 -14.15 -35.64 -11.21
C THR N 283 -14.13 -34.86 -9.92
N LEU N 284 -13.11 -34.03 -9.75
CA LEU N 284 -12.96 -33.19 -8.56
C LEU N 284 -12.82 -31.71 -8.95
N GLN N 285 -13.47 -30.82 -8.21
CA GLN N 285 -13.36 -29.38 -8.44
C GLN N 285 -12.66 -28.82 -7.21
N THR N 286 -11.78 -27.85 -7.39
CA THR N 286 -11.04 -27.31 -6.24
C THR N 286 -10.84 -25.81 -6.34
N SER N 287 -10.48 -25.19 -5.23
CA SER N 287 -10.22 -23.76 -5.20
C SER N 287 -9.27 -23.41 -4.05
N TYR N 288 -8.52 -22.33 -4.22
CA TYR N 288 -7.57 -21.88 -3.22
C TYR N 288 -8.14 -20.89 -2.20
N GLY N 289 -7.65 -21.01 -0.96
CA GLY N 289 -8.05 -20.11 0.10
C GLY N 289 -6.83 -19.26 0.40
N GLU N 290 -6.58 -18.95 1.66
CA GLU N 290 -5.42 -18.15 2.00
C GLU N 290 -4.15 -19.00 2.13
N HIS N 291 -3.01 -18.39 1.81
CA HIS N 291 -1.71 -19.06 1.88
C HIS N 291 -1.68 -20.34 1.03
N SER N 292 -2.39 -20.29 -0.09
CA SER N 292 -2.45 -21.42 -1.01
C SER N 292 -3.04 -22.71 -0.47
N VAL N 293 -3.87 -22.62 0.57
CA VAL N 293 -4.51 -23.81 1.11
C VAL N 293 -5.63 -24.17 0.13
N LEU N 294 -5.59 -25.41 -0.37
CA LEU N 294 -6.56 -25.87 -1.35
C LEU N 294 -7.77 -26.59 -0.73
N THR N 295 -8.94 -26.42 -1.33
CA THR N 295 -10.15 -27.06 -0.83
C THR N 295 -10.81 -27.87 -1.95
N ILE N 296 -11.21 -29.10 -1.64
CA ILE N 296 -11.88 -29.95 -2.60
C ILE N 296 -13.38 -29.82 -2.39
N HIS N 297 -14.08 -29.30 -3.39
CA HIS N 297 -15.52 -29.12 -3.25
C HIS N 297 -16.26 -30.46 -3.22
N THR N 298 -17.42 -30.45 -2.58
CA THR N 298 -18.25 -31.64 -2.48
C THR N 298 -19.68 -31.30 -2.86
N SER N 299 -20.18 -31.97 -3.90
CA SER N 299 -21.54 -31.74 -4.40
C SER N 299 -22.56 -31.55 -3.28
N GLN N 306 -18.23 -44.20 -12.41
CA GLN N 306 -18.52 -44.70 -13.76
C GLN N 306 -17.27 -45.34 -14.34
N ALA N 307 -17.45 -46.39 -15.14
CA ALA N 307 -16.33 -47.10 -15.75
C ALA N 307 -15.68 -46.38 -16.93
N SER N 308 -14.39 -46.64 -17.12
CA SER N 308 -13.62 -46.05 -18.21
C SER N 308 -12.79 -47.16 -18.87
N GLY N 309 -13.09 -47.44 -20.14
CA GLY N 309 -12.37 -48.48 -20.87
C GLY N 309 -10.86 -48.32 -20.85
N LYS N 310 -10.15 -49.39 -21.16
CA LYS N 310 -8.69 -49.38 -21.18
C LYS N 310 -8.18 -48.44 -22.27
N ALA N 311 -9.00 -48.23 -23.30
CA ALA N 311 -8.65 -47.35 -24.41
C ALA N 311 -8.70 -45.90 -23.94
N ILE N 312 -9.78 -45.54 -23.24
CA ILE N 312 -9.97 -44.20 -22.72
C ILE N 312 -8.87 -43.91 -21.68
N GLN N 313 -8.40 -44.98 -21.04
CA GLN N 313 -7.36 -44.89 -20.01
C GLN N 313 -6.03 -44.39 -20.57
N THR N 314 -5.59 -44.95 -21.69
CA THR N 314 -4.33 -44.53 -22.30
C THR N 314 -4.47 -43.16 -22.94
N VAL N 315 -5.71 -42.76 -23.25
CA VAL N 315 -5.94 -41.44 -23.83
C VAL N 315 -5.62 -40.43 -22.74
N ILE N 316 -5.81 -40.86 -21.49
CA ILE N 316 -5.52 -40.04 -20.32
C ILE N 316 -4.01 -40.00 -20.11
N LYS N 317 -3.36 -41.09 -20.48
CA LYS N 317 -1.91 -41.22 -20.34
C LYS N 317 -1.07 -40.31 -21.22
N ASN N 318 -1.44 -40.16 -22.49
CA ASN N 318 -0.67 -39.30 -23.38
C ASN N 318 -0.72 -37.84 -22.96
N ASP N 319 -1.46 -37.54 -21.89
CA ASP N 319 -1.54 -36.19 -21.37
C ASP N 319 -0.18 -35.88 -20.77
N GLU N 320 0.40 -36.89 -20.10
CA GLU N 320 1.70 -36.79 -19.46
C GLU N 320 2.81 -36.70 -20.49
N LEU N 321 2.61 -37.36 -21.63
CA LEU N 321 3.58 -37.36 -22.70
C LEU N 321 3.80 -35.90 -23.10
N MET O 1 19.76 -84.20 -24.39
CA MET O 1 20.92 -84.80 -25.12
C MET O 1 20.72 -84.64 -26.61
N ILE O 2 21.68 -85.14 -27.39
CA ILE O 2 21.56 -85.05 -28.83
C ILE O 2 20.95 -86.35 -29.37
N HIS O 3 20.24 -86.25 -30.47
CA HIS O 3 19.59 -87.42 -31.06
C HIS O 3 20.03 -87.58 -32.51
N LEU O 4 20.13 -88.84 -32.96
CA LEU O 4 20.54 -89.13 -34.33
C LEU O 4 19.33 -89.58 -35.13
N TYR O 5 19.31 -89.29 -36.42
CA TYR O 5 18.17 -89.68 -37.25
C TYR O 5 18.57 -90.01 -38.68
N ASP O 6 17.66 -90.72 -39.35
CA ASP O 6 17.77 -91.06 -40.76
C ASP O 6 16.33 -90.81 -41.21
N ALA O 7 16.07 -90.90 -42.50
CA ALA O 7 14.72 -90.66 -42.99
C ALA O 7 13.64 -91.39 -42.21
N LYS O 8 13.85 -92.68 -41.96
CA LYS O 8 12.87 -93.49 -41.24
C LYS O 8 12.62 -93.09 -39.80
N SER O 9 13.69 -92.95 -39.01
CA SER O 9 13.52 -92.58 -37.62
C SER O 9 12.91 -91.17 -37.54
N PHE O 10 13.31 -90.29 -38.44
CA PHE O 10 12.76 -88.94 -38.42
C PHE O 10 11.26 -88.96 -38.68
N ALA O 11 10.84 -89.72 -39.68
CA ALA O 11 9.42 -89.79 -40.01
C ALA O 11 8.61 -90.31 -38.82
N LYS O 12 9.17 -91.25 -38.07
CA LYS O 12 8.46 -91.79 -36.91
C LYS O 12 8.31 -90.68 -35.86
N LEU O 13 9.39 -89.94 -35.64
CA LEU O 13 9.37 -88.85 -34.66
C LEU O 13 8.25 -87.85 -34.98
N ARG O 14 8.18 -87.42 -36.23
CA ARG O 14 7.15 -86.47 -36.62
C ARG O 14 5.75 -87.03 -36.41
N ALA O 15 5.55 -88.31 -36.71
CA ALA O 15 4.24 -88.91 -36.51
C ALA O 15 3.89 -88.90 -35.01
N ALA O 16 4.87 -89.23 -34.18
CA ALA O 16 4.63 -89.26 -32.73
C ALA O 16 4.33 -87.85 -32.21
N GLN O 17 5.09 -86.86 -32.68
CA GLN O 17 4.86 -85.48 -32.23
C GLN O 17 3.46 -85.05 -32.64
N TYR O 18 3.07 -85.38 -33.85
CA TYR O 18 1.75 -85.04 -34.35
C TYR O 18 0.66 -85.63 -33.44
N ALA O 19 0.84 -86.88 -33.05
CA ALA O 19 -0.12 -87.57 -32.19
C ALA O 19 -0.17 -86.95 -30.78
N ALA O 20 0.98 -86.52 -30.27
CA ALA O 20 1.05 -85.94 -28.94
C ALA O 20 0.10 -84.76 -28.75
N PHE O 21 -0.26 -84.12 -29.84
CA PHE O 21 -1.17 -82.99 -29.77
C PHE O 21 -2.56 -83.31 -30.30
N HIS O 22 -2.61 -83.95 -31.46
CA HIS O 22 -3.87 -84.28 -32.12
C HIS O 22 -4.69 -85.49 -31.67
N THR O 23 -4.03 -86.58 -31.28
CA THR O 23 -4.79 -87.78 -30.91
C THR O 23 -4.69 -88.30 -29.47
N ASP O 24 -3.57 -88.06 -28.81
CA ASP O 24 -3.43 -88.52 -27.42
C ASP O 24 -4.62 -87.99 -26.61
N ALA O 25 -4.91 -88.66 -25.50
CA ALA O 25 -6.00 -88.22 -24.65
C ALA O 25 -5.55 -86.96 -23.91
N PRO O 26 -6.39 -85.91 -23.91
CA PRO O 26 -6.07 -84.65 -23.23
C PRO O 26 -5.61 -84.86 -21.80
N GLY O 27 -4.44 -84.32 -21.46
CA GLY O 27 -3.92 -84.45 -20.11
C GLY O 27 -3.18 -85.75 -19.80
N SER O 28 -3.10 -86.67 -20.77
CA SER O 28 -2.43 -87.93 -20.51
C SER O 28 -0.93 -87.74 -20.25
N TRP O 29 -0.31 -86.82 -20.99
CA TRP O 29 1.12 -86.57 -20.82
C TRP O 29 1.42 -86.07 -19.41
N PHE O 30 0.57 -85.20 -18.88
CA PHE O 30 0.75 -84.70 -17.53
C PHE O 30 0.73 -85.89 -16.54
N ASP O 31 -0.30 -86.71 -16.64
CA ASP O 31 -0.43 -87.89 -15.77
C ASP O 31 0.82 -88.77 -15.87
N HIS O 32 1.32 -88.95 -17.08
CA HIS O 32 2.53 -89.77 -17.23
C HIS O 32 3.73 -89.18 -16.51
N THR O 33 3.98 -87.88 -16.66
CA THR O 33 5.12 -87.28 -15.99
C THR O 33 4.92 -87.26 -14.47
N SER O 34 3.68 -87.21 -14.02
CA SER O 34 3.42 -87.24 -12.60
C SER O 34 3.94 -88.58 -12.10
N GLY O 35 3.70 -89.62 -12.89
CA GLY O 35 4.18 -90.95 -12.52
C GLY O 35 5.68 -91.03 -12.44
N VAL O 36 6.37 -90.46 -13.43
CA VAL O 36 7.83 -90.46 -13.43
C VAL O 36 8.38 -89.74 -12.19
N LEU O 37 7.76 -88.63 -11.83
CA LEU O 37 8.23 -87.86 -10.67
C LEU O 37 8.02 -88.60 -9.37
N GLU O 38 6.90 -89.32 -9.26
CA GLU O 38 6.60 -90.05 -8.04
C GLU O 38 7.57 -91.22 -7.81
N SER O 39 8.13 -91.75 -8.90
CA SER O 39 9.06 -92.86 -8.81
C SER O 39 10.49 -92.44 -8.49
N VAL O 40 10.69 -91.16 -8.21
CA VAL O 40 12.03 -90.67 -7.89
C VAL O 40 12.44 -91.07 -6.47
N GLU O 41 13.74 -91.31 -6.28
CA GLU O 41 14.32 -91.72 -5.01
C GLU O 41 14.11 -90.88 -3.75
N ASP O 42 13.27 -89.86 -3.80
CA ASP O 42 13.05 -89.02 -2.62
C ASP O 42 14.35 -88.27 -2.31
N GLY O 43 14.24 -86.96 -2.11
CA GLY O 43 15.43 -86.18 -1.82
C GLY O 43 16.26 -85.96 -3.07
N THR O 44 15.83 -86.60 -4.15
CA THR O 44 16.51 -86.48 -5.44
C THR O 44 16.08 -85.19 -6.12
N PRO O 45 17.04 -84.35 -6.54
CA PRO O 45 16.74 -83.09 -7.23
C PRO O 45 16.00 -83.35 -8.54
N VAL O 46 14.88 -82.67 -8.75
CA VAL O 46 14.13 -82.85 -9.99
C VAL O 46 13.96 -81.57 -10.82
N LEU O 47 14.03 -80.41 -10.17
CA LEU O 47 13.83 -79.15 -10.88
C LEU O 47 14.76 -78.04 -10.38
N ALA O 48 15.35 -77.30 -11.31
CA ALA O 48 16.23 -76.20 -10.97
C ALA O 48 15.73 -74.97 -11.73
N ILE O 49 15.61 -73.86 -11.03
CA ILE O 49 15.11 -72.63 -11.63
C ILE O 49 15.94 -71.43 -11.16
N GLY O 50 16.15 -70.45 -12.03
CA GLY O 50 16.96 -69.31 -11.67
C GLY O 50 16.31 -68.23 -10.81
N VAL O 51 17.06 -67.71 -9.85
CA VAL O 51 16.58 -66.62 -9.00
C VAL O 51 17.10 -65.33 -9.60
N GLU O 52 16.67 -64.20 -9.04
CA GLU O 52 17.05 -62.90 -9.56
C GLU O 52 18.51 -62.71 -9.95
N SER O 53 19.43 -63.15 -9.11
CA SER O 53 20.87 -62.99 -9.36
C SER O 53 21.41 -63.79 -10.53
N GLY O 54 20.73 -64.87 -10.91
CA GLY O 54 21.21 -65.69 -11.99
C GLY O 54 21.58 -67.07 -11.46
N ASP O 55 21.70 -67.19 -10.14
CA ASP O 55 21.98 -68.47 -9.50
C ASP O 55 20.70 -69.27 -9.60
N ALA O 56 20.75 -70.54 -9.20
CA ALA O 56 19.56 -71.38 -9.27
C ALA O 56 19.27 -72.12 -7.97
N ILE O 57 17.99 -72.32 -7.68
CA ILE O 57 17.57 -73.04 -6.49
C ILE O 57 17.00 -74.37 -7.00
N VAL O 58 17.07 -75.40 -6.16
CA VAL O 58 16.63 -76.74 -6.55
C VAL O 58 15.52 -77.32 -5.69
N PHE O 59 14.63 -78.09 -6.31
CA PHE O 59 13.52 -78.71 -5.57
C PHE O 59 13.45 -80.21 -5.78
N ASP O 60 12.77 -80.89 -4.85
CA ASP O 60 12.59 -82.33 -4.95
C ASP O 60 11.17 -82.55 -5.47
N LYS O 61 10.81 -83.80 -5.70
CA LYS O 61 9.49 -84.13 -6.23
C LYS O 61 8.33 -83.61 -5.41
N ASN O 62 8.58 -83.18 -4.18
CA ASN O 62 7.51 -82.68 -3.32
C ASN O 62 7.52 -81.16 -3.22
N ALA O 63 8.18 -80.51 -4.18
CA ALA O 63 8.26 -79.06 -4.17
C ALA O 63 8.95 -78.55 -2.92
N GLN O 64 9.80 -79.36 -2.32
CA GLN O 64 10.51 -78.92 -1.14
C GLN O 64 11.91 -78.54 -1.61
N ARG O 65 12.39 -77.38 -1.16
CA ARG O 65 13.70 -76.91 -1.59
C ARG O 65 14.86 -77.71 -0.99
N ILE O 66 15.85 -78.01 -1.82
CA ILE O 66 17.03 -78.77 -1.39
C ILE O 66 18.18 -77.84 -1.11
N VAL O 67 18.68 -77.85 0.11
CA VAL O 67 19.78 -76.98 0.51
C VAL O 67 21.18 -77.60 0.39
N ALA O 68 21.28 -78.92 0.56
CA ALA O 68 22.57 -79.60 0.47
C ALA O 68 22.44 -80.94 -0.25
N TYR O 69 23.33 -81.18 -1.19
CA TYR O 69 23.30 -82.42 -1.96
C TYR O 69 24.67 -82.67 -2.58
N LYS O 70 25.32 -83.73 -2.13
CA LYS O 70 26.65 -84.09 -2.62
C LYS O 70 26.67 -84.49 -4.09
N GLU O 71 27.73 -84.07 -4.77
CA GLU O 71 27.92 -84.37 -6.19
C GLU O 71 27.52 -85.78 -6.57
N LYS O 72 26.75 -85.90 -7.64
CA LYS O 72 26.29 -87.18 -8.15
C LYS O 72 26.14 -87.09 -9.67
N SER O 73 26.69 -88.07 -10.38
CA SER O 73 26.64 -88.08 -11.83
C SER O 73 25.77 -89.18 -12.40
N VAL O 74 25.35 -89.00 -13.65
CA VAL O 74 24.51 -89.96 -14.36
C VAL O 74 24.89 -89.95 -15.83
N LYS O 75 25.15 -91.13 -16.38
CA LYS O 75 25.51 -91.24 -17.79
C LYS O 75 24.34 -91.72 -18.62
N ALA O 76 24.03 -90.98 -19.68
CA ALA O 76 22.92 -91.33 -20.57
C ALA O 76 23.42 -92.18 -21.72
N GLU O 77 22.51 -92.62 -22.59
CA GLU O 77 22.89 -93.44 -23.73
C GLU O 77 23.70 -92.58 -24.67
N ASP O 78 23.46 -91.27 -24.58
CA ASP O 78 24.17 -90.29 -25.40
C ASP O 78 25.66 -90.37 -25.11
N GLY O 79 26.00 -91.00 -23.98
CA GLY O 79 27.39 -91.13 -23.58
C GLY O 79 27.74 -89.94 -22.71
N SER O 80 26.92 -88.91 -22.80
CA SER O 80 27.09 -87.68 -22.04
C SER O 80 26.73 -87.93 -20.58
N VAL O 81 27.28 -87.12 -19.68
CA VAL O 81 26.97 -87.28 -18.27
C VAL O 81 26.48 -85.96 -17.66
N SER O 82 25.49 -86.07 -16.79
CA SER O 82 24.92 -84.92 -16.12
C SER O 82 25.35 -85.00 -14.66
N VAL O 83 25.62 -83.84 -14.06
CA VAL O 83 26.03 -83.81 -12.66
C VAL O 83 25.19 -82.81 -11.88
N VAL O 84 24.85 -83.15 -10.65
CA VAL O 84 24.05 -82.27 -9.82
C VAL O 84 24.72 -82.14 -8.47
N GLN O 85 24.82 -80.91 -7.97
CA GLN O 85 25.42 -80.66 -6.68
C GLN O 85 24.84 -79.39 -6.08
N VAL O 86 24.25 -79.50 -4.90
CA VAL O 86 23.69 -78.33 -4.25
C VAL O 86 24.48 -78.04 -2.99
N GLU O 87 24.85 -76.78 -2.81
CA GLU O 87 25.61 -76.38 -1.65
C GLU O 87 25.15 -75.04 -1.10
N ASN O 88 24.83 -75.03 0.19
CA ASN O 88 24.38 -73.82 0.86
C ASN O 88 23.10 -73.25 0.24
N GLY O 89 22.23 -74.14 -0.23
CA GLY O 89 20.98 -73.69 -0.82
C GLY O 89 21.00 -73.33 -2.30
N PHE O 90 22.16 -73.40 -2.94
CA PHE O 90 22.24 -73.07 -4.36
C PHE O 90 22.96 -74.13 -5.17
N MET O 91 22.52 -74.29 -6.42
CA MET O 91 23.12 -75.25 -7.32
C MET O 91 24.59 -74.91 -7.58
N LYS O 92 25.47 -75.90 -7.40
CA LYS O 92 26.91 -75.71 -7.61
C LYS O 92 27.29 -76.39 -8.92
N GLN O 93 26.53 -77.42 -9.27
CA GLN O 93 26.75 -78.14 -10.52
C GLN O 93 25.39 -78.59 -11.05
N GLY O 94 25.20 -78.47 -12.36
CA GLY O 94 23.95 -78.84 -12.97
C GLY O 94 23.50 -77.79 -13.96
N HIS O 95 22.23 -77.83 -14.35
CA HIS O 95 21.70 -76.87 -15.30
C HIS O 95 20.29 -76.47 -14.88
N ARG O 96 19.76 -75.41 -15.49
CA ARG O 96 18.41 -74.97 -15.18
C ARG O 96 17.44 -75.90 -15.90
N GLY O 97 16.25 -76.10 -15.34
CA GLY O 97 15.27 -76.97 -15.96
C GLY O 97 15.07 -78.27 -15.21
N TRP O 98 14.43 -79.25 -15.85
CA TRP O 98 14.18 -80.54 -15.22
C TRP O 98 15.49 -81.31 -15.09
N LEU O 99 15.76 -81.82 -13.90
CA LEU O 99 16.98 -82.56 -13.64
C LEU O 99 16.78 -84.06 -13.78
N VAL O 100 15.57 -84.44 -14.19
CA VAL O 100 15.21 -85.84 -14.39
C VAL O 100 14.54 -85.93 -15.76
N ASP O 101 14.77 -87.03 -16.47
CA ASP O 101 14.19 -87.21 -17.80
C ASP O 101 12.70 -87.54 -17.76
N LEU O 102 11.89 -86.65 -18.32
CA LEU O 102 10.45 -86.83 -18.34
C LEU O 102 9.94 -87.16 -19.74
N THR O 103 10.72 -86.79 -20.75
CA THR O 103 10.33 -86.97 -22.15
C THR O 103 10.93 -88.16 -22.90
N GLY O 104 12.02 -88.72 -22.41
CA GLY O 104 12.62 -89.82 -23.12
C GLY O 104 13.11 -89.26 -24.44
N GLU O 105 12.92 -89.99 -25.54
CA GLU O 105 13.36 -89.48 -26.82
C GLU O 105 12.21 -88.82 -27.59
N LEU O 106 11.08 -88.66 -26.91
CA LEU O 106 9.92 -88.01 -27.51
C LEU O 106 10.06 -86.52 -27.19
N VAL O 107 10.86 -85.82 -28.00
CA VAL O 107 11.07 -84.40 -27.79
C VAL O 107 10.43 -83.56 -28.89
N GLY O 108 10.27 -82.26 -28.62
CA GLY O 108 9.69 -81.35 -29.59
C GLY O 108 8.18 -81.40 -29.72
N CYS O 109 7.50 -81.77 -28.64
CA CYS O 109 6.04 -81.86 -28.65
C CYS O 109 5.38 -80.70 -27.91
N SER O 110 4.07 -80.59 -28.11
CA SER O 110 3.22 -79.61 -27.44
C SER O 110 2.08 -80.52 -26.97
N PRO O 111 2.35 -81.35 -25.95
CA PRO O 111 1.37 -82.29 -25.38
C PRO O 111 0.02 -81.66 -25.10
N VAL O 112 -1.04 -82.25 -25.64
CA VAL O 112 -2.37 -81.71 -25.40
C VAL O 112 -2.65 -81.71 -23.90
N VAL O 113 -3.04 -80.55 -23.38
CA VAL O 113 -3.31 -80.40 -21.95
C VAL O 113 -4.78 -80.50 -21.61
N ALA O 114 -5.63 -80.17 -22.57
CA ALA O 114 -7.06 -80.22 -22.33
C ALA O 114 -7.85 -79.95 -23.60
N GLU O 115 -9.16 -80.11 -23.48
CA GLU O 115 -10.05 -79.86 -24.61
C GLU O 115 -11.25 -79.09 -24.07
N PHE O 116 -11.68 -78.08 -24.80
CA PHE O 116 -12.80 -77.27 -24.36
C PHE O 116 -13.48 -76.60 -25.54
N GLY O 117 -14.80 -76.50 -25.49
CA GLY O 117 -15.55 -75.88 -26.56
C GLY O 117 -15.25 -76.43 -27.95
N GLY O 118 -14.77 -77.67 -28.01
CA GLY O 118 -14.46 -78.26 -29.30
C GLY O 118 -13.05 -78.02 -29.80
N HIS O 119 -12.18 -77.47 -28.96
CA HIS O 119 -10.79 -77.21 -29.36
C HIS O 119 -9.79 -77.84 -28.40
N ARG O 120 -8.68 -78.30 -28.95
CA ARG O 120 -7.61 -78.88 -28.15
C ARG O 120 -6.64 -77.76 -27.80
N TYR O 121 -6.16 -77.74 -26.57
CA TYR O 121 -5.21 -76.72 -26.12
C TYR O 121 -3.90 -77.39 -25.75
N ALA O 122 -2.79 -76.72 -26.06
CA ALA O 122 -1.47 -77.26 -25.79
C ALA O 122 -0.93 -76.88 -24.43
N SER O 123 -0.01 -77.71 -23.94
CA SER O 123 0.63 -77.45 -22.66
C SER O 123 1.78 -76.52 -23.02
N GLY O 124 2.58 -76.11 -22.05
CA GLY O 124 3.68 -75.21 -22.31
C GLY O 124 3.23 -73.82 -21.84
N MET O 125 3.83 -72.76 -22.37
CA MET O 125 3.41 -71.45 -21.93
C MET O 125 2.49 -70.70 -22.91
N VAL O 126 1.44 -70.10 -22.34
CA VAL O 126 0.48 -69.33 -23.11
C VAL O 126 0.51 -67.89 -22.63
N ILE O 127 0.86 -66.96 -23.51
CA ILE O 127 0.87 -65.56 -23.13
C ILE O 127 -0.42 -64.93 -23.63
N VAL O 128 -1.11 -64.25 -22.71
CA VAL O 128 -2.36 -63.58 -23.01
C VAL O 128 -2.03 -62.10 -23.02
N THR O 129 -2.13 -61.49 -24.19
CA THR O 129 -1.78 -60.09 -24.30
C THR O 129 -2.64 -59.35 -25.32
N GLY O 130 -2.12 -58.23 -25.78
CA GLY O 130 -2.84 -57.42 -26.75
C GLY O 130 -3.03 -56.03 -26.18
N LYS O 131 -3.29 -55.05 -27.03
CA LYS O 131 -3.50 -53.70 -26.53
C LYS O 131 -4.93 -53.35 -26.83
N GLY O 132 -5.70 -53.02 -25.79
CA GLY O 132 -7.08 -52.67 -26.01
C GLY O 132 -7.91 -52.62 -24.74
N ASN O 133 -9.23 -52.65 -24.89
CA ASN O 133 -10.13 -52.59 -23.75
C ASN O 133 -10.32 -53.93 -23.04
N SER O 134 -10.30 -55.03 -23.79
CA SER O 134 -10.47 -56.35 -23.20
C SER O 134 -9.42 -56.61 -22.11
N GLY O 135 -9.90 -56.93 -20.91
CA GLY O 135 -9.03 -57.20 -19.77
C GLY O 135 -8.40 -58.58 -19.76
N LYS O 136 -7.10 -58.64 -19.50
CA LYS O 136 -6.39 -59.91 -19.47
C LYS O 136 -6.67 -60.74 -18.21
N THR O 137 -6.82 -60.09 -17.08
CA THR O 137 -7.05 -60.80 -15.84
C THR O 137 -8.32 -61.67 -15.87
N PRO O 138 -9.45 -61.13 -16.34
CA PRO O 138 -10.65 -61.97 -16.36
C PRO O 138 -10.50 -63.13 -17.34
N LEU O 139 -9.77 -62.90 -18.43
CA LEU O 139 -9.57 -63.94 -19.43
C LEU O 139 -8.70 -65.08 -18.93
N VAL O 140 -7.60 -64.78 -18.24
CA VAL O 140 -6.74 -65.86 -17.76
C VAL O 140 -7.48 -66.72 -16.73
N HIS O 141 -8.28 -66.10 -15.88
CA HIS O 141 -9.03 -66.87 -14.90
C HIS O 141 -10.11 -67.75 -15.54
N ALA O 142 -10.74 -67.24 -16.59
CA ALA O 142 -11.76 -68.01 -17.28
C ALA O 142 -11.12 -69.18 -18.02
N LEU O 143 -9.96 -68.95 -18.62
CA LEU O 143 -9.26 -69.99 -19.35
C LEU O 143 -8.72 -71.04 -18.36
N GLY O 144 -8.31 -70.59 -17.18
CA GLY O 144 -7.80 -71.50 -16.19
C GLY O 144 -8.88 -72.47 -15.74
N GLU O 145 -10.07 -71.95 -15.44
CA GLU O 145 -11.18 -72.78 -15.01
C GLU O 145 -11.64 -73.72 -16.12
N ALA O 146 -11.69 -73.22 -17.35
CA ALA O 146 -12.12 -74.03 -18.48
C ALA O 146 -11.16 -75.19 -18.77
N LEU O 147 -9.87 -74.90 -18.86
CA LEU O 147 -8.90 -75.95 -19.12
C LEU O 147 -8.75 -76.85 -17.89
N GLY O 148 -9.04 -76.30 -16.72
CA GLY O 148 -8.95 -77.09 -15.51
C GLY O 148 -9.94 -78.25 -15.57
N GLY O 149 -11.12 -77.95 -16.10
CA GLY O 149 -12.15 -78.95 -16.23
C GLY O 149 -12.63 -79.51 -14.90
N LYS O 150 -12.26 -80.75 -14.63
CA LYS O 150 -12.64 -81.41 -13.39
C LYS O 150 -11.73 -80.99 -12.24
N ASP O 151 -10.54 -80.52 -12.60
CA ASP O 151 -9.56 -80.11 -11.60
C ASP O 151 -9.55 -78.60 -11.39
N LYS O 152 -9.09 -78.19 -10.21
CA LYS O 152 -8.96 -76.77 -9.89
C LYS O 152 -7.68 -76.28 -10.55
N TYR O 153 -7.59 -74.99 -10.81
CA TYR O 153 -6.37 -74.46 -11.39
C TYR O 153 -5.63 -73.69 -10.31
N ALA O 154 -4.32 -73.59 -10.45
CA ALA O 154 -3.49 -72.88 -9.48
C ALA O 154 -3.21 -71.46 -9.95
N THR O 155 -3.26 -70.51 -9.02
CA THR O 155 -3.00 -69.12 -9.35
C THR O 155 -1.77 -68.54 -8.67
N VAL O 156 -0.83 -68.07 -9.48
CA VAL O 156 0.37 -67.44 -8.97
C VAL O 156 0.19 -65.93 -9.18
N ARG O 157 0.22 -65.16 -8.10
CA ARG O 157 0.06 -63.71 -8.19
C ARG O 157 1.39 -62.97 -8.02
N PHE O 158 1.65 -62.01 -8.90
CA PHE O 158 2.91 -61.28 -8.84
C PHE O 158 2.90 -59.86 -9.40
N GLY O 159 3.56 -58.96 -8.68
CA GLY O 159 3.72 -57.58 -9.09
C GLY O 159 2.57 -56.66 -9.44
N GLU O 160 1.50 -56.68 -8.66
CA GLU O 160 0.38 -55.79 -8.92
C GLU O 160 0.10 -55.02 -7.62
N PRO O 161 -0.28 -53.74 -7.72
CA PRO O 161 -0.53 -52.96 -6.51
C PRO O 161 -1.88 -53.25 -5.84
N LEU O 162 -2.09 -54.52 -5.52
CA LEU O 162 -3.31 -54.99 -4.87
C LEU O 162 -2.93 -55.76 -3.60
N SER O 163 -3.89 -55.95 -2.70
CA SER O 163 -3.64 -56.64 -1.45
C SER O 163 -3.17 -58.08 -1.62
N GLY O 164 -2.23 -58.49 -0.79
CA GLY O 164 -1.74 -59.85 -0.82
C GLY O 164 -0.85 -60.25 -1.98
N TYR O 165 -0.50 -59.30 -2.83
CA TYR O 165 0.35 -59.60 -3.97
C TYR O 165 1.83 -59.60 -3.62
N ASN O 166 2.52 -60.69 -3.92
CA ASN O 166 3.95 -60.77 -3.68
C ASN O 166 4.62 -59.94 -4.78
N THR O 167 5.69 -59.24 -4.44
CA THR O 167 6.39 -58.44 -5.44
C THR O 167 7.89 -58.76 -5.48
N ASP O 168 8.28 -59.79 -4.72
CA ASP O 168 9.67 -60.22 -4.67
C ASP O 168 9.89 -61.35 -5.69
N PHE O 169 10.77 -61.13 -6.66
CA PHE O 169 11.01 -62.12 -7.69
C PHE O 169 11.37 -63.51 -7.20
N ASN O 170 12.19 -63.60 -6.16
CA ASN O 170 12.56 -64.91 -5.67
C ASN O 170 11.42 -65.72 -5.08
N VAL O 171 10.42 -65.05 -4.50
CA VAL O 171 9.27 -65.76 -3.94
C VAL O 171 8.47 -66.22 -5.16
N PHE O 172 8.51 -65.42 -6.20
CA PHE O 172 7.80 -65.70 -7.44
C PHE O 172 8.23 -67.02 -8.12
N VAL O 173 9.54 -67.20 -8.29
CA VAL O 173 10.03 -68.42 -8.92
C VAL O 173 9.75 -69.62 -8.02
N ASP O 174 9.65 -69.37 -6.73
CA ASP O 174 9.36 -70.43 -5.79
C ASP O 174 7.90 -70.88 -6.01
N ASP O 175 6.99 -69.92 -6.16
CA ASP O 175 5.59 -70.26 -6.41
C ASP O 175 5.43 -71.00 -7.74
N ILE O 176 6.19 -70.58 -8.75
CA ILE O 176 6.12 -71.20 -10.07
C ILE O 176 6.61 -72.65 -10.06
N ALA O 177 7.77 -72.88 -9.44
CA ALA O 177 8.32 -74.23 -9.37
C ALA O 177 7.31 -75.17 -8.70
N ARG O 178 6.75 -74.75 -7.56
CA ARG O 178 5.78 -75.56 -6.85
C ARG O 178 4.55 -75.82 -7.70
N ALA O 179 4.07 -74.80 -8.39
CA ALA O 179 2.89 -74.96 -9.22
C ALA O 179 3.08 -75.98 -10.35
N MET O 180 4.22 -75.91 -11.04
CA MET O 180 4.49 -76.85 -12.12
C MET O 180 4.71 -78.26 -11.62
N LEU O 181 5.19 -78.40 -10.39
CA LEU O 181 5.43 -79.72 -9.83
C LEU O 181 4.12 -80.36 -9.37
N GLN O 182 3.12 -79.55 -9.07
CA GLN O 182 1.88 -80.08 -8.53
C GLN O 182 0.57 -79.88 -9.27
N HIS O 183 0.55 -79.08 -10.32
CA HIS O 183 -0.71 -78.86 -11.02
C HIS O 183 -0.61 -78.82 -12.55
N ARG O 184 -1.69 -79.20 -13.20
CA ARG O 184 -1.77 -79.25 -14.65
C ARG O 184 -2.07 -77.88 -15.28
N VAL O 185 -2.92 -77.10 -14.61
CA VAL O 185 -3.32 -75.80 -15.12
C VAL O 185 -2.91 -74.70 -14.15
N ILE O 186 -2.05 -73.81 -14.63
CA ILE O 186 -1.52 -72.72 -13.84
C ILE O 186 -1.75 -71.36 -14.45
N VAL O 187 -2.12 -70.40 -13.63
CA VAL O 187 -2.35 -69.03 -14.08
C VAL O 187 -1.35 -68.11 -13.38
N ILE O 188 -0.67 -67.29 -14.16
CA ILE O 188 0.29 -66.34 -13.60
C ILE O 188 -0.31 -64.96 -13.88
N ASP O 189 -0.70 -64.25 -12.84
CA ASP O 189 -1.23 -62.94 -13.13
C ASP O 189 -0.20 -61.87 -12.98
N SER O 190 0.21 -61.41 -14.16
CA SER O 190 1.17 -60.37 -14.43
C SER O 190 2.61 -60.80 -14.62
N LEU O 191 3.01 -60.81 -15.88
CA LEU O 191 4.37 -61.13 -16.26
C LEU O 191 5.05 -59.77 -16.31
N LYS O 192 4.34 -58.74 -15.84
CA LYS O 192 4.86 -57.39 -15.77
C LYS O 192 6.08 -57.46 -14.85
N ASN O 193 6.84 -56.38 -14.72
CA ASN O 193 8.02 -56.41 -13.87
C ASN O 193 9.05 -57.30 -14.56
N VAL O 194 8.77 -58.59 -14.66
CA VAL O 194 9.68 -59.47 -15.38
C VAL O 194 9.43 -59.03 -16.81
N ILE O 195 10.38 -59.24 -17.72
CA ILE O 195 10.17 -58.78 -19.09
C ILE O 195 9.86 -57.29 -19.03
N ILE O 207 17.07 -55.72 -17.54
CA ILE O 207 16.35 -56.87 -16.97
C ILE O 207 17.35 -57.78 -16.24
N SER O 208 16.95 -58.27 -15.07
CA SER O 208 17.81 -59.14 -14.27
C SER O 208 18.06 -60.48 -14.96
N ARG O 209 19.13 -61.17 -14.55
CA ARG O 209 19.44 -62.47 -15.14
C ARG O 209 18.34 -63.47 -14.84
N GLY O 210 17.76 -63.38 -13.65
CA GLY O 210 16.69 -64.29 -13.28
C GLY O 210 15.47 -64.12 -14.19
N ALA O 211 15.08 -62.87 -14.42
CA ALA O 211 13.93 -62.59 -15.27
C ALA O 211 14.15 -63.11 -16.68
N PHE O 212 15.37 -62.91 -17.18
CA PHE O 212 15.72 -63.36 -18.52
C PHE O 212 15.71 -64.89 -18.61
N ASP O 213 16.23 -65.55 -17.58
CA ASP O 213 16.26 -67.01 -17.56
C ASP O 213 14.83 -67.56 -17.55
N LEU O 214 13.99 -66.98 -16.70
CA LEU O 214 12.60 -67.41 -16.57
C LEU O 214 11.88 -67.34 -17.91
N LEU O 215 12.00 -66.19 -18.57
CA LEU O 215 11.36 -65.98 -19.86
C LEU O 215 11.75 -67.00 -20.92
N SER O 216 13.00 -67.47 -20.89
CA SER O 216 13.45 -68.43 -21.89
C SER O 216 13.42 -69.89 -21.44
N ASP O 217 13.08 -70.13 -20.18
CA ASP O 217 13.04 -71.50 -19.67
C ASP O 217 11.63 -72.05 -19.45
N ILE O 218 10.75 -71.22 -18.93
CA ILE O 218 9.40 -71.64 -18.56
C ILE O 218 8.61 -72.41 -19.58
N GLY O 219 8.66 -72.01 -20.85
CA GLY O 219 7.89 -72.71 -21.86
C GLY O 219 8.31 -74.17 -22.02
N ALA O 220 9.62 -74.40 -22.10
CA ALA O 220 10.14 -75.76 -22.24
C ALA O 220 9.88 -76.57 -20.97
N MET O 221 9.98 -75.94 -19.79
CA MET O 221 9.71 -76.65 -18.54
C MET O 221 8.27 -77.15 -18.53
N ALA O 222 7.34 -76.25 -18.84
CA ALA O 222 5.92 -76.59 -18.85
C ALA O 222 5.56 -77.64 -19.90
N ALA O 223 6.07 -77.49 -21.12
CA ALA O 223 5.75 -78.44 -22.18
C ALA O 223 6.29 -79.83 -21.83
N SER O 224 7.43 -79.88 -21.17
CA SER O 224 8.03 -81.15 -20.78
C SER O 224 7.17 -81.86 -19.72
N ARG O 225 6.60 -81.10 -18.80
CA ARG O 225 5.76 -81.65 -17.74
C ARG O 225 4.38 -82.01 -18.27
N GLY O 226 3.91 -81.24 -19.24
CA GLY O 226 2.58 -81.47 -19.76
C GLY O 226 1.57 -80.58 -19.07
N CYS O 227 2.05 -79.54 -18.41
CA CYS O 227 1.15 -78.60 -17.74
C CYS O 227 1.10 -77.32 -18.59
N VAL O 228 0.09 -76.49 -18.36
CA VAL O 228 -0.02 -75.25 -19.10
C VAL O 228 0.06 -74.06 -18.15
N VAL O 229 0.89 -73.08 -18.52
CA VAL O 229 1.06 -71.86 -17.74
C VAL O 229 0.44 -70.72 -18.54
N ILE O 230 -0.65 -70.16 -18.02
CA ILE O 230 -1.41 -69.07 -18.66
C ILE O 230 -1.02 -67.75 -18.01
N ALA O 231 -0.21 -66.96 -18.69
CA ALA O 231 0.29 -65.69 -18.17
C ALA O 231 -0.20 -64.43 -18.86
N SER O 232 -0.67 -63.47 -18.08
CA SER O 232 -1.14 -62.21 -18.62
C SER O 232 0.04 -61.26 -18.76
N LEU O 233 0.03 -60.47 -19.83
CA LEU O 233 1.11 -59.54 -20.09
C LEU O 233 0.56 -58.33 -20.81
N ASN O 234 0.51 -57.20 -20.13
CA ASN O 234 0.02 -55.97 -20.77
C ASN O 234 1.15 -55.24 -21.43
N PRO O 235 1.00 -54.92 -22.73
CA PRO O 235 2.03 -54.19 -23.47
C PRO O 235 2.01 -52.73 -23.02
N THR O 236 1.90 -52.57 -21.71
CA THR O 236 1.85 -51.27 -21.05
C THR O 236 2.69 -50.19 -21.73
N SER O 237 3.92 -50.03 -21.26
CA SER O 237 4.82 -49.03 -21.80
C SER O 237 4.89 -49.11 -23.32
N ASN O 238 4.78 -47.95 -23.97
CA ASN O 238 4.85 -47.88 -25.42
C ASN O 238 6.29 -47.51 -25.81
N ASP O 239 7.22 -47.94 -24.96
CA ASP O 239 8.65 -47.72 -25.15
C ASP O 239 9.17 -48.84 -26.05
N ASP O 240 9.43 -48.49 -27.31
CA ASP O 240 9.89 -49.45 -28.32
C ASP O 240 11.00 -50.43 -27.91
N LYS O 241 11.62 -50.25 -26.76
CA LYS O 241 12.68 -51.17 -26.36
C LYS O 241 12.07 -52.39 -25.65
N ILE O 242 10.93 -52.19 -24.99
CA ILE O 242 10.26 -53.30 -24.31
C ILE O 242 9.04 -53.73 -25.10
N VAL O 243 8.57 -52.89 -26.01
CA VAL O 243 7.42 -53.23 -26.85
C VAL O 243 7.88 -54.34 -27.77
N GLU O 244 9.17 -54.34 -28.06
CA GLU O 244 9.76 -55.35 -28.92
C GLU O 244 10.10 -56.59 -28.08
N LEU O 245 10.26 -56.37 -26.77
CA LEU O 245 10.55 -57.46 -25.84
C LEU O 245 9.25 -58.23 -25.59
N VAL O 246 8.12 -57.56 -25.79
CA VAL O 246 6.81 -58.17 -25.63
C VAL O 246 6.47 -58.98 -26.88
N LYS O 247 6.77 -58.42 -28.04
CA LYS O 247 6.51 -59.10 -29.30
C LYS O 247 7.46 -60.30 -29.47
N GLU O 248 8.61 -60.22 -28.81
CA GLU O 248 9.60 -61.28 -28.89
C GLU O 248 9.19 -62.41 -27.95
N ALA O 249 8.83 -62.05 -26.73
CA ALA O 249 8.41 -63.03 -25.75
C ALA O 249 7.21 -63.78 -26.32
N SER O 250 6.27 -63.04 -26.90
CA SER O 250 5.07 -63.63 -27.47
C SER O 250 5.39 -64.50 -28.68
N ARG O 251 6.27 -64.00 -29.54
CA ARG O 251 6.64 -64.72 -30.74
C ARG O 251 7.48 -65.98 -30.53
N SER O 252 8.58 -65.84 -29.79
CA SER O 252 9.50 -66.95 -29.61
C SER O 252 9.56 -67.71 -28.29
N ASN O 253 8.99 -67.14 -27.23
CA ASN O 253 9.06 -67.83 -25.95
C ASN O 253 7.74 -68.46 -25.50
N SER O 254 6.73 -68.37 -26.35
CA SER O 254 5.41 -68.91 -26.02
C SER O 254 5.08 -70.12 -26.88
N THR O 255 4.40 -71.08 -26.28
CA THR O 255 3.99 -72.27 -27.01
C THR O 255 2.70 -71.88 -27.74
N SER O 256 1.88 -71.07 -27.06
CA SER O 256 0.64 -70.59 -27.62
C SER O 256 0.49 -69.12 -27.28
N LEU O 257 -0.32 -68.42 -28.07
CA LEU O 257 -0.56 -67.00 -27.88
C LEU O 257 -2.07 -66.74 -27.91
N VAL O 258 -2.55 -65.89 -27.01
CA VAL O 258 -3.95 -65.51 -26.97
C VAL O 258 -3.97 -64.00 -26.99
N ILE O 259 -4.44 -63.42 -28.08
CA ILE O 259 -4.45 -61.96 -28.23
C ILE O 259 -5.84 -61.38 -28.48
N SER O 260 -6.08 -60.20 -27.93
CA SER O 260 -7.35 -59.52 -28.09
C SER O 260 -7.48 -58.97 -29.51
N THR O 261 -8.70 -58.76 -29.96
CA THR O 261 -8.95 -58.22 -31.29
C THR O 261 -9.65 -56.87 -31.17
N ASP O 262 -10.03 -56.31 -32.31
CA ASP O 262 -10.70 -55.01 -32.31
C ASP O 262 -12.19 -55.12 -31.99
N VAL O 263 -12.67 -56.34 -31.82
CA VAL O 263 -14.08 -56.58 -31.47
C VAL O 263 -14.13 -56.93 -29.97
N ASP O 264 -14.95 -56.21 -29.22
CA ASP O 264 -15.04 -56.42 -27.79
C ASP O 264 -15.42 -57.84 -27.38
N GLY O 265 -14.63 -58.39 -26.45
CA GLY O 265 -14.87 -59.73 -25.96
C GLY O 265 -14.32 -60.85 -26.82
N GLU O 266 -13.80 -60.52 -28.00
CA GLU O 266 -13.25 -61.53 -28.89
C GLU O 266 -11.74 -61.69 -28.79
N TRP O 267 -11.28 -62.94 -28.77
CA TRP O 267 -9.86 -63.23 -28.67
C TRP O 267 -9.44 -64.24 -29.73
N GLN O 268 -8.17 -64.17 -30.09
CA GLN O 268 -7.62 -65.07 -31.10
C GLN O 268 -6.57 -65.96 -30.42
N VAL O 269 -6.66 -67.26 -30.67
CA VAL O 269 -5.73 -68.24 -30.10
C VAL O 269 -4.82 -68.79 -31.19
N LEU O 270 -3.51 -68.63 -31.03
CA LEU O 270 -2.54 -69.11 -32.00
C LEU O 270 -1.73 -70.15 -31.25
N THR O 271 -1.72 -71.38 -31.73
CA THR O 271 -0.98 -72.41 -31.02
C THR O 271 0.01 -73.22 -31.87
N ARG O 272 1.20 -73.41 -31.33
CA ARG O 272 2.24 -74.20 -32.00
C ARG O 272 1.97 -75.66 -31.61
N THR O 273 1.63 -76.48 -32.59
CA THR O 273 1.30 -77.88 -32.35
C THR O 273 2.50 -78.82 -32.20
N GLY O 274 3.70 -78.32 -32.46
CA GLY O 274 4.88 -79.15 -32.33
C GLY O 274 6.06 -78.71 -33.15
N GLU O 275 7.19 -79.35 -32.93
CA GLU O 275 8.43 -79.05 -33.65
C GLU O 275 8.25 -79.19 -35.15
N GLY O 276 8.37 -78.07 -35.87
CA GLY O 276 8.24 -78.09 -37.31
C GLY O 276 6.81 -78.30 -37.82
N LEU O 277 5.86 -78.40 -36.90
CA LEU O 277 4.47 -78.60 -37.29
C LEU O 277 3.78 -77.27 -37.54
N GLN O 278 2.54 -77.34 -38.01
CA GLN O 278 1.77 -76.13 -38.31
C GLN O 278 1.26 -75.37 -37.10
N ARG O 279 1.19 -74.05 -37.22
CA ARG O 279 0.66 -73.21 -36.16
C ARG O 279 -0.84 -73.06 -36.45
N LEU O 280 -1.68 -73.42 -35.50
CA LEU O 280 -3.13 -73.34 -35.69
C LEU O 280 -3.73 -72.11 -35.04
N THR O 281 -4.93 -71.75 -35.49
CA THR O 281 -5.62 -70.59 -34.95
C THR O 281 -7.13 -70.78 -34.91
N HIS O 282 -7.77 -70.27 -33.85
CA HIS O 282 -9.21 -70.31 -33.71
C HIS O 282 -9.64 -69.09 -32.90
N THR O 283 -10.92 -68.79 -32.89
CA THR O 283 -11.41 -67.61 -32.17
C THR O 283 -12.26 -67.93 -30.95
N LEU O 284 -12.28 -67.01 -30.00
CA LEU O 284 -13.05 -67.16 -28.77
C LEU O 284 -13.97 -65.96 -28.56
N GLN O 285 -15.20 -66.22 -28.13
CA GLN O 285 -16.17 -65.16 -27.84
C GLN O 285 -16.39 -65.21 -26.34
N THR O 286 -16.52 -64.07 -25.69
CA THR O 286 -16.70 -64.05 -24.24
C THR O 286 -17.68 -62.99 -23.76
N SER O 287 -18.15 -63.13 -22.53
CA SER O 287 -19.07 -62.15 -21.95
C SER O 287 -18.96 -62.15 -20.43
N TYR O 288 -19.28 -61.02 -19.82
CA TYR O 288 -19.20 -60.86 -18.38
C TYR O 288 -20.48 -61.19 -17.63
N GLY O 289 -20.32 -61.76 -16.45
CA GLY O 289 -21.46 -62.08 -15.60
C GLY O 289 -21.40 -61.11 -14.45
N GLU O 290 -21.70 -61.57 -13.24
CA GLU O 290 -21.65 -60.69 -12.09
C GLU O 290 -20.25 -60.62 -11.50
N HIS O 291 -19.90 -59.46 -10.92
CA HIS O 291 -18.59 -59.23 -10.31
C HIS O 291 -17.45 -59.45 -11.30
N SER O 292 -17.71 -59.12 -12.56
CA SER O 292 -16.73 -59.25 -13.62
C SER O 292 -16.24 -60.67 -13.90
N VAL O 293 -17.04 -61.67 -13.55
CA VAL O 293 -16.66 -63.06 -13.84
C VAL O 293 -16.90 -63.26 -15.33
N LEU O 294 -15.85 -63.66 -16.05
CA LEU O 294 -15.92 -63.85 -17.49
C LEU O 294 -16.24 -65.29 -17.90
N THR O 295 -17.00 -65.43 -18.97
CA THR O 295 -17.37 -66.76 -19.47
C THR O 295 -16.97 -66.90 -20.95
N ILE O 296 -16.36 -68.02 -21.29
CA ILE O 296 -15.96 -68.29 -22.66
C ILE O 296 -17.06 -69.12 -23.31
N HIS O 297 -17.69 -68.58 -24.34
CA HIS O 297 -18.77 -69.31 -25.02
C HIS O 297 -18.23 -70.50 -25.80
N THR O 298 -19.08 -71.50 -25.99
CA THR O 298 -18.72 -72.70 -26.72
C THR O 298 -19.80 -73.00 -27.74
N SER O 299 -19.42 -73.03 -29.01
CA SER O 299 -20.35 -73.31 -30.11
C SER O 299 -21.35 -74.41 -29.79
N GLN O 306 -7.34 -74.12 -37.90
CA GLN O 306 -6.89 -73.75 -39.23
C GLN O 306 -5.50 -73.11 -39.14
N ALA O 307 -4.67 -73.34 -40.16
CA ALA O 307 -3.31 -72.82 -40.18
C ALA O 307 -3.20 -71.34 -40.51
N SER O 308 -2.17 -70.70 -39.98
CA SER O 308 -1.91 -69.28 -40.22
C SER O 308 -0.44 -69.12 -40.56
N GLY O 309 -0.15 -68.65 -41.78
CA GLY O 309 1.22 -68.46 -42.21
C GLY O 309 2.04 -67.59 -41.29
N LYS O 310 3.36 -67.67 -41.42
CA LYS O 310 4.26 -66.87 -40.59
C LYS O 310 4.10 -65.38 -40.88
N ALA O 311 3.63 -65.06 -42.08
CA ALA O 311 3.41 -63.68 -42.48
C ALA O 311 2.20 -63.13 -41.74
N ILE O 312 1.12 -63.91 -41.73
CA ILE O 312 -0.11 -63.52 -41.05
C ILE O 312 0.17 -63.41 -39.55
N GLN O 313 1.14 -64.18 -39.10
CA GLN O 313 1.52 -64.22 -37.69
C GLN O 313 2.09 -62.88 -37.20
N THR O 314 3.00 -62.31 -37.97
CA THR O 314 3.60 -61.03 -37.59
C THR O 314 2.61 -59.89 -37.78
N VAL O 315 1.59 -60.11 -38.61
CA VAL O 315 0.56 -59.11 -38.82
C VAL O 315 -0.21 -58.99 -37.50
N ILE O 316 -0.24 -60.11 -36.77
CA ILE O 316 -0.92 -60.17 -35.48
C ILE O 316 -0.03 -59.50 -34.44
N LYS O 317 1.27 -59.58 -34.66
CA LYS O 317 2.26 -58.99 -33.75
C LYS O 317 2.27 -57.46 -33.70
N ASN O 318 2.17 -56.80 -34.85
CA ASN O 318 2.19 -55.35 -34.83
C ASN O 318 0.98 -54.75 -34.12
N ASP O 319 0.08 -55.61 -33.65
CA ASP O 319 -1.10 -55.17 -32.91
C ASP O 319 -0.58 -54.64 -31.57
N GLU O 320 0.40 -55.34 -31.03
CA GLU O 320 1.02 -55.00 -29.75
C GLU O 320 1.87 -53.74 -29.89
N LEU O 321 2.45 -53.54 -31.07
CA LEU O 321 3.26 -52.37 -31.34
C LEU O 321 2.38 -51.16 -31.09
N MET P 1 49.31 -71.48 -36.20
CA MET P 1 50.63 -70.79 -36.25
C MET P 1 50.72 -69.91 -37.48
N ILE P 2 51.85 -69.23 -37.66
CA ILE P 2 52.02 -68.39 -38.84
C ILE P 2 52.74 -69.20 -39.92
N HIS P 3 52.45 -68.87 -41.18
CA HIS P 3 53.05 -69.55 -42.31
C HIS P 3 53.76 -68.55 -43.23
N LEU P 4 54.87 -68.98 -43.84
CA LEU P 4 55.63 -68.13 -44.74
C LEU P 4 55.37 -68.59 -46.17
N TYR P 5 55.41 -67.65 -47.11
CA TYR P 5 55.17 -68.00 -48.51
C TYR P 5 55.98 -67.15 -49.47
N ASP P 6 56.10 -67.67 -50.70
CA ASP P 6 56.73 -66.97 -51.82
C ASP P 6 55.73 -67.32 -52.93
N ALA P 7 55.91 -66.76 -54.12
CA ALA P 7 54.98 -67.03 -55.20
C ALA P 7 54.69 -68.51 -55.41
N LYS P 8 55.74 -69.33 -55.43
CA LYS P 8 55.58 -70.76 -55.64
C LYS P 8 54.81 -71.49 -54.56
N SER P 9 55.21 -71.32 -53.30
CA SER P 9 54.53 -71.99 -52.22
C SER P 9 53.08 -71.51 -52.11
N PHE P 10 52.84 -70.23 -52.39
CA PHE P 10 51.48 -69.70 -52.33
C PHE P 10 50.60 -70.37 -53.39
N ALA P 11 51.13 -70.45 -54.62
CA ALA P 11 50.37 -71.06 -55.71
C ALA P 11 50.00 -72.50 -55.40
N LYS P 12 50.89 -73.21 -54.72
CA LYS P 12 50.59 -74.60 -54.37
C LYS P 12 49.47 -74.64 -53.37
N LEU P 13 49.53 -73.74 -52.37
CA LEU P 13 48.49 -73.67 -51.36
C LEU P 13 47.11 -73.47 -52.00
N ARG P 14 47.01 -72.47 -52.87
CA ARG P 14 45.74 -72.22 -53.54
C ARG P 14 45.23 -73.42 -54.31
N ALA P 15 46.12 -74.12 -55.00
CA ALA P 15 45.71 -75.30 -55.76
C ALA P 15 45.17 -76.36 -54.81
N ALA P 16 45.84 -76.54 -53.68
CA ALA P 16 45.41 -77.54 -52.69
C ALA P 16 44.06 -77.16 -52.08
N GLN P 17 43.88 -75.88 -51.77
CA GLN P 17 42.62 -75.42 -51.19
C GLN P 17 41.50 -75.67 -52.19
N TYR P 18 41.77 -75.34 -53.45
CA TYR P 18 40.78 -75.53 -54.51
C TYR P 18 40.35 -76.99 -54.58
N ALA P 19 41.33 -77.89 -54.47
CA ALA P 19 41.06 -79.32 -54.53
C ALA P 19 40.28 -79.83 -53.32
N ALA P 20 40.54 -79.25 -52.16
CA ALA P 20 39.86 -79.67 -50.93
C ALA P 20 38.35 -79.55 -51.04
N PHE P 21 37.87 -78.68 -51.93
CA PHE P 21 36.44 -78.54 -52.12
C PHE P 21 35.93 -79.15 -53.41
N HIS P 22 36.63 -78.86 -54.51
CA HIS P 22 36.22 -79.33 -55.83
C HIS P 22 36.51 -80.76 -56.27
N THR P 23 37.66 -81.31 -55.87
CA THR P 23 38.00 -82.66 -56.32
C THR P 23 38.15 -83.78 -55.29
N ASP P 24 38.53 -83.45 -54.05
CA ASP P 24 38.66 -84.48 -53.03
C ASP P 24 37.35 -85.25 -52.94
N ALA P 25 37.41 -86.47 -52.42
CA ALA P 25 36.21 -87.28 -52.27
C ALA P 25 35.39 -86.71 -51.10
N PRO P 26 34.08 -86.51 -51.33
CA PRO P 26 33.20 -85.97 -50.28
C PRO P 26 33.35 -86.70 -48.96
N GLY P 27 33.62 -85.96 -47.89
CA GLY P 27 33.75 -86.57 -46.57
C GLY P 27 35.11 -87.18 -46.24
N SER P 28 36.04 -87.12 -47.18
CA SER P 28 37.35 -87.69 -46.92
C SER P 28 38.11 -86.94 -45.82
N TRP P 29 37.97 -85.62 -45.80
CA TRP P 29 38.64 -84.81 -44.77
C TRP P 29 38.14 -85.19 -43.37
N PHE P 30 36.83 -85.41 -43.22
CA PHE P 30 36.28 -85.81 -41.94
C PHE P 30 36.94 -87.13 -41.51
N ASP P 31 36.91 -88.12 -42.38
CA ASP P 31 37.53 -89.41 -42.09
C ASP P 31 38.99 -89.25 -41.67
N HIS P 32 39.72 -88.38 -42.36
CA HIS P 32 41.11 -88.17 -42.01
C HIS P 32 41.26 -87.59 -40.59
N THR P 33 40.48 -86.58 -40.24
CA THR P 33 40.62 -85.99 -38.91
C THR P 33 40.16 -86.99 -37.85
N SER P 34 39.21 -87.86 -38.19
CA SER P 34 38.77 -88.88 -37.25
C SER P 34 40.00 -89.73 -36.90
N GLY P 35 40.81 -90.01 -37.92
CA GLY P 35 42.02 -90.79 -37.71
C GLY P 35 42.98 -90.10 -36.78
N VAL P 36 43.24 -88.81 -37.03
CA VAL P 36 44.15 -88.06 -36.18
C VAL P 36 43.68 -88.06 -34.71
N LEU P 37 42.38 -87.91 -34.50
CA LEU P 37 41.86 -87.88 -33.14
C LEU P 37 41.98 -89.22 -32.44
N GLU P 38 41.79 -90.31 -33.18
CA GLU P 38 41.89 -91.64 -32.60
C GLU P 38 43.32 -91.96 -32.17
N SER P 39 44.29 -91.35 -32.83
CA SER P 39 45.70 -91.60 -32.51
C SER P 39 46.20 -90.79 -31.33
N VAL P 40 45.31 -90.06 -30.66
CA VAL P 40 45.70 -89.25 -29.52
C VAL P 40 45.96 -90.13 -28.27
N GLU P 41 46.93 -89.70 -27.46
CA GLU P 41 47.33 -90.41 -26.25
C GLU P 41 46.30 -90.74 -25.18
N ASP P 42 45.01 -90.54 -25.44
CA ASP P 42 43.98 -90.83 -24.42
C ASP P 42 44.17 -89.88 -23.24
N GLY P 43 43.08 -89.25 -22.81
CA GLY P 43 43.16 -88.33 -21.70
C GLY P 43 43.79 -87.02 -22.13
N THR P 44 44.25 -86.98 -23.39
CA THR P 44 44.87 -85.79 -23.95
C THR P 44 43.79 -84.82 -24.41
N PRO P 45 43.87 -83.55 -23.97
CA PRO P 45 42.88 -82.53 -24.35
C PRO P 45 42.88 -82.32 -25.87
N VAL P 46 41.71 -82.34 -26.49
CA VAL P 46 41.64 -82.12 -27.94
C VAL P 46 40.76 -80.95 -28.34
N LEU P 47 39.79 -80.59 -27.49
CA LEU P 47 38.87 -79.51 -27.82
C LEU P 47 38.52 -78.64 -26.62
N ALA P 48 38.56 -77.32 -26.82
CA ALA P 48 38.22 -76.36 -25.76
C ALA P 48 37.14 -75.44 -26.32
N ILE P 49 36.07 -75.23 -25.54
CA ILE P 49 34.98 -74.39 -25.99
C ILE P 49 34.48 -73.51 -24.84
N GLY P 50 34.08 -72.29 -25.14
CA GLY P 50 33.63 -71.39 -24.10
C GLY P 50 32.23 -71.56 -23.52
N VAL P 51 32.13 -71.43 -22.20
CA VAL P 51 30.83 -71.53 -21.54
C VAL P 51 30.33 -70.11 -21.34
N GLU P 52 29.08 -69.97 -20.89
CA GLU P 52 28.45 -68.66 -20.72
C GLU P 52 29.30 -67.54 -20.15
N SER P 53 30.01 -67.83 -19.06
CA SER P 53 30.87 -66.83 -18.40
C SER P 53 32.05 -66.34 -19.22
N GLY P 54 32.52 -67.15 -20.16
CA GLY P 54 33.68 -66.76 -20.95
C GLY P 54 34.83 -67.71 -20.69
N ASP P 55 34.70 -68.51 -19.63
CA ASP P 55 35.69 -69.51 -19.30
C ASP P 55 35.51 -70.62 -20.32
N ALA P 56 36.40 -71.61 -20.30
CA ALA P 56 36.31 -72.70 -21.25
C ALA P 56 36.39 -74.08 -20.60
N ILE P 57 35.67 -75.05 -21.18
CA ILE P 57 35.70 -76.41 -20.69
C ILE P 57 36.46 -77.21 -21.75
N VAL P 58 37.08 -78.31 -21.34
CA VAL P 58 37.90 -79.12 -22.23
C VAL P 58 37.45 -80.57 -22.36
N PHE P 59 37.59 -81.14 -23.55
CA PHE P 59 37.20 -82.53 -23.77
C PHE P 59 38.32 -83.37 -24.36
N ASP P 60 38.23 -84.69 -24.18
CA ASP P 60 39.20 -85.61 -24.75
C ASP P 60 38.59 -86.17 -26.03
N LYS P 61 39.35 -86.99 -26.74
CA LYS P 61 38.87 -87.57 -28.00
C LYS P 61 37.57 -88.35 -27.90
N ASN P 62 37.16 -88.70 -26.70
CA ASN P 62 35.93 -89.46 -26.52
C ASN P 62 34.78 -88.57 -26.03
N ALA P 63 34.91 -87.27 -26.24
CA ALA P 63 33.88 -86.34 -25.82
C ALA P 63 33.63 -86.41 -24.32
N GLN P 64 34.66 -86.80 -23.56
CA GLN P 64 34.52 -86.87 -22.11
C GLN P 64 35.22 -85.62 -21.58
N ARG P 65 34.56 -84.93 -20.66
CA ARG P 65 35.12 -83.71 -20.11
C ARG P 65 36.32 -83.94 -19.20
N ILE P 66 37.35 -83.12 -19.35
CA ILE P 66 38.56 -83.21 -18.54
C ILE P 66 38.52 -82.20 -17.41
N VAL P 67 38.59 -82.68 -16.18
CA VAL P 67 38.53 -81.80 -15.01
C VAL P 67 39.90 -81.38 -14.46
N ALA P 68 40.90 -82.24 -14.61
CA ALA P 68 42.24 -81.91 -14.12
C ALA P 68 43.31 -82.37 -15.10
N TYR P 69 44.27 -81.50 -15.37
CA TYR P 69 45.34 -81.82 -16.31
C TYR P 69 46.52 -80.89 -16.06
N LYS P 70 47.63 -81.45 -15.62
CA LYS P 70 48.83 -80.69 -15.33
C LYS P 70 49.46 -80.05 -16.56
N GLU P 71 49.96 -78.83 -16.36
CA GLU P 71 50.60 -78.08 -17.43
C GLU P 71 51.48 -78.94 -18.33
N LYS P 72 51.34 -78.75 -19.63
CA LYS P 72 52.12 -79.48 -20.62
C LYS P 72 52.28 -78.60 -21.85
N SER P 73 53.52 -78.49 -22.34
CA SER P 73 53.80 -77.66 -23.50
C SER P 73 54.21 -78.45 -24.73
N VAL P 74 54.08 -77.81 -25.89
CA VAL P 74 54.42 -78.42 -27.17
C VAL P 74 54.97 -77.34 -28.11
N LYS P 75 56.13 -77.60 -28.68
CA LYS P 75 56.74 -76.64 -29.59
C LYS P 75 56.54 -77.06 -31.04
N ALA P 76 56.03 -76.14 -31.84
CA ALA P 76 55.79 -76.40 -33.25
C ALA P 76 56.99 -75.99 -34.09
N GLU P 77 56.93 -76.23 -35.39
CA GLU P 77 58.03 -75.85 -36.28
C GLU P 77 58.09 -74.34 -36.32
N ASP P 78 56.96 -73.72 -36.04
CA ASP P 78 56.84 -72.26 -36.02
C ASP P 78 57.78 -71.71 -34.95
N GLY P 79 58.22 -72.58 -34.05
CA GLY P 79 59.09 -72.15 -32.98
C GLY P 79 58.24 -71.75 -31.79
N SER P 80 56.97 -71.51 -32.08
CA SER P 80 56.00 -71.12 -31.06
C SER P 80 55.63 -72.33 -30.20
N VAL P 81 55.17 -72.07 -28.98
CA VAL P 81 54.79 -73.18 -28.10
C VAL P 81 53.37 -73.00 -27.59
N SER P 82 52.64 -74.11 -27.50
CA SER P 82 51.28 -74.09 -27.00
C SER P 82 51.29 -74.78 -25.64
N VAL P 83 50.46 -74.29 -24.73
CA VAL P 83 50.40 -74.88 -23.40
C VAL P 83 48.95 -75.17 -23.03
N VAL P 84 48.72 -76.28 -22.36
CA VAL P 84 47.38 -76.65 -21.94
C VAL P 84 47.41 -77.04 -20.46
N GLN P 85 46.45 -76.53 -19.70
CA GLN P 85 46.36 -76.83 -18.29
C GLN P 85 44.93 -76.71 -17.84
N VAL P 86 44.39 -77.78 -17.27
CA VAL P 86 43.02 -77.77 -16.79
C VAL P 86 43.02 -77.91 -15.28
N GLU P 87 42.27 -77.05 -14.61
CA GLU P 87 42.21 -77.09 -13.16
C GLU P 87 40.79 -76.85 -12.68
N ASN P 88 40.30 -77.77 -11.85
CA ASN P 88 38.97 -77.66 -11.28
C ASN P 88 37.88 -77.61 -12.35
N GLY P 89 38.09 -78.33 -13.44
CA GLY P 89 37.11 -78.37 -14.50
C GLY P 89 37.15 -77.27 -15.54
N PHE P 90 38.08 -76.33 -15.39
CA PHE P 90 38.20 -75.24 -16.36
C PHE P 90 39.62 -75.02 -16.85
N MET P 91 39.74 -74.61 -18.10
CA MET P 91 41.04 -74.35 -18.71
C MET P 91 41.75 -73.23 -17.98
N LYS P 92 43.00 -73.47 -17.59
CA LYS P 92 43.80 -72.48 -16.88
C LYS P 92 44.82 -71.91 -17.84
N GLN P 93 45.21 -72.72 -18.83
CA GLN P 93 46.15 -72.30 -19.85
C GLN P 93 45.75 -72.98 -21.15
N GLY P 94 45.82 -72.23 -22.24
CA GLY P 94 45.45 -72.76 -23.54
C GLY P 94 44.59 -71.76 -24.29
N HIS P 95 43.92 -72.23 -25.34
CA HIS P 95 43.06 -71.36 -26.14
C HIS P 95 41.80 -72.11 -26.53
N ARG P 96 40.81 -71.38 -27.01
CA ARG P 96 39.56 -72.01 -27.44
C ARG P 96 39.80 -72.66 -28.80
N GLY P 97 39.08 -73.73 -29.08
CA GLY P 97 39.25 -74.41 -30.37
C GLY P 97 39.93 -75.77 -30.23
N TRP P 98 40.39 -76.31 -31.36
CA TRP P 98 41.07 -77.60 -31.35
C TRP P 98 42.46 -77.46 -30.71
N LEU P 99 42.74 -78.34 -29.75
CA LEU P 99 44.02 -78.31 -29.03
C LEU P 99 45.03 -79.25 -29.64
N VAL P 100 44.66 -79.84 -30.76
CA VAL P 100 45.52 -80.77 -31.49
C VAL P 100 45.47 -80.37 -32.95
N ASP P 101 46.58 -80.51 -33.67
CA ASP P 101 46.63 -80.14 -35.07
C ASP P 101 45.93 -81.15 -35.97
N LEU P 102 44.89 -80.70 -36.66
CA LEU P 102 44.11 -81.55 -37.56
C LEU P 102 44.35 -81.18 -39.02
N THR P 103 44.76 -79.94 -39.25
CA THR P 103 44.96 -79.43 -40.59
C THR P 103 46.39 -79.40 -41.16
N GLY P 104 47.40 -79.47 -40.29
CA GLY P 104 48.75 -79.41 -40.78
C GLY P 104 48.93 -78.03 -41.38
N GLU P 105 49.58 -77.92 -42.55
CA GLU P 105 49.75 -76.61 -43.15
C GLU P 105 48.71 -76.36 -44.22
N LEU P 106 47.74 -77.25 -44.30
CA LEU P 106 46.66 -77.10 -45.27
C LEU P 106 45.56 -76.31 -44.57
N VAL P 107 45.70 -74.98 -44.56
CA VAL P 107 44.72 -74.12 -43.90
C VAL P 107 43.94 -73.28 -44.90
N GLY P 108 42.81 -72.74 -44.45
CA GLY P 108 41.98 -71.91 -45.30
C GLY P 108 41.10 -72.67 -46.26
N CYS P 109 40.71 -73.90 -45.91
CA CYS P 109 39.87 -74.70 -46.78
C CYS P 109 38.43 -74.79 -46.29
N SER P 110 37.57 -75.27 -47.19
CA SER P 110 36.16 -75.52 -46.93
C SER P 110 36.03 -76.96 -47.44
N PRO P 111 36.57 -77.93 -46.70
CA PRO P 111 36.54 -79.35 -47.05
C PRO P 111 35.17 -79.83 -47.46
N VAL P 112 35.06 -80.45 -48.63
CA VAL P 112 33.77 -80.94 -49.09
C VAL P 112 33.28 -81.98 -48.08
N VAL P 113 32.05 -81.81 -47.61
CA VAL P 113 31.47 -82.69 -46.61
C VAL P 113 30.56 -83.74 -47.21
N ALA P 114 29.96 -83.40 -48.35
CA ALA P 114 29.04 -84.32 -49.01
C ALA P 114 28.62 -83.80 -50.37
N GLU P 115 27.91 -84.66 -51.10
CA GLU P 115 27.40 -84.31 -52.40
C GLU P 115 25.96 -84.78 -52.47
N PHE P 116 25.09 -83.96 -53.04
CA PHE P 116 23.68 -84.31 -53.12
C PHE P 116 23.02 -83.55 -54.25
N GLY P 117 22.11 -84.21 -54.96
CA GLY P 117 21.40 -83.57 -56.06
C GLY P 117 22.31 -82.93 -57.09
N GLY P 118 23.54 -83.40 -57.18
CA GLY P 118 24.46 -82.85 -58.17
C GLY P 118 25.28 -81.66 -57.68
N HIS P 119 25.23 -81.38 -56.38
CA HIS P 119 25.98 -80.26 -55.83
C HIS P 119 26.87 -80.68 -54.68
N ARG P 120 28.04 -80.06 -54.58
CA ARG P 120 28.96 -80.34 -53.50
C ARG P 120 28.67 -79.34 -52.38
N TYR P 121 28.68 -79.81 -51.14
CA TYR P 121 28.42 -78.97 -49.98
C TYR P 121 29.66 -78.91 -49.11
N ALA P 122 29.91 -77.73 -48.55
CA ALA P 122 31.09 -77.52 -47.71
C ALA P 122 30.86 -77.81 -46.24
N SER P 123 31.95 -78.15 -45.55
CA SER P 123 31.88 -78.39 -44.12
C SER P 123 31.99 -77.01 -43.49
N GLY P 124 31.96 -76.92 -42.17
CA GLY P 124 32.03 -75.63 -41.50
C GLY P 124 30.62 -75.31 -41.04
N MET P 125 30.31 -74.03 -40.86
CA MET P 125 28.95 -73.71 -40.42
C MET P 125 28.05 -73.15 -41.50
N VAL P 126 26.82 -73.65 -41.50
CA VAL P 126 25.80 -73.23 -42.45
C VAL P 126 24.64 -72.63 -41.69
N ILE P 127 24.34 -71.37 -41.95
CA ILE P 127 23.21 -70.74 -41.28
C ILE P 127 22.04 -70.73 -42.23
N VAL P 128 20.92 -71.25 -41.75
CA VAL P 128 19.70 -71.29 -42.53
C VAL P 128 18.80 -70.20 -41.95
N THR P 129 18.54 -69.18 -42.76
CA THR P 129 17.74 -68.07 -42.28
C THR P 129 16.87 -67.46 -43.37
N GLY P 130 16.46 -66.22 -43.16
CA GLY P 130 15.61 -65.51 -44.10
C GLY P 130 14.32 -65.13 -43.41
N LYS P 131 13.60 -64.17 -43.97
CA LYS P 131 12.34 -63.76 -43.35
C LYS P 131 11.25 -64.11 -44.32
N GLY P 132 10.30 -64.94 -43.88
CA GLY P 132 9.22 -65.32 -44.75
C GLY P 132 8.39 -66.47 -44.22
N ASN P 133 7.62 -67.09 -45.11
CA ASN P 133 6.76 -68.20 -44.73
C ASN P 133 7.50 -69.54 -44.63
N SER P 134 8.48 -69.75 -45.49
CA SER P 134 9.24 -71.00 -45.48
C SER P 134 9.86 -71.26 -44.10
N GLY P 135 9.54 -72.42 -43.52
CA GLY P 135 10.03 -72.78 -42.21
C GLY P 135 11.46 -73.30 -42.19
N LYS P 136 12.26 -72.82 -41.25
CA LYS P 136 13.66 -73.25 -41.15
C LYS P 136 13.84 -74.63 -40.56
N THR P 137 13.01 -74.99 -39.59
CA THR P 137 13.13 -76.29 -38.95
C THR P 137 12.99 -77.46 -39.92
N PRO P 138 11.96 -77.47 -40.79
CA PRO P 138 11.85 -78.59 -41.73
C PRO P 138 13.04 -78.64 -42.70
N LEU P 139 13.56 -77.46 -43.07
CA LEU P 139 14.67 -77.39 -44.00
C LEU P 139 15.97 -77.93 -43.40
N VAL P 140 16.28 -77.57 -42.15
CA VAL P 140 17.52 -78.07 -41.57
C VAL P 140 17.50 -79.59 -41.42
N HIS P 141 16.33 -80.16 -41.09
CA HIS P 141 16.24 -81.59 -40.93
C HIS P 141 16.35 -82.30 -42.28
N ALA P 142 15.81 -81.71 -43.32
CA ALA P 142 15.88 -82.31 -44.66
C ALA P 142 17.32 -82.25 -45.16
N LEU P 143 17.99 -81.14 -44.89
CA LEU P 143 19.36 -80.99 -45.33
C LEU P 143 20.27 -81.91 -44.51
N GLY P 144 19.90 -82.14 -43.26
CA GLY P 144 20.69 -83.02 -42.41
C GLY P 144 20.67 -84.44 -42.94
N GLU P 145 19.49 -84.92 -43.26
CA GLU P 145 19.31 -86.27 -43.79
C GLU P 145 19.98 -86.42 -45.15
N ALA P 146 19.83 -85.40 -46.00
CA ALA P 146 20.42 -85.46 -47.34
C ALA P 146 21.96 -85.49 -47.32
N LEU P 147 22.56 -84.59 -46.56
CA LEU P 147 24.03 -84.57 -46.49
C LEU P 147 24.52 -85.76 -45.66
N GLY P 148 23.67 -86.29 -44.79
CA GLY P 148 24.07 -87.43 -43.98
C GLY P 148 24.32 -88.61 -44.90
N GLY P 149 23.47 -88.74 -45.93
CA GLY P 149 23.59 -89.82 -46.88
C GLY P 149 23.41 -91.20 -46.27
N LYS P 150 24.52 -91.93 -46.18
CA LYS P 150 24.51 -93.28 -45.61
C LYS P 150 24.52 -93.21 -44.09
N ASP P 151 24.99 -92.10 -43.55
CA ASP P 151 25.07 -91.92 -42.10
C ASP P 151 23.91 -91.11 -41.53
N LYS P 152 23.64 -91.33 -40.25
CA LYS P 152 22.59 -90.59 -39.57
C LYS P 152 23.17 -89.22 -39.23
N TYR P 153 22.31 -88.23 -39.02
CA TYR P 153 22.82 -86.91 -38.65
C TYR P 153 22.47 -86.69 -37.19
N ALA P 154 23.27 -85.88 -36.51
CA ALA P 154 23.04 -85.58 -35.09
C ALA P 154 22.24 -84.29 -34.93
N THR P 155 21.30 -84.29 -33.99
CA THR P 155 20.47 -83.12 -33.73
C THR P 155 20.66 -82.52 -32.34
N VAL P 156 21.08 -81.25 -32.32
CA VAL P 156 21.27 -80.53 -31.06
C VAL P 156 20.07 -79.59 -30.93
N ARG P 157 19.28 -79.74 -29.86
CA ARG P 157 18.11 -78.89 -29.66
C ARG P 157 18.36 -77.82 -28.58
N PHE P 158 17.97 -76.58 -28.85
CA PHE P 158 18.21 -75.51 -27.89
C PHE P 158 17.26 -74.31 -27.98
N GLY P 159 16.84 -73.84 -26.79
CA GLY P 159 15.99 -72.68 -26.64
C GLY P 159 14.64 -72.51 -27.34
N GLU P 160 13.83 -73.54 -27.35
CA GLU P 160 12.53 -73.46 -27.98
C GLU P 160 11.51 -73.90 -26.92
N PRO P 161 10.33 -73.26 -26.89
CA PRO P 161 9.32 -73.63 -25.89
C PRO P 161 8.56 -74.92 -26.20
N LEU P 162 9.29 -75.98 -26.44
CA LEU P 162 8.74 -77.29 -26.75
C LEU P 162 9.27 -78.33 -25.74
N SER P 163 8.61 -79.48 -25.66
CA SER P 163 9.02 -80.51 -24.72
C SER P 163 10.43 -81.04 -24.97
N GLY P 164 11.16 -81.31 -23.89
CA GLY P 164 12.51 -81.85 -23.97
C GLY P 164 13.60 -80.94 -24.46
N TYR P 165 13.29 -79.67 -24.68
CA TYR P 165 14.30 -78.73 -25.16
C TYR P 165 15.16 -78.16 -24.03
N ASN P 166 16.48 -78.29 -24.17
CA ASN P 166 17.39 -77.72 -23.18
C ASN P 166 17.42 -76.21 -23.43
N THR P 167 17.48 -75.43 -22.36
CA THR P 167 17.53 -73.98 -22.51
C THR P 167 18.72 -73.37 -21.77
N ASP P 168 19.59 -74.23 -21.24
CA ASP P 168 20.78 -73.80 -20.51
C ASP P 168 21.97 -73.79 -21.47
N PHE P 169 22.55 -72.61 -21.68
CA PHE P 169 23.68 -72.45 -22.60
C PHE P 169 24.84 -73.42 -22.35
N ASN P 170 25.20 -73.65 -21.10
CA ASN P 170 26.31 -74.56 -20.83
C ASN P 170 26.07 -76.00 -21.24
N VAL P 171 24.82 -76.46 -21.17
CA VAL P 171 24.50 -77.82 -21.60
C VAL P 171 24.59 -77.81 -23.12
N PHE P 172 24.27 -76.66 -23.71
CA PHE P 172 24.29 -76.49 -25.15
C PHE P 172 25.70 -76.65 -25.76
N VAL P 173 26.70 -75.98 -25.19
CA VAL P 173 28.05 -76.10 -25.72
C VAL P 173 28.58 -77.50 -25.50
N ASP P 174 28.04 -78.17 -24.49
CA ASP P 174 28.45 -79.53 -24.20
C ASP P 174 27.94 -80.44 -25.33
N ASP P 175 26.68 -80.25 -25.72
CA ASP P 175 26.10 -81.04 -26.80
C ASP P 175 26.84 -80.77 -28.11
N ILE P 176 27.23 -79.52 -28.34
CA ILE P 176 27.93 -79.18 -29.57
C ILE P 176 29.31 -79.79 -29.67
N ALA P 177 30.07 -79.71 -28.58
CA ALA P 177 31.41 -80.28 -28.57
C ALA P 177 31.34 -81.79 -28.86
N ARG P 178 30.43 -82.48 -28.19
CA ARG P 178 30.29 -83.91 -28.40
C ARG P 178 29.89 -84.22 -29.84
N ALA P 179 28.98 -83.42 -30.39
CA ALA P 179 28.53 -83.65 -31.75
C ALA P 179 29.65 -83.50 -32.77
N MET P 180 30.48 -82.48 -32.63
CA MET P 180 31.57 -82.27 -33.58
C MET P 180 32.67 -83.32 -33.43
N LEU P 181 32.81 -83.86 -32.23
CA LEU P 181 33.82 -84.88 -32.00
C LEU P 181 33.38 -86.22 -32.56
N GLN P 182 32.07 -86.43 -32.67
CA GLN P 182 31.56 -87.73 -33.11
C GLN P 182 30.74 -87.85 -34.39
N HIS P 183 30.36 -86.74 -35.02
CA HIS P 183 29.56 -86.85 -36.23
C HIS P 183 29.92 -85.88 -37.33
N ARG P 184 29.66 -86.29 -38.57
CA ARG P 184 29.99 -85.50 -39.76
C ARG P 184 28.92 -84.45 -40.08
N VAL P 185 27.67 -84.80 -39.84
CA VAL P 185 26.54 -83.91 -40.14
C VAL P 185 25.76 -83.60 -38.86
N ILE P 186 25.75 -82.33 -38.50
CA ILE P 186 25.08 -81.86 -37.29
C ILE P 186 24.05 -80.77 -37.56
N VAL P 187 22.91 -80.88 -36.89
CA VAL P 187 21.84 -79.90 -37.01
C VAL P 187 21.64 -79.24 -35.65
N ILE P 188 21.61 -77.90 -35.64
CA ILE P 188 21.39 -77.15 -34.42
C ILE P 188 20.05 -76.45 -34.61
N ASP P 189 19.03 -76.85 -33.86
CA ASP P 189 17.78 -76.16 -34.06
C ASP P 189 17.62 -75.05 -33.06
N SER P 190 17.78 -73.86 -33.63
CA SER P 190 17.65 -72.56 -33.00
C SER P 190 18.92 -71.96 -32.45
N LEU P 191 19.47 -71.01 -33.20
CA LEU P 191 20.63 -70.27 -32.77
C LEU P 191 20.05 -69.05 -32.06
N LYS P 192 18.73 -69.09 -31.85
CA LYS P 192 18.03 -68.02 -31.15
C LYS P 192 18.64 -67.97 -29.75
N ASN P 193 18.29 -67.00 -28.94
CA ASN P 193 18.87 -66.88 -27.59
C ASN P 193 20.32 -66.46 -27.78
N VAL P 194 21.14 -67.34 -28.34
CA VAL P 194 22.53 -66.99 -28.62
C VAL P 194 22.35 -65.98 -29.76
N ILE P 195 23.30 -65.08 -29.97
CA ILE P 195 23.13 -64.09 -31.04
C ILE P 195 21.79 -63.39 -30.77
N ILE P 207 24.82 -59.55 -25.07
CA ILE P 207 25.11 -60.95 -25.33
C ILE P 207 26.25 -61.41 -24.42
N SER P 208 26.12 -62.62 -23.88
CA SER P 208 27.14 -63.19 -22.99
C SER P 208 28.45 -63.47 -23.73
N ARG P 209 29.54 -63.56 -22.98
CA ARG P 209 30.84 -63.84 -23.57
C ARG P 209 30.83 -65.21 -24.25
N GLY P 210 30.15 -66.17 -23.63
CA GLY P 210 30.09 -67.50 -24.22
C GLY P 210 29.38 -67.49 -25.57
N ALA P 211 28.25 -66.81 -25.65
CA ALA P 211 27.50 -66.73 -26.89
C ALA P 211 28.34 -66.09 -27.98
N PHE P 212 29.06 -65.03 -27.62
CA PHE P 212 29.91 -64.32 -28.57
C PHE P 212 31.06 -65.22 -29.05
N ASP P 213 31.68 -65.95 -28.12
CA ASP P 213 32.77 -66.84 -28.47
C ASP P 213 32.29 -67.94 -29.43
N LEU P 214 31.13 -68.53 -29.10
CA LEU P 214 30.55 -69.59 -29.91
C LEU P 214 30.33 -69.13 -31.35
N LEU P 215 29.70 -67.97 -31.49
CA LEU P 215 29.43 -67.42 -32.80
C LEU P 215 30.66 -67.21 -33.66
N SER P 216 31.78 -66.86 -33.03
CA SER P 216 33.00 -66.63 -33.79
C SER P 216 33.98 -67.79 -33.84
N ASP P 217 33.67 -68.87 -33.12
CA ASP P 217 34.56 -70.04 -33.11
C ASP P 217 34.03 -71.25 -33.90
N ILE P 218 32.74 -71.50 -33.78
CA ILE P 218 32.14 -72.67 -34.39
C ILE P 218 32.42 -72.96 -35.85
N GLY P 219 32.44 -71.94 -36.69
CA GLY P 219 32.71 -72.17 -38.11
C GLY P 219 34.10 -72.74 -38.36
N ALA P 220 35.11 -72.16 -37.73
CA ALA P 220 36.48 -72.64 -37.88
C ALA P 220 36.65 -74.03 -37.27
N MET P 221 35.98 -74.27 -36.14
CA MET P 221 36.08 -75.57 -35.50
C MET P 221 35.55 -76.64 -36.44
N ALA P 222 34.36 -76.39 -37.00
CA ALA P 222 33.73 -77.33 -37.90
C ALA P 222 34.52 -77.57 -39.20
N ALA P 223 34.97 -76.49 -39.82
CA ALA P 223 35.73 -76.60 -41.06
C ALA P 223 37.04 -77.37 -40.84
N SER P 224 37.63 -77.19 -39.66
CA SER P 224 38.86 -77.89 -39.35
C SER P 224 38.63 -79.39 -39.21
N ARG P 225 37.51 -79.76 -38.62
CA ARG P 225 37.18 -81.18 -38.42
C ARG P 225 36.69 -81.81 -39.72
N GLY P 226 36.01 -81.02 -40.55
CA GLY P 226 35.49 -81.55 -41.79
C GLY P 226 34.03 -81.95 -41.61
N CYS P 227 33.40 -81.46 -40.55
CA CYS P 227 31.99 -81.74 -40.30
C CYS P 227 31.20 -80.49 -40.66
N VAL P 228 29.89 -80.65 -40.85
CA VAL P 228 29.05 -79.51 -41.17
C VAL P 228 27.99 -79.28 -40.09
N VAL P 229 27.88 -78.03 -39.65
CA VAL P 229 26.90 -77.65 -38.63
C VAL P 229 25.83 -76.82 -39.32
N ILE P 230 24.61 -77.35 -39.36
CA ILE P 230 23.47 -76.71 -40.01
C ILE P 230 22.59 -76.09 -38.94
N ALA P 231 22.65 -74.76 -38.81
CA ALA P 231 21.90 -74.04 -37.78
C ALA P 231 20.78 -73.12 -38.26
N SER P 232 19.60 -73.27 -37.69
CA SER P 232 18.49 -72.42 -38.06
C SER P 232 18.55 -71.14 -37.23
N LEU P 233 18.21 -70.03 -37.87
CA LEU P 233 18.23 -68.73 -37.22
C LEU P 233 17.12 -67.84 -37.78
N ASN P 234 16.10 -67.58 -36.98
CA ASN P 234 15.01 -66.72 -37.42
C ASN P 234 15.31 -65.26 -37.11
N PRO P 235 15.26 -64.39 -38.13
CA PRO P 235 15.52 -62.97 -37.92
C PRO P 235 14.32 -62.36 -37.21
N THR P 236 13.85 -63.10 -36.20
CA THR P 236 12.70 -62.72 -35.39
C THR P 236 12.57 -61.22 -35.16
N SER P 237 13.11 -60.75 -34.03
CA SER P 237 13.05 -59.35 -33.68
C SER P 237 13.48 -58.45 -34.84
N ASN P 238 12.69 -57.43 -35.11
CA ASN P 238 12.99 -56.48 -36.17
C ASN P 238 13.70 -55.28 -35.55
N ASP P 239 14.42 -55.55 -34.47
CA ASP P 239 15.19 -54.54 -33.75
C ASP P 239 16.55 -54.42 -34.43
N ASP P 240 16.73 -53.32 -35.17
CA ASP P 240 17.96 -53.07 -35.93
C ASP P 240 19.30 -53.33 -35.24
N LYS P 241 19.30 -53.57 -33.93
CA LYS P 241 20.57 -53.84 -33.25
C LYS P 241 20.94 -55.31 -33.37
N ILE P 242 19.94 -56.18 -33.46
CA ILE P 242 20.20 -57.61 -33.61
C ILE P 242 19.93 -58.06 -35.04
N VAL P 243 19.19 -57.24 -35.80
CA VAL P 243 18.91 -57.55 -37.20
C VAL P 243 20.24 -57.44 -37.94
N GLU P 244 21.11 -56.59 -37.42
CA GLU P 244 22.42 -56.39 -38.01
C GLU P 244 23.36 -57.47 -37.48
N LEU P 245 23.02 -58.03 -36.32
CA LEU P 245 23.82 -59.09 -35.71
C LEU P 245 23.53 -60.39 -36.46
N VAL P 246 22.37 -60.44 -37.11
CA VAL P 246 21.97 -61.61 -37.88
C VAL P 246 22.63 -61.54 -39.26
N LYS P 247 22.64 -60.34 -39.84
CA LYS P 247 23.27 -60.15 -41.13
C LYS P 247 24.79 -60.27 -41.03
N GLU P 248 25.31 -60.03 -39.85
CA GLU P 248 26.74 -60.12 -39.60
C GLU P 248 27.12 -61.57 -39.42
N ALA P 249 26.37 -62.26 -38.57
CA ALA P 249 26.63 -63.67 -38.31
C ALA P 249 26.56 -64.42 -39.64
N SER P 250 25.54 -64.11 -40.42
CA SER P 250 25.36 -64.77 -41.71
C SER P 250 26.48 -64.41 -42.69
N ARG P 251 26.83 -63.14 -42.72
CA ARG P 251 27.85 -62.66 -43.64
C ARG P 251 29.27 -63.13 -43.32
N SER P 252 29.72 -62.89 -42.09
CA SER P 252 31.07 -63.20 -41.70
C SER P 252 31.39 -64.42 -40.85
N ASN P 253 30.39 -64.99 -40.18
CA ASN P 253 30.66 -66.13 -39.33
C ASN P 253 30.21 -67.47 -39.90
N SER P 254 29.68 -67.44 -41.12
CA SER P 254 29.21 -68.67 -41.77
C SER P 254 30.08 -69.08 -42.95
N THR P 255 30.24 -70.38 -43.13
CA THR P 255 31.03 -70.90 -44.23
C THR P 255 30.09 -70.91 -45.43
N SER P 256 28.83 -71.21 -45.18
CA SER P 256 27.81 -71.25 -46.21
C SER P 256 26.54 -70.64 -45.65
N LEU P 257 25.69 -70.16 -46.54
CA LEU P 257 24.44 -69.54 -46.16
C LEU P 257 23.30 -70.13 -46.98
N VAL P 258 22.17 -70.41 -46.34
CA VAL P 258 20.99 -70.94 -47.02
C VAL P 258 19.84 -69.99 -46.65
N ILE P 259 19.35 -69.23 -47.63
CA ILE P 259 18.29 -68.27 -47.36
C ILE P 259 17.05 -68.50 -48.20
N SER P 260 15.89 -68.24 -47.60
CA SER P 260 14.62 -68.40 -48.30
C SER P 260 14.43 -67.28 -49.33
N THR P 261 13.60 -67.53 -50.33
CA THR P 261 13.34 -66.53 -51.35
C THR P 261 11.87 -66.14 -51.31
N ASP P 262 11.44 -65.33 -52.27
CA ASP P 262 10.05 -64.89 -52.33
C ASP P 262 9.12 -65.93 -52.94
N VAL P 263 9.70 -67.03 -53.41
CA VAL P 263 8.91 -68.12 -53.99
C VAL P 263 8.84 -69.23 -52.95
N ASP P 264 7.62 -69.67 -52.63
CA ASP P 264 7.42 -70.71 -51.64
C ASP P 264 8.14 -72.02 -51.91
N GLY P 265 8.87 -72.48 -50.89
CA GLY P 265 9.61 -73.73 -50.98
C GLY P 265 10.98 -73.61 -51.62
N GLU P 266 11.31 -72.45 -52.15
CA GLU P 266 12.59 -72.25 -52.81
C GLU P 266 13.63 -71.61 -51.90
N TRP P 267 14.85 -72.14 -51.95
CA TRP P 267 15.95 -71.62 -51.12
C TRP P 267 17.19 -71.39 -51.96
N GLN P 268 18.03 -70.47 -51.50
CA GLN P 268 19.25 -70.14 -52.20
C GLN P 268 20.44 -70.52 -51.33
N VAL P 269 21.40 -71.24 -51.91
CA VAL P 269 22.58 -71.67 -51.17
C VAL P 269 23.81 -70.89 -51.65
N LEU P 270 24.47 -70.20 -50.71
CA LEU P 270 25.65 -69.42 -51.03
C LEU P 270 26.79 -70.08 -50.26
N THR P 271 27.82 -70.54 -50.95
CA THR P 271 28.90 -71.21 -50.24
C THR P 271 30.31 -70.69 -50.55
N ARG P 272 31.10 -70.53 -49.49
CA ARG P 272 32.48 -70.05 -49.60
C ARG P 272 33.33 -71.30 -49.83
N THR P 273 33.93 -71.40 -51.01
CA THR P 273 34.72 -72.57 -51.36
C THR P 273 36.13 -72.61 -50.79
N GLY P 274 36.57 -71.51 -50.18
CA GLY P 274 37.90 -71.48 -49.60
C GLY P 274 38.48 -70.10 -49.47
N GLU P 275 39.62 -70.03 -48.80
CA GLU P 275 40.33 -68.77 -48.58
C GLU P 275 40.64 -68.06 -49.88
N GLY P 276 40.04 -66.88 -50.08
CA GLY P 276 40.30 -66.12 -51.29
C GLY P 276 39.66 -66.67 -52.54
N LEU P 277 38.96 -67.79 -52.41
CA LEU P 277 38.30 -68.41 -53.56
C LEU P 277 36.91 -67.81 -53.81
N GLN P 278 36.28 -68.23 -54.91
CA GLN P 278 34.97 -67.72 -55.28
C GLN P 278 33.81 -68.25 -54.45
N ARG P 279 32.81 -67.40 -54.24
CA ARG P 279 31.63 -67.79 -53.48
C ARG P 279 30.64 -68.30 -54.54
N LEU P 280 30.19 -69.54 -54.38
CA LEU P 280 29.26 -70.14 -55.32
C LEU P 280 27.81 -70.08 -54.85
N THR P 281 26.89 -70.24 -55.79
CA THR P 281 25.47 -70.21 -55.48
C THR P 281 24.66 -71.14 -56.36
N HIS P 282 23.65 -71.78 -55.78
CA HIS P 282 22.74 -72.64 -56.51
C HIS P 282 21.39 -72.61 -55.80
N THR P 283 20.34 -73.09 -56.46
CA THR P 283 19.00 -73.06 -55.89
C THR P 283 18.45 -74.42 -55.50
N LEU P 284 17.53 -74.42 -54.56
CA LEU P 284 16.90 -75.65 -54.07
C LEU P 284 15.38 -75.54 -54.13
N GLN P 285 14.71 -76.61 -54.57
CA GLN P 285 13.25 -76.62 -54.63
C GLN P 285 12.84 -77.67 -53.60
N THR P 286 11.74 -77.42 -52.87
CA THR P 286 11.32 -78.37 -51.85
C THR P 286 9.82 -78.51 -51.77
N SER P 287 9.36 -79.57 -51.10
CA SER P 287 7.92 -79.79 -50.94
C SER P 287 7.65 -80.64 -49.69
N TYR P 288 6.48 -80.46 -49.10
CA TYR P 288 6.10 -81.19 -47.90
C TYR P 288 5.36 -82.50 -48.15
N GLY P 289 5.66 -83.48 -47.30
CA GLY P 289 5.01 -84.77 -47.39
C GLY P 289 4.05 -84.83 -46.21
N GLU P 290 3.96 -85.98 -45.55
CA GLU P 290 3.07 -86.11 -44.40
C GLU P 290 3.77 -85.67 -43.11
N HIS P 291 2.99 -85.15 -42.17
CA HIS P 291 3.51 -84.68 -40.88
C HIS P 291 4.59 -83.61 -41.04
N SER P 292 4.47 -82.80 -42.09
CA SER P 292 5.42 -81.74 -42.36
C SER P 292 6.85 -82.19 -42.65
N VAL P 293 7.03 -83.41 -43.13
CA VAL P 293 8.37 -83.89 -43.48
C VAL P 293 8.67 -83.24 -44.84
N LEU P 294 9.79 -82.54 -44.91
CA LEU P 294 10.19 -81.82 -46.12
C LEU P 294 11.15 -82.62 -46.97
N THR P 295 11.02 -82.49 -48.29
CA THR P 295 11.89 -83.18 -49.24
C THR P 295 12.56 -82.19 -50.18
N ILE P 296 13.86 -82.36 -50.39
CA ILE P 296 14.61 -81.48 -51.29
C ILE P 296 14.69 -82.18 -52.64
N HIS P 297 14.10 -81.58 -53.68
CA HIS P 297 14.12 -82.18 -55.00
C HIS P 297 15.52 -82.18 -55.60
N THR P 298 15.76 -83.12 -56.50
CA THR P 298 17.05 -83.24 -57.17
C THR P 298 16.82 -83.38 -58.67
N SER P 299 17.36 -82.44 -59.45
CA SER P 299 17.22 -82.45 -60.91
C SER P 299 17.35 -83.84 -61.52
N GLN P 306 27.67 -71.51 -59.66
CA GLN P 306 27.97 -70.26 -60.34
C GLN P 306 28.34 -69.19 -59.31
N ALA P 307 29.26 -68.31 -59.68
CA ALA P 307 29.72 -67.25 -58.78
C ALA P 307 28.74 -66.09 -58.59
N SER P 308 28.80 -65.47 -57.42
CA SER P 308 27.96 -64.33 -57.09
C SER P 308 28.83 -63.24 -56.45
N GLY P 309 28.92 -62.09 -57.13
CA GLY P 309 29.73 -60.99 -56.64
C GLY P 309 29.40 -60.58 -55.21
N LYS P 310 30.32 -59.85 -54.57
CA LYS P 310 30.11 -59.40 -53.20
C LYS P 310 28.95 -58.40 -53.13
N ALA P 311 28.68 -57.74 -54.25
CA ALA P 311 27.59 -56.77 -54.33
C ALA P 311 26.25 -57.52 -54.32
N ILE P 312 26.16 -58.56 -55.12
CA ILE P 312 24.95 -59.37 -55.22
C ILE P 312 24.72 -60.06 -53.87
N GLN P 313 25.81 -60.28 -53.15
CA GLN P 313 25.78 -60.94 -51.85
C GLN P 313 25.04 -60.11 -50.80
N THR P 314 25.34 -58.81 -50.72
CA THR P 314 24.68 -57.94 -49.74
C THR P 314 23.23 -57.67 -50.17
N VAL P 315 22.94 -57.84 -51.46
CA VAL P 315 21.58 -57.64 -51.95
C VAL P 315 20.74 -58.75 -51.35
N ILE P 316 21.39 -59.89 -51.08
CA ILE P 316 20.74 -61.05 -50.49
C ILE P 316 20.57 -60.79 -48.99
N LYS P 317 21.48 -60.02 -48.43
CA LYS P 317 21.48 -59.69 -47.01
C LYS P 317 20.33 -58.78 -46.56
N ASN P 318 20.02 -57.74 -47.34
CA ASN P 318 18.94 -56.85 -46.94
C ASN P 318 17.58 -57.55 -46.94
N ASP P 319 17.56 -58.83 -47.30
CA ASP P 319 16.33 -59.62 -47.30
C ASP P 319 15.96 -59.81 -45.83
N GLU P 320 17.00 -60.05 -45.02
CA GLU P 320 16.86 -60.27 -43.57
C GLU P 320 16.47 -58.97 -42.87
N LEU P 321 16.95 -57.85 -43.40
CA LEU P 321 16.64 -56.55 -42.83
C LEU P 321 15.12 -56.40 -42.84
N MET Q 1 60.28 -40.71 -25.30
CA MET Q 1 60.60 -39.56 -24.41
C MET Q 1 60.22 -38.25 -25.10
N ILE Q 2 60.47 -37.13 -24.43
CA ILE Q 2 60.16 -35.85 -25.02
C ILE Q 2 61.42 -35.30 -25.68
N HIS Q 3 61.25 -34.50 -26.72
CA HIS Q 3 62.37 -33.92 -27.46
C HIS Q 3 62.24 -32.40 -27.51
N LEU Q 4 63.37 -31.70 -27.47
CA LEU Q 4 63.36 -30.25 -27.53
C LEU Q 4 63.83 -29.81 -28.90
N TYR Q 5 63.35 -28.66 -29.37
CA TYR Q 5 63.73 -28.16 -30.69
C TYR Q 5 63.77 -26.66 -30.76
N ASP Q 6 64.46 -26.16 -31.78
CA ASP Q 6 64.53 -24.75 -32.11
C ASP Q 6 64.40 -24.82 -33.63
N ALA Q 7 64.30 -23.69 -34.31
CA ALA Q 7 64.16 -23.71 -35.75
C ALA Q 7 65.15 -24.63 -36.47
N LYS Q 8 66.42 -24.53 -36.10
CA LYS Q 8 67.47 -25.33 -36.73
C LYS Q 8 67.33 -26.84 -36.53
N SER Q 9 67.20 -27.27 -35.28
CA SER Q 9 67.08 -28.70 -35.00
C SER Q 9 65.79 -29.26 -35.60
N PHE Q 10 64.75 -28.45 -35.64
CA PHE Q 10 63.48 -28.90 -36.21
C PHE Q 10 63.63 -29.12 -37.71
N ALA Q 11 64.28 -28.18 -38.39
CA ALA Q 11 64.48 -28.29 -39.83
C ALA Q 11 65.29 -29.54 -40.17
N LYS Q 12 66.26 -29.89 -39.33
CA LYS Q 12 67.06 -31.08 -39.58
C LYS Q 12 66.19 -32.32 -39.45
N LEU Q 13 65.36 -32.34 -38.41
CA LEU Q 13 64.46 -33.47 -38.18
C LEU Q 13 63.58 -33.71 -39.41
N ARG Q 14 62.96 -32.64 -39.91
CA ARG Q 14 62.08 -32.78 -41.08
C ARG Q 14 62.83 -33.32 -42.28
N ALA Q 15 64.05 -32.84 -42.50
CA ALA Q 15 64.86 -33.32 -43.63
C ALA Q 15 65.14 -34.82 -43.46
N ALA Q 16 65.49 -35.22 -42.24
CA ALA Q 16 65.76 -36.64 -41.98
C ALA Q 16 64.52 -37.49 -42.20
N GLN Q 17 63.37 -37.03 -41.70
CA GLN Q 17 62.13 -37.78 -41.84
C GLN Q 17 61.82 -37.93 -43.32
N TYR Q 18 61.99 -36.85 -44.08
CA TYR Q 18 61.73 -36.86 -45.51
C TYR Q 18 62.60 -37.92 -46.19
N ALA Q 19 63.86 -37.99 -45.78
CA ALA Q 19 64.80 -38.95 -46.37
C ALA Q 19 64.45 -40.39 -46.01
N ALA Q 20 63.97 -40.60 -44.78
CA ALA Q 20 63.61 -41.93 -44.31
C ALA Q 20 62.59 -42.62 -45.23
N PHE Q 21 61.83 -41.83 -45.99
CA PHE Q 21 60.86 -42.42 -46.90
C PHE Q 21 61.25 -42.29 -48.37
N HIS Q 22 61.69 -41.10 -48.75
CA HIS Q 22 62.06 -40.81 -50.14
C HIS Q 22 63.43 -41.25 -50.69
N THR Q 23 64.48 -41.19 -49.87
CA THR Q 23 65.80 -41.55 -50.37
C THR Q 23 66.52 -42.75 -49.77
N ASP Q 24 66.27 -43.06 -48.50
CA ASP Q 24 66.93 -44.22 -47.90
C ASP Q 24 66.69 -45.44 -48.77
N ALA Q 25 67.55 -46.44 -48.62
CA ALA Q 25 67.39 -47.66 -49.42
C ALA Q 25 66.23 -48.46 -48.83
N PRO Q 26 65.31 -48.91 -49.69
CA PRO Q 26 64.15 -49.70 -49.26
C PRO Q 26 64.54 -50.83 -48.34
N GLY Q 27 63.93 -50.90 -47.17
CA GLY Q 27 64.24 -51.97 -46.24
C GLY Q 27 65.47 -51.79 -45.35
N SER Q 28 66.19 -50.69 -45.54
CA SER Q 28 67.37 -50.48 -44.71
C SER Q 28 67.04 -50.28 -43.24
N TRP Q 29 65.94 -49.59 -42.95
CA TRP Q 29 65.54 -49.34 -41.56
C TRP Q 29 65.27 -50.66 -40.86
N PHE Q 30 64.58 -51.58 -41.55
CA PHE Q 30 64.30 -52.88 -40.97
C PHE Q 30 65.61 -53.56 -40.59
N ASP Q 31 66.54 -53.63 -41.54
CA ASP Q 31 67.84 -54.25 -41.30
C ASP Q 31 68.53 -53.62 -40.10
N HIS Q 32 68.46 -52.30 -40.01
CA HIS Q 32 69.08 -51.63 -38.87
C HIS Q 32 68.46 -52.05 -37.53
N THR Q 33 67.13 -52.07 -37.44
CA THR Q 33 66.52 -52.45 -36.16
C THR Q 33 66.78 -53.92 -35.86
N SER Q 34 66.93 -54.74 -36.90
CA SER Q 34 67.24 -56.15 -36.67
C SER Q 34 68.58 -56.20 -35.93
N GLY Q 35 69.49 -55.32 -36.33
CA GLY Q 35 70.79 -55.26 -35.69
C GLY Q 35 70.68 -54.87 -34.23
N VAL Q 36 69.90 -53.83 -33.95
CA VAL Q 36 69.72 -53.39 -32.57
C VAL Q 36 69.16 -54.50 -31.71
N LEU Q 37 68.18 -55.24 -32.24
CA LEU Q 37 67.58 -56.33 -31.47
C LEU Q 37 68.55 -57.48 -31.19
N GLU Q 38 69.40 -57.78 -32.16
CA GLU Q 38 70.36 -58.87 -32.00
C GLU Q 38 71.42 -58.54 -30.93
N SER Q 39 71.70 -57.26 -30.74
CA SER Q 39 72.69 -56.83 -29.75
C SER Q 39 72.14 -56.78 -28.32
N VAL Q 40 70.91 -57.22 -28.12
CA VAL Q 40 70.31 -57.21 -26.80
C VAL Q 40 70.88 -58.32 -25.91
N GLU Q 41 70.99 -58.03 -24.62
CA GLU Q 41 71.55 -58.96 -23.62
C GLU Q 41 70.95 -60.36 -23.46
N ASP Q 42 70.04 -60.78 -24.34
CA ASP Q 42 69.43 -62.10 -24.21
C ASP Q 42 68.59 -62.15 -22.93
N GLY Q 43 67.36 -62.62 -23.05
CA GLY Q 43 66.49 -62.67 -21.89
C GLY Q 43 65.98 -61.29 -21.53
N THR Q 44 66.48 -60.29 -22.25
CA THR Q 44 66.06 -58.91 -22.04
C THR Q 44 64.74 -58.65 -22.75
N PRO Q 45 63.73 -58.12 -22.04
CA PRO Q 45 62.43 -57.83 -22.64
C PRO Q 45 62.56 -56.79 -23.76
N VAL Q 46 61.98 -57.06 -24.91
CA VAL Q 46 62.05 -56.11 -26.02
C VAL Q 46 60.69 -55.66 -26.53
N LEU Q 47 59.66 -56.47 -26.33
CA LEU Q 47 58.33 -56.12 -26.82
C LEU Q 47 57.22 -56.50 -25.85
N ALA Q 48 56.27 -55.59 -25.65
CA ALA Q 48 55.12 -55.86 -24.78
C ALA Q 48 53.85 -55.55 -25.59
N ILE Q 49 52.89 -56.46 -25.52
CA ILE Q 49 51.66 -56.28 -26.27
C ILE Q 49 50.46 -56.72 -25.42
N GLY Q 50 49.33 -56.04 -25.59
CA GLY Q 50 48.16 -56.35 -24.78
C GLY Q 50 47.33 -57.55 -25.19
N VAL Q 51 46.90 -58.33 -24.19
CA VAL Q 51 46.05 -59.48 -24.43
C VAL Q 51 44.60 -59.02 -24.20
N GLU Q 52 43.65 -59.89 -24.51
CA GLU Q 52 42.23 -59.55 -24.40
C GLU Q 52 41.80 -58.75 -23.17
N SER Q 53 42.25 -59.16 -22.00
CA SER Q 53 41.88 -58.52 -20.75
C SER Q 53 42.40 -57.09 -20.58
N GLY Q 54 43.48 -56.75 -21.27
CA GLY Q 54 44.05 -55.43 -21.10
C GLY Q 54 45.44 -55.54 -20.49
N ASP Q 55 45.75 -56.71 -19.95
CA ASP Q 55 47.08 -56.96 -19.39
C ASP Q 55 48.00 -57.10 -20.58
N ALA Q 56 49.30 -57.21 -20.33
CA ALA Q 56 50.27 -57.35 -21.40
C ALA Q 56 51.25 -58.51 -21.20
N ILE Q 57 51.64 -59.14 -22.30
CA ILE Q 57 52.61 -60.24 -22.26
C ILE Q 57 53.89 -59.67 -22.86
N VAL Q 58 55.03 -60.23 -22.47
CA VAL Q 58 56.32 -59.74 -22.92
C VAL Q 58 57.18 -60.78 -23.64
N PHE Q 59 57.96 -60.33 -24.62
CA PHE Q 59 58.80 -61.24 -25.40
C PHE Q 59 60.24 -60.78 -25.45
N ASP Q 60 61.15 -61.72 -25.70
CA ASP Q 60 62.57 -61.40 -25.83
C ASP Q 60 62.88 -61.31 -27.33
N LYS Q 61 64.11 -60.97 -27.67
CA LYS Q 61 64.50 -60.81 -29.06
C LYS Q 61 64.27 -62.04 -29.94
N ASN Q 62 64.04 -63.19 -29.32
CA ASN Q 62 63.81 -64.41 -30.08
C ASN Q 62 62.34 -64.80 -30.12
N ALA Q 63 61.47 -63.83 -29.86
CA ALA Q 63 60.04 -64.09 -29.88
C ALA Q 63 59.65 -65.15 -28.87
N GLN Q 64 60.43 -65.27 -27.81
CA GLN Q 64 60.11 -66.24 -26.78
C GLN Q 64 59.49 -65.44 -25.63
N ARG Q 65 58.37 -65.93 -25.12
CA ARG Q 65 57.67 -65.23 -24.05
C ARG Q 65 58.41 -65.28 -22.72
N ILE Q 66 58.46 -64.13 -22.03
CA ILE Q 66 59.12 -64.01 -20.73
C ILE Q 66 58.10 -64.11 -19.60
N VAL Q 67 58.27 -65.09 -18.73
CA VAL Q 67 57.34 -65.29 -17.62
C VAL Q 67 57.75 -64.61 -16.31
N ALA Q 68 59.05 -64.48 -16.09
CA ALA Q 68 59.53 -63.86 -14.85
C ALA Q 68 60.74 -62.98 -15.13
N TYR Q 69 60.72 -61.77 -14.58
CA TYR Q 69 61.81 -60.82 -14.77
C TYR Q 69 61.79 -59.77 -13.67
N LYS Q 70 62.82 -59.79 -12.83
CA LYS Q 70 62.92 -58.86 -11.72
C LYS Q 70 63.06 -57.41 -12.15
N GLU Q 71 62.42 -56.53 -11.40
CA GLU Q 71 62.44 -55.10 -11.67
C GLU Q 71 63.82 -54.59 -12.09
N LYS Q 72 63.85 -53.80 -13.14
CA LYS Q 72 65.08 -53.21 -13.66
C LYS Q 72 64.76 -51.88 -14.29
N SER Q 73 65.54 -50.86 -13.95
CA SER Q 73 65.31 -49.51 -14.47
C SER Q 73 66.41 -49.03 -15.41
N VAL Q 74 66.08 -48.03 -16.22
CA VAL Q 74 67.01 -47.45 -17.17
C VAL Q 74 66.70 -45.96 -17.30
N LYS Q 75 67.74 -45.14 -17.17
CA LYS Q 75 67.56 -43.70 -17.28
C LYS Q 75 68.03 -43.19 -18.63
N ALA Q 76 67.18 -42.44 -19.32
CA ALA Q 76 67.51 -41.90 -20.62
C ALA Q 76 68.10 -40.49 -20.47
N GLU Q 77 68.51 -39.89 -21.60
CA GLU Q 77 69.07 -38.56 -21.56
C GLU Q 77 67.96 -37.60 -21.14
N ASP Q 78 66.73 -38.01 -21.42
CA ASP Q 78 65.54 -37.22 -21.09
C ASP Q 78 65.49 -37.02 -19.58
N GLY Q 79 66.25 -37.83 -18.86
CA GLY Q 79 66.26 -37.75 -17.41
C GLY Q 79 65.20 -38.68 -16.87
N SER Q 80 64.27 -39.05 -17.75
CA SER Q 80 63.18 -39.94 -17.40
C SER Q 80 63.71 -41.36 -17.26
N VAL Q 81 63.00 -42.20 -16.51
CA VAL Q 81 63.42 -43.57 -16.32
C VAL Q 81 62.31 -44.54 -16.70
N SER Q 82 62.69 -45.65 -17.32
CA SER Q 82 61.73 -46.67 -17.70
C SER Q 82 61.99 -47.88 -16.82
N VAL Q 83 60.93 -48.59 -16.46
CA VAL Q 83 61.07 -49.76 -15.61
C VAL Q 83 60.32 -50.93 -16.21
N VAL Q 84 60.89 -52.12 -16.10
CA VAL Q 84 60.26 -53.31 -16.64
C VAL Q 84 60.28 -54.40 -15.57
N GLN Q 85 59.15 -55.07 -15.40
CA GLN Q 85 59.04 -56.14 -14.42
C GLN Q 85 57.98 -57.11 -14.86
N VAL Q 86 58.35 -58.37 -15.02
CA VAL Q 86 57.38 -59.39 -15.42
C VAL Q 86 57.20 -60.37 -14.27
N GLU Q 87 55.96 -60.68 -13.96
CA GLU Q 87 55.66 -61.59 -12.88
C GLU Q 87 54.50 -62.51 -13.23
N ASN Q 88 54.74 -63.81 -13.10
CA ASN Q 88 53.73 -64.81 -13.38
C ASN Q 88 53.23 -64.74 -14.82
N GLY Q 89 54.12 -64.39 -15.75
CA GLY Q 89 53.76 -64.33 -17.15
C GLY Q 89 53.16 -63.02 -17.65
N PHE Q 90 52.97 -62.05 -16.75
CA PHE Q 90 52.41 -60.77 -17.15
C PHE Q 90 53.22 -59.57 -16.67
N MET Q 91 53.23 -58.53 -17.48
CA MET Q 91 53.94 -57.31 -17.15
C MET Q 91 53.40 -56.68 -15.87
N LYS Q 92 54.29 -56.39 -14.92
CA LYS Q 92 53.88 -55.78 -13.66
C LYS Q 92 54.26 -54.31 -13.69
N GLN Q 93 55.31 -54.00 -14.44
CA GLN Q 93 55.79 -52.62 -14.59
C GLN Q 93 56.31 -52.48 -16.01
N GLY Q 94 56.01 -51.33 -16.62
CA GLY Q 94 56.44 -51.09 -17.99
C GLY Q 94 55.30 -50.52 -18.80
N HIS Q 95 55.44 -50.52 -20.12
CA HIS Q 95 54.40 -50.00 -21.00
C HIS Q 95 54.25 -50.91 -22.22
N ARG Q 96 53.18 -50.71 -22.98
CA ARG Q 96 52.97 -51.52 -24.17
C ARG Q 96 53.88 -50.96 -25.26
N GLY Q 97 54.30 -51.81 -26.20
CA GLY Q 97 55.18 -51.37 -27.27
C GLY Q 97 56.61 -51.89 -27.13
N TRP Q 98 57.54 -51.30 -27.88
CA TRP Q 98 58.92 -51.72 -27.82
C TRP Q 98 59.55 -51.26 -26.51
N LEU Q 99 60.18 -52.19 -25.81
CA LEU Q 99 60.81 -51.91 -24.53
C LEU Q 99 62.28 -51.54 -24.68
N VAL Q 100 62.73 -51.44 -25.92
CA VAL Q 100 64.10 -51.10 -26.24
C VAL Q 100 64.06 -50.01 -27.31
N ASP Q 101 65.00 -49.07 -27.26
CA ASP Q 101 65.03 -47.99 -28.23
C ASP Q 101 65.54 -48.43 -29.60
N LEU Q 102 64.68 -48.31 -30.61
CA LEU Q 102 65.03 -48.70 -31.97
C LEU Q 102 65.17 -47.50 -32.88
N THR Q 103 64.55 -46.39 -32.48
CA THR Q 103 64.54 -45.18 -33.30
C THR Q 103 65.52 -44.07 -32.92
N GLY Q 104 66.00 -44.07 -31.69
CA GLY Q 104 66.91 -43.00 -31.28
C GLY Q 104 66.08 -41.73 -31.30
N GLU Q 105 66.64 -40.64 -31.79
CA GLU Q 105 65.86 -39.40 -31.82
C GLU Q 105 65.23 -39.17 -33.18
N LEU Q 106 65.31 -40.18 -34.03
CA LEU Q 106 64.73 -40.10 -35.36
C LEU Q 106 63.31 -40.64 -35.23
N VAL Q 107 62.39 -39.78 -34.80
CA VAL Q 107 61.00 -40.20 -34.63
C VAL Q 107 60.08 -39.53 -35.63
N GLY Q 108 58.87 -40.09 -35.77
CA GLY Q 108 57.90 -39.54 -36.70
C GLY Q 108 58.13 -39.89 -38.17
N CYS Q 109 58.75 -41.04 -38.42
CA CYS Q 109 59.01 -41.47 -39.79
C CYS Q 109 58.10 -42.59 -40.25
N SER Q 110 58.10 -42.81 -41.56
CA SER Q 110 57.36 -43.89 -42.21
C SER Q 110 58.48 -44.51 -43.06
N PRO Q 111 59.41 -45.22 -42.42
CA PRO Q 111 60.55 -45.87 -43.09
C PRO Q 111 60.15 -46.67 -44.33
N VAL Q 112 60.76 -46.37 -45.47
CA VAL Q 112 60.44 -47.10 -46.69
C VAL Q 112 60.74 -48.59 -46.45
N VAL Q 113 59.75 -49.44 -46.73
CA VAL Q 113 59.88 -50.87 -46.51
C VAL Q 113 60.20 -51.64 -47.78
N ALA Q 114 59.85 -51.06 -48.93
CA ALA Q 114 60.10 -51.72 -50.20
C ALA Q 114 59.70 -50.84 -51.37
N GLU Q 115 60.05 -51.29 -52.56
CA GLU Q 115 59.72 -50.57 -53.78
C GLU Q 115 59.21 -51.60 -54.77
N PHE Q 116 58.15 -51.25 -55.49
CA PHE Q 116 57.56 -52.16 -56.45
C PHE Q 116 56.79 -51.39 -57.51
N GLY Q 117 56.86 -51.89 -58.75
CA GLY Q 117 56.18 -51.23 -59.86
C GLY Q 117 56.46 -49.75 -59.97
N GLY Q 118 57.60 -49.30 -59.46
CA GLY Q 118 57.94 -47.90 -59.56
C GLY Q 118 57.43 -47.03 -58.41
N HIS Q 119 56.94 -47.67 -57.35
CA HIS Q 119 56.44 -46.92 -56.20
C HIS Q 119 57.08 -47.37 -54.89
N ARG Q 120 57.32 -46.41 -54.00
CA ARG Q 120 57.89 -46.73 -52.70
C ARG Q 120 56.72 -46.97 -51.73
N TYR Q 121 56.85 -47.99 -50.89
CA TYR Q 121 55.81 -48.30 -49.92
C TYR Q 121 56.37 -48.11 -48.51
N ALA Q 122 55.52 -47.61 -47.62
CA ALA Q 122 55.94 -47.36 -46.25
C ALA Q 122 55.72 -48.52 -45.33
N SER Q 123 56.49 -48.54 -44.25
CA SER Q 123 56.35 -49.58 -43.23
C SER Q 123 55.23 -49.05 -42.32
N GLY Q 124 54.91 -49.81 -41.27
CA GLY Q 124 53.84 -49.40 -40.38
C GLY Q 124 52.62 -50.25 -40.73
N MET Q 125 51.42 -49.77 -40.44
CA MET Q 125 50.25 -50.56 -40.79
C MET Q 125 49.49 -50.08 -42.00
N VAL Q 126 49.10 -51.05 -42.82
CA VAL Q 126 48.35 -50.79 -44.04
C VAL Q 126 47.03 -51.51 -43.96
N ILE Q 127 45.93 -50.77 -43.99
CA ILE Q 127 44.63 -51.39 -43.95
C ILE Q 127 44.08 -51.45 -45.36
N VAL Q 128 43.66 -52.65 -45.74
CA VAL Q 128 43.11 -52.88 -47.07
C VAL Q 128 41.61 -53.07 -46.85
N THR Q 129 40.84 -52.12 -47.35
CA THR Q 129 39.40 -52.18 -47.15
C THR Q 129 38.60 -51.65 -48.34
N GLY Q 130 37.37 -51.26 -48.08
CA GLY Q 130 36.50 -50.75 -49.12
C GLY Q 130 35.26 -51.63 -49.21
N LYS Q 131 34.21 -51.11 -49.80
CA LYS Q 131 33.01 -51.91 -49.93
C LYS Q 131 32.79 -52.14 -51.41
N GLY Q 132 32.73 -53.40 -51.80
CA GLY Q 132 32.52 -53.70 -53.21
C GLY Q 132 32.78 -55.14 -53.57
N ASN Q 133 32.95 -55.40 -54.85
CA ASN Q 133 33.18 -56.76 -55.34
C ASN Q 133 34.64 -57.22 -55.18
N SER Q 134 35.59 -56.30 -55.35
CA SER Q 134 37.01 -56.64 -55.24
C SER Q 134 37.31 -57.26 -53.87
N GLY Q 135 37.87 -58.48 -53.90
CA GLY Q 135 38.19 -59.20 -52.69
C GLY Q 135 39.48 -58.74 -52.01
N LYS Q 136 39.44 -58.59 -50.70
CA LYS Q 136 40.59 -58.15 -49.94
C LYS Q 136 41.65 -59.24 -49.73
N THR Q 137 41.21 -60.47 -49.51
CA THR Q 137 42.14 -61.56 -49.30
C THR Q 137 43.14 -61.73 -50.45
N PRO Q 138 42.68 -61.77 -51.71
CA PRO Q 138 43.65 -61.95 -52.81
C PRO Q 138 44.61 -60.78 -52.90
N LEU Q 139 44.11 -59.58 -52.59
CA LEU Q 139 44.93 -58.37 -52.66
C LEU Q 139 46.04 -58.35 -51.59
N VAL Q 140 45.71 -58.69 -50.34
CA VAL Q 140 46.75 -58.66 -49.31
C VAL Q 140 47.85 -59.68 -49.62
N HIS Q 141 47.48 -60.85 -50.15
CA HIS Q 141 48.52 -61.84 -50.47
C HIS Q 141 49.39 -61.41 -51.66
N ALA Q 142 48.80 -60.72 -52.62
CA ALA Q 142 49.56 -60.24 -53.77
C ALA Q 142 50.50 -59.14 -53.33
N LEU Q 143 50.02 -58.28 -52.44
CA LEU Q 143 50.83 -57.18 -51.96
C LEU Q 143 51.95 -57.72 -51.06
N GLY Q 144 51.65 -58.78 -50.33
CA GLY Q 144 52.64 -59.39 -49.46
C GLY Q 144 53.82 -59.93 -50.25
N GLU Q 145 53.50 -60.68 -51.31
CA GLU Q 145 54.52 -61.26 -52.16
C GLU Q 145 55.32 -60.17 -52.87
N ALA Q 146 54.62 -59.16 -53.38
CA ALA Q 146 55.28 -58.08 -54.09
C ALA Q 146 56.25 -57.27 -53.21
N LEU Q 147 55.81 -56.87 -52.03
CA LEU Q 147 56.67 -56.10 -51.14
C LEU Q 147 57.72 -57.01 -50.54
N GLY Q 148 57.43 -58.30 -50.47
CA GLY Q 148 58.39 -59.24 -49.91
C GLY Q 148 59.62 -59.26 -50.81
N GLY Q 149 59.40 -59.18 -52.12
CA GLY Q 149 60.49 -59.19 -53.08
C GLY Q 149 61.30 -60.47 -53.05
N LYS Q 150 62.52 -60.37 -52.56
CA LYS Q 150 63.41 -61.52 -52.45
C LYS Q 150 63.08 -62.38 -51.25
N ASP Q 151 62.40 -61.78 -50.28
CA ASP Q 151 62.04 -62.50 -49.06
C ASP Q 151 60.60 -62.99 -49.06
N LYS Q 152 60.34 -64.02 -48.28
CA LYS Q 152 58.99 -64.55 -48.16
C LYS Q 152 58.25 -63.63 -47.19
N TYR Q 153 56.93 -63.62 -47.25
CA TYR Q 153 56.16 -62.79 -46.33
C TYR Q 153 55.49 -63.72 -45.33
N ALA Q 154 55.22 -63.20 -44.14
CA ALA Q 154 54.58 -63.99 -43.09
C ALA Q 154 53.06 -63.75 -43.07
N THR Q 155 52.30 -64.82 -42.85
CA THR Q 155 50.85 -64.72 -42.83
C THR Q 155 50.23 -65.08 -41.50
N VAL Q 156 49.53 -64.12 -40.91
CA VAL Q 156 48.84 -64.35 -39.64
C VAL Q 156 47.36 -64.50 -39.97
N ARG Q 157 46.78 -65.66 -39.63
CA ARG Q 157 45.37 -65.90 -39.92
C ARG Q 157 44.51 -65.79 -38.67
N PHE Q 158 43.39 -65.08 -38.78
CA PHE Q 158 42.51 -64.88 -37.61
C PHE Q 158 41.03 -64.65 -37.89
N GLY Q 159 40.20 -65.31 -37.10
CA GLY Q 159 38.75 -65.16 -37.15
C GLY Q 159 37.94 -65.37 -38.40
N GLU Q 160 38.21 -66.42 -39.16
CA GLU Q 160 37.45 -66.69 -40.37
C GLU Q 160 36.96 -68.13 -40.24
N PRO Q 161 35.73 -68.41 -40.71
CA PRO Q 161 35.20 -69.78 -40.60
C PRO Q 161 35.75 -70.77 -41.62
N LEU Q 162 37.08 -70.87 -41.66
CA LEU Q 162 37.79 -71.77 -42.57
C LEU Q 162 38.71 -72.69 -41.74
N SER Q 163 39.17 -73.77 -42.35
CA SER Q 163 40.03 -74.73 -41.65
C SER Q 163 41.35 -74.14 -41.18
N GLY Q 164 41.78 -74.56 -40.00
CA GLY Q 164 43.05 -74.09 -39.46
C GLY Q 164 43.13 -72.66 -38.97
N TYR Q 165 42.01 -71.94 -38.98
CA TYR Q 165 42.02 -70.55 -38.52
C TYR Q 165 41.87 -70.41 -37.01
N ASN Q 166 42.81 -69.70 -36.39
CA ASN Q 166 42.75 -69.47 -34.97
C ASN Q 166 41.68 -68.41 -34.76
N THR Q 167 40.91 -68.52 -33.68
CA THR Q 167 39.88 -67.55 -33.40
C THR Q 167 40.00 -67.01 -31.98
N ASP Q 168 41.09 -67.34 -31.30
CA ASP Q 168 41.36 -66.89 -29.94
C ASP Q 168 42.26 -65.66 -29.98
N PHE Q 169 41.75 -64.52 -29.51
CA PHE Q 169 42.51 -63.28 -29.54
C PHE Q 169 43.90 -63.36 -28.96
N ASN Q 170 44.08 -64.07 -27.85
CA ASN Q 170 45.40 -64.14 -27.23
C ASN Q 170 46.43 -64.89 -28.07
N VAL Q 171 45.99 -65.89 -28.85
CA VAL Q 171 46.92 -66.60 -29.71
C VAL Q 171 47.27 -65.64 -30.85
N PHE Q 172 46.31 -64.79 -31.19
CA PHE Q 172 46.48 -63.82 -32.25
C PHE Q 172 47.59 -62.80 -31.98
N VAL Q 173 47.58 -62.19 -30.79
CA VAL Q 173 48.61 -61.21 -30.46
C VAL Q 173 49.97 -61.88 -30.34
N ASP Q 174 49.95 -63.18 -30.04
CA ASP Q 174 51.18 -63.94 -29.94
C ASP Q 174 51.77 -64.07 -31.34
N ASP Q 175 50.94 -64.42 -32.33
CA ASP Q 175 51.40 -64.56 -33.71
C ASP Q 175 51.91 -63.22 -34.24
N ILE Q 176 51.24 -62.13 -33.87
CA ILE Q 176 51.64 -60.81 -34.34
C ILE Q 176 52.98 -60.37 -33.78
N ALA Q 177 53.18 -60.56 -32.47
CA ALA Q 177 54.43 -60.18 -31.85
C ALA Q 177 55.59 -60.94 -32.52
N ARG Q 178 55.43 -62.25 -32.69
CA ARG Q 178 56.48 -63.05 -33.31
C ARG Q 178 56.76 -62.59 -34.73
N ALA Q 179 55.70 -62.30 -35.49
CA ALA Q 179 55.85 -61.86 -36.87
C ALA Q 179 56.64 -60.55 -36.98
N MET Q 180 56.33 -59.58 -36.14
CA MET Q 180 57.04 -58.29 -36.19
C MET Q 180 58.49 -58.40 -35.71
N LEU Q 181 58.75 -59.37 -34.84
CA LEU Q 181 60.11 -59.56 -34.36
C LEU Q 181 60.97 -60.27 -35.40
N GLN Q 182 60.35 -61.05 -36.27
CA GLN Q 182 61.09 -61.83 -37.24
C GLN Q 182 60.95 -61.57 -38.75
N HIS Q 183 59.98 -60.76 -39.17
CA HIS Q 183 59.83 -60.54 -40.60
C HIS Q 183 59.52 -59.10 -41.00
N ARG Q 184 59.93 -58.75 -42.21
CA ARG Q 184 59.75 -57.41 -42.75
C ARG Q 184 58.35 -57.19 -43.32
N VAL Q 185 57.79 -58.21 -43.96
CA VAL Q 185 56.49 -58.13 -44.59
C VAL Q 185 55.51 -59.11 -43.96
N ILE Q 186 54.45 -58.57 -43.38
CA ILE Q 186 53.45 -59.37 -42.68
C ILE Q 186 52.05 -59.12 -43.19
N VAL Q 187 51.28 -60.21 -43.32
CA VAL Q 187 49.91 -60.12 -43.78
C VAL Q 187 49.00 -60.65 -42.66
N ILE Q 188 47.99 -59.85 -42.32
CA ILE Q 188 47.02 -60.27 -41.30
C ILE Q 188 45.72 -60.48 -42.04
N ASP Q 189 45.23 -61.70 -42.11
CA ASP Q 189 43.97 -61.84 -42.82
C ASP Q 189 42.80 -61.87 -41.85
N SER Q 190 42.11 -60.74 -41.90
CA SER Q 190 40.93 -60.41 -41.14
C SER Q 190 41.14 -59.70 -39.82
N LEU Q 191 40.90 -58.39 -39.86
CA LEU Q 191 40.98 -57.58 -38.67
C LEU Q 191 39.56 -57.59 -38.12
N LYS Q 192 38.73 -58.44 -38.70
CA LYS Q 192 37.34 -58.61 -38.28
C LYS Q 192 37.42 -59.09 -36.83
N ASN Q 193 36.29 -59.18 -36.15
CA ASN Q 193 36.30 -59.60 -34.74
C ASN Q 193 36.92 -58.45 -33.95
N VAL Q 194 38.21 -58.19 -34.14
CA VAL Q 194 38.85 -57.07 -33.49
C VAL Q 194 38.19 -55.89 -34.21
N ILE Q 195 38.14 -54.72 -33.59
CA ILE Q 195 37.50 -53.59 -34.27
C ILE Q 195 36.08 -54.05 -34.64
N ILE Q 207 33.90 -53.50 -27.47
CA ILE Q 207 35.20 -54.03 -27.88
C ILE Q 207 36.09 -54.22 -26.64
N SER Q 208 36.82 -55.33 -26.61
CA SER Q 208 37.69 -55.65 -25.48
C SER Q 208 38.85 -54.66 -25.37
N ARG Q 209 39.45 -54.58 -24.20
CA ARG Q 209 40.59 -53.69 -24.00
C ARG Q 209 41.76 -54.11 -24.88
N GLY Q 210 41.94 -55.41 -25.05
CA GLY Q 210 43.02 -55.91 -25.89
C GLY Q 210 42.85 -55.47 -27.33
N ALA Q 211 41.65 -55.63 -27.87
CA ALA Q 211 41.37 -55.25 -29.24
C ALA Q 211 41.61 -53.76 -29.44
N PHE Q 212 41.20 -52.97 -28.47
CA PHE Q 212 41.37 -51.52 -28.54
C PHE Q 212 42.85 -51.13 -28.50
N ASP Q 213 43.61 -51.80 -27.61
CA ASP Q 213 45.05 -51.53 -27.50
C ASP Q 213 45.76 -51.86 -28.81
N LEU Q 214 45.43 -53.03 -29.37
CA LEU Q 214 46.03 -53.50 -30.61
C LEU Q 214 45.84 -52.50 -31.73
N LEU Q 215 44.59 -52.05 -31.89
CA LEU Q 215 44.26 -51.10 -32.93
C LEU Q 215 45.03 -49.79 -32.84
N SER Q 216 45.33 -49.34 -31.63
CA SER Q 216 46.06 -48.09 -31.47
C SER Q 216 47.57 -48.23 -31.25
N ASP Q 217 48.07 -49.46 -31.16
CA ASP Q 217 49.50 -49.69 -30.94
C ASP Q 217 50.23 -50.21 -32.17
N ILE Q 218 49.61 -51.15 -32.86
CA ILE Q 218 50.24 -51.82 -34.00
C ILE Q 218 50.92 -50.96 -35.05
N GLY Q 219 50.32 -49.84 -35.42
CA GLY Q 219 50.95 -49.01 -36.44
C GLY Q 219 52.29 -48.45 -35.99
N ALA Q 220 52.35 -47.93 -34.77
CA ALA Q 220 53.59 -47.37 -34.25
C ALA Q 220 54.64 -48.47 -34.05
N MET Q 221 54.20 -49.64 -33.58
CA MET Q 221 55.12 -50.75 -33.37
C MET Q 221 55.80 -51.10 -34.69
N ALA Q 222 54.98 -51.26 -35.73
CA ALA Q 222 55.49 -51.63 -37.05
C ALA Q 222 56.40 -50.57 -37.67
N ALA Q 223 55.98 -49.32 -37.60
CA ALA Q 223 56.77 -48.23 -38.17
C ALA Q 223 58.11 -48.12 -37.46
N SER Q 224 58.12 -48.40 -36.17
CA SER Q 224 59.35 -48.33 -35.39
C SER Q 224 60.33 -49.42 -35.81
N ARG Q 225 59.81 -50.61 -36.09
CA ARG Q 225 60.63 -51.73 -36.49
C ARG Q 225 61.06 -51.60 -37.95
N GLY Q 226 60.21 -51.01 -38.77
CA GLY Q 226 60.54 -50.88 -40.17
C GLY Q 226 59.90 -51.99 -40.97
N CYS Q 227 58.93 -52.69 -40.37
CA CYS Q 227 58.23 -53.76 -41.06
C CYS Q 227 56.85 -53.24 -41.47
N VAL Q 228 56.19 -53.93 -42.39
CA VAL Q 228 54.87 -53.51 -42.82
C VAL Q 228 53.84 -54.60 -42.52
N VAL Q 229 52.72 -54.18 -41.91
CA VAL Q 229 51.62 -55.09 -41.58
C VAL Q 229 50.47 -54.77 -42.51
N ILE Q 230 50.13 -55.71 -43.38
CA ILE Q 230 49.07 -55.55 -44.37
C ILE Q 230 47.84 -56.30 -43.87
N ALA Q 231 46.84 -55.55 -43.40
CA ALA Q 231 45.63 -56.16 -42.83
C ALA Q 231 44.34 -55.91 -43.60
N SER Q 232 43.59 -56.98 -43.85
CA SER Q 232 42.34 -56.87 -44.56
C SER Q 232 41.24 -56.57 -43.55
N LEU Q 233 40.30 -55.72 -43.95
CA LEU Q 233 39.20 -55.31 -43.10
C LEU Q 233 37.96 -55.04 -43.93
N ASN Q 234 36.97 -55.93 -43.82
CA ASN Q 234 35.74 -55.73 -44.57
C ASN Q 234 34.75 -54.90 -43.76
N PRO Q 235 34.25 -53.81 -44.37
CA PRO Q 235 33.29 -52.94 -43.68
C PRO Q 235 31.95 -53.66 -43.65
N THR Q 236 32.02 -54.94 -43.33
CA THR Q 236 30.86 -55.83 -43.25
C THR Q 236 29.59 -55.14 -42.75
N SER Q 237 29.35 -55.24 -41.44
CA SER Q 237 28.17 -54.64 -40.84
C SER Q 237 27.98 -53.20 -41.26
N ASN Q 238 26.76 -52.86 -41.66
CA ASN Q 238 26.44 -51.50 -42.06
C ASN Q 238 25.84 -50.77 -40.86
N ASP Q 239 26.29 -51.18 -39.68
CA ASP Q 239 25.86 -50.61 -38.42
C ASP Q 239 26.74 -49.38 -38.14
N ASP Q 240 26.17 -48.20 -38.34
CA ASP Q 240 26.87 -46.93 -38.15
C ASP Q 240 27.76 -46.77 -36.93
N LYS Q 241 27.70 -47.69 -35.97
CA LYS Q 241 28.54 -47.56 -34.79
C LYS Q 241 29.92 -48.16 -35.05
N ILE Q 242 29.98 -49.17 -35.92
CA ILE Q 242 31.25 -49.79 -36.26
C ILE Q 242 31.71 -49.35 -37.65
N VAL Q 243 30.78 -48.80 -38.43
CA VAL Q 243 31.12 -48.32 -39.77
C VAL Q 243 32.00 -47.10 -39.58
N GLU Q 244 31.79 -46.43 -38.45
CA GLU Q 244 32.57 -45.25 -38.10
C GLU Q 244 33.86 -45.69 -37.43
N LEU Q 245 33.85 -46.89 -36.87
CA LEU Q 245 35.03 -47.45 -36.22
C LEU Q 245 36.00 -47.93 -37.31
N VAL Q 246 35.44 -48.22 -38.49
CA VAL Q 246 36.22 -48.66 -39.63
C VAL Q 246 36.85 -47.45 -40.30
N LYS Q 247 36.08 -46.39 -40.44
CA LYS Q 247 36.58 -45.17 -41.06
C LYS Q 247 37.59 -44.46 -40.14
N GLU Q 248 37.50 -44.75 -38.84
CA GLU Q 248 38.39 -44.17 -37.86
C GLU Q 248 39.70 -44.94 -37.87
N ALA Q 249 39.59 -46.26 -37.82
CA ALA Q 249 40.76 -47.11 -37.84
C ALA Q 249 41.55 -46.81 -39.12
N SER Q 250 40.84 -46.71 -40.23
CA SER Q 250 41.49 -46.43 -41.50
C SER Q 250 42.09 -45.04 -41.53
N ARG Q 251 41.35 -44.07 -41.03
CA ARG Q 251 41.80 -42.69 -41.03
C ARG Q 251 42.98 -42.39 -40.09
N SER Q 252 42.82 -42.75 -38.83
CA SER Q 252 43.83 -42.42 -37.83
C SER Q 252 44.77 -43.48 -37.31
N ASN Q 253 44.45 -44.76 -37.50
CA ASN Q 253 45.33 -45.79 -36.99
C ASN Q 253 46.19 -46.48 -38.04
N SER Q 254 46.09 -46.03 -39.28
CA SER Q 254 46.86 -46.63 -40.37
C SER Q 254 47.93 -45.71 -40.89
N THR Q 255 49.06 -46.29 -41.26
CA THR Q 255 50.16 -45.51 -41.82
C THR Q 255 49.82 -45.30 -43.30
N SER Q 256 49.20 -46.32 -43.89
CA SER Q 256 48.81 -46.29 -45.30
C SER Q 256 47.46 -46.95 -45.43
N LEU Q 257 46.74 -46.58 -46.48
CA LEU Q 257 45.42 -47.12 -46.72
C LEU Q 257 45.34 -47.61 -48.18
N VAL Q 258 44.71 -48.76 -48.39
CA VAL Q 258 44.53 -49.30 -49.73
C VAL Q 258 43.03 -49.58 -49.84
N ILE Q 259 42.36 -48.83 -50.70
CA ILE Q 259 40.91 -48.98 -50.86
C ILE Q 259 40.46 -49.29 -52.28
N SER Q 260 39.43 -50.11 -52.41
CA SER Q 260 38.90 -50.49 -53.70
C SER Q 260 38.12 -49.34 -54.31
N THR Q 261 38.00 -49.33 -55.63
CA THR Q 261 37.29 -48.26 -56.32
C THR Q 261 36.09 -48.85 -57.01
N ASP Q 262 35.39 -48.03 -57.79
CA ASP Q 262 34.21 -48.49 -58.51
C ASP Q 262 34.54 -49.25 -59.80
N VAL Q 263 35.83 -49.31 -60.13
CA VAL Q 263 36.29 -50.03 -61.31
C VAL Q 263 36.88 -51.36 -60.85
N ASP Q 264 36.41 -52.45 -61.42
CA ASP Q 264 36.88 -53.78 -61.02
C ASP Q 264 38.38 -53.99 -61.15
N GLY Q 265 38.97 -54.49 -60.06
CA GLY Q 265 40.39 -54.77 -60.04
C GLY Q 265 41.28 -53.58 -59.72
N GLU Q 266 40.69 -52.39 -59.67
CA GLU Q 266 41.48 -51.19 -59.38
C GLU Q 266 41.46 -50.80 -57.91
N TRP Q 267 42.62 -50.42 -57.39
CA TRP Q 267 42.74 -50.01 -55.99
C TRP Q 267 43.49 -48.71 -55.89
N GLN Q 268 43.22 -47.98 -54.80
CA GLN Q 268 43.87 -46.70 -54.56
C GLN Q 268 44.72 -46.82 -53.30
N VAL Q 269 45.97 -46.36 -53.38
CA VAL Q 269 46.89 -46.42 -52.25
C VAL Q 269 47.14 -45.01 -51.73
N LEU Q 270 46.85 -44.79 -50.45
CA LEU Q 270 47.05 -43.49 -49.81
C LEU Q 270 48.09 -43.73 -48.75
N THR Q 271 49.21 -43.03 -48.82
CA THR Q 271 50.25 -43.26 -47.82
C THR Q 271 50.79 -42.01 -47.12
N ARG Q 272 50.93 -42.12 -45.81
CA ARG Q 272 51.46 -41.03 -44.99
C ARG Q 272 52.97 -41.17 -45.03
N THR Q 273 53.66 -40.19 -45.60
CA THR Q 273 55.11 -40.26 -45.73
C THR Q 273 55.89 -39.85 -44.50
N GLY Q 274 55.21 -39.35 -43.48
CA GLY Q 274 55.89 -38.95 -42.27
C GLY Q 274 55.17 -37.87 -41.46
N GLU Q 275 55.70 -37.61 -40.28
CA GLU Q 275 55.14 -36.61 -39.38
C GLU Q 275 55.05 -35.24 -40.03
N GLY Q 276 53.83 -34.75 -40.22
CA GLY Q 276 53.62 -33.45 -40.82
C GLY Q 276 53.91 -33.39 -42.31
N LEU Q 277 54.29 -34.52 -42.90
CA LEU Q 277 54.59 -34.56 -44.32
C LEU Q 277 53.33 -34.80 -45.15
N GLN Q 278 53.48 -34.74 -46.47
CA GLN Q 278 52.36 -34.92 -47.38
C GLN Q 278 51.88 -36.36 -47.52
N ARG Q 279 50.56 -36.53 -47.71
CA ARG Q 279 49.98 -37.84 -47.90
C ARG Q 279 49.98 -38.06 -49.41
N LEU Q 280 50.59 -39.14 -49.86
CA LEU Q 280 50.66 -39.43 -51.29
C LEU Q 280 49.63 -40.46 -51.74
N THR Q 281 49.37 -40.49 -53.03
CA THR Q 281 48.41 -41.42 -53.59
C THR Q 281 48.79 -41.88 -54.99
N HIS Q 282 48.55 -43.16 -55.26
CA HIS Q 282 48.78 -43.73 -56.59
C HIS Q 282 47.77 -44.87 -56.79
N THR Q 283 47.62 -45.32 -58.03
CA THR Q 283 46.66 -46.36 -58.34
C THR Q 283 47.28 -47.69 -58.71
N LEU Q 284 46.52 -48.77 -58.51
CA LEU Q 284 46.97 -50.12 -58.81
C LEU Q 284 45.95 -50.83 -59.68
N GLN Q 285 46.43 -51.57 -60.67
CA GLN Q 285 45.55 -52.36 -61.55
C GLN Q 285 45.89 -53.81 -61.26
N THR Q 286 44.88 -54.69 -61.27
CA THR Q 286 45.14 -56.09 -60.96
C THR Q 286 44.31 -57.05 -61.80
N SER Q 287 44.70 -58.32 -61.80
CA SER Q 287 43.96 -59.34 -62.55
C SER Q 287 44.19 -60.71 -61.95
N TYR Q 288 43.22 -61.59 -62.12
CA TYR Q 288 43.29 -62.94 -61.58
C TYR Q 288 43.90 -63.97 -62.53
N GLY Q 289 44.64 -64.91 -61.95
CA GLY Q 289 45.24 -65.98 -62.73
C GLY Q 289 44.46 -67.23 -62.36
N GLU Q 290 45.15 -68.36 -62.21
CA GLU Q 290 44.47 -69.59 -61.86
C GLU Q 290 44.31 -69.72 -60.33
N HIS Q 291 43.24 -70.39 -59.91
CA HIS Q 291 42.97 -70.59 -58.49
C HIS Q 291 42.87 -69.27 -57.72
N SER Q 292 42.38 -68.24 -58.39
CA SER Q 292 42.20 -66.93 -57.78
C SER Q 292 43.49 -66.24 -57.32
N VAL Q 293 44.63 -66.60 -57.91
CA VAL Q 293 45.88 -65.94 -57.55
C VAL Q 293 45.85 -64.59 -58.25
N LEU Q 294 46.03 -63.53 -57.48
CA LEU Q 294 45.96 -62.16 -58.01
C LEU Q 294 47.33 -61.60 -58.36
N THR Q 295 47.40 -60.81 -59.42
CA THR Q 295 48.65 -60.20 -59.83
C THR Q 295 48.50 -58.68 -59.93
N ILE Q 296 49.47 -57.95 -59.41
CA ILE Q 296 49.44 -56.49 -59.46
C ILE Q 296 50.29 -56.05 -60.64
N HIS Q 297 49.67 -55.40 -61.62
CA HIS Q 297 50.41 -54.97 -62.80
C HIS Q 297 51.39 -53.85 -62.47
N THR Q 298 52.43 -53.75 -63.28
CA THR Q 298 53.45 -52.71 -63.10
C THR Q 298 53.71 -52.03 -64.44
N SER Q 299 53.48 -50.72 -64.49
CA SER Q 299 53.68 -49.94 -65.71
C SER Q 299 54.95 -50.34 -66.48
N GLN Q 306 51.58 -38.52 -55.94
CA GLN Q 306 50.94 -37.20 -55.98
C GLN Q 306 50.15 -36.99 -54.69
N ALA Q 307 50.12 -35.75 -54.22
CA ALA Q 307 49.43 -35.41 -52.97
C ALA Q 307 47.91 -35.36 -53.09
N SER Q 308 47.25 -35.65 -51.97
CA SER Q 308 45.78 -35.63 -51.91
C SER Q 308 45.38 -34.87 -50.63
N GLY Q 309 44.69 -33.74 -50.80
CA GLY Q 309 44.26 -32.95 -49.66
C GLY Q 309 43.46 -33.72 -48.64
N LYS Q 310 43.35 -33.17 -47.43
CA LYS Q 310 42.60 -33.82 -46.36
C LYS Q 310 41.11 -33.91 -46.71
N ALA Q 311 40.66 -33.00 -47.56
CA ALA Q 311 39.27 -32.97 -47.99
C ALA Q 311 39.00 -34.14 -48.93
N ILE Q 312 39.90 -34.34 -49.89
CA ILE Q 312 39.79 -35.42 -50.86
C ILE Q 312 39.89 -36.75 -50.12
N GLN Q 313 40.61 -36.73 -49.00
CA GLN Q 313 40.82 -37.91 -48.17
C GLN Q 313 39.53 -38.45 -47.57
N THR Q 314 38.72 -37.56 -46.98
CA THR Q 314 37.46 -37.98 -46.38
C THR Q 314 36.44 -38.34 -47.45
N VAL Q 315 36.64 -37.83 -48.67
CA VAL Q 315 35.75 -38.15 -49.78
C VAL Q 315 35.95 -39.64 -50.08
N ILE Q 316 37.16 -40.11 -49.80
CA ILE Q 316 37.52 -41.50 -50.01
C ILE Q 316 36.92 -42.33 -48.87
N LYS Q 317 36.81 -41.71 -47.70
CA LYS Q 317 36.26 -42.36 -46.52
C LYS Q 317 34.78 -42.71 -46.59
N ASN Q 318 33.95 -41.81 -47.10
CA ASN Q 318 32.52 -42.09 -47.18
C ASN Q 318 32.20 -43.25 -48.12
N ASP Q 319 33.25 -43.80 -48.75
CA ASP Q 319 33.08 -44.94 -49.65
C ASP Q 319 32.72 -46.13 -48.76
N GLU Q 320 33.38 -46.19 -47.61
CA GLU Q 320 33.18 -47.25 -46.63
C GLU Q 320 31.82 -47.12 -45.96
N LEU Q 321 31.36 -45.87 -45.81
CA LEU Q 321 30.06 -45.60 -45.20
C LEU Q 321 29.02 -46.33 -46.03
N MET R 1 41.58 -23.00 -2.47
CA MET R 1 40.74 -22.67 -1.29
C MET R 1 39.64 -21.68 -1.69
N ILE R 2 38.82 -21.27 -0.72
CA ILE R 2 37.76 -20.32 -1.02
C ILE R 2 38.25 -18.92 -0.68
N HIS R 3 37.74 -17.93 -1.39
CA HIS R 3 38.13 -16.54 -1.18
C HIS R 3 36.91 -15.67 -0.90
N LEU R 4 37.08 -14.68 -0.03
CA LEU R 4 35.99 -13.77 0.33
C LEU R 4 36.21 -12.42 -0.36
N TYR R 5 35.13 -11.75 -0.72
CA TYR R 5 35.23 -10.46 -1.39
C TYR R 5 34.13 -9.48 -1.04
N ASP R 6 34.42 -8.21 -1.30
CA ASP R 6 33.45 -7.13 -1.15
C ASP R 6 33.72 -6.36 -2.43
N ALA R 7 32.94 -5.31 -2.69
CA ALA R 7 33.14 -4.54 -3.91
C ALA R 7 34.59 -4.12 -4.16
N LYS R 8 35.24 -3.60 -3.14
CA LYS R 8 36.63 -3.15 -3.25
C LYS R 8 37.64 -4.24 -3.55
N SER R 9 37.63 -5.31 -2.76
CA SER R 9 38.58 -6.41 -2.99
C SER R 9 38.32 -7.07 -4.34
N PHE R 10 37.05 -7.15 -4.74
CA PHE R 10 36.72 -7.74 -6.03
C PHE R 10 37.28 -6.91 -7.18
N ALA R 11 37.11 -5.60 -7.09
CA ALA R 11 37.62 -4.69 -8.13
C ALA R 11 39.13 -4.79 -8.27
N LYS R 12 39.84 -4.97 -7.15
CA LYS R 12 41.29 -5.12 -7.22
C LYS R 12 41.66 -6.40 -7.93
N LEU R 13 40.95 -7.49 -7.62
CA LEU R 13 41.20 -8.78 -8.24
C LEU R 13 41.08 -8.68 -9.75
N ARG R 14 40.00 -8.08 -10.22
CA ARG R 14 39.78 -7.94 -11.66
C ARG R 14 40.88 -7.13 -12.33
N ALA R 15 41.33 -6.07 -11.67
CA ALA R 15 42.41 -5.25 -12.23
C ALA R 15 43.69 -6.07 -12.32
N ALA R 16 43.96 -6.87 -11.30
CA ALA R 16 45.15 -7.70 -11.30
C ALA R 16 45.06 -8.77 -12.40
N GLN R 17 43.89 -9.39 -12.54
CA GLN R 17 43.73 -10.41 -13.56
C GLN R 17 43.94 -9.80 -14.92
N TYR R 18 43.37 -8.62 -15.12
CA TYR R 18 43.51 -7.92 -16.40
C TYR R 18 45.00 -7.68 -16.72
N ALA R 19 45.75 -7.26 -15.72
CA ALA R 19 47.18 -7.00 -15.89
C ALA R 19 47.97 -8.27 -16.18
N ALA R 20 47.58 -9.39 -15.56
CA ALA R 20 48.30 -10.65 -15.75
C ALA R 20 48.37 -11.06 -17.21
N PHE R 21 47.44 -10.57 -18.02
CA PHE R 21 47.46 -10.90 -19.43
C PHE R 21 47.90 -9.74 -20.32
N HIS R 22 47.35 -8.55 -20.05
CA HIS R 22 47.61 -7.36 -20.85
C HIS R 22 48.89 -6.55 -20.63
N THR R 23 49.35 -6.44 -19.38
CA THR R 23 50.54 -5.64 -19.12
C THR R 23 51.78 -6.31 -18.55
N ASP R 24 51.63 -7.39 -17.79
CA ASP R 24 52.79 -8.09 -17.26
C ASP R 24 53.74 -8.44 -18.40
N ALA R 25 55.01 -8.65 -18.06
CA ALA R 25 55.98 -8.99 -19.09
C ALA R 25 55.77 -10.44 -19.50
N PRO R 26 55.69 -10.70 -20.82
CA PRO R 26 55.48 -12.05 -21.34
C PRO R 26 56.42 -13.07 -20.71
N GLY R 27 55.85 -14.14 -20.15
CA GLY R 27 56.65 -15.17 -19.53
C GLY R 27 57.10 -14.91 -18.11
N SER R 28 56.77 -13.75 -17.55
CA SER R 28 57.18 -13.46 -16.18
C SER R 28 56.54 -14.41 -15.16
N TRP R 29 55.26 -14.75 -15.36
CA TRP R 29 54.56 -15.65 -14.44
C TRP R 29 55.26 -17.01 -14.41
N PHE R 30 55.67 -17.52 -15.56
CA PHE R 30 56.37 -18.80 -15.62
C PHE R 30 57.63 -18.71 -14.76
N ASP R 31 58.43 -17.68 -14.99
CA ASP R 31 59.66 -17.51 -14.23
C ASP R 31 59.38 -17.48 -12.74
N HIS R 32 58.32 -16.78 -12.36
CA HIS R 32 57.98 -16.72 -10.95
C HIS R 32 57.64 -18.08 -10.36
N THR R 33 56.83 -18.88 -11.05
CA THR R 33 56.48 -20.20 -10.50
C THR R 33 57.70 -21.12 -10.50
N SER R 34 58.63 -20.91 -11.43
CA SER R 34 59.84 -21.72 -11.46
C SER R 34 60.57 -21.46 -10.13
N GLY R 35 60.54 -20.20 -9.70
CA GLY R 35 61.18 -19.85 -8.45
C GLY R 35 60.52 -20.54 -7.28
N VAL R 36 59.20 -20.51 -7.22
CA VAL R 36 58.48 -21.16 -6.13
C VAL R 36 58.80 -22.65 -6.07
N LEU R 37 58.87 -23.30 -7.23
CA LEU R 37 59.16 -24.73 -7.28
C LEU R 37 60.57 -25.06 -6.81
N GLU R 38 61.53 -24.20 -7.16
CA GLU R 38 62.91 -24.43 -6.77
C GLU R 38 63.11 -24.30 -5.25
N SER R 39 62.28 -23.50 -4.61
CA SER R 39 62.38 -23.29 -3.17
C SER R 39 61.73 -24.40 -2.34
N VAL R 40 61.26 -25.44 -3.01
CA VAL R 40 60.61 -26.55 -2.30
C VAL R 40 61.64 -27.43 -1.58
N GLU R 41 61.23 -27.97 -0.43
CA GLU R 41 62.08 -28.81 0.41
C GLU R 41 62.73 -30.06 -0.17
N ASP R 42 62.65 -30.28 -1.48
CA ASP R 42 63.26 -31.48 -2.08
C ASP R 42 62.52 -32.71 -1.57
N GLY R 43 62.13 -33.59 -2.49
CA GLY R 43 61.41 -34.79 -2.09
C GLY R 43 59.98 -34.46 -1.74
N THR R 44 59.67 -33.17 -1.75
CA THR R 44 58.32 -32.69 -1.45
C THR R 44 57.43 -32.82 -2.69
N PRO R 45 56.27 -33.47 -2.55
CA PRO R 45 55.34 -33.65 -3.69
C PRO R 45 54.87 -32.29 -4.21
N VAL R 46 54.93 -32.08 -5.52
CA VAL R 46 54.48 -30.81 -6.09
C VAL R 46 53.39 -30.96 -7.14
N LEU R 47 53.31 -32.14 -7.77
CA LEU R 47 52.32 -32.35 -8.82
C LEU R 47 51.72 -33.75 -8.80
N ALA R 48 50.41 -33.84 -8.93
CA ALA R 48 49.71 -35.13 -8.97
C ALA R 48 48.87 -35.15 -10.25
N ILE R 49 48.95 -36.25 -10.99
CA ILE R 49 48.19 -36.37 -12.24
C ILE R 49 47.61 -37.78 -12.36
N GLY R 50 46.43 -37.89 -12.94
CA GLY R 50 45.79 -39.18 -13.06
C GLY R 50 46.25 -40.11 -14.17
N VAL R 51 46.37 -41.40 -13.84
CA VAL R 51 46.76 -42.40 -14.81
C VAL R 51 45.47 -43.04 -15.33
N GLU R 52 45.58 -43.90 -16.33
CA GLU R 52 44.43 -44.52 -16.95
C GLU R 52 43.32 -45.01 -16.04
N SER R 53 43.70 -45.72 -14.98
CA SER R 53 42.73 -46.26 -14.03
C SER R 53 41.94 -45.24 -13.24
N GLY R 54 42.49 -44.04 -13.08
CA GLY R 54 41.81 -43.03 -12.29
C GLY R 54 42.63 -42.71 -11.06
N ASP R 55 43.61 -43.56 -10.75
CA ASP R 55 44.51 -43.34 -9.62
C ASP R 55 45.43 -42.21 -10.06
N ALA R 56 46.27 -41.74 -9.14
CA ALA R 56 47.19 -40.66 -9.47
C ALA R 56 48.63 -40.96 -9.08
N ILE R 57 49.56 -40.45 -9.88
CA ILE R 57 50.99 -40.60 -9.59
C ILE R 57 51.47 -39.22 -9.17
N VAL R 58 52.54 -39.16 -8.38
CA VAL R 58 53.05 -37.89 -7.87
C VAL R 58 54.52 -37.63 -8.23
N PHE R 59 54.85 -36.37 -8.46
CA PHE R 59 56.22 -36.00 -8.81
C PHE R 59 56.78 -34.90 -7.89
N ASP R 60 58.11 -34.82 -7.84
CA ASP R 60 58.77 -33.79 -7.04
C ASP R 60 59.18 -32.69 -8.01
N LYS R 61 59.76 -31.62 -7.48
CA LYS R 61 60.16 -30.50 -8.32
C LYS R 61 61.11 -30.83 -9.46
N ASN R 62 61.73 -32.00 -9.40
CA ASN R 62 62.65 -32.41 -10.45
C ASN R 62 62.05 -33.41 -11.41
N ALA R 63 60.72 -33.47 -11.46
CA ALA R 63 60.04 -34.38 -12.35
C ALA R 63 60.40 -35.82 -12.06
N GLN R 64 60.77 -36.09 -10.83
CA GLN R 64 61.10 -37.46 -10.45
C GLN R 64 59.88 -37.99 -9.72
N ARG R 65 59.46 -39.20 -10.05
CA ARG R 65 58.29 -39.78 -9.43
C ARG R 65 58.51 -40.22 -7.98
N ILE R 66 57.54 -39.92 -7.13
CA ILE R 66 57.60 -40.26 -5.71
C ILE R 66 56.82 -41.53 -5.42
N VAL R 67 57.49 -42.54 -4.90
CA VAL R 67 56.85 -43.81 -4.62
C VAL R 67 56.35 -43.97 -3.19
N ALA R 68 57.02 -43.33 -2.24
CA ALA R 68 56.61 -43.42 -0.84
C ALA R 68 56.74 -42.09 -0.13
N TYR R 69 55.70 -41.71 0.61
CA TYR R 69 55.71 -40.44 1.32
C TYR R 69 54.68 -40.47 2.44
N LYS R 70 55.16 -40.41 3.67
CA LYS R 70 54.30 -40.47 4.85
C LYS R 70 53.39 -39.27 4.97
N GLU R 71 52.16 -39.54 5.42
CA GLU R 71 51.14 -38.51 5.60
C GLU R 71 51.69 -37.22 6.19
N LYS R 72 51.32 -36.10 5.58
CA LYS R 72 51.75 -34.79 6.04
C LYS R 72 50.65 -33.78 5.70
N SER R 73 50.29 -32.95 6.68
CA SER R 73 49.25 -31.96 6.49
C SER R 73 49.74 -30.53 6.50
N VAL R 74 48.93 -29.64 5.95
CA VAL R 74 49.26 -28.22 5.88
C VAL R 74 47.97 -27.43 6.01
N LYS R 75 47.95 -26.46 6.92
CA LYS R 75 46.77 -25.63 7.12
C LYS R 75 46.96 -24.27 6.47
N ALA R 76 45.98 -23.87 5.65
CA ALA R 76 46.03 -22.60 4.96
C ALA R 76 45.31 -21.53 5.78
N GLU R 77 45.32 -20.29 5.30
CA GLU R 77 44.66 -19.20 6.00
C GLU R 77 43.15 -19.46 5.94
N ASP R 78 42.75 -20.20 4.93
CA ASP R 78 41.36 -20.57 4.72
C ASP R 78 40.87 -21.37 5.93
N GLY R 79 41.81 -21.88 6.71
CA GLY R 79 41.47 -22.68 7.87
C GLY R 79 41.41 -24.14 7.43
N SER R 80 41.30 -24.33 6.13
CA SER R 80 41.24 -25.66 5.53
C SER R 80 42.62 -26.31 5.57
N VAL R 81 42.65 -27.64 5.54
CA VAL R 81 43.92 -28.34 5.56
C VAL R 81 44.03 -29.31 4.38
N SER R 82 45.23 -29.39 3.81
CA SER R 82 45.49 -30.29 2.71
C SER R 82 46.40 -31.39 3.22
N VAL R 83 46.21 -32.61 2.73
CA VAL R 83 47.02 -33.73 3.16
C VAL R 83 47.56 -34.48 1.95
N VAL R 84 48.80 -34.92 2.05
CA VAL R 84 49.42 -35.67 0.96
C VAL R 84 50.05 -36.94 1.51
N GLN R 85 49.82 -38.05 0.83
CA GLN R 85 50.36 -39.33 1.25
C GLN R 85 50.52 -40.22 0.04
N VAL R 86 51.74 -40.69 -0.20
CA VAL R 86 51.99 -41.58 -1.32
C VAL R 86 52.39 -42.94 -0.79
N GLU R 87 51.79 -44.00 -1.33
CA GLU R 87 52.09 -45.34 -0.90
C GLU R 87 52.13 -46.30 -2.07
N ASN R 88 53.24 -47.02 -2.18
CA ASN R 88 53.42 -48.00 -3.24
C ASN R 88 53.34 -47.37 -4.63
N GLY R 89 53.82 -46.14 -4.75
CA GLY R 89 53.80 -45.47 -6.03
C GLY R 89 52.54 -44.71 -6.41
N PHE R 90 51.51 -44.76 -5.57
CA PHE R 90 50.26 -44.06 -5.86
C PHE R 90 49.78 -43.20 -4.70
N MET R 91 49.13 -42.09 -5.06
CA MET R 91 48.60 -41.16 -4.07
C MET R 91 47.54 -41.85 -3.22
N LYS R 92 47.67 -41.75 -1.90
CA LYS R 92 46.71 -42.36 -0.98
C LYS R 92 45.84 -41.26 -0.40
N GLN R 93 46.42 -40.06 -0.30
CA GLN R 93 45.71 -38.90 0.20
C GLN R 93 46.19 -37.69 -0.57
N GLY R 94 45.26 -36.80 -0.93
CA GLY R 94 45.60 -35.62 -1.68
C GLY R 94 44.62 -35.42 -2.81
N HIS R 95 44.97 -34.55 -3.77
CA HIS R 95 44.10 -34.27 -4.90
C HIS R 95 44.92 -34.16 -6.17
N ARG R 96 44.26 -34.18 -7.33
CA ARG R 96 44.97 -34.06 -8.59
C ARG R 96 45.33 -32.58 -8.77
N GLY R 97 46.42 -32.32 -9.47
CA GLY R 97 46.85 -30.94 -9.69
C GLY R 97 48.10 -30.56 -8.92
N TRP R 98 48.39 -29.27 -8.83
CA TRP R 98 49.54 -28.79 -8.10
C TRP R 98 49.34 -28.98 -6.60
N LEU R 99 50.33 -29.58 -5.95
CA LEU R 99 50.25 -29.84 -4.52
C LEU R 99 50.92 -28.76 -3.70
N VAL R 100 51.35 -27.71 -4.39
CA VAL R 100 52.00 -26.57 -3.77
C VAL R 100 51.37 -25.31 -4.35
N ASP R 101 51.23 -24.27 -3.53
CA ASP R 101 50.62 -23.03 -3.98
C ASP R 101 51.54 -22.21 -4.86
N LEU R 102 51.13 -22.01 -6.10
CA LEU R 102 51.91 -21.24 -7.07
C LEU R 102 51.25 -19.90 -7.38
N THR R 103 49.95 -19.81 -7.14
CA THR R 103 49.19 -18.61 -7.46
C THR R 103 48.86 -17.65 -6.32
N GLY R 104 48.95 -18.11 -5.07
CA GLY R 104 48.61 -17.23 -3.98
C GLY R 104 47.14 -16.91 -4.12
N GLU R 105 46.75 -15.66 -3.90
CA GLU R 105 45.34 -15.33 -4.04
C GLU R 105 45.03 -14.72 -5.40
N LEU R 106 46.02 -14.77 -6.28
CA LEU R 106 45.86 -14.26 -7.63
C LEU R 106 45.35 -15.43 -8.49
N VAL R 107 44.05 -15.68 -8.43
CA VAL R 107 43.46 -16.77 -9.19
C VAL R 107 42.57 -16.27 -10.33
N GLY R 108 42.27 -17.16 -11.26
CA GLY R 108 41.42 -16.80 -12.39
C GLY R 108 42.12 -16.04 -13.50
N CYS R 109 43.44 -16.22 -13.64
CA CYS R 109 44.20 -15.52 -14.68
C CYS R 109 44.56 -16.42 -15.85
N SER R 110 44.98 -15.76 -16.94
CA SER R 110 45.46 -16.41 -18.15
C SER R 110 46.79 -15.68 -18.34
N PRO R 111 47.79 -15.99 -17.50
CA PRO R 111 49.12 -15.35 -17.55
C PRO R 111 49.72 -15.34 -18.96
N VAL R 112 50.12 -14.15 -19.42
CA VAL R 112 50.71 -14.04 -20.75
C VAL R 112 51.96 -14.93 -20.79
N VAL R 113 52.04 -15.78 -21.80
CA VAL R 113 53.16 -16.70 -21.93
C VAL R 113 54.20 -16.22 -22.93
N ALA R 114 53.77 -15.40 -23.88
CA ALA R 114 54.67 -14.88 -24.91
C ALA R 114 53.97 -13.87 -25.81
N GLU R 115 54.77 -13.25 -26.66
CA GLU R 115 54.27 -12.27 -27.61
C GLU R 115 54.93 -12.58 -28.95
N PHE R 116 54.15 -12.51 -30.02
CA PHE R 116 54.67 -12.81 -31.34
C PHE R 116 53.82 -12.13 -32.40
N GLY R 117 54.47 -11.64 -33.45
CA GLY R 117 53.74 -10.99 -34.53
C GLY R 117 52.81 -9.88 -34.07
N GLY R 118 53.09 -9.29 -32.92
CA GLY R 118 52.26 -8.21 -32.41
C GLY R 118 51.07 -8.64 -31.57
N HIS R 119 51.02 -9.92 -31.20
CA HIS R 119 49.92 -10.43 -30.38
C HIS R 119 50.41 -11.12 -29.13
N ARG R 120 49.67 -10.95 -28.04
CA ARG R 120 50.01 -11.60 -26.79
C ARG R 120 49.28 -12.96 -26.75
N TYR R 121 49.95 -13.99 -26.29
CA TYR R 121 49.37 -15.33 -26.20
C TYR R 121 49.29 -15.76 -24.75
N ALA R 122 48.21 -16.46 -24.41
CA ALA R 122 48.00 -16.89 -23.03
C ALA R 122 48.57 -18.25 -22.73
N SER R 123 48.87 -18.47 -21.46
CA SER R 123 49.36 -19.77 -21.02
C SER R 123 48.09 -20.59 -20.80
N GLY R 124 48.25 -21.84 -20.37
CA GLY R 124 47.09 -22.70 -20.18
C GLY R 124 47.05 -23.64 -21.36
N MET R 125 45.88 -24.21 -21.67
CA MET R 125 45.82 -25.11 -22.81
C MET R 125 45.23 -24.50 -24.07
N VAL R 126 45.87 -24.82 -25.20
CA VAL R 126 45.45 -24.34 -26.49
C VAL R 126 45.14 -25.53 -27.37
N ILE R 127 43.90 -25.66 -27.81
CA ILE R 127 43.56 -26.76 -28.70
C ILE R 127 43.54 -26.24 -30.13
N VAL R 128 44.27 -26.95 -30.99
CA VAL R 128 44.36 -26.61 -32.41
C VAL R 128 43.53 -27.65 -33.12
N THR R 129 42.43 -27.20 -33.72
CA THR R 129 41.56 -28.13 -34.39
C THR R 129 40.88 -27.52 -35.61
N GLY R 130 39.76 -28.13 -36.01
CA GLY R 130 39.04 -27.67 -37.18
C GLY R 130 38.95 -28.81 -38.17
N LYS R 131 38.03 -28.72 -39.12
CA LYS R 131 37.91 -29.78 -40.10
C LYS R 131 38.23 -29.16 -41.44
N GLY R 132 39.23 -29.71 -42.12
CA GLY R 132 39.59 -29.16 -43.41
C GLY R 132 40.93 -29.66 -43.92
N ASN R 133 41.48 -28.96 -44.90
CA ASN R 133 42.75 -29.35 -45.50
C ASN R 133 43.97 -28.94 -44.67
N SER R 134 43.90 -27.77 -44.03
CA SER R 134 45.01 -27.28 -43.22
C SER R 134 45.42 -28.31 -42.14
N GLY R 135 46.69 -28.70 -42.17
CA GLY R 135 47.21 -29.68 -41.23
C GLY R 135 47.53 -29.12 -39.87
N LYS R 136 47.13 -29.84 -38.82
CA LYS R 136 47.36 -29.40 -37.46
C LYS R 136 48.79 -29.59 -36.98
N THR R 137 49.42 -30.70 -37.39
CA THR R 137 50.79 -30.97 -36.97
C THR R 137 51.77 -29.86 -37.35
N PRO R 138 51.75 -29.38 -38.61
CA PRO R 138 52.70 -28.31 -38.95
C PRO R 138 52.42 -27.03 -38.17
N LEU R 139 51.15 -26.77 -37.90
CA LEU R 139 50.76 -25.57 -37.16
C LEU R 139 51.22 -25.59 -35.71
N VAL R 140 51.03 -26.71 -35.00
CA VAL R 140 51.46 -26.76 -33.61
C VAL R 140 52.97 -26.60 -33.48
N HIS R 141 53.74 -27.15 -34.42
CA HIS R 141 55.19 -27.02 -34.35
C HIS R 141 55.62 -25.58 -34.67
N ALA R 142 54.93 -24.92 -35.59
CA ALA R 142 55.28 -23.54 -35.91
C ALA R 142 54.94 -22.63 -34.74
N LEU R 143 53.82 -22.91 -34.08
CA LEU R 143 53.39 -22.09 -32.96
C LEU R 143 54.32 -22.34 -31.77
N GLY R 144 54.79 -23.57 -31.64
CA GLY R 144 55.69 -23.90 -30.55
C GLY R 144 57.00 -23.15 -30.68
N GLU R 145 57.56 -23.12 -31.88
CA GLU R 145 58.81 -22.43 -32.11
C GLU R 145 58.62 -20.93 -31.92
N ALA R 146 57.54 -20.39 -32.46
CA ALA R 146 57.28 -18.96 -32.35
C ALA R 146 57.09 -18.49 -30.90
N LEU R 147 56.27 -19.20 -30.13
CA LEU R 147 56.04 -18.79 -28.75
C LEU R 147 57.27 -19.12 -27.91
N GLY R 148 58.04 -20.10 -28.36
CA GLY R 148 59.25 -20.46 -27.63
C GLY R 148 60.22 -19.29 -27.64
N GLY R 149 60.28 -18.60 -28.77
CA GLY R 149 61.16 -17.45 -28.90
C GLY R 149 62.63 -17.78 -28.74
N LYS R 150 63.19 -17.35 -27.62
CA LYS R 150 64.61 -17.61 -27.35
C LYS R 150 64.82 -19.01 -26.83
N ASP R 151 63.76 -19.61 -26.31
CA ASP R 151 63.83 -20.95 -25.75
C ASP R 151 63.30 -22.01 -26.71
N LYS R 152 63.77 -23.23 -26.52
CA LYS R 152 63.31 -24.35 -27.32
C LYS R 152 61.95 -24.78 -26.75
N TYR R 153 61.15 -25.46 -27.54
CA TYR R 153 59.87 -25.92 -27.04
C TYR R 153 59.95 -27.43 -26.89
N ALA R 154 59.16 -27.98 -25.98
CA ALA R 154 59.15 -29.42 -25.72
C ALA R 154 58.03 -30.10 -26.51
N THR R 155 58.32 -31.27 -27.05
CA THR R 155 57.34 -32.02 -27.82
C THR R 155 56.96 -33.36 -27.23
N VAL R 156 55.68 -33.53 -26.92
CA VAL R 156 55.17 -34.77 -26.37
C VAL R 156 54.43 -35.45 -27.51
N ARG R 157 54.88 -36.66 -27.88
CA ARG R 157 54.24 -37.39 -28.98
C ARG R 157 53.36 -38.52 -28.45
N PHE R 158 52.15 -38.65 -28.99
CA PHE R 158 51.24 -39.69 -28.52
C PHE R 158 50.19 -40.20 -29.52
N GLY R 159 50.03 -41.52 -29.55
CA GLY R 159 49.03 -42.18 -30.38
C GLY R 159 48.91 -41.99 -31.88
N GLU R 160 50.03 -42.02 -32.58
CA GLU R 160 50.01 -41.87 -34.03
C GLU R 160 50.78 -43.07 -34.60
N PRO R 161 50.31 -43.64 -35.72
CA PRO R 161 50.99 -44.80 -36.30
C PRO R 161 52.29 -44.48 -37.04
N LEU R 162 53.20 -43.80 -36.35
CA LEU R 162 54.50 -43.41 -36.88
C LEU R 162 55.60 -43.93 -35.97
N SER R 163 56.83 -43.98 -36.47
CA SER R 163 57.96 -44.50 -35.69
C SER R 163 58.25 -43.72 -34.42
N GLY R 164 58.59 -44.46 -33.36
CA GLY R 164 58.92 -43.82 -32.10
C GLY R 164 57.79 -43.21 -31.30
N TYR R 165 56.54 -43.39 -31.74
CA TYR R 165 55.41 -42.82 -31.02
C TYR R 165 54.93 -43.70 -29.89
N ASN R 166 54.86 -43.13 -28.68
CA ASN R 166 54.35 -43.87 -27.54
C ASN R 166 52.84 -43.95 -27.70
N THR R 167 52.25 -45.08 -27.33
CA THR R 167 50.80 -45.22 -27.43
C THR R 167 50.17 -45.66 -26.12
N ASP R 168 50.98 -45.69 -25.05
CA ASP R 168 50.53 -46.09 -23.72
C ASP R 168 50.18 -44.82 -22.92
N PHE R 169 48.91 -44.69 -22.54
CA PHE R 169 48.45 -43.52 -21.81
C PHE R 169 49.27 -43.17 -20.57
N ASN R 170 49.67 -44.17 -19.80
CA ASN R 170 50.44 -43.87 -18.59
C ASN R 170 51.83 -43.26 -18.86
N VAL R 171 52.45 -43.62 -19.98
CA VAL R 171 53.75 -43.04 -20.32
C VAL R 171 53.46 -41.59 -20.75
N PHE R 172 52.29 -41.40 -21.36
CA PHE R 172 51.86 -40.10 -21.83
C PHE R 172 51.71 -39.05 -20.71
N VAL R 173 51.04 -39.42 -19.61
CA VAL R 173 50.87 -38.47 -18.51
C VAL R 173 52.20 -38.22 -17.84
N ASP R 174 53.10 -39.18 -17.95
CA ASP R 174 54.43 -39.02 -17.37
C ASP R 174 55.18 -37.95 -18.18
N ASP R 175 55.11 -38.05 -19.50
CA ASP R 175 55.76 -37.04 -20.36
C ASP R 175 55.17 -35.65 -20.13
N ILE R 176 53.85 -35.59 -19.94
CA ILE R 176 53.19 -34.30 -19.72
C ILE R 176 53.58 -33.65 -18.39
N ALA R 177 53.60 -34.44 -17.33
CA ALA R 177 53.96 -33.91 -16.02
C ALA R 177 55.39 -33.33 -16.10
N ARG R 178 56.32 -34.08 -16.66
CA ARG R 178 57.70 -33.63 -16.77
C ARG R 178 57.80 -32.36 -17.60
N ALA R 179 57.07 -32.32 -18.71
CA ALA R 179 57.10 -31.15 -19.57
C ALA R 179 56.63 -29.88 -18.86
N MET R 180 55.52 -29.97 -18.12
CA MET R 180 55.01 -28.79 -17.42
C MET R 180 55.90 -28.35 -16.27
N LEU R 181 56.63 -29.30 -15.71
CA LEU R 181 57.53 -28.97 -14.61
C LEU R 181 58.81 -28.33 -15.13
N GLN R 182 59.16 -28.60 -16.38
CA GLN R 182 60.41 -28.07 -16.91
C GLN R 182 60.43 -27.12 -18.08
N HIS R 183 59.30 -26.90 -18.75
CA HIS R 183 59.32 -26.00 -19.90
C HIS R 183 58.10 -25.08 -19.99
N ARG R 184 58.33 -23.92 -20.62
CA ARG R 184 57.30 -22.90 -20.80
C ARG R 184 56.38 -23.18 -21.99
N VAL R 185 56.95 -23.72 -23.07
CA VAL R 185 56.18 -24.01 -24.28
C VAL R 185 56.20 -25.49 -24.59
N ILE R 186 55.02 -26.09 -24.60
CA ILE R 186 54.87 -27.51 -24.82
C ILE R 186 53.90 -27.82 -25.96
N VAL R 187 54.26 -28.81 -26.76
CA VAL R 187 53.44 -29.23 -27.87
C VAL R 187 53.05 -30.68 -27.66
N ILE R 188 51.76 -30.97 -27.78
CA ILE R 188 51.27 -32.34 -27.63
C ILE R 188 50.74 -32.72 -29.00
N ASP R 189 51.39 -33.67 -29.67
CA ASP R 189 50.86 -34.02 -30.96
C ASP R 189 49.98 -35.22 -30.87
N SER R 190 48.70 -34.90 -31.00
CA SER R 190 47.57 -35.79 -30.99
C SER R 190 46.91 -36.03 -29.65
N LEU R 191 45.78 -35.36 -29.47
CA LEU R 191 44.96 -35.54 -28.28
C LEU R 191 43.98 -36.66 -28.66
N LYS R 192 44.21 -37.25 -29.83
CA LYS R 192 43.39 -38.36 -30.32
C LYS R 192 43.52 -39.44 -29.27
N ASN R 193 42.75 -40.52 -29.41
CA ASN R 193 42.80 -41.60 -28.41
C ASN R 193 42.17 -41.05 -27.13
N VAL R 194 42.82 -40.09 -26.49
CA VAL R 194 42.23 -39.46 -25.32
C VAL R 194 41.07 -38.68 -25.94
N ILE R 195 40.02 -38.38 -25.19
CA ILE R 195 38.90 -37.66 -25.79
C ILE R 195 38.44 -38.47 -27.00
N ILE R 207 35.27 -43.59 -22.49
CA ILE R 207 36.56 -42.96 -22.21
C ILE R 207 37.01 -43.33 -20.79
N SER R 208 38.31 -43.62 -20.65
CA SER R 208 38.86 -44.00 -19.35
C SER R 208 38.84 -42.84 -18.36
N ARG R 209 38.91 -43.17 -17.08
CA ARG R 209 38.90 -42.14 -16.04
C ARG R 209 40.11 -41.23 -16.17
N GLY R 210 41.25 -41.81 -16.52
CA GLY R 210 42.45 -41.02 -16.70
C GLY R 210 42.31 -40.00 -17.82
N ALA R 211 41.79 -40.44 -18.96
CA ALA R 211 41.60 -39.54 -20.10
C ALA R 211 40.66 -38.40 -19.73
N PHE R 212 39.60 -38.72 -19.00
CA PHE R 212 38.63 -37.73 -18.58
C PHE R 212 39.24 -36.73 -17.59
N ASP R 213 40.04 -37.24 -16.66
CA ASP R 213 40.71 -36.37 -15.67
C ASP R 213 41.66 -35.40 -16.38
N LEU R 214 42.46 -35.94 -17.30
CA LEU R 214 43.44 -35.16 -18.04
C LEU R 214 42.76 -34.00 -18.77
N LEU R 215 41.69 -34.32 -19.49
CA LEU R 215 40.95 -33.31 -20.24
C LEU R 215 40.44 -32.17 -19.38
N SER R 216 40.03 -32.46 -18.15
CA SER R 216 39.52 -31.41 -17.30
C SER R 216 40.53 -30.80 -16.31
N ASP R 217 41.75 -31.34 -16.27
CA ASP R 217 42.75 -30.82 -15.36
C ASP R 217 43.86 -30.01 -16.02
N ILE R 218 44.31 -30.48 -17.17
CA ILE R 218 45.44 -29.87 -17.86
C ILE R 218 45.42 -28.37 -18.07
N GLY R 219 44.28 -27.80 -18.41
CA GLY R 219 44.22 -26.35 -18.63
C GLY R 219 44.54 -25.57 -17.37
N ALA R 220 43.94 -25.97 -16.25
CA ALA R 220 44.18 -25.28 -14.99
C ALA R 220 45.63 -25.49 -14.51
N MET R 221 46.17 -26.69 -14.73
CA MET R 221 47.54 -26.98 -14.33
C MET R 221 48.48 -26.05 -15.08
N ALA R 222 48.33 -25.99 -16.39
CA ALA R 222 49.17 -25.14 -17.23
C ALA R 222 49.05 -23.65 -16.91
N ALA R 223 47.83 -23.15 -16.78
CA ALA R 223 47.62 -21.73 -16.48
C ALA R 223 48.22 -21.35 -15.14
N SER R 224 48.18 -22.27 -14.18
CA SER R 224 48.74 -22.04 -12.86
C SER R 224 50.27 -21.93 -12.92
N ARG R 225 50.89 -22.76 -13.76
CA ARG R 225 52.34 -22.74 -13.91
C ARG R 225 52.79 -21.58 -14.76
N GLY R 226 51.97 -21.18 -15.72
CA GLY R 226 52.34 -20.09 -16.60
C GLY R 226 52.95 -20.63 -17.89
N CYS R 227 52.77 -21.93 -18.14
CA CYS R 227 53.27 -22.53 -19.37
C CYS R 227 52.10 -22.74 -20.32
N VAL R 228 52.39 -22.93 -21.60
CA VAL R 228 51.35 -23.15 -22.58
C VAL R 228 51.46 -24.54 -23.22
N VAL R 229 50.34 -25.26 -23.25
CA VAL R 229 50.27 -26.59 -23.85
C VAL R 229 49.48 -26.47 -25.15
N ILE R 230 50.16 -26.69 -26.28
CA ILE R 230 49.58 -26.59 -27.62
C ILE R 230 49.28 -27.99 -28.12
N ALA R 231 48.00 -28.37 -28.11
CA ALA R 231 47.59 -29.72 -28.52
C ALA R 231 46.76 -29.82 -29.78
N SER R 232 47.16 -30.72 -30.68
CA SER R 232 46.42 -30.90 -31.92
C SER R 232 45.30 -31.90 -31.67
N LEU R 233 44.16 -31.66 -32.31
CA LEU R 233 43.00 -32.53 -32.15
C LEU R 233 42.20 -32.55 -33.44
N ASN R 234 42.22 -33.67 -34.14
CA ASN R 234 41.45 -33.78 -35.37
C ASN R 234 40.05 -34.28 -35.08
N PRO R 235 39.03 -33.54 -35.55
CA PRO R 235 37.64 -33.95 -35.32
C PRO R 235 37.34 -35.12 -36.26
N THR R 236 38.29 -36.04 -36.31
CA THR R 236 38.23 -37.24 -37.13
C THR R 236 36.82 -37.82 -37.29
N SER R 237 36.48 -38.78 -36.43
CA SER R 237 35.18 -39.42 -36.47
C SER R 237 34.06 -38.40 -36.52
N ASN R 238 33.11 -38.62 -37.43
CA ASN R 238 31.97 -37.73 -37.57
C ASN R 238 30.81 -38.34 -36.79
N ASP R 239 31.17 -39.05 -35.72
CA ASP R 239 30.21 -39.70 -34.83
C ASP R 239 29.78 -38.64 -33.79
N ASP R 240 28.56 -38.14 -33.96
CA ASP R 240 28.01 -37.11 -33.08
C ASP R 240 28.20 -37.27 -31.57
N LYS R 241 28.67 -38.41 -31.11
CA LYS R 241 28.86 -38.58 -29.66
C LYS R 241 30.23 -38.05 -29.25
N ILE R 242 31.20 -38.10 -30.16
CA ILE R 242 32.53 -37.58 -29.87
C ILE R 242 32.75 -36.25 -30.58
N VAL R 243 31.91 -35.95 -31.58
CA VAL R 243 32.02 -34.69 -32.30
C VAL R 243 31.60 -33.60 -31.32
N GLU R 244 30.75 -33.98 -30.38
CA GLU R 244 30.26 -33.07 -29.36
C GLU R 244 31.27 -33.02 -28.22
N LEU R 245 32.07 -34.09 -28.11
CA LEU R 245 33.10 -34.17 -27.09
C LEU R 245 34.28 -33.28 -27.51
N VAL R 246 34.38 -33.05 -28.81
CA VAL R 246 35.43 -32.21 -29.38
C VAL R 246 35.03 -30.75 -29.23
N LYS R 247 33.76 -30.46 -29.49
CA LYS R 247 33.26 -29.10 -29.37
C LYS R 247 33.19 -28.68 -27.89
N GLU R 248 33.09 -29.66 -27.01
CA GLU R 248 33.03 -29.42 -25.58
C GLU R 248 34.43 -29.16 -25.05
N ALA R 249 35.36 -30.04 -25.43
CA ALA R 249 36.74 -29.90 -25.00
C ALA R 249 37.25 -28.53 -25.46
N SER R 250 36.95 -28.20 -26.71
CA SER R 250 37.38 -26.94 -27.27
C SER R 250 36.71 -25.75 -26.58
N ARG R 251 35.42 -25.88 -26.35
CA ARG R 251 34.65 -24.80 -25.73
C ARG R 251 34.96 -24.55 -24.26
N SER R 252 34.88 -25.59 -23.45
CA SER R 252 35.07 -25.45 -22.02
C SER R 252 36.36 -25.88 -21.35
N ASN R 253 37.16 -26.70 -22.01
CA ASN R 253 38.40 -27.16 -21.39
C ASN R 253 39.66 -26.49 -21.90
N SER R 254 39.51 -25.54 -22.82
CA SER R 254 40.65 -24.83 -23.40
C SER R 254 40.73 -23.39 -22.94
N THR R 255 41.95 -22.90 -22.75
CA THR R 255 42.13 -21.51 -22.36
C THR R 255 42.06 -20.70 -23.65
N SER R 256 42.56 -21.28 -24.74
CA SER R 256 42.56 -20.63 -26.03
C SER R 256 42.25 -21.69 -27.07
N LEU R 257 41.75 -21.24 -28.21
CA LEU R 257 41.39 -22.11 -29.30
C LEU R 257 41.99 -21.58 -30.60
N VAL R 258 42.51 -22.48 -31.43
CA VAL R 258 43.07 -22.11 -32.72
C VAL R 258 42.37 -23.01 -33.73
N ILE R 259 41.54 -22.43 -34.58
CA ILE R 259 40.78 -23.21 -35.57
C ILE R 259 41.03 -22.79 -37.02
N SER R 260 41.04 -23.77 -37.91
CA SER R 260 41.25 -23.50 -39.32
C SER R 260 40.00 -22.86 -39.93
N THR R 261 40.18 -22.14 -41.03
CA THR R 261 39.06 -21.48 -41.69
C THR R 261 38.90 -22.07 -43.07
N ASP R 262 38.00 -21.49 -43.86
CA ASP R 262 37.76 -21.98 -45.21
C ASP R 262 38.78 -21.48 -46.21
N VAL R 263 39.70 -20.64 -45.76
CA VAL R 263 40.76 -20.11 -46.61
C VAL R 263 42.04 -20.86 -46.26
N ASP R 264 42.68 -21.44 -47.27
CA ASP R 264 43.90 -22.21 -47.05
C ASP R 264 45.04 -21.45 -46.35
N GLY R 265 45.57 -22.08 -45.30
CA GLY R 265 46.66 -21.49 -44.55
C GLY R 265 46.24 -20.48 -43.50
N GLU R 266 44.95 -20.15 -43.46
CA GLU R 266 44.48 -19.18 -42.48
C GLU R 266 43.89 -19.82 -41.23
N TRP R 267 44.22 -19.27 -40.07
CA TRP R 267 43.72 -19.79 -38.81
C TRP R 267 43.18 -18.68 -37.95
N GLN R 268 42.24 -19.02 -37.07
CA GLN R 268 41.62 -18.06 -36.18
C GLN R 268 42.00 -18.41 -34.74
N VAL R 269 42.46 -17.41 -34.00
CA VAL R 269 42.85 -17.62 -32.59
C VAL R 269 41.84 -16.96 -31.66
N LEU R 270 41.22 -17.76 -30.78
CA LEU R 270 40.24 -17.24 -29.82
C LEU R 270 40.86 -17.46 -28.45
N THR R 271 41.06 -16.40 -27.68
CA THR R 271 41.68 -16.56 -26.38
C THR R 271 40.94 -15.94 -25.21
N ARG R 272 40.84 -16.71 -24.12
CA ARG R 272 40.18 -16.25 -22.91
C ARG R 272 41.24 -15.51 -22.11
N THR R 273 41.04 -14.22 -21.93
CA THR R 273 42.00 -13.38 -21.21
C THR R 273 41.94 -13.44 -19.70
N GLY R 274 40.93 -14.13 -19.17
CA GLY R 274 40.81 -14.23 -17.73
C GLY R 274 39.40 -14.46 -17.23
N GLU R 275 39.31 -14.72 -15.93
CA GLU R 275 38.02 -14.97 -15.27
C GLU R 275 37.05 -13.81 -15.47
N GLY R 276 35.96 -14.07 -16.19
CA GLY R 276 34.97 -13.03 -16.41
C GLY R 276 35.39 -11.96 -17.39
N LEU R 277 36.59 -12.07 -17.95
CA LEU R 277 37.08 -11.08 -18.90
C LEU R 277 36.65 -11.43 -20.32
N GLN R 278 36.94 -10.53 -21.25
CA GLN R 278 36.56 -10.71 -22.65
C GLN R 278 37.38 -11.74 -23.42
N ARG R 279 36.73 -12.45 -24.33
CA ARG R 279 37.41 -13.42 -25.16
C ARG R 279 37.87 -12.65 -26.42
N LEU R 280 39.16 -12.69 -26.70
CA LEU R 280 39.70 -11.98 -27.86
C LEU R 280 39.92 -12.89 -29.05
N THR R 281 40.03 -12.28 -30.23
CA THR R 281 40.24 -13.03 -31.45
C THR R 281 41.13 -12.27 -32.44
N HIS R 282 41.98 -13.00 -33.14
CA HIS R 282 42.83 -12.44 -34.19
C HIS R 282 43.11 -13.53 -35.22
N THR R 283 43.59 -13.14 -36.40
CA THR R 283 43.85 -14.11 -37.45
C THR R 283 45.33 -14.34 -37.74
N LEU R 284 45.63 -15.51 -38.30
CA LEU R 284 46.99 -15.90 -38.64
C LEU R 284 47.06 -16.36 -40.08
N GLN R 285 48.11 -15.95 -40.79
CA GLN R 285 48.33 -16.38 -42.18
C GLN R 285 49.59 -17.23 -42.13
N THR R 286 49.63 -18.29 -42.92
CA THR R 286 50.79 -19.18 -42.91
C THR R 286 51.15 -19.69 -44.30
N SER R 287 52.36 -20.25 -44.42
CA SER R 287 52.81 -20.80 -45.70
C SER R 287 53.88 -21.85 -45.46
N TYR R 288 53.97 -22.81 -46.37
CA TYR R 288 54.94 -23.89 -46.26
C TYR R 288 56.28 -23.60 -46.94
N GLY R 289 57.35 -24.11 -46.34
CA GLY R 289 58.68 -23.96 -46.88
C GLY R 289 59.08 -25.34 -47.35
N GLU R 290 60.34 -25.74 -47.13
CA GLU R 290 60.78 -27.05 -47.56
C GLU R 290 60.48 -28.12 -46.50
N HIS R 291 60.24 -29.35 -46.96
CA HIS R 291 59.94 -30.46 -46.07
C HIS R 291 58.73 -30.19 -45.17
N SER R 292 57.77 -29.43 -45.70
CA SER R 292 56.55 -29.10 -44.98
C SER R 292 56.73 -28.27 -43.71
N VAL R 293 57.83 -27.53 -43.62
CA VAL R 293 58.05 -26.67 -42.46
C VAL R 293 57.14 -25.46 -42.66
N LEU R 294 56.29 -25.20 -41.69
CA LEU R 294 55.32 -24.10 -41.78
C LEU R 294 55.83 -22.82 -41.12
N THR R 295 55.46 -21.69 -41.70
CA THR R 295 55.86 -20.39 -41.15
C THR R 295 54.63 -19.52 -40.92
N ILE R 296 54.58 -18.87 -39.76
CA ILE R 296 53.47 -17.99 -39.42
C ILE R 296 53.90 -16.55 -39.76
N HIS R 297 53.22 -15.91 -40.70
CA HIS R 297 53.57 -14.56 -41.08
C HIS R 297 53.28 -13.56 -39.98
N THR R 298 54.00 -12.45 -39.99
CA THR R 298 53.82 -11.40 -39.00
C THR R 298 53.73 -10.05 -39.71
N SER R 299 52.61 -9.36 -39.54
CA SER R 299 52.38 -8.07 -40.17
C SER R 299 53.62 -7.17 -40.16
N GLN R 306 40.49 -8.20 -30.73
CA GLN R 306 39.11 -7.73 -30.77
C GLN R 306 38.20 -8.80 -30.15
N ALA R 307 37.14 -8.35 -29.48
CA ALA R 307 36.21 -9.25 -28.81
C ALA R 307 35.25 -9.98 -29.75
N SER R 308 34.84 -11.18 -29.34
CA SER R 308 33.90 -11.99 -30.10
C SER R 308 32.83 -12.51 -29.14
N GLY R 309 31.58 -12.11 -29.37
CA GLY R 309 30.48 -12.55 -28.51
C GLY R 309 30.37 -14.05 -28.37
N LYS R 310 29.65 -14.50 -27.35
CA LYS R 310 29.48 -15.93 -27.10
C LYS R 310 28.68 -16.58 -28.23
N ALA R 311 27.87 -15.76 -28.91
CA ALA R 311 27.06 -16.25 -30.04
C ALA R 311 27.98 -16.53 -31.23
N ILE R 312 28.87 -15.58 -31.52
CA ILE R 312 29.81 -15.73 -32.62
C ILE R 312 30.74 -16.90 -32.34
N GLN R 313 30.94 -17.17 -31.05
CA GLN R 313 31.82 -18.25 -30.59
C GLN R 313 31.30 -19.63 -30.99
N THR R 314 30.01 -19.88 -30.78
CA THR R 314 29.42 -21.16 -31.13
C THR R 314 29.27 -21.29 -32.64
N VAL R 315 29.26 -20.16 -33.34
CA VAL R 315 29.15 -20.17 -34.80
C VAL R 315 30.46 -20.77 -35.30
N ILE R 316 31.52 -20.56 -34.52
CA ILE R 316 32.84 -21.08 -34.86
C ILE R 316 32.88 -22.57 -34.53
N LYS R 317 32.10 -22.95 -33.52
CA LYS R 317 32.02 -24.35 -33.08
C LYS R 317 31.38 -25.32 -34.06
N ASN R 318 30.28 -24.92 -34.69
CA ASN R 318 29.63 -25.82 -35.63
C ASN R 318 30.49 -26.11 -36.86
N ASP R 319 31.68 -25.51 -36.91
CA ASP R 319 32.61 -25.74 -38.01
C ASP R 319 33.11 -27.18 -37.83
N GLU R 320 33.34 -27.54 -36.57
CA GLU R 320 33.83 -28.87 -36.20
C GLU R 320 32.75 -29.92 -36.42
N LEU R 321 31.50 -29.51 -36.23
CA LEU R 321 30.36 -30.41 -36.42
C LEU R 321 30.43 -30.92 -37.85
N MET S 1 14.87 4.85 -61.75
CA MET S 1 15.85 4.80 -62.86
C MET S 1 17.20 4.30 -62.34
N ILE S 2 18.19 4.19 -63.23
CA ILE S 2 19.49 3.76 -62.80
C ILE S 2 20.36 4.99 -62.50
N HIS S 3 21.32 4.83 -61.59
CA HIS S 3 22.21 5.92 -61.22
C HIS S 3 23.66 5.51 -61.40
N LEU S 4 24.51 6.46 -61.77
CA LEU S 4 25.93 6.19 -61.97
C LEU S 4 26.70 6.80 -60.81
N TYR S 5 27.83 6.19 -60.45
CA TYR S 5 28.63 6.69 -59.34
C TYR S 5 30.12 6.45 -59.53
N ASP S 6 30.90 7.20 -58.77
CA ASP S 6 32.35 7.05 -58.69
C ASP S 6 32.56 7.20 -57.19
N ALA S 7 33.78 7.02 -56.72
CA ALA S 7 34.03 7.12 -55.28
C ALA S 7 33.45 8.36 -54.64
N LYS S 8 33.65 9.51 -55.27
CA LYS S 8 33.17 10.76 -54.73
C LYS S 8 31.65 10.91 -54.66
N SER S 9 30.95 10.64 -55.76
CA SER S 9 29.50 10.75 -55.77
C SER S 9 28.90 9.71 -54.81
N PHE S 10 29.50 8.53 -54.72
CA PHE S 10 28.98 7.50 -53.82
C PHE S 10 29.09 7.97 -52.36
N ALA S 11 30.24 8.51 -52.00
CA ALA S 11 30.46 8.99 -50.65
C ALA S 11 29.45 10.06 -50.26
N LYS S 12 29.09 10.92 -51.21
CA LYS S 12 28.11 11.96 -50.92
C LYS S 12 26.75 11.33 -50.66
N LEU S 13 26.39 10.35 -51.49
CA LEU S 13 25.11 9.67 -51.35
C LEU S 13 24.98 9.07 -49.96
N ARG S 14 26.00 8.34 -49.53
CA ARG S 14 25.97 7.73 -48.21
C ARG S 14 25.80 8.76 -47.11
N ALA S 15 26.50 9.89 -47.24
CA ALA S 15 26.39 10.94 -46.22
C ALA S 15 24.96 11.49 -46.19
N ALA S 16 24.38 11.70 -47.36
CA ALA S 16 23.01 12.19 -47.44
C ALA S 16 22.03 11.19 -46.83
N GLN S 17 22.20 9.90 -47.16
CA GLN S 17 21.31 8.86 -46.64
C GLN S 17 21.41 8.84 -45.12
N TYR S 18 22.63 8.92 -44.61
CA TYR S 18 22.86 8.93 -43.17
C TYR S 18 22.09 10.08 -42.51
N ALA S 19 22.16 11.26 -43.12
CA ALA S 19 21.49 12.44 -42.60
C ALA S 19 19.97 12.33 -42.65
N ALA S 20 19.45 11.69 -43.70
CA ALA S 20 18.01 11.53 -43.86
C ALA S 20 17.36 10.85 -42.65
N PHE S 21 18.15 10.06 -41.92
CA PHE S 21 17.61 9.39 -40.74
C PHE S 21 18.10 9.99 -39.43
N HIS S 22 19.40 10.26 -39.35
CA HIS S 22 20.02 10.78 -38.14
C HIS S 22 19.92 12.27 -37.80
N THR S 23 19.97 13.15 -38.81
CA THR S 23 19.94 14.58 -38.52
C THR S 23 18.78 15.41 -39.06
N ASP S 24 18.17 15.01 -40.16
CA ASP S 24 17.03 15.77 -40.69
C ASP S 24 15.98 15.92 -39.59
N ALA S 25 15.14 16.94 -39.71
CA ALA S 25 14.09 17.14 -38.73
C ALA S 25 13.02 16.08 -38.93
N PRO S 26 12.59 15.42 -37.85
CA PRO S 26 11.56 14.37 -37.92
C PRO S 26 10.33 14.81 -38.71
N GLY S 27 9.97 14.03 -39.71
CA GLY S 27 8.79 14.35 -40.50
C GLY S 27 9.00 15.34 -41.63
N SER S 28 10.22 15.85 -41.79
CA SER S 28 10.43 16.83 -42.82
C SER S 28 10.28 16.24 -44.23
N TRP S 29 10.70 14.98 -44.39
CA TRP S 29 10.60 14.32 -45.68
C TRP S 29 9.14 14.17 -46.10
N PHE S 30 8.29 13.83 -45.13
CA PHE S 30 6.85 13.71 -45.43
C PHE S 30 6.32 15.05 -45.95
N ASP S 31 6.60 16.13 -45.21
CA ASP S 31 6.17 17.47 -45.60
C ASP S 31 6.66 17.81 -47.01
N HIS S 32 7.89 17.45 -47.30
CA HIS S 32 8.43 17.72 -48.63
C HIS S 32 7.67 17.00 -49.74
N THR S 33 7.40 15.71 -49.57
CA THR S 33 6.67 14.97 -50.59
C THR S 33 5.23 15.45 -50.69
N SER S 34 4.66 15.93 -49.59
CA SER S 34 3.31 16.46 -49.65
C SER S 34 3.35 17.64 -50.64
N GLY S 35 4.43 18.41 -50.58
CA GLY S 35 4.59 19.56 -51.46
C GLY S 35 4.65 19.13 -52.92
N VAL S 36 5.47 18.13 -53.20
CA VAL S 36 5.59 17.63 -54.55
C VAL S 36 4.24 17.15 -55.09
N LEU S 37 3.47 16.45 -54.27
CA LEU S 37 2.17 15.95 -54.70
C LEU S 37 1.17 17.08 -54.98
N GLU S 38 1.20 18.12 -54.16
CA GLU S 38 0.27 19.23 -54.33
C GLU S 38 0.54 20.00 -55.63
N SER S 39 1.78 19.97 -56.09
CA SER S 39 2.15 20.68 -57.30
C SER S 39 1.85 19.90 -58.58
N VAL S 40 1.18 18.77 -58.46
CA VAL S 40 0.83 17.96 -59.62
C VAL S 40 -0.34 18.58 -60.39
N GLU S 41 -0.31 18.42 -61.72
CA GLU S 41 -1.32 18.96 -62.62
C GLU S 41 -2.80 18.64 -62.42
N ASP S 42 -3.17 17.99 -61.33
CA ASP S 42 -4.58 17.64 -61.11
C ASP S 42 -5.01 16.62 -62.16
N GLY S 43 -5.64 15.53 -61.73
CA GLY S 43 -6.07 14.51 -62.66
C GLY S 43 -4.89 13.68 -63.14
N THR S 44 -3.68 14.09 -62.73
CA THR S 44 -2.47 13.38 -63.08
C THR S 44 -2.28 12.18 -62.15
N PRO S 45 -2.08 10.98 -62.71
CA PRO S 45 -1.88 9.76 -61.93
C PRO S 45 -0.63 9.88 -61.06
N VAL S 46 -0.75 9.57 -59.77
CA VAL S 46 0.41 9.64 -58.88
C VAL S 46 0.74 8.32 -58.19
N LEU S 47 -0.25 7.46 -58.03
CA LEU S 47 -0.03 6.19 -57.35
C LEU S 47 -0.78 5.02 -57.99
N ALA S 48 -0.08 3.89 -58.15
CA ALA S 48 -0.68 2.69 -58.71
C ALA S 48 -0.44 1.55 -57.73
N ILE S 49 -1.49 0.80 -57.42
CA ILE S 49 -1.38 -0.31 -56.48
C ILE S 49 -2.15 -1.52 -56.99
N GLY S 50 -1.65 -2.72 -56.69
CA GLY S 50 -2.29 -3.93 -57.18
C GLY S 50 -3.50 -4.44 -56.45
N VAL S 51 -4.51 -4.85 -57.19
CA VAL S 51 -5.71 -5.43 -56.60
C VAL S 51 -5.54 -6.94 -56.60
N GLU S 52 -6.48 -7.65 -55.98
CA GLU S 52 -6.39 -9.10 -55.86
C GLU S 52 -5.93 -9.89 -57.09
N SER S 53 -6.50 -9.57 -58.25
CA SER S 53 -6.17 -10.26 -59.49
C SER S 53 -4.76 -10.06 -60.00
N GLY S 54 -4.13 -8.96 -59.60
CA GLY S 54 -2.78 -8.68 -60.08
C GLY S 54 -2.79 -7.41 -60.92
N ASP S 55 -3.99 -6.99 -61.32
CA ASP S 55 -4.14 -5.77 -62.11
C ASP S 55 -3.89 -4.65 -61.11
N ALA S 56 -3.86 -3.41 -61.60
CA ALA S 56 -3.61 -2.26 -60.73
C ALA S 56 -4.61 -1.13 -60.93
N ILE S 57 -4.94 -0.44 -59.85
CA ILE S 57 -5.84 0.69 -59.89
C ILE S 57 -4.97 1.93 -59.67
N VAL S 58 -5.40 3.07 -60.18
CA VAL S 58 -4.63 4.30 -60.09
C VAL S 58 -5.36 5.44 -59.39
N PHE S 59 -4.62 6.27 -58.68
CA PHE S 59 -5.20 7.40 -57.96
C PHE S 59 -4.51 8.72 -58.28
N ASP S 60 -5.22 9.82 -58.06
CA ASP S 60 -4.65 11.14 -58.27
C ASP S 60 -4.21 11.67 -56.91
N LYS S 61 -3.62 12.85 -56.89
CA LYS S 61 -3.13 13.45 -55.65
C LYS S 61 -4.19 13.60 -54.56
N ASN S 62 -5.46 13.53 -54.92
CA ASN S 62 -6.52 13.66 -53.93
C ASN S 62 -7.12 12.32 -53.52
N ALA S 63 -6.39 11.24 -53.77
CA ALA S 63 -6.85 9.91 -53.42
C ALA S 63 -8.14 9.57 -54.13
N GLN S 64 -8.35 10.17 -55.30
CA GLN S 64 -9.55 9.87 -56.08
C GLN S 64 -9.11 8.91 -57.17
N ARG S 65 -9.86 7.85 -57.37
CA ARG S 65 -9.51 6.87 -58.37
C ARG S 65 -9.69 7.36 -59.80
N ILE S 66 -8.72 7.06 -60.66
CA ILE S 66 -8.76 7.46 -62.06
C ILE S 66 -9.24 6.30 -62.93
N VAL S 67 -10.34 6.49 -63.64
CA VAL S 67 -10.91 5.46 -64.48
C VAL S 67 -10.46 5.51 -65.95
N ALA S 68 -10.17 6.69 -66.46
CA ALA S 68 -9.73 6.84 -67.85
C ALA S 68 -8.62 7.88 -67.99
N TYR S 69 -7.56 7.53 -68.71
CA TYR S 69 -6.44 8.44 -68.91
C TYR S 69 -5.66 8.01 -70.13
N LYS S 70 -5.67 8.87 -71.15
CA LYS S 70 -4.97 8.59 -72.39
C LYS S 70 -3.46 8.53 -72.24
N GLU S 71 -2.86 7.60 -72.98
CA GLU S 71 -1.42 7.40 -72.96
C GLU S 71 -0.63 8.71 -72.93
N LYS S 72 0.35 8.77 -72.03
CA LYS S 72 1.21 9.93 -71.89
C LYS S 72 2.59 9.46 -71.44
N SER S 73 3.63 9.96 -72.09
CA SER S 73 5.00 9.57 -71.76
C SER S 73 5.83 10.69 -71.15
N VAL S 74 6.90 10.31 -70.48
CA VAL S 74 7.80 11.25 -69.83
C VAL S 74 9.22 10.69 -69.89
N LYS S 75 10.16 11.51 -70.36
CA LYS S 75 11.53 11.09 -70.47
C LYS S 75 12.37 11.68 -69.34
N ALA S 76 13.09 10.83 -68.63
CA ALA S 76 13.94 11.26 -67.52
C ALA S 76 15.35 11.54 -68.02
N GLU S 77 16.22 11.98 -67.12
CA GLU S 77 17.61 12.27 -67.48
C GLU S 77 18.27 10.96 -67.81
N ASP S 78 17.73 9.89 -67.24
CA ASP S 78 18.24 8.54 -67.44
C ASP S 78 18.14 8.20 -68.93
N GLY S 79 17.32 8.96 -69.65
CA GLY S 79 17.13 8.71 -71.07
C GLY S 79 15.94 7.78 -71.22
N SER S 80 15.61 7.10 -70.12
CA SER S 80 14.51 6.16 -70.08
C SER S 80 13.19 6.92 -70.08
N VAL S 81 12.12 6.27 -70.54
CA VAL S 81 10.81 6.91 -70.58
C VAL S 81 9.77 6.08 -69.85
N SER S 82 8.88 6.76 -69.13
CA SER S 82 7.82 6.10 -68.40
C SER S 82 6.51 6.44 -69.10
N VAL S 83 5.59 5.49 -69.13
CA VAL S 83 4.31 5.70 -69.78
C VAL S 83 3.18 5.31 -68.86
N VAL S 84 2.11 6.08 -68.87
CA VAL S 84 0.95 5.80 -68.03
C VAL S 84 -0.31 5.84 -68.88
N GLN S 85 -1.18 4.86 -68.70
CA GLN S 85 -2.42 4.80 -69.45
C GLN S 85 -3.44 4.03 -68.64
N VAL S 86 -4.57 4.66 -68.37
CA VAL S 86 -5.63 4.01 -67.62
C VAL S 86 -6.84 3.82 -68.52
N GLU S 87 -7.40 2.62 -68.53
CA GLU S 87 -8.54 2.32 -69.36
C GLU S 87 -9.53 1.44 -68.64
N ASN S 88 -10.78 1.90 -68.59
CA ASN S 88 -11.85 1.16 -67.94
C ASN S 88 -11.58 0.91 -66.45
N GLY S 89 -10.92 1.86 -65.81
CA GLY S 89 -10.63 1.72 -64.39
C GLY S 89 -9.37 0.98 -64.01
N PHE S 90 -8.63 0.47 -65.00
CA PHE S 90 -7.40 -0.25 -64.70
C PHE S 90 -6.22 0.21 -65.54
N MET S 91 -5.03 0.14 -64.94
CA MET S 91 -3.81 0.55 -65.59
C MET S 91 -3.56 -0.32 -66.83
N LYS S 92 -3.32 0.32 -67.97
CA LYS S 92 -3.05 -0.40 -69.21
C LYS S 92 -1.56 -0.31 -69.50
N GLN S 93 -0.95 0.78 -69.04
CA GLN S 93 0.48 0.99 -69.22
C GLN S 93 0.99 1.70 -67.97
N GLY S 94 2.17 1.30 -67.51
CA GLY S 94 2.75 1.88 -66.32
C GLY S 94 3.29 0.81 -65.39
N HIS S 95 3.55 1.17 -64.14
CA HIS S 95 4.08 0.22 -63.17
C HIS S 95 3.42 0.45 -61.82
N ARG S 96 3.61 -0.49 -60.89
CA ARG S 96 3.04 -0.33 -59.56
C ARG S 96 3.93 0.62 -58.78
N GLY S 97 3.35 1.35 -57.84
CA GLY S 97 4.14 2.30 -57.06
C GLY S 97 3.85 3.75 -57.41
N TRP S 98 4.71 4.67 -56.97
CA TRP S 98 4.53 6.08 -57.23
C TRP S 98 4.80 6.35 -58.70
N LEU S 99 3.87 7.06 -59.34
CA LEU S 99 3.99 7.38 -60.76
C LEU S 99 4.61 8.75 -60.97
N VAL S 100 5.02 9.38 -59.87
CA VAL S 100 5.64 10.71 -59.92
C VAL S 100 6.88 10.61 -59.06
N ASP S 101 7.93 11.33 -59.44
CA ASP S 101 9.18 11.30 -58.69
C ASP S 101 9.10 12.12 -57.40
N LEU S 102 9.26 11.44 -56.27
CA LEU S 102 9.21 12.09 -54.96
C LEU S 102 10.60 12.17 -54.32
N THR S 103 11.49 11.28 -54.75
CA THR S 103 12.82 11.19 -54.17
C THR S 103 13.98 11.83 -54.91
N GLY S 104 13.79 12.10 -56.20
CA GLY S 104 14.89 12.69 -56.96
C GLY S 104 16.01 11.65 -56.99
N GLU S 105 17.25 12.08 -56.79
CA GLU S 105 18.34 11.10 -56.80
C GLU S 105 18.75 10.70 -55.39
N LEU S 106 17.94 11.11 -54.42
CA LEU S 106 18.19 10.76 -53.03
C LEU S 106 17.41 9.45 -52.78
N VAL S 107 18.01 8.33 -53.16
CA VAL S 107 17.35 7.04 -52.98
C VAL S 107 18.05 6.18 -51.93
N GLY S 108 17.35 5.16 -51.45
CA GLY S 108 17.92 4.27 -50.46
C GLY S 108 17.91 4.80 -49.05
N CYS S 109 16.96 5.66 -48.73
CA CYS S 109 16.84 6.22 -47.38
C CYS S 109 15.71 5.62 -46.57
N SER S 110 15.74 5.89 -45.26
CA SER S 110 14.71 5.49 -44.32
C SER S 110 14.45 6.82 -43.62
N PRO S 111 13.80 7.77 -44.31
CA PRO S 111 13.48 9.11 -43.77
C PRO S 111 12.89 9.08 -42.37
N VAL S 112 13.49 9.82 -41.45
CA VAL S 112 12.96 9.85 -40.08
C VAL S 112 11.53 10.38 -40.13
N VAL S 113 10.61 9.63 -39.52
CA VAL S 113 9.21 9.99 -39.52
C VAL S 113 8.78 10.68 -38.23
N ALA S 114 9.50 10.41 -37.16
CA ALA S 114 9.17 10.98 -35.87
C ALA S 114 10.19 10.63 -34.80
N GLU S 115 10.03 11.26 -33.64
CA GLU S 115 10.90 11.02 -32.51
C GLU S 115 10.03 10.90 -31.29
N PHE S 116 10.34 9.92 -30.43
CA PHE S 116 9.55 9.70 -29.24
C PHE S 116 10.38 8.99 -28.19
N GLY S 117 10.18 9.37 -26.93
CA GLY S 117 10.92 8.76 -25.84
C GLY S 117 12.42 8.77 -26.02
N GLY S 118 12.94 9.70 -26.81
CA GLY S 118 14.37 9.76 -27.03
C GLY S 118 14.89 8.92 -28.18
N HIS S 119 14.00 8.38 -28.99
CA HIS S 119 14.42 7.56 -30.12
C HIS S 119 13.83 8.05 -31.43
N ARG S 120 14.60 7.94 -32.50
CA ARG S 120 14.13 8.33 -33.82
C ARG S 120 13.53 7.09 -34.48
N TYR S 121 12.39 7.25 -35.14
CA TYR S 121 11.73 6.14 -35.82
C TYR S 121 11.73 6.40 -37.32
N ALA S 122 11.91 5.34 -38.10
CA ALA S 122 11.94 5.47 -39.55
C ALA S 122 10.58 5.33 -40.21
N SER S 123 10.47 5.89 -41.41
CA SER S 123 9.25 5.80 -42.19
C SER S 123 9.39 4.47 -42.93
N GLY S 124 8.40 4.11 -43.73
CA GLY S 124 8.46 2.84 -44.45
C GLY S 124 7.51 1.90 -43.73
N MET S 125 7.72 0.59 -43.86
CA MET S 125 6.83 -0.32 -43.16
C MET S 125 7.41 -0.94 -41.92
N VAL S 126 6.58 -0.99 -40.88
CA VAL S 126 6.96 -1.56 -39.59
C VAL S 126 6.03 -2.73 -39.30
N ILE S 127 6.59 -3.92 -39.18
CA ILE S 127 5.77 -5.08 -38.84
C ILE S 127 5.90 -5.34 -37.35
N VAL S 128 4.77 -5.44 -36.69
CA VAL S 128 4.70 -5.70 -35.26
C VAL S 128 4.26 -7.15 -35.14
N THR S 129 5.14 -8.00 -34.65
CA THR S 129 4.81 -9.40 -34.53
C THR S 129 5.45 -10.07 -33.32
N GLY S 130 5.57 -11.39 -33.38
CA GLY S 130 6.13 -12.15 -32.29
C GLY S 130 5.10 -13.16 -31.81
N LYS S 131 5.55 -14.20 -31.12
CA LYS S 131 4.62 -15.19 -30.62
C LYS S 131 4.65 -15.11 -29.11
N GLY S 132 3.50 -14.84 -28.51
CA GLY S 132 3.47 -14.75 -27.06
C GLY S 132 2.18 -14.16 -26.53
N ASN S 133 2.21 -13.73 -25.27
CA ASN S 133 1.04 -13.15 -24.63
C ASN S 133 0.80 -11.68 -25.00
N SER S 134 1.87 -10.91 -25.17
CA SER S 134 1.74 -9.51 -25.52
C SER S 134 0.90 -9.31 -26.80
N GLY S 135 -0.17 -8.53 -26.68
CA GLY S 135 -1.06 -8.27 -27.79
C GLY S 135 -0.57 -7.22 -28.78
N LYS S 136 -0.68 -7.54 -30.06
CA LYS S 136 -0.22 -6.64 -31.11
C LYS S 136 -1.14 -5.45 -31.36
N THR S 137 -2.45 -5.67 -31.25
CA THR S 137 -3.39 -4.59 -31.47
C THR S 137 -3.19 -3.38 -30.53
N PRO S 138 -3.03 -3.63 -29.21
CA PRO S 138 -2.82 -2.47 -28.33
C PRO S 138 -1.51 -1.74 -28.63
N LEU S 139 -0.49 -2.51 -29.01
CA LEU S 139 0.81 -1.93 -29.31
C LEU S 139 0.79 -1.04 -30.57
N VAL S 140 0.16 -1.51 -31.66
CA VAL S 140 0.12 -0.69 -32.87
C VAL S 140 -0.61 0.61 -32.64
N HIS S 141 -1.69 0.58 -31.87
CA HIS S 141 -2.43 1.82 -31.59
C HIS S 141 -1.63 2.77 -30.71
N ALA S 142 -0.86 2.23 -29.76
CA ALA S 142 -0.06 3.07 -28.89
C ALA S 142 1.08 3.69 -29.68
N LEU S 143 1.67 2.93 -30.58
CA LEU S 143 2.77 3.42 -31.40
C LEU S 143 2.25 4.46 -32.39
N GLY S 144 1.01 4.24 -32.87
CA GLY S 144 0.42 5.17 -33.81
C GLY S 144 0.22 6.54 -33.18
N GLU S 145 -0.35 6.55 -31.98
CA GLU S 145 -0.57 7.79 -31.27
C GLU S 145 0.75 8.48 -30.92
N ALA S 146 1.73 7.70 -30.47
CA ALA S 146 3.02 8.26 -30.08
C ALA S 146 3.77 8.88 -31.25
N LEU S 147 3.85 8.17 -32.38
CA LEU S 147 4.56 8.70 -33.53
C LEU S 147 3.71 9.79 -34.20
N GLY S 148 2.40 9.74 -33.99
CA GLY S 148 1.55 10.76 -34.56
C GLY S 148 1.89 12.11 -33.92
N GLY S 149 2.18 12.09 -32.62
CA GLY S 149 2.54 13.31 -31.90
C GLY S 149 1.43 14.34 -31.89
N LYS S 150 1.64 15.43 -32.63
CA LYS S 150 0.64 16.49 -32.72
C LYS S 150 -0.49 16.12 -33.68
N ASP S 151 -0.20 15.20 -34.60
CA ASP S 151 -1.18 14.78 -35.58
C ASP S 151 -1.89 13.48 -35.20
N LYS S 152 -3.08 13.30 -35.74
CA LYS S 152 -3.84 12.07 -35.49
C LYS S 152 -3.25 11.02 -36.42
N TYR S 153 -3.45 9.75 -36.10
CA TYR S 153 -2.95 8.70 -36.97
C TYR S 153 -4.16 8.07 -37.64
N ALA S 154 -3.94 7.49 -38.83
CA ALA S 154 -5.02 6.84 -39.57
C ALA S 154 -5.03 5.33 -39.33
N THR S 155 -6.23 4.77 -39.19
CA THR S 155 -6.36 3.35 -38.95
C THR S 155 -7.08 2.59 -40.07
N VAL S 156 -6.38 1.64 -40.66
CA VAL S 156 -6.95 0.81 -41.70
C VAL S 156 -7.29 -0.54 -41.05
N ARG S 157 -8.56 -0.94 -41.08
CA ARG S 157 -8.97 -2.21 -40.47
C ARG S 157 -9.24 -3.27 -41.53
N PHE S 158 -8.73 -4.48 -41.32
CA PHE S 158 -8.89 -5.56 -42.30
C PHE S 158 -8.83 -6.99 -41.76
N GLY S 159 -9.75 -7.82 -42.25
CA GLY S 159 -9.81 -9.23 -41.93
C GLY S 159 -9.90 -9.76 -40.51
N GLU S 160 -10.74 -9.17 -39.66
CA GLU S 160 -10.87 -9.64 -38.30
C GLU S 160 -12.37 -9.87 -38.09
N PRO S 161 -12.76 -10.91 -37.34
CA PRO S 161 -14.17 -11.17 -37.11
C PRO S 161 -14.84 -10.28 -36.07
N LEU S 162 -14.71 -8.97 -36.29
CA LEU S 162 -15.28 -7.95 -35.41
C LEU S 162 -16.19 -7.03 -36.22
N SER S 163 -17.06 -6.28 -35.55
CA SER S 163 -17.99 -5.38 -36.24
C SER S 163 -17.32 -4.29 -37.04
N GLY S 164 -17.87 -4.00 -38.21
CA GLY S 164 -17.34 -2.96 -39.07
C GLY S 164 -16.04 -3.24 -39.80
N TYR S 165 -15.52 -4.46 -39.70
CA TYR S 165 -14.27 -4.79 -40.37
C TYR S 165 -14.47 -5.19 -41.82
N ASN S 166 -13.74 -4.53 -42.71
CA ASN S 166 -13.81 -4.88 -44.11
C ASN S 166 -13.00 -6.16 -44.28
N THR S 167 -13.46 -7.07 -45.15
CA THR S 167 -12.73 -8.30 -45.38
C THR S 167 -12.46 -8.54 -46.86
N ASP S 168 -12.74 -7.53 -47.67
CA ASP S 168 -12.52 -7.60 -49.12
C ASP S 168 -11.18 -6.94 -49.45
N PHE S 169 -10.26 -7.72 -50.00
CA PHE S 169 -8.94 -7.22 -50.33
C PHE S 169 -8.92 -5.94 -51.17
N ASN S 170 -9.80 -5.86 -52.15
CA ASN S 170 -9.78 -4.68 -53.00
C ASN S 170 -10.17 -3.39 -52.29
N VAL S 171 -11.04 -3.48 -51.27
CA VAL S 171 -11.41 -2.31 -50.51
C VAL S 171 -10.20 -1.95 -49.65
N PHE S 172 -9.47 -2.98 -49.24
CA PHE S 172 -8.28 -2.83 -48.42
C PHE S 172 -7.18 -2.00 -49.09
N VAL S 173 -6.84 -2.33 -50.34
CA VAL S 173 -5.79 -1.58 -51.02
C VAL S 173 -6.24 -0.16 -51.30
N ASP S 174 -7.56 0.02 -51.37
CA ASP S 174 -8.11 1.33 -51.60
C ASP S 174 -7.88 2.17 -50.33
N ASP S 175 -8.17 1.59 -49.17
CA ASP S 175 -7.94 2.29 -47.89
C ASP S 175 -6.46 2.61 -47.70
N ILE S 176 -5.59 1.70 -48.10
CA ILE S 176 -4.15 1.91 -47.95
C ILE S 176 -3.62 3.03 -48.83
N ALA S 177 -4.04 3.03 -50.10
CA ALA S 177 -3.60 4.07 -51.03
C ALA S 177 -3.99 5.45 -50.49
N ARG S 178 -5.25 5.59 -50.08
CA ARG S 178 -5.75 6.87 -49.56
C ARG S 178 -4.98 7.27 -48.31
N ALA S 179 -4.71 6.31 -47.42
CA ALA S 179 -3.98 6.61 -46.20
C ALA S 179 -2.57 7.15 -46.46
N MET S 180 -1.84 6.52 -47.37
CA MET S 180 -0.48 6.95 -47.67
C MET S 180 -0.45 8.29 -48.40
N LEU S 181 -1.53 8.60 -49.13
CA LEU S 181 -1.59 9.85 -49.85
C LEU S 181 -1.92 11.01 -48.91
N GLN S 182 -2.60 10.70 -47.80
CA GLN S 182 -3.05 11.75 -46.88
C GLN S 182 -2.52 11.80 -45.46
N HIS S 183 -1.81 10.78 -44.99
CA HIS S 183 -1.33 10.81 -43.61
C HIS S 183 0.09 10.31 -43.41
N ARG S 184 0.73 10.84 -42.37
CA ARG S 184 2.10 10.50 -42.04
C ARG S 184 2.22 9.20 -41.24
N VAL S 185 1.26 8.97 -40.35
CA VAL S 185 1.26 7.80 -39.49
C VAL S 185 0.02 6.95 -39.73
N ILE S 186 0.26 5.73 -40.18
CA ILE S 186 -0.82 4.80 -40.51
C ILE S 186 -0.70 3.49 -39.76
N VAL S 187 -1.82 3.00 -39.29
CA VAL S 187 -1.88 1.71 -38.60
C VAL S 187 -2.73 0.74 -39.42
N ILE S 188 -2.20 -0.45 -39.68
CA ILE S 188 -2.95 -1.47 -40.39
C ILE S 188 -3.21 -2.58 -39.39
N ASP S 189 -4.46 -2.80 -39.01
CA ASP S 189 -4.67 -3.86 -38.07
C ASP S 189 -5.07 -5.13 -38.77
N SER S 190 -4.07 -6.01 -38.77
CA SER S 190 -4.10 -7.35 -39.31
C SER S 190 -3.64 -7.51 -40.74
N LEU S 191 -2.42 -7.99 -40.88
CA LEU S 191 -1.83 -8.28 -42.17
C LEU S 191 -2.18 -9.75 -42.40
N LYS S 192 -3.02 -10.29 -41.52
CA LYS S 192 -3.50 -11.66 -41.62
C LYS S 192 -4.23 -11.74 -42.96
N ASN S 193 -4.64 -12.93 -43.38
CA ASN S 193 -5.31 -13.08 -44.67
C ASN S 193 -4.27 -12.82 -45.76
N VAL S 194 -3.78 -11.60 -45.86
CA VAL S 194 -2.71 -11.32 -46.82
C VAL S 194 -1.54 -12.05 -46.18
N ILE S 195 -0.54 -12.44 -46.95
CA ILE S 195 0.58 -13.17 -46.36
C ILE S 195 -0.01 -14.38 -45.64
N ILE S 207 -1.26 -17.81 -52.21
CA ILE S 207 -1.48 -16.38 -52.00
C ILE S 207 -1.77 -15.69 -53.34
N SER S 208 -2.74 -14.78 -53.34
CA SER S 208 -3.12 -14.06 -54.55
C SER S 208 -2.02 -13.14 -55.04
N ARG S 209 -2.08 -12.76 -56.32
CA ARG S 209 -1.07 -11.87 -56.88
C ARG S 209 -1.11 -10.52 -56.19
N GLY S 210 -2.31 -10.05 -55.86
CA GLY S 210 -2.43 -8.78 -55.19
C GLY S 210 -1.76 -8.79 -53.83
N ALA S 211 -1.98 -9.83 -53.05
CA ALA S 211 -1.40 -9.94 -51.72
C ALA S 211 0.13 -9.96 -51.81
N PHE S 212 0.64 -10.69 -52.80
CA PHE S 212 2.07 -10.79 -53.00
C PHE S 212 2.67 -9.44 -53.43
N ASP S 213 1.96 -8.72 -54.31
CA ASP S 213 2.43 -7.42 -54.75
C ASP S 213 2.48 -6.44 -53.58
N LEU S 214 1.42 -6.43 -52.77
CA LEU S 214 1.30 -5.55 -51.64
C LEU S 214 2.47 -5.76 -50.69
N LEU S 215 2.72 -7.02 -50.36
CA LEU S 215 3.80 -7.34 -49.44
C LEU S 215 5.17 -6.85 -49.91
N SER S 216 5.41 -6.87 -51.22
CA SER S 216 6.71 -6.43 -51.70
C SER S 216 6.76 -4.98 -52.20
N ASP S 217 5.64 -4.27 -52.19
CA ASP S 217 5.61 -2.89 -52.65
C ASP S 217 5.45 -1.87 -51.53
N ILE S 218 4.59 -2.17 -50.57
CA ILE S 218 4.27 -1.24 -49.50
C ILE S 218 5.43 -0.57 -48.77
N GLY S 219 6.49 -1.31 -48.47
CA GLY S 219 7.61 -0.70 -47.77
C GLY S 219 8.27 0.42 -48.55
N ALA S 220 8.55 0.17 -49.83
CA ALA S 220 9.17 1.18 -50.66
C ALA S 220 8.23 2.37 -50.91
N MET S 221 6.93 2.10 -51.05
CA MET S 221 5.96 3.17 -51.28
C MET S 221 5.98 4.11 -50.07
N ALA S 222 5.89 3.54 -48.87
CA ALA S 222 5.88 4.30 -47.64
C ALA S 222 7.19 5.08 -47.38
N ALA S 223 8.33 4.43 -47.59
CA ALA S 223 9.61 5.09 -47.38
C ALA S 223 9.79 6.25 -48.35
N SER S 224 9.28 6.09 -49.57
CA SER S 224 9.38 7.14 -50.57
C SER S 224 8.55 8.36 -50.18
N ARG S 225 7.38 8.13 -49.61
CA ARG S 225 6.48 9.20 -49.19
C ARG S 225 6.97 9.85 -47.90
N GLY S 226 7.58 9.05 -47.04
CA GLY S 226 8.04 9.58 -45.77
C GLY S 226 7.00 9.31 -44.69
N CYS S 227 6.06 8.42 -44.96
CA CYS S 227 5.05 8.06 -43.98
C CYS S 227 5.42 6.69 -43.39
N VAL S 228 4.83 6.35 -42.26
CA VAL S 228 5.10 5.07 -41.64
C VAL S 228 3.84 4.23 -41.54
N VAL S 229 3.95 2.97 -41.97
CA VAL S 229 2.84 2.03 -41.91
C VAL S 229 3.16 1.00 -40.85
N ILE S 230 2.37 1.02 -39.77
CA ILE S 230 2.53 0.11 -38.64
C ILE S 230 1.50 -1.01 -38.75
N ALA S 231 1.97 -2.20 -39.13
CA ALA S 231 1.09 -3.35 -39.32
C ALA S 231 1.27 -4.52 -38.36
N SER S 232 0.17 -4.97 -37.76
CA SER S 232 0.22 -6.10 -36.86
C SER S 232 0.15 -7.39 -37.67
N LEU S 233 0.90 -8.39 -37.22
CA LEU S 233 0.94 -9.69 -37.90
C LEU S 233 1.16 -10.79 -36.88
N ASN S 234 0.15 -11.60 -36.65
CA ASN S 234 0.28 -12.71 -35.71
C ASN S 234 0.78 -13.95 -36.42
N PRO S 235 1.87 -14.55 -35.93
CA PRO S 235 2.43 -15.76 -36.54
C PRO S 235 1.51 -16.93 -36.18
N THR S 236 0.22 -16.68 -36.29
CA THR S 236 -0.84 -17.63 -35.98
C THR S 236 -0.48 -19.07 -36.33
N SER S 237 -0.86 -19.50 -37.52
CA SER S 237 -0.60 -20.86 -37.97
C SER S 237 0.86 -21.24 -37.75
N ASN S 238 1.07 -22.43 -37.18
CA ASN S 238 2.42 -22.93 -36.96
C ASN S 238 2.78 -23.86 -38.11
N ASP S 239 2.22 -23.55 -39.27
CA ASP S 239 2.45 -24.29 -40.50
C ASP S 239 3.72 -23.72 -41.15
N ASP S 240 4.81 -24.48 -41.04
CA ASP S 240 6.11 -24.07 -41.56
C ASP S 240 6.17 -23.44 -42.96
N LYS S 241 5.07 -23.49 -43.72
CA LYS S 241 5.10 -22.90 -45.06
C LYS S 241 4.78 -21.41 -44.98
N ILE S 242 3.99 -21.01 -43.98
CA ILE S 242 3.66 -19.60 -43.81
C ILE S 242 4.44 -19.00 -42.64
N VAL S 243 4.97 -19.87 -41.77
CA VAL S 243 5.76 -19.41 -40.63
C VAL S 243 7.04 -18.82 -41.22
N GLU S 244 7.44 -19.35 -42.38
CA GLU S 244 8.64 -18.89 -43.04
C GLU S 244 8.28 -17.66 -43.88
N LEU S 245 7.00 -17.54 -44.21
CA LEU S 245 6.51 -16.40 -44.99
C LEU S 245 6.41 -15.19 -44.06
N VAL S 246 6.28 -15.48 -42.76
CA VAL S 246 6.21 -14.43 -41.75
C VAL S 246 7.61 -13.94 -41.43
N LYS S 247 8.55 -14.88 -41.33
CA LYS S 247 9.94 -14.53 -41.03
C LYS S 247 10.58 -13.84 -42.24
N GLU S 248 10.04 -14.11 -43.42
CA GLU S 248 10.55 -13.51 -44.65
C GLU S 248 10.02 -12.09 -44.77
N ALA S 249 8.71 -11.95 -44.57
CA ALA S 249 8.08 -10.65 -44.64
C ALA S 249 8.76 -9.73 -43.64
N SER S 250 8.97 -10.24 -42.44
CA SER S 250 9.59 -9.47 -41.37
C SER S 250 11.05 -9.14 -41.69
N ARG S 251 11.76 -10.13 -42.20
CA ARG S 251 13.16 -9.96 -42.52
C ARG S 251 13.46 -9.05 -43.72
N SER S 252 12.83 -9.33 -44.84
CA SER S 252 13.11 -8.59 -46.06
C SER S 252 12.12 -7.57 -46.58
N ASN S 253 10.89 -7.57 -46.09
CA ASN S 253 9.92 -6.62 -46.62
C ASN S 253 9.59 -5.49 -45.66
N SER S 254 10.26 -5.47 -44.51
CA SER S 254 10.02 -4.43 -43.50
C SER S 254 11.18 -3.48 -43.38
N THR S 255 10.88 -2.21 -43.14
CA THR S 255 11.91 -1.23 -42.96
C THR S 255 12.37 -1.35 -41.51
N SER S 256 11.40 -1.61 -40.64
CA SER S 256 11.64 -1.76 -39.21
C SER S 256 10.81 -2.93 -38.72
N LEU S 257 11.25 -3.51 -37.60
CA LEU S 257 10.58 -4.64 -37.00
C LEU S 257 10.39 -4.38 -35.50
N VAL S 258 9.22 -4.72 -34.98
CA VAL S 258 8.92 -4.57 -33.56
C VAL S 258 8.44 -5.94 -33.11
N ILE S 259 9.23 -6.61 -32.29
CA ILE S 259 8.88 -7.96 -31.82
C ILE S 259 8.80 -8.06 -30.31
N SER S 260 7.85 -8.87 -29.84
CA SER S 260 7.67 -9.08 -28.41
C SER S 260 8.80 -9.97 -27.86
N THR S 261 9.03 -9.88 -26.56
CA THR S 261 10.10 -10.66 -25.92
C THR S 261 9.48 -11.59 -24.90
N ASP S 262 10.31 -12.29 -24.14
CA ASP S 262 9.82 -13.21 -23.13
C ASP S 262 9.40 -12.52 -21.84
N VAL S 263 9.61 -11.22 -21.77
CA VAL S 263 9.23 -10.43 -20.59
C VAL S 263 7.94 -9.68 -20.94
N ASP S 264 6.92 -9.84 -20.11
CA ASP S 264 5.64 -9.20 -20.37
C ASP S 264 5.69 -7.67 -20.52
N GLY S 265 5.08 -7.19 -21.60
CA GLY S 265 5.04 -5.77 -21.87
C GLY S 265 6.26 -5.20 -22.55
N GLU S 266 7.30 -6.01 -22.70
CA GLU S 266 8.54 -5.54 -23.32
C GLU S 266 8.62 -5.88 -24.81
N TRP S 267 9.07 -4.90 -25.60
CA TRP S 267 9.20 -5.10 -27.05
C TRP S 267 10.56 -4.65 -27.53
N GLN S 268 11.01 -5.24 -28.63
CA GLN S 268 12.31 -4.92 -29.21
C GLN S 268 12.08 -4.27 -30.59
N VAL S 269 12.74 -3.14 -30.82
CA VAL S 269 12.60 -2.43 -32.08
C VAL S 269 13.88 -2.53 -32.89
N LEU S 270 13.80 -3.10 -34.09
CA LEU S 270 14.96 -3.26 -34.96
C LEU S 270 14.69 -2.39 -36.17
N THR S 271 15.55 -1.43 -36.45
CA THR S 271 15.31 -0.54 -37.57
C THR S 271 16.46 -0.39 -38.56
N ARG S 272 16.11 -0.46 -39.85
CA ARG S 272 17.08 -0.29 -40.93
C ARG S 272 17.19 1.21 -41.18
N THR S 273 18.36 1.78 -40.93
CA THR S 273 18.55 3.21 -41.07
C THR S 273 18.83 3.70 -42.49
N GLY S 274 19.03 2.76 -43.41
CA GLY S 274 19.29 3.15 -44.78
C GLY S 274 20.04 2.10 -45.59
N GLU S 275 20.14 2.36 -46.88
CA GLU S 275 20.83 1.47 -47.81
C GLU S 275 22.26 1.23 -47.39
N GLY S 276 22.58 -0.02 -47.06
CA GLY S 276 23.94 -0.35 -46.65
C GLY S 276 24.34 0.17 -45.28
N LEU S 277 23.43 0.85 -44.59
CA LEU S 277 23.72 1.37 -43.26
C LEU S 277 23.46 0.34 -42.17
N GLN S 278 23.81 0.69 -40.94
CA GLN S 278 23.62 -0.21 -39.80
C GLN S 278 22.18 -0.37 -39.35
N ARG S 279 21.86 -1.57 -38.85
CA ARG S 279 20.53 -1.83 -38.33
C ARG S 279 20.62 -1.55 -36.83
N LEU S 280 19.77 -0.66 -36.34
CA LEU S 280 19.78 -0.30 -34.93
C LEU S 280 18.71 -1.02 -34.13
N THR S 281 18.89 -1.06 -32.81
CA THR S 281 17.95 -1.71 -31.93
C THR S 281 17.83 -1.00 -30.59
N HIS S 282 16.62 -0.96 -30.05
CA HIS S 282 16.37 -0.39 -28.73
C HIS S 282 15.16 -1.12 -28.14
N THR S 283 14.93 -0.95 -26.84
CA THR S 283 13.83 -1.63 -26.18
C THR S 283 12.70 -0.70 -25.74
N LEU S 284 11.50 -1.26 -25.63
CA LEU S 284 10.32 -0.53 -25.20
C LEU S 284 9.64 -1.23 -24.01
N GLN S 285 9.20 -0.45 -23.03
CA GLN S 285 8.49 -1.01 -21.87
C GLN S 285 7.08 -0.45 -21.99
N THR S 286 6.07 -1.24 -21.64
CA THR S 286 4.70 -0.77 -21.74
C THR S 286 3.80 -1.26 -20.61
N SER S 287 2.64 -0.63 -20.46
CA SER S 287 1.69 -1.04 -19.42
C SER S 287 0.27 -0.65 -19.83
N TYR S 288 -0.70 -1.38 -19.30
CA TYR S 288 -2.10 -1.14 -19.62
C TYR S 288 -2.81 -0.20 -18.65
N GLY S 289 -3.71 0.61 -19.20
CA GLY S 289 -4.50 1.53 -18.40
C GLY S 289 -5.90 0.96 -18.40
N GLU S 290 -6.91 1.83 -18.49
CA GLU S 290 -8.29 1.35 -18.50
C GLU S 290 -8.74 0.96 -19.91
N HIS S 291 -9.64 -0.01 -20.00
CA HIS S 291 -10.16 -0.49 -21.27
C HIS S 291 -9.06 -0.96 -22.22
N SER S 292 -8.00 -1.52 -21.64
CA SER S 292 -6.88 -2.05 -22.41
C SER S 292 -6.10 -1.04 -23.22
N VAL S 293 -6.15 0.23 -22.83
CA VAL S 293 -5.39 1.27 -23.54
C VAL S 293 -3.94 1.08 -23.08
N LEU S 294 -3.04 0.92 -24.04
CA LEU S 294 -1.63 0.68 -23.73
C LEU S 294 -0.81 1.95 -23.78
N THR S 295 0.18 2.05 -22.89
CA THR S 295 1.05 3.22 -22.85
C THR S 295 2.50 2.78 -22.98
N ILE S 296 3.27 3.51 -23.80
CA ILE S 296 4.68 3.22 -23.99
C ILE S 296 5.48 4.14 -23.08
N HIS S 297 6.21 3.59 -22.12
CA HIS S 297 6.99 4.41 -21.21
C HIS S 297 8.15 5.08 -21.90
N THR S 298 8.59 6.22 -21.35
CA THR S 298 9.70 6.96 -21.90
C THR S 298 10.67 7.31 -20.77
N SER S 299 11.92 6.85 -20.90
CA SER S 299 12.95 7.09 -19.90
C SER S 299 12.92 8.52 -19.34
N GLN S 306 21.71 1.19 -30.78
CA GLN S 306 22.89 0.33 -30.84
C GLN S 306 22.71 -0.69 -31.96
N ALA S 307 23.83 -1.05 -32.61
CA ALA S 307 23.79 -1.99 -33.73
C ALA S 307 23.63 -3.45 -33.32
N SER S 308 23.02 -4.22 -34.22
CA SER S 308 22.80 -5.65 -33.99
C SER S 308 23.20 -6.40 -35.26
N GLY S 309 24.21 -7.26 -35.15
CA GLY S 309 24.69 -8.02 -36.28
C GLY S 309 23.61 -8.82 -36.99
N LYS S 310 23.88 -9.23 -38.22
CA LYS S 310 22.92 -10.00 -39.00
C LYS S 310 22.67 -11.36 -38.35
N ALA S 311 23.65 -11.84 -37.58
CA ALA S 311 23.55 -13.12 -36.89
C ALA S 311 22.55 -12.98 -35.74
N ILE S 312 22.70 -11.92 -34.96
CA ILE S 312 21.82 -11.65 -33.82
C ILE S 312 20.41 -11.41 -34.35
N GLN S 313 20.32 -10.92 -35.57
CA GLN S 313 19.05 -10.63 -36.22
C GLN S 313 18.21 -11.87 -36.46
N THR S 314 18.83 -12.93 -36.99
CA THR S 314 18.10 -14.17 -37.25
C THR S 314 17.80 -14.90 -35.95
N VAL S 315 18.56 -14.60 -34.90
CA VAL S 315 18.32 -15.22 -33.60
C VAL S 315 16.99 -14.68 -33.12
N ILE S 316 16.68 -13.46 -33.54
CA ILE S 316 15.42 -12.82 -33.19
C ILE S 316 14.29 -13.42 -34.02
N LYS S 317 14.64 -13.86 -35.22
CA LYS S 317 13.69 -14.45 -36.14
C LYS S 317 13.13 -15.81 -35.73
N ASN S 318 13.97 -16.70 -35.21
CA ASN S 318 13.49 -18.01 -34.81
C ASN S 318 12.51 -17.93 -33.64
N ASP S 319 12.27 -16.72 -33.14
CA ASP S 319 11.32 -16.51 -32.05
C ASP S 319 9.93 -16.78 -32.64
N GLU S 320 9.74 -16.32 -33.88
CA GLU S 320 8.49 -16.48 -34.62
C GLU S 320 8.27 -17.93 -35.00
N LEU S 321 9.37 -18.63 -35.26
CA LEU S 321 9.30 -20.05 -35.63
C LEU S 321 8.60 -20.77 -34.49
N MET T 1 24.72 -19.86 -83.26
CA MET T 1 24.68 -20.92 -84.31
C MET T 1 25.56 -22.08 -83.89
N ILE T 2 25.64 -23.11 -84.72
CA ILE T 2 26.47 -24.26 -84.40
C ILE T 2 27.82 -24.09 -85.07
N HIS T 3 28.85 -24.66 -84.47
CA HIS T 3 30.21 -24.56 -84.99
C HIS T 3 30.82 -25.94 -85.19
N LEU T 4 31.63 -26.09 -86.23
CA LEU T 4 32.27 -27.37 -86.52
C LEU T 4 33.74 -27.27 -86.14
N TYR T 5 34.32 -28.39 -85.71
CA TYR T 5 35.73 -28.39 -85.31
C TYR T 5 36.43 -29.71 -85.62
N ASP T 6 37.76 -29.63 -85.63
CA ASP T 6 38.63 -30.78 -85.79
C ASP T 6 39.69 -30.45 -84.75
N ALA T 7 40.63 -31.35 -84.52
CA ALA T 7 41.65 -31.10 -83.51
C ALA T 7 42.30 -29.72 -83.64
N LYS T 8 42.69 -29.36 -84.85
CA LYS T 8 43.36 -28.09 -85.07
C LYS T 8 42.50 -26.86 -84.77
N SER T 9 41.32 -26.79 -85.35
CA SER T 9 40.46 -25.63 -85.11
C SER T 9 40.06 -25.56 -83.64
N PHE T 10 39.88 -26.70 -83.01
CA PHE T 10 39.52 -26.71 -81.59
C PHE T 10 40.64 -26.13 -80.74
N ALA T 11 41.87 -26.57 -81.00
CA ALA T 11 43.03 -26.08 -80.26
C ALA T 11 43.18 -24.55 -80.39
N LYS T 12 42.89 -24.02 -81.58
CA LYS T 12 42.99 -22.58 -81.78
C LYS T 12 41.93 -21.89 -80.92
N LEU T 13 40.72 -22.44 -80.91
CA LEU T 13 39.63 -21.85 -80.14
C LEU T 13 40.03 -21.75 -78.67
N ARG T 14 40.52 -22.84 -78.10
CA ARG T 14 40.93 -22.85 -76.71
C ARG T 14 42.01 -21.80 -76.42
N ALA T 15 42.97 -21.67 -77.33
CA ALA T 15 44.04 -20.68 -77.14
C ALA T 15 43.44 -19.28 -77.13
N ALA T 16 42.51 -19.02 -78.05
CA ALA T 16 41.87 -17.71 -78.13
C ALA T 16 41.05 -17.43 -76.86
N GLN T 17 40.32 -18.43 -76.39
CA GLN T 17 39.49 -18.25 -75.19
C GLN T 17 40.41 -17.93 -74.02
N TYR T 18 41.51 -18.67 -73.93
CA TYR T 18 42.47 -18.45 -72.85
C TYR T 18 42.98 -17.00 -72.87
N ALA T 19 43.29 -16.50 -74.06
CA ALA T 19 43.79 -15.13 -74.20
C ALA T 19 42.73 -14.09 -73.86
N ALA T 20 41.47 -14.38 -74.18
CA ALA T 20 40.38 -13.43 -73.91
C ALA T 20 40.29 -13.04 -72.43
N PHE T 21 40.82 -13.90 -71.56
CA PHE T 21 40.80 -13.60 -70.14
C PHE T 21 42.16 -13.25 -69.58
N HIS T 22 43.17 -14.05 -69.92
CA HIS T 22 44.53 -13.88 -69.42
C HIS T 22 45.44 -12.82 -70.02
N THR T 23 45.36 -12.59 -71.33
CA THR T 23 46.26 -11.62 -71.96
C THR T 23 45.67 -10.37 -72.62
N ASP T 24 44.44 -10.45 -73.12
CA ASP T 24 43.82 -9.28 -73.75
C ASP T 24 43.88 -8.11 -72.76
N ALA T 25 43.78 -6.89 -73.29
CA ALA T 25 43.80 -5.72 -72.43
C ALA T 25 42.45 -5.62 -71.73
N PRO T 26 42.46 -5.43 -70.40
CA PRO T 26 41.22 -5.31 -69.63
C PRO T 26 40.23 -4.33 -70.25
N GLY T 27 39.01 -4.79 -70.50
CA GLY T 27 37.99 -3.92 -71.05
C GLY T 27 38.01 -3.74 -72.57
N SER T 28 38.96 -4.38 -73.24
CA SER T 28 39.04 -4.23 -74.69
C SER T 28 37.82 -4.85 -75.38
N TRP T 29 37.35 -5.98 -74.87
CA TRP T 29 36.18 -6.65 -75.47
C TRP T 29 34.96 -5.74 -75.40
N PHE T 30 34.78 -5.07 -74.26
CA PHE T 30 33.64 -4.16 -74.12
C PHE T 30 33.72 -3.09 -75.21
N ASP T 31 34.88 -2.43 -75.31
CA ASP T 31 35.08 -1.40 -76.33
C ASP T 31 34.77 -1.92 -77.72
N HIS T 32 35.21 -3.13 -78.01
CA HIS T 32 34.93 -3.70 -79.32
C HIS T 32 33.43 -3.87 -79.57
N THR T 33 32.69 -4.42 -78.61
CA THR T 33 31.25 -4.60 -78.84
C THR T 33 30.54 -3.26 -78.90
N SER T 34 31.08 -2.26 -78.22
CA SER T 34 30.46 -0.93 -78.28
C SER T 34 30.54 -0.49 -79.74
N GLY T 35 31.67 -0.81 -80.38
CA GLY T 35 31.86 -0.45 -81.78
C GLY T 35 30.84 -1.14 -82.67
N VAL T 36 30.67 -2.44 -82.46
CA VAL T 36 29.72 -3.19 -83.27
C VAL T 36 28.31 -2.64 -83.13
N LEU T 37 27.94 -2.26 -81.91
CA LEU T 37 26.60 -1.71 -81.67
C LEU T 37 26.38 -0.37 -82.34
N GLU T 38 27.42 0.47 -82.33
CA GLU T 38 27.33 1.80 -82.93
C GLU T 38 27.16 1.72 -84.45
N SER T 39 27.69 0.67 -85.05
CA SER T 39 27.61 0.51 -86.51
C SER T 39 26.28 -0.07 -86.97
N VAL T 40 25.33 -0.23 -86.06
CA VAL T 40 24.02 -0.76 -86.43
C VAL T 40 23.16 0.28 -87.15
N GLU T 41 22.35 -0.19 -88.10
CA GLU T 41 21.49 0.64 -88.93
C GLU T 41 20.49 1.60 -88.28
N ASP T 42 20.55 1.76 -86.96
CA ASP T 42 19.59 2.65 -86.29
C ASP T 42 18.18 2.07 -86.41
N GLY T 43 17.46 2.01 -85.29
CA GLY T 43 16.12 1.46 -85.33
C GLY T 43 16.16 -0.05 -85.46
N THR T 44 17.36 -0.58 -85.61
CA THR T 44 17.57 -2.02 -85.72
C THR T 44 17.57 -2.65 -84.33
N PRO T 45 16.75 -3.68 -84.13
CA PRO T 45 16.67 -4.38 -82.83
C PRO T 45 18.02 -5.00 -82.47
N VAL T 46 18.51 -4.76 -81.26
CA VAL T 46 19.78 -5.35 -80.86
C VAL T 46 19.69 -6.21 -79.60
N LEU T 47 18.68 -5.97 -78.76
CA LEU T 47 18.55 -6.72 -77.51
C LEU T 47 17.10 -7.05 -77.19
N ALA T 48 16.85 -8.29 -76.78
CA ALA T 48 15.51 -8.72 -76.38
C ALA T 48 15.63 -9.35 -75.01
N ILE T 49 14.74 -8.95 -74.10
CA ILE T 49 14.75 -9.46 -72.73
C ILE T 49 13.33 -9.75 -72.26
N GLY T 50 13.18 -10.79 -71.45
CA GLY T 50 11.85 -11.15 -71.00
C GLY T 50 11.25 -10.37 -69.85
N VAL T 51 9.96 -10.08 -69.96
CA VAL T 51 9.23 -9.37 -68.91
C VAL T 51 8.54 -10.43 -68.04
N GLU T 52 7.92 -9.98 -66.96
CA GLU T 52 7.28 -10.90 -66.01
C GLU T 52 6.47 -12.05 -66.60
N SER T 53 5.62 -11.72 -67.58
CA SER T 53 4.74 -12.72 -68.20
C SER T 53 5.45 -13.79 -69.02
N GLY T 54 6.66 -13.51 -69.48
CA GLY T 54 7.37 -14.47 -70.30
C GLY T 54 7.55 -13.91 -71.71
N ASP T 55 6.80 -12.85 -72.02
CA ASP T 55 6.92 -12.20 -73.32
C ASP T 55 8.24 -11.44 -73.28
N ALA T 56 8.63 -10.85 -74.40
CA ALA T 56 9.89 -10.11 -74.44
C ALA T 56 9.74 -8.72 -75.04
N ILE T 57 10.53 -7.78 -74.53
CA ILE T 57 10.52 -6.41 -75.06
C ILE T 57 11.84 -6.25 -75.80
N VAL T 58 11.87 -5.36 -76.78
CA VAL T 58 13.06 -5.16 -77.60
C VAL T 58 13.62 -3.73 -77.58
N PHE T 59 14.94 -3.61 -77.66
CA PHE T 59 15.57 -2.29 -77.65
C PHE T 59 16.52 -2.09 -78.82
N ASP T 60 16.78 -0.82 -79.15
CA ASP T 60 17.71 -0.48 -80.22
C ASP T 60 19.05 -0.12 -79.56
N LYS T 61 20.06 0.15 -80.37
CA LYS T 61 21.38 0.48 -79.84
C LYS T 61 21.42 1.65 -78.87
N ASN T 62 20.36 2.43 -78.81
CA ASN T 62 20.33 3.59 -77.92
C ASN T 62 19.47 3.32 -76.68
N ALA T 63 19.25 2.05 -76.38
CA ALA T 63 18.44 1.68 -75.23
C ALA T 63 17.04 2.25 -75.33
N GLN T 64 16.56 2.47 -76.55
CA GLN T 64 15.21 2.98 -76.73
C GLN T 64 14.36 1.77 -77.12
N ARG T 65 13.20 1.64 -76.48
CA ARG T 65 12.33 0.51 -76.76
C ARG T 65 11.66 0.57 -78.12
N ILE T 66 11.63 -0.57 -78.82
CA ILE T 66 11.03 -0.67 -80.15
C ILE T 66 9.62 -1.25 -80.04
N VAL T 67 8.63 -0.49 -80.49
CA VAL T 67 7.24 -0.93 -80.42
C VAL T 67 6.71 -1.61 -81.67
N ALA T 68 7.24 -1.24 -82.83
CA ALA T 68 6.79 -1.84 -84.10
C ALA T 68 7.96 -2.06 -85.05
N TYR T 69 8.03 -3.26 -85.62
CA TYR T 69 9.11 -3.59 -86.53
C TYR T 69 8.69 -4.76 -87.41
N LYS T 70 8.58 -4.50 -88.72
CA LYS T 70 8.16 -5.52 -89.67
C LYS T 70 9.16 -6.65 -89.84
N GLU T 71 8.62 -7.86 -89.98
CA GLU T 71 9.43 -9.05 -90.14
C GLU T 71 10.65 -8.84 -91.03
N LYS T 72 11.79 -9.32 -90.58
CA LYS T 72 13.04 -9.20 -91.34
C LYS T 72 13.92 -10.39 -90.99
N SER T 73 14.47 -11.04 -92.02
CA SER T 73 15.31 -12.21 -91.81
C SER T 73 16.77 -11.98 -92.17
N VAL T 74 17.62 -12.84 -91.63
CA VAL T 74 19.06 -12.78 -91.88
C VAL T 74 19.63 -14.19 -91.89
N LYS T 75 20.38 -14.52 -92.94
CA LYS T 75 20.97 -15.84 -93.07
C LYS T 75 22.44 -15.80 -92.71
N ALA T 76 22.85 -16.69 -91.80
CA ALA T 76 24.24 -16.77 -91.37
C ALA T 76 25.00 -17.79 -92.22
N GLU T 77 26.29 -17.92 -91.97
CA GLU T 77 27.11 -18.88 -92.71
C GLU T 77 26.65 -20.27 -92.32
N ASP T 78 26.07 -20.36 -91.12
CA ASP T 78 25.56 -21.62 -90.59
C ASP T 78 24.46 -22.13 -91.52
N GLY T 79 23.96 -21.25 -92.36
CA GLY T 79 22.89 -21.62 -93.29
C GLY T 79 21.57 -21.35 -92.59
N SER T 80 21.63 -21.22 -91.28
CA SER T 80 20.45 -20.96 -90.46
C SER T 80 20.02 -19.51 -90.64
N VAL T 81 18.74 -19.23 -90.38
CA VAL T 81 18.24 -17.87 -90.52
C VAL T 81 17.57 -17.40 -89.25
N SER T 82 17.78 -16.13 -88.91
CA SER T 82 17.17 -15.55 -87.73
C SER T 82 16.13 -14.55 -88.19
N VAL T 83 15.03 -14.45 -87.47
CA VAL T 83 13.97 -13.53 -87.84
C VAL T 83 13.58 -12.68 -86.65
N VAL T 84 13.30 -11.41 -86.90
CA VAL T 84 12.90 -10.49 -85.83
C VAL T 84 11.64 -9.75 -86.25
N GLN T 85 10.66 -9.67 -85.36
CA GLN T 85 9.42 -8.97 -85.64
C GLN T 85 8.82 -8.47 -84.34
N VAL T 86 8.59 -7.17 -84.27
CA VAL T 86 8.01 -6.59 -83.07
C VAL T 86 6.65 -6.03 -83.43
N GLU T 87 5.67 -6.35 -82.60
CA GLU T 87 4.30 -5.88 -82.84
C GLU T 87 3.62 -5.49 -81.55
N ASN T 88 3.11 -4.27 -81.52
CA ASN T 88 2.41 -3.74 -80.36
C ASN T 88 3.29 -3.72 -79.11
N GLY T 89 4.58 -3.46 -79.31
CA GLY T 89 5.49 -3.38 -78.19
C GLY T 89 6.12 -4.68 -77.71
N PHE T 90 5.74 -5.80 -78.32
CA PHE T 90 6.30 -7.09 -77.92
C PHE T 90 6.82 -7.90 -79.09
N MET T 91 7.87 -8.67 -78.83
CA MET T 91 8.49 -9.51 -79.85
C MET T 91 7.51 -10.55 -80.35
N LYS T 92 7.36 -10.64 -81.67
CA LYS T 92 6.43 -11.60 -82.26
C LYS T 92 7.24 -12.74 -82.85
N GLN T 93 8.47 -12.42 -83.27
CA GLN T 93 9.38 -13.41 -83.82
C GLN T 93 10.79 -13.03 -83.38
N GLY T 94 11.58 -14.04 -83.03
CA GLY T 94 12.94 -13.80 -82.58
C GLY T 94 13.22 -14.60 -81.32
N HIS T 95 14.29 -14.27 -80.62
CA HIS T 95 14.67 -14.97 -79.40
C HIS T 95 15.17 -13.98 -78.36
N ARG T 96 15.26 -14.44 -77.11
CA ARG T 96 15.76 -13.57 -76.04
C ARG T 96 17.28 -13.46 -76.19
N GLY T 97 17.84 -12.34 -75.76
CA GLY T 97 19.28 -12.16 -75.87
C GLY T 97 19.67 -11.13 -76.93
N TRP T 98 20.95 -11.11 -77.30
CA TRP T 98 21.44 -10.17 -78.31
C TRP T 98 20.91 -10.59 -79.69
N LEU T 99 20.32 -9.63 -80.40
CA LEU T 99 19.77 -9.88 -81.72
C LEU T 99 20.76 -9.57 -82.82
N VAL T 100 21.98 -9.20 -82.42
CA VAL T 100 23.04 -8.87 -83.36
C VAL T 100 24.29 -9.62 -82.91
N ASP T 101 25.10 -10.09 -83.86
CA ASP T 101 26.30 -10.83 -83.52
C ASP T 101 27.42 -9.95 -82.98
N LEU T 102 27.80 -10.17 -81.73
CA LEU T 102 28.86 -9.40 -81.09
C LEU T 102 30.13 -10.22 -80.91
N THR T 103 29.98 -11.54 -80.90
CA THR T 103 31.10 -12.44 -80.66
C THR T 103 31.75 -13.12 -81.87
N GLY T 104 31.06 -13.15 -83.00
CA GLY T 104 31.63 -13.82 -84.17
C GLY T 104 31.75 -15.28 -83.80
N GLU T 105 32.87 -15.92 -84.16
CA GLU T 105 33.01 -17.33 -83.82
C GLU T 105 33.84 -17.51 -82.55
N LEU T 106 34.11 -16.40 -81.88
CA LEU T 106 34.87 -16.44 -80.63
C LEU T 106 33.85 -16.59 -79.52
N VAL T 107 33.42 -17.82 -79.27
CA VAL T 107 32.43 -18.07 -78.24
C VAL T 107 33.00 -18.84 -77.06
N GLY T 108 32.30 -18.80 -75.94
CA GLY T 108 32.74 -19.50 -74.75
C GLY T 108 33.82 -18.80 -73.94
N CYS T 109 33.85 -17.47 -74.01
CA CYS T 109 34.86 -16.70 -73.29
C CYS T 109 34.28 -15.99 -72.06
N SER T 110 35.19 -15.52 -71.22
CA SER T 110 34.89 -14.75 -70.02
C SER T 110 35.83 -13.56 -70.21
N PRO T 111 35.52 -12.68 -71.17
CA PRO T 111 36.33 -11.50 -71.48
C PRO T 111 36.73 -10.71 -70.24
N VAL T 112 38.03 -10.46 -70.09
CA VAL T 112 38.49 -9.69 -68.93
C VAL T 112 37.83 -8.32 -68.99
N VAL T 113 37.22 -7.91 -67.88
CA VAL T 113 36.52 -6.63 -67.81
C VAL T 113 37.34 -5.56 -67.11
N ALA T 114 38.26 -5.98 -66.26
CA ALA T 114 39.09 -5.03 -65.53
C ALA T 114 40.16 -5.73 -64.70
N GLU T 115 41.03 -4.93 -64.13
CA GLU T 115 42.12 -5.44 -63.30
C GLU T 115 42.19 -4.54 -62.09
N PHE T 116 42.37 -5.14 -60.91
CA PHE T 116 42.43 -4.37 -59.69
C PHE T 116 43.17 -5.16 -58.62
N GLY T 117 43.95 -4.45 -57.81
CA GLY T 117 44.72 -5.07 -56.76
C GLY T 117 45.57 -6.25 -57.21
N GLY T 118 45.91 -6.28 -58.49
CA GLY T 118 46.74 -7.35 -59.01
C GLY T 118 45.98 -8.56 -59.51
N HIS T 119 44.66 -8.44 -59.64
CA HIS T 119 43.86 -9.56 -60.12
C HIS T 119 43.00 -9.16 -61.30
N ARG T 120 42.82 -10.09 -62.22
CA ARG T 120 41.97 -9.84 -63.39
C ARG T 120 40.56 -10.32 -63.05
N TYR T 121 39.56 -9.54 -63.45
CA TYR T 121 38.17 -9.89 -63.19
C TYR T 121 37.44 -10.12 -64.50
N ALA T 122 36.56 -11.11 -64.51
CA ALA T 122 35.83 -11.44 -65.71
C ALA T 122 34.52 -10.70 -65.88
N SER T 123 34.07 -10.57 -67.12
CA SER T 123 32.80 -9.93 -67.40
C SER T 123 31.77 -11.04 -67.23
N GLY T 124 30.49 -10.72 -67.43
CA GLY T 124 29.46 -11.73 -67.26
C GLY T 124 28.78 -11.40 -65.95
N MET T 125 28.13 -12.38 -65.33
CA MET T 125 27.49 -12.09 -64.05
C MET T 125 28.25 -12.58 -62.84
N VAL T 126 28.29 -11.73 -61.82
CA VAL T 126 28.95 -12.03 -60.57
C VAL T 126 27.93 -11.96 -59.45
N ILE T 127 27.71 -13.09 -58.77
CA ILE T 127 26.77 -13.08 -57.65
C ILE T 127 27.56 -12.95 -56.37
N VAL T 128 27.16 -11.98 -55.54
CA VAL T 128 27.79 -11.73 -54.25
C VAL T 128 26.81 -12.23 -53.21
N THR T 129 27.20 -13.28 -52.51
CA THR T 129 26.31 -13.86 -51.53
C THR T 129 27.05 -14.42 -50.32
N GLY T 130 26.41 -15.36 -49.62
CA GLY T 130 26.98 -15.95 -48.43
C GLY T 130 26.09 -15.66 -47.25
N LYS T 131 26.21 -16.44 -46.18
CA LYS T 131 25.37 -16.21 -45.03
C LYS T 131 26.29 -15.80 -43.90
N GLY T 132 26.04 -14.62 -43.34
CA GLY T 132 26.89 -14.15 -42.26
C GLY T 132 26.69 -12.69 -41.93
N ASN T 133 27.66 -12.12 -41.22
CA ASN T 133 27.59 -10.72 -40.82
C ASN T 133 28.01 -9.74 -41.92
N SER T 134 28.99 -10.13 -42.73
CA SER T 134 29.45 -9.26 -43.81
C SER T 134 28.31 -8.85 -44.74
N GLY T 135 28.13 -7.54 -44.89
CA GLY T 135 27.06 -7.02 -45.74
C GLY T 135 27.37 -7.01 -47.22
N LYS T 136 26.41 -7.46 -48.02
CA LYS T 136 26.58 -7.52 -49.46
C LYS T 136 26.49 -6.17 -50.15
N THR T 137 25.61 -5.30 -49.66
CA THR T 137 25.45 -4.00 -50.28
C THR T 137 26.76 -3.18 -50.31
N PRO T 138 27.47 -3.08 -49.18
CA PRO T 138 28.71 -2.30 -49.21
C PRO T 138 29.74 -2.92 -50.14
N LEU T 139 29.75 -4.24 -50.20
CA LEU T 139 30.71 -4.96 -51.05
C LEU T 139 30.45 -4.72 -52.54
N VAL T 140 29.19 -4.82 -52.98
CA VAL T 140 28.92 -4.61 -54.40
C VAL T 140 29.27 -3.19 -54.85
N HIS T 141 29.03 -2.21 -53.98
CA HIS T 141 29.37 -0.83 -54.35
C HIS T 141 30.89 -0.62 -54.39
N ALA T 142 31.62 -1.27 -53.50
CA ALA T 142 33.06 -1.13 -53.49
C ALA T 142 33.66 -1.81 -54.72
N LEU T 143 33.10 -2.96 -55.07
CA LEU T 143 33.59 -3.70 -56.24
C LEU T 143 33.22 -2.94 -57.52
N GLY T 144 32.08 -2.26 -57.50
CA GLY T 144 31.66 -1.51 -58.66
C GLY T 144 32.62 -0.36 -58.93
N GLU T 145 32.97 0.37 -57.88
CA GLU T 145 33.89 1.49 -58.02
C GLU T 145 35.27 1.01 -58.44
N ALA T 146 35.74 -0.07 -57.82
CA ALA T 146 37.07 -0.59 -58.12
C ALA T 146 37.20 -1.08 -59.55
N LEU T 147 36.24 -1.88 -60.02
CA LEU T 147 36.30 -2.38 -61.39
C LEU T 147 35.99 -1.26 -62.37
N GLY T 148 35.24 -0.26 -61.91
CA GLY T 148 34.92 0.86 -62.79
C GLY T 148 36.21 1.58 -63.17
N GLY T 149 37.13 1.68 -62.21
CA GLY T 149 38.40 2.35 -62.45
C GLY T 149 38.25 3.82 -62.82
N LYS T 150 38.52 4.14 -64.07
CA LYS T 150 38.42 5.51 -64.56
C LYS T 150 36.97 5.88 -64.84
N ASP T 151 36.14 4.87 -65.07
CA ASP T 151 34.73 5.08 -65.39
C ASP T 151 33.82 4.92 -64.19
N LYS T 152 32.66 5.57 -64.25
CA LYS T 152 31.68 5.44 -63.19
C LYS T 152 30.95 4.12 -63.40
N TYR T 153 30.34 3.58 -62.35
CA TYR T 153 29.61 2.33 -62.51
C TYR T 153 28.13 2.67 -62.40
N ALA T 154 27.30 1.86 -63.03
CA ALA T 154 25.84 2.07 -63.01
C ALA T 154 25.18 1.22 -61.93
N THR T 155 24.21 1.80 -61.25
CA THR T 155 23.51 1.10 -60.19
C THR T 155 22.02 0.89 -60.45
N VAL T 156 21.61 -0.37 -60.48
CA VAL T 156 20.22 -0.72 -60.69
C VAL T 156 19.67 -1.13 -59.31
N ARG T 157 18.65 -0.43 -58.85
CA ARG T 157 18.07 -0.75 -57.54
C ARG T 157 16.73 -1.47 -57.68
N PHE T 158 16.53 -2.53 -56.90
CA PHE T 158 15.31 -3.30 -56.99
C PHE T 158 14.89 -4.09 -55.74
N GLY T 159 13.60 -4.02 -55.45
CA GLY T 159 12.98 -4.75 -54.35
C GLY T 159 13.45 -4.65 -52.91
N GLU T 160 13.73 -3.45 -52.43
CA GLU T 160 14.17 -3.27 -51.05
C GLU T 160 13.21 -2.22 -50.45
N PRO T 161 12.84 -2.39 -49.17
CA PRO T 161 11.93 -1.43 -48.54
C PRO T 161 12.57 -0.10 -48.12
N LEU T 162 13.22 0.55 -49.08
CA LEU T 162 13.90 1.83 -48.88
C LEU T 162 13.36 2.86 -49.89
N SER T 163 13.60 4.14 -49.63
CA SER T 163 13.11 5.19 -50.51
C SER T 163 13.65 5.13 -51.93
N GLY T 164 12.78 5.40 -52.89
CA GLY T 164 13.19 5.42 -54.29
C GLY T 164 13.44 4.09 -54.97
N TYR T 165 13.20 2.99 -54.26
CA TYR T 165 13.42 1.67 -54.82
C TYR T 165 12.25 1.19 -55.68
N ASN T 166 12.54 0.82 -56.92
CA ASN T 166 11.52 0.29 -57.80
C ASN T 166 11.26 -1.15 -57.33
N THR T 167 10.00 -1.58 -57.40
CA THR T 167 9.67 -2.94 -57.00
C THR T 167 8.88 -3.68 -58.08
N ASP T 168 8.77 -3.06 -59.25
CA ASP T 168 8.05 -3.65 -60.37
C ASP T 168 9.05 -4.33 -61.30
N PHE T 169 8.91 -5.63 -61.45
CA PHE T 169 9.82 -6.41 -62.28
C PHE T 169 10.04 -5.87 -63.69
N ASN T 170 8.97 -5.42 -64.33
CA ASN T 170 9.11 -4.91 -65.68
C ASN T 170 9.96 -3.66 -65.81
N VAL T 171 9.95 -2.80 -64.78
CA VAL T 171 10.76 -1.59 -64.80
C VAL T 171 12.20 -2.07 -64.59
N PHE T 172 12.34 -3.14 -63.81
CA PHE T 172 13.64 -3.72 -63.52
C PHE T 172 14.39 -4.21 -64.76
N VAL T 173 13.73 -5.00 -65.60
CA VAL T 173 14.39 -5.51 -66.81
C VAL T 173 14.71 -4.36 -67.76
N ASP T 174 13.93 -3.29 -67.65
CA ASP T 174 14.15 -2.12 -68.49
C ASP T 174 15.46 -1.47 -68.05
N ASP T 175 15.64 -1.31 -66.74
CA ASP T 175 16.87 -0.71 -66.21
C ASP T 175 18.08 -1.57 -66.57
N ILE T 176 17.92 -2.89 -66.51
CA ILE T 176 19.04 -3.80 -66.81
C ILE T 176 19.45 -3.74 -68.27
N ALA T 177 18.47 -3.76 -69.18
CA ALA T 177 18.77 -3.71 -70.60
C ALA T 177 19.55 -2.42 -70.90
N ARG T 178 19.05 -1.29 -70.42
CA ARG T 178 19.72 -0.01 -70.65
C ARG T 178 21.14 -0.01 -70.09
N ALA T 179 21.29 -0.56 -68.89
CA ALA T 179 22.61 -0.61 -68.26
C ALA T 179 23.64 -1.39 -69.08
N MET T 180 23.25 -2.57 -69.56
CA MET T 180 24.16 -3.40 -70.35
C MET T 180 24.48 -2.78 -71.71
N LEU T 181 23.55 -1.99 -72.23
CA LEU T 181 23.76 -1.36 -73.51
C LEU T 181 24.70 -0.16 -73.39
N GLN T 182 24.72 0.45 -72.21
CA GLN T 182 25.52 1.65 -72.02
C GLN T 182 26.69 1.68 -71.04
N HIS T 183 26.89 0.64 -70.24
CA HIS T 183 27.99 0.68 -69.29
C HIS T 183 28.73 -0.64 -69.12
N ARG T 184 30.00 -0.53 -68.77
CA ARG T 184 30.87 -1.69 -68.59
C ARG T 184 30.71 -2.35 -67.21
N VAL T 185 30.51 -1.54 -66.19
CA VAL T 185 30.37 -2.03 -64.83
C VAL T 185 29.01 -1.68 -64.26
N ILE T 186 28.24 -2.72 -63.93
CA ILE T 186 26.89 -2.58 -63.42
C ILE T 186 26.69 -3.28 -62.08
N VAL T 187 25.97 -2.61 -61.18
CA VAL T 187 25.66 -3.16 -59.88
C VAL T 187 24.15 -3.31 -59.76
N ILE T 188 23.70 -4.49 -59.36
CA ILE T 188 22.27 -4.75 -59.16
C ILE T 188 22.12 -4.97 -57.68
N ASP T 189 21.42 -4.08 -56.99
CA ASP T 189 21.27 -4.33 -55.58
C ASP T 189 19.95 -4.98 -55.28
N SER T 190 20.10 -6.27 -54.98
CA SER T 190 19.07 -7.20 -54.60
C SER T 190 18.47 -8.01 -55.72
N LEU T 191 18.90 -9.26 -55.81
CA LEU T 191 18.38 -10.21 -56.76
C LEU T 191 17.26 -10.91 -56.01
N LYS T 192 16.93 -10.37 -54.84
CA LYS T 192 15.86 -10.89 -54.01
C LYS T 192 14.60 -10.75 -54.85
N ASN T 193 13.47 -11.28 -54.39
CA ASN T 193 12.22 -11.20 -55.16
C ASN T 193 12.40 -12.11 -56.37
N VAL T 194 13.31 -11.76 -57.28
CA VAL T 194 13.58 -12.63 -58.41
C VAL T 194 14.31 -13.78 -57.73
N ILE T 195 14.29 -14.98 -58.31
CA ILE T 195 14.95 -16.11 -57.65
C ILE T 195 14.35 -16.22 -56.24
N ILE T 207 8.00 -19.09 -59.09
CA ILE T 207 8.75 -17.99 -59.72
C ILE T 207 8.17 -17.71 -61.11
N SER T 208 8.03 -16.42 -61.45
CA SER T 208 7.47 -16.02 -62.74
C SER T 208 8.39 -16.41 -63.89
N ARG T 209 7.82 -16.48 -65.09
CA ARG T 209 8.59 -16.84 -66.27
C ARG T 209 9.69 -15.80 -66.54
N GLY T 210 9.37 -14.55 -66.29
CA GLY T 210 10.33 -13.49 -66.50
C GLY T 210 11.53 -13.63 -65.59
N ALA T 211 11.27 -13.90 -64.31
CA ALA T 211 12.35 -14.06 -63.32
C ALA T 211 13.25 -15.23 -63.71
N PHE T 212 12.63 -16.32 -64.15
CA PHE T 212 13.36 -17.51 -64.55
C PHE T 212 14.21 -17.25 -65.81
N ASP T 213 13.65 -16.51 -66.77
CA ASP T 213 14.37 -16.19 -67.99
C ASP T 213 15.59 -15.31 -67.66
N LEU T 214 15.37 -14.29 -66.83
CA LEU T 214 16.42 -13.37 -66.43
C LEU T 214 17.59 -14.12 -65.80
N LEU T 215 17.28 -14.98 -64.85
CA LEU T 215 18.31 -15.76 -64.16
C LEU T 215 19.16 -16.60 -65.09
N SER T 216 18.57 -17.13 -66.15
CA SER T 216 19.34 -17.97 -67.08
C SER T 216 19.86 -17.27 -68.32
N ASP T 217 19.52 -15.99 -68.49
CA ASP T 217 19.96 -15.24 -69.66
C ASP T 217 21.06 -14.21 -69.37
N ILE T 218 20.88 -13.49 -68.26
CA ILE T 218 21.78 -12.41 -67.90
C ILE T 218 23.28 -12.66 -67.98
N GLY T 219 23.73 -13.83 -67.52
CA GLY T 219 25.16 -14.11 -67.56
C GLY T 219 25.72 -14.12 -68.98
N ALA T 220 25.04 -14.82 -69.88
CA ALA T 220 25.49 -14.90 -71.28
C ALA T 220 25.38 -13.53 -71.96
N MET T 221 24.33 -12.77 -71.65
CA MET T 221 24.18 -11.45 -72.25
C MET T 221 25.37 -10.57 -71.86
N ALA T 222 25.70 -10.55 -70.57
CA ALA T 222 26.79 -9.75 -70.07
C ALA T 222 28.15 -10.18 -70.61
N ALA T 223 28.43 -11.48 -70.61
CA ALA T 223 29.71 -11.98 -71.10
C ALA T 223 29.88 -11.66 -72.59
N SER T 224 28.79 -11.68 -73.34
CA SER T 224 28.84 -11.40 -74.76
C SER T 224 29.18 -9.94 -75.00
N ARG T 225 28.64 -9.06 -74.17
CA ARG T 225 28.88 -7.63 -74.30
C ARG T 225 30.26 -7.25 -73.77
N GLY T 226 30.72 -7.98 -72.76
CA GLY T 226 32.01 -7.69 -72.17
C GLY T 226 31.84 -6.79 -70.96
N CYS T 227 30.61 -6.69 -70.44
CA CYS T 227 30.36 -5.88 -69.25
C CYS T 227 30.19 -6.83 -68.08
N VAL T 228 30.28 -6.30 -66.86
CA VAL T 228 30.13 -7.14 -65.68
C VAL T 228 28.94 -6.67 -64.84
N VAL T 229 28.10 -7.63 -64.45
CA VAL T 229 26.92 -7.35 -63.63
C VAL T 229 27.21 -7.93 -62.25
N ILE T 230 27.30 -7.06 -61.26
CA ILE T 230 27.59 -7.44 -59.88
C ILE T 230 26.29 -7.39 -59.09
N ALA T 231 25.73 -8.56 -58.78
CA ALA T 231 24.46 -8.65 -58.06
C ALA T 231 24.51 -9.25 -56.67
N SER T 232 23.88 -8.57 -55.72
CA SER T 232 23.85 -9.04 -54.35
C SER T 232 22.67 -9.99 -54.21
N LEU T 233 22.86 -11.04 -53.41
CA LEU T 233 21.83 -12.03 -53.19
C LEU T 233 21.95 -12.60 -51.79
N ASN T 234 21.02 -12.26 -50.91
CA ASN T 234 21.05 -12.80 -49.56
C ASN T 234 20.29 -14.11 -49.48
N PRO T 235 20.95 -15.17 -48.98
CA PRO T 235 20.31 -16.48 -48.86
C PRO T 235 19.33 -16.42 -47.69
N THR T 236 18.58 -15.32 -47.66
CA THR T 236 17.58 -15.03 -46.64
C THR T 236 16.85 -16.27 -46.12
N SER T 237 15.70 -16.55 -46.71
CA SER T 237 14.89 -17.70 -46.31
C SER T 237 15.73 -18.97 -46.21
N ASN T 238 15.56 -19.70 -45.12
CA ASN T 238 16.29 -20.95 -44.93
C ASN T 238 15.37 -22.10 -45.36
N ASP T 239 14.51 -21.78 -46.33
CA ASP T 239 13.57 -22.74 -46.91
C ASP T 239 14.31 -23.52 -47.99
N ASP T 240 14.66 -24.76 -47.69
CA ASP T 240 15.40 -25.62 -48.62
C ASP T 240 14.96 -25.65 -50.09
N LYS T 241 13.82 -25.07 -50.42
CA LYS T 241 13.39 -25.07 -51.82
C LYS T 241 14.03 -23.91 -52.58
N ILE T 242 14.30 -22.81 -51.88
CA ILE T 242 14.94 -21.66 -52.50
C ILE T 242 16.40 -21.57 -52.10
N VAL T 243 16.77 -22.28 -51.03
CA VAL T 243 18.16 -22.29 -50.57
C VAL T 243 18.96 -23.05 -51.64
N GLU T 244 18.26 -23.95 -52.32
CA GLU T 244 18.88 -24.74 -53.36
C GLU T 244 18.82 -23.95 -54.66
N LEU T 245 17.89 -23.01 -54.74
CA LEU T 245 17.75 -22.16 -55.91
C LEU T 245 18.86 -21.11 -55.88
N VAL T 246 19.37 -20.84 -54.67
CA VAL T 246 20.44 -19.87 -54.47
C VAL T 246 21.77 -20.54 -54.81
N LYS T 247 21.92 -21.78 -54.36
CA LYS T 247 23.15 -22.54 -54.63
C LYS T 247 23.24 -22.92 -56.11
N GLU T 248 22.10 -22.98 -56.77
CA GLU T 248 22.03 -23.33 -58.18
C GLU T 248 22.38 -22.09 -59.00
N ALA T 249 21.74 -20.98 -58.66
CA ALA T 249 21.98 -19.72 -59.36
C ALA T 249 23.46 -19.40 -59.25
N SER T 250 24.01 -19.54 -58.05
CA SER T 250 25.41 -19.27 -57.82
C SER T 250 26.33 -20.24 -58.55
N ARG T 251 25.96 -21.52 -58.52
CA ARG T 251 26.76 -22.54 -59.16
C ARG T 251 26.75 -22.52 -60.69
N SER T 252 25.55 -22.53 -61.27
CA SER T 252 25.42 -22.61 -62.72
C SER T 252 25.06 -21.37 -63.53
N ASN T 253 24.53 -20.34 -62.89
CA ASN T 253 24.13 -19.18 -63.65
C ASN T 253 25.07 -17.98 -63.52
N SER T 254 26.15 -18.16 -62.77
CA SER T 254 27.12 -17.08 -62.56
C SER T 254 28.44 -17.35 -63.26
N THR T 255 29.06 -16.29 -63.76
CA THR T 255 30.34 -16.41 -64.43
C THR T 255 31.39 -16.42 -63.31
N SER T 256 31.12 -15.64 -62.27
CA SER T 256 32.00 -15.54 -61.11
C SER T 256 31.15 -15.49 -59.86
N LEU T 257 31.75 -15.90 -58.74
CA LEU T 257 31.07 -15.92 -57.46
C LEU T 257 31.93 -15.23 -56.41
N VAL T 258 31.31 -14.41 -55.57
CA VAL T 258 32.02 -13.73 -54.49
C VAL T 258 31.25 -14.08 -53.21
N ILE T 259 31.87 -14.88 -52.34
CA ILE T 259 31.21 -15.31 -51.12
C ILE T 259 31.95 -14.92 -49.84
N SER T 260 31.19 -14.60 -48.81
CA SER T 260 31.77 -14.21 -47.53
C SER T 260 32.34 -15.43 -46.84
N THR T 261 33.27 -15.22 -45.92
CA THR T 261 33.89 -16.32 -45.18
C THR T 261 33.58 -16.16 -43.70
N ASP T 262 34.16 -17.02 -42.87
CA ASP T 262 33.94 -16.95 -41.43
C ASP T 262 34.78 -15.88 -40.74
N VAL T 263 35.64 -15.21 -41.51
CA VAL T 263 36.48 -14.14 -40.98
C VAL T 263 35.87 -12.82 -41.43
N ASP T 264 35.60 -11.93 -40.48
CA ASP T 264 34.98 -10.65 -40.80
C ASP T 264 35.73 -9.80 -41.81
N GLY T 265 35.01 -9.34 -42.82
CA GLY T 265 35.59 -8.50 -43.85
C GLY T 265 36.27 -9.24 -44.98
N GLU T 266 36.42 -10.56 -44.84
CA GLU T 266 37.09 -11.35 -45.86
C GLU T 266 36.12 -12.01 -46.83
N TRP T 267 36.46 -11.98 -48.11
CA TRP T 267 35.63 -12.56 -49.15
C TRP T 267 36.45 -13.44 -50.07
N GLN T 268 35.79 -14.41 -50.68
CA GLN T 268 36.44 -15.33 -51.60
C GLN T 268 35.85 -15.13 -53.00
N VAL T 269 36.73 -14.98 -53.98
CA VAL T 269 36.32 -14.78 -55.37
C VAL T 269 36.62 -16.04 -56.19
N LEU T 270 35.59 -16.62 -56.79
CA LEU T 270 35.73 -17.83 -57.61
C LEU T 270 35.34 -17.41 -59.00
N THR T 271 36.23 -17.53 -59.97
CA THR T 271 35.90 -17.10 -61.32
C THR T 271 36.15 -18.12 -62.43
N ARG T 272 35.16 -18.25 -63.31
CA ARG T 272 35.25 -19.16 -64.45
C ARG T 272 35.97 -18.40 -65.56
N THR T 273 37.16 -18.86 -65.92
CA THR T 273 37.95 -18.18 -66.94
C THR T 273 37.57 -18.46 -68.38
N GLY T 274 36.67 -19.42 -68.59
CA GLY T 274 36.26 -19.74 -69.95
C GLY T 274 35.73 -21.14 -70.12
N GLU T 275 35.17 -21.39 -71.30
CA GLU T 275 34.60 -22.69 -71.65
C GLU T 275 35.62 -23.81 -71.47
N GLY T 276 35.37 -24.71 -70.52
CA GLY T 276 36.28 -25.83 -70.29
C GLY T 276 37.59 -25.45 -69.61
N LEU T 277 37.76 -24.17 -69.29
CA LEU T 277 38.99 -23.71 -68.64
C LEU T 277 38.88 -23.87 -67.13
N GLN T 278 39.98 -23.59 -66.44
CA GLN T 278 40.03 -23.70 -64.99
C GLN T 278 39.31 -22.60 -64.23
N ARG T 279 38.75 -22.96 -63.08
CA ARG T 279 38.07 -21.99 -62.24
C ARG T 279 39.15 -21.49 -61.26
N LEU T 280 39.35 -20.19 -61.21
CA LEU T 280 40.36 -19.61 -60.32
C LEU T 280 39.75 -19.05 -59.05
N THR T 281 40.60 -18.85 -58.05
CA THR T 281 40.15 -18.31 -56.78
C THR T 281 41.21 -17.44 -56.11
N HIS T 282 40.77 -16.36 -55.47
CA HIS T 282 41.66 -15.48 -54.73
C HIS T 282 40.86 -14.85 -53.60
N THR T 283 41.54 -14.26 -52.63
CA THR T 283 40.86 -13.67 -51.48
C THR T 283 40.90 -12.15 -51.44
N LEU T 284 39.91 -11.57 -50.77
CA LEU T 284 39.81 -10.12 -50.63
C LEU T 284 39.69 -9.73 -49.15
N GLN T 285 40.38 -8.67 -48.76
CA GLN T 285 40.31 -8.16 -47.39
C GLN T 285 39.65 -6.79 -47.51
N THR T 286 38.78 -6.43 -46.57
CA THR T 286 38.08 -5.16 -46.65
C THR T 286 37.92 -4.49 -45.29
N SER T 287 37.59 -3.20 -45.29
CA SER T 287 37.38 -2.47 -44.05
C SER T 287 36.47 -1.28 -44.31
N TYR T 288 35.75 -0.86 -43.27
CA TYR T 288 34.82 0.26 -43.37
C TYR T 288 35.42 1.62 -43.03
N GLY T 289 34.95 2.64 -43.74
CA GLY T 289 35.40 4.00 -43.50
C GLY T 289 34.22 4.71 -42.86
N GLU T 290 33.99 5.95 -43.24
CA GLU T 290 32.86 6.69 -42.68
C GLU T 290 31.56 6.43 -43.45
N HIS T 291 30.44 6.48 -42.75
CA HIS T 291 29.13 6.25 -43.35
C HIS T 291 29.04 4.88 -44.03
N SER T 292 29.74 3.91 -43.46
CA SER T 292 29.74 2.55 -43.99
C SER T 292 30.31 2.38 -45.39
N VAL T 293 31.16 3.29 -45.83
CA VAL T 293 31.78 3.16 -47.15
C VAL T 293 32.87 2.09 -46.99
N LEU T 294 32.80 1.07 -47.82
CA LEU T 294 33.74 -0.05 -47.75
C LEU T 294 34.90 0.10 -48.70
N THR T 295 36.08 -0.36 -48.27
CA THR T 295 37.29 -0.29 -49.10
C THR T 295 37.91 -1.67 -49.24
N ILE T 296 38.28 -2.03 -50.47
CA ILE T 296 38.91 -3.32 -50.74
C ILE T 296 40.41 -3.10 -50.75
N HIS T 297 41.13 -3.73 -49.82
CA HIS T 297 42.57 -3.58 -49.76
C HIS T 297 43.27 -4.21 -50.94
N THR T 298 44.45 -3.71 -51.26
CA THR T 298 45.24 -4.24 -52.37
C THR T 298 46.68 -4.44 -51.90
N SER T 299 47.14 -5.68 -51.99
CA SER T 299 48.50 -6.04 -51.56
C SER T 299 49.55 -5.00 -51.96
N GLN T 306 44.72 -19.05 -58.38
CA GLN T 306 44.97 -20.47 -58.15
C GLN T 306 43.68 -21.27 -58.39
N ALA T 307 43.83 -22.49 -58.92
CA ALA T 307 42.67 -23.33 -59.23
C ALA T 307 42.02 -23.99 -58.01
N SER T 308 40.71 -24.23 -58.12
CA SER T 308 39.96 -24.88 -57.06
C SER T 308 39.08 -25.98 -57.69
N GLY T 309 39.34 -27.23 -57.30
CA GLY T 309 38.59 -28.35 -57.84
C GLY T 309 37.09 -28.21 -57.70
N LYS T 310 36.34 -28.99 -58.47
CA LYS T 310 34.88 -28.94 -58.42
C LYS T 310 34.37 -29.42 -57.06
N ALA T 311 35.17 -30.23 -56.38
CA ALA T 311 34.82 -30.76 -55.07
C ALA T 311 34.93 -29.63 -54.04
N ILE T 312 36.03 -28.89 -54.09
CA ILE T 312 36.26 -27.77 -53.18
C ILE T 312 35.19 -26.71 -53.42
N GLN T 313 34.71 -26.66 -54.66
CA GLN T 313 33.70 -25.70 -55.08
C GLN T 313 32.37 -25.90 -54.34
N THR T 314 31.90 -27.14 -54.27
CA THR T 314 30.63 -27.43 -53.59
C THR T 314 30.80 -27.30 -52.08
N VAL T 315 32.04 -27.40 -51.61
CA VAL T 315 32.31 -27.27 -50.18
C VAL T 315 32.03 -25.81 -49.83
N ILE T 316 32.22 -24.94 -50.82
CA ILE T 316 31.98 -23.52 -50.67
C ILE T 316 30.47 -23.27 -50.73
N LYS T 317 29.79 -24.11 -51.48
CA LYS T 317 28.33 -24.01 -51.66
C LYS T 317 27.50 -24.30 -50.40
N ASN T 318 27.86 -25.34 -49.66
CA ASN T 318 27.09 -25.67 -48.46
C ASN T 318 27.18 -24.58 -47.40
N ASP T 319 27.95 -23.54 -47.67
CA ASP T 319 28.08 -22.41 -46.75
C ASP T 319 26.73 -21.69 -46.76
N GLU T 320 26.16 -21.61 -47.96
CA GLU T 320 24.87 -20.96 -48.18
C GLU T 320 23.73 -21.78 -47.58
N LEU T 321 23.91 -23.10 -47.59
CA LEU T 321 22.91 -24.01 -47.04
C LEU T 321 22.72 -23.61 -45.58
N MET U 1 5.08 -47.86 -86.79
CA MET U 1 3.93 -48.77 -86.99
C MET U 1 4.09 -50.00 -86.12
N ILE U 2 3.11 -50.89 -86.14
CA ILE U 2 3.20 -52.10 -85.35
C ILE U 2 3.74 -53.23 -86.23
N HIS U 3 4.51 -54.14 -85.62
CA HIS U 3 5.10 -55.25 -86.35
C HIS U 3 4.60 -56.57 -85.79
N LEU U 4 4.46 -57.58 -86.66
CA LEU U 4 4.01 -58.90 -86.23
C LEU U 4 5.19 -59.86 -86.28
N TYR U 5 5.20 -60.84 -85.37
CA TYR U 5 6.29 -61.80 -85.33
C TYR U 5 5.84 -63.19 -84.90
N ASP U 6 6.66 -64.17 -85.27
CA ASP U 6 6.51 -65.56 -84.85
C ASP U 6 7.94 -65.90 -84.45
N ALA U 7 8.18 -67.08 -83.91
CA ALA U 7 9.53 -67.42 -83.48
C ALA U 7 10.61 -67.17 -84.54
N LYS U 8 10.32 -67.52 -85.79
CA LYS U 8 11.29 -67.33 -86.86
C LYS U 8 11.61 -65.88 -87.19
N SER U 9 10.59 -65.11 -87.50
CA SER U 9 10.80 -63.71 -87.84
C SER U 9 11.45 -62.95 -86.68
N PHE U 10 11.10 -63.33 -85.44
CA PHE U 10 11.69 -62.66 -84.27
C PHE U 10 13.18 -62.96 -84.19
N ALA U 11 13.57 -64.21 -84.40
CA ALA U 11 14.98 -64.60 -84.33
C ALA U 11 15.78 -63.82 -85.38
N LYS U 12 15.21 -63.64 -86.58
CA LYS U 12 15.92 -62.90 -87.62
C LYS U 12 16.11 -61.46 -87.20
N LEU U 13 15.07 -60.86 -86.63
CA LEU U 13 15.15 -59.48 -86.17
C LEU U 13 16.31 -59.32 -85.17
N ARG U 14 16.36 -60.18 -84.16
CA ARG U 14 17.41 -60.11 -83.17
C ARG U 14 18.80 -60.26 -83.80
N ALA U 15 18.92 -61.13 -84.81
CA ALA U 15 20.22 -61.32 -85.48
C ALA U 15 20.60 -60.02 -86.19
N ALA U 16 19.62 -59.42 -86.87
CA ALA U 16 19.86 -58.18 -87.59
C ALA U 16 20.27 -57.05 -86.65
N GLN U 17 19.59 -56.95 -85.50
CA GLN U 17 19.89 -55.90 -84.53
C GLN U 17 21.31 -56.09 -83.99
N TYR U 18 21.65 -57.34 -83.70
CA TYR U 18 22.97 -57.65 -83.18
C TYR U 18 24.04 -57.23 -84.19
N ALA U 19 23.78 -57.45 -85.48
CA ALA U 19 24.74 -57.09 -86.51
C ALA U 19 24.85 -55.58 -86.65
N ALA U 20 23.71 -54.89 -86.53
CA ALA U 20 23.71 -53.43 -86.67
C ALA U 20 24.71 -52.75 -85.73
N PHE U 21 25.06 -53.41 -84.63
CA PHE U 21 26.02 -52.82 -83.70
C PHE U 21 27.39 -53.48 -83.76
N HIS U 22 27.40 -54.81 -83.79
CA HIS U 22 28.62 -55.59 -83.79
C HIS U 22 29.41 -55.81 -85.08
N THR U 23 28.72 -56.00 -86.20
CA THR U 23 29.45 -56.27 -87.43
C THR U 23 29.35 -55.27 -88.58
N ASP U 24 28.27 -54.49 -88.64
CA ASP U 24 28.15 -53.50 -89.71
C ASP U 24 29.35 -52.58 -89.68
N ALA U 25 29.63 -51.93 -90.81
CA ALA U 25 30.75 -51.03 -90.88
C ALA U 25 30.38 -49.76 -90.14
N PRO U 26 31.25 -49.30 -89.24
CA PRO U 26 31.00 -48.08 -88.44
C PRO U 26 30.56 -46.92 -89.31
N GLY U 27 29.43 -46.31 -88.98
CA GLY U 27 28.95 -45.17 -89.75
C GLY U 27 28.17 -45.50 -91.00
N SER U 28 28.04 -46.78 -91.34
CA SER U 28 27.30 -47.12 -92.57
C SER U 28 25.81 -46.78 -92.48
N TRP U 29 25.23 -46.89 -91.29
CA TRP U 29 23.81 -46.59 -91.11
C TRP U 29 23.58 -45.11 -91.39
N PHE U 30 24.45 -44.25 -90.87
CA PHE U 30 24.32 -42.81 -91.08
C PHE U 30 24.31 -42.53 -92.59
N ASP U 31 25.30 -43.07 -93.29
CA ASP U 31 25.41 -42.87 -94.74
C ASP U 31 24.15 -43.33 -95.45
N HIS U 32 23.60 -44.45 -95.00
CA HIS U 32 22.38 -44.94 -95.62
C HIS U 32 21.20 -43.99 -95.42
N THR U 33 21.02 -43.45 -94.20
CA THR U 33 19.91 -42.54 -93.97
C THR U 33 20.17 -41.23 -94.71
N SER U 34 21.44 -40.89 -94.88
CA SER U 34 21.78 -39.68 -95.61
C SER U 34 21.26 -39.87 -97.04
N GLY U 35 21.47 -41.06 -97.59
CA GLY U 35 21.00 -41.35 -98.93
C GLY U 35 19.51 -41.17 -99.02
N VAL U 36 18.78 -41.79 -98.09
CA VAL U 36 17.32 -41.68 -98.09
C VAL U 36 16.87 -40.23 -97.99
N LEU U 37 17.44 -39.46 -97.08
CA LEU U 37 17.03 -38.07 -96.93
C LEU U 37 17.27 -37.27 -98.20
N GLU U 38 18.38 -37.54 -98.87
CA GLU U 38 18.71 -36.84 -100.11
C GLU U 38 17.70 -37.14 -101.21
N SER U 39 17.02 -38.29 -101.12
CA SER U 39 16.04 -38.68 -102.12
C SER U 39 14.68 -37.99 -101.98
N VAL U 40 14.48 -37.26 -100.89
CA VAL U 40 13.22 -36.57 -100.66
C VAL U 40 13.01 -35.38 -101.60
N GLU U 41 11.75 -35.19 -102.03
CA GLU U 41 11.32 -34.14 -102.95
C GLU U 41 11.65 -32.67 -102.72
N ASP U 42 12.24 -32.30 -101.59
CA ASP U 42 12.53 -30.88 -101.32
C ASP U 42 11.21 -30.22 -100.93
N GLY U 43 11.20 -29.48 -99.83
CA GLY U 43 9.97 -28.84 -99.39
C GLY U 43 9.12 -29.88 -98.68
N THR U 44 9.54 -31.14 -98.78
CA THR U 44 8.83 -32.24 -98.14
C THR U 44 9.32 -32.34 -96.70
N PRO U 45 8.38 -32.29 -95.74
CA PRO U 45 8.72 -32.38 -94.31
C PRO U 45 9.42 -33.69 -93.97
N VAL U 46 10.54 -33.61 -93.24
CA VAL U 46 11.26 -34.82 -92.84
C VAL U 46 11.46 -34.94 -91.32
N LEU U 47 11.47 -33.80 -90.62
CA LEU U 47 11.68 -33.78 -89.18
C LEU U 47 10.79 -32.78 -88.45
N ALA U 48 10.20 -33.20 -87.33
CA ALA U 48 9.35 -32.34 -86.53
C ALA U 48 9.83 -32.44 -85.08
N ILE U 49 10.07 -31.29 -84.46
CA ILE U 49 10.57 -31.26 -83.09
C ILE U 49 9.80 -30.22 -82.28
N GLY U 50 9.59 -30.49 -81.00
CA GLY U 50 8.83 -29.57 -80.17
C GLY U 50 9.54 -28.36 -79.61
N VAL U 51 8.83 -27.23 -79.59
CA VAL U 51 9.36 -26.00 -79.04
C VAL U 51 8.84 -25.86 -77.61
N GLU U 52 9.35 -24.88 -76.89
CA GLU U 52 8.99 -24.66 -75.49
C GLU U 52 7.52 -24.86 -75.10
N SER U 53 6.61 -24.26 -75.86
CA SER U 53 5.18 -24.34 -75.57
C SER U 53 4.58 -25.73 -75.70
N GLY U 54 5.22 -26.60 -76.48
CA GLY U 54 4.66 -27.93 -76.68
C GLY U 54 4.30 -28.10 -78.14
N ASP U 55 4.22 -26.99 -78.87
CA ASP U 55 3.93 -27.02 -80.30
C ASP U 55 5.18 -27.57 -80.96
N ALA U 56 5.09 -27.85 -82.26
CA ALA U 56 6.23 -28.40 -82.98
C ALA U 56 6.52 -27.64 -84.27
N ILE U 57 7.81 -27.53 -84.60
CA ILE U 57 8.21 -26.88 -85.84
C ILE U 57 8.69 -27.99 -86.77
N VAL U 58 8.64 -27.73 -88.09
CA VAL U 58 9.01 -28.73 -89.09
C VAL U 58 10.13 -28.29 -90.04
N PHE U 59 10.99 -29.23 -90.43
CA PHE U 59 12.10 -28.95 -91.34
C PHE U 59 12.13 -29.86 -92.55
N ASP U 60 12.75 -29.39 -93.63
CA ASP U 60 12.90 -30.20 -94.84
C ASP U 60 14.28 -30.84 -94.78
N LYS U 61 14.64 -31.61 -95.80
CA LYS U 61 15.94 -32.29 -95.81
C LYS U 61 17.14 -31.34 -95.77
N ASN U 62 16.92 -30.05 -95.99
CA ASN U 62 18.03 -29.09 -95.98
C ASN U 62 18.05 -28.26 -94.71
N ALA U 63 17.32 -28.73 -93.69
CA ALA U 63 17.27 -28.04 -92.41
C ALA U 63 16.65 -26.66 -92.56
N GLN U 64 15.76 -26.52 -93.54
CA GLN U 64 15.07 -25.27 -93.75
C GLN U 64 13.70 -25.44 -93.10
N ARG U 65 13.28 -24.45 -92.32
CA ARG U 65 12.00 -24.53 -91.65
C ARG U 65 10.83 -24.35 -92.61
N ILE U 66 9.83 -25.22 -92.48
CA ILE U 66 8.64 -25.19 -93.33
C ILE U 66 7.54 -24.39 -92.66
N VAL U 67 7.17 -23.28 -93.28
CA VAL U 67 6.14 -22.41 -92.72
C VAL U 67 4.72 -22.80 -93.11
N ALA U 68 4.53 -23.22 -94.35
CA ALA U 68 3.21 -23.62 -94.81
C ALA U 68 3.28 -24.89 -95.65
N TYR U 69 2.37 -25.82 -95.39
CA TYR U 69 2.34 -27.08 -96.11
C TYR U 69 0.96 -27.68 -96.00
N LYS U 70 0.26 -27.75 -97.14
CA LYS U 70 -1.09 -28.28 -97.17
C LYS U 70 -1.13 -29.77 -96.85
N GLU U 71 -2.17 -30.17 -96.14
CA GLU U 71 -2.36 -31.55 -95.73
C GLU U 71 -1.97 -32.55 -96.81
N LYS U 72 -1.40 -33.68 -96.37
CA LYS U 72 -0.98 -34.73 -97.28
C LYS U 72 -0.81 -36.01 -96.47
N SER U 73 -1.51 -37.06 -96.90
CA SER U 73 -1.47 -38.35 -96.22
C SER U 73 -0.65 -39.40 -96.95
N VAL U 74 -0.27 -40.43 -96.21
CA VAL U 74 0.52 -41.53 -96.76
C VAL U 74 0.12 -42.81 -96.03
N LYS U 75 -0.30 -43.82 -96.79
CA LYS U 75 -0.71 -45.08 -96.21
C LYS U 75 0.41 -46.10 -96.30
N ALA U 76 0.61 -46.84 -95.23
CA ALA U 76 1.66 -47.85 -95.19
C ALA U 76 1.08 -49.26 -95.31
N GLU U 77 1.94 -50.25 -95.13
CA GLU U 77 1.52 -51.65 -95.19
C GLU U 77 0.71 -51.95 -93.94
N ASP U 78 1.09 -51.31 -92.84
CA ASP U 78 0.43 -51.47 -91.55
C ASP U 78 -1.07 -51.19 -91.69
N GLY U 79 -1.44 -50.51 -92.77
CA GLY U 79 -2.83 -50.17 -92.98
C GLY U 79 -3.09 -48.79 -92.40
N SER U 80 -2.22 -48.42 -91.45
CA SER U 80 -2.30 -47.12 -90.80
C SER U 80 -1.87 -46.04 -91.79
N VAL U 81 -2.24 -44.79 -91.50
CA VAL U 81 -1.89 -43.67 -92.37
C VAL U 81 -1.30 -42.52 -91.56
N SER U 82 -0.33 -41.83 -92.15
CA SER U 82 0.30 -40.69 -91.49
C SER U 82 -0.12 -39.44 -92.25
N VAL U 83 -0.31 -38.35 -91.52
CA VAL U 83 -0.73 -37.09 -92.14
C VAL U 83 0.20 -35.98 -91.66
N VAL U 84 0.48 -35.03 -92.56
CA VAL U 84 1.34 -33.91 -92.20
C VAL U 84 0.75 -32.62 -92.73
N GLN U 85 0.62 -31.64 -91.86
CA GLN U 85 0.09 -30.33 -92.24
C GLN U 85 0.75 -29.24 -91.41
N VAL U 86 1.36 -28.27 -92.09
CA VAL U 86 2.01 -27.18 -91.39
C VAL U 86 1.27 -25.90 -91.73
N GLU U 87 0.93 -25.13 -90.70
CA GLU U 87 0.19 -23.90 -90.91
C GLU U 87 0.71 -22.78 -90.01
N ASN U 88 1.15 -21.70 -90.65
CA ASN U 88 1.67 -20.54 -89.94
C ASN U 88 2.92 -20.85 -89.12
N GLY U 89 3.78 -21.73 -89.64
CA GLY U 89 5.01 -22.06 -88.95
C GLY U 89 4.95 -23.18 -87.95
N PHE U 90 3.77 -23.73 -87.69
CA PHE U 90 3.63 -24.82 -86.73
C PHE U 90 2.84 -26.00 -87.28
N MET U 91 3.18 -27.19 -86.81
CA MET U 91 2.52 -28.42 -87.23
C MET U 91 1.06 -28.47 -86.79
N LYS U 92 0.16 -28.67 -87.74
CA LYS U 92 -1.27 -28.76 -87.46
C LYS U 92 -1.68 -30.21 -87.39
N GLN U 93 -1.00 -31.04 -88.17
CA GLN U 93 -1.25 -32.48 -88.18
C GLN U 93 0.09 -33.17 -88.33
N GLY U 94 0.26 -34.31 -87.65
CA GLY U 94 1.51 -35.05 -87.72
C GLY U 94 1.96 -35.47 -86.33
N HIS U 95 3.21 -35.86 -86.20
CA HIS U 95 3.77 -36.30 -84.92
C HIS U 95 5.20 -35.81 -84.80
N ARG U 96 5.74 -35.82 -83.60
CA ARG U 96 7.12 -35.39 -83.41
C ARG U 96 8.03 -36.51 -83.88
N GLY U 97 9.24 -36.15 -84.31
CA GLY U 97 10.18 -37.16 -84.78
C GLY U 97 10.36 -37.15 -86.29
N TRP U 98 10.98 -38.20 -86.82
CA TRP U 98 11.19 -38.29 -88.26
C TRP U 98 9.85 -38.47 -88.98
N LEU U 99 9.62 -37.65 -90.00
CA LEU U 99 8.37 -37.72 -90.76
C LEU U 99 8.54 -38.56 -92.02
N VAL U 100 9.69 -39.19 -92.15
CA VAL U 100 10.02 -40.03 -93.29
C VAL U 100 10.63 -41.32 -92.75
N ASP U 101 10.39 -42.44 -93.44
CA ASP U 101 10.92 -43.73 -92.99
C ASP U 101 12.40 -43.89 -93.34
N LEU U 102 13.24 -44.05 -92.32
CA LEU U 102 14.66 -44.21 -92.52
C LEU U 102 15.07 -45.65 -92.20
N THR U 103 14.48 -46.17 -91.14
CA THR U 103 14.76 -47.50 -90.62
C THR U 103 14.13 -48.71 -91.33
N GLY U 104 13.11 -48.49 -92.14
CA GLY U 104 12.47 -49.61 -92.78
C GLY U 104 11.86 -50.42 -91.66
N GLU U 105 11.92 -51.75 -91.71
CA GLU U 105 11.35 -52.53 -90.62
C GLU U 105 12.43 -53.01 -89.65
N LEU U 106 13.62 -52.44 -89.80
CA LEU U 106 14.71 -52.80 -88.91
C LEU U 106 14.62 -51.77 -87.78
N VAL U 107 13.93 -52.15 -86.70
CA VAL U 107 13.79 -51.25 -85.58
C VAL U 107 14.45 -51.83 -84.33
N GLY U 108 14.63 -50.97 -83.32
CA GLY U 108 15.23 -51.43 -82.08
C GLY U 108 16.74 -51.58 -82.10
N CYS U 109 17.41 -50.85 -83.00
CA CYS U 109 18.88 -50.93 -83.09
C CYS U 109 19.61 -49.77 -82.44
N SER U 110 20.90 -49.98 -82.24
CA SER U 110 21.82 -48.97 -81.72
C SER U 110 22.92 -49.03 -82.78
N PRO U 111 22.64 -48.53 -83.99
CA PRO U 111 23.58 -48.53 -85.11
C PRO U 111 24.96 -48.03 -84.70
N VAL U 112 26.00 -48.81 -85.02
CA VAL U 112 27.36 -48.39 -84.67
C VAL U 112 27.68 -47.10 -85.41
N VAL U 113 28.21 -46.12 -84.69
CA VAL U 113 28.51 -44.82 -85.27
C VAL U 113 30.01 -44.59 -85.52
N ALA U 114 30.83 -45.31 -84.77
CA ALA U 114 32.27 -45.16 -84.91
C ALA U 114 33.02 -46.20 -84.11
N GLU U 115 34.31 -46.27 -84.34
CA GLU U 115 35.18 -47.20 -83.65
C GLU U 115 36.39 -46.40 -83.23
N PHE U 116 36.80 -46.55 -81.97
CA PHE U 116 37.93 -45.81 -81.46
C PHE U 116 38.59 -46.55 -80.30
N GLY U 117 39.91 -46.42 -80.20
CA GLY U 117 40.65 -47.06 -79.13
C GLY U 117 40.33 -48.53 -78.92
N GLY U 118 39.82 -49.21 -79.94
CA GLY U 118 39.50 -50.61 -79.80
C GLY U 118 38.07 -50.89 -79.37
N HIS U 119 37.23 -49.85 -79.34
CA HIS U 119 35.84 -50.04 -78.94
C HIS U 119 34.87 -49.44 -79.95
N ARG U 120 33.73 -50.11 -80.11
CA ARG U 120 32.69 -49.63 -81.01
C ARG U 120 31.74 -48.78 -80.18
N TYR U 121 31.35 -47.62 -80.71
CA TYR U 121 30.43 -46.73 -80.02
C TYR U 121 29.08 -46.67 -80.74
N ALA U 122 28.01 -46.54 -79.97
CA ALA U 122 26.67 -46.52 -80.54
C ALA U 122 26.18 -45.12 -80.91
N SER U 123 25.27 -45.08 -81.87
CA SER U 123 24.68 -43.81 -82.26
C SER U 123 23.54 -43.62 -81.27
N GLY U 124 22.81 -42.52 -81.37
CA GLY U 124 21.73 -42.28 -80.43
C GLY U 124 22.22 -41.23 -79.45
N MET U 125 21.66 -41.19 -78.24
CA MET U 125 22.14 -40.18 -77.30
C MET U 125 23.04 -40.72 -76.20
N VAL U 126 24.08 -39.95 -75.94
CA VAL U 126 25.06 -40.28 -74.92
C VAL U 126 25.10 -39.15 -73.90
N ILE U 127 24.73 -39.46 -72.66
CA ILE U 127 24.77 -38.45 -71.62
C ILE U 127 26.04 -38.65 -70.83
N VAL U 128 26.76 -37.55 -70.62
CA VAL U 128 28.00 -37.56 -69.87
C VAL U 128 27.71 -36.81 -68.58
N THR U 129 27.79 -37.53 -67.47
CA THR U 129 27.48 -36.91 -66.20
C THR U 129 28.27 -37.51 -65.03
N GLY U 130 27.76 -37.25 -63.83
CA GLY U 130 28.43 -37.72 -62.63
C GLY U 130 28.74 -36.58 -61.70
N LYS U 131 29.22 -36.91 -60.52
CA LYS U 131 29.58 -35.92 -59.52
C LYS U 131 31.08 -36.06 -59.33
N GLY U 132 31.77 -34.94 -59.16
CA GLY U 132 33.21 -35.05 -58.99
C GLY U 132 34.02 -33.97 -59.67
N ASN U 133 35.33 -34.11 -59.63
CA ASN U 133 36.23 -33.13 -60.21
C ASN U 133 36.39 -33.21 -61.74
N SER U 134 36.32 -34.41 -62.31
CA SER U 134 36.46 -34.56 -63.75
C SER U 134 35.43 -33.68 -64.49
N GLY U 135 35.94 -32.76 -65.31
CA GLY U 135 35.08 -31.85 -66.06
C GLY U 135 34.41 -32.47 -67.25
N LYS U 136 33.10 -32.24 -67.39
CA LYS U 136 32.35 -32.82 -68.50
C LYS U 136 32.60 -32.15 -69.83
N THR U 137 32.78 -30.83 -69.84
CA THR U 137 33.00 -30.11 -71.08
C THR U 137 34.23 -30.62 -71.87
N PRO U 138 35.39 -30.79 -71.20
CA PRO U 138 36.55 -31.29 -71.94
C PRO U 138 36.31 -32.70 -72.48
N LEU U 139 35.57 -33.50 -71.72
CA LEU U 139 35.30 -34.87 -72.13
C LEU U 139 34.39 -34.97 -73.35
N VAL U 140 33.32 -34.14 -73.40
CA VAL U 140 32.45 -34.23 -74.56
C VAL U 140 33.17 -33.79 -75.82
N HIS U 141 34.03 -32.78 -75.71
CA HIS U 141 34.76 -32.31 -76.89
C HIS U 141 35.79 -33.34 -77.36
N ALA U 142 36.45 -34.00 -76.43
CA ALA U 142 37.44 -35.00 -76.78
C ALA U 142 36.75 -36.19 -77.45
N LEU U 143 35.57 -36.55 -76.93
CA LEU U 143 34.83 -37.67 -77.47
C LEU U 143 34.28 -37.32 -78.86
N GLY U 144 33.91 -36.06 -79.05
CA GLY U 144 33.39 -35.64 -80.33
C GLY U 144 34.47 -35.78 -81.39
N GLU U 145 35.67 -35.30 -81.08
CA GLU U 145 36.77 -35.37 -82.03
C GLU U 145 37.14 -36.82 -82.33
N ALA U 146 37.21 -37.66 -81.30
CA ALA U 146 37.58 -39.05 -81.51
C ALA U 146 36.56 -39.83 -82.33
N LEU U 147 35.27 -39.62 -82.05
CA LEU U 147 34.25 -40.34 -82.80
C LEU U 147 34.08 -39.72 -84.18
N GLY U 148 34.36 -38.43 -84.28
CA GLY U 148 34.24 -37.76 -85.57
C GLY U 148 35.19 -38.44 -86.55
N GLY U 149 36.40 -38.76 -86.06
CA GLY U 149 37.40 -39.41 -86.88
C GLY U 149 37.93 -38.53 -87.99
N LYS U 150 37.57 -38.87 -89.22
CA LYS U 150 37.98 -38.11 -90.40
C LYS U 150 37.08 -36.90 -90.57
N ASP U 151 35.91 -36.94 -89.94
CA ASP U 151 34.94 -35.85 -90.05
C ASP U 151 34.98 -34.91 -88.87
N LYS U 152 34.56 -33.67 -89.08
CA LYS U 152 34.50 -32.70 -87.99
C LYS U 152 33.23 -32.99 -87.22
N TYR U 153 33.17 -32.56 -85.97
CA TYR U 153 31.97 -32.76 -85.17
C TYR U 153 31.27 -31.43 -84.99
N ALA U 154 29.94 -31.46 -84.88
CA ALA U 154 29.14 -30.24 -84.69
C ALA U 154 28.93 -29.97 -83.20
N THR U 155 29.02 -28.69 -82.82
CA THR U 155 28.85 -28.31 -81.42
C THR U 155 27.66 -27.39 -81.19
N VAL U 156 26.72 -27.84 -80.36
CA VAL U 156 25.54 -27.04 -80.03
C VAL U 156 25.75 -26.49 -78.62
N ARG U 157 25.74 -25.17 -78.49
CA ARG U 157 25.96 -24.55 -77.19
C ARG U 157 24.65 -24.01 -76.60
N PHE U 158 24.44 -24.25 -75.30
CA PHE U 158 23.22 -23.80 -74.65
C PHE U 158 23.27 -23.59 -73.14
N GLY U 159 22.68 -22.48 -72.69
CA GLY U 159 22.55 -22.16 -71.27
C GLY U 159 23.71 -21.93 -70.33
N GLU U 160 24.86 -21.49 -70.81
CA GLU U 160 25.99 -21.26 -69.92
C GLU U 160 26.24 -19.75 -69.89
N PRO U 161 26.67 -19.21 -68.74
CA PRO U 161 26.92 -17.77 -68.66
C PRO U 161 28.28 -17.36 -69.23
N LEU U 162 28.51 -17.73 -70.50
CA LEU U 162 29.73 -17.42 -71.24
C LEU U 162 29.35 -16.66 -72.53
N SER U 163 30.32 -16.01 -73.16
CA SER U 163 30.05 -15.24 -74.38
C SER U 163 29.53 -16.08 -75.54
N GLY U 164 28.61 -15.51 -76.30
CA GLY U 164 28.05 -16.19 -77.46
C GLY U 164 27.16 -17.40 -77.21
N TYR U 165 26.76 -17.63 -75.96
CA TYR U 165 25.90 -18.76 -75.64
C TYR U 165 24.43 -18.43 -75.78
N ASN U 166 23.71 -19.22 -76.57
CA ASN U 166 22.28 -19.01 -76.71
C ASN U 166 21.63 -19.57 -75.44
N THR U 167 20.59 -18.90 -74.95
CA THR U 167 19.90 -19.35 -73.75
C THR U 167 18.40 -19.44 -73.99
N ASP U 168 18.00 -19.36 -75.25
CA ASP U 168 16.59 -19.43 -75.62
C ASP U 168 16.30 -20.86 -76.11
N PHE U 169 15.42 -21.56 -75.41
CA PHE U 169 15.11 -22.94 -75.78
C PHE U 169 14.69 -23.13 -77.23
N ASN U 170 13.95 -22.19 -77.80
CA ASN U 170 13.53 -22.38 -79.17
C ASN U 170 14.65 -22.32 -80.19
N VAL U 171 15.70 -21.55 -79.90
CA VAL U 171 16.83 -21.49 -80.81
C VAL U 171 17.58 -22.82 -80.66
N PHE U 172 17.58 -23.33 -79.43
CA PHE U 172 18.24 -24.60 -79.11
C PHE U 172 17.71 -25.78 -79.95
N VAL U 173 16.40 -25.99 -79.99
CA VAL U 173 15.85 -27.11 -80.75
C VAL U 173 16.12 -26.91 -82.23
N ASP U 174 16.24 -25.65 -82.64
CA ASP U 174 16.53 -25.34 -84.02
C ASP U 174 17.95 -25.81 -84.33
N ASP U 175 18.89 -25.50 -83.45
CA ASP U 175 20.28 -25.92 -83.63
C ASP U 175 20.34 -27.46 -83.66
N ILE U 176 19.63 -28.10 -82.74
CA ILE U 176 19.66 -29.56 -82.66
C ILE U 176 19.10 -30.23 -83.89
N ALA U 177 17.96 -29.75 -84.39
CA ALA U 177 17.36 -30.35 -85.58
C ALA U 177 18.33 -30.26 -86.77
N ARG U 178 18.88 -29.06 -86.97
CA ARG U 178 19.82 -28.87 -88.08
C ARG U 178 21.03 -29.78 -87.93
N ALA U 179 21.54 -29.90 -86.71
CA ALA U 179 22.70 -30.74 -86.47
C ALA U 179 22.47 -32.21 -86.83
N MET U 180 21.34 -32.77 -86.43
CA MET U 180 21.03 -34.17 -86.71
C MET U 180 20.75 -34.42 -88.18
N LEU U 181 20.30 -33.38 -88.86
CA LEU U 181 20.01 -33.50 -90.29
C LEU U 181 21.28 -33.48 -91.11
N GLN U 182 22.31 -32.78 -90.61
CA GLN U 182 23.55 -32.64 -91.33
C GLN U 182 24.84 -33.26 -90.81
N HIS U 183 24.86 -33.78 -89.59
CA HIS U 183 26.11 -34.35 -89.08
C HIS U 183 25.96 -35.66 -88.31
N ARG U 184 27.04 -36.45 -88.34
CA ARG U 184 27.09 -37.76 -87.69
C ARG U 184 27.46 -37.68 -86.21
N VAL U 185 28.32 -36.72 -85.86
CA VAL U 185 28.77 -36.57 -84.49
C VAL U 185 28.43 -35.17 -83.97
N ILE U 186 27.58 -35.13 -82.96
CA ILE U 186 27.11 -33.88 -82.37
C ILE U 186 27.39 -33.79 -80.88
N VAL U 187 27.78 -32.60 -80.44
CA VAL U 187 28.05 -32.34 -79.03
C VAL U 187 27.11 -31.25 -78.53
N ILE U 188 26.44 -31.51 -77.42
CA ILE U 188 25.56 -30.51 -76.84
C ILE U 188 26.18 -30.12 -75.52
N ASP U 189 26.61 -28.88 -75.38
CA ASP U 189 27.20 -28.53 -74.11
C ASP U 189 26.17 -27.87 -73.22
N SER U 190 25.79 -28.66 -72.21
CA SER U 190 24.83 -28.33 -71.18
C SER U 190 23.38 -28.58 -71.53
N LEU U 191 22.83 -29.63 -70.93
CA LEU U 191 21.42 -29.98 -71.09
C LEU U 191 20.73 -29.31 -69.90
N LYS U 192 21.01 -28.03 -69.69
CA LYS U 192 20.41 -27.28 -68.57
C LYS U 192 18.93 -27.03 -68.84
N ASN U 193 18.25 -26.45 -67.85
CA ASN U 193 16.82 -26.17 -67.97
C ASN U 193 16.07 -27.49 -68.17
N VAL U 194 16.38 -28.19 -69.25
CA VAL U 194 15.74 -29.48 -69.49
C VAL U 194 16.26 -30.33 -68.34
N ILE U 195 15.39 -31.10 -67.71
CA ILE U 195 15.78 -31.92 -66.57
C ILE U 195 16.32 -30.98 -65.49
N ILE U 207 9.27 -28.30 -65.46
CA ILE U 207 9.91 -28.39 -66.77
C ILE U 207 8.88 -28.04 -67.86
N SER U 208 9.32 -27.32 -68.89
CA SER U 208 8.42 -26.93 -69.97
C SER U 208 8.06 -28.15 -70.80
N ARG U 209 6.95 -28.09 -71.51
CA ARG U 209 6.53 -29.21 -72.34
C ARG U 209 7.58 -29.50 -73.40
N GLY U 210 8.19 -28.46 -73.94
CA GLY U 210 9.21 -28.63 -74.95
C GLY U 210 10.40 -29.40 -74.42
N ALA U 211 10.87 -29.02 -73.24
CA ALA U 211 12.02 -29.66 -72.61
C ALA U 211 11.72 -31.13 -72.34
N PHE U 212 10.47 -31.41 -71.96
CA PHE U 212 10.06 -32.78 -71.67
C PHE U 212 10.01 -33.61 -72.95
N ASP U 213 9.55 -33.00 -74.05
CA ASP U 213 9.48 -33.69 -75.33
C ASP U 213 10.88 -34.03 -75.81
N LEU U 214 11.79 -33.06 -75.66
CA LEU U 214 13.17 -33.20 -76.09
C LEU U 214 13.85 -34.39 -75.42
N LEU U 215 13.77 -34.45 -74.10
CA LEU U 215 14.39 -35.52 -73.35
C LEU U 215 13.89 -36.91 -73.78
N SER U 216 12.61 -37.01 -74.10
CA SER U 216 12.06 -38.29 -74.50
C SER U 216 12.07 -38.58 -76.00
N ASP U 217 12.52 -37.63 -76.80
CA ASP U 217 12.54 -37.85 -78.24
C ASP U 217 13.94 -37.96 -78.85
N ILE U 218 14.86 -37.13 -78.37
CA ILE U 218 16.18 -37.07 -78.93
C ILE U 218 16.94 -38.37 -79.15
N GLY U 219 16.90 -39.28 -78.18
CA GLY U 219 17.61 -40.55 -78.35
C GLY U 219 17.10 -41.35 -79.54
N ALA U 220 15.78 -41.49 -79.65
CA ALA U 220 15.20 -42.24 -80.75
C ALA U 220 15.48 -41.55 -82.09
N MET U 221 15.40 -40.23 -82.12
CA MET U 221 15.67 -39.48 -83.35
C MET U 221 17.10 -39.76 -83.80
N ALA U 222 18.06 -39.62 -82.89
CA ALA U 222 19.46 -39.85 -83.20
C ALA U 222 19.77 -41.29 -83.65
N ALA U 223 19.23 -42.28 -82.93
CA ALA U 223 19.47 -43.69 -83.27
C ALA U 223 18.90 -44.04 -84.64
N SER U 224 17.77 -43.41 -84.98
CA SER U 224 17.13 -43.66 -86.28
C SER U 224 17.99 -43.12 -87.41
N ARG U 225 18.61 -41.97 -87.18
CA ARG U 225 19.45 -41.31 -88.16
C ARG U 225 20.80 -42.02 -88.27
N GLY U 226 21.29 -42.50 -87.15
CA GLY U 226 22.58 -43.16 -87.15
C GLY U 226 23.65 -42.19 -86.68
N CYS U 227 23.22 -41.06 -86.11
CA CYS U 227 24.17 -40.08 -85.59
C CYS U 227 24.24 -40.21 -84.07
N VAL U 228 25.27 -39.61 -83.47
CA VAL U 228 25.44 -39.66 -82.03
C VAL U 228 25.42 -38.25 -81.43
N VAL U 229 24.60 -38.09 -80.39
CA VAL U 229 24.49 -36.81 -79.70
C VAL U 229 25.15 -36.99 -78.32
N ILE U 230 26.23 -36.27 -78.09
CA ILE U 230 26.99 -36.36 -76.84
C ILE U 230 26.66 -35.14 -75.99
N ALA U 231 25.85 -35.35 -74.95
CA ALA U 231 25.43 -34.24 -74.10
C ALA U 231 25.94 -34.25 -72.67
N SER U 232 26.44 -33.12 -72.23
CA SER U 232 26.93 -33.00 -70.86
C SER U 232 25.74 -32.61 -70.00
N LEU U 233 25.69 -33.20 -68.80
CA LEU U 233 24.62 -32.93 -67.86
C LEU U 233 25.22 -32.85 -66.47
N ASN U 234 25.29 -31.63 -65.92
CA ASN U 234 25.85 -31.46 -64.58
C ASN U 234 24.74 -31.65 -63.55
N PRO U 235 24.92 -32.59 -62.62
CA PRO U 235 23.91 -32.81 -61.60
C PRO U 235 24.01 -31.66 -60.60
N THR U 236 24.10 -30.45 -61.15
CA THR U 236 24.21 -29.22 -60.38
C THR U 236 23.19 -29.23 -59.25
N SER U 237 21.92 -29.24 -59.61
CA SER U 237 20.86 -29.27 -58.62
C SER U 237 21.26 -30.26 -57.54
N ASN U 238 21.73 -29.73 -56.40
CA ASN U 238 22.16 -30.55 -55.27
C ASN U 238 23.52 -31.20 -55.55
N ASP U 239 24.25 -31.51 -54.48
CA ASP U 239 25.55 -32.17 -54.60
C ASP U 239 25.43 -33.47 -53.82
N ASP U 240 24.25 -33.63 -53.20
CA ASP U 240 23.93 -34.81 -52.43
C ASP U 240 24.05 -36.01 -53.37
N LYS U 241 23.98 -37.22 -52.82
CA LYS U 241 24.05 -38.41 -53.66
C LYS U 241 22.75 -38.51 -54.44
N ILE U 242 22.24 -37.34 -54.82
CA ILE U 242 21.02 -37.21 -55.62
C ILE U 242 21.50 -37.32 -57.05
N VAL U 243 22.82 -37.48 -57.20
CA VAL U 243 23.44 -37.63 -58.51
C VAL U 243 22.95 -38.95 -59.09
N GLU U 244 22.23 -39.70 -58.27
CA GLU U 244 21.67 -40.99 -58.67
C GLU U 244 20.28 -40.72 -59.27
N LEU U 245 19.79 -39.50 -59.05
CA LEU U 245 18.49 -39.08 -59.58
C LEU U 245 18.57 -38.79 -61.07
N VAL U 246 19.30 -37.73 -61.44
CA VAL U 246 19.45 -37.38 -62.85
C VAL U 246 20.00 -38.60 -63.56
N LYS U 247 20.91 -39.30 -62.89
CA LYS U 247 21.48 -40.53 -63.44
C LYS U 247 20.28 -41.47 -63.38
N GLU U 248 20.38 -42.67 -63.95
CA GLU U 248 19.24 -43.58 -63.96
C GLU U 248 18.20 -42.95 -64.88
N ALA U 249 17.77 -41.73 -64.55
CA ALA U 249 16.81 -41.01 -65.38
C ALA U 249 17.57 -40.70 -66.68
N SER U 250 18.89 -40.64 -66.56
CA SER U 250 19.77 -40.41 -67.71
C SER U 250 19.87 -41.75 -68.41
N ARG U 251 20.19 -42.77 -67.62
CA ARG U 251 20.33 -44.14 -68.10
C ARG U 251 19.05 -44.62 -68.81
N SER U 252 17.92 -44.07 -68.43
CA SER U 252 16.64 -44.45 -69.02
C SER U 252 16.30 -43.78 -70.36
N ASN U 253 16.79 -42.57 -70.57
CA ASN U 253 16.51 -41.88 -71.82
C ASN U 253 17.75 -41.75 -72.70
N SER U 254 18.79 -42.49 -72.34
CA SER U 254 20.03 -42.46 -73.10
C SER U 254 20.34 -43.81 -73.72
N THR U 255 21.01 -43.77 -74.87
CA THR U 255 21.39 -45.00 -75.54
C THR U 255 22.66 -45.49 -74.84
N SER U 256 23.50 -44.54 -74.43
CA SER U 256 24.74 -44.83 -73.72
C SER U 256 24.96 -43.81 -72.61
N LEU U 257 25.69 -44.22 -71.58
CA LEU U 257 26.01 -43.35 -70.45
C LEU U 257 27.53 -43.30 -70.24
N VAL U 258 28.04 -42.12 -69.93
CA VAL U 258 29.47 -41.96 -69.65
C VAL U 258 29.51 -41.20 -68.33
N ILE U 259 29.94 -41.89 -67.28
CA ILE U 259 30.00 -41.33 -65.94
C ILE U 259 31.40 -41.34 -65.39
N SER U 260 31.74 -40.29 -64.65
CA SER U 260 33.07 -40.17 -64.04
C SER U 260 33.18 -41.15 -62.86
N THR U 261 34.41 -41.50 -62.50
CA THR U 261 34.64 -42.41 -61.39
C THR U 261 35.39 -41.69 -60.27
N ASP U 262 35.73 -42.42 -59.22
CA ASP U 262 36.43 -41.81 -58.09
C ASP U 262 37.91 -41.59 -58.36
N VAL U 263 38.39 -42.07 -59.50
CA VAL U 263 39.79 -41.88 -59.90
C VAL U 263 39.80 -40.78 -60.96
N ASP U 264 40.48 -39.68 -60.67
CA ASP U 264 40.52 -38.55 -61.60
C ASP U 264 40.98 -38.92 -63.01
N GLY U 265 40.26 -38.39 -64.00
CA GLY U 265 40.59 -38.65 -65.38
C GLY U 265 39.99 -39.94 -65.93
N GLU U 266 39.45 -40.78 -65.05
CA GLU U 266 38.87 -42.04 -65.49
C GLU U 266 37.34 -41.99 -65.61
N TRP U 267 36.83 -42.55 -66.70
CA TRP U 267 35.39 -42.56 -66.97
C TRP U 267 34.91 -43.94 -67.35
N GLN U 268 33.63 -44.21 -67.09
CA GLN U 268 33.04 -45.49 -67.42
C GLN U 268 31.98 -45.30 -68.50
N VAL U 269 32.03 -46.17 -69.51
CA VAL U 269 31.09 -46.10 -70.62
C VAL U 269 30.15 -47.30 -70.57
N LEU U 270 28.86 -47.04 -70.45
CA LEU U 270 27.84 -48.09 -70.41
C LEU U 270 27.04 -47.91 -71.70
N THR U 271 26.97 -48.95 -72.52
CA THR U 271 26.23 -48.82 -73.77
C THR U 271 25.22 -49.91 -74.07
N ARG U 272 24.05 -49.47 -74.52
CA ARG U 272 22.96 -50.36 -74.88
C ARG U 272 23.14 -50.73 -76.34
N THR U 273 23.46 -52.00 -76.58
CA THR U 273 23.71 -52.47 -77.94
C THR U 273 22.49 -52.73 -78.78
N GLY U 274 21.30 -52.65 -78.18
CA GLY U 274 20.10 -52.89 -78.94
C GLY U 274 18.91 -53.36 -78.11
N GLU U 275 17.76 -53.40 -78.76
CA GLU U 275 16.52 -53.84 -78.13
C GLU U 275 16.65 -55.23 -77.50
N GLY U 276 16.61 -55.28 -76.17
CA GLY U 276 16.72 -56.55 -75.46
C GLY U 276 18.10 -57.18 -75.50
N LEU U 277 19.08 -56.47 -76.04
CA LEU U 277 20.44 -56.98 -76.12
C LEU U 277 21.24 -56.65 -74.88
N GLN U 278 22.48 -57.14 -74.81
CA GLN U 278 23.32 -56.91 -73.65
C GLN U 278 23.85 -55.49 -73.55
N ARG U 279 24.00 -54.99 -72.33
CA ARG U 279 24.55 -53.66 -72.09
C ARG U 279 26.05 -53.88 -71.85
N LEU U 280 26.88 -53.24 -72.65
CA LEU U 280 28.33 -53.39 -72.50
C LEU U 280 28.94 -52.26 -71.68
N THR U 281 30.13 -52.49 -71.16
CA THR U 281 30.81 -51.48 -70.37
C THR U 281 32.33 -51.55 -70.56
N HIS U 282 32.98 -50.39 -70.66
CA HIS U 282 34.42 -50.36 -70.77
C HIS U 282 34.92 -49.09 -70.10
N THR U 283 36.21 -49.03 -69.80
CA THR U 283 36.78 -47.86 -69.13
C THR U 283 37.60 -46.98 -70.04
N LEU U 284 37.70 -45.71 -69.68
CA LEU U 284 38.46 -44.72 -70.45
C LEU U 284 39.44 -43.97 -69.55
N GLN U 285 40.67 -43.82 -70.03
CA GLN U 285 41.68 -43.07 -69.28
C GLN U 285 41.93 -41.79 -70.08
N THR U 286 42.13 -40.67 -69.39
CA THR U 286 42.35 -39.41 -70.08
C THR U 286 43.37 -38.53 -69.39
N SER U 287 43.83 -37.49 -70.10
CA SER U 287 44.80 -36.55 -69.54
C SER U 287 44.76 -35.23 -70.31
N TYR U 288 45.12 -34.15 -69.62
CA TYR U 288 45.09 -32.82 -70.22
C TYR U 288 46.39 -32.41 -70.89
N GLY U 289 46.25 -31.52 -71.87
CA GLY U 289 47.39 -30.99 -72.59
C GLY U 289 47.35 -29.50 -72.36
N GLU U 290 47.76 -28.71 -73.35
CA GLU U 290 47.75 -27.26 -73.20
C GLU U 290 46.35 -26.69 -73.41
N HIS U 291 46.05 -25.61 -72.67
CA HIS U 291 44.75 -24.93 -72.75
C HIS U 291 43.59 -25.87 -72.43
N SER U 292 43.83 -26.80 -71.53
CA SER U 292 42.81 -27.74 -71.10
C SER U 292 42.26 -28.68 -72.19
N VAL U 293 43.04 -28.92 -73.24
CA VAL U 293 42.57 -29.85 -74.27
C VAL U 293 42.74 -31.24 -73.68
N LEU U 294 41.68 -32.03 -73.71
CA LEU U 294 41.68 -33.36 -73.14
C LEU U 294 41.95 -34.41 -74.20
N THR U 295 42.68 -35.46 -73.82
CA THR U 295 42.99 -36.54 -74.75
C THR U 295 42.59 -37.88 -74.15
N ILE U 296 41.93 -38.72 -74.94
CA ILE U 296 41.51 -40.03 -74.48
C ILE U 296 42.57 -41.04 -74.90
N HIS U 297 43.21 -41.69 -73.94
CA HIS U 297 44.23 -42.68 -74.26
C HIS U 297 43.67 -43.89 -74.97
N THR U 298 44.45 -44.46 -75.87
CA THR U 298 44.06 -45.65 -76.62
C THR U 298 45.16 -46.70 -76.47
N SER U 299 44.76 -47.92 -76.11
CA SER U 299 45.70 -49.01 -75.92
C SER U 299 46.52 -49.32 -77.18
N LYS U 300 47.39 -50.21 -77.11
N MET V 1 -23.99 -50.89 -68.73
CA MET V 1 -25.29 -50.57 -68.09
C MET V 1 -25.34 -51.21 -66.71
N ILE V 2 -26.45 -51.01 -66.00
CA ILE V 2 -26.59 -51.61 -64.68
C ILE V 2 -27.34 -52.93 -64.81
N HIS V 3 -27.05 -53.86 -63.91
CA HIS V 3 -27.68 -55.18 -63.91
C HIS V 3 -28.35 -55.47 -62.58
N LEU V 4 -29.48 -56.17 -62.62
CA LEU V 4 -30.21 -56.52 -61.40
C LEU V 4 -30.00 -57.99 -61.10
N TYR V 5 -29.99 -58.34 -59.81
CA TYR V 5 -29.78 -59.74 -59.43
C TYR V 5 -30.56 -60.12 -58.18
N ASP V 6 -30.70 -61.43 -58.01
CA ASP V 6 -31.30 -62.04 -56.83
C ASP V 6 -30.35 -63.20 -56.61
N ALA V 7 -30.52 -63.95 -55.52
CA ALA V 7 -29.60 -65.05 -55.25
C ALA V 7 -29.37 -65.97 -56.44
N LYS V 8 -30.44 -66.36 -57.10
CA LYS V 8 -30.35 -67.26 -58.24
C LYS V 8 -29.60 -66.72 -59.44
N SER V 9 -29.98 -65.53 -59.90
CA SER V 9 -29.32 -64.94 -61.06
C SER V 9 -27.84 -64.66 -60.74
N PHE V 10 -27.56 -64.25 -59.50
CA PHE V 10 -26.18 -63.98 -59.11
C PHE V 10 -25.34 -65.25 -59.17
N ALA V 11 -25.89 -66.35 -58.64
CA ALA V 11 -25.16 -67.63 -58.65
C ALA V 11 -24.86 -68.08 -60.07
N LYS V 12 -25.78 -67.83 -60.98
CA LYS V 12 -25.54 -68.21 -62.38
C LYS V 12 -24.40 -67.38 -62.95
N LEU V 13 -24.41 -66.09 -62.66
CA LEU V 13 -23.37 -65.20 -63.15
C LEU V 13 -21.99 -65.68 -62.70
N ARG V 14 -21.85 -65.97 -61.42
CA ARG V 14 -20.56 -66.44 -60.91
C ARG V 14 -20.11 -67.73 -61.58
N ALA V 15 -21.05 -68.64 -61.83
CA ALA V 15 -20.70 -69.89 -62.49
C ALA V 15 -20.20 -69.60 -63.89
N ALA V 16 -20.89 -68.71 -64.59
CA ALA V 16 -20.49 -68.37 -65.96
C ALA V 16 -19.11 -67.69 -65.98
N GLN V 17 -18.87 -66.79 -65.03
CA GLN V 17 -17.59 -66.09 -64.96
C GLN V 17 -16.49 -67.11 -64.71
N TYR V 18 -16.75 -68.03 -63.79
CA TYR V 18 -15.79 -69.07 -63.46
C TYR V 18 -15.43 -69.87 -64.72
N ALA V 19 -16.44 -70.23 -65.51
CA ALA V 19 -16.23 -70.98 -66.74
C ALA V 19 -15.45 -70.20 -67.80
N ALA V 20 -15.70 -68.90 -67.88
CA ALA V 20 -15.03 -68.06 -68.87
C ALA V 20 -13.51 -68.13 -68.78
N PHE V 21 -13.01 -68.50 -67.61
CA PHE V 21 -11.56 -68.60 -67.45
C PHE V 21 -11.08 -70.05 -67.34
N HIS V 22 -11.78 -70.84 -66.53
CA HIS V 22 -11.41 -72.22 -66.28
C HIS V 22 -11.77 -73.31 -67.30
N THR V 23 -12.94 -73.21 -67.93
CA THR V 23 -13.35 -74.26 -68.86
C THR V 23 -13.53 -73.92 -70.33
N ASP V 24 -13.89 -72.68 -70.66
CA ASP V 24 -14.05 -72.29 -72.06
C ASP V 24 -12.79 -72.62 -72.82
N ALA V 25 -12.90 -72.76 -74.13
CA ALA V 25 -11.74 -73.08 -74.94
C ALA V 25 -10.88 -71.82 -75.06
N PRO V 26 -9.58 -71.94 -74.83
CA PRO V 26 -8.66 -70.80 -74.91
C PRO V 26 -8.83 -70.02 -76.21
N GLY V 27 -9.06 -68.71 -76.09
CA GLY V 27 -9.20 -67.88 -77.28
C GLY V 27 -10.59 -67.85 -77.90
N SER V 28 -11.53 -68.63 -77.36
CA SER V 28 -12.87 -68.63 -77.93
C SER V 28 -13.57 -67.27 -77.79
N TRP V 29 -13.37 -66.59 -76.66
CA TRP V 29 -13.99 -65.30 -76.44
C TRP V 29 -13.51 -64.28 -77.48
N PHE V 30 -12.22 -64.31 -77.80
CA PHE V 30 -11.68 -63.41 -78.81
C PHE V 30 -12.41 -63.66 -80.14
N ASP V 31 -12.44 -64.93 -80.55
CA ASP V 31 -13.12 -65.29 -81.80
C ASP V 31 -14.55 -64.80 -81.81
N HIS V 32 -15.23 -64.94 -80.68
CA HIS V 32 -16.61 -64.48 -80.61
C HIS V 32 -16.75 -62.97 -80.81
N THR V 33 -15.91 -62.18 -80.16
CA THR V 33 -16.00 -60.72 -80.32
C THR V 33 -15.58 -60.31 -81.73
N SER V 34 -14.69 -61.08 -82.35
CA SER V 34 -14.29 -60.76 -83.71
C SER V 34 -15.54 -60.86 -84.57
N GLY V 35 -16.37 -61.86 -84.29
CA GLY V 35 -17.61 -62.04 -85.03
C GLY V 35 -18.54 -60.86 -84.83
N VAL V 36 -18.72 -60.42 -83.59
CA VAL V 36 -19.60 -59.30 -83.32
C VAL V 36 -19.12 -58.04 -84.06
N LEU V 37 -17.81 -57.82 -84.09
CA LEU V 37 -17.28 -56.64 -84.77
C LEU V 37 -17.48 -56.69 -86.27
N GLU V 38 -17.34 -57.89 -86.85
CA GLU V 38 -17.50 -58.03 -88.29
C GLU V 38 -18.94 -57.77 -88.74
N SER V 39 -19.89 -58.03 -87.86
CA SER V 39 -21.30 -57.82 -88.17
C SER V 39 -21.75 -56.38 -88.04
N VAL V 40 -20.83 -55.47 -87.78
CA VAL V 40 -21.17 -54.06 -87.63
C VAL V 40 -21.43 -53.41 -88.98
N GLU V 41 -22.38 -52.47 -88.99
CA GLU V 41 -22.83 -51.75 -90.19
C GLU V 41 -21.80 -51.03 -91.06
N ASP V 42 -20.51 -51.18 -90.78
CA ASP V 42 -19.49 -50.49 -91.57
C ASP V 42 -19.61 -48.98 -91.34
N GLY V 43 -18.49 -48.33 -91.05
CA GLY V 43 -18.51 -46.89 -90.80
C GLY V 43 -19.08 -46.60 -89.42
N THR V 44 -19.57 -47.64 -88.76
CA THR V 44 -20.14 -47.53 -87.43
C THR V 44 -19.01 -47.48 -86.39
N PRO V 45 -19.02 -46.47 -85.52
CA PRO V 45 -17.99 -46.32 -84.48
C PRO V 45 -18.01 -47.53 -83.55
N VAL V 46 -16.85 -48.11 -83.27
CA VAL V 46 -16.78 -49.26 -82.37
C VAL V 46 -15.85 -49.06 -81.18
N LEU V 47 -14.86 -48.18 -81.33
CA LEU V 47 -13.91 -47.96 -80.26
C LEU V 47 -13.52 -46.48 -80.12
N ALA V 48 -13.46 -46.00 -78.88
CA ALA V 48 -13.06 -44.62 -78.59
C ALA V 48 -11.95 -44.68 -77.56
N ILE V 49 -10.88 -43.94 -77.80
CA ILE V 49 -9.74 -43.93 -76.88
C ILE V 49 -9.21 -42.51 -76.73
N GLY V 50 -8.74 -42.18 -75.54
CA GLY V 50 -8.25 -40.83 -75.29
C GLY V 50 -6.86 -40.47 -75.77
N VAL V 51 -6.73 -39.26 -76.31
CA VAL V 51 -5.44 -38.76 -76.78
C VAL V 51 -4.86 -37.90 -75.65
N GLU V 52 -3.61 -37.48 -75.82
CA GLU V 52 -2.93 -36.71 -74.79
C GLU V 52 -3.74 -35.64 -74.07
N SER V 53 -4.45 -34.82 -74.83
CA SER V 53 -5.24 -33.73 -74.26
C SER V 53 -6.41 -34.15 -73.39
N GLY V 54 -6.90 -35.38 -73.58
CA GLY V 54 -8.05 -35.83 -72.82
C GLY V 54 -9.25 -36.03 -73.74
N ASP V 55 -9.15 -35.50 -74.96
CA ASP V 55 -10.20 -35.68 -75.95
C ASP V 55 -10.09 -37.14 -76.41
N ALA V 56 -11.02 -37.57 -77.25
CA ALA V 56 -10.99 -38.94 -77.72
C ALA V 56 -11.14 -39.07 -79.23
N ILE V 57 -10.46 -40.06 -79.81
CA ILE V 57 -10.55 -40.33 -81.24
C ILE V 57 -11.35 -41.61 -81.39
N VAL V 58 -12.02 -41.77 -82.52
CA VAL V 58 -12.87 -42.93 -82.74
C VAL V 58 -12.48 -43.76 -83.96
N PHE V 59 -12.67 -45.08 -83.86
CA PHE V 59 -12.34 -45.98 -84.96
C PHE V 59 -13.51 -46.89 -85.36
N ASP V 60 -13.47 -47.39 -86.59
CA ASP V 60 -14.49 -48.30 -87.07
C ASP V 60 -13.91 -49.72 -86.94
N LYS V 61 -14.71 -50.72 -87.27
CA LYS V 61 -14.28 -52.11 -87.16
C LYS V 61 -13.00 -52.45 -87.93
N ASN V 62 -12.59 -51.58 -88.86
CA ASN V 62 -11.39 -51.84 -89.65
C ASN V 62 -10.21 -51.01 -89.17
N ALA V 63 -10.28 -50.53 -87.93
CA ALA V 63 -9.21 -49.73 -87.36
C ALA V 63 -8.96 -48.48 -88.19
N GLN V 64 -9.99 -48.00 -88.87
CA GLN V 64 -9.85 -46.78 -89.65
C GLN V 64 -10.48 -45.68 -88.80
N ARG V 65 -9.79 -44.56 -88.68
CA ARG V 65 -10.28 -43.45 -87.89
C ARG V 65 -11.47 -42.72 -88.50
N ILE V 66 -12.47 -42.42 -87.68
CA ILE V 66 -13.69 -41.74 -88.11
C ILE V 66 -13.60 -40.24 -87.79
N VAL V 67 -13.69 -39.41 -88.82
CA VAL V 67 -13.59 -37.98 -88.65
C VAL V 67 -14.92 -37.26 -88.51
N ALA V 68 -15.97 -37.80 -89.13
CA ALA V 68 -17.28 -37.16 -89.04
C ALA V 68 -18.38 -38.21 -88.92
N TYR V 69 -19.31 -38.00 -88.00
CA TYR V 69 -20.40 -38.93 -87.77
C TYR V 69 -21.52 -38.23 -87.03
N LYS V 70 -22.66 -38.10 -87.71
CA LYS V 70 -23.82 -37.42 -87.14
C LYS V 70 -24.43 -38.15 -85.96
N GLU V 71 -24.87 -37.37 -84.99
CA GLU V 71 -25.48 -37.90 -83.78
C GLU V 71 -26.41 -39.07 -84.04
N LYS V 72 -26.25 -40.13 -83.24
CA LYS V 72 -27.08 -41.31 -83.34
C LYS V 72 -27.21 -41.93 -81.96
N SER V 73 -28.44 -42.29 -81.59
CA SER V 73 -28.70 -42.87 -80.28
C SER V 73 -29.15 -44.32 -80.33
N VAL V 74 -28.99 -45.01 -79.20
CA VAL V 74 -29.38 -46.41 -79.09
C VAL V 74 -29.88 -46.66 -77.67
N LYS V 75 -31.05 -47.27 -77.57
CA LYS V 75 -31.63 -47.56 -76.27
C LYS V 75 -31.45 -49.03 -75.92
N ALA V 76 -30.90 -49.29 -74.73
CA ALA V 76 -30.68 -50.66 -74.26
C ALA V 76 -31.86 -51.12 -73.45
N GLU V 77 -31.82 -52.38 -73.00
CA GLU V 77 -32.91 -52.93 -72.20
C GLU V 77 -32.90 -52.21 -70.85
N ASP V 78 -31.74 -51.69 -70.50
CA ASP V 78 -31.56 -50.96 -69.25
C ASP V 78 -32.46 -49.72 -69.27
N GLY V 79 -32.94 -49.38 -70.46
CA GLY V 79 -33.79 -48.20 -70.60
C GLY V 79 -32.91 -47.01 -70.88
N SER V 80 -31.63 -47.16 -70.57
CA SER V 80 -30.64 -46.11 -70.77
C SER V 80 -30.33 -45.98 -72.26
N VAL V 81 -29.86 -44.81 -72.67
CA VAL V 81 -29.52 -44.60 -74.07
C VAL V 81 -28.09 -44.11 -74.21
N SER V 82 -27.41 -44.60 -75.25
CA SER V 82 -26.05 -44.20 -75.53
C SER V 82 -26.08 -43.37 -76.80
N VAL V 83 -25.22 -42.36 -76.87
CA VAL V 83 -25.18 -41.49 -78.04
C VAL V 83 -23.74 -41.35 -78.53
N VAL V 84 -23.56 -41.34 -79.84
CA VAL V 84 -22.24 -41.19 -80.42
C VAL V 84 -22.28 -40.10 -81.48
N GLN V 85 -21.29 -39.21 -81.45
CA GLN V 85 -21.21 -38.14 -82.42
C GLN V 85 -19.76 -37.73 -82.59
N VAL V 86 -19.26 -37.79 -83.82
CA VAL V 86 -17.89 -37.41 -84.09
C VAL V 86 -17.89 -36.17 -84.97
N GLU V 87 -17.10 -35.18 -84.59
CA GLU V 87 -17.02 -33.94 -85.35
C GLU V 87 -15.60 -33.42 -85.43
N ASN V 88 -15.15 -33.18 -86.66
CA ASN V 88 -13.81 -32.67 -86.90
C ASN V 88 -12.72 -33.60 -86.37
N GLY V 89 -12.97 -34.91 -86.45
CA GLY V 89 -11.98 -35.88 -85.98
C GLY V 89 -12.00 -36.23 -84.51
N PHE V 90 -12.89 -35.61 -83.73
CA PHE V 90 -12.96 -35.90 -82.30
C PHE V 90 -14.37 -36.17 -81.82
N MET V 91 -14.47 -37.06 -80.83
CA MET V 91 -15.76 -37.42 -80.25
C MET V 91 -16.42 -36.20 -79.62
N LYS V 92 -17.67 -35.96 -79.98
CA LYS V 92 -18.44 -34.83 -79.44
C LYS V 92 -19.44 -35.36 -78.43
N GLN V 93 -19.87 -36.60 -78.64
CA GLN V 93 -20.80 -37.27 -77.73
C GLN V 93 -20.43 -38.73 -77.68
N GLY V 94 -20.49 -39.31 -76.48
CA GLY V 94 -20.14 -40.71 -76.31
C GLY V 94 -19.25 -40.89 -75.10
N HIS V 95 -18.59 -42.04 -75.01
CA HIS V 95 -17.69 -42.34 -73.90
C HIS V 95 -16.46 -43.07 -74.39
N ARG V 96 -15.44 -43.16 -73.55
CA ARG V 96 -14.23 -43.87 -73.92
C ARG V 96 -14.52 -45.37 -73.80
N GLY V 97 -13.85 -46.17 -74.62
CA GLY V 97 -14.06 -47.62 -74.57
C GLY V 97 -14.80 -48.15 -75.78
N TRP V 98 -15.29 -49.38 -75.68
CA TRP V 98 -16.03 -49.99 -76.77
C TRP V 98 -17.39 -49.32 -76.92
N LEU V 99 -17.71 -48.92 -78.15
CA LEU V 99 -18.98 -48.25 -78.43
C LEU V 99 -20.03 -49.23 -78.91
N VAL V 100 -19.71 -50.50 -78.89
CA VAL V 100 -20.61 -51.56 -79.30
C VAL V 100 -20.54 -52.65 -78.22
N ASP V 101 -21.67 -53.30 -77.95
CA ASP V 101 -21.73 -54.34 -76.93
C ASP V 101 -21.07 -55.64 -77.38
N LEU V 102 -20.00 -56.04 -76.69
CA LEU V 102 -19.29 -57.26 -77.01
C LEU V 102 -19.51 -58.35 -75.96
N THR V 103 -19.88 -57.92 -74.75
CA THR V 103 -20.06 -58.83 -73.62
C THR V 103 -21.47 -59.26 -73.26
N GLY V 104 -22.47 -58.52 -73.72
CA GLY V 104 -23.84 -58.87 -73.38
C GLY V 104 -23.95 -58.70 -71.88
N GLU V 105 -24.62 -59.63 -71.19
CA GLU V 105 -24.74 -59.50 -69.75
C GLU V 105 -23.69 -60.33 -69.02
N LEU V 106 -22.75 -60.88 -69.80
CA LEU V 106 -21.67 -61.66 -69.22
C LEU V 106 -20.53 -60.70 -68.91
N VAL V 107 -20.62 -60.01 -67.77
CA VAL V 107 -19.59 -59.06 -67.39
C VAL V 107 -18.79 -59.52 -66.19
N GLY V 108 -17.63 -58.89 -66.00
CA GLY V 108 -16.77 -59.25 -64.88
C GLY V 108 -15.92 -60.49 -65.09
N CYS V 109 -15.59 -60.81 -66.34
CA CYS V 109 -14.79 -61.98 -66.65
C CYS V 109 -13.34 -61.65 -67.02
N SER V 110 -12.51 -62.68 -67.01
CA SER V 110 -11.11 -62.60 -67.42
C SER V 110 -11.04 -63.77 -68.42
N PRO V 111 -11.64 -63.59 -69.60
CA PRO V 111 -11.68 -64.62 -70.65
C PRO V 111 -10.33 -65.25 -70.93
N VAL V 112 -10.26 -66.58 -70.87
CA VAL V 112 -8.99 -67.25 -71.13
C VAL V 112 -8.55 -66.90 -72.55
N VAL V 113 -7.31 -66.42 -72.68
CA VAL V 113 -6.77 -66.02 -73.97
C VAL V 113 -5.89 -67.10 -74.61
N ALA V 114 -5.32 -67.96 -73.78
CA ALA V 114 -4.44 -69.00 -74.28
C ALA V 114 -4.00 -69.95 -73.16
N GLU V 115 -3.32 -71.01 -73.57
CA GLU V 115 -2.81 -71.99 -72.62
C GLU V 115 -1.39 -72.32 -73.05
N PHE V 116 -0.48 -72.43 -72.09
CA PHE V 116 0.90 -72.72 -72.42
C PHE V 116 1.58 -73.34 -71.21
N GLY V 117 2.47 -74.30 -71.47
CA GLY V 117 3.20 -74.95 -70.41
C GLY V 117 2.31 -75.51 -69.30
N GLY V 118 1.06 -75.80 -69.63
CA GLY V 118 0.16 -76.35 -68.62
C GLY V 118 -0.60 -75.30 -67.81
N HIS V 119 -0.53 -74.04 -68.20
CA HIS V 119 -1.23 -72.99 -67.47
C HIS V 119 -2.13 -72.17 -68.38
N ARG V 120 -3.27 -71.76 -67.84
CA ARG V 120 -4.19 -70.91 -68.60
C ARG V 120 -3.84 -69.47 -68.29
N TYR V 121 -3.86 -68.63 -69.33
CA TYR V 121 -3.56 -67.21 -69.17
C TYR V 121 -4.80 -66.38 -69.50
N ALA V 122 -4.98 -65.30 -68.76
CA ALA V 122 -6.15 -64.44 -68.96
C ALA V 122 -5.92 -63.32 -69.95
N SER V 123 -7.01 -62.85 -70.53
CA SER V 123 -6.95 -61.73 -71.46
C SER V 123 -6.99 -60.50 -70.56
N GLY V 124 -6.97 -59.30 -71.15
CA GLY V 124 -6.97 -58.08 -70.37
C GLY V 124 -5.54 -57.56 -70.37
N MET V 125 -5.16 -56.75 -69.38
CA MET V 125 -3.79 -56.27 -69.37
C MET V 125 -2.88 -56.95 -68.37
N VAL V 126 -1.66 -57.24 -68.85
CA VAL V 126 -0.64 -57.90 -68.04
C VAL V 126 0.55 -56.97 -67.95
N ILE V 127 0.90 -56.57 -66.73
CA ILE V 127 2.05 -55.71 -66.56
C ILE V 127 3.22 -56.57 -66.12
N VAL V 128 4.34 -56.42 -66.83
CA VAL V 128 5.55 -57.16 -66.55
C VAL V 128 6.51 -56.17 -65.92
N THR V 129 6.81 -56.36 -64.65
CA THR V 129 7.67 -55.43 -63.96
C THR V 129 8.56 -56.09 -62.91
N GLY V 130 9.02 -55.30 -61.96
CA GLY V 130 9.90 -55.81 -60.92
C GLY V 130 11.21 -55.04 -60.98
N LYS V 131 11.97 -55.06 -59.89
CA LYS V 131 13.23 -54.36 -59.89
C LYS V 131 14.31 -55.41 -59.75
N GLY V 132 15.23 -55.45 -60.71
CA GLY V 132 16.29 -56.43 -60.65
C GLY V 132 17.06 -56.57 -61.94
N ASN V 133 17.79 -57.67 -62.06
CA ASN V 133 18.60 -57.92 -63.25
C ASN V 133 17.81 -58.46 -64.43
N SER V 134 16.80 -59.30 -64.16
CA SER V 134 15.99 -59.88 -65.22
C SER V 134 15.36 -58.80 -66.11
N GLY V 135 15.66 -58.87 -67.42
CA GLY V 135 15.15 -57.90 -68.37
C GLY V 135 13.70 -58.12 -68.79
N LYS V 136 12.92 -57.05 -68.80
CA LYS V 136 11.51 -57.13 -69.16
C LYS V 136 11.27 -57.30 -70.66
N THR V 137 12.07 -56.65 -71.47
CA THR V 137 11.91 -56.74 -72.91
C THR V 137 11.98 -58.17 -73.44
N PRO V 138 13.00 -58.94 -73.04
CA PRO V 138 13.06 -60.32 -73.55
C PRO V 138 11.88 -61.16 -73.07
N LEU V 139 11.42 -60.88 -71.86
CA LEU V 139 10.29 -61.62 -71.29
C LEU V 139 8.96 -61.34 -72.01
N VAL V 140 8.66 -60.07 -72.31
CA VAL V 140 7.40 -59.78 -73.00
C VAL V 140 7.38 -60.41 -74.39
N HIS V 141 8.51 -60.42 -75.08
CA HIS V 141 8.55 -61.02 -76.41
C HIS V 141 8.39 -62.54 -76.34
N ALA V 142 8.96 -63.15 -75.31
CA ALA V 142 8.85 -64.60 -75.17
C ALA V 142 7.41 -64.96 -74.82
N LEU V 143 6.79 -64.14 -73.98
CA LEU V 143 5.41 -64.41 -73.58
C LEU V 143 4.46 -64.16 -74.74
N GLY V 144 4.81 -63.19 -75.59
CA GLY V 144 3.98 -62.88 -76.74
C GLY V 144 3.96 -64.04 -77.72
N GLU V 145 5.14 -64.59 -77.99
CA GLU V 145 5.24 -65.71 -78.91
C GLU V 145 4.56 -66.96 -78.34
N ALA V 146 4.75 -67.20 -77.06
CA ALA V 146 4.15 -68.37 -76.42
C ALA V 146 2.62 -68.31 -76.39
N LEU V 147 2.06 -67.18 -75.98
CA LEU V 147 0.60 -67.07 -75.93
C LEU V 147 0.04 -66.94 -77.34
N GLY V 148 0.88 -66.46 -78.27
CA GLY V 148 0.43 -66.34 -79.64
C GLY V 148 0.13 -67.72 -80.20
N GLY V 149 0.96 -68.68 -79.84
CA GLY V 149 0.78 -70.06 -80.29
C GLY V 149 0.89 -70.20 -81.80
N LYS V 150 -0.24 -70.47 -82.44
CA LYS V 150 -0.29 -70.63 -83.89
C LYS V 150 -0.29 -69.28 -84.59
N ASP V 151 -0.71 -68.25 -83.87
CA ASP V 151 -0.77 -66.90 -84.44
C ASP V 151 0.44 -66.05 -84.07
N LYS V 152 0.70 -65.05 -84.89
CA LYS V 152 1.80 -64.12 -84.64
C LYS V 152 1.27 -63.13 -83.59
N TYR V 153 2.17 -62.46 -82.88
CA TYR V 153 1.74 -61.48 -81.91
C TYR V 153 2.11 -60.11 -82.45
N ALA V 154 1.36 -59.08 -82.05
CA ALA V 154 1.61 -57.72 -82.51
C ALA V 154 2.47 -56.96 -81.51
N THR V 155 3.41 -56.17 -82.01
CA THR V 155 4.28 -55.39 -81.13
C THR V 155 4.13 -53.90 -81.30
N VAL V 156 3.78 -53.22 -80.21
CA VAL V 156 3.65 -51.78 -80.21
C VAL V 156 4.88 -51.23 -79.49
N ARG V 157 5.67 -50.41 -80.18
CA ARG V 157 6.87 -49.84 -79.57
C ARG V 157 6.67 -48.37 -79.19
N PHE V 158 7.10 -48.00 -77.99
CA PHE V 158 6.93 -46.62 -77.53
C PHE V 158 7.94 -46.12 -76.50
N GLY V 159 8.38 -44.88 -76.69
CA GLY V 159 9.28 -44.20 -75.77
C GLY V 159 10.62 -44.75 -75.34
N GLU V 160 11.40 -45.31 -76.25
CA GLU V 160 12.71 -45.84 -75.89
C GLU V 160 13.70 -45.18 -76.84
N PRO V 161 14.91 -44.86 -76.36
CA PRO V 161 15.91 -44.22 -77.22
C PRO V 161 16.62 -45.16 -78.20
N LEU V 162 15.83 -45.87 -78.98
CA LEU V 162 16.32 -46.81 -79.99
C LEU V 162 15.74 -46.43 -81.35
N SER V 163 16.35 -46.93 -82.43
CA SER V 163 15.89 -46.61 -83.79
C SER V 163 14.47 -47.06 -84.08
N GLY V 164 13.74 -46.23 -84.83
CA GLY V 164 12.37 -46.56 -85.21
C GLY V 164 11.30 -46.49 -84.12
N TYR V 165 11.66 -46.04 -82.92
CA TYR V 165 10.69 -45.95 -81.83
C TYR V 165 9.89 -44.67 -81.86
N ASN V 166 8.56 -44.80 -81.86
CA ASN V 166 7.70 -43.64 -81.83
C ASN V 166 7.74 -43.12 -80.41
N THR V 167 7.70 -41.80 -80.24
CA THR V 167 7.72 -41.20 -78.91
C THR V 167 6.58 -40.21 -78.72
N ASP V 168 5.65 -40.19 -79.68
CA ASP V 168 4.49 -39.29 -79.63
C ASP V 168 3.30 -40.08 -79.09
N PHE V 169 2.77 -39.65 -77.96
CA PHE V 169 1.65 -40.35 -77.33
C PHE V 169 0.45 -40.59 -78.24
N ASN V 170 0.09 -39.61 -79.05
CA ASN V 170 -1.07 -39.79 -79.91
C ASN V 170 -0.90 -40.88 -80.98
N VAL V 171 0.33 -41.07 -81.47
CA VAL V 171 0.58 -42.13 -82.44
C VAL V 171 0.47 -43.44 -81.67
N PHE V 172 0.88 -43.40 -80.41
CA PHE V 172 0.84 -44.57 -79.52
C PHE V 172 -0.57 -45.12 -79.33
N VAL V 173 -1.53 -44.26 -78.99
CA VAL V 173 -2.90 -44.73 -78.78
C VAL V 173 -3.50 -45.21 -80.08
N ASP V 174 -2.99 -44.69 -81.18
CA ASP V 174 -3.46 -45.11 -82.49
C ASP V 174 -2.99 -46.57 -82.72
N ASP V 175 -1.72 -46.84 -82.43
CA ASP V 175 -1.20 -48.19 -82.60
C ASP V 175 -1.93 -49.18 -81.69
N ILE V 176 -2.23 -48.75 -80.46
CA ILE V 176 -2.93 -49.63 -79.52
C ILE V 176 -4.35 -49.96 -79.96
N ALA V 177 -5.09 -48.95 -80.42
CA ALA V 177 -6.46 -49.18 -80.86
C ALA V 177 -6.47 -50.19 -82.00
N ARG V 178 -5.60 -49.98 -82.98
CA ARG V 178 -5.52 -50.88 -84.13
C ARG V 178 -5.15 -52.29 -83.68
N ALA V 179 -4.19 -52.41 -82.77
CA ALA V 179 -3.76 -53.72 -82.29
C ALA V 179 -4.89 -54.50 -81.63
N MET V 180 -5.67 -53.83 -80.76
CA MET V 180 -6.76 -54.51 -80.08
C MET V 180 -7.89 -54.87 -81.01
N LEU V 181 -8.06 -54.10 -82.08
CA LEU V 181 -9.12 -54.38 -83.03
C LEU V 181 -8.75 -55.54 -83.94
N GLN V 182 -7.45 -55.78 -84.13
CA GLN V 182 -7.01 -56.82 -85.05
C GLN V 182 -6.23 -58.03 -84.53
N HIS V 183 -5.78 -58.03 -83.29
CA HIS V 183 -4.99 -59.17 -82.80
C HIS V 183 -5.32 -59.63 -81.39
N ARG V 184 -5.12 -60.91 -81.15
CA ARG V 184 -5.38 -61.53 -79.87
C ARG V 184 -4.26 -61.32 -78.85
N VAL V 185 -3.01 -61.31 -79.32
CA VAL V 185 -1.86 -61.15 -78.45
C VAL V 185 -1.07 -59.92 -78.85
N ILE V 186 -0.97 -58.99 -77.90
CA ILE V 186 -0.29 -57.72 -78.12
C ILE V 186 0.80 -57.46 -77.09
N VAL V 187 1.93 -56.93 -77.55
CA VAL V 187 3.05 -56.59 -76.68
C VAL V 187 3.30 -55.09 -76.78
N ILE V 188 3.37 -54.42 -75.63
CA ILE V 188 3.64 -52.99 -75.60
C ILE V 188 5.00 -52.86 -74.95
N ASP V 189 6.00 -52.42 -75.69
CA ASP V 189 7.28 -52.30 -75.05
C ASP V 189 7.52 -50.88 -74.58
N SER V 190 7.41 -50.78 -73.26
CA SER V 190 7.60 -49.60 -72.46
C SER V 190 6.36 -48.76 -72.17
N LEU V 191 5.86 -48.93 -70.96
CA LEU V 191 4.72 -48.16 -70.48
C LEU V 191 5.37 -46.97 -69.80
N LYS V 192 6.68 -46.83 -69.99
CA LYS V 192 7.45 -45.72 -69.44
C LYS V 192 6.84 -44.47 -70.07
N ASN V 193 7.26 -43.29 -69.64
CA ASN V 193 6.68 -42.05 -70.18
C ASN V 193 5.23 -41.97 -69.68
N VAL V 194 4.37 -42.87 -70.14
CA VAL V 194 3.01 -42.89 -69.63
C VAL V 194 3.24 -43.38 -68.21
N ILE V 195 2.32 -43.09 -67.28
CA ILE V 195 2.53 -43.54 -65.90
C ILE V 195 3.89 -43.00 -65.47
N ILE V 207 1.09 -36.05 -64.86
CA ILE V 207 0.73 -36.96 -65.94
C ILE V 207 -0.43 -36.38 -66.75
N SER V 208 -0.35 -36.52 -68.07
CA SER V 208 -1.38 -35.99 -68.96
C SER V 208 -2.70 -36.73 -68.78
N ARG V 209 -3.79 -36.11 -69.21
CA ARG V 209 -5.10 -36.72 -69.10
C ARG V 209 -5.17 -37.98 -69.94
N GLY V 210 -4.52 -37.94 -71.11
CA GLY V 210 -4.52 -39.11 -71.98
C GLY V 210 -3.84 -40.30 -71.33
N ALA V 211 -2.67 -40.06 -70.74
CA ALA V 211 -1.93 -41.12 -70.08
C ALA V 211 -2.74 -41.73 -68.95
N PHE V 212 -3.42 -40.87 -68.20
CA PHE V 212 -4.23 -41.32 -67.08
C PHE V 212 -5.43 -42.13 -67.57
N ASP V 213 -6.06 -41.69 -68.64
CA ASP V 213 -7.21 -42.40 -69.20
C ASP V 213 -6.79 -43.78 -69.69
N LEU V 214 -5.66 -43.83 -70.41
CA LEU V 214 -5.13 -45.08 -70.95
C LEU V 214 -4.89 -46.10 -69.84
N LEU V 215 -4.22 -45.67 -68.78
CA LEU V 215 -3.92 -46.53 -67.66
C LEU V 215 -5.16 -47.14 -67.02
N SER V 216 -6.26 -46.39 -66.97
CA SER V 216 -7.46 -46.93 -66.35
C SER V 216 -8.49 -47.52 -67.31
N ASP V 217 -8.23 -47.43 -68.60
CA ASP V 217 -9.17 -47.96 -69.60
C ASP V 217 -8.71 -49.25 -70.28
N ILE V 218 -7.42 -49.31 -70.59
CA ILE V 218 -6.88 -50.43 -71.33
C ILE V 218 -7.20 -51.84 -70.85
N GLY V 219 -7.16 -52.06 -69.55
CA GLY V 219 -7.45 -53.39 -69.04
C GLY V 219 -8.86 -53.85 -69.35
N ALA V 220 -9.84 -52.98 -69.13
CA ALA V 220 -11.22 -53.33 -69.40
C ALA V 220 -11.46 -53.49 -70.92
N MET V 221 -10.80 -52.65 -71.71
CA MET V 221 -10.97 -52.74 -73.16
C MET V 221 -10.49 -54.10 -73.64
N ALA V 222 -9.30 -54.49 -73.19
CA ALA V 222 -8.72 -55.76 -73.58
C ALA V 222 -9.53 -56.96 -73.10
N ALA V 223 -9.93 -56.96 -71.84
CA ALA V 223 -10.71 -58.08 -71.29
C ALA V 223 -12.04 -58.23 -72.01
N SER V 224 -12.62 -57.11 -72.43
CA SER V 224 -13.89 -57.15 -73.14
C SER V 224 -13.72 -57.78 -74.52
N ARG V 225 -12.61 -57.48 -75.17
CA ARG V 225 -12.33 -58.02 -76.50
C ARG V 225 -11.89 -59.48 -76.42
N GLY V 226 -11.19 -59.83 -75.36
CA GLY V 226 -10.70 -61.18 -75.22
C GLY V 226 -9.27 -61.27 -75.69
N CYS V 227 -8.60 -60.12 -75.84
CA CYS V 227 -7.20 -60.09 -76.25
C CYS V 227 -6.34 -59.80 -75.02
N VAL V 228 -5.05 -60.05 -75.11
CA VAL V 228 -4.16 -59.80 -74.00
C VAL V 228 -3.10 -58.77 -74.39
N VAL V 229 -2.91 -57.78 -73.53
CA VAL V 229 -1.92 -56.73 -73.74
C VAL V 229 -0.81 -56.96 -72.72
N ILE V 230 0.38 -57.30 -73.20
CA ILE V 230 1.54 -57.57 -72.37
C ILE V 230 2.47 -56.37 -72.38
N ALA V 231 2.46 -55.59 -71.31
CA ALA V 231 3.25 -54.36 -71.21
C ALA V 231 4.39 -54.37 -70.21
N SER V 232 5.57 -53.95 -70.66
CA SER V 232 6.72 -53.90 -69.79
C SER V 232 6.72 -52.54 -69.09
N LEU V 233 7.13 -52.55 -67.83
CA LEU V 233 7.18 -51.34 -67.03
C LEU V 233 8.32 -51.41 -66.02
N ASN V 234 9.36 -50.62 -66.23
CA ASN V 234 10.47 -50.61 -65.30
C ASN V 234 10.23 -49.61 -64.18
N PRO V 235 10.33 -50.06 -62.92
CA PRO V 235 10.13 -49.16 -61.78
C PRO V 235 11.36 -48.27 -61.65
N THR V 236 11.81 -47.78 -62.80
CA THR V 236 12.98 -46.92 -62.92
C THR V 236 13.18 -45.98 -61.74
N SER V 237 12.66 -44.76 -61.88
CA SER V 237 12.80 -43.76 -60.84
C SER V 237 12.41 -44.32 -59.47
N ASN V 238 13.24 -44.05 -58.47
CA ASN V 238 12.97 -44.50 -57.11
C ASN V 238 12.32 -43.35 -56.36
N ASP V 239 11.59 -42.52 -57.11
CA ASP V 239 10.88 -41.37 -56.57
C ASP V 239 9.52 -41.86 -56.07
N ASP V 240 9.39 -41.95 -54.75
CA ASP V 240 8.18 -42.46 -54.11
C ASP V 240 6.83 -41.94 -54.63
N LYS V 241 6.82 -40.92 -55.48
CA LYS V 241 5.55 -40.43 -56.00
C LYS V 241 5.10 -41.25 -57.21
N ILE V 242 6.07 -41.80 -57.94
CA ILE V 242 5.75 -42.62 -59.10
C ILE V 242 5.99 -44.10 -58.79
N VAL V 243 6.75 -44.37 -57.73
CA VAL V 243 7.01 -45.75 -57.32
C VAL V 243 5.69 -46.30 -56.80
N GLU V 244 4.86 -45.40 -56.30
CA GLU V 244 3.54 -45.77 -55.78
C GLU V 244 2.56 -45.82 -56.94
N LEU V 245 2.88 -45.11 -58.01
CA LEU V 245 2.04 -45.08 -59.20
C LEU V 245 2.26 -46.39 -59.97
N VAL V 246 3.42 -47.00 -59.75
CA VAL V 246 3.77 -48.27 -60.38
C VAL V 246 3.10 -49.41 -59.62
N LYS V 247 3.13 -49.32 -58.29
CA LYS V 247 2.51 -50.35 -57.46
C LYS V 247 0.98 -50.27 -57.56
N GLU V 248 0.48 -49.10 -57.91
CA GLU V 248 -0.96 -48.89 -58.06
C GLU V 248 -1.40 -49.43 -59.41
N ALA V 249 -0.68 -49.06 -60.45
CA ALA V 249 -1.00 -49.53 -61.79
C ALA V 249 -0.97 -51.06 -61.78
N SER V 250 0.06 -51.62 -61.16
CA SER V 250 0.21 -53.07 -61.09
C SER V 250 -0.90 -53.71 -60.25
N ARG V 251 -1.19 -53.09 -59.11
CA ARG V 251 -2.20 -53.62 -58.22
C ARG V 251 -3.64 -53.52 -58.73
N SER V 252 -4.06 -52.33 -59.12
CA SER V 252 -5.44 -52.12 -59.54
C SER V 252 -5.79 -51.96 -61.01
N ASN V 253 -4.82 -51.70 -61.86
CA ASN V 253 -5.13 -51.52 -63.27
C ASN V 253 -4.75 -52.70 -64.16
N SER V 254 -4.23 -53.76 -63.55
CA SER V 254 -3.82 -54.94 -64.30
C SER V 254 -4.72 -56.13 -64.04
N THR V 255 -4.95 -56.92 -65.08
CA THR V 255 -5.77 -58.11 -64.94
C THR V 255 -4.84 -59.18 -64.38
N SER V 256 -3.58 -59.15 -64.81
CA SER V 256 -2.58 -60.11 -64.37
C SER V 256 -1.29 -59.36 -64.17
N LEU V 257 -0.42 -59.93 -63.35
CA LEU V 257 0.86 -59.33 -63.05
C LEU V 257 1.97 -60.38 -63.20
N VAL V 258 3.10 -59.98 -63.80
CA VAL V 258 4.23 -60.87 -63.97
C VAL V 258 5.43 -60.12 -63.40
N ILE V 259 5.96 -60.59 -62.27
CA ILE V 259 7.07 -59.92 -61.61
C ILE V 259 8.30 -60.80 -61.43
N SER V 260 9.46 -60.18 -61.53
CA SER V 260 10.71 -60.89 -61.37
C SER V 260 10.96 -61.23 -59.89
N THR V 261 11.77 -62.24 -59.65
CA THR V 261 12.07 -62.66 -58.27
C THR V 261 13.55 -62.47 -58.01
N ASP V 262 14.01 -62.89 -56.84
CA ASP V 262 15.42 -62.76 -56.49
C ASP V 262 16.30 -63.85 -57.10
N VAL V 263 15.68 -64.78 -57.81
CA VAL V 263 16.39 -65.86 -58.50
C VAL V 263 16.43 -65.52 -59.98
N ASP V 264 17.63 -65.50 -60.56
CA ASP V 264 17.78 -65.17 -61.96
C ASP V 264 16.99 -66.01 -62.94
N GLY V 265 16.27 -65.34 -63.81
CA GLY V 265 15.47 -66.02 -64.82
C GLY V 265 14.10 -66.48 -64.35
N GLU V 266 13.84 -66.33 -63.05
CA GLU V 266 12.55 -66.76 -62.50
C GLU V 266 11.53 -65.61 -62.38
N TRP V 267 10.29 -65.89 -62.76
CA TRP V 267 9.24 -64.90 -62.69
C TRP V 267 8.00 -65.48 -62.03
N GLN V 268 7.20 -64.60 -61.43
CA GLN V 268 5.98 -65.00 -60.76
C GLN V 268 4.79 -64.41 -61.50
N VAL V 269 3.79 -65.23 -61.78
CA VAL V 269 2.59 -64.78 -62.48
C VAL V 269 1.40 -64.76 -61.52
N LEU V 270 0.79 -63.59 -61.35
CA LEU V 270 -0.38 -63.44 -60.47
C LEU V 270 -1.53 -63.06 -61.38
N THR V 271 -2.58 -63.87 -61.41
CA THR V 271 -3.67 -63.56 -62.30
C THR V 271 -5.07 -63.52 -61.65
N ARG V 272 -5.84 -62.49 -62.00
CA ARG V 272 -7.20 -62.33 -61.49
C ARG V 272 -8.10 -63.13 -62.41
N THR V 273 -8.72 -64.17 -61.88
CA THR V 273 -9.57 -65.04 -62.70
C THR V 273 -10.97 -64.52 -62.96
N GLY V 274 -11.35 -63.43 -62.30
CA GLY V 274 -12.68 -62.88 -62.51
C GLY V 274 -13.20 -62.04 -61.36
N GLU V 275 -14.33 -61.40 -61.59
CA GLU V 275 -14.99 -60.56 -60.59
C GLU V 275 -15.28 -61.34 -59.31
N GLY V 276 -14.62 -60.95 -58.22
CA GLY V 276 -14.83 -61.61 -56.95
C GLY V 276 -14.24 -63.00 -56.83
N LEU V 277 -13.59 -63.47 -57.89
CA LEU V 277 -12.97 -64.79 -57.87
C LEU V 277 -11.57 -64.74 -57.29
N GLN V 278 -10.96 -65.92 -57.12
CA GLN V 278 -9.62 -66.01 -56.55
C GLN V 278 -8.49 -65.58 -57.47
N ARG V 279 -7.44 -65.01 -56.88
CA ARG V 279 -6.27 -64.60 -57.63
C ARG V 279 -5.31 -65.79 -57.59
N LEU V 280 -4.92 -66.28 -58.75
CA LEU V 280 -4.02 -67.43 -58.84
C LEU V 280 -2.58 -67.04 -59.08
N THR V 281 -1.67 -67.95 -58.77
CA THR V 281 -0.25 -67.69 -58.94
C THR V 281 0.52 -68.96 -59.34
N HIS V 282 1.51 -68.78 -60.22
CA HIS V 282 2.36 -69.89 -60.64
C HIS V 282 3.71 -69.29 -61.02
N THR V 283 4.74 -70.14 -61.13
CA THR V 283 6.08 -69.66 -61.45
C THR V 283 6.56 -70.02 -62.85
N LEU V 284 7.49 -69.23 -63.36
CA LEU V 284 8.07 -69.44 -64.69
C LEU V 284 9.59 -69.48 -64.59
N GLN V 285 10.21 -70.39 -65.34
CA GLN V 285 11.67 -70.49 -65.39
C GLN V 285 12.04 -70.14 -66.83
N THR V 286 13.14 -69.42 -67.01
CA THR V 286 13.53 -69.02 -68.36
C THR V 286 15.04 -69.06 -68.57
N SER V 287 15.45 -69.02 -69.83
CA SER V 287 16.87 -69.02 -70.16
C SER V 287 17.10 -68.37 -71.52
N TYR V 288 18.29 -67.81 -71.70
CA TYR V 288 18.65 -67.14 -72.95
C TYR V 288 19.31 -68.03 -73.98
N GLY V 289 18.99 -67.76 -75.25
CA GLY V 289 19.59 -68.51 -76.35
C GLY V 289 20.55 -67.53 -77.03
N GLU V 290 20.59 -67.54 -78.36
CA GLU V 290 21.47 -66.63 -79.06
C GLU V 290 20.79 -65.28 -79.30
N HIS V 291 21.60 -64.22 -79.34
CA HIS V 291 21.11 -62.87 -79.56
C HIS V 291 20.06 -62.45 -78.52
N SER V 292 20.22 -62.96 -77.30
CA SER V 292 19.33 -62.64 -76.20
C SER V 292 17.88 -63.07 -76.38
N VAL V 293 17.64 -64.09 -77.21
CA VAL V 293 16.29 -64.59 -77.41
C VAL V 293 16.00 -65.43 -76.16
N LEU V 294 14.89 -65.11 -75.49
CA LEU V 294 14.52 -65.78 -74.25
C LEU V 294 13.52 -66.92 -74.47
N THR V 295 13.66 -67.99 -73.70
CA THR V 295 12.76 -69.12 -73.81
C THR V 295 12.13 -69.43 -72.44
N ILE V 296 10.82 -69.67 -72.45
CA ILE V 296 10.10 -70.00 -71.21
C ILE V 296 9.98 -71.51 -71.15
N HIS V 297 10.59 -72.12 -70.14
CA HIS V 297 10.53 -73.57 -69.99
C HIS V 297 9.13 -74.04 -69.63
N THR V 298 8.84 -75.29 -69.99
CA THR V 298 7.55 -75.89 -69.71
C THR V 298 7.77 -77.27 -69.09
N SER V 299 7.25 -77.46 -67.89
CA SER V 299 7.39 -78.72 -67.17
C SER V 299 7.20 -79.94 -68.07
N GLN V 306 -2.53 -71.92 -57.92
CA GLN V 306 -2.77 -71.88 -56.48
C GLN V 306 -3.09 -70.44 -56.06
N ALA V 307 -3.96 -70.29 -55.07
CA ALA V 307 -4.37 -68.97 -54.59
C ALA V 307 -3.34 -68.27 -53.72
N SER V 308 -3.36 -66.94 -53.75
CA SER V 308 -2.47 -66.11 -52.95
C SER V 308 -3.28 -65.00 -52.30
N GLY V 309 -3.32 -65.01 -50.97
CA GLY V 309 -4.08 -64.01 -50.23
C GLY V 309 -3.72 -62.58 -50.59
N LYS V 310 -4.60 -61.64 -50.25
CA LYS V 310 -4.37 -60.23 -50.54
C LYS V 310 -3.17 -59.71 -49.75
N ALA V 311 -2.87 -60.36 -48.64
CA ALA V 311 -1.73 -59.97 -47.80
C ALA V 311 -0.43 -60.37 -48.49
N ILE V 312 -0.39 -61.60 -49.00
CA ILE V 312 0.78 -62.11 -49.71
C ILE V 312 0.99 -61.29 -50.97
N GLN V 313 -0.11 -60.74 -51.49
CA GLN V 313 -0.10 -59.94 -52.71
C GLN V 313 0.69 -58.64 -52.56
N THR V 314 0.45 -57.92 -51.46
CA THR V 314 1.15 -56.67 -51.21
C THR V 314 2.60 -56.94 -50.82
N VAL V 315 2.87 -58.14 -50.32
CA VAL V 315 4.23 -58.52 -49.96
C VAL V 315 5.03 -58.57 -51.25
N ILE V 316 4.34 -58.88 -52.34
CA ILE V 316 4.93 -58.96 -53.66
C ILE V 316 5.13 -57.55 -54.19
N LYS V 317 4.25 -56.65 -53.77
CA LYS V 317 4.28 -55.25 -54.19
C LYS V 317 5.47 -54.44 -53.68
N ASN V 318 5.82 -54.61 -52.40
CA ASN V 318 6.95 -53.86 -51.86
C ASN V 318 8.27 -54.23 -52.51
N ASP V 319 8.23 -55.20 -53.44
CA ASP V 319 9.42 -55.60 -54.18
C ASP V 319 9.78 -54.44 -55.09
N GLU V 320 8.75 -53.83 -55.66
CA GLU V 320 8.89 -52.69 -56.57
C GLU V 320 9.33 -51.45 -55.82
N LEU V 321 8.91 -51.35 -54.56
CA LEU V 321 9.29 -50.21 -53.73
C LEU V 321 10.80 -50.18 -53.66
N MET W 1 -33.95 -25.99 -47.30
CA MET W 1 -34.23 -24.64 -46.74
C MET W 1 -33.82 -24.59 -45.27
N ILE W 2 -34.02 -23.43 -44.64
CA ILE W 2 -33.68 -23.31 -43.23
C ILE W 2 -34.93 -23.59 -42.39
N HIS W 3 -34.73 -24.11 -41.19
CA HIS W 3 -35.83 -24.43 -40.29
C HIS W 3 -35.64 -23.72 -38.95
N LEU W 4 -36.75 -23.32 -38.32
CA LEU W 4 -36.71 -22.63 -37.04
C LEU W 4 -37.17 -23.60 -35.97
N TYR W 5 -36.64 -23.46 -34.76
CA TYR W 5 -37.03 -24.34 -33.67
C TYR W 5 -37.01 -23.63 -32.31
N ASP W 6 -37.71 -24.27 -31.37
CA ASP W 6 -37.75 -23.86 -29.97
C ASP W 6 -37.63 -25.22 -29.28
N ALA W 7 -37.49 -25.25 -27.96
CA ALA W 7 -37.34 -26.52 -27.27
C ALA W 7 -38.37 -27.57 -27.67
N LYS W 8 -39.64 -27.18 -27.75
CA LYS W 8 -40.70 -28.12 -28.11
C LYS W 8 -40.62 -28.68 -29.51
N SER W 9 -40.49 -27.81 -30.51
CA SER W 9 -40.40 -28.28 -31.89
C SER W 9 -39.14 -29.12 -32.09
N PHE W 10 -38.07 -28.74 -31.42
CA PHE W 10 -36.83 -29.50 -31.56
C PHE W 10 -37.00 -30.91 -30.99
N ALA W 11 -37.64 -31.01 -29.83
CA ALA W 11 -37.85 -32.31 -29.20
C ALA W 11 -38.70 -33.22 -30.09
N LYS W 12 -39.65 -32.63 -30.81
CA LYS W 12 -40.49 -33.42 -31.70
C LYS W 12 -39.66 -33.94 -32.85
N LEU W 13 -38.82 -33.07 -33.40
CA LEU W 13 -37.95 -33.45 -34.51
C LEU W 13 -37.08 -34.65 -34.14
N ARG W 14 -36.43 -34.59 -32.99
CA ARG W 14 -35.57 -35.68 -32.56
C ARG W 14 -36.34 -36.98 -32.40
N ALA W 15 -37.55 -36.91 -31.85
CA ALA W 15 -38.38 -38.11 -31.67
C ALA W 15 -38.72 -38.69 -33.04
N ALA W 16 -39.05 -37.83 -33.99
CA ALA W 16 -39.39 -38.30 -35.33
C ALA W 16 -38.16 -38.94 -35.99
N GLN W 17 -37.01 -38.29 -35.87
CA GLN W 17 -35.79 -38.82 -36.48
C GLN W 17 -35.48 -40.20 -35.89
N TYR W 18 -35.63 -40.31 -34.57
CA TYR W 18 -35.39 -41.57 -33.88
C TYR W 18 -36.29 -42.66 -34.44
N ALA W 19 -37.55 -42.32 -34.66
CA ALA W 19 -38.50 -43.29 -35.19
C ALA W 19 -38.20 -43.71 -36.63
N ALA W 20 -37.71 -42.75 -37.42
CA ALA W 20 -37.39 -43.04 -38.82
C ALA W 20 -36.42 -44.19 -38.99
N PHE W 21 -35.62 -44.46 -37.96
CA PHE W 21 -34.67 -45.55 -38.05
C PHE W 21 -35.07 -46.76 -37.19
N HIS W 22 -35.47 -46.50 -35.95
CA HIS W 22 -35.83 -47.54 -35.00
C HIS W 22 -37.20 -48.19 -35.07
N THR W 23 -38.24 -47.43 -35.40
CA THR W 23 -39.58 -48.01 -35.43
C THR W 23 -40.36 -48.08 -36.73
N ASP W 24 -40.11 -47.15 -37.65
CA ASP W 24 -40.79 -47.19 -38.94
C ASP W 24 -40.61 -48.58 -39.57
N ALA W 25 -41.48 -48.93 -40.50
CA ALA W 25 -41.37 -50.21 -41.16
C ALA W 25 -40.23 -50.13 -42.17
N PRO W 26 -39.33 -51.12 -42.16
CA PRO W 26 -38.20 -51.14 -43.09
C PRO W 26 -38.62 -50.90 -44.53
N GLY W 27 -38.01 -49.91 -45.17
CA GLY W 27 -38.32 -49.63 -46.56
C GLY W 27 -39.54 -48.76 -46.80
N SER W 28 -40.24 -48.39 -45.74
CA SER W 28 -41.42 -47.54 -45.93
C SER W 28 -41.07 -46.16 -46.50
N TRP W 29 -39.95 -45.59 -46.07
CA TRP W 29 -39.54 -44.27 -46.56
C TRP W 29 -39.30 -44.32 -48.08
N PHE W 30 -38.67 -45.39 -48.55
CA PHE W 30 -38.41 -45.53 -49.98
C PHE W 30 -39.74 -45.51 -50.72
N ASP W 31 -40.66 -46.36 -50.29
CA ASP W 31 -41.98 -46.43 -50.91
C ASP W 31 -42.63 -45.06 -50.95
N HIS W 32 -42.53 -44.33 -49.84
CA HIS W 32 -43.13 -43.00 -49.81
C HIS W 32 -42.52 -42.07 -50.85
N THR W 33 -41.19 -42.02 -50.96
CA THR W 33 -40.59 -41.11 -51.93
C THR W 33 -40.90 -41.56 -53.35
N SER W 34 -41.09 -42.87 -53.55
CA SER W 34 -41.42 -43.37 -54.88
C SER W 34 -42.76 -42.73 -55.25
N GLY W 35 -43.65 -42.62 -54.26
CA GLY W 35 -44.95 -42.01 -54.48
C GLY W 35 -44.82 -40.56 -54.88
N VAL W 36 -44.00 -39.80 -54.14
CA VAL W 36 -43.81 -38.40 -54.45
C VAL W 36 -43.27 -38.21 -55.86
N LEU W 37 -42.33 -39.07 -56.26
CA LEU W 37 -41.73 -38.95 -57.60
C LEU W 37 -42.74 -39.25 -58.71
N GLU W 38 -43.61 -40.23 -58.47
CA GLU W 38 -44.60 -40.60 -59.47
C GLU W 38 -45.64 -39.51 -59.69
N SER W 39 -45.88 -38.69 -58.68
CA SER W 39 -46.85 -37.61 -58.77
C SER W 39 -46.30 -36.35 -59.45
N VAL W 40 -45.07 -36.42 -59.96
CA VAL W 40 -44.47 -35.26 -60.61
C VAL W 40 -45.08 -35.04 -62.01
N GLU W 41 -45.17 -33.78 -62.41
CA GLU W 41 -45.75 -33.37 -63.69
C GLU W 41 -45.19 -33.93 -65.00
N ASP W 42 -44.29 -34.92 -64.94
CA ASP W 42 -43.73 -35.48 -66.17
C ASP W 42 -42.89 -34.41 -66.87
N GLY W 43 -41.66 -34.77 -67.25
CA GLY W 43 -40.79 -33.80 -67.90
C GLY W 43 -40.24 -32.81 -66.90
N THR W 44 -40.70 -32.94 -65.66
CA THR W 44 -40.24 -32.06 -64.57
C THR W 44 -38.93 -32.59 -64.01
N PRO W 45 -37.90 -31.74 -63.95
CA PRO W 45 -36.59 -32.13 -63.42
C PRO W 45 -36.71 -32.58 -61.96
N VAL W 46 -36.13 -33.74 -61.64
CA VAL W 46 -36.18 -34.22 -60.26
C VAL W 46 -34.82 -34.46 -59.63
N LEU W 47 -33.79 -34.68 -60.45
CA LEU W 47 -32.45 -34.98 -59.95
C LEU W 47 -31.35 -34.36 -60.80
N ALA W 48 -30.38 -33.74 -60.13
CA ALA W 48 -29.23 -33.14 -60.82
C ALA W 48 -27.98 -33.72 -60.18
N ILE W 49 -27.03 -34.14 -61.01
CA ILE W 49 -25.80 -34.73 -60.52
C ILE W 49 -24.62 -34.23 -61.35
N GLY W 50 -23.47 -34.05 -60.71
CA GLY W 50 -22.31 -33.53 -61.42
C GLY W 50 -21.51 -34.48 -62.29
N VAL W 51 -21.10 -34.01 -63.46
CA VAL W 51 -20.28 -34.81 -64.36
C VAL W 51 -18.82 -34.42 -64.11
N GLU W 52 -17.89 -35.13 -64.72
CA GLU W 52 -16.46 -34.89 -64.52
C GLU W 52 -16.00 -33.44 -64.45
N SER W 53 -16.45 -32.63 -65.40
CA SER W 53 -16.05 -31.22 -65.46
C SER W 53 -16.53 -30.36 -64.30
N GLY W 54 -17.60 -30.76 -63.64
CA GLY W 54 -18.14 -29.96 -62.55
C GLY W 54 -19.53 -29.46 -62.93
N ASP W 55 -19.88 -29.57 -64.21
CA ASP W 55 -21.20 -29.18 -64.67
C ASP W 55 -22.15 -30.27 -64.19
N ALA W 56 -23.45 -30.08 -64.39
CA ALA W 56 -24.41 -31.07 -63.94
C ALA W 56 -25.42 -31.44 -65.01
N ILE W 57 -25.84 -32.70 -64.98
CA ILE W 57 -26.84 -33.19 -65.93
C ILE W 57 -28.11 -33.39 -65.11
N VAL W 58 -29.27 -33.32 -65.77
CA VAL W 58 -30.54 -33.45 -65.08
C VAL W 58 -31.43 -34.56 -65.61
N PHE W 59 -32.19 -35.19 -64.71
CA PHE W 59 -33.08 -36.29 -65.09
C PHE W 59 -34.52 -36.07 -64.63
N ASP W 60 -35.45 -36.74 -65.30
CA ASP W 60 -36.86 -36.67 -64.92
C ASP W 60 -37.16 -37.91 -64.08
N LYS W 61 -38.39 -38.00 -63.61
CA LYS W 61 -38.78 -39.13 -62.77
C LYS W 61 -38.59 -40.51 -63.40
N ASN W 62 -38.39 -40.56 -64.71
CA ASN W 62 -38.21 -41.83 -65.39
C ASN W 62 -36.75 -42.10 -65.75
N ALA W 63 -35.85 -41.41 -65.06
CA ALA W 63 -34.43 -41.57 -65.31
C ALA W 63 -34.06 -41.23 -66.74
N GLN W 64 -34.85 -40.35 -67.35
CA GLN W 64 -34.55 -39.94 -68.72
C GLN W 64 -33.90 -38.57 -68.60
N ARG W 65 -32.80 -38.38 -69.33
CA ARG W 65 -32.08 -37.12 -69.27
C ARG W 65 -32.81 -35.96 -69.94
N ILE W 66 -32.80 -34.80 -69.28
CA ILE W 66 -33.45 -33.61 -69.81
C ILE W 66 -32.43 -32.70 -70.47
N VAL W 67 -32.64 -32.41 -71.75
CA VAL W 67 -31.70 -31.58 -72.50
C VAL W 67 -32.09 -30.09 -72.57
N ALA W 68 -33.38 -29.81 -72.52
CA ALA W 68 -33.83 -28.42 -72.59
C ALA W 68 -35.02 -28.20 -71.68
N TYR W 69 -34.97 -27.11 -70.90
CA TYR W 69 -36.04 -26.79 -69.96
C TYR W 69 -35.96 -25.32 -69.60
N LYS W 70 -36.99 -24.59 -69.98
CA LYS W 70 -37.06 -23.15 -69.74
C LYS W 70 -37.17 -22.80 -68.26
N GLU W 71 -36.49 -21.73 -67.89
CA GLU W 71 -36.48 -21.25 -66.51
C GLU W 71 -37.84 -21.33 -65.83
N LYS W 72 -37.85 -21.87 -64.61
CA LYS W 72 -39.06 -21.99 -63.82
C LYS W 72 -38.70 -21.88 -62.35
N SER W 73 -39.45 -21.06 -61.62
CA SER W 73 -39.19 -20.85 -60.20
C SER W 73 -40.27 -21.40 -59.29
N VAL W 74 -39.91 -21.63 -58.03
CA VAL W 74 -40.82 -22.14 -57.03
C VAL W 74 -40.48 -21.53 -55.67
N LYS W 75 -41.48 -20.97 -55.01
CA LYS W 75 -41.27 -20.35 -53.71
C LYS W 75 -41.73 -21.27 -52.59
N ALA W 76 -40.85 -21.51 -51.62
CA ALA W 76 -41.17 -22.36 -50.47
C ALA W 76 -41.72 -21.52 -49.33
N GLU W 77 -42.10 -22.19 -48.24
CA GLU W 77 -42.63 -21.48 -47.08
C GLU W 77 -41.49 -20.67 -46.47
N ASP W 78 -40.27 -21.14 -46.72
CA ASP W 78 -39.07 -20.49 -46.23
C ASP W 78 -39.00 -19.08 -46.81
N GLY W 79 -39.79 -18.84 -47.85
CA GLY W 79 -39.78 -17.53 -48.50
C GLY W 79 -38.75 -17.55 -49.60
N SER W 80 -37.84 -18.52 -49.51
CA SER W 80 -36.78 -18.68 -50.49
C SER W 80 -37.34 -19.25 -51.79
N VAL W 81 -36.65 -19.02 -52.90
CA VAL W 81 -37.11 -19.54 -54.18
C VAL W 81 -36.04 -20.36 -54.87
N SER W 82 -36.45 -21.46 -55.49
CA SER W 82 -35.52 -22.32 -56.21
C SER W 82 -35.82 -22.15 -57.70
N VAL W 83 -34.78 -22.20 -58.53
CA VAL W 83 -34.95 -22.04 -59.95
C VAL W 83 -34.24 -23.17 -60.68
N VAL W 84 -34.86 -23.66 -61.75
CA VAL W 84 -34.27 -24.73 -62.54
C VAL W 84 -34.31 -24.35 -64.00
N GLN W 85 -33.20 -24.56 -64.70
CA GLN W 85 -33.13 -24.23 -66.12
C GLN W 85 -32.08 -25.13 -66.77
N VAL W 86 -32.50 -25.87 -67.78
CA VAL W 86 -31.58 -26.74 -68.49
C VAL W 86 -31.42 -26.24 -69.91
N GLU W 87 -30.17 -26.13 -70.36
CA GLU W 87 -29.90 -25.65 -71.70
C GLU W 87 -28.77 -26.43 -72.35
N ASN W 88 -29.05 -26.98 -73.54
CA ASN W 88 -28.07 -27.74 -74.28
C ASN W 88 -27.57 -28.97 -73.52
N GLY W 89 -28.45 -29.58 -72.74
CA GLY W 89 -28.07 -30.77 -72.00
C GLY W 89 -27.44 -30.56 -70.64
N PHE W 90 -27.24 -29.31 -70.25
CA PHE W 90 -26.64 -29.02 -68.94
C PHE W 90 -27.42 -28.00 -68.13
N MET W 91 -27.38 -28.17 -66.82
CA MET W 91 -28.07 -27.27 -65.90
C MET W 91 -27.50 -25.86 -66.02
N LYS W 92 -28.37 -24.87 -66.19
CA LYS W 92 -27.94 -23.48 -66.31
C LYS W 92 -28.28 -22.77 -65.02
N GLN W 93 -29.32 -23.26 -64.35
CA GLN W 93 -29.75 -22.70 -63.08
C GLN W 93 -30.28 -23.84 -62.23
N GLY W 94 -29.95 -23.81 -60.95
CA GLY W 94 -30.38 -24.85 -60.03
C GLY W 94 -29.21 -25.31 -59.16
N HIS W 95 -29.37 -26.45 -58.51
CA HIS W 95 -28.32 -26.98 -57.65
C HIS W 95 -28.21 -28.49 -57.82
N ARG W 96 -27.13 -29.07 -57.33
CA ARG W 96 -26.95 -30.52 -57.41
C ARG W 96 -27.84 -31.16 -56.36
N GLY W 97 -28.33 -32.37 -56.64
CA GLY W 97 -29.19 -33.05 -55.68
C GLY W 97 -30.62 -33.16 -56.17
N TRP W 98 -31.52 -33.51 -55.26
CA TRP W 98 -32.93 -33.64 -55.61
C TRP W 98 -33.54 -32.27 -55.87
N LEU W 99 -34.21 -32.14 -57.00
CA LEU W 99 -34.81 -30.86 -57.39
C LEU W 99 -36.27 -30.78 -56.97
N VAL W 100 -36.72 -31.81 -56.25
CA VAL W 100 -38.09 -31.88 -55.75
C VAL W 100 -38.01 -32.27 -54.27
N ASP W 101 -38.92 -31.74 -53.46
CA ASP W 101 -38.92 -32.04 -52.05
C ASP W 101 -39.46 -33.43 -51.74
N LEU W 102 -38.60 -34.27 -51.16
CA LEU W 102 -38.98 -35.64 -50.81
C LEU W 102 -39.08 -35.83 -49.31
N THR W 103 -38.41 -34.95 -48.56
CA THR W 103 -38.38 -35.05 -47.10
C THR W 103 -39.31 -34.14 -46.29
N GLY W 104 -39.80 -33.07 -46.91
CA GLY W 104 -40.67 -32.17 -46.16
C GLY W 104 -39.80 -31.57 -45.08
N GLU W 105 -40.32 -31.44 -43.86
CA GLU W 105 -39.51 -30.87 -42.78
C GLU W 105 -38.90 -31.95 -41.93
N LEU W 106 -39.01 -33.20 -42.37
CA LEU W 106 -38.43 -34.32 -41.66
C LEU W 106 -37.01 -34.50 -42.22
N VAL W 107 -36.07 -33.71 -41.72
CA VAL W 107 -34.70 -33.79 -42.20
C VAL W 107 -33.75 -34.35 -41.14
N GLY W 108 -32.58 -34.79 -41.60
CA GLY W 108 -31.59 -35.33 -40.68
C GLY W 108 -31.83 -36.77 -40.25
N CYS W 109 -32.50 -37.55 -41.10
CA CYS W 109 -32.78 -38.94 -40.78
C CYS W 109 -31.89 -39.93 -41.54
N SER W 110 -31.89 -41.17 -41.08
CA SER W 110 -31.20 -42.28 -41.71
C SER W 110 -32.33 -43.31 -41.80
N PRO W 111 -33.29 -43.09 -42.72
CA PRO W 111 -34.45 -43.96 -42.92
C PRO W 111 -34.07 -45.44 -43.00
N VAL W 112 -34.70 -46.26 -42.17
CA VAL W 112 -34.40 -47.69 -42.21
C VAL W 112 -34.73 -48.21 -43.62
N VAL W 113 -33.77 -48.91 -44.22
CA VAL W 113 -33.95 -49.44 -45.57
C VAL W 113 -34.31 -50.92 -45.59
N ALA W 114 -33.95 -51.62 -44.53
CA ALA W 114 -34.21 -53.05 -44.46
C ALA W 114 -33.80 -53.63 -43.13
N GLU W 115 -34.17 -54.88 -42.93
CA GLU W 115 -33.81 -55.59 -41.73
C GLU W 115 -33.33 -56.97 -42.14
N PHE W 116 -32.27 -57.45 -41.49
CA PHE W 116 -31.71 -58.74 -41.84
C PHE W 116 -30.92 -59.29 -40.65
N GLY W 117 -31.01 -60.59 -40.45
CA GLY W 117 -30.29 -61.23 -39.35
C GLY W 117 -30.53 -60.59 -38.00
N GLY W 118 -31.67 -59.94 -37.83
CA GLY W 118 -31.96 -59.32 -36.55
C GLY W 118 -31.43 -57.90 -36.39
N HIS W 119 -30.95 -57.30 -37.48
CA HIS W 119 -30.43 -55.94 -37.40
C HIS W 119 -31.10 -55.02 -38.43
N ARG W 120 -31.29 -53.77 -38.05
CA ARG W 120 -31.87 -52.78 -38.96
C ARG W 120 -30.72 -52.07 -39.67
N TYR W 121 -30.87 -51.86 -40.97
CA TYR W 121 -29.83 -51.19 -41.75
C TYR W 121 -30.37 -49.87 -42.27
N ALA W 122 -29.50 -48.86 -42.31
CA ALA W 122 -29.90 -47.53 -42.74
C ALA W 122 -29.72 -47.32 -44.23
N SER W 123 -30.48 -46.37 -44.77
CA SER W 123 -30.38 -46.01 -46.17
C SER W 123 -29.25 -44.99 -46.19
N GLY W 124 -28.93 -44.46 -47.38
CA GLY W 124 -27.83 -43.51 -47.48
C GLY W 124 -26.65 -44.25 -48.07
N MET W 125 -25.43 -43.77 -47.85
CA MET W 125 -24.30 -44.49 -48.40
C MET W 125 -23.52 -45.31 -47.40
N VAL W 126 -23.19 -46.53 -47.83
CA VAL W 126 -22.42 -47.47 -47.03
C VAL W 126 -21.10 -47.77 -47.74
N ILE W 127 -19.99 -47.45 -47.09
CA ILE W 127 -18.70 -47.75 -47.68
C ILE W 127 -18.17 -49.01 -47.04
N VAL W 128 -17.79 -49.96 -47.90
CA VAL W 128 -17.24 -51.23 -47.46
C VAL W 128 -15.76 -51.16 -47.76
N THR W 129 -14.95 -51.15 -46.70
CA THR W 129 -13.52 -51.04 -46.90
C THR W 129 -12.71 -51.82 -45.86
N GLY W 130 -11.46 -51.43 -45.69
CA GLY W 130 -10.59 -52.09 -44.75
C GLY W 130 -9.38 -52.62 -45.49
N LYS W 131 -8.31 -52.90 -44.78
CA LYS W 131 -7.12 -53.42 -45.43
C LYS W 131 -6.92 -54.82 -44.91
N GLY W 132 -6.89 -55.79 -45.80
CA GLY W 132 -6.71 -57.17 -45.37
C GLY W 132 -7.02 -58.20 -46.43
N ASN W 133 -7.21 -59.44 -46.00
CA ASN W 133 -7.50 -60.52 -46.93
C ASN W 133 -8.96 -60.60 -47.38
N SER W 134 -9.87 -60.26 -46.47
CA SER W 134 -11.30 -60.31 -46.79
C SER W 134 -11.62 -59.43 -48.01
N GLY W 135 -12.21 -60.05 -49.04
CA GLY W 135 -12.55 -59.35 -50.25
C GLY W 135 -13.83 -58.51 -50.17
N LYS W 136 -13.76 -57.30 -50.69
CA LYS W 136 -14.89 -56.40 -50.66
C LYS W 136 -15.99 -56.74 -51.65
N THR W 137 -15.59 -57.19 -52.83
CA THR W 137 -16.56 -57.52 -53.86
C THR W 137 -17.58 -58.57 -53.43
N PRO W 138 -17.11 -59.69 -52.85
CA PRO W 138 -18.09 -60.71 -52.44
C PRO W 138 -19.02 -60.20 -51.35
N LEU W 139 -18.49 -59.34 -50.48
CA LEU W 139 -19.27 -58.79 -49.39
C LEU W 139 -20.36 -57.84 -49.87
N VAL W 140 -20.04 -56.92 -50.80
CA VAL W 140 -21.07 -55.99 -51.28
C VAL W 140 -22.21 -56.72 -51.98
N HIS W 141 -21.89 -57.77 -52.73
CA HIS W 141 -22.94 -58.53 -53.40
C HIS W 141 -23.81 -59.31 -52.40
N ALA W 142 -23.19 -59.83 -51.34
CA ALA W 142 -23.95 -60.57 -50.35
C ALA W 142 -24.86 -59.62 -49.59
N LEU W 143 -24.35 -58.43 -49.29
CA LEU W 143 -25.13 -57.46 -48.56
C LEU W 143 -26.26 -56.94 -49.44
N GLY W 144 -25.99 -56.82 -50.74
CA GLY W 144 -26.99 -56.34 -51.67
C GLY W 144 -28.18 -57.29 -51.73
N GLU W 145 -27.89 -58.59 -51.83
CA GLU W 145 -28.93 -59.59 -51.91
C GLU W 145 -29.70 -59.66 -50.59
N ALA W 146 -28.98 -59.60 -49.46
CA ALA W 146 -29.62 -59.68 -48.15
C ALA W 146 -30.55 -58.49 -47.86
N LEU W 147 -30.08 -57.28 -48.13
CA LEU W 147 -30.91 -56.11 -47.88
C LEU W 147 -31.99 -56.04 -48.96
N GLY W 148 -31.73 -56.60 -50.12
CA GLY W 148 -32.71 -56.58 -51.18
C GLY W 148 -33.95 -57.33 -50.72
N GLY W 149 -33.73 -58.45 -50.02
CA GLY W 149 -34.82 -59.25 -49.52
C GLY W 149 -35.69 -59.85 -50.62
N LYS W 150 -36.91 -59.34 -50.74
CA LYS W 150 -37.82 -59.81 -51.77
C LYS W 150 -37.51 -59.20 -53.12
N ASP W 151 -36.82 -58.07 -53.10
CA ASP W 151 -36.47 -57.37 -54.34
C ASP W 151 -35.06 -57.65 -54.79
N LYS W 152 -34.83 -57.49 -56.09
CA LYS W 152 -33.50 -57.67 -56.65
C LYS W 152 -32.72 -56.39 -56.33
N TYR W 153 -31.40 -56.46 -56.36
CA TYR W 153 -30.60 -55.27 -56.10
C TYR W 153 -29.95 -54.88 -57.41
N ALA W 154 -29.64 -53.59 -57.56
CA ALA W 154 -29.02 -53.08 -58.79
C ALA W 154 -27.51 -53.00 -58.62
N THR W 155 -26.78 -53.34 -59.68
CA THR W 155 -25.33 -53.30 -59.62
C THR W 155 -24.72 -52.33 -60.63
N VAL W 156 -23.97 -51.35 -60.12
CA VAL W 156 -23.30 -50.37 -60.95
C VAL W 156 -21.83 -50.78 -60.96
N ARG W 157 -21.28 -51.07 -62.14
CA ARG W 157 -19.87 -51.46 -62.25
C ARG W 157 -19.00 -50.33 -62.80
N PHE W 158 -17.85 -50.09 -62.16
CA PHE W 158 -16.99 -49.00 -62.59
C PHE W 158 -15.49 -49.16 -62.28
N GLY W 159 -14.67 -48.81 -63.27
CA GLY W 159 -13.22 -48.81 -63.14
C GLY W 159 -12.42 -50.03 -62.71
N GLU W 160 -12.73 -51.20 -63.23
CA GLU W 160 -11.98 -52.40 -62.89
C GLU W 160 -11.53 -53.03 -64.22
N PRO W 161 -10.31 -53.58 -64.27
CA PRO W 161 -9.83 -54.18 -65.51
C PRO W 161 -10.42 -55.54 -65.85
N LEU W 162 -11.75 -55.61 -65.88
CA LEU W 162 -12.49 -56.82 -66.20
C LEU W 162 -13.43 -56.54 -67.37
N SER W 163 -13.92 -57.60 -68.01
CA SER W 163 -14.81 -57.45 -69.17
C SER W 163 -16.11 -56.73 -68.86
N GLY W 164 -16.55 -55.91 -69.79
CA GLY W 164 -17.80 -55.18 -69.64
C GLY W 164 -17.83 -54.04 -68.63
N TYR W 165 -16.68 -53.70 -68.04
CA TYR W 165 -16.64 -52.63 -67.06
C TYR W 165 -16.51 -51.25 -67.68
N ASN W 166 -17.42 -50.35 -67.34
CA ASN W 166 -17.34 -48.99 -67.85
C ASN W 166 -16.23 -48.30 -67.06
N THR W 167 -15.47 -47.44 -67.73
CA THR W 167 -14.39 -46.72 -67.06
C THR W 167 -14.49 -45.22 -67.28
N ASP W 168 -15.59 -44.79 -67.90
CA ASP W 168 -15.83 -43.37 -68.17
C ASP W 168 -16.71 -42.80 -67.04
N PHE W 169 -16.17 -41.83 -66.30
CA PHE W 169 -16.89 -41.22 -65.18
C PHE W 169 -18.29 -40.73 -65.52
N ASN W 170 -18.46 -40.12 -66.70
CA ASN W 170 -19.78 -39.59 -67.03
C ASN W 170 -20.84 -40.67 -67.24
N VAL W 171 -20.44 -41.84 -67.73
CA VAL W 171 -21.39 -42.93 -67.89
C VAL W 171 -21.72 -43.43 -66.48
N PHE W 172 -20.74 -43.34 -65.60
CA PHE W 172 -20.88 -43.77 -64.22
C PHE W 172 -21.97 -42.99 -63.46
N VAL W 173 -21.91 -41.66 -63.50
CA VAL W 173 -22.91 -40.86 -62.81
C VAL W 173 -24.30 -41.08 -63.41
N ASP W 174 -24.32 -41.46 -64.68
CA ASP W 174 -25.57 -41.72 -65.36
C ASP W 174 -26.17 -43.01 -64.77
N ASP W 175 -25.34 -44.04 -64.61
CA ASP W 175 -25.81 -45.30 -64.03
C ASP W 175 -26.28 -45.09 -62.59
N ILE W 176 -25.58 -44.25 -61.84
CA ILE W 176 -25.95 -43.99 -60.44
C ILE W 176 -27.27 -43.24 -60.31
N ALA W 177 -27.47 -42.22 -61.14
CA ALA W 177 -28.71 -41.46 -61.08
C ALA W 177 -29.90 -42.38 -61.37
N ARG W 178 -29.79 -43.19 -62.42
CA ARG W 178 -30.86 -44.10 -62.77
C ARG W 178 -31.13 -45.08 -61.66
N ALA W 179 -30.05 -45.62 -61.08
CA ALA W 179 -30.21 -46.59 -59.99
C ALA W 179 -30.97 -46.02 -58.79
N MET W 180 -30.62 -44.82 -58.36
CA MET W 180 -31.29 -44.22 -57.22
C MET W 180 -32.73 -43.84 -57.51
N LEU W 181 -33.03 -43.57 -58.76
CA LEU W 181 -34.38 -43.20 -59.15
C LEU W 181 -35.28 -44.43 -59.25
N GLN W 182 -34.68 -45.59 -59.48
CA GLN W 182 -35.46 -46.80 -59.66
C GLN W 182 -35.31 -47.97 -58.69
N HIS W 183 -34.33 -47.96 -57.79
CA HIS W 183 -34.16 -49.10 -56.89
C HIS W 183 -33.81 -48.74 -55.45
N ARG W 184 -34.21 -49.61 -54.54
CA ARG W 184 -33.99 -49.43 -53.12
C ARG W 184 -32.58 -49.85 -52.66
N VAL W 185 -32.06 -50.91 -53.25
CA VAL W 185 -30.76 -51.43 -52.89
C VAL W 185 -29.81 -51.40 -54.10
N ILE W 186 -28.74 -50.64 -53.94
CA ILE W 186 -27.75 -50.44 -55.00
C ILE W 186 -26.34 -50.80 -54.58
N VAL W 187 -25.62 -51.47 -55.47
CA VAL W 187 -24.24 -51.86 -55.21
C VAL W 187 -23.35 -51.16 -56.22
N ILE W 188 -22.30 -50.50 -55.74
CA ILE W 188 -21.36 -49.83 -56.63
C ILE W 188 -20.06 -50.59 -56.47
N ASP W 189 -19.61 -51.27 -57.51
CA ASP W 189 -18.36 -51.97 -57.33
C ASP W 189 -17.20 -51.17 -57.86
N SER W 190 -16.48 -50.66 -56.87
CA SER W 190 -15.28 -49.88 -56.99
C SER W 190 -15.46 -48.37 -57.03
N LEU W 191 -15.19 -47.75 -55.89
CA LEU W 191 -15.23 -46.31 -55.76
C LEU W 191 -13.80 -45.89 -56.07
N LYS W 192 -13.01 -46.83 -56.54
CA LYS W 192 -11.62 -46.57 -56.92
C LYS W 192 -11.71 -45.55 -58.05
N ASN W 193 -10.57 -45.02 -58.50
CA ASN W 193 -10.59 -44.01 -59.56
C ASN W 193 -11.17 -42.73 -58.95
N VAL W 194 -12.45 -42.77 -58.60
CA VAL W 194 -13.06 -41.61 -57.93
C VAL W 194 -12.37 -41.68 -56.57
N ILE W 195 -12.28 -40.56 -55.86
CA ILE W 195 -11.60 -40.60 -54.56
C ILE W 195 -10.21 -41.18 -54.81
N ILE W 207 -7.97 -34.72 -57.96
CA ILE W 207 -9.29 -35.31 -58.18
C ILE W 207 -10.17 -34.32 -58.94
N SER W 208 -10.93 -34.82 -59.91
CA SER W 208 -11.82 -33.99 -60.71
C SER W 208 -12.95 -33.39 -59.90
N ARG W 209 -13.54 -32.31 -60.40
CA ARG W 209 -14.65 -31.68 -59.68
C ARG W 209 -15.84 -32.63 -59.56
N GLY W 210 -16.06 -33.42 -60.62
CA GLY W 210 -17.16 -34.36 -60.60
C GLY W 210 -16.99 -35.41 -59.51
N ALA W 211 -15.79 -35.97 -59.40
CA ALA W 211 -15.51 -36.98 -58.41
C ALA W 211 -15.70 -36.43 -57.00
N PHE W 212 -15.26 -35.19 -56.80
CA PHE W 212 -15.38 -34.53 -55.51
C PHE W 212 -16.85 -34.27 -55.18
N ASP W 213 -17.62 -33.82 -56.17
CA ASP W 213 -19.05 -33.55 -55.94
C ASP W 213 -19.77 -34.85 -55.58
N LEU W 214 -19.48 -35.91 -56.31
CA LEU W 214 -20.10 -37.21 -56.09
C LEU W 214 -19.88 -37.68 -54.66
N LEU W 215 -18.63 -37.62 -54.24
CA LEU W 215 -18.27 -38.06 -52.91
C LEU W 215 -19.02 -37.31 -51.80
N SER W 216 -19.29 -36.02 -52.01
CA SER W 216 -19.98 -35.26 -50.99
C SER W 216 -21.49 -35.12 -51.18
N ASP W 217 -22.02 -35.62 -52.28
CA ASP W 217 -23.44 -35.53 -52.55
C ASP W 217 -24.22 -36.84 -52.39
N ILE W 218 -23.62 -37.93 -52.85
CA ILE W 218 -24.29 -39.22 -52.86
C ILE W 218 -24.96 -39.71 -51.58
N GLY W 219 -24.33 -39.49 -50.44
CA GLY W 219 -24.93 -39.93 -49.19
C GLY W 219 -26.25 -39.24 -48.89
N ALA W 220 -26.28 -37.93 -49.05
CA ALA W 220 -27.50 -37.17 -48.79
C ALA W 220 -28.58 -37.49 -49.83
N MET W 221 -28.17 -37.71 -51.08
CA MET W 221 -29.14 -38.05 -52.12
C MET W 221 -29.82 -39.37 -51.75
N ALA W 222 -29.02 -40.37 -51.41
CA ALA W 222 -29.54 -41.69 -51.05
C ALA W 222 -30.42 -41.68 -49.82
N ALA W 223 -29.96 -41.01 -48.76
CA ALA W 223 -30.72 -40.94 -47.51
C ALA W 223 -32.07 -40.24 -47.73
N SER W 224 -32.08 -39.24 -48.59
CA SER W 224 -33.30 -38.52 -48.90
C SER W 224 -34.32 -39.41 -49.62
N ARG W 225 -33.83 -40.24 -50.54
CA ARG W 225 -34.69 -41.15 -51.29
C ARG W 225 -35.12 -42.34 -50.43
N GLY W 226 -34.25 -42.77 -49.54
CA GLY W 226 -34.57 -43.91 -48.71
C GLY W 226 -33.98 -45.17 -49.30
N CYS W 227 -33.04 -45.02 -50.24
CA CYS W 227 -32.37 -46.17 -50.84
C CYS W 227 -30.98 -46.29 -50.24
N VAL W 228 -30.35 -47.45 -50.38
CA VAL W 228 -29.02 -47.64 -49.83
C VAL W 228 -28.02 -47.93 -50.95
N VAL W 229 -26.88 -47.22 -50.92
CA VAL W 229 -25.83 -47.41 -51.91
C VAL W 229 -24.64 -48.07 -51.19
N ILE W 230 -24.34 -49.30 -51.57
CA ILE W 230 -23.27 -50.11 -50.97
C ILE W 230 -22.06 -50.07 -51.89
N ALA W 231 -21.05 -49.31 -51.51
CA ALA W 231 -19.85 -49.14 -52.34
C ALA W 231 -18.55 -49.72 -51.78
N SER W 232 -17.84 -50.47 -52.60
CA SER W 232 -16.58 -51.05 -52.18
C SER W 232 -15.47 -50.04 -52.43
N LEU W 233 -14.51 -50.00 -51.52
CA LEU W 233 -13.40 -49.07 -51.64
C LEU W 233 -12.16 -49.70 -51.02
N ASN W 234 -11.19 -50.05 -51.87
CA ASN W 234 -9.95 -50.63 -51.36
C ASN W 234 -8.94 -49.55 -51.06
N PRO W 235 -8.41 -49.52 -49.82
CA PRO W 235 -7.43 -48.52 -49.43
C PRO W 235 -6.10 -48.86 -50.09
N THR W 236 -6.20 -49.22 -51.37
CA THR W 236 -5.08 -49.61 -52.20
C THR W 236 -3.79 -48.87 -51.89
N SER W 237 -3.54 -47.79 -52.62
CA SER W 237 -2.34 -46.99 -52.44
C SER W 237 -2.11 -46.65 -50.98
N ASN W 238 -0.88 -46.85 -50.52
CA ASN W 238 -0.53 -46.52 -49.14
C ASN W 238 0.11 -45.13 -49.12
N ASP W 239 -0.35 -44.30 -50.06
CA ASP W 239 0.11 -42.92 -50.20
C ASP W 239 -0.74 -42.07 -49.25
N ASP W 240 -0.13 -41.66 -48.14
CA ASP W 240 -0.80 -40.86 -47.11
C ASP W 240 -1.68 -39.69 -47.56
N LYS W 241 -1.63 -39.33 -48.84
CA LYS W 241 -2.46 -38.22 -49.29
C LYS W 241 -3.86 -38.72 -49.65
N ILE W 242 -3.95 -39.97 -50.09
CA ILE W 242 -5.24 -40.55 -50.44
C ILE W 242 -5.70 -41.53 -49.35
N VAL W 243 -4.76 -41.96 -48.51
CA VAL W 243 -5.09 -42.88 -47.41
C VAL W 243 -5.94 -42.07 -46.43
N GLU W 244 -5.70 -40.77 -46.42
CA GLU W 244 -6.44 -39.87 -45.54
C GLU W 244 -7.75 -39.49 -46.23
N LEU W 245 -7.76 -39.59 -47.55
CA LEU W 245 -8.96 -39.28 -48.33
C LEU W 245 -9.94 -40.45 -48.19
N VAL W 246 -9.41 -41.63 -47.87
CA VAL W 246 -10.21 -42.83 -47.67
C VAL W 246 -10.80 -42.80 -46.26
N LYS W 247 -9.99 -42.38 -45.28
CA LYS W 247 -10.45 -42.30 -43.91
C LYS W 247 -11.44 -41.15 -43.74
N GLU W 248 -11.35 -40.17 -44.62
CA GLU W 248 -12.22 -39.01 -44.59
C GLU W 248 -13.56 -39.38 -45.21
N ALA W 249 -13.49 -40.00 -46.39
CA ALA W 249 -14.69 -40.42 -47.08
C ALA W 249 -15.48 -41.34 -46.17
N SER W 250 -14.78 -42.28 -45.55
CA SER W 250 -15.41 -43.24 -44.66
C SER W 250 -15.97 -42.56 -43.41
N ARG W 251 -15.19 -41.66 -42.84
CA ARG W 251 -15.60 -40.96 -41.64
C ARG W 251 -16.76 -39.97 -41.81
N SER W 252 -16.61 -39.05 -42.76
CA SER W 252 -17.61 -38.00 -42.95
C SER W 252 -18.59 -38.07 -44.11
N ASN W 253 -18.30 -38.87 -45.12
CA ASN W 253 -19.21 -38.92 -46.26
C ASN W 253 -20.09 -40.15 -46.31
N SER W 254 -19.98 -41.03 -45.32
CA SER W 254 -20.77 -42.25 -45.28
C SER W 254 -21.82 -42.22 -44.18
N THR W 255 -22.97 -42.83 -44.46
CA THR W 255 -24.04 -42.89 -43.49
C THR W 255 -23.71 -44.08 -42.59
N SER W 256 -23.13 -45.11 -43.20
CA SER W 256 -22.74 -46.32 -42.49
C SER W 256 -21.41 -46.80 -43.03
N LEU W 257 -20.69 -47.54 -42.20
CA LEU W 257 -19.38 -48.04 -42.57
C LEU W 257 -19.32 -49.54 -42.27
N VAL W 258 -18.74 -50.31 -43.18
CA VAL W 258 -18.58 -51.74 -42.99
C VAL W 258 -17.09 -52.00 -43.21
N ILE W 259 -16.38 -52.38 -42.14
CA ILE W 259 -14.95 -52.62 -42.24
C ILE W 259 -14.53 -54.02 -41.81
N SER W 260 -13.54 -54.56 -42.49
CA SER W 260 -13.02 -55.89 -42.18
C SER W 260 -12.22 -55.84 -40.88
N THR W 261 -12.09 -56.99 -40.23
CA THR W 261 -11.35 -57.08 -38.98
C THR W 261 -10.16 -58.01 -39.17
N ASP W 262 -9.43 -58.28 -38.09
CA ASP W 262 -8.27 -59.16 -38.17
C ASP W 262 -8.64 -60.64 -38.17
N VAL W 263 -9.93 -60.93 -38.03
CA VAL W 263 -10.41 -62.30 -38.06
C VAL W 263 -11.04 -62.55 -39.43
N ASP W 264 -10.60 -63.59 -40.12
CA ASP W 264 -11.11 -63.90 -41.43
C ASP W 264 -12.61 -64.08 -41.52
N GLY W 265 -13.21 -63.38 -42.49
CA GLY W 265 -14.64 -63.45 -42.72
C GLY W 265 -15.49 -62.58 -41.83
N GLU W 266 -14.87 -61.94 -40.84
CA GLU W 266 -15.62 -61.10 -39.92
C GLU W 266 -15.58 -59.62 -40.30
N TRP W 267 -16.73 -58.98 -40.20
CA TRP W 267 -16.83 -57.57 -40.53
C TRP W 267 -17.55 -56.80 -39.43
N GLN W 268 -17.26 -55.51 -39.34
CA GLN W 268 -17.85 -54.64 -38.35
C GLN W 268 -18.71 -53.60 -39.05
N VAL W 269 -19.95 -53.42 -38.59
CA VAL W 269 -20.87 -52.45 -39.18
C VAL W 269 -21.07 -51.28 -38.21
N LEU W 270 -20.74 -50.07 -38.65
CA LEU W 270 -20.91 -48.87 -37.84
C LEU W 270 -21.95 -48.04 -38.56
N THR W 271 -23.07 -47.75 -37.89
CA THR W 271 -24.10 -46.98 -38.55
C THR W 271 -24.60 -45.74 -37.82
N ARG W 272 -24.74 -44.65 -38.56
CA ARG W 272 -25.22 -43.38 -38.01
C ARG W 272 -26.75 -43.47 -38.08
N THR W 273 -27.40 -43.45 -36.93
CA THR W 273 -28.86 -43.57 -36.88
C THR W 273 -29.63 -42.28 -37.12
N GLY W 274 -28.92 -41.16 -37.21
CA GLY W 274 -29.58 -39.90 -37.45
C GLY W 274 -28.83 -38.69 -36.93
N GLU W 275 -29.35 -37.52 -37.28
CA GLU W 275 -28.74 -36.25 -36.88
C GLU W 275 -28.61 -36.15 -35.37
N GLY W 276 -27.38 -36.09 -34.88
CA GLY W 276 -27.14 -35.96 -33.46
C GLY W 276 -27.45 -37.20 -32.65
N LEU W 277 -27.84 -38.28 -33.33
CA LEU W 277 -28.16 -39.52 -32.64
C LEU W 277 -26.92 -40.38 -32.47
N GLN W 278 -27.05 -41.48 -31.75
CA GLN W 278 -25.95 -42.40 -31.50
C GLN W 278 -25.51 -43.25 -32.69
N ARG W 279 -24.21 -43.51 -32.77
CA ARG W 279 -23.66 -44.35 -33.82
C ARG W 279 -23.68 -45.76 -33.26
N LEU W 280 -24.32 -46.69 -33.96
CA LEU W 280 -24.41 -48.07 -33.50
C LEU W 280 -23.42 -48.99 -34.19
N THR W 281 -23.16 -50.15 -33.57
CA THR W 281 -22.23 -51.10 -34.13
C THR W 281 -22.63 -52.53 -33.84
N HIS W 282 -22.41 -53.41 -34.81
CA HIS W 282 -22.67 -54.83 -34.65
C HIS W 282 -21.71 -55.60 -35.54
N THR W 283 -21.59 -56.90 -35.35
CA THR W 283 -20.66 -57.70 -36.11
C THR W 283 -21.32 -58.66 -37.07
N LEU W 284 -20.60 -59.01 -38.14
CA LEU W 284 -21.08 -59.96 -39.15
C LEU W 284 -20.09 -61.10 -39.35
N GLN W 285 -20.60 -62.32 -39.48
CA GLN W 285 -19.76 -63.48 -39.74
C GLN W 285 -20.13 -63.95 -41.15
N THR W 286 -19.16 -64.42 -41.92
CA THR W 286 -19.44 -64.83 -43.28
C THR W 286 -18.64 -66.04 -43.71
N SER W 287 -19.07 -66.70 -44.79
CA SER W 287 -18.35 -67.85 -45.31
C SER W 287 -18.63 -68.00 -46.80
N TYR W 288 -17.70 -68.61 -47.52
CA TYR W 288 -17.81 -68.81 -48.96
C TYR W 288 -18.45 -70.13 -49.35
N GLY W 289 -19.22 -70.11 -50.43
CA GLY W 289 -19.85 -71.30 -50.96
C GLY W 289 -19.12 -71.61 -52.26
N GLU W 290 -19.85 -72.03 -53.28
CA GLU W 290 -19.20 -72.34 -54.55
C GLU W 290 -19.04 -71.08 -55.43
N HIS W 291 -17.98 -71.07 -56.24
CA HIS W 291 -17.70 -69.94 -57.12
C HIS W 291 -17.56 -68.62 -56.36
N SER W 292 -17.04 -68.71 -55.14
CA SER W 292 -16.82 -67.54 -54.32
C SER W 292 -18.08 -66.77 -53.91
N VAL W 293 -19.24 -67.43 -53.91
CA VAL W 293 -20.47 -66.77 -53.49
C VAL W 293 -20.39 -66.71 -51.98
N LEU W 294 -20.53 -65.50 -51.43
CA LEU W 294 -20.43 -65.29 -49.99
C LEU W 294 -21.79 -65.28 -49.29
N THR W 295 -21.83 -65.81 -48.08
CA THR W 295 -23.07 -65.84 -47.30
C THR W 295 -22.87 -65.17 -45.95
N ILE W 296 -23.82 -64.33 -45.56
CA ILE W 296 -23.75 -63.65 -44.27
C ILE W 296 -24.60 -64.46 -43.28
N HIS W 297 -23.96 -64.99 -42.25
CA HIS W 297 -24.68 -65.78 -41.26
C HIS W 297 -25.62 -64.92 -40.43
N THR W 298 -26.67 -65.54 -39.91
CA THR W 298 -27.66 -64.86 -39.08
C THR W 298 -27.90 -65.69 -37.81
N SER W 299 -27.64 -65.08 -36.66
CA SER W 299 -27.82 -65.75 -35.37
C SER W 299 -29.10 -66.58 -35.31
N GLN W 306 -25.32 -51.63 -30.38
CA GLN W 306 -24.63 -51.02 -29.24
C GLN W 306 -23.84 -49.81 -29.72
N ALA W 307 -23.76 -48.79 -28.86
CA ALA W 307 -23.06 -47.56 -29.20
C ALA W 307 -21.54 -47.66 -29.14
N SER W 308 -20.87 -46.85 -29.96
CA SER W 308 -19.42 -46.80 -30.01
C SER W 308 -18.98 -45.33 -30.00
N GLY W 309 -18.26 -44.94 -28.96
CA GLY W 309 -17.79 -43.57 -28.84
C GLY W 309 -17.02 -43.08 -30.05
N LYS W 310 -16.88 -41.75 -30.18
CA LYS W 310 -16.15 -41.15 -31.28
C LYS W 310 -14.67 -41.53 -31.22
N ALA W 311 -14.20 -41.83 -30.02
CA ALA W 311 -12.81 -42.21 -29.81
C ALA W 311 -12.57 -43.61 -30.36
N ILE W 312 -13.49 -44.53 -30.04
CA ILE W 312 -13.41 -45.92 -30.50
C ILE W 312 -13.55 -45.93 -32.02
N GLN W 313 -14.26 -44.93 -32.54
CA GLN W 313 -14.51 -44.80 -33.97
C GLN W 313 -13.23 -44.55 -34.77
N THR W 314 -12.40 -43.63 -34.30
CA THR W 314 -11.15 -43.34 -35.00
C THR W 314 -10.14 -44.47 -34.81
N VAL W 315 -10.33 -45.26 -33.76
CA VAL W 315 -9.45 -46.41 -33.50
C VAL W 315 -9.71 -47.40 -34.64
N ILE W 316 -10.93 -47.38 -35.15
CA ILE W 316 -11.34 -48.23 -36.25
C ILE W 316 -10.75 -47.68 -37.55
N LYS W 317 -10.61 -46.36 -37.60
CA LYS W 317 -10.08 -45.66 -38.76
C LYS W 317 -8.61 -45.92 -39.07
N ASN W 318 -7.75 -45.94 -38.05
CA ASN W 318 -6.33 -46.17 -38.29
C ASN W 318 -6.07 -47.58 -38.83
N ASP W 319 -7.12 -48.38 -38.96
CA ASP W 319 -7.00 -49.73 -39.51
C ASP W 319 -6.66 -49.56 -41.00
N GLU W 320 -7.33 -48.58 -41.61
CA GLU W 320 -7.15 -48.24 -43.03
C GLU W 320 -5.78 -47.62 -43.28
N LEU W 321 -5.28 -46.88 -42.28
CA LEU W 321 -3.97 -46.24 -42.38
C LEU W 321 -2.96 -47.35 -42.63
N MET X 1 -14.51 2.20 -43.90
CA MET X 1 -13.69 3.42 -44.19
C MET X 1 -12.57 3.52 -43.18
N ILE X 2 -11.71 4.51 -43.32
CA ILE X 2 -10.63 4.69 -42.37
C ILE X 2 -11.05 5.69 -41.30
N HIS X 3 -10.57 5.51 -40.08
CA HIS X 3 -10.92 6.40 -38.98
C HIS X 3 -9.67 7.07 -38.41
N LEU X 4 -9.81 8.29 -37.94
CA LEU X 4 -8.68 9.01 -37.37
C LEU X 4 -8.89 9.10 -35.87
N TYR X 5 -7.77 9.10 -35.13
CA TYR X 5 -7.85 9.18 -33.67
C TYR X 5 -6.69 9.95 -33.05
N ASP X 6 -6.95 10.43 -31.82
CA ASP X 6 -5.94 11.08 -30.99
C ASP X 6 -6.21 10.37 -29.67
N ALA X 7 -5.38 10.62 -28.65
CA ALA X 7 -5.57 9.95 -27.37
C ALA X 7 -7.01 10.00 -26.82
N LYS X 8 -7.66 11.15 -26.95
CA LYS X 8 -9.02 11.29 -26.44
C LYS X 8 -10.06 10.50 -27.20
N SER X 9 -10.12 10.67 -28.51
CA SER X 9 -11.11 9.95 -29.30
C SER X 9 -10.88 8.43 -29.20
N PHE X 10 -9.63 8.02 -29.09
CA PHE X 10 -9.31 6.60 -28.97
C PHE X 10 -9.86 6.05 -27.66
N ALA X 11 -9.65 6.79 -26.57
CA ALA X 11 -10.14 6.33 -25.26
C ALA X 11 -11.66 6.18 -25.27
N LYS X 12 -12.35 7.10 -25.93
CA LYS X 12 -13.82 7.03 -26.00
C LYS X 12 -14.25 5.78 -26.78
N LEU X 13 -13.55 5.51 -27.88
CA LEU X 13 -13.85 4.32 -28.68
C LEU X 13 -13.75 3.07 -27.82
N ARG X 14 -12.62 2.91 -27.13
CA ARG X 14 -12.42 1.74 -26.27
C ARG X 14 -13.51 1.63 -25.22
N ALA X 15 -13.96 2.76 -24.67
CA ALA X 15 -15.01 2.74 -23.65
C ALA X 15 -16.31 2.23 -24.27
N ALA X 16 -16.62 2.73 -25.46
CA ALA X 16 -17.83 2.34 -26.18
C ALA X 16 -17.81 0.86 -26.53
N GLN X 17 -16.66 0.37 -26.98
CA GLN X 17 -16.53 -1.04 -27.34
C GLN X 17 -16.73 -1.90 -26.10
N TYR X 18 -16.14 -1.50 -25.00
CA TYR X 18 -16.26 -2.24 -23.76
C TYR X 18 -17.74 -2.33 -23.35
N ALA X 19 -18.46 -1.23 -23.51
CA ALA X 19 -19.88 -1.20 -23.16
C ALA X 19 -20.71 -2.07 -24.08
N ALA X 20 -20.35 -2.10 -25.37
CA ALA X 20 -21.10 -2.90 -26.33
C ALA X 20 -21.20 -4.37 -25.94
N PHE X 21 -20.25 -4.84 -25.15
CA PHE X 21 -20.27 -6.23 -24.71
C PHE X 21 -20.70 -6.40 -23.26
N HIS X 22 -20.14 -5.59 -22.38
CA HIS X 22 -20.39 -5.67 -20.94
C HIS X 22 -21.65 -5.04 -20.35
N THR X 23 -22.07 -3.88 -20.84
CA THR X 23 -23.23 -3.23 -20.25
C THR X 23 -24.49 -3.06 -21.10
N ASP X 24 -24.36 -2.99 -22.42
CA ASP X 24 -25.54 -2.86 -23.28
C ASP X 24 -26.51 -3.98 -22.99
N ALA X 25 -27.78 -3.75 -23.30
CA ALA X 25 -28.78 -4.78 -23.07
C ALA X 25 -28.59 -5.87 -24.12
N PRO X 26 -28.54 -7.14 -23.70
CA PRO X 26 -28.36 -8.27 -24.61
C PRO X 26 -29.32 -8.22 -25.78
N GLY X 27 -28.78 -8.27 -26.99
CA GLY X 27 -29.60 -8.25 -28.18
C GLY X 27 -30.04 -6.89 -28.67
N SER X 28 -29.68 -5.84 -27.96
CA SER X 28 -30.08 -4.51 -28.39
C SER X 28 -29.43 -4.10 -29.71
N TRP X 29 -28.21 -4.56 -29.96
CA TRP X 29 -27.51 -4.22 -31.19
C TRP X 29 -28.26 -4.83 -32.38
N PHE X 30 -28.66 -6.09 -32.24
CA PHE X 30 -29.41 -6.75 -33.31
C PHE X 30 -30.68 -5.94 -33.65
N ASP X 31 -31.44 -5.59 -32.62
CA ASP X 31 -32.67 -4.81 -32.80
C ASP X 31 -32.40 -3.49 -33.50
N HIS X 32 -31.29 -2.86 -33.16
CA HIS X 32 -30.95 -1.61 -33.80
C HIS X 32 -30.62 -1.80 -35.29
N THR X 33 -29.86 -2.83 -35.65
CA THR X 33 -29.54 -3.02 -37.06
C THR X 33 -30.79 -3.48 -37.81
N SER X 34 -31.69 -4.16 -37.11
CA SER X 34 -32.95 -4.57 -37.71
C SER X 34 -33.69 -3.30 -38.13
N GLY X 35 -33.70 -2.30 -37.24
CA GLY X 35 -34.35 -1.04 -37.54
C GLY X 35 -33.75 -0.40 -38.78
N VAL X 36 -32.43 -0.32 -38.82
CA VAL X 36 -31.75 0.28 -39.96
C VAL X 36 -32.10 -0.45 -41.25
N LEU X 37 -32.03 -1.77 -41.24
CA LEU X 37 -32.33 -2.55 -42.44
C LEU X 37 -33.76 -2.32 -42.93
N GLU X 38 -34.68 -2.21 -41.98
CA GLU X 38 -36.08 -2.00 -42.33
C GLU X 38 -36.27 -0.63 -42.98
N SER X 39 -35.38 0.32 -42.73
CA SER X 39 -35.48 1.65 -43.31
C SER X 39 -35.01 1.75 -44.76
N VAL X 40 -34.41 0.68 -45.28
CA VAL X 40 -33.92 0.68 -46.65
C VAL X 40 -35.04 0.65 -47.69
N GLU X 41 -34.83 1.40 -48.76
CA GLU X 41 -35.77 1.58 -49.88
C GLU X 41 -36.43 0.38 -50.59
N ASP X 42 -36.03 -0.86 -50.29
CA ASP X 42 -36.60 -2.03 -50.98
C ASP X 42 -35.96 -2.08 -52.37
N GLY X 43 -35.45 -3.25 -52.75
CA GLY X 43 -34.80 -3.37 -54.03
C GLY X 43 -33.38 -2.82 -53.92
N THR X 44 -33.11 -2.16 -52.79
CA THR X 44 -31.80 -1.60 -52.53
C THR X 44 -30.90 -2.69 -51.96
N PRO X 45 -29.75 -2.93 -52.59
CA PRO X 45 -28.80 -3.96 -52.13
C PRO X 45 -28.30 -3.71 -50.70
N VAL X 46 -28.32 -4.74 -49.86
CA VAL X 46 -27.85 -4.59 -48.49
C VAL X 46 -26.76 -5.60 -48.12
N LEU X 47 -26.74 -6.74 -48.79
CA LEU X 47 -25.76 -7.78 -48.49
C LEU X 47 -25.22 -8.47 -49.75
N ALA X 48 -23.90 -8.68 -49.78
CA ALA X 48 -23.26 -9.35 -50.91
C ALA X 48 -22.38 -10.45 -50.34
N ILE X 49 -22.52 -11.67 -50.86
CA ILE X 49 -21.75 -12.79 -50.37
C ILE X 49 -21.22 -13.59 -51.55
N GLY X 50 -20.03 -14.18 -51.39
CA GLY X 50 -19.44 -14.94 -52.47
C GLY X 50 -19.92 -16.36 -52.70
N VAL X 51 -20.04 -16.73 -53.98
CA VAL X 51 -20.45 -18.09 -54.34
C VAL X 51 -19.18 -18.87 -54.68
N GLU X 52 -19.32 -20.17 -54.87
CA GLU X 52 -18.19 -21.06 -55.15
C GLU X 52 -17.09 -20.55 -56.06
N SER X 53 -17.48 -20.00 -57.21
CA SER X 53 -16.52 -19.49 -58.19
C SER X 53 -15.71 -18.28 -57.74
N GLY X 54 -16.22 -17.53 -56.77
CA GLY X 54 -15.53 -16.35 -56.32
C GLY X 54 -16.36 -15.12 -56.63
N ASP X 55 -17.37 -15.29 -57.50
CA ASP X 55 -18.28 -14.21 -57.84
C ASP X 55 -19.14 -13.99 -56.60
N ALA X 56 -19.95 -12.94 -56.61
CA ALA X 56 -20.81 -12.65 -55.47
C ALA X 56 -22.26 -12.40 -55.87
N ILE X 57 -23.20 -12.83 -55.03
CA ILE X 57 -24.61 -12.60 -55.30
C ILE X 57 -25.05 -11.53 -54.30
N VAL X 58 -26.15 -10.83 -54.63
CA VAL X 58 -26.64 -9.74 -53.80
C VAL X 58 -28.08 -9.88 -53.35
N PHE X 59 -28.37 -9.44 -52.12
CA PHE X 59 -29.72 -9.52 -51.57
C PHE X 59 -30.25 -8.18 -51.06
N ASP X 60 -31.57 -8.04 -51.02
CA ASP X 60 -32.19 -6.83 -50.50
C ASP X 60 -32.57 -7.11 -49.06
N LYS X 61 -33.17 -6.14 -48.37
CA LYS X 61 -33.51 -6.30 -46.96
C LYS X 61 -34.49 -7.45 -46.68
N ASN X 62 -35.11 -7.98 -47.73
CA ASN X 62 -36.07 -9.07 -47.54
C ASN X 62 -35.48 -10.42 -47.94
N ALA X 63 -34.16 -10.48 -48.07
CA ALA X 63 -33.48 -11.71 -48.43
C ALA X 63 -33.90 -12.16 -49.81
N GLN X 64 -34.24 -11.21 -50.66
CA GLN X 64 -34.63 -11.53 -52.02
C GLN X 64 -33.40 -11.23 -52.88
N ARG X 65 -33.03 -12.16 -53.75
CA ARG X 65 -31.86 -11.96 -54.58
C ARG X 65 -32.08 -10.91 -55.67
N ILE X 66 -31.11 -10.02 -55.83
CA ILE X 66 -31.17 -8.95 -56.82
C ILE X 66 -30.48 -9.37 -58.11
N VAL X 67 -31.26 -9.48 -59.18
CA VAL X 67 -30.72 -9.91 -60.47
C VAL X 67 -30.14 -8.77 -61.31
N ALA X 68 -30.79 -7.61 -61.30
CA ALA X 68 -30.32 -6.46 -62.07
C ALA X 68 -30.44 -5.18 -61.26
N TYR X 69 -29.38 -4.38 -61.30
CA TYR X 69 -29.36 -3.12 -60.55
C TYR X 69 -28.33 -2.20 -61.17
N LYS X 70 -28.81 -1.13 -61.76
CA LYS X 70 -27.94 -0.16 -62.42
C LYS X 70 -27.02 0.54 -61.44
N GLU X 71 -25.79 0.79 -61.89
CA GLU X 71 -24.79 1.46 -61.08
C GLU X 71 -25.36 2.59 -60.23
N LYS X 72 -24.81 2.73 -59.03
CA LYS X 72 -25.23 3.77 -58.10
C LYS X 72 -24.13 3.97 -57.07
N SER X 73 -23.65 5.20 -56.93
CA SER X 73 -22.59 5.52 -55.99
C SER X 73 -23.07 6.27 -54.76
N VAL X 74 -22.26 6.23 -53.72
CA VAL X 74 -22.56 6.91 -52.46
C VAL X 74 -21.26 7.41 -51.87
N LYS X 75 -21.19 8.69 -51.58
CA LYS X 75 -19.99 9.26 -50.99
C LYS X 75 -20.16 9.45 -49.49
N ALA X 76 -19.12 9.11 -48.74
CA ALA X 76 -19.16 9.22 -47.29
C ALA X 76 -18.34 10.42 -46.81
N GLU X 77 -18.18 10.52 -45.50
CA GLU X 77 -17.41 11.60 -44.89
C GLU X 77 -15.94 11.35 -45.18
N ASP X 78 -15.58 10.06 -45.20
CA ASP X 78 -14.21 9.62 -45.46
C ASP X 78 -13.71 10.22 -46.78
N GLY X 79 -14.64 10.66 -47.62
CA GLY X 79 -14.27 11.22 -48.91
C GLY X 79 -14.32 10.12 -49.93
N SER X 80 -14.21 8.88 -49.45
CA SER X 80 -14.24 7.70 -50.30
C SER X 80 -15.67 7.50 -50.80
N VAL X 81 -15.82 6.70 -51.86
CA VAL X 81 -17.15 6.44 -52.41
C VAL X 81 -17.34 4.95 -52.65
N SER X 82 -18.56 4.48 -52.44
CA SER X 82 -18.87 3.07 -52.67
C SER X 82 -19.80 2.99 -53.88
N VAL X 83 -19.64 1.94 -54.68
CA VAL X 83 -20.46 1.77 -55.87
C VAL X 83 -21.04 0.37 -55.86
N VAL X 84 -22.27 0.24 -56.35
CA VAL X 84 -22.92 -1.07 -56.41
C VAL X 84 -23.60 -1.25 -57.76
N GLN X 85 -23.31 -2.37 -58.41
CA GLN X 85 -23.91 -2.67 -59.70
C GLN X 85 -24.08 -4.17 -59.85
N VAL X 86 -25.31 -4.60 -60.09
CA VAL X 86 -25.59 -6.01 -60.28
C VAL X 86 -26.04 -6.22 -61.70
N GLU X 87 -25.44 -7.21 -62.36
CA GLU X 87 -25.80 -7.50 -63.73
C GLU X 87 -25.86 -9.00 -63.99
N ASN X 88 -27.04 -9.44 -64.44
CA ASN X 88 -27.28 -10.83 -64.75
C ASN X 88 -27.15 -11.76 -63.53
N GLY X 89 -27.57 -11.25 -62.38
CA GLY X 89 -27.51 -12.06 -61.17
C GLY X 89 -26.22 -12.01 -60.37
N PHE X 90 -25.21 -11.30 -60.88
CA PHE X 90 -23.93 -11.20 -60.17
C PHE X 90 -23.43 -9.77 -60.04
N MET X 91 -22.72 -9.51 -58.94
CA MET X 91 -22.18 -8.20 -58.66
C MET X 91 -21.11 -7.80 -59.66
N LYS X 92 -21.29 -6.64 -60.29
CA LYS X 92 -20.34 -6.14 -61.27
C LYS X 92 -19.43 -5.11 -60.61
N GLN X 93 -19.99 -4.39 -59.65
CA GLN X 93 -19.24 -3.40 -58.88
C GLN X 93 -19.71 -3.48 -57.43
N GLY X 94 -18.78 -3.31 -56.51
CA GLY X 94 -19.12 -3.37 -55.10
C GLY X 94 -18.12 -4.23 -54.34
N HIS X 95 -18.46 -4.62 -53.12
CA HIS X 95 -17.58 -5.44 -52.31
C HIS X 95 -18.41 -6.46 -51.55
N ARG X 96 -17.76 -7.51 -51.03
CA ARG X 96 -18.49 -8.52 -50.25
C ARG X 96 -18.80 -7.94 -48.88
N GLY X 97 -19.88 -8.42 -48.26
CA GLY X 97 -20.26 -7.94 -46.94
C GLY X 97 -21.48 -7.04 -46.97
N TRP X 98 -21.73 -6.33 -45.88
CA TRP X 98 -22.86 -5.43 -45.80
C TRP X 98 -22.65 -4.24 -46.73
N LEU X 99 -23.67 -3.96 -47.55
CA LEU X 99 -23.60 -2.87 -48.51
C LEU X 99 -24.25 -1.60 -47.97
N VAL X 100 -24.65 -1.67 -46.71
CA VAL X 100 -25.28 -0.55 -46.02
C VAL X 100 -24.61 -0.39 -44.65
N ASP X 101 -24.53 0.85 -44.17
CA ASP X 101 -23.89 1.09 -42.88
C ASP X 101 -24.81 0.77 -41.70
N LEU X 102 -24.38 -0.18 -40.88
CA LEU X 102 -25.16 -0.58 -39.72
C LEU X 102 -24.48 -0.10 -38.44
N THR X 103 -23.16 -0.23 -38.43
CA THR X 103 -22.32 0.12 -37.29
C THR X 103 -22.01 1.60 -37.05
N GLY X 104 -22.20 2.46 -38.04
CA GLY X 104 -21.88 3.86 -37.83
C GLY X 104 -20.37 3.88 -37.64
N GLU X 105 -19.87 4.70 -36.74
CA GLU X 105 -18.42 4.72 -36.53
C GLU X 105 -18.02 3.89 -35.32
N LEU X 106 -18.96 3.11 -34.82
CA LEU X 106 -18.67 2.24 -33.69
C LEU X 106 -18.22 0.91 -34.33
N VAL X 107 -16.92 0.75 -34.48
CA VAL X 107 -16.38 -0.46 -35.07
C VAL X 107 -15.52 -1.21 -34.06
N GLY X 108 -15.23 -2.48 -34.36
CA GLY X 108 -14.39 -3.27 -33.49
C GLY X 108 -15.09 -3.83 -32.28
N CYS X 109 -16.39 -4.02 -32.35
CA CYS X 109 -17.15 -4.56 -31.23
C CYS X 109 -17.54 -6.03 -31.38
N SER X 110 -17.92 -6.62 -30.25
CA SER X 110 -18.42 -8.00 -30.18
C SER X 110 -19.73 -7.76 -29.42
N PRO X 111 -20.72 -7.15 -30.09
CA PRO X 111 -22.02 -6.84 -29.49
C PRO X 111 -22.63 -8.02 -28.74
N VAL X 112 -23.01 -7.82 -27.50
CA VAL X 112 -23.61 -8.89 -26.73
C VAL X 112 -24.91 -9.34 -27.41
N VAL X 113 -25.04 -10.65 -27.61
CA VAL X 113 -26.22 -11.20 -28.30
C VAL X 113 -27.23 -11.83 -27.35
N ALA X 114 -26.77 -12.24 -26.17
CA ALA X 114 -27.65 -12.89 -25.20
C ALA X 114 -26.94 -13.12 -23.87
N GLU X 115 -27.72 -13.53 -22.89
CA GLU X 115 -27.21 -13.82 -21.58
C GLU X 115 -27.84 -15.12 -21.16
N PHE X 116 -27.02 -16.03 -20.64
CA PHE X 116 -27.52 -17.33 -20.23
C PHE X 116 -26.64 -17.93 -19.14
N GLY X 117 -27.28 -18.65 -18.21
CA GLY X 117 -26.56 -19.29 -17.13
C GLY X 117 -25.57 -18.40 -16.39
N GLY X 118 -25.81 -17.10 -16.42
CA GLY X 118 -24.94 -16.19 -15.74
C GLY X 118 -23.79 -15.65 -16.57
N HIS X 119 -23.79 -15.93 -17.86
CA HIS X 119 -22.74 -15.45 -18.74
C HIS X 119 -23.28 -14.70 -19.96
N ARG X 120 -22.54 -13.69 -20.37
CA ARG X 120 -22.92 -12.92 -21.56
C ARG X 120 -22.21 -13.58 -22.76
N TYR X 121 -22.92 -13.73 -23.87
CA TYR X 121 -22.35 -14.32 -25.07
C TYR X 121 -22.26 -13.27 -26.17
N ALA X 122 -21.21 -13.36 -26.97
CA ALA X 122 -20.99 -12.41 -28.05
C ALA X 122 -21.65 -12.80 -29.37
N SER X 123 -21.95 -11.80 -30.18
CA SER X 123 -22.51 -12.05 -31.50
C SER X 123 -21.29 -12.29 -32.37
N GLY X 124 -21.47 -12.57 -33.66
CA GLY X 124 -20.34 -12.84 -34.53
C GLY X 124 -20.33 -14.36 -34.76
N MET X 125 -19.18 -14.92 -35.08
CA MET X 125 -19.13 -16.35 -35.30
C MET X 125 -18.50 -17.15 -34.18
N VAL X 126 -19.17 -18.24 -33.85
CA VAL X 126 -18.73 -19.15 -32.82
C VAL X 126 -18.48 -20.51 -33.43
N ILE X 127 -17.23 -20.96 -33.39
CA ILE X 127 -16.91 -22.28 -33.92
C ILE X 127 -16.85 -23.27 -32.76
N VAL X 128 -17.54 -24.39 -32.91
CA VAL X 128 -17.60 -25.44 -31.91
C VAL X 128 -16.82 -26.61 -32.48
N THR X 129 -15.70 -26.94 -31.85
CA THR X 129 -14.86 -28.00 -32.36
C THR X 129 -14.11 -28.76 -31.27
N GLY X 130 -13.08 -29.48 -31.69
CA GLY X 130 -12.29 -30.25 -30.76
C GLY X 130 -12.25 -31.70 -31.18
N LYS X 131 -11.44 -32.49 -30.49
CA LYS X 131 -11.31 -33.91 -30.79
C LYS X 131 -11.85 -34.61 -29.57
N GLY X 132 -12.55 -35.72 -29.75
CA GLY X 132 -13.08 -36.41 -28.60
C GLY X 132 -14.45 -37.00 -28.79
N ASN X 133 -15.01 -37.52 -27.70
CA ASN X 133 -16.33 -38.14 -27.74
C ASN X 133 -17.52 -37.18 -27.72
N SER X 134 -17.37 -36.04 -27.04
CA SER X 134 -18.46 -35.08 -26.98
C SER X 134 -18.90 -34.66 -28.38
N GLY X 135 -20.17 -34.93 -28.71
CA GLY X 135 -20.72 -34.60 -30.02
C GLY X 135 -21.00 -33.13 -30.23
N LYS X 136 -20.56 -32.59 -31.36
CA LYS X 136 -20.76 -31.18 -31.67
C LYS X 136 -22.20 -30.83 -32.06
N THR X 137 -22.88 -31.71 -32.79
CA THR X 137 -24.24 -31.45 -33.21
C THR X 137 -25.20 -31.18 -32.03
N PRO X 138 -25.19 -32.03 -31.00
CA PRO X 138 -26.11 -31.77 -29.88
C PRO X 138 -25.78 -30.46 -29.16
N LEU X 139 -24.49 -30.10 -29.14
CA LEU X 139 -24.05 -28.88 -28.48
C LEU X 139 -24.48 -27.62 -29.23
N VAL X 140 -24.37 -27.60 -30.55
CA VAL X 140 -24.77 -26.40 -31.27
C VAL X 140 -26.27 -26.17 -31.14
N HIS X 141 -27.05 -27.24 -31.17
CA HIS X 141 -28.50 -27.09 -31.04
C HIS X 141 -28.91 -26.63 -29.63
N ALA X 142 -28.23 -27.14 -28.60
CA ALA X 142 -28.55 -26.73 -27.24
C ALA X 142 -28.17 -25.27 -27.04
N LEU X 143 -27.05 -24.87 -27.64
CA LEU X 143 -26.59 -23.49 -27.52
C LEU X 143 -27.53 -22.56 -28.30
N GLY X 144 -28.05 -23.04 -29.42
CA GLY X 144 -28.95 -22.22 -30.19
C GLY X 144 -30.22 -21.92 -29.41
N GLU X 145 -30.78 -22.97 -28.79
CA GLU X 145 -31.99 -22.81 -28.03
C GLU X 145 -31.78 -21.90 -26.82
N ALA X 146 -30.65 -22.06 -26.13
CA ALA X 146 -30.37 -21.26 -24.95
C ALA X 146 -30.15 -19.79 -25.27
N LEU X 147 -29.41 -19.50 -26.34
CA LEU X 147 -29.14 -18.12 -26.69
C LEU X 147 -30.36 -17.53 -27.39
N GLY X 148 -31.17 -18.39 -28.01
CA GLY X 148 -32.36 -17.89 -28.68
C GLY X 148 -33.27 -17.27 -27.63
N GLY X 149 -33.34 -17.94 -26.47
CA GLY X 149 -34.15 -17.47 -25.36
C GLY X 149 -35.64 -17.51 -25.68
N LYS X 150 -36.24 -16.34 -25.84
CA LYS X 150 -37.65 -16.21 -26.15
C LYS X 150 -37.90 -16.42 -27.64
N ASP X 151 -36.83 -16.30 -28.42
CA ASP X 151 -36.92 -16.46 -29.87
C ASP X 151 -36.47 -17.82 -30.35
N LYS X 152 -36.99 -18.24 -31.49
CA LYS X 152 -36.57 -19.50 -32.08
C LYS X 152 -35.23 -19.26 -32.76
N TYR X 153 -34.44 -20.31 -32.97
CA TYR X 153 -33.16 -20.16 -33.64
C TYR X 153 -33.27 -20.77 -35.02
N ALA X 154 -32.52 -20.23 -35.98
CA ALA X 154 -32.52 -20.73 -37.35
C ALA X 154 -31.42 -21.78 -37.55
N THR X 155 -31.75 -22.85 -38.26
CA THR X 155 -30.79 -23.92 -38.51
C THR X 155 -30.46 -24.08 -40.00
N VAL X 156 -29.17 -23.93 -40.33
CA VAL X 156 -28.69 -24.10 -41.70
C VAL X 156 -27.98 -25.45 -41.74
N ARG X 157 -28.43 -26.35 -42.62
CA ARG X 157 -27.83 -27.67 -42.73
C ARG X 157 -27.00 -27.80 -44.00
N PHE X 158 -25.81 -28.40 -43.88
CA PHE X 158 -24.92 -28.54 -45.03
C PHE X 158 -23.90 -29.69 -44.97
N GLY X 159 -23.77 -30.40 -46.09
CA GLY X 159 -22.79 -31.46 -46.27
C GLY X 159 -22.74 -32.73 -45.44
N GLU X 160 -23.86 -33.21 -44.93
CA GLU X 160 -23.83 -34.42 -44.15
C GLU X 160 -24.61 -35.49 -44.96
N PRO X 161 -24.19 -36.76 -44.88
CA PRO X 161 -24.90 -37.80 -45.63
C PRO X 161 -26.19 -38.28 -44.96
N LEU X 162 -27.07 -37.34 -44.67
CA LEU X 162 -28.37 -37.61 -44.04
C LEU X 162 -29.48 -37.02 -44.92
N SER X 163 -30.71 -37.46 -44.70
CA SER X 163 -31.83 -37.00 -45.52
C SER X 163 -32.07 -35.50 -45.46
N GLY X 164 -32.45 -34.94 -46.61
CA GLY X 164 -32.76 -33.52 -46.68
C GLY X 164 -31.61 -32.55 -46.54
N TYR X 165 -30.38 -33.04 -46.55
CA TYR X 165 -29.22 -32.17 -46.42
C TYR X 165 -28.76 -31.64 -47.76
N ASN X 166 -28.62 -30.32 -47.86
CA ASN X 166 -28.12 -29.70 -49.08
C ASN X 166 -26.63 -29.90 -49.07
N THR X 167 -26.02 -30.14 -50.23
CA THR X 167 -24.58 -30.35 -50.33
C THR X 167 -23.97 -29.47 -51.40
N ASP X 168 -24.77 -28.52 -51.90
CA ASP X 168 -24.31 -27.59 -52.92
C ASP X 168 -23.92 -26.28 -52.25
N PHE X 169 -22.66 -25.89 -52.39
CA PHE X 169 -22.17 -24.68 -51.76
C PHE X 169 -22.97 -23.42 -52.06
N ASN X 170 -23.45 -23.29 -53.29
CA ASN X 170 -24.20 -22.07 -53.62
C ASN X 170 -25.55 -21.96 -52.93
N VAL X 171 -26.17 -23.09 -52.60
CA VAL X 171 -27.44 -23.06 -51.89
C VAL X 171 -27.10 -22.71 -50.45
N PHE X 172 -25.95 -23.19 -50.00
CA PHE X 172 -25.47 -22.92 -48.66
C PHE X 172 -25.33 -21.42 -48.34
N VAL X 173 -24.61 -20.67 -49.19
CA VAL X 173 -24.43 -19.25 -48.94
C VAL X 173 -25.76 -18.52 -49.02
N ASP X 174 -26.68 -19.06 -49.80
CA ASP X 174 -27.99 -18.47 -49.93
C ASP X 174 -28.71 -18.63 -48.58
N ASP X 175 -28.66 -19.82 -47.99
CA ASP X 175 -29.28 -20.06 -46.69
C ASP X 175 -28.66 -19.16 -45.63
N ILE X 176 -27.33 -19.04 -45.64
CA ILE X 176 -26.64 -18.20 -44.67
C ILE X 176 -27.00 -16.73 -44.75
N ALA X 177 -27.06 -16.18 -45.96
CA ALA X 177 -27.39 -14.78 -46.13
C ALA X 177 -28.80 -14.51 -45.61
N ARG X 178 -29.74 -15.36 -45.99
CA ARG X 178 -31.11 -15.18 -45.53
C ARG X 178 -31.19 -15.27 -44.02
N ALA X 179 -30.47 -16.22 -43.43
CA ALA X 179 -30.48 -16.39 -41.99
C ALA X 179 -29.97 -15.15 -41.23
N MET X 180 -28.88 -14.56 -41.68
CA MET X 180 -28.32 -13.39 -41.01
C MET X 180 -29.18 -12.12 -41.22
N LEU X 181 -29.95 -12.10 -42.29
CA LEU X 181 -30.82 -10.98 -42.57
C LEU X 181 -32.07 -11.04 -41.70
N GLN X 182 -32.47 -12.25 -41.33
CA GLN X 182 -33.71 -12.43 -40.58
C GLN X 182 -33.68 -12.98 -39.16
N HIS X 183 -32.54 -13.48 -38.69
CA HIS X 183 -32.52 -14.02 -37.34
C HIS X 183 -31.29 -13.66 -36.51
N ARG X 184 -31.49 -13.64 -35.20
CA ARG X 184 -30.46 -13.29 -34.23
C ARG X 184 -29.56 -14.47 -33.86
N VAL X 185 -30.14 -15.66 -33.83
CA VAL X 185 -29.40 -16.87 -33.46
C VAL X 185 -29.46 -17.90 -34.56
N ILE X 186 -28.30 -18.21 -35.12
CA ILE X 186 -28.19 -19.14 -36.24
C ILE X 186 -27.23 -20.29 -35.94
N VAL X 187 -27.61 -21.47 -36.38
CA VAL X 187 -26.80 -22.66 -36.20
C VAL X 187 -26.44 -23.22 -37.58
N ILE X 188 -25.17 -23.49 -37.80
CA ILE X 188 -24.73 -24.08 -39.06
C ILE X 188 -24.22 -25.48 -38.74
N ASP X 189 -24.87 -26.51 -39.22
CA ASP X 189 -24.37 -27.80 -38.89
C ASP X 189 -23.48 -28.32 -40.00
N SER X 190 -22.20 -28.31 -39.67
CA SER X 190 -21.09 -28.76 -40.49
C SER X 190 -20.53 -27.73 -41.45
N LEU X 191 -19.35 -27.24 -41.09
CA LEU X 191 -18.62 -26.30 -41.94
C LEU X 191 -17.69 -27.18 -42.77
N LYS X 192 -18.23 -28.22 -43.39
CA LYS X 192 -17.43 -29.13 -44.22
C LYS X 192 -17.02 -28.44 -45.50
N ASN X 193 -16.20 -29.13 -46.30
CA ASN X 193 -15.71 -28.58 -47.55
C ASN X 193 -14.92 -27.32 -47.27
N VAL X 194 -15.57 -26.31 -46.69
CA VAL X 194 -14.87 -25.08 -46.34
C VAL X 194 -13.88 -25.56 -45.28
N ILE X 195 -12.63 -25.09 -45.36
CA ILE X 195 -11.61 -25.52 -44.41
C ILE X 195 -11.49 -27.05 -44.52
N ILE X 207 -9.19 -25.53 -51.54
CA ILE X 207 -10.44 -24.89 -51.13
C ILE X 207 -10.91 -23.93 -52.24
N SER X 208 -12.22 -23.90 -52.49
CA SER X 208 -12.75 -23.02 -53.52
C SER X 208 -12.66 -21.56 -53.07
N ARG X 209 -12.68 -20.65 -54.02
CA ARG X 209 -12.61 -19.24 -53.67
C ARG X 209 -13.79 -18.85 -52.81
N GLY X 210 -14.95 -19.41 -53.09
CA GLY X 210 -16.13 -19.09 -52.31
C GLY X 210 -15.98 -19.52 -50.86
N ALA X 211 -15.49 -20.73 -50.65
CA ALA X 211 -15.29 -21.26 -49.31
C ALA X 211 -14.29 -20.40 -48.54
N PHE X 212 -13.27 -19.92 -49.24
CA PHE X 212 -12.26 -19.09 -48.61
C PHE X 212 -12.83 -17.72 -48.24
N ASP X 213 -13.70 -17.18 -49.09
CA ASP X 213 -14.32 -15.89 -48.81
C ASP X 213 -15.22 -15.98 -47.59
N LEU X 214 -15.99 -17.07 -47.53
CA LEU X 214 -16.93 -17.34 -46.45
C LEU X 214 -16.22 -17.37 -45.09
N LEU X 215 -15.16 -18.16 -45.00
CA LEU X 215 -14.43 -18.27 -43.75
C LEU X 215 -13.90 -16.93 -43.25
N SER X 216 -13.46 -16.09 -44.17
CA SER X 216 -12.92 -14.80 -43.78
C SER X 216 -13.93 -13.64 -43.71
N ASP X 217 -15.18 -13.88 -44.11
CA ASP X 217 -16.18 -12.81 -44.07
C ASP X 217 -17.27 -12.99 -43.02
N ILE X 218 -17.72 -14.22 -42.83
CA ILE X 218 -18.83 -14.50 -41.94
C ILE X 218 -18.78 -13.91 -40.54
N GLY X 219 -17.63 -13.95 -39.88
CA GLY X 219 -17.54 -13.41 -38.54
C GLY X 219 -17.82 -11.91 -38.48
N ALA X 220 -17.18 -11.16 -39.38
CA ALA X 220 -17.39 -9.72 -39.42
C ALA X 220 -18.85 -9.41 -39.83
N MET X 221 -19.42 -10.17 -40.76
CA MET X 221 -20.81 -9.93 -41.17
C MET X 221 -21.73 -10.11 -39.97
N ALA X 222 -21.57 -11.21 -39.25
CA ALA X 222 -22.41 -11.51 -38.08
C ALA X 222 -22.26 -10.49 -36.96
N ALA X 223 -21.03 -10.09 -36.65
CA ALA X 223 -20.77 -9.12 -35.58
C ALA X 223 -21.39 -7.76 -35.92
N SER X 224 -21.34 -7.39 -37.19
CA SER X 224 -21.90 -6.12 -37.64
C SER X 224 -23.43 -6.11 -37.45
N ARG X 225 -24.06 -7.23 -37.75
CA ARG X 225 -25.50 -7.37 -37.63
C ARG X 225 -25.93 -7.49 -36.18
N GLY X 226 -25.09 -8.14 -35.36
CA GLY X 226 -25.43 -8.33 -33.96
C GLY X 226 -26.06 -9.71 -33.78
N CYS X 227 -25.91 -10.57 -34.77
CA CYS X 227 -26.43 -11.92 -34.66
C CYS X 227 -25.26 -12.88 -34.38
N VAL X 228 -25.58 -14.08 -33.92
CA VAL X 228 -24.55 -15.06 -33.65
C VAL X 228 -24.72 -16.29 -34.54
N VAL X 229 -23.61 -16.71 -35.15
CA VAL X 229 -23.58 -17.90 -36.01
C VAL X 229 -22.78 -18.97 -35.26
N ILE X 230 -23.46 -20.06 -34.90
CA ILE X 230 -22.85 -21.17 -34.15
C ILE X 230 -22.59 -22.32 -35.11
N ALA X 231 -21.33 -22.50 -35.50
CA ALA X 231 -20.97 -23.55 -36.46
C ALA X 231 -20.13 -24.70 -35.92
N SER X 232 -20.55 -25.92 -36.23
CA SER X 232 -19.82 -27.08 -35.80
C SER X 232 -18.75 -27.35 -36.86
N LEU X 233 -17.59 -27.78 -36.40
CA LEU X 233 -16.48 -28.07 -37.28
C LEU X 233 -15.76 -29.29 -36.74
N ASN X 234 -15.92 -30.41 -37.44
CA ASN X 234 -15.25 -31.62 -37.01
C ASN X 234 -13.86 -31.70 -37.61
N PRO X 235 -12.83 -31.81 -36.76
CA PRO X 235 -11.46 -31.89 -37.27
C PRO X 235 -11.27 -33.28 -37.86
N THR X 236 -12.27 -33.70 -38.64
CA THR X 236 -12.29 -34.99 -39.28
C THR X 236 -10.94 -35.28 -39.92
N SER X 237 -10.57 -34.45 -40.90
CA SER X 237 -9.30 -34.60 -41.58
C SER X 237 -8.24 -34.89 -40.51
N ASN X 238 -7.85 -36.16 -40.40
CA ASN X 238 -6.86 -36.59 -39.43
C ASN X 238 -7.45 -36.63 -38.01
N ASP X 239 -6.87 -37.46 -37.16
CA ASP X 239 -7.29 -37.58 -35.77
C ASP X 239 -6.08 -37.23 -34.93
N ASP X 240 -4.97 -37.02 -35.63
CA ASP X 240 -3.71 -36.65 -35.02
C ASP X 240 -3.94 -35.37 -34.24
N LYS X 241 -2.96 -34.96 -33.43
CA LYS X 241 -3.10 -33.73 -32.68
C LYS X 241 -2.99 -32.57 -33.67
N ILE X 242 -3.55 -32.79 -34.86
CA ILE X 242 -3.61 -31.80 -35.93
C ILE X 242 -4.88 -31.02 -35.64
N VAL X 243 -5.57 -31.42 -34.57
CA VAL X 243 -6.79 -30.75 -34.15
C VAL X 243 -6.41 -29.36 -33.70
N GLU X 244 -5.10 -29.10 -33.66
CA GLU X 244 -4.56 -27.81 -33.26
C GLU X 244 -4.45 -26.96 -34.54
N LEU X 245 -4.58 -27.61 -35.68
CA LEU X 245 -4.52 -26.94 -36.99
C LEU X 245 -5.82 -26.18 -37.26
N VAL X 246 -6.91 -26.91 -37.45
CA VAL X 246 -8.20 -26.29 -37.72
C VAL X 246 -8.46 -25.33 -36.57
N LYS X 247 -8.10 -25.75 -35.36
CA LYS X 247 -8.24 -24.89 -34.19
C LYS X 247 -7.20 -23.80 -34.45
N GLU X 248 -7.15 -22.76 -33.63
CA GLU X 248 -6.19 -21.68 -33.88
C GLU X 248 -6.65 -20.99 -35.17
N ALA X 249 -6.74 -21.76 -36.27
CA ALA X 249 -7.21 -21.24 -37.54
C ALA X 249 -8.68 -20.91 -37.31
N SER X 250 -9.28 -21.62 -36.35
CA SER X 250 -10.67 -21.41 -35.95
C SER X 250 -10.66 -20.18 -35.07
N ARG X 251 -9.76 -20.20 -34.09
CA ARG X 251 -9.58 -19.13 -33.13
C ARG X 251 -9.29 -17.80 -33.83
N SER X 252 -8.66 -17.87 -35.01
CA SER X 252 -8.33 -16.68 -35.76
C SER X 252 -9.47 -16.07 -36.60
N ASN X 253 -10.41 -16.89 -37.04
CA ASN X 253 -11.52 -16.36 -37.83
C ASN X 253 -12.84 -16.43 -37.07
N SER X 254 -12.77 -16.67 -35.77
CA SER X 254 -13.95 -16.75 -34.94
C SER X 254 -13.96 -15.67 -33.89
N THR X 255 -15.14 -15.23 -33.52
CA THR X 255 -15.30 -14.23 -32.50
C THR X 255 -15.19 -14.99 -31.16
N SER X 256 -15.72 -16.20 -31.13
CA SER X 256 -15.69 -17.03 -29.93
C SER X 256 -15.40 -18.47 -30.33
N LEU X 257 -14.82 -19.23 -29.41
CA LEU X 257 -14.49 -20.63 -29.63
C LEU X 257 -15.09 -21.49 -28.52
N VAL X 258 -15.64 -22.64 -28.89
CA VAL X 258 -16.21 -23.56 -27.92
C VAL X 258 -15.56 -24.91 -28.24
N ILE X 259 -14.66 -25.35 -27.36
CA ILE X 259 -13.95 -26.60 -27.56
C ILE X 259 -14.22 -27.59 -26.45
N SER X 260 -14.28 -28.87 -26.82
CA SER X 260 -14.51 -29.94 -25.85
C SER X 260 -13.27 -30.18 -25.00
N THR X 261 -13.45 -30.74 -23.82
CA THR X 261 -12.33 -31.02 -22.92
C THR X 261 -12.17 -32.51 -22.73
N ASP X 262 -11.22 -32.91 -21.89
CA ASP X 262 -10.99 -34.33 -21.65
C ASP X 262 -12.02 -34.96 -20.72
N VAL X 263 -12.90 -34.13 -20.16
CA VAL X 263 -13.98 -34.62 -19.29
C VAL X 263 -15.25 -34.61 -20.11
N ASP X 264 -15.86 -35.78 -20.28
CA ASP X 264 -17.08 -35.88 -21.07
C ASP X 264 -18.20 -34.95 -20.64
N GLY X 265 -18.80 -34.30 -21.64
CA GLY X 265 -19.90 -33.37 -21.38
C GLY X 265 -19.45 -31.97 -21.03
N GLU X 266 -18.16 -31.77 -20.81
CA GLU X 266 -17.64 -30.46 -20.45
C GLU X 266 -17.02 -29.72 -21.62
N TRP X 267 -17.33 -28.44 -21.73
CA TRP X 267 -16.82 -27.61 -22.82
C TRP X 267 -16.26 -26.30 -22.32
N GLN X 268 -15.31 -25.74 -23.07
CA GLN X 268 -14.70 -24.49 -22.70
C GLN X 268 -15.07 -23.42 -23.72
N VAL X 269 -15.49 -22.25 -23.22
CA VAL X 269 -15.88 -21.14 -24.06
C VAL X 269 -14.86 -20.03 -23.95
N LEU X 270 -14.28 -19.66 -25.09
CA LEU X 270 -13.27 -18.60 -25.15
C LEU X 270 -13.89 -17.49 -26.00
N THR X 271 -14.03 -16.30 -25.44
CA THR X 271 -14.66 -15.25 -26.20
C THR X 271 -13.90 -13.94 -26.28
N ARG X 272 -13.85 -13.39 -27.48
CA ARG X 272 -13.19 -12.10 -27.74
C ARG X 272 -14.25 -11.02 -27.48
N THR X 273 -14.02 -10.21 -26.47
CA THR X 273 -14.97 -9.17 -26.09
C THR X 273 -14.88 -7.89 -26.92
N GLY X 274 -13.88 -7.80 -27.80
CA GLY X 274 -13.77 -6.61 -28.61
C GLY X 274 -12.37 -6.34 -29.11
N GLU X 275 -12.25 -5.35 -29.99
CA GLU X 275 -10.98 -4.95 -30.56
C GLU X 275 -9.97 -4.58 -29.48
N GLY X 276 -8.91 -5.39 -29.36
CA GLY X 276 -7.88 -5.13 -28.37
C GLY X 276 -8.29 -5.35 -26.92
N LEU X 277 -9.50 -5.87 -26.72
CA LEU X 277 -10.01 -6.13 -25.38
C LEU X 277 -9.59 -7.51 -24.87
N GLN X 278 -9.94 -7.81 -23.62
CA GLN X 278 -9.60 -9.10 -23.03
C GLN X 278 -10.42 -10.27 -23.55
N ARG X 279 -9.78 -11.43 -23.66
CA ARG X 279 -10.46 -12.65 -24.10
C ARG X 279 -10.91 -13.34 -22.82
N LEU X 280 -12.21 -13.58 -22.68
CA LEU X 280 -12.73 -14.23 -21.49
C LEU X 280 -12.91 -15.72 -21.72
N THR X 281 -13.00 -16.47 -20.62
CA THR X 281 -13.19 -17.90 -20.69
C THR X 281 -14.05 -18.41 -19.55
N HIS X 282 -14.94 -19.36 -19.84
CA HIS X 282 -15.76 -19.95 -18.80
C HIS X 282 -16.06 -21.39 -19.20
N THR X 283 -16.52 -22.20 -18.26
CA THR X 283 -16.79 -23.60 -18.54
C THR X 283 -18.28 -23.91 -18.59
N LEU X 284 -18.61 -24.97 -19.32
CA LEU X 284 -19.98 -25.41 -19.47
C LEU X 284 -20.13 -26.90 -19.16
N GLN X 285 -21.15 -27.26 -18.39
CA GLN X 285 -21.42 -28.65 -18.04
C GLN X 285 -22.70 -29.01 -18.79
N THR X 286 -22.78 -30.24 -19.29
CA THR X 286 -23.97 -30.65 -20.02
C THR X 286 -24.34 -32.11 -19.78
N SER X 287 -25.55 -32.48 -20.19
CA SER X 287 -26.03 -33.85 -20.03
C SER X 287 -27.17 -34.14 -21.00
N TYR X 288 -27.30 -35.40 -21.38
CA TYR X 288 -28.32 -35.82 -22.32
C TYR X 288 -29.64 -36.22 -21.70
N GLY X 289 -30.71 -36.05 -22.48
CA GLY X 289 -32.04 -36.41 -22.05
C GLY X 289 -32.51 -37.44 -23.06
N GLU X 290 -33.80 -37.47 -23.35
CA GLU X 290 -34.32 -38.45 -24.30
C GLU X 290 -34.06 -38.04 -25.74
N HIS X 291 -33.82 -39.03 -26.60
CA HIS X 291 -33.54 -38.82 -28.03
C HIS X 291 -32.32 -37.93 -28.25
N SER X 292 -31.35 -38.05 -27.36
CA SER X 292 -30.11 -37.29 -27.46
C SER X 292 -30.25 -35.77 -27.38
N VAL X 293 -31.30 -35.29 -26.73
CA VAL X 293 -31.45 -33.83 -26.58
C VAL X 293 -30.48 -33.44 -25.46
N LEU X 294 -29.61 -32.47 -25.75
CA LEU X 294 -28.59 -32.03 -24.81
C LEU X 294 -29.06 -30.81 -24.02
N THR X 295 -28.69 -30.76 -22.74
CA THR X 295 -29.06 -29.63 -21.89
C THR X 295 -27.81 -29.03 -21.26
N ILE X 296 -27.72 -27.71 -21.28
CA ILE X 296 -26.58 -27.01 -20.68
C ILE X 296 -26.98 -26.60 -19.27
N HIS X 297 -26.28 -27.12 -18.26
CA HIS X 297 -26.57 -26.79 -16.87
C HIS X 297 -26.30 -25.32 -16.56
N THR X 298 -27.12 -24.74 -15.68
CA THR X 298 -26.96 -23.36 -15.27
C THR X 298 -26.93 -23.30 -13.75
N SER X 299 -25.92 -22.63 -13.21
CA SER X 299 -25.76 -22.52 -11.77
C SER X 299 -26.96 -21.87 -11.08
N LYS X 300 -26.95 -21.75 -9.84
#